data_4BBL
#
_entry.id   4BBL
#
_cell.length_a   1.000
_cell.length_b   1.000
_cell.length_c   1.000
_cell.angle_alpha   90.00
_cell.angle_beta   90.00
_cell.angle_gamma   90.00
#
_symmetry.space_group_name_H-M   'P 1'
#
loop_
_entity.id
_entity.type
_entity.pdbx_description
1 polymer NUCLEOPROTEIN
2 polymer RNA
#
loop_
_entity_poly.entity_id
_entity_poly.type
_entity_poly.pdbx_seq_one_letter_code
_entity_poly.pdbx_strand_id
1 'polypeptide(L)'
;RSYEQMETDGERQNATEIRASVGKMIDGIGRFYIQMCTELKLSDYEGRLIQNSLTIERMVLSAFDERRNKYLEEHPSAGK
DPKKTGGPIYRRVDGKWRRELILYDKEEIRRIWRQANNGDDATAGLTHMMIWHSNLNDATYQRTRALVRTGMDPRMCSLM
QGSTLPRRSGAAGAAVKGVGTMVMELIRMIKRGINDRNFWRGENGRRTRIAYERMCNILKGKFQTAAQRTMVDQVRESRN
PGNAEFEDLIFLARSALILRGSVAHKSCLPACVYGSAVASGYDFEREGYSLVGIDPFRLLQNSQVYSLIRPNENPAHKSQ
LVWMACHSAAFEDLRVSSFIRGTKVVPRGKLSTRGVQIASNENMETMESSTLELRSRYWAIRTRSGGNTNQQRASSGQIS
IQPTFSVQRNLPFDRPTIMAAFTGNTEGRTSDMRTEIIRLMESARPEDVSFQGRGVFELSDEKATSPIVPSFDMSNEGSY
FFGDNAEEYDNLEHHHHHH
;
A,B,C,D,E,F,G,H,I,J,K,L,M,N,O,P,Q,R,S,T,U,V,W,X
2 'polyribonucleotide'
;UUUUUUUUUUUUUUUUUUUUUUUUUUUUUUUUUUUUUUUUUUUUUUUUUUUUUUUUUUUUUUUUUUUUUUUUUUUUUUUU
UUUUUUUUUUUUUUUUUUUUUUUUUUUUUUUUUUUUUUUUUUUUUUUUUUUUUUUUUUUUUUUUUUUUUUUUUUUUUUUU
UUUUUUUUUUUUUUUUUUUUUUUUUUUUUUUUUUUUUUUUUUUUUUUUUUUUUUUUUUUUUUUUUUUUUUUUUUUUUUUU
UUUUUUUUUUUUUUUUUUUUUUUUUUUUUUUUUUUUUUUUUUUUUUUUUUUUUUUUUUUUUUUUUUUU
;
Y,Z
#
loop_
_chem_comp.id
_chem_comp.type
_chem_comp.name
_chem_comp.formula
U RNA linking URIDINE-5'-MONOPHOSPHATE 'C9 H13 N2 O9 P'
#
# COMPACT_ATOMS: atom_id res chain seq x y z
N ASN A 14 136.41 -62.74 70.33
CA ASN A 14 135.48 -63.75 69.73
C ASN A 14 135.93 -65.20 69.93
N ALA A 15 135.45 -65.72 71.05
CA ALA A 15 135.71 -67.08 71.51
C ALA A 15 134.72 -68.10 70.90
N THR A 16 134.05 -67.76 69.81
CA THR A 16 133.09 -68.69 69.26
C THR A 16 133.74 -69.53 68.18
N GLU A 17 134.09 -68.92 67.06
CA GLU A 17 134.67 -69.65 65.96
C GLU A 17 136.02 -70.18 66.39
N ILE A 18 136.97 -69.26 66.56
CA ILE A 18 138.35 -69.58 66.90
C ILE A 18 138.48 -70.64 68.00
N ARG A 19 137.76 -70.50 69.12
CA ARG A 19 137.95 -71.46 70.20
C ARG A 19 137.22 -72.78 70.00
N ALA A 20 136.13 -72.73 69.25
CA ALA A 20 135.29 -73.90 69.14
C ALA A 20 135.53 -74.62 67.81
N SER A 21 135.92 -73.87 66.80
CA SER A 21 136.20 -74.47 65.51
C SER A 21 137.50 -75.29 65.56
N VAL A 22 138.35 -74.91 66.49
CA VAL A 22 139.64 -75.57 66.54
C VAL A 22 139.46 -76.75 67.48
N GLY A 23 138.44 -76.63 68.33
CA GLY A 23 138.01 -77.74 69.14
C GLY A 23 137.47 -78.87 68.29
N LYS A 24 136.83 -78.48 67.21
CA LYS A 24 136.22 -79.44 66.35
C LYS A 24 137.30 -80.13 65.57
N MET A 25 138.40 -79.43 65.37
CA MET A 25 139.45 -80.10 64.63
C MET A 25 140.20 -81.04 65.55
N ILE A 26 140.16 -80.73 66.86
CA ILE A 26 140.82 -81.55 67.83
C ILE A 26 140.01 -82.82 68.07
N ASP A 27 138.67 -82.68 68.13
CA ASP A 27 137.74 -83.81 68.26
C ASP A 27 138.01 -84.80 67.15
N GLY A 28 138.31 -84.30 65.96
CA GLY A 28 138.45 -85.23 64.86
C GLY A 28 139.63 -86.13 65.12
N ILE A 29 140.74 -85.53 65.53
CA ILE A 29 141.97 -86.27 65.68
C ILE A 29 141.70 -87.31 66.76
N GLY A 30 141.05 -86.88 67.84
CA GLY A 30 140.71 -87.76 68.95
C GLY A 30 139.92 -88.97 68.45
N ARG A 31 138.66 -88.73 68.14
CA ARG A 31 137.78 -89.72 67.53
C ARG A 31 138.55 -90.64 66.58
N PHE A 32 139.25 -90.07 65.60
CA PHE A 32 139.99 -90.92 64.67
C PHE A 32 140.98 -91.89 65.41
N TYR A 33 141.88 -91.32 66.21
CA TYR A 33 142.80 -92.12 66.99
C TYR A 33 142.11 -93.23 67.73
N ILE A 34 140.94 -92.97 68.30
CA ILE A 34 140.20 -93.99 69.00
C ILE A 34 139.76 -95.09 68.01
N GLN A 35 139.21 -94.71 66.88
CA GLN A 35 138.75 -95.67 65.85
C GLN A 35 139.88 -96.52 65.39
N MET A 36 140.94 -95.85 65.03
CA MET A 36 142.13 -96.52 64.59
C MET A 36 142.72 -97.40 65.66
N CYS A 37 142.65 -97.02 66.92
CA CYS A 37 143.09 -97.96 67.92
C CYS A 37 142.17 -99.15 67.95
N THR A 38 140.87 -98.91 67.82
CA THR A 38 139.92 -100.02 67.86
C THR A 38 140.16 -101.05 66.72
N GLU A 39 140.76 -100.61 65.61
CA GLU A 39 141.03 -101.52 64.52
C GLU A 39 142.22 -102.38 64.90
N LEU A 40 143.31 -101.71 65.25
CA LEU A 40 144.50 -102.45 65.61
C LEU A 40 144.26 -103.33 66.82
N LYS A 41 143.10 -103.21 67.44
CA LYS A 41 142.77 -103.99 68.61
C LYS A 41 143.84 -103.79 69.66
N LEU A 42 144.46 -102.61 69.76
CA LEU A 42 145.36 -102.27 70.90
C LEU A 42 144.67 -102.11 72.27
N SER A 43 145.48 -102.19 73.31
CA SER A 43 145.00 -102.04 74.69
C SER A 43 145.07 -100.56 75.10
N ASP A 44 144.63 -100.28 76.33
CA ASP A 44 144.72 -98.93 76.84
C ASP A 44 146.17 -98.54 76.99
N TYR A 45 146.97 -99.37 77.63
CA TYR A 45 148.36 -99.04 77.78
C TYR A 45 149.00 -98.95 76.43
N GLU A 46 148.52 -99.74 75.50
CA GLU A 46 149.15 -99.79 74.20
C GLU A 46 148.64 -98.69 73.26
N GLY A 47 147.66 -97.91 73.71
CA GLY A 47 147.17 -96.83 72.88
C GLY A 47 147.78 -95.56 73.40
N ARG A 48 148.41 -95.66 74.57
CA ARG A 48 149.02 -94.49 75.18
C ARG A 48 150.51 -94.40 74.89
N LEU A 49 150.95 -95.33 74.04
CA LEU A 49 152.35 -95.44 73.71
C LEU A 49 152.70 -94.47 72.60
N ILE A 50 153.28 -93.36 72.97
CA ILE A 50 153.61 -92.38 71.99
C ILE A 50 154.16 -92.95 70.73
N GLN A 51 154.85 -94.08 70.84
CA GLN A 51 155.39 -94.81 69.70
C GLN A 51 154.25 -95.16 68.72
N ASN A 52 153.36 -96.05 69.15
CA ASN A 52 152.24 -96.39 68.32
C ASN A 52 151.51 -95.17 67.85
N SER A 53 151.29 -94.17 68.70
CA SER A 53 150.54 -93.01 68.25
C SER A 53 151.21 -92.45 67.02
N LEU A 54 152.50 -92.19 67.11
CA LEU A 54 153.24 -91.65 65.97
C LEU A 54 153.01 -92.40 64.68
N THR A 55 153.23 -93.68 64.74
CA THR A 55 153.05 -94.52 63.57
C THR A 55 151.69 -94.23 62.97
N ILE A 56 150.64 -94.24 63.78
CA ILE A 56 149.32 -93.97 63.27
C ILE A 56 149.23 -92.60 62.60
N GLU A 57 149.81 -91.58 63.23
CA GLU A 57 149.68 -90.26 62.71
C GLU A 57 150.31 -90.17 61.33
N ARG A 58 151.42 -90.85 61.16
CA ARG A 58 152.13 -90.77 59.90
C ARG A 58 151.42 -91.58 58.79
N MET A 59 150.90 -92.78 59.14
CA MET A 59 150.00 -93.58 58.28
C MET A 59 148.93 -92.75 57.63
N VAL A 60 148.60 -91.66 58.29
CA VAL A 60 147.44 -90.94 57.84
C VAL A 60 147.90 -89.84 56.97
N LEU A 61 148.91 -89.11 57.40
CA LEU A 61 149.40 -87.99 56.64
C LEU A 61 149.95 -88.50 55.29
N SER A 62 150.52 -89.71 55.30
CA SER A 62 151.00 -90.35 54.09
C SER A 62 149.82 -90.62 53.17
N ALA A 63 148.77 -91.22 53.73
CA ALA A 63 147.63 -91.60 52.91
C ALA A 63 146.91 -90.38 52.36
N PHE A 64 147.00 -89.24 53.01
CA PHE A 64 146.33 -88.07 52.49
C PHE A 64 147.29 -87.18 51.73
N ASP A 65 148.40 -87.78 51.24
CA ASP A 65 149.48 -87.04 50.55
C ASP A 65 150.62 -87.94 50.03
N THR A 85 149.44 -97.62 53.19
CA THR A 85 150.71 -97.47 53.90
C THR A 85 150.67 -98.28 55.16
N GLY A 86 151.83 -98.41 55.79
CA GLY A 86 151.98 -99.29 56.95
C GLY A 86 152.87 -98.59 57.95
N GLY A 87 153.31 -99.32 58.97
CA GLY A 87 154.20 -98.74 59.95
C GLY A 87 154.46 -99.68 61.13
N PRO A 88 155.38 -99.24 62.03
CA PRO A 88 155.81 -100.02 63.18
C PRO A 88 154.80 -99.94 64.32
N ILE A 89 154.34 -101.10 64.78
CA ILE A 89 153.35 -101.10 65.85
C ILE A 89 153.75 -102.02 66.99
N TYR A 90 154.01 -101.43 68.15
CA TYR A 90 154.48 -102.20 69.30
C TYR A 90 153.38 -102.76 70.20
N ARG A 91 153.56 -104.03 70.55
CA ARG A 91 152.56 -104.75 71.29
C ARG A 91 153.14 -105.21 72.61
N ARG A 92 152.27 -105.47 73.59
CA ARG A 92 152.74 -105.86 74.93
C ARG A 92 152.38 -107.30 75.26
N VAL A 93 153.36 -108.18 75.33
CA VAL A 93 153.12 -109.55 75.80
C VAL A 93 153.77 -109.77 77.17
N ASP A 94 153.30 -110.76 77.93
CA ASP A 94 153.87 -111.09 79.23
C ASP A 94 155.34 -110.67 79.28
N GLY A 95 155.65 -109.57 79.97
CA GLY A 95 157.04 -109.17 80.14
C GLY A 95 157.63 -108.23 79.14
N LYS A 96 157.67 -108.65 77.88
CA LYS A 96 158.44 -107.93 76.82
C LYS A 96 157.64 -107.30 75.71
N TRP A 97 158.26 -106.42 74.93
CA TRP A 97 157.48 -105.69 73.93
C TRP A 97 157.70 -106.23 72.54
N ARG A 98 156.62 -106.49 71.82
CA ARG A 98 156.73 -107.08 70.49
C ARG A 98 156.40 -106.04 69.42
N ARG A 99 157.34 -105.83 68.50
CA ARG A 99 157.14 -104.88 67.40
C ARG A 99 156.46 -105.57 66.22
N GLU A 100 155.28 -105.10 65.79
CA GLU A 100 154.64 -105.60 64.58
C GLU A 100 154.79 -104.68 63.37
N LEU A 101 155.16 -105.26 62.25
CA LEU A 101 155.28 -104.46 61.05
C LEU A 101 153.99 -104.64 60.28
N ILE A 102 153.14 -103.60 60.17
CA ILE A 102 151.84 -103.79 59.52
C ILE A 102 151.55 -102.82 58.41
N LEU A 103 150.56 -103.17 57.59
CA LEU A 103 150.16 -102.35 56.43
C LEU A 103 148.64 -102.18 56.36
N TYR A 104 148.17 -101.01 55.94
CA TYR A 104 146.72 -100.74 55.84
C TYR A 104 146.31 -100.14 54.48
N ASP A 105 145.08 -100.40 54.06
CA ASP A 105 144.62 -99.86 52.81
C ASP A 105 144.75 -98.34 52.83
N LYS A 106 145.68 -97.80 52.07
CA LYS A 106 145.83 -96.34 52.06
C LYS A 106 144.49 -95.63 52.02
N GLU A 107 143.46 -96.25 51.43
CA GLU A 107 142.18 -95.58 51.27
C GLU A 107 141.33 -95.85 52.47
N GLU A 108 141.41 -97.07 52.95
CA GLU A 108 140.73 -97.35 54.17
C GLU A 108 141.05 -96.27 55.21
N ILE A 109 142.32 -95.89 55.28
CA ILE A 109 142.77 -94.89 56.28
C ILE A 109 142.07 -93.59 56.01
N ARG A 110 142.01 -93.23 54.74
CA ARG A 110 141.37 -91.99 54.36
C ARG A 110 139.88 -92.05 54.66
N ARG A 111 139.33 -93.27 54.60
CA ARG A 111 137.92 -93.44 54.86
C ARG A 111 137.62 -93.22 56.35
N ILE A 112 138.39 -93.91 57.18
CA ILE A 112 138.20 -93.83 58.62
C ILE A 112 138.40 -92.42 59.11
N TRP A 113 139.38 -91.72 58.54
CA TRP A 113 139.65 -90.34 58.88
C TRP A 113 138.39 -89.50 58.73
N ARG A 114 137.79 -89.48 57.52
CA ARG A 114 136.65 -88.59 57.26
C ARG A 114 135.48 -88.99 58.15
N GLN A 115 135.28 -90.30 58.27
CA GLN A 115 134.26 -90.76 59.16
C GLN A 115 134.32 -90.00 60.46
N ALA A 116 135.54 -89.80 61.00
CA ALA A 116 135.69 -89.13 62.29
C ALA A 116 135.39 -87.67 62.16
N ASN A 117 135.87 -87.02 61.11
CA ASN A 117 135.54 -85.59 60.86
C ASN A 117 134.23 -85.29 60.11
N ASN A 118 133.22 -86.13 60.27
CA ASN A 118 131.98 -85.91 59.53
C ASN A 118 132.10 -85.94 58.01
N GLY A 119 132.99 -86.76 57.49
CA GLY A 119 133.15 -86.82 56.07
C GLY A 119 133.82 -85.58 55.52
N ASP A 120 134.31 -84.73 56.42
CA ASP A 120 135.10 -83.58 56.01
C ASP A 120 136.55 -83.95 55.75
N ASP A 121 137.30 -82.97 55.27
CA ASP A 121 138.70 -83.22 54.98
C ASP A 121 139.55 -82.86 56.19
N ALA A 122 139.11 -81.78 56.83
CA ALA A 122 139.72 -81.21 57.99
C ALA A 122 141.21 -81.14 57.73
N THR A 123 141.62 -80.35 56.74
CA THR A 123 143.06 -80.25 56.44
C THR A 123 143.74 -79.74 57.67
N ALA A 124 143.09 -78.82 58.36
CA ALA A 124 143.61 -78.36 59.62
C ALA A 124 144.11 -79.53 60.49
N GLY A 125 143.24 -80.51 60.64
CA GLY A 125 143.60 -81.66 61.44
C GLY A 125 144.86 -82.38 61.04
N LEU A 126 145.07 -82.59 59.75
CA LEU A 126 146.22 -83.32 59.26
C LEU A 126 147.43 -82.42 59.45
N THR A 127 147.20 -81.13 59.22
CA THR A 127 148.21 -80.13 59.31
C THR A 127 148.65 -80.07 60.75
N HIS A 128 147.72 -80.34 61.68
CA HIS A 128 148.03 -80.25 63.11
C HIS A 128 149.06 -81.30 63.49
N MET A 129 148.90 -82.51 62.99
CA MET A 129 149.79 -83.59 63.32
C MET A 129 150.97 -83.38 62.45
N MET A 130 150.80 -82.54 61.43
CA MET A 130 151.89 -82.22 60.50
C MET A 130 152.85 -81.39 61.34
N ILE A 131 152.34 -80.61 62.26
CA ILE A 131 153.20 -79.78 63.10
C ILE A 131 153.77 -80.51 64.33
N TRP A 132 152.94 -81.37 64.88
CA TRP A 132 153.36 -82.04 66.08
C TRP A 132 154.64 -82.76 65.67
N HIS A 133 154.65 -83.25 64.46
CA HIS A 133 155.80 -83.97 64.00
C HIS A 133 156.91 -82.96 63.85
N SER A 134 156.57 -81.81 63.28
CA SER A 134 157.58 -80.78 63.07
C SER A 134 158.28 -80.43 64.40
N ASN A 135 157.48 -80.05 65.36
CA ASN A 135 158.00 -79.54 66.57
C ASN A 135 158.84 -80.56 67.35
N LEU A 136 158.56 -81.84 67.09
CA LEU A 136 159.31 -82.96 67.61
C LEU A 136 160.60 -83.07 66.86
N ASN A 137 160.63 -82.67 65.61
CA ASN A 137 161.82 -82.92 64.84
C ASN A 137 162.78 -81.75 65.04
N ASP A 138 162.21 -80.59 65.26
CA ASP A 138 163.00 -79.44 65.48
C ASP A 138 163.69 -79.52 66.86
N ALA A 139 163.28 -80.49 67.67
CA ALA A 139 163.88 -80.67 68.99
C ALA A 139 164.70 -81.93 69.10
N THR A 140 164.34 -82.97 68.36
CA THR A 140 165.08 -84.22 68.43
C THR A 140 166.36 -84.06 67.63
N TYR A 141 166.29 -83.30 66.53
CA TYR A 141 167.44 -83.17 65.60
C TYR A 141 167.95 -81.77 65.30
N GLN A 142 169.21 -81.71 64.91
CA GLN A 142 169.80 -80.48 64.52
C GLN A 142 170.13 -80.58 63.06
N ARG A 143 169.66 -79.60 62.29
CA ARG A 143 169.70 -79.76 60.84
C ARG A 143 170.82 -78.89 60.26
N THR A 144 172.06 -79.33 60.49
CA THR A 144 173.22 -78.55 60.10
C THR A 144 173.59 -78.90 58.67
N ARG A 145 173.63 -80.21 58.39
CA ARG A 145 174.02 -80.71 57.07
C ARG A 145 173.33 -79.91 55.95
N ALA A 146 172.05 -79.62 56.17
CA ALA A 146 171.24 -78.91 55.21
C ALA A 146 171.52 -77.43 55.14
N LEU A 147 171.82 -76.81 56.30
CA LEU A 147 171.99 -75.34 56.33
C LEU A 147 173.23 -74.90 55.53
N VAL A 148 174.30 -75.67 55.74
CA VAL A 148 175.61 -75.39 55.17
C VAL A 148 175.57 -75.67 53.66
N ARG A 149 175.06 -76.86 53.32
CA ARG A 149 174.87 -77.24 51.92
C ARG A 149 174.00 -76.19 51.19
N THR A 150 173.15 -75.48 51.92
CA THR A 150 172.43 -74.33 51.38
C THR A 150 173.29 -73.06 51.38
N GLY A 151 174.17 -72.93 52.36
CA GLY A 151 175.07 -71.78 52.37
C GLY A 151 174.61 -70.81 53.44
N MET A 152 174.08 -71.42 54.51
CA MET A 152 173.61 -70.74 55.73
C MET A 152 174.54 -71.13 56.86
N ASP A 153 174.76 -70.24 57.81
CA ASP A 153 175.66 -70.59 58.89
C ASP A 153 175.02 -71.59 59.87
N PRO A 154 175.72 -72.72 60.18
CA PRO A 154 175.18 -73.77 61.07
C PRO A 154 174.72 -73.22 62.40
N ARG A 155 175.35 -72.15 62.83
CA ARG A 155 174.88 -71.47 64.02
C ARG A 155 173.59 -70.70 63.88
N MET A 156 172.84 -70.95 62.80
CA MET A 156 171.54 -70.28 62.61
C MET A 156 170.39 -71.20 62.95
N CYS A 157 170.64 -72.14 63.87
CA CYS A 157 169.63 -73.06 64.44
C CYS A 157 168.31 -72.43 64.83
N SER A 158 168.36 -71.38 65.65
CA SER A 158 167.17 -70.69 66.19
C SER A 158 166.24 -70.02 65.16
N LEU A 159 166.56 -70.20 63.88
CA LEU A 159 165.84 -69.58 62.81
C LEU A 159 165.30 -70.68 61.92
N MET A 160 165.62 -71.94 62.18
CA MET A 160 165.10 -73.02 61.35
C MET A 160 163.83 -73.73 61.88
N GLN A 161 162.96 -72.99 62.56
CA GLN A 161 161.73 -73.55 63.06
C GLN A 161 160.71 -74.02 61.99
N GLY A 162 160.63 -75.31 61.80
CA GLY A 162 159.69 -75.83 60.86
C GLY A 162 160.38 -76.11 59.54
N SER A 163 161.70 -76.24 59.54
CA SER A 163 162.33 -76.61 58.30
C SER A 163 161.85 -78.00 57.82
N THR A 164 161.30 -78.82 58.69
CA THR A 164 160.94 -80.21 58.31
C THR A 164 159.51 -80.26 57.80
N LEU A 165 158.84 -79.14 58.01
CA LEU A 165 157.42 -79.11 57.84
C LEU A 165 157.07 -79.08 56.36
N PRO A 166 156.52 -80.19 55.84
CA PRO A 166 156.20 -80.24 54.40
C PRO A 166 155.49 -78.96 53.91
N ARG A 167 155.88 -78.50 52.72
CA ARG A 167 155.23 -77.38 52.04
C ARG A 167 153.70 -77.51 51.98
N ARG A 168 153.20 -78.75 51.85
CA ARG A 168 151.77 -79.05 51.94
C ARG A 168 151.10 -78.40 53.17
N SER A 169 151.88 -78.11 54.21
CA SER A 169 151.33 -77.46 55.39
C SER A 169 150.46 -76.28 54.98
N GLY A 170 149.48 -75.99 55.80
CA GLY A 170 148.58 -74.91 55.48
C GLY A 170 149.09 -73.52 55.67
N ALA A 171 148.19 -72.56 55.55
CA ALA A 171 148.55 -71.18 55.70
C ALA A 171 148.98 -70.85 57.15
N ALA A 172 148.36 -71.54 58.13
CA ALA A 172 148.59 -71.25 59.55
C ALA A 172 149.67 -72.24 59.97
N GLY A 173 150.04 -73.07 58.98
CA GLY A 173 151.20 -73.96 59.07
C GLY A 173 152.53 -73.26 58.81
N ALA A 174 152.55 -72.28 57.93
CA ALA A 174 153.78 -71.61 57.61
C ALA A 174 154.01 -70.53 58.65
N ALA A 175 152.96 -69.94 59.22
CA ALA A 175 153.16 -68.89 60.25
C ALA A 175 154.06 -69.32 61.43
N VAL A 176 154.22 -70.63 61.57
CA VAL A 176 154.97 -71.19 62.68
C VAL A 176 156.43 -71.19 62.28
N LYS A 177 156.70 -71.08 60.97
CA LYS A 177 158.09 -71.09 60.43
C LYS A 177 159.03 -69.96 60.88
N GLY A 178 160.28 -70.34 61.18
CA GLY A 178 161.28 -69.32 61.51
C GLY A 178 161.79 -68.62 60.25
N VAL A 179 162.32 -67.41 60.44
CA VAL A 179 162.83 -66.58 59.34
C VAL A 179 163.84 -67.38 58.48
N GLY A 180 164.79 -68.00 59.19
CA GLY A 180 165.75 -68.85 58.59
C GLY A 180 165.10 -69.96 57.81
N THR A 181 163.88 -70.35 58.15
CA THR A 181 163.31 -71.51 57.46
C THR A 181 163.00 -71.14 56.02
N MET A 182 162.55 -69.90 55.88
CA MET A 182 162.07 -69.47 54.62
C MET A 182 163.22 -69.35 53.65
N VAL A 183 164.27 -68.67 54.13
CA VAL A 183 165.52 -68.51 53.41
C VAL A 183 166.09 -69.82 52.81
N MET A 184 166.13 -70.91 53.56
CA MET A 184 166.66 -72.15 53.04
C MET A 184 165.93 -72.63 51.79
N GLU A 185 164.67 -72.20 51.69
CA GLU A 185 163.77 -72.60 50.58
C GLU A 185 164.03 -71.79 49.32
N LEU A 186 163.70 -70.50 49.40
CA LEU A 186 164.02 -69.56 48.37
C LEU A 186 165.43 -69.78 47.82
N ILE A 187 166.44 -69.80 48.69
CA ILE A 187 167.82 -70.10 48.29
C ILE A 187 167.94 -71.40 47.46
N ARG A 188 167.12 -72.41 47.74
CA ARG A 188 167.28 -73.63 46.94
C ARG A 188 166.48 -73.49 45.67
N MET A 189 165.31 -72.86 45.82
CA MET A 189 164.41 -72.62 44.68
C MET A 189 165.21 -71.77 43.69
N ILE A 190 165.75 -70.63 44.19
CA ILE A 190 166.68 -69.78 43.43
C ILE A 190 167.96 -70.51 42.98
N LYS A 191 168.67 -71.18 43.87
CA LYS A 191 169.96 -71.81 43.52
C LYS A 191 169.88 -72.77 42.33
N ARG A 192 168.89 -73.63 42.30
CA ARG A 192 168.78 -74.52 41.14
C ARG A 192 168.35 -73.82 39.81
N GLY A 193 167.39 -72.88 39.95
CA GLY A 193 166.89 -72.04 38.83
C GLY A 193 167.97 -71.14 38.27
N ILE A 194 168.46 -70.22 39.11
CA ILE A 194 169.58 -69.35 38.73
C ILE A 194 170.79 -70.19 38.43
N ASN A 195 170.90 -71.36 38.77
CA ASN A 195 172.00 -72.21 38.33
C ASN A 195 171.60 -72.74 36.97
N ARG A 206 157.22 -71.77 35.38
CA ARG A 206 156.41 -70.65 34.90
C ARG A 206 155.66 -69.94 36.03
N ARG A 207 154.70 -70.67 36.57
CA ARG A 207 153.84 -70.21 37.66
C ARG A 207 154.67 -70.08 38.94
N THR A 208 155.85 -70.69 38.92
CA THR A 208 156.81 -70.64 40.02
C THR A 208 157.05 -69.24 40.59
N ARG A 209 156.68 -68.22 39.84
CA ARG A 209 156.87 -66.81 40.27
C ARG A 209 155.98 -66.30 41.43
N ILE A 210 154.66 -66.52 41.33
CA ILE A 210 153.73 -66.13 42.38
C ILE A 210 154.16 -66.68 43.74
N ALA A 211 154.74 -67.89 43.72
CA ALA A 211 155.33 -68.52 44.89
C ALA A 211 156.39 -67.59 45.45
N TYR A 212 157.44 -67.34 44.66
CA TYR A 212 158.59 -66.58 45.11
C TYR A 212 158.19 -65.27 45.77
N GLU A 213 157.30 -64.50 45.15
CA GLU A 213 156.89 -63.20 45.70
C GLU A 213 156.19 -63.38 47.01
N ARG A 214 155.22 -64.29 47.03
CA ARG A 214 154.50 -64.59 48.27
C ARG A 214 155.46 -65.10 49.35
N MET A 215 156.25 -66.12 49.00
CA MET A 215 157.22 -66.68 49.91
C MET A 215 157.98 -65.55 50.52
N CYS A 216 158.16 -64.45 49.79
CA CYS A 216 158.88 -63.30 50.38
C CYS A 216 157.95 -62.46 51.24
N ASN A 217 156.68 -62.40 50.84
CA ASN A 217 155.76 -61.51 51.54
C ASN A 217 155.57 -62.01 52.93
N ILE A 218 155.45 -63.33 53.00
CA ILE A 218 155.46 -64.10 54.26
C ILE A 218 156.75 -63.79 54.99
N LEU A 219 157.86 -64.01 54.27
CA LEU A 219 159.17 -63.73 54.76
C LEU A 219 159.10 -62.36 55.38
N LYS A 220 158.61 -61.37 54.62
CA LYS A 220 158.67 -59.98 55.06
C LYS A 220 157.77 -59.77 56.25
N GLY A 221 156.71 -60.57 56.30
CA GLY A 221 155.74 -60.41 57.36
C GLY A 221 156.27 -60.98 58.67
N LYS A 222 157.45 -61.60 58.60
CA LYS A 222 158.14 -62.08 59.78
C LYS A 222 158.82 -60.89 60.46
N PHE A 223 159.49 -60.06 59.65
CA PHE A 223 160.15 -58.86 60.15
C PHE A 223 159.15 -57.90 60.75
N GLN A 224 159.59 -57.21 61.78
CA GLN A 224 158.80 -56.22 62.50
C GLN A 224 159.56 -54.90 62.70
N THR A 225 160.34 -54.49 61.69
CA THR A 225 161.03 -53.19 61.70
C THR A 225 161.11 -52.62 60.30
N ALA A 226 161.01 -51.28 60.21
CA ALA A 226 161.11 -50.57 58.93
C ALA A 226 162.05 -51.27 57.91
N ALA A 227 163.37 -51.05 58.08
CA ALA A 227 164.41 -51.51 57.16
C ALA A 227 164.25 -52.99 56.81
N GLN A 228 164.11 -53.79 57.86
CA GLN A 228 163.92 -55.22 57.73
C GLN A 228 162.85 -55.40 56.67
N ARG A 229 161.70 -54.78 56.93
CA ARG A 229 160.56 -54.87 56.04
C ARG A 229 160.97 -54.38 54.64
N THR A 230 161.59 -53.20 54.58
CA THR A 230 161.91 -52.58 53.28
C THR A 230 162.92 -53.40 52.47
N MET A 231 163.89 -54.00 53.17
CA MET A 231 164.98 -54.68 52.46
C MET A 231 164.56 -55.97 51.76
N VAL A 232 163.42 -56.47 52.21
CA VAL A 232 162.87 -57.71 51.75
C VAL A 232 162.34 -57.44 50.37
N ASP A 233 161.72 -56.27 50.25
CA ASP A 233 161.20 -55.76 48.97
C ASP A 233 162.34 -55.61 47.95
N GLN A 234 163.43 -54.96 48.36
CA GLN A 234 164.58 -54.78 47.51
C GLN A 234 165.07 -56.13 46.97
N VAL A 235 164.77 -57.20 47.69
CA VAL A 235 165.10 -58.57 47.27
C VAL A 235 164.09 -59.16 46.28
N ARG A 236 162.82 -58.95 46.60
CA ARG A 236 161.72 -59.42 45.77
C ARG A 236 161.61 -58.72 44.40
N GLU A 237 162.53 -57.79 44.12
CA GLU A 237 162.49 -57.04 42.88
C GLU A 237 162.98 -57.81 41.65
N SER A 238 163.92 -58.74 41.84
CA SER A 238 164.55 -59.43 40.71
C SER A 238 163.84 -60.74 40.25
N ARG A 239 163.57 -60.83 38.94
CA ARG A 239 162.92 -62.01 38.40
C ARG A 239 163.84 -63.21 38.50
N ASN A 240 165.08 -63.00 38.13
CA ASN A 240 166.06 -64.06 38.22
C ASN A 240 167.09 -63.64 39.28
N PRO A 241 166.68 -63.62 40.56
CA PRO A 241 167.55 -63.10 41.63
C PRO A 241 168.79 -63.97 41.83
N GLY A 242 169.96 -63.46 41.48
CA GLY A 242 171.15 -64.29 41.57
C GLY A 242 171.83 -64.09 42.91
N ASN A 243 173.11 -64.44 42.97
CA ASN A 243 173.94 -64.17 44.16
C ASN A 243 173.75 -62.82 44.81
N ALA A 244 173.27 -61.84 44.03
CA ALA A 244 172.88 -60.52 44.55
C ALA A 244 171.93 -60.69 45.74
N GLU A 245 170.88 -61.49 45.51
CA GLU A 245 169.87 -61.82 46.49
C GLU A 245 170.46 -62.88 47.44
N PHE A 246 170.90 -64.01 46.85
CA PHE A 246 171.55 -65.13 47.58
C PHE A 246 172.37 -64.58 48.76
N GLU A 247 173.28 -63.66 48.48
CA GLU A 247 174.02 -63.03 49.54
C GLU A 247 173.17 -62.08 50.43
N ASP A 248 172.18 -61.37 49.89
CA ASP A 248 171.48 -60.39 50.75
C ASP A 248 170.52 -60.97 51.82
N LEU A 249 169.81 -62.05 51.48
CA LEU A 249 168.80 -62.61 52.37
C LEU A 249 169.53 -63.25 53.55
N ILE A 250 170.66 -63.88 53.23
CA ILE A 250 171.53 -64.48 54.23
C ILE A 250 171.84 -63.45 55.29
N PHE A 251 172.09 -62.22 54.81
CA PHE A 251 172.28 -61.05 55.71
C PHE A 251 171.07 -60.88 56.69
N LEU A 252 169.92 -60.64 56.06
CA LEU A 252 168.62 -60.50 56.72
C LEU A 252 168.39 -61.71 57.66
N ALA A 253 168.82 -62.90 57.22
CA ALA A 253 168.76 -64.09 58.09
C ALA A 253 169.47 -63.80 59.44
N ARG A 254 170.69 -63.27 59.30
CA ARG A 254 171.47 -62.91 60.44
C ARG A 254 170.91 -61.71 61.20
N SER A 255 170.15 -60.86 60.54
CA SER A 255 169.60 -59.69 61.23
C SER A 255 168.57 -60.11 62.27
N ALA A 256 167.94 -61.26 62.03
CA ALA A 256 166.84 -61.78 62.83
C ALA A 256 167.33 -62.39 64.12
N LEU A 257 168.64 -62.67 64.13
CA LEU A 257 169.39 -63.17 65.28
C LEU A 257 169.46 -62.11 66.30
N ILE A 258 169.19 -60.87 65.88
CA ILE A 258 169.28 -59.78 66.81
C ILE A 258 167.93 -59.06 66.86
N LEU A 259 167.40 -58.75 65.68
CA LEU A 259 166.07 -58.12 65.52
C LEU A 259 165.20 -59.23 65.00
N ARG A 260 164.61 -59.96 65.94
CA ARG A 260 163.94 -61.18 65.61
C ARG A 260 162.66 -60.77 64.88
N GLY A 261 161.99 -61.74 64.28
CA GLY A 261 160.66 -61.53 63.71
C GLY A 261 159.52 -62.14 64.49
N SER A 262 158.33 -62.05 63.91
CA SER A 262 157.16 -62.64 64.48
C SER A 262 157.02 -64.06 63.96
N VAL A 263 157.21 -65.03 64.85
CA VAL A 263 156.91 -66.41 64.52
C VAL A 263 156.05 -67.03 65.58
N ALA A 264 154.83 -67.38 65.17
CA ALA A 264 153.89 -68.15 65.97
C ALA A 264 154.42 -69.53 66.42
N HIS A 265 154.06 -69.89 67.66
CA HIS A 265 154.33 -71.21 68.23
C HIS A 265 153.01 -71.89 68.56
N LYS A 266 152.87 -73.15 68.15
CA LYS A 266 151.64 -73.92 68.31
C LYS A 266 151.90 -75.17 69.18
N SER A 267 151.18 -75.29 70.30
CA SER A 267 151.32 -76.43 71.19
C SER A 267 150.58 -77.63 70.61
N CYS A 268 151.26 -78.46 69.86
CA CYS A 268 150.53 -79.56 69.21
C CYS A 268 150.86 -80.88 69.83
N LEU A 269 149.92 -81.50 70.54
CA LEU A 269 150.18 -82.74 71.28
C LEU A 269 149.96 -83.94 70.39
N PRO A 270 150.54 -85.12 70.72
CA PRO A 270 150.42 -86.39 69.97
C PRO A 270 148.98 -86.81 69.85
N ALA A 271 148.66 -87.56 68.81
CA ALA A 271 147.28 -88.01 68.61
C ALA A 271 146.68 -88.72 69.85
N CYS A 272 147.52 -89.46 70.56
CA CYS A 272 147.03 -90.25 71.63
C CYS A 272 146.45 -89.36 72.73
N VAL A 273 147.06 -88.21 72.90
CA VAL A 273 146.68 -87.35 73.97
C VAL A 273 145.29 -86.84 73.69
N TYR A 274 145.01 -86.36 72.49
CA TYR A 274 143.68 -85.96 72.06
C TYR A 274 142.72 -87.15 72.01
N GLY A 275 143.13 -88.27 71.42
CA GLY A 275 142.27 -89.51 71.48
C GLY A 275 141.84 -89.86 72.89
N SER A 276 142.79 -89.90 73.79
CA SER A 276 142.47 -90.25 75.14
C SER A 276 141.47 -89.25 75.77
N ALA A 277 141.69 -87.97 75.52
CA ALA A 277 140.87 -86.89 76.01
C ALA A 277 139.45 -86.96 75.49
N VAL A 278 139.32 -87.25 74.20
CA VAL A 278 138.02 -87.35 73.56
C VAL A 278 137.25 -88.50 74.19
N ALA A 279 137.97 -89.59 74.40
CA ALA A 279 137.42 -90.82 74.97
C ALA A 279 136.99 -90.61 76.40
N SER A 280 137.67 -89.72 77.13
CA SER A 280 137.35 -89.36 78.49
C SER A 280 136.19 -88.40 78.58
N GLY A 281 135.49 -88.20 77.49
CA GLY A 281 134.38 -87.35 77.60
C GLY A 281 134.63 -85.95 77.09
N TYR A 282 135.87 -85.42 77.11
CA TYR A 282 136.06 -84.02 76.70
C TYR A 282 135.57 -83.80 75.36
N ASP A 283 134.66 -82.85 75.25
CA ASP A 283 134.00 -82.55 73.99
C ASP A 283 134.40 -81.15 73.54
N PHE A 284 135.62 -81.03 73.01
CA PHE A 284 136.29 -79.75 72.79
C PHE A 284 135.55 -78.75 71.95
N GLU A 285 135.03 -79.16 70.79
CA GLU A 285 134.17 -78.22 70.03
C GLU A 285 133.11 -77.49 70.87
N ARG A 286 132.63 -78.08 71.95
CA ARG A 286 131.65 -77.46 72.78
C ARG A 286 132.32 -76.70 73.88
N GLU A 287 133.36 -77.27 74.47
CA GLU A 287 134.07 -76.61 75.60
C GLU A 287 135.24 -75.75 75.14
N GLY A 288 135.54 -75.70 73.86
CA GLY A 288 136.58 -74.83 73.42
C GLY A 288 137.97 -75.36 73.72
N TYR A 289 138.91 -75.03 72.84
CA TYR A 289 140.29 -75.44 73.00
C TYR A 289 141.24 -74.41 72.31
N SER A 290 142.52 -74.31 72.77
CA SER A 290 143.52 -73.44 72.11
C SER A 290 144.81 -74.18 71.88
N LEU A 291 145.67 -73.60 71.06
CA LEU A 291 147.02 -74.11 70.84
C LEU A 291 148.05 -73.11 71.39
N VAL A 292 147.59 -71.96 71.90
CA VAL A 292 148.52 -70.94 72.39
C VAL A 292 148.04 -70.42 73.75
N GLY A 293 147.02 -71.10 74.30
CA GLY A 293 146.54 -70.72 75.63
C GLY A 293 146.89 -71.68 76.72
N ILE A 294 146.01 -71.75 77.71
CA ILE A 294 146.20 -72.68 78.84
C ILE A 294 145.68 -74.09 78.52
N ASP A 295 144.93 -74.21 77.43
CA ASP A 295 144.25 -75.45 77.11
C ASP A 295 145.28 -76.58 76.98
N PRO A 296 146.29 -76.36 76.15
CA PRO A 296 147.22 -77.45 75.89
C PRO A 296 147.95 -77.81 77.15
N PHE A 297 148.49 -76.87 77.89
CA PHE A 297 149.13 -77.26 79.14
C PHE A 297 148.17 -78.05 80.04
N ARG A 298 146.96 -77.57 80.21
CA ARG A 298 146.02 -78.25 81.12
C ARG A 298 145.76 -79.69 80.70
N LEU A 299 145.56 -79.89 79.40
CA LEU A 299 145.37 -81.21 78.88
C LEU A 299 146.57 -82.08 79.25
N LEU A 300 147.79 -81.58 79.04
CA LEU A 300 148.98 -82.37 79.37
C LEU A 300 149.15 -82.52 80.87
N GLN A 301 148.29 -81.93 81.69
CA GLN A 301 148.47 -82.06 83.15
C GLN A 301 147.85 -83.36 83.63
N ASN A 302 147.15 -84.05 82.72
CA ASN A 302 146.46 -85.31 83.05
C ASN A 302 146.71 -86.44 82.07
N SER A 303 147.60 -86.19 81.13
CA SER A 303 147.84 -87.14 80.07
C SER A 303 148.64 -88.30 80.64
N GLN A 304 148.36 -89.49 80.17
CA GLN A 304 149.07 -90.67 80.65
C GLN A 304 149.82 -91.22 79.45
N VAL A 305 150.85 -90.54 79.01
CA VAL A 305 151.55 -91.00 77.84
C VAL A 305 152.74 -91.84 78.19
N TYR A 306 152.83 -93.00 77.54
CA TYR A 306 154.00 -93.86 77.72
C TYR A 306 154.90 -93.88 76.51
N SER A 307 156.18 -94.18 76.77
CA SER A 307 157.16 -94.23 75.69
C SER A 307 158.17 -95.34 75.74
N LEU A 308 158.53 -95.91 74.59
CA LEU A 308 159.60 -96.92 74.55
C LEU A 308 160.90 -96.25 74.83
N ILE A 309 161.72 -96.96 75.59
CA ILE A 309 162.96 -96.40 76.08
C ILE A 309 164.09 -97.40 76.03
N ARG A 310 165.14 -97.06 75.29
CA ARG A 310 166.32 -97.92 75.18
C ARG A 310 167.05 -98.16 76.51
N PRO A 311 167.76 -99.33 76.66
CA PRO A 311 168.37 -99.83 77.91
C PRO A 311 169.20 -98.81 78.69
N ASN A 312 170.07 -98.10 77.99
CA ASN A 312 170.86 -97.10 78.71
C ASN A 312 170.32 -95.67 78.80
N GLU A 313 169.10 -95.43 78.33
CA GLU A 313 168.60 -94.05 78.22
C GLU A 313 167.97 -93.61 79.53
N ASN A 314 167.91 -92.29 79.72
CA ASN A 314 167.42 -91.73 80.93
C ASN A 314 166.00 -91.32 80.74
N PRO A 315 165.07 -91.93 81.50
CA PRO A 315 163.64 -91.57 81.40
C PRO A 315 163.36 -90.05 81.52
N ALA A 316 163.98 -89.46 82.54
CA ALA A 316 163.71 -88.08 82.86
C ALA A 316 164.09 -87.23 81.67
N HIS A 317 165.08 -87.74 80.95
CA HIS A 317 165.68 -87.04 79.83
C HIS A 317 164.72 -87.22 78.66
N LYS A 318 164.10 -88.39 78.59
CA LYS A 318 163.16 -88.70 77.50
C LYS A 318 161.95 -87.76 77.57
N SER A 319 161.32 -87.71 78.76
CA SER A 319 160.20 -86.84 78.98
C SER A 319 160.51 -85.40 78.58
N GLN A 320 161.72 -84.94 78.94
CA GLN A 320 162.08 -83.59 78.63
C GLN A 320 161.84 -83.34 77.15
N LEU A 321 162.46 -84.19 76.33
CA LEU A 321 162.38 -84.09 74.85
C LEU A 321 160.95 -83.87 74.39
N VAL A 322 160.13 -84.92 74.50
CA VAL A 322 158.67 -84.78 74.23
C VAL A 322 158.01 -83.51 74.72
N TRP A 323 158.31 -83.12 75.96
CA TRP A 323 157.75 -81.89 76.51
C TRP A 323 158.13 -80.69 75.67
N MET A 324 159.33 -80.69 75.10
CA MET A 324 159.77 -79.51 74.37
C MET A 324 159.16 -79.49 73.00
N ALA A 325 158.84 -80.70 72.48
CA ALA A 325 158.10 -80.80 71.24
C ALA A 325 156.64 -80.46 71.42
N CYS A 326 156.12 -80.63 72.62
CA CYS A 326 154.73 -80.23 72.79
C CYS A 326 154.46 -78.72 72.77
N HIS A 327 155.52 -77.94 72.95
CA HIS A 327 155.34 -76.52 72.84
C HIS A 327 156.27 -75.74 71.86
N SER A 328 157.08 -76.43 71.05
CA SER A 328 157.95 -75.69 70.12
C SER A 328 158.94 -74.86 71.00
N ALA A 329 159.55 -75.55 71.97
CA ALA A 329 160.48 -74.92 72.89
C ALA A 329 161.84 -75.46 72.57
N ALA A 330 162.11 -75.75 71.29
CA ALA A 330 163.44 -76.35 70.96
C ALA A 330 164.43 -75.26 70.76
N PHE A 331 164.02 -74.00 70.75
CA PHE A 331 164.97 -72.94 70.50
C PHE A 331 164.66 -71.90 71.51
N GLU A 332 164.02 -72.30 72.61
CA GLU A 332 163.68 -71.32 73.62
C GLU A 332 164.87 -71.18 74.56
N ASP A 333 164.89 -70.13 75.39
CA ASP A 333 165.97 -69.97 76.34
C ASP A 333 165.83 -71.02 77.43
N LEU A 334 166.81 -71.95 77.57
CA LEU A 334 166.69 -73.07 78.50
C LEU A 334 166.25 -72.56 79.86
N ARG A 335 166.73 -71.37 80.22
CA ARG A 335 166.41 -70.77 81.53
C ARG A 335 164.94 -70.70 81.75
N VAL A 336 164.25 -70.12 80.77
CA VAL A 336 162.80 -69.96 80.86
C VAL A 336 162.07 -71.30 80.74
N SER A 337 162.47 -72.14 79.76
CA SER A 337 161.91 -73.47 79.63
C SER A 337 161.93 -74.19 80.96
N SER A 338 163.05 -74.16 81.68
CA SER A 338 163.14 -74.84 82.97
C SER A 338 162.27 -74.17 84.01
N PHE A 339 162.08 -72.87 83.82
CA PHE A 339 161.41 -72.09 84.82
C PHE A 339 159.98 -72.54 84.79
N ILE A 340 159.39 -72.53 83.61
CA ILE A 340 158.01 -72.89 83.39
C ILE A 340 157.79 -74.41 83.59
N ARG A 341 158.77 -75.17 83.10
CA ARG A 341 158.75 -76.60 83.19
C ARG A 341 158.60 -77.06 84.61
N GLY A 342 159.37 -76.46 85.50
CA GLY A 342 159.25 -76.87 86.88
C GLY A 342 160.48 -77.59 87.34
N THR A 343 161.26 -78.08 86.37
CA THR A 343 162.48 -78.86 86.59
C THR A 343 163.56 -78.59 85.56
N LYS A 344 164.78 -79.00 85.86
CA LYS A 344 165.84 -78.78 84.87
C LYS A 344 165.50 -79.15 83.41
N VAL A 345 165.83 -78.25 82.50
CA VAL A 345 165.67 -78.49 81.11
C VAL A 345 167.07 -78.57 80.54
N VAL A 346 167.58 -79.77 80.54
CA VAL A 346 168.95 -79.97 80.16
C VAL A 346 169.18 -79.80 78.65
N PRO A 347 170.33 -79.25 78.24
CA PRO A 347 170.75 -79.04 76.85
C PRO A 347 170.82 -80.31 76.06
N ARG A 348 170.80 -80.16 74.73
CA ARG A 348 170.70 -81.30 73.83
C ARG A 348 171.88 -82.20 74.03
N GLY A 349 173.09 -81.66 74.02
CA GLY A 349 174.27 -82.52 74.18
C GLY A 349 174.21 -83.44 75.40
N LYS A 350 173.83 -82.87 76.54
CA LYS A 350 173.79 -83.61 77.77
C LYS A 350 172.56 -84.45 77.87
N LEU A 351 171.74 -84.43 76.83
CA LEU A 351 170.54 -85.24 76.82
C LEU A 351 170.79 -86.65 76.43
N SER A 352 170.32 -87.56 77.27
CA SER A 352 170.45 -88.99 77.00
C SER A 352 169.34 -89.63 76.18
N THR A 353 169.42 -89.48 74.87
CA THR A 353 168.44 -90.11 73.99
C THR A 353 168.78 -89.76 72.54
N ARG A 354 168.35 -90.66 71.65
CA ARG A 354 168.75 -90.60 70.26
C ARG A 354 167.52 -90.28 69.42
N GLY A 355 166.35 -90.53 69.99
CA GLY A 355 165.17 -90.29 69.21
C GLY A 355 164.07 -91.13 69.73
N VAL A 356 162.85 -90.64 69.57
CA VAL A 356 161.73 -91.27 70.18
C VAL A 356 161.24 -92.48 69.40
N GLN A 357 161.40 -92.43 68.08
CA GLN A 357 161.00 -93.54 67.20
C GLN A 357 162.06 -94.59 67.28
N ILE A 358 161.60 -95.82 67.15
CA ILE A 358 162.48 -96.95 67.24
C ILE A 358 162.81 -97.43 65.83
N ALA A 359 164.11 -97.54 65.55
CA ALA A 359 164.57 -97.97 64.25
C ALA A 359 164.49 -99.49 64.10
N SER A 360 164.32 -99.94 62.84
CA SER A 360 164.25 -101.39 62.48
C SER A 360 165.51 -102.19 62.89
N ASN A 361 166.58 -101.44 63.15
CA ASN A 361 167.84 -101.98 63.48
C ASN A 361 167.79 -102.62 64.85
N GLU A 362 167.12 -101.95 65.79
CA GLU A 362 167.22 -102.29 67.19
C GLU A 362 166.50 -103.53 67.49
N ASN A 363 166.62 -104.06 68.69
CA ASN A 363 165.90 -105.28 68.98
C ASN A 363 165.01 -105.01 70.11
N MET A 364 164.01 -105.85 70.28
CA MET A 364 163.05 -105.67 71.36
C MET A 364 163.45 -106.33 72.68
N GLU A 365 164.41 -107.26 72.62
CA GLU A 365 164.72 -108.05 73.79
C GLU A 365 165.14 -107.05 74.83
N THR A 366 166.07 -106.17 74.46
CA THR A 366 166.62 -105.22 75.40
C THR A 366 165.88 -103.90 75.32
N MET A 367 164.56 -103.95 75.42
CA MET A 367 163.77 -102.75 75.26
C MET A 367 162.70 -102.72 76.35
N GLU A 368 162.47 -101.54 76.93
CA GLU A 368 161.45 -101.39 77.95
C GLU A 368 160.82 -100.00 77.78
N SER A 369 159.87 -99.65 78.64
CA SER A 369 159.08 -98.44 78.42
C SER A 369 158.82 -97.67 79.68
N SER A 370 158.86 -96.34 79.64
CA SER A 370 158.60 -95.52 80.80
C SER A 370 157.43 -94.57 80.62
N THR A 371 156.97 -93.97 81.71
CA THR A 371 155.85 -93.07 81.69
C THR A 371 156.42 -91.65 81.63
N LEU A 372 156.00 -90.94 80.58
CA LEU A 372 156.56 -89.66 80.23
C LEU A 372 156.04 -88.60 81.17
N GLU A 373 156.95 -87.80 81.72
CA GLU A 373 156.57 -86.67 82.58
C GLU A 373 156.32 -85.42 81.74
N LEU A 374 155.04 -85.13 81.49
CA LEU A 374 154.68 -83.96 80.64
C LEU A 374 154.07 -82.76 81.35
N ARG A 375 153.79 -82.94 82.65
CA ARG A 375 153.28 -81.87 83.48
C ARG A 375 154.27 -80.70 83.51
N SER A 376 153.77 -79.48 83.71
CA SER A 376 154.64 -78.32 83.84
C SER A 376 154.26 -77.53 85.08
N ARG A 377 155.14 -76.64 85.50
CA ARG A 377 154.90 -75.85 86.71
C ARG A 377 153.89 -74.76 86.41
N TYR A 378 154.26 -73.84 85.55
CA TYR A 378 153.36 -72.79 85.13
C TYR A 378 153.08 -72.96 83.65
N TRP A 379 152.42 -71.96 83.07
CA TRP A 379 152.18 -71.86 81.64
C TRP A 379 152.35 -70.45 81.18
N ALA A 380 152.51 -70.30 79.87
CA ALA A 380 152.74 -69.01 79.28
C ALA A 380 152.13 -68.80 77.89
N ILE A 381 151.68 -67.59 77.60
CA ILE A 381 151.02 -67.43 76.33
C ILE A 381 152.01 -67.70 75.17
N ARG A 382 151.97 -68.85 74.52
CA ARG A 382 152.95 -69.06 73.43
C ARG A 382 152.81 -67.84 72.50
N THR A 383 153.87 -67.02 72.37
CA THR A 383 153.80 -65.80 71.51
C THR A 383 154.24 -65.99 70.06
N ARG A 384 154.19 -64.88 69.33
CA ARG A 384 154.60 -64.85 67.92
C ARG A 384 155.70 -63.82 67.72
N SER A 385 155.56 -62.71 68.42
CA SER A 385 156.55 -61.63 68.48
C SER A 385 158.00 -62.02 68.78
N GLY A 386 158.96 -61.44 68.06
CA GLY A 386 160.37 -61.59 68.40
C GLY A 386 160.95 -60.56 69.38
N GLY A 387 160.12 -59.69 70.02
CA GLY A 387 160.64 -58.53 70.83
C GLY A 387 161.34 -57.41 70.05
N ASN A 388 161.28 -56.17 70.57
CA ASN A 388 162.11 -55.08 70.01
C ASN A 388 162.38 -53.90 71.01
N THR A 389 163.50 -53.20 70.82
CA THR A 389 163.79 -51.98 71.62
C THR A 389 163.91 -50.72 70.73
N GLN A 398 168.01 -24.47 38.13
CA GLN A 398 166.67 -24.11 38.58
C GLN A 398 166.65 -23.39 39.96
N ILE A 399 165.49 -22.85 40.36
CA ILE A 399 165.34 -22.08 41.62
C ILE A 399 163.95 -22.31 42.25
N SER A 400 163.04 -22.78 41.42
CA SER A 400 161.70 -23.11 41.84
C SER A 400 161.25 -24.35 41.09
N ILE A 401 160.23 -25.02 41.63
CA ILE A 401 159.64 -26.16 40.99
C ILE A 401 158.26 -25.86 40.43
N GLN A 402 158.07 -26.14 39.14
CA GLN A 402 156.73 -26.02 38.48
C GLN A 402 155.90 -27.26 38.78
N PRO A 403 154.74 -27.11 39.39
CA PRO A 403 154.05 -28.36 39.78
C PRO A 403 153.27 -29.03 38.63
N THR A 404 153.42 -30.34 38.49
CA THR A 404 152.77 -31.03 37.39
C THR A 404 151.66 -31.87 37.91
N PHE A 405 151.64 -32.19 39.19
CA PHE A 405 150.54 -33.03 39.68
C PHE A 405 149.83 -32.46 40.91
N SER A 406 148.69 -33.04 41.21
CA SER A 406 147.91 -32.56 42.31
C SER A 406 148.21 -33.45 43.51
N VAL A 407 149.16 -33.04 44.35
CA VAL A 407 149.45 -33.78 45.58
C VAL A 407 149.89 -32.86 46.71
N GLN A 408 149.81 -33.36 47.94
CA GLN A 408 150.32 -32.64 49.10
C GLN A 408 151.85 -32.53 49.07
N ARG A 409 152.30 -31.37 48.58
CA ARG A 409 153.71 -31.13 48.38
C ARG A 409 154.19 -29.73 48.66
N ASN A 410 155.12 -29.63 49.60
CA ASN A 410 155.80 -28.36 49.85
C ASN A 410 156.43 -27.90 48.54
N LEU A 411 156.04 -26.75 48.02
CA LEU A 411 156.64 -26.40 46.77
C LEU A 411 157.95 -25.66 46.90
N PRO A 412 159.08 -26.26 46.47
CA PRO A 412 160.43 -25.65 46.57
C PRO A 412 160.75 -24.45 45.72
N SER A 431 170.51 -45.29 51.32
CA SER A 431 171.84 -45.71 50.83
C SER A 431 171.85 -47.23 50.61
N ASP A 432 172.54 -47.96 51.50
CA ASP A 432 172.42 -49.42 51.51
C ASP A 432 171.49 -49.74 52.65
N MET A 433 170.36 -50.38 52.38
CA MET A 433 169.43 -50.67 53.48
C MET A 433 170.10 -51.58 54.54
N ARG A 434 171.17 -52.25 54.11
CA ARG A 434 172.02 -53.04 55.01
C ARG A 434 172.44 -52.18 56.16
N THR A 435 173.05 -51.06 55.82
CA THR A 435 173.55 -50.07 56.79
C THR A 435 172.50 -49.77 57.86
N GLU A 436 171.28 -49.47 57.41
CA GLU A 436 170.22 -49.16 58.31
C GLU A 436 170.14 -50.25 59.40
N ILE A 437 170.09 -51.50 58.97
CA ILE A 437 169.98 -52.65 59.87
C ILE A 437 171.21 -52.82 60.73
N ILE A 438 172.37 -52.85 60.07
CA ILE A 438 173.63 -52.99 60.78
C ILE A 438 173.72 -51.97 61.91
N ARG A 439 173.19 -50.79 61.66
CA ARG A 439 173.15 -49.72 62.64
C ARG A 439 172.16 -50.07 63.75
N LEU A 440 171.11 -50.81 63.40
CA LEU A 440 170.10 -51.17 64.38
C LEU A 440 170.62 -52.35 65.16
N MET A 441 170.96 -53.45 64.44
CA MET A 441 171.79 -54.53 65.02
C MET A 441 172.72 -54.09 66.22
N GLU A 442 173.62 -53.14 65.95
CA GLU A 442 174.53 -52.54 66.92
C GLU A 442 173.94 -52.13 68.28
N SER A 443 172.94 -51.25 68.28
CA SER A 443 172.46 -50.68 69.53
C SER A 443 171.85 -51.75 70.41
N ALA A 444 171.72 -52.95 69.84
CA ALA A 444 171.06 -54.06 70.50
C ALA A 444 171.96 -54.84 71.46
N ARG A 445 171.51 -54.92 72.73
CA ARG A 445 172.21 -55.71 73.74
C ARG A 445 171.44 -57.00 74.15
N PRO A 446 172.20 -58.09 74.37
CA PRO A 446 171.56 -59.35 74.65
C PRO A 446 170.75 -59.23 75.89
N GLU A 447 171.18 -58.32 76.78
CA GLU A 447 170.44 -58.06 78.04
C GLU A 447 169.14 -57.30 77.87
N ASP A 448 168.90 -56.81 76.64
CA ASP A 448 167.69 -56.03 76.30
C ASP A 448 166.41 -56.77 76.59
N VAL A 449 165.67 -56.29 77.58
CA VAL A 449 164.46 -56.94 78.06
C VAL A 449 163.38 -56.95 76.99
N SER A 450 162.77 -58.10 76.69
CA SER A 450 161.56 -58.18 75.81
C SER A 450 160.25 -58.59 76.54
N PHE A 451 159.11 -58.45 75.86
CA PHE A 451 157.81 -58.80 76.44
C PHE A 451 157.67 -58.14 77.81
N GLN A 452 158.01 -56.86 77.86
CA GLN A 452 157.97 -56.08 79.11
C GLN A 452 156.60 -56.25 79.79
N GLY A 453 156.58 -56.54 81.08
CA GLY A 453 155.29 -56.76 81.74
C GLY A 453 154.61 -58.14 81.61
N ARG A 454 154.83 -58.84 80.46
CA ARG A 454 154.33 -60.20 80.23
C ARG A 454 154.94 -61.15 81.22
N GLY A 455 154.16 -62.10 81.73
CA GLY A 455 154.66 -63.06 82.71
C GLY A 455 154.16 -64.48 82.51
N VAL A 456 154.18 -65.25 83.59
CA VAL A 456 153.83 -66.67 83.49
C VAL A 456 152.59 -66.85 84.31
N PHE A 457 151.79 -67.86 83.97
CA PHE A 457 150.57 -68.02 84.74
C PHE A 457 150.56 -69.33 85.46
N GLU A 458 149.97 -69.33 86.63
CA GLU A 458 149.71 -70.54 87.37
C GLU A 458 148.74 -71.39 86.56
N LEU A 459 148.74 -72.70 86.85
CA LEU A 459 147.86 -73.59 86.14
C LEU A 459 146.44 -73.51 86.65
N SER A 460 146.21 -72.85 87.80
CA SER A 460 144.88 -72.55 88.28
C SER A 460 144.31 -71.33 87.53
N ASP A 461 145.17 -70.41 87.13
CA ASP A 461 144.75 -69.15 86.54
C ASP A 461 144.25 -69.33 85.15
N GLU A 462 143.01 -69.74 85.07
CA GLU A 462 142.43 -70.16 83.79
C GLU A 462 142.37 -69.01 82.81
N LYS A 463 141.82 -67.92 83.34
CA LYS A 463 141.76 -66.63 82.69
C LYS A 463 143.18 -66.09 82.68
N ALA A 464 143.46 -65.11 81.84
CA ALA A 464 144.82 -64.56 81.89
C ALA A 464 145.01 -63.49 82.98
N THR A 465 144.19 -63.59 84.02
CA THR A 465 144.13 -62.62 85.08
C THR A 465 145.43 -62.17 85.64
N SER A 466 146.00 -62.91 86.57
CA SER A 466 147.23 -62.49 87.24
C SER A 466 148.54 -63.10 86.72
N PRO A 467 149.44 -62.25 86.20
CA PRO A 467 150.73 -62.64 85.58
C PRO A 467 151.83 -62.74 86.62
N ILE A 468 152.90 -63.47 86.32
CA ILE A 468 153.98 -63.64 87.28
C ILE A 468 155.26 -63.38 86.57
N VAL A 469 156.07 -62.51 87.14
CA VAL A 469 157.33 -62.15 86.52
C VAL A 469 158.50 -62.95 87.09
N PRO A 470 159.23 -63.65 86.23
CA PRO A 470 160.38 -64.45 86.65
C PRO A 470 161.63 -63.64 86.79
N SER A 471 162.39 -63.99 87.82
CA SER A 471 163.64 -63.32 88.09
C SER A 471 164.68 -64.40 87.90
N PHE A 472 165.57 -64.23 86.92
CA PHE A 472 166.60 -65.24 86.63
C PHE A 472 167.92 -65.20 87.42
N ASP A 473 168.02 -64.30 88.41
CA ASP A 473 169.18 -64.29 89.27
C ASP A 473 169.17 -65.70 89.86
N MET A 474 170.09 -66.55 89.42
CA MET A 474 169.99 -67.98 89.77
C MET A 474 171.11 -68.83 89.18
N SER A 475 171.36 -70.01 89.74
CA SER A 475 172.40 -70.85 89.18
C SER A 475 171.73 -71.61 88.10
N ASN A 476 171.78 -71.06 86.90
CA ASN A 476 171.08 -71.64 85.74
C ASN A 476 171.93 -72.74 85.12
N GLU A 477 171.60 -73.15 83.91
CA GLU A 477 172.33 -74.23 83.24
C GLU A 477 172.46 -73.95 81.72
N GLY A 478 172.71 -72.69 81.34
CA GLY A 478 172.73 -72.39 79.90
C GLY A 478 171.47 -71.72 79.36
N SER A 479 171.52 -71.36 78.09
CA SER A 479 170.38 -70.79 77.42
C SER A 479 170.16 -71.41 76.04
N TYR A 480 171.15 -72.05 75.47
CA TYR A 480 171.06 -72.59 74.14
C TYR A 480 170.88 -74.11 74.10
N PHE A 481 169.64 -74.60 74.00
CA PHE A 481 169.43 -76.02 73.84
C PHE A 481 170.42 -76.68 72.89
N PHE A 482 170.92 -75.95 71.89
CA PHE A 482 171.86 -76.53 70.96
C PHE A 482 173.30 -75.94 71.03
N ASN B 14 123.59 -61.84 66.27
CA ASN B 14 124.31 -63.16 66.47
C ASN B 14 123.60 -64.35 65.81
N ALA B 15 124.01 -64.55 64.57
CA ALA B 15 123.52 -65.60 63.69
C ALA B 15 124.27 -66.92 63.88
N THR B 16 124.96 -67.09 65.00
CA THR B 16 125.73 -68.32 65.18
C THR B 16 124.89 -69.35 65.94
N GLU B 17 124.63 -69.08 67.20
CA GLU B 17 123.90 -70.02 68.02
C GLU B 17 122.48 -70.11 67.49
N ILE B 18 121.72 -69.02 67.66
CA ILE B 18 120.31 -68.96 67.29
C ILE B 18 120.03 -69.56 65.89
N ARG B 19 120.79 -69.18 64.88
CA ARG B 19 120.46 -69.67 63.54
C ARG B 19 120.93 -71.09 63.26
N ALA B 20 121.98 -71.49 63.94
CA ALA B 20 122.58 -72.77 63.63
C ALA B 20 122.19 -73.84 64.65
N SER B 21 121.91 -73.42 65.87
CA SER B 21 121.49 -74.34 66.89
C SER B 21 120.06 -74.84 66.62
N VAL B 22 119.32 -74.03 65.88
CA VAL B 22 117.93 -74.38 65.67
C VAL B 22 117.92 -75.20 64.38
N GLY B 23 118.97 -74.98 63.60
CA GLY B 23 119.21 -75.81 62.44
C GLY B 23 119.50 -77.25 62.85
N LYS B 24 120.17 -77.37 63.97
CA LYS B 24 120.58 -78.65 64.44
C LYS B 24 119.37 -79.35 64.97
N MET B 25 118.41 -78.58 65.44
CA MET B 25 117.23 -79.25 65.96
C MET B 25 116.34 -79.66 64.79
N ILE B 26 116.48 -78.95 63.66
CA ILE B 26 115.70 -79.26 62.50
C ILE B 26 116.27 -80.51 61.82
N ASP B 27 117.61 -80.61 61.76
CA ASP B 27 118.33 -81.78 61.24
C ASP B 27 117.85 -83.01 61.96
N GLY B 28 117.62 -82.88 63.27
CA GLY B 28 117.27 -84.08 63.99
C GLY B 28 115.95 -84.62 63.49
N ILE B 29 114.97 -83.72 63.34
CA ILE B 29 113.64 -84.13 62.98
C ILE B 29 113.74 -84.78 61.61
N GLY B 30 114.51 -84.15 60.72
CA GLY B 30 114.70 -84.65 59.37
C GLY B 30 115.23 -86.07 59.41
N ARG B 31 116.52 -86.19 59.73
CA ARG B 31 117.17 -87.47 59.95
C ARG B 31 116.22 -88.51 60.57
N PHE B 32 115.60 -88.17 61.71
CA PHE B 32 114.70 -89.13 62.33
C PHE B 32 113.57 -89.60 61.33
N TYR B 33 112.81 -88.65 60.80
CA TYR B 33 111.79 -88.94 59.84
C TYR B 33 112.28 -89.86 58.74
N ILE B 34 113.49 -89.64 58.26
CA ILE B 34 114.05 -90.48 57.23
C ILE B 34 114.25 -91.92 57.78
N GLN B 35 114.83 -92.03 58.96
CA GLN B 35 115.08 -93.35 59.59
C GLN B 35 113.79 -94.09 59.77
N MET B 36 112.87 -93.40 60.37
CA MET B 36 111.56 -93.94 60.60
C MET B 36 110.84 -94.29 59.32
N CYS B 37 111.03 -93.53 58.26
CA CYS B 37 110.46 -93.99 57.02
C CYS B 37 111.14 -95.25 56.55
N THR B 38 112.44 -95.30 56.72
CA THR B 38 113.18 -96.48 56.28
C THR B 38 112.72 -97.78 57.03
N GLU B 39 112.18 -97.63 58.23
CA GLU B 39 111.70 -98.79 58.97
C GLU B 39 110.39 -99.24 58.37
N LEU B 40 109.45 -98.31 58.29
CA LEU B 40 108.17 -98.64 57.76
C LEU B 40 108.27 -99.10 56.30
N LYS B 41 109.45 -98.99 55.73
CA LYS B 41 109.67 -99.38 54.35
C LYS B 41 108.68 -98.66 53.45
N LEU B 42 108.30 -97.42 53.79
CA LEU B 42 107.51 -96.56 52.86
C LEU B 42 108.25 -96.08 51.60
N SER B 43 107.47 -95.66 50.60
CA SER B 43 108.02 -95.13 49.36
C SER B 43 108.23 -93.63 49.45
N ASP B 44 108.75 -93.04 48.38
CA ASP B 44 108.93 -91.60 48.35
C ASP B 44 107.59 -90.91 48.39
N TYR B 45 106.66 -91.33 47.53
CA TYR B 45 105.37 -90.72 47.56
C TYR B 45 104.71 -90.97 48.88
N GLU B 46 105.01 -92.09 49.47
CA GLU B 46 104.34 -92.46 50.71
C GLU B 46 105.01 -91.86 51.94
N GLY B 47 106.13 -91.17 51.75
CA GLY B 47 106.80 -90.53 52.86
C GLY B 47 106.45 -89.07 52.82
N ARG B 48 105.85 -88.66 51.71
CA ARG B 48 105.48 -87.26 51.55
C ARG B 48 104.02 -87.00 51.90
N LEU B 49 103.39 -88.07 52.40
CA LEU B 49 101.99 -88.02 52.72
C LEU B 49 101.78 -87.43 54.10
N ILE B 50 101.43 -86.16 54.15
CA ILE B 50 101.27 -85.52 55.41
C ILE B 50 100.58 -86.38 56.43
N GLN B 51 99.71 -87.26 55.98
CA GLN B 51 99.00 -88.21 56.83
C GLN B 51 100.03 -89.07 57.58
N ASN B 52 100.75 -89.91 56.85
CA ASN B 52 101.77 -90.71 57.48
C ASN B 52 102.69 -89.88 58.30
N SER B 53 103.12 -88.71 57.82
CA SER B 53 104.05 -87.93 58.62
C SER B 53 103.46 -87.69 59.98
N LEU B 54 102.24 -87.19 60.03
CA LEU B 54 101.58 -86.93 61.32
C LEU B 54 101.63 -88.09 62.27
N THR B 55 101.18 -89.23 61.79
CA THR B 55 101.17 -90.42 62.60
C THR B 55 102.55 -90.61 63.24
N ILE B 56 103.59 -90.52 62.42
CA ILE B 56 104.92 -90.69 62.95
C ILE B 56 105.25 -89.67 64.04
N GLU B 57 104.89 -88.42 63.80
CA GLU B 57 105.24 -87.39 64.73
C GLU B 57 104.60 -87.65 66.07
N ARG B 58 103.37 -88.13 66.04
CA ARG B 58 102.66 -88.35 67.28
C ARG B 58 103.17 -89.61 68.03
N MET B 59 103.47 -90.69 67.29
CA MET B 59 104.18 -91.89 67.80
C MET B 59 105.37 -91.52 68.65
N VAL B 60 105.92 -90.36 68.39
CA VAL B 60 107.17 -90.06 69.01
C VAL B 60 106.90 -89.25 70.21
N LEU B 61 106.05 -88.25 70.08
CA LEU B 61 105.76 -87.37 71.19
C LEU B 61 105.09 -88.19 72.30
N SER B 62 104.30 -89.21 71.92
CA SER B 62 103.67 -90.12 72.85
C SER B 62 104.77 -90.89 73.60
N ALA B 63 105.69 -91.46 72.83
CA ALA B 63 106.72 -92.28 73.44
C ALA B 63 107.63 -91.47 74.34
N PHE B 64 107.78 -90.17 74.11
CA PHE B 64 108.64 -89.40 74.96
C PHE B 64 107.83 -88.66 76.01
N ASP B 65 106.63 -89.17 76.31
CA ASP B 65 105.68 -88.52 77.25
C ASP B 65 104.36 -89.31 77.47
N THR B 85 103.84 -97.43 71.22
CA THR B 85 102.63 -96.81 70.65
C THR B 85 102.56 -97.15 69.21
N GLY B 86 101.42 -96.84 68.59
CA GLY B 86 101.15 -97.24 67.21
C GLY B 86 100.42 -96.09 66.54
N GLY B 87 99.89 -96.35 65.36
CA GLY B 87 99.15 -95.33 64.64
C GLY B 87 98.76 -95.75 63.24
N PRO B 88 97.97 -94.88 62.56
CA PRO B 88 97.42 -95.13 61.23
C PRO B 88 98.47 -94.87 60.15
N ILE B 89 98.72 -95.86 59.33
CA ILE B 89 99.72 -95.69 58.28
C ILE B 89 99.20 -96.08 56.91
N TYR B 90 99.09 -95.11 56.02
CA TYR B 90 98.51 -95.35 54.71
C TYR B 90 99.52 -95.76 53.63
N ARG B 91 99.12 -96.79 52.88
CA ARG B 91 99.99 -97.40 51.91
C ARG B 91 99.37 -97.27 50.53
N ARG B 92 100.21 -97.34 49.49
CA ARG B 92 99.72 -97.16 48.11
C ARG B 92 99.81 -98.45 47.32
N VAL B 93 98.68 -99.06 46.99
CA VAL B 93 98.69 -100.22 46.07
C VAL B 93 98.05 -99.85 44.73
N ASP B 94 98.36 -100.60 43.67
CA ASP B 94 97.76 -100.36 42.34
C ASP B 94 96.40 -99.68 42.50
N GLY B 95 96.32 -98.38 42.22
CA GLY B 95 95.03 -97.70 42.23
C GLY B 95 94.60 -97.05 43.53
N LYS B 96 94.45 -97.86 44.59
CA LYS B 96 93.78 -97.41 45.84
C LYS B 96 94.67 -97.34 47.07
N TRP B 97 94.20 -96.67 48.11
CA TRP B 97 95.06 -96.47 49.28
C TRP B 97 94.70 -97.40 50.42
N ARG B 98 95.69 -98.08 50.97
CA ARG B 98 95.43 -99.04 52.03
C ARG B 98 95.92 -98.50 53.37
N ARG B 99 95.01 -98.44 54.35
CA ARG B 99 95.35 -97.98 55.69
C ARG B 99 95.87 -99.13 56.55
N GLU B 100 97.08 -99.05 57.06
CA GLU B 100 97.59 -100.04 58.01
C GLU B 100 97.58 -99.57 59.47
N LEU B 101 97.07 -100.41 60.34
CA LEU B 101 97.08 -100.05 61.75
C LEU B 101 98.28 -100.70 62.36
N ILE B 102 99.30 -99.94 62.78
CA ILE B 102 100.53 -100.57 63.29
C ILE B 102 100.95 -100.09 64.65
N LEU B 103 101.84 -100.87 65.27
CA LEU B 103 102.35 -100.58 66.62
C LEU B 103 103.87 -100.73 66.69
N TYR B 104 104.53 -99.88 67.46
CA TYR B 104 106.01 -99.91 67.59
C TYR B 104 106.48 -99.90 69.06
N ASP B 105 107.64 -100.51 69.32
CA ASP B 105 108.14 -100.50 70.67
C ASP B 105 108.31 -99.08 71.17
N LYS B 106 107.45 -98.65 72.09
CA LYS B 106 107.58 -97.28 72.60
C LYS B 106 109.04 -96.88 72.83
N GLU B 107 109.91 -97.84 73.14
CA GLU B 107 111.29 -97.50 73.47
C GLU B 107 112.11 -97.51 72.23
N GLU B 108 111.82 -98.47 71.36
CA GLU B 108 112.47 -98.45 70.10
C GLU B 108 112.40 -97.05 69.49
N ILE B 109 111.21 -96.42 69.59
CA ILE B 109 110.99 -95.10 69.00
C ILE B 109 111.91 -94.11 69.66
N ARG B 110 111.99 -94.21 70.98
CA ARG B 110 112.83 -93.31 71.72
C ARG B 110 114.30 -93.54 71.38
N ARG B 111 114.62 -94.79 71.00
CA ARG B 111 115.96 -95.12 70.66
C ARG B 111 116.36 -94.47 69.31
N ILE B 112 115.49 -94.69 68.32
CA ILE B 112 115.74 -94.17 66.99
C ILE B 112 115.83 -92.66 67.00
N TRP B 113 114.97 -92.03 67.81
CA TRP B 113 114.96 -90.59 67.96
C TRP B 113 116.36 -90.11 68.34
N ARG B 114 116.91 -90.59 69.47
CA ARG B 114 118.19 -90.06 69.97
C ARG B 114 119.29 -90.36 68.95
N GLN B 115 119.26 -91.57 68.40
CA GLN B 115 120.19 -91.89 67.37
C GLN B 115 120.32 -90.73 66.40
N ALA B 116 119.17 -90.14 66.01
CA ALA B 116 119.17 -89.06 65.01
C ALA B 116 119.74 -87.81 65.62
N ASN B 117 119.36 -87.48 66.84
CA ASN B 117 119.95 -86.30 67.54
C ASN B 117 121.26 -86.50 68.30
N ASN B 118 122.11 -87.42 67.83
CA ASN B 118 123.34 -87.69 68.55
C ASN B 118 123.18 -88.21 69.99
N GLY B 119 122.13 -88.98 70.23
CA GLY B 119 121.91 -89.47 71.56
C GLY B 119 121.47 -88.39 72.52
N ASP B 120 121.17 -87.21 71.97
CA ASP B 120 120.60 -86.14 72.77
C ASP B 120 119.11 -86.29 72.93
N ASP B 121 118.54 -85.42 73.74
CA ASP B 121 117.09 -85.49 73.97
C ASP B 121 116.37 -84.59 72.98
N ALA B 122 117.03 -83.47 72.73
CA ALA B 122 116.56 -82.44 71.85
C ALA B 122 115.10 -82.19 72.17
N THR B 123 114.82 -81.70 73.38
CA THR B 123 113.42 -81.45 73.75
C THR B 123 112.87 -80.44 72.78
N ALA B 124 113.70 -79.48 72.41
CA ALA B 124 113.30 -78.53 71.40
C ALA B 124 112.63 -79.24 70.21
N GLY B 125 113.31 -80.25 69.71
CA GLY B 125 112.77 -80.99 68.58
C GLY B 125 111.38 -81.56 68.76
N LEU B 126 111.10 -82.14 69.90
CA LEU B 126 109.81 -82.77 70.17
C LEU B 126 108.81 -81.64 70.33
N THR B 127 109.27 -80.58 70.97
CA THR B 127 108.46 -79.43 71.26
C THR B 127 108.08 -78.82 69.94
N HIS B 128 108.97 -78.92 68.94
CA HIS B 128 108.72 -78.32 67.63
C HIS B 128 107.53 -78.96 66.96
N MET B 129 107.45 -80.29 67.02
CA MET B 129 106.38 -81.00 66.38
C MET B 129 105.24 -80.87 67.30
N MET B 130 105.52 -80.47 68.54
CA MET B 130 104.49 -80.29 69.56
C MET B 130 103.73 -79.08 69.08
N ILE B 131 104.40 -78.14 68.46
CA ILE B 131 103.73 -76.93 67.97
C ILE B 131 103.08 -77.10 66.59
N TRP B 132 103.75 -77.85 65.75
CA TRP B 132 103.25 -78.00 64.42
C TRP B 132 101.85 -78.56 64.60
N HIS B 133 101.70 -79.42 65.59
CA HIS B 133 100.44 -80.02 65.81
C HIS B 133 99.53 -78.92 66.33
N SER B 134 100.06 -78.13 67.24
CA SER B 134 99.24 -77.06 67.82
C SER B 134 98.67 -76.16 66.71
N ASN B 135 99.55 -75.64 65.90
CA ASN B 135 99.17 -74.67 64.94
C ASN B 135 98.17 -75.19 63.91
N LEU B 136 98.21 -76.51 63.70
CA LEU B 136 97.28 -77.24 62.87
C LEU B 136 95.96 -77.35 63.58
N ASN B 137 95.97 -77.40 64.90
CA ASN B 137 94.73 -77.65 65.59
C ASN B 137 94.02 -76.34 65.82
N ASP B 138 94.80 -75.29 65.97
CA ASP B 138 94.24 -74.01 66.18
C ASP B 138 93.59 -73.49 64.87
N ALA B 139 93.84 -74.20 63.79
CA ALA B 139 93.26 -73.82 62.49
C ALA B 139 92.22 -74.80 61.99
N THR B 140 92.35 -76.07 62.34
CA THR B 140 91.40 -77.06 61.88
C THR B 140 90.15 -76.95 62.72
N TYR B 141 90.32 -76.63 64.02
CA TYR B 141 89.20 -76.60 64.98
C TYR B 141 88.94 -75.32 65.75
N GLN B 142 87.71 -75.17 66.18
CA GLN B 142 87.33 -74.04 66.98
C GLN B 142 86.95 -74.56 68.32
N ARG B 143 87.57 -74.01 69.36
CA ARG B 143 87.46 -74.62 70.69
C ARG B 143 86.50 -73.82 71.55
N THR B 144 85.21 -73.92 71.23
CA THR B 144 84.20 -73.11 71.90
C THR B 144 83.73 -73.84 73.13
N ARG B 145 83.45 -75.14 72.97
CA ARG B 145 82.95 -75.97 74.07
C ARG B 145 83.73 -75.73 75.36
N ALA B 146 85.04 -75.63 75.20
CA ALA B 146 85.94 -75.44 76.32
C ALA B 146 85.94 -74.03 76.88
N LEU B 147 85.79 -73.03 76.02
CA LEU B 147 85.89 -71.63 76.47
C LEU B 147 84.73 -71.26 77.42
N VAL B 148 83.55 -71.70 77.00
CA VAL B 148 82.30 -71.40 77.67
C VAL B 148 82.23 -72.16 79.00
N ARG B 149 82.51 -73.48 78.92
CA ARG B 149 82.58 -74.32 80.10
C ARG B 149 83.60 -73.76 81.10
N THR B 150 84.60 -73.02 80.62
CA THR B 150 85.51 -72.26 81.49
C THR B 150 84.90 -70.94 81.95
N GLY B 151 84.08 -70.32 81.09
CA GLY B 151 83.41 -69.09 81.50
C GLY B 151 84.07 -67.92 80.80
N MET B 152 84.52 -68.22 79.58
CA MET B 152 85.14 -67.28 78.63
C MET B 152 84.18 -67.09 77.46
N ASP B 153 84.17 -65.90 76.88
CA ASP B 153 83.24 -65.70 75.78
C ASP B 153 83.71 -66.42 74.49
N PRO B 154 82.83 -67.23 73.86
CA PRO B 154 83.19 -68.00 72.64
C PRO B 154 83.78 -67.14 71.56
N ARG B 155 83.38 -65.89 71.53
CA ARG B 155 83.99 -64.94 70.62
C ARG B 155 85.41 -64.53 70.97
N MET B 156 86.06 -65.25 71.87
CA MET B 156 87.46 -64.94 72.23
C MET B 156 88.44 -65.89 71.57
N CYS B 157 88.04 -66.40 70.39
CA CYS B 157 88.87 -67.24 69.51
C CYS B 157 90.30 -66.78 69.30
N SER B 158 90.47 -65.51 68.88
CA SER B 158 91.79 -64.92 68.58
C SER B 158 92.80 -64.82 69.74
N LEU B 159 92.41 -65.35 70.89
CA LEU B 159 93.20 -65.27 72.09
C LEU B 159 93.50 -66.68 72.53
N MET B 160 92.96 -67.70 71.88
CA MET B 160 93.25 -69.08 72.29
C MET B 160 94.37 -69.79 71.50
N GLN B 161 95.39 -69.03 71.09
CA GLN B 161 96.50 -69.61 70.38
C GLN B 161 97.39 -70.58 71.19
N GLY B 162 97.22 -71.86 70.95
CA GLY B 162 98.02 -72.83 71.62
C GLY B 162 97.25 -73.40 72.80
N SER B 163 95.94 -73.27 72.81
CA SER B 163 95.21 -73.91 73.87
C SER B 163 95.41 -75.45 73.84
N THR B 164 95.83 -76.02 72.72
CA THR B 164 95.91 -77.50 72.60
C THR B 164 97.29 -77.98 73.02
N LEU B 165 98.16 -77.00 73.18
CA LEU B 165 99.55 -77.29 73.31
C LEU B 165 99.86 -77.82 74.69
N PRO B 166 100.17 -79.12 74.78
CA PRO B 166 100.45 -79.71 76.12
C PRO B 166 101.37 -78.81 76.99
N ARG B 167 101.03 -78.71 78.26
CA ARG B 167 101.86 -78.02 79.27
C ARG B 167 103.34 -78.44 79.22
N ARG B 168 103.59 -79.73 78.90
CA ARG B 168 104.94 -80.24 78.68
C ARG B 168 105.76 -79.34 77.72
N SER B 169 105.08 -78.59 76.86
CA SER B 169 105.77 -77.70 75.95
C SER B 169 106.82 -76.90 76.69
N GLY B 170 107.87 -76.54 75.98
CA GLY B 170 108.96 -75.83 76.62
C GLY B 170 108.71 -74.37 76.92
N ALA B 171 109.76 -73.70 77.32
CA ALA B 171 109.67 -72.31 77.66
C ALA B 171 109.35 -71.44 76.41
N ALA B 172 109.86 -71.86 75.24
CA ALA B 172 109.73 -71.08 74.01
C ALA B 172 108.49 -71.66 73.32
N GLY B 173 107.95 -72.68 73.98
CA GLY B 173 106.65 -73.26 73.63
C GLY B 173 105.46 -72.46 74.16
N ALA B 174 105.60 -71.84 75.33
CA ALA B 174 104.51 -71.10 75.89
C ALA B 174 104.51 -69.71 75.27
N ALA B 175 105.67 -69.18 74.91
CA ALA B 175 105.70 -67.81 74.29
C ALA B 175 104.77 -67.65 73.06
N VAL B 176 104.38 -68.79 72.49
CA VAL B 176 103.57 -68.80 71.30
C VAL B 176 102.13 -68.66 71.72
N LYS B 177 101.84 -68.96 73.00
CA LYS B 177 100.46 -68.89 73.55
C LYS B 177 99.75 -67.52 73.53
N GLY B 178 98.46 -67.53 73.18
CA GLY B 178 97.69 -66.31 73.24
C GLY B 178 97.27 -65.98 74.67
N VAL B 179 96.99 -64.70 74.92
CA VAL B 179 96.60 -64.20 76.26
C VAL B 179 95.43 -65.04 76.83
N GLY B 180 94.42 -65.21 75.98
CA GLY B 180 93.29 -66.02 76.30
C GLY B 180 93.70 -67.43 76.65
N THR B 181 94.84 -67.89 76.16
CA THR B 181 95.17 -69.31 76.38
C THR B 181 95.49 -69.49 77.86
N MET B 182 96.16 -68.49 78.39
CA MET B 182 96.68 -68.60 79.71
C MET B 182 95.54 -68.59 80.70
N VAL B 183 94.64 -67.62 80.52
CA VAL B 183 93.42 -67.47 81.30
C VAL B 183 92.60 -68.78 81.43
N MET B 184 92.39 -69.54 80.36
CA MET B 184 91.61 -70.75 80.46
C MET B 184 92.21 -71.75 81.45
N GLU B 185 93.53 -71.62 81.65
CA GLU B 185 94.31 -72.52 82.53
C GLU B 185 94.16 -72.15 84.00
N LEU B 186 94.73 -70.98 84.34
CA LEU B 186 94.56 -70.41 85.63
C LEU B 186 93.11 -70.55 86.13
N ILE B 187 92.15 -70.09 85.33
CA ILE B 187 90.72 -70.24 85.66
C ILE B 187 90.34 -71.69 86.00
N ARG B 188 90.97 -72.68 85.39
CA ARG B 188 90.57 -74.04 85.73
C ARG B 188 91.35 -74.49 86.95
N MET B 189 92.61 -74.08 86.98
CA MET B 189 93.50 -74.39 88.10
C MET B 189 92.84 -73.79 89.34
N ILE B 190 92.54 -72.48 89.27
CA ILE B 190 91.76 -71.78 90.30
C ILE B 190 90.36 -72.36 90.53
N LYS B 191 89.55 -72.55 89.48
CA LYS B 191 88.17 -73.01 89.65
C LYS B 191 88.03 -74.31 90.46
N ARG B 192 88.85 -75.31 90.17
CA ARG B 192 88.75 -76.53 90.95
C ARG B 192 89.26 -76.40 92.42
N GLY B 193 90.37 -75.67 92.57
CA GLY B 193 91.00 -75.36 93.89
C GLY B 193 90.09 -74.51 94.75
N ILE B 194 89.80 -73.29 94.30
CA ILE B 194 88.86 -72.41 94.97
C ILE B 194 87.50 -73.07 95.01
N ASN B 195 87.19 -74.01 94.31
CA ASN B 195 85.93 -74.73 94.48
C ASN B 195 86.19 -75.76 95.57
N ARG B 206 100.45 -78.04 96.89
CA ARG B 206 101.43 -77.31 97.70
C ARG B 206 102.33 -76.43 96.85
N ARG B 207 103.16 -77.09 96.07
CA ARG B 207 104.11 -76.46 95.16
C ARG B 207 103.38 -75.77 94.03
N THR B 208 102.09 -76.11 93.87
CA THR B 208 101.19 -75.52 92.89
C THR B 208 101.23 -73.99 92.83
N ARG B 209 101.76 -73.36 93.86
CA ARG B 209 101.86 -71.89 93.93
C ARG B 209 102.86 -71.19 92.98
N ILE B 210 104.10 -71.67 92.96
CA ILE B 210 105.13 -71.13 92.06
C ILE B 210 104.64 -71.10 90.62
N ALA B 211 103.85 -72.12 90.25
CA ALA B 211 103.18 -72.21 88.95
C ALA B 211 102.33 -70.97 88.78
N TYR B 212 101.33 -70.80 89.64
CA TYR B 212 100.34 -69.74 89.51
C TYR B 212 101.01 -68.38 89.31
N GLU B 213 102.00 -68.05 90.13
CA GLU B 213 102.66 -66.73 90.02
C GLU B 213 103.36 -66.59 88.70
N ARG B 214 104.14 -67.61 88.35
CA ARG B 214 104.81 -67.60 87.06
C ARG B 214 103.83 -67.54 85.90
N MET B 215 102.84 -68.44 85.92
CA MET B 215 101.82 -68.47 84.91
C MET B 215 101.29 -67.09 84.74
N CYS B 216 101.29 -66.29 85.80
CA CYS B 216 100.83 -64.90 85.65
C CYS B 216 101.92 -64.01 85.09
N ASN B 217 103.17 -64.31 85.44
CA ASN B 217 104.26 -63.43 85.05
C ASN B 217 104.39 -63.46 83.56
N ILE B 218 104.26 -64.68 83.04
CA ILE B 218 104.15 -64.96 81.61
C ILE B 218 102.96 -64.20 81.07
N LEU B 219 101.82 -64.44 81.71
CA LEU B 219 100.58 -63.77 81.39
C LEU B 219 100.93 -62.31 81.26
N LYS B 220 101.57 -61.75 82.29
CA LYS B 220 101.78 -60.29 82.34
C LYS B 220 102.74 -59.87 81.25
N GLY B 221 103.63 -60.79 80.90
CA GLY B 221 104.65 -60.47 79.92
C GLY B 221 104.06 -60.46 78.52
N LYS B 222 102.78 -60.85 78.42
CA LYS B 222 102.06 -60.76 77.17
C LYS B 222 101.63 -59.31 76.96
N PHE B 223 101.10 -58.70 78.01
CA PHE B 223 100.69 -57.29 77.97
C PHE B 223 101.86 -56.39 77.70
N GLN B 224 101.59 -55.33 76.96
CA GLN B 224 102.58 -54.31 76.58
C GLN B 224 102.08 -52.90 76.86
N THR B 225 101.35 -52.71 77.97
CA THR B 225 100.91 -51.38 78.43
C THR B 225 100.90 -51.30 79.94
N ALA B 226 101.25 -50.11 80.47
CA ALA B 226 101.24 -49.86 81.92
C ALA B 226 100.15 -50.67 82.68
N ALA B 227 98.91 -50.18 82.62
CA ALA B 227 97.77 -50.71 83.38
C ALA B 227 97.63 -52.23 83.22
N GLN B 228 97.66 -52.64 81.95
CA GLN B 228 97.58 -54.03 81.59
C GLN B 228 98.56 -54.76 82.49
N ARG B 229 99.82 -54.31 82.41
CA ARG B 229 100.90 -54.90 83.19
C ARG B 229 100.54 -54.83 84.68
N THR B 230 100.15 -53.65 85.16
CA THR B 230 99.91 -53.46 86.60
C THR B 230 98.76 -54.31 87.11
N MET B 231 97.71 -54.45 86.30
CA MET B 231 96.48 -55.10 86.77
C MET B 231 96.64 -56.61 86.99
N VAL B 232 97.68 -57.13 86.36
CA VAL B 232 97.97 -58.54 86.36
C VAL B 232 98.51 -58.85 87.72
N ASP B 233 99.33 -57.91 88.22
CA ASP B 233 99.90 -57.97 89.58
C ASP B 233 98.78 -57.97 90.63
N GLN B 234 97.83 -57.02 90.48
CA GLN B 234 96.71 -56.93 91.39
C GLN B 234 95.97 -58.26 91.47
N VAL B 235 96.09 -59.07 90.42
CA VAL B 235 95.49 -60.42 90.37
C VAL B 235 96.35 -61.48 91.06
N ARG B 236 97.65 -61.42 90.80
CA ARG B 236 98.61 -62.32 91.38
C ARG B 236 98.80 -62.15 92.91
N GLU B 237 98.08 -61.22 93.50
CA GLU B 237 98.21 -60.96 94.93
C GLU B 237 97.55 -61.99 95.84
N SER B 238 96.46 -62.61 95.39
CA SER B 238 95.68 -63.50 96.24
C SER B 238 96.12 -64.99 96.22
N ARG B 239 96.33 -65.57 97.40
CA ARG B 239 96.75 -66.96 97.51
C ARG B 239 95.62 -67.86 97.04
N ASN B 240 94.41 -67.56 97.50
CA ASN B 240 93.27 -68.33 97.10
C ASN B 240 92.37 -67.40 96.28
N PRO B 241 92.80 -67.04 95.06
CA PRO B 241 92.09 -66.04 94.25
C PRO B 241 90.72 -66.54 93.83
N GLY B 242 89.65 -65.98 94.35
CA GLY B 242 88.32 -66.50 94.03
C GLY B 242 87.74 -65.74 92.87
N ASN B 243 86.41 -65.80 92.73
CA ASN B 243 85.67 -65.01 91.74
C ASN B 243 86.14 -63.57 91.57
N ALA B 244 86.77 -63.02 92.61
CA ALA B 244 87.41 -61.69 92.54
C ALA B 244 88.35 -61.64 91.32
N GLU B 245 89.22 -62.64 91.26
CA GLU B 245 90.20 -62.80 90.18
C GLU B 245 89.44 -63.35 88.96
N PHE B 246 88.79 -64.52 89.15
CA PHE B 246 87.96 -65.18 88.12
C PHE B 246 87.29 -64.14 87.21
N GLU B 247 86.56 -63.22 87.82
CA GLU B 247 85.97 -62.14 87.05
C GLU B 247 87.02 -61.12 86.49
N ASP B 248 88.10 -60.83 87.22
CA ASP B 248 89.00 -59.77 86.71
C ASP B 248 89.86 -60.12 85.47
N LEU B 249 90.35 -61.36 85.41
CA LEU B 249 91.27 -61.77 84.35
C LEU B 249 90.46 -61.83 83.05
N ILE B 250 89.23 -62.32 83.17
CA ILE B 250 88.29 -62.37 82.07
C ILE B 250 88.21 -61.01 81.42
N PHE B 251 88.18 -59.99 82.29
CA PHE B 251 88.23 -58.57 81.84
C PHE B 251 89.48 -58.30 80.93
N LEU B 252 90.65 -58.51 81.56
CA LEU B 252 91.96 -58.40 80.94
C LEU B 252 92.00 -59.25 79.65
N ALA B 253 91.34 -60.42 79.67
CA ALA B 253 91.21 -61.24 78.46
C ALA B 253 90.59 -60.38 77.31
N ARG B 254 89.50 -59.70 77.66
CA ARG B 254 88.83 -58.86 76.73
C ARG B 254 89.62 -57.60 76.40
N SER B 255 90.51 -57.17 77.28
CA SER B 255 91.28 -55.96 77.00
C SER B 255 92.26 -56.19 75.84
N ALA B 256 92.64 -57.45 75.66
CA ALA B 256 93.65 -57.86 74.71
C ALA B 256 93.10 -57.91 73.31
N LEU B 257 91.75 -57.93 73.24
CA LEU B 257 90.96 -57.87 72.01
C LEU B 257 91.13 -56.52 71.41
N ILE B 258 91.60 -55.58 72.20
CA ILE B 258 91.74 -54.24 71.71
C ILE B 258 93.20 -53.80 71.85
N LEU B 259 93.75 -54.02 73.05
CA LEU B 259 95.16 -53.72 73.35
C LEU B 259 95.80 -55.09 73.45
N ARG B 260 96.27 -55.55 72.31
CA ARG B 260 96.69 -56.93 72.19
C ARG B 260 98.00 -57.01 72.96
N GLY B 261 98.47 -58.25 73.19
CA GLY B 261 99.79 -58.48 73.75
C GLY B 261 100.82 -58.99 72.76
N SER B 262 101.99 -59.33 73.30
CA SER B 262 103.05 -59.89 72.53
C SER B 262 102.91 -61.41 72.54
N VAL B 263 102.59 -61.97 71.39
CA VAL B 263 102.60 -63.41 71.23
C VAL B 263 103.37 -63.79 69.99
N ALA B 264 104.49 -64.48 70.22
CA ALA B 264 105.29 -65.10 69.18
C ALA B 264 104.53 -66.11 68.31
N HIS B 265 104.86 -66.11 67.01
CA HIS B 265 104.35 -67.08 66.03
C HIS B 265 105.54 -67.85 65.45
N LYS B 266 105.43 -69.17 65.42
CA LYS B 266 106.51 -70.06 64.97
C LYS B 266 106.05 -70.88 63.74
N SER B 267 106.75 -70.74 62.62
CA SER B 267 106.43 -71.48 61.40
C SER B 267 106.93 -72.91 61.52
N CYS B 268 106.09 -73.81 61.98
CA CYS B 268 106.57 -75.17 62.20
C CYS B 268 106.03 -76.12 61.20
N LEU B 269 106.86 -76.63 60.28
CA LEU B 269 106.40 -77.49 59.18
C LEU B 269 106.36 -78.93 59.61
N PRO B 270 105.59 -79.81 58.93
CA PRO B 270 105.46 -81.26 59.20
C PRO B 270 106.77 -81.95 59.12
N ALA B 271 106.92 -83.06 59.84
CA ALA B 271 108.18 -83.79 59.83
C ALA B 271 108.69 -84.13 58.42
N CYS B 272 107.75 -84.43 57.53
CA CYS B 272 108.11 -84.90 56.23
C CYS B 272 108.88 -83.81 55.46
N VAL B 273 108.50 -82.58 55.72
CA VAL B 273 109.06 -81.50 54.99
C VAL B 273 110.52 -81.37 55.37
N TYR B 274 110.84 -81.38 56.65
CA TYR B 274 112.21 -81.40 57.15
C TYR B 274 112.92 -82.69 56.75
N GLY B 275 112.30 -83.86 56.95
CA GLY B 275 112.92 -85.13 56.46
C GLY B 275 113.32 -85.06 55.00
N SER B 276 112.41 -84.63 54.17
CA SER B 276 112.69 -84.56 52.76
C SER B 276 113.88 -83.61 52.47
N ALA B 277 113.90 -82.47 53.14
CA ALA B 277 114.91 -81.45 53.02
C ALA B 277 116.28 -81.96 53.43
N VAL B 278 116.31 -82.67 54.55
CA VAL B 278 117.55 -83.22 55.07
C VAL B 278 118.11 -84.22 54.07
N ALA B 279 117.22 -85.03 53.53
CA ALA B 279 117.55 -86.07 52.57
C ALA B 279 118.05 -85.48 51.27
N SER B 280 117.57 -84.29 50.92
CA SER B 280 117.99 -83.56 49.74
C SER B 280 119.31 -82.86 49.92
N GLY B 281 120.00 -83.16 51.00
CA GLY B 281 121.25 -82.55 51.13
C GLY B 281 121.25 -81.37 52.10
N TYR B 282 120.13 -80.66 52.31
CA TYR B 282 120.19 -79.46 53.15
C TYR B 282 120.68 -79.80 54.47
N ASP B 283 121.74 -79.12 54.87
CA ASP B 283 122.40 -79.39 56.14
C ASP B 283 122.25 -78.17 57.04
N PHE B 284 121.07 -78.00 57.62
CA PHE B 284 120.65 -76.77 58.27
C PHE B 284 121.53 -76.26 59.37
N GLU B 285 121.92 -77.13 60.30
CA GLU B 285 122.92 -76.68 61.30
C GLU B 285 124.12 -75.91 60.73
N ARG B 286 124.51 -76.19 59.50
CA ARG B 286 125.62 -75.51 58.87
C ARG B 286 125.13 -74.32 58.12
N GLU B 287 124.02 -74.45 57.41
CA GLU B 287 123.48 -73.35 56.59
C GLU B 287 122.48 -72.49 57.36
N GLY B 288 122.16 -72.82 58.60
CA GLY B 288 121.28 -71.97 59.34
C GLY B 288 119.83 -72.11 58.92
N TYR B 289 118.94 -71.90 59.89
CA TYR B 289 117.51 -71.98 59.66
C TYR B 289 116.74 -71.09 60.67
N SER B 290 115.53 -70.61 60.32
CA SER B 290 114.68 -69.84 61.27
C SER B 290 113.27 -70.37 61.28
N LEU B 291 112.51 -69.94 62.29
CA LEU B 291 111.09 -70.23 62.36
C LEU B 291 110.27 -68.94 62.22
N VAL B 292 110.96 -67.80 62.11
CA VAL B 292 110.24 -66.52 62.01
C VAL B 292 110.86 -65.67 60.88
N GLY B 293 111.75 -66.30 60.11
CA GLY B 293 112.32 -65.60 58.96
C GLY B 293 111.83 -66.05 57.63
N ILE B 294 112.70 -65.95 56.64
CA ILE B 294 112.39 -66.40 55.27
C ILE B 294 112.63 -67.90 55.09
N ASP B 295 113.32 -68.52 56.06
CA ASP B 295 113.75 -69.90 55.91
C ASP B 295 112.52 -70.80 55.70
N PRO B 296 111.54 -70.69 56.58
CA PRO B 296 110.41 -71.60 56.50
C PRO B 296 109.67 -71.38 55.21
N PHE B 297 109.34 -70.16 54.85
CA PHE B 297 108.67 -69.99 53.56
C PHE B 297 109.50 -70.60 52.42
N ARG B 298 110.79 -70.32 52.37
CA ARG B 298 111.61 -70.81 51.26
C ARG B 298 111.57 -72.34 51.17
N LEU B 299 111.70 -72.99 52.33
CA LEU B 299 111.63 -74.42 52.36
C LEU B 299 110.30 -74.87 51.77
N LEU B 300 109.18 -74.27 52.17
CA LEU B 300 107.89 -74.66 51.64
C LEU B 300 107.73 -74.28 50.17
N GLN B 301 108.71 -73.61 49.57
CA GLN B 301 108.56 -73.21 48.17
C GLN B 301 108.94 -74.37 47.26
N ASN B 302 109.47 -75.43 47.86
CA ASN B 302 109.92 -76.62 47.11
C ASN B 302 109.44 -77.95 47.66
N SER B 303 108.59 -77.86 48.66
CA SER B 303 108.14 -79.04 49.35
C SER B 303 107.16 -79.78 48.45
N GLN B 304 107.20 -81.10 48.49
CA GLN B 304 106.30 -81.89 47.66
C GLN B 304 105.42 -82.67 48.64
N VAL B 305 104.52 -81.99 49.32
CA VAL B 305 103.73 -82.68 50.28
C VAL B 305 102.40 -83.12 49.72
N TYR B 306 102.08 -84.40 49.94
CA TYR B 306 100.79 -84.92 49.53
C TYR B 306 99.84 -85.17 50.69
N SER B 307 98.55 -85.14 50.39
CA SER B 307 97.55 -85.36 51.43
C SER B 307 96.35 -86.18 51.04
N LEU B 308 95.85 -87.01 51.95
CA LEU B 308 94.62 -87.77 51.69
C LEU B 308 93.47 -86.82 51.70
N ILE B 309 92.56 -87.07 50.77
CA ILE B 309 91.45 -86.15 50.54
C ILE B 309 90.16 -86.89 50.28
N ARG B 310 89.17 -86.63 51.14
CA ARG B 310 87.85 -87.25 51.00
C ARG B 310 87.13 -86.89 49.68
N PRO B 311 86.22 -87.80 49.18
CA PRO B 311 85.57 -87.72 47.86
C PRO B 311 84.96 -86.37 47.49
N ASN B 312 84.22 -85.78 48.41
CA ASN B 312 83.66 -84.48 48.09
C ASN B 312 84.44 -83.24 48.47
N GLU B 313 85.68 -83.39 48.95
CA GLU B 313 86.42 -82.24 49.48
C GLU B 313 87.16 -81.50 48.39
N ASN B 314 87.46 -80.23 48.65
CA ASN B 314 88.09 -79.40 47.67
C ASN B 314 89.55 -79.34 47.94
N PRO B 315 90.38 -79.83 46.98
CA PRO B 315 91.84 -79.79 47.16
C PRO B 315 92.40 -78.40 47.54
N ALA B 316 91.93 -77.40 46.81
CA ALA B 316 92.47 -76.06 46.94
C ALA B 316 92.21 -75.60 48.36
N HIS B 317 91.12 -76.13 48.91
CA HIS B 317 90.63 -75.75 50.22
C HIS B 317 91.50 -76.49 51.22
N LYS B 318 91.89 -77.72 50.88
CA LYS B 318 92.74 -78.53 51.77
C LYS B 318 94.10 -77.86 51.98
N SER B 319 94.75 -77.53 50.86
CA SER B 319 96.02 -76.87 50.90
C SER B 319 95.97 -75.61 51.76
N GLN B 320 94.88 -74.85 51.62
CA GLN B 320 94.77 -73.63 52.38
C GLN B 320 95.00 -73.94 53.84
N LEU B 321 94.21 -74.88 54.36
CA LEU B 321 94.27 -75.29 55.77
C LEU B 321 95.70 -75.52 56.24
N VAL B 322 96.32 -76.60 55.76
CA VAL B 322 97.77 -76.82 56.01
C VAL B 322 98.66 -75.61 55.94
N TRP B 323 98.49 -74.77 54.92
CA TRP B 323 99.27 -73.57 54.79
C TRP B 323 99.09 -72.67 55.99
N MET B 324 97.90 -72.64 56.58
CA MET B 324 97.66 -71.70 57.67
C MET B 324 98.23 -72.26 58.95
N ALA B 325 98.30 -73.60 59.02
CA ALA B 325 98.96 -74.25 60.14
C ALA B 325 100.48 -74.15 60.03
N CYS B 326 101.00 -74.00 58.82
CA CYS B 326 102.43 -73.83 58.74
C CYS B 326 102.97 -72.48 59.26
N HIS B 327 102.08 -71.51 59.38
CA HIS B 327 102.52 -70.27 59.96
C HIS B 327 101.72 -69.70 61.18
N SER B 328 100.77 -70.45 61.73
CA SER B 328 100.03 -69.92 62.89
C SER B 328 99.24 -68.69 62.37
N ALA B 329 98.54 -68.89 61.25
CA ALA B 329 97.78 -67.82 60.62
C ALA B 329 96.33 -68.19 60.78
N ALA B 330 95.97 -68.83 61.91
CA ALA B 330 94.55 -69.24 62.07
C ALA B 330 93.76 -68.12 62.65
N PHE B 331 94.40 -67.04 63.06
CA PHE B 331 93.65 -65.97 63.69
C PHE B 331 94.18 -64.72 63.07
N GLU B 332 94.77 -64.84 61.88
CA GLU B 332 95.32 -63.67 61.25
C GLU B 332 94.20 -63.00 60.44
N ASP B 333 94.40 -61.75 60.01
CA ASP B 333 93.39 -61.08 59.22
C ASP B 333 93.37 -61.72 57.82
N LEU B 334 92.24 -62.34 57.42
CA LEU B 334 92.18 -63.10 56.17
C LEU B 334 92.75 -62.26 55.04
N ARG B 335 92.50 -60.94 55.11
CA ARG B 335 92.97 -60.02 54.07
C ARG B 335 94.44 -60.16 53.84
N VAL B 336 95.19 -60.06 54.93
CA VAL B 336 96.65 -60.14 54.85
C VAL B 336 97.12 -61.56 54.49
N SER B 337 96.54 -62.59 55.14
CA SER B 337 96.84 -63.97 54.81
C SER B 337 96.72 -64.18 53.31
N SER B 338 95.64 -63.72 52.68
CA SER B 338 95.48 -63.90 51.25
C SER B 338 96.47 -63.08 50.46
N PHE B 339 96.91 -61.99 51.06
CA PHE B 339 97.74 -61.06 50.36
C PHE B 339 99.06 -61.74 50.18
N ILE B 340 99.60 -62.23 51.28
CA ILE B 340 100.89 -62.89 51.32
C ILE B 340 100.83 -64.27 50.62
N ARG B 341 99.71 -64.96 50.87
CA ARG B 341 99.46 -66.27 50.30
C ARG B 341 99.57 -66.24 48.80
N GLY B 342 98.95 -65.24 48.18
CA GLY B 342 99.04 -65.19 46.75
C GLY B 342 97.71 -65.46 46.12
N THR B 343 96.82 -66.10 46.90
CA THR B 343 95.49 -66.52 46.47
C THR B 343 94.44 -66.41 47.57
N LYS B 344 93.18 -66.46 47.19
CA LYS B 344 92.14 -66.40 48.23
C LYS B 344 92.37 -67.29 49.46
N VAL B 345 92.19 -66.70 50.63
CA VAL B 345 92.26 -67.43 51.86
C VAL B 345 90.85 -67.43 52.43
N VAL B 346 90.13 -68.45 52.03
CA VAL B 346 88.74 -68.52 52.39
C VAL B 346 88.49 -68.81 53.86
N PRO B 347 87.45 -68.22 54.47
CA PRO B 347 87.04 -68.42 55.87
C PRO B 347 86.71 -69.84 56.19
N ARG B 348 86.72 -70.15 57.49
CA ARG B 348 86.58 -71.51 57.96
C ARG B 348 85.27 -72.08 57.51
N GLY B 349 84.17 -71.35 57.75
CA GLY B 349 82.87 -71.88 57.34
C GLY B 349 82.78 -72.33 55.89
N LYS B 350 83.29 -71.50 54.98
CA LYS B 350 83.24 -71.77 53.59
C LYS B 350 84.28 -72.75 53.16
N LEU B 351 85.07 -73.24 54.12
CA LEU B 351 86.10 -74.19 53.82
C LEU B 351 85.58 -75.58 53.73
N SER B 352 85.90 -76.24 52.62
CA SER B 352 85.50 -77.62 52.40
C SER B 352 86.44 -78.69 52.92
N THR B 353 86.36 -78.98 54.21
CA THR B 353 87.18 -80.04 54.79
C THR B 353 86.87 -80.13 56.29
N ARG B 354 87.10 -81.34 56.81
CA ARG B 354 86.66 -81.67 58.16
C ARG B 354 87.91 -81.89 59.01
N GLY B 355 89.04 -82.14 58.35
CA GLY B 355 90.21 -82.39 59.12
C GLY B 355 91.15 -83.21 58.31
N VAL B 356 92.43 -83.03 58.58
CA VAL B 356 93.45 -83.61 57.76
C VAL B 356 93.67 -85.10 58.08
N GLN B 357 93.49 -85.45 59.36
CA GLN B 357 93.65 -86.85 59.79
C GLN B 357 92.42 -87.60 59.40
N ILE B 358 92.64 -88.85 59.10
CA ILE B 358 91.56 -89.71 58.67
C ILE B 358 91.11 -90.56 59.85
N ALA B 359 89.80 -90.52 60.12
CA ALA B 359 89.24 -91.27 61.21
C ALA B 359 89.03 -92.73 60.85
N SER B 360 89.07 -93.60 61.87
CA SER B 360 88.85 -95.08 61.73
C SER B 360 87.49 -95.44 61.12
N ASN B 361 86.59 -94.47 61.16
CA ASN B 361 85.26 -94.63 60.71
C ASN B 361 85.22 -94.77 59.21
N GLU B 362 86.04 -93.96 58.53
CA GLU B 362 85.92 -93.79 57.09
C GLU B 362 86.41 -94.98 56.38
N ASN B 363 86.23 -95.04 55.07
CA ASN B 363 86.72 -96.20 54.36
C ASN B 363 87.68 -95.75 53.36
N MET B 364 88.52 -96.64 52.89
CA MET B 364 89.51 -96.30 51.90
C MET B 364 89.04 -96.39 50.45
N GLU B 365 87.93 -97.08 50.22
CA GLU B 365 87.51 -97.37 48.87
C GLU B 365 87.31 -96.02 48.23
N THR B 366 86.56 -95.15 48.92
CA THR B 366 86.21 -93.86 48.36
C THR B 366 87.18 -92.81 48.84
N MET B 367 88.47 -93.08 48.69
CA MET B 367 89.47 -92.15 49.22
C MET B 367 90.56 -91.95 48.17
N GLU B 368 91.02 -90.72 48.01
CA GLU B 368 92.07 -90.42 47.06
C GLU B 368 92.95 -89.31 47.67
N SER B 369 93.97 -88.87 46.93
CA SER B 369 94.97 -87.99 47.53
C SER B 369 95.40 -86.89 46.57
N SER B 370 95.60 -85.67 47.07
CA SER B 370 96.04 -84.57 46.23
C SER B 370 97.36 -83.96 46.68
N THR B 371 97.95 -83.13 45.83
CA THR B 371 99.22 -82.51 46.11
C THR B 371 98.92 -81.12 46.67
N LEU B 372 99.45 -80.89 47.88
CA LEU B 372 99.12 -79.72 48.66
C LEU B 372 99.85 -78.52 48.11
N GLU B 373 99.12 -77.42 47.89
CA GLU B 373 99.72 -76.16 47.43
C GLU B 373 100.17 -75.35 48.65
N LEU B 374 101.48 -75.38 48.93
CA LEU B 374 102.02 -74.66 50.11
C LEU B 374 102.87 -73.43 49.82
N ARG B 375 103.14 -73.21 48.53
CA ARG B 375 103.87 -72.04 48.08
C ARG B 375 103.11 -70.77 48.47
N SER B 376 103.84 -69.66 48.68
CA SER B 376 103.21 -68.38 48.97
C SER B 376 103.77 -67.31 48.05
N ARG B 377 103.08 -66.18 47.99
CA ARG B 377 103.49 -65.10 47.10
C ARG B 377 104.68 -64.38 47.71
N TYR B 378 104.45 -63.74 48.85
CA TYR B 378 105.53 -63.08 49.55
C TYR B 378 105.73 -63.78 50.88
N TRP B 379 106.54 -63.18 51.74
CA TRP B 379 106.74 -63.61 53.11
C TRP B 379 106.82 -62.43 54.02
N ALA B 380 106.66 -62.69 55.31
CA ALA B 380 106.66 -61.65 56.31
C ALA B 380 107.25 -62.03 57.67
N ILE B 381 107.91 -61.10 58.32
CA ILE B 381 108.55 -61.49 59.56
C ILE B 381 107.50 -61.94 60.58
N ARG B 382 107.31 -63.24 60.82
CA ARG B 382 106.27 -63.61 61.81
C ARG B 382 106.60 -62.83 63.08
N THR B 383 105.71 -61.91 63.52
CA THR B 383 105.98 -61.08 64.73
C THR B 383 105.48 -61.67 66.04
N ARG B 384 105.70 -60.89 67.11
CA ARG B 384 105.27 -61.25 68.45
C ARG B 384 104.36 -60.18 69.03
N SER B 385 104.72 -58.93 68.75
CA SER B 385 103.96 -57.73 69.07
C SER B 385 102.47 -57.73 68.71
N GLY B 386 101.61 -57.25 69.61
CA GLY B 386 100.21 -57.02 69.29
C GLY B 386 99.86 -55.63 68.73
N GLY B 387 100.86 -54.77 68.39
CA GLY B 387 100.59 -53.33 68.03
C GLY B 387 100.09 -52.42 69.17
N ASN B 388 100.37 -51.12 69.08
CA ASN B 388 99.76 -50.14 70.01
C ASN B 388 99.73 -48.68 69.48
N THR B 389 98.75 -47.88 69.92
CA THR B 389 98.72 -46.44 69.59
C THR B 389 98.81 -45.54 70.84
N SER B 431 92.76 -45.80 91.17
CA SER B 431 91.36 -46.10 91.53
C SER B 431 91.07 -47.57 91.24
N ASP B 432 90.28 -47.83 90.19
CA ASP B 432 90.11 -49.19 89.68
C ASP B 432 91.01 -49.28 88.47
N MET B 433 92.00 -50.17 88.47
CA MET B 433 92.89 -50.25 87.30
C MET B 433 92.09 -50.62 86.03
N ARG B 434 90.90 -51.17 86.25
CA ARG B 434 89.95 -51.44 85.16
C ARG B 434 89.72 -50.19 84.38
N THR B 435 89.33 -49.15 85.09
CA THR B 435 89.06 -47.82 84.53
C THR B 435 90.17 -47.39 83.58
N GLU B 436 91.40 -47.48 84.07
CA GLU B 436 92.54 -47.08 83.28
C GLU B 436 92.44 -47.74 81.88
N ILE B 437 92.24 -49.06 81.87
CA ILE B 437 92.17 -49.83 80.64
C ILE B 437 90.95 -49.48 79.82
N ILE B 438 89.80 -49.52 80.47
CA ILE B 438 88.54 -49.18 79.79
C ILE B 438 88.69 -47.84 79.08
N ARG B 439 89.42 -46.92 79.69
CA ARG B 439 89.68 -45.62 79.13
C ARG B 439 90.63 -45.75 77.92
N LEU B 440 91.51 -46.75 77.97
CA LEU B 440 92.45 -46.94 76.88
C LEU B 440 91.75 -47.67 75.77
N MET B 441 91.20 -48.87 76.10
CA MET B 441 90.20 -49.51 75.22
C MET B 441 89.41 -48.54 74.28
N GLU B 442 88.69 -47.59 74.88
CA GLU B 442 87.94 -46.54 74.18
C GLU B 442 88.63 -45.82 73.02
N SER B 443 89.78 -45.19 73.28
CA SER B 443 90.38 -44.33 72.28
C SER B 443 90.82 -45.14 71.08
N ALA B 444 90.70 -46.46 71.21
CA ALA B 444 91.17 -47.40 70.20
C ALA B 444 90.17 -47.63 69.06
N ARG B 445 90.63 -47.35 67.82
CA ARG B 445 89.82 -47.63 66.63
C ARG B 445 90.35 -48.82 65.78
N PRO B 446 89.41 -49.61 65.25
CA PRO B 446 89.81 -50.80 64.54
C PRO B 446 90.67 -50.43 63.39
N GLU B 447 90.46 -49.22 62.86
CA GLU B 447 91.26 -48.68 61.73
C GLU B 447 92.67 -48.29 62.10
N ASP B 448 92.97 -48.28 63.41
CA ASP B 448 94.29 -47.90 63.95
C ASP B 448 95.42 -48.72 63.39
N VAL B 449 96.26 -48.09 62.60
CA VAL B 449 97.34 -48.75 61.88
C VAL B 449 98.36 -49.31 62.84
N SER B 450 98.74 -50.59 62.73
CA SER B 450 99.88 -51.18 63.49
C SER B 450 101.12 -51.55 62.62
N PHE B 451 102.25 -51.86 63.28
CA PHE B 451 103.48 -52.22 62.56
C PHE B 451 103.77 -51.19 61.48
N GLN B 452 103.69 -49.92 61.88
CA GLN B 452 103.90 -48.79 60.96
C GLN B 452 105.24 -48.98 60.21
N GLY B 453 105.25 -48.82 58.89
CA GLY B 453 106.49 -49.03 58.15
C GLY B 453 106.90 -50.48 57.80
N ARG B 454 106.51 -51.46 58.66
CA ARG B 454 106.76 -52.90 58.41
C ARG B 454 106.00 -53.33 57.18
N GLY B 455 106.61 -54.19 56.36
CA GLY B 455 105.97 -54.65 55.12
C GLY B 455 106.20 -56.12 54.83
N VAL B 456 106.07 -56.47 53.55
CA VAL B 456 106.14 -57.88 53.16
C VAL B 456 107.35 -58.00 52.28
N PHE B 457 107.94 -59.19 52.24
CA PHE B 457 109.13 -59.32 51.43
C PHE B 457 108.93 -60.29 50.30
N GLU B 458 109.54 -60.00 49.18
CA GLU B 458 109.59 -60.92 48.07
C GLU B 458 110.37 -62.16 48.52
N LEU B 459 110.13 -63.27 47.81
CA LEU B 459 110.80 -64.49 48.16
C LEU B 459 112.23 -64.51 47.65
N SER B 460 112.61 -63.55 46.78
CA SER B 460 113.99 -63.37 46.38
C SER B 460 114.76 -62.60 47.47
N ASP B 461 114.07 -61.71 48.18
CA ASP B 461 114.69 -60.82 49.14
C ASP B 461 115.10 -61.56 50.38
N GLU B 462 116.24 -62.19 50.28
CA GLU B 462 116.70 -63.10 51.33
C GLU B 462 116.94 -62.37 52.62
N LYS B 463 117.70 -61.30 52.46
CA LYS B 463 117.98 -60.33 53.51
C LYS B 463 116.68 -59.58 53.74
N ALA B 464 116.57 -58.89 54.88
CA ALA B 464 115.34 -58.12 55.06
C ALA B 464 115.39 -56.74 54.39
N THR B 465 116.19 -56.63 53.35
CA THR B 465 116.47 -55.40 52.68
C THR B 465 115.29 -54.55 52.35
N SER B 466 114.61 -54.82 51.24
CA SER B 466 113.50 -53.98 50.79
C SER B 466 112.09 -54.48 51.12
N PRO B 467 111.36 -53.70 51.93
CA PRO B 467 110.00 -54.02 52.43
C PRO B 467 108.93 -53.57 51.46
N ILE B 468 107.72 -54.15 51.52
CA ILE B 468 106.66 -53.78 50.61
C ILE B 468 105.45 -53.55 51.40
N VAL B 469 104.82 -52.40 51.18
CA VAL B 469 103.63 -52.05 51.94
C VAL B 469 102.35 -52.38 51.17
N PRO B 470 101.47 -53.18 51.77
CA PRO B 470 100.22 -53.57 51.15
C PRO B 470 99.13 -52.55 51.33
N SER B 471 98.36 -52.38 50.28
CA SER B 471 97.27 -51.43 50.29
C SER B 471 96.03 -52.31 50.14
N PHE B 472 95.16 -52.31 51.15
CA PHE B 472 93.96 -53.17 51.12
C PHE B 472 92.69 -52.62 50.43
N ASP B 473 92.78 -51.45 49.80
CA ASP B 473 91.66 -50.93 49.04
C ASP B 473 91.44 -52.03 48.01
N MET B 474 90.37 -52.80 48.17
CA MET B 474 90.21 -54.02 47.36
C MET B 474 88.94 -54.80 47.67
N SER B 475 88.49 -55.65 46.76
CA SER B 475 87.29 -56.43 47.04
C SER B 475 87.78 -57.61 47.78
N ASN B 476 87.80 -57.51 49.10
CA ASN B 476 88.34 -58.55 49.97
C ASN B 476 87.29 -59.63 50.22
N GLU B 477 87.50 -60.46 51.21
CA GLU B 477 86.57 -61.55 51.51
C GLU B 477 86.44 -61.77 53.04
N GLY B 478 86.42 -60.70 53.83
CA GLY B 478 86.41 -60.89 55.28
C GLY B 478 87.76 -60.67 55.97
N SER B 479 87.73 -60.78 57.29
CA SER B 479 88.94 -60.68 58.07
C SER B 479 89.01 -61.75 59.16
N TYR B 480 87.90 -62.35 59.52
CA TYR B 480 87.85 -63.30 60.59
C TYR B 480 87.74 -64.76 60.11
N PHE B 481 88.86 -65.47 60.00
CA PHE B 481 88.81 -66.88 59.67
C PHE B 481 87.68 -67.62 60.37
N PHE B 482 87.30 -67.19 61.57
CA PHE B 482 86.23 -67.87 62.29
C PHE B 482 84.94 -67.03 62.48
N ASN C 14 130.32 -33.67 32.85
CA ASN C 14 129.97 -34.03 31.44
C ASN C 14 131.10 -34.75 30.69
N ALA C 15 131.02 -36.08 30.82
CA ALA C 15 131.94 -37.02 30.24
C ALA C 15 131.57 -37.40 28.78
N THR C 16 130.74 -36.59 28.14
CA THR C 16 130.33 -36.96 26.79
C THR C 16 131.23 -36.30 25.76
N GLU C 17 131.15 -34.98 25.66
CA GLU C 17 131.95 -34.27 24.67
C GLU C 17 133.41 -34.40 25.05
N ILE C 18 133.78 -33.74 26.15
CA ILE C 18 135.17 -33.69 26.61
C ILE C 18 135.87 -35.05 26.57
N ARG C 19 135.26 -36.11 27.10
CA ARG C 19 135.98 -37.38 27.14
C ARG C 19 135.99 -38.14 25.81
N ALA C 20 134.97 -37.90 25.01
CA ALA C 20 134.81 -38.69 23.81
C ALA C 20 135.29 -37.92 22.57
N SER C 21 135.17 -36.60 22.63
CA SER C 21 135.64 -35.78 21.53
C SER C 21 137.16 -35.76 21.44
N VAL C 22 137.78 -36.02 22.59
CA VAL C 22 139.23 -35.95 22.61
C VAL C 22 139.72 -37.33 22.27
N GLY C 23 138.84 -38.30 22.51
CA GLY C 23 139.08 -39.65 22.06
C GLY C 23 139.11 -39.73 20.55
N LYS C 24 138.28 -38.90 19.93
CA LYS C 24 138.16 -38.92 18.52
C LYS C 24 139.39 -38.27 17.94
N MET C 25 139.99 -37.38 18.71
CA MET C 25 141.18 -36.75 18.16
C MET C 25 142.36 -37.69 18.33
N ILE C 26 142.25 -38.59 19.33
CA ILE C 26 143.31 -39.53 19.57
C ILE C 26 143.26 -40.65 18.52
N ASP C 27 142.03 -41.09 18.17
CA ASP C 27 141.80 -42.09 17.11
C ASP C 27 142.44 -41.60 15.84
N GLY C 28 142.37 -40.30 15.58
CA GLY C 28 142.88 -39.85 14.31
C GLY C 28 144.37 -40.08 14.24
N ILE C 29 145.06 -39.72 15.32
CA ILE C 29 146.50 -39.78 15.32
C ILE C 29 146.87 -41.25 15.15
N GLY C 30 146.14 -42.12 15.87
CA GLY C 30 146.38 -43.56 15.81
C GLY C 30 146.26 -44.04 14.36
N ARG C 31 145.03 -44.13 13.88
CA ARG C 31 144.72 -44.43 12.49
C ARG C 31 145.77 -43.87 11.54
N PHE C 32 146.03 -42.56 11.60
CA PHE C 32 147.02 -42.00 10.71
C PHE C 32 148.42 -42.72 10.82
N TYR C 33 148.97 -42.75 12.03
CA TYR C 33 150.20 -43.44 12.26
C TYR C 33 150.22 -44.83 11.67
N ILE C 34 149.12 -45.56 11.78
CA ILE C 34 149.02 -46.88 11.22
C ILE C 34 149.14 -46.80 9.67
N GLN C 35 148.38 -45.90 9.08
CA GLN C 35 148.39 -45.73 7.60
C GLN C 35 149.76 -45.39 7.12
N MET C 36 150.32 -44.41 7.77
CA MET C 36 151.66 -43.98 7.45
C MET C 36 152.68 -45.06 7.69
N CYS C 37 152.52 -45.89 8.69
CA CYS C 37 153.43 -47.00 8.78
C CYS C 37 153.23 -47.95 7.63
N THR C 38 151.99 -48.17 7.25
CA THR C 38 151.71 -49.09 6.16
C THR C 38 152.35 -48.61 4.82
N GLU C 39 152.57 -47.30 4.67
CA GLU C 39 153.20 -46.79 3.46
C GLU C 39 154.68 -47.11 3.51
N LEU C 40 155.31 -46.67 4.58
CA LEU C 40 156.72 -46.91 4.70
C LEU C 40 157.04 -48.40 4.73
N LYS C 41 156.01 -49.23 4.77
CA LYS C 41 156.20 -50.67 4.81
C LYS C 41 157.11 -51.03 5.97
N LEU C 42 157.05 -50.30 7.09
CA LEU C 42 157.73 -50.71 8.34
C LEU C 42 157.17 -51.96 9.04
N SER C 43 157.98 -52.55 9.91
CA SER C 43 157.57 -53.73 10.68
C SER C 43 156.93 -53.30 11.99
N ASP C 44 156.50 -54.28 12.78
CA ASP C 44 155.95 -53.98 14.09
C ASP C 44 157.01 -53.40 14.98
N TYR C 45 158.16 -54.05 15.06
CA TYR C 45 159.21 -53.51 15.88
C TYR C 45 159.62 -52.17 15.36
N GLU C 46 159.54 -51.99 14.07
CA GLU C 46 160.02 -50.76 13.46
C GLU C 46 158.97 -49.65 13.49
N GLY C 47 157.76 -49.96 13.96
CA GLY C 47 156.74 -48.94 14.06
C GLY C 47 156.68 -48.50 15.49
N ARG C 48 157.35 -49.26 16.36
CA ARG C 48 157.34 -48.94 17.78
C ARG C 48 158.58 -48.15 18.20
N LEU C 49 159.35 -47.77 17.19
CA LEU C 49 160.59 -47.08 17.41
C LEU C 49 160.34 -45.60 17.56
N ILE C 50 160.31 -45.14 18.78
CA ILE C 50 160.04 -43.75 18.99
C ILE C 50 160.71 -42.85 18.02
N GLN C 51 161.88 -43.25 17.53
CA GLN C 51 162.63 -42.52 16.52
C GLN C 51 161.75 -42.33 15.27
N ASN C 52 161.45 -43.43 14.58
CA ASN C 52 160.59 -43.33 13.43
C ASN C 52 159.32 -42.60 13.76
N SER C 53 158.69 -42.86 14.90
CA SER C 53 157.44 -42.18 15.18
C SER C 53 157.65 -40.69 15.08
N LEU C 54 158.65 -40.18 15.77
CA LEU C 54 158.94 -38.74 15.74
C LEU C 54 159.02 -38.17 14.34
N THR C 55 159.85 -38.78 13.53
CA THR C 55 160.03 -38.35 12.18
C THR C 55 158.67 -38.20 11.52
N ILE C 56 157.83 -39.21 11.65
CA ILE C 56 156.52 -39.14 11.05
C ILE C 56 155.70 -37.95 11.58
N GLU C 57 155.75 -37.74 12.88
CA GLU C 57 154.94 -36.71 13.47
C GLU C 57 155.35 -35.37 12.93
N ARG C 58 156.65 -35.17 12.73
CA ARG C 58 157.12 -33.89 12.28
C ARG C 58 156.83 -33.67 10.78
N MET C 59 157.00 -34.72 9.95
CA MET C 59 156.56 -34.75 8.54
C MET C 59 155.18 -34.20 8.36
N VAL C 60 154.39 -34.29 9.41
CA VAL C 60 153.00 -33.98 9.23
C VAL C 60 152.81 -32.57 9.65
N LEU C 61 153.34 -32.20 10.79
CA LEU C 61 153.15 -30.87 11.29
C LEU C 61 153.79 -29.86 10.32
N SER C 62 154.88 -30.28 9.67
CA SER C 62 155.54 -29.47 8.65
C SER C 62 154.58 -29.29 7.48
N ALA C 63 154.02 -30.39 7.01
CA ALA C 63 153.16 -30.34 5.85
C ALA C 63 151.88 -29.53 6.12
N PHE C 64 151.44 -29.45 7.36
CA PHE C 64 150.25 -28.70 7.63
C PHE C 64 150.59 -27.31 8.14
N ASP C 65 151.80 -26.84 7.82
CA ASP C 65 152.33 -25.54 8.31
C ASP C 65 153.73 -25.18 7.78
N THR C 85 157.74 -32.93 2.39
CA THR C 85 158.81 -32.97 3.39
C THR C 85 159.27 -34.38 3.56
N GLY C 86 160.37 -34.54 4.26
CA GLY C 86 161.02 -35.85 4.40
C GLY C 86 161.52 -35.98 5.82
N GLY C 87 162.34 -37.00 6.07
CA GLY C 87 162.88 -37.19 7.40
C GLY C 87 163.65 -38.49 7.55
N PRO C 88 164.28 -38.67 8.72
CA PRO C 88 165.14 -39.81 9.02
C PRO C 88 164.29 -41.03 9.40
N ILE C 89 164.50 -42.13 8.69
CA ILE C 89 163.73 -43.33 8.98
C ILE C 89 164.60 -44.55 9.17
N TYR C 90 164.62 -45.09 10.39
CA TYR C 90 165.49 -46.21 10.71
C TYR C 90 164.88 -47.59 10.46
N ARG C 91 165.69 -48.44 9.83
CA ARG C 91 165.23 -49.74 9.41
C ARG C 91 166.06 -50.81 10.09
N ARG C 92 165.50 -52.03 10.20
CA ARG C 92 166.20 -53.11 10.90
C ARG C 92 166.62 -54.22 9.95
N VAL C 93 167.91 -54.37 9.72
CA VAL C 93 168.41 -55.52 8.93
C VAL C 93 169.18 -56.47 9.84
N ASP C 94 169.31 -57.74 9.43
CA ASP C 94 170.07 -58.75 10.19
C ASP C 94 171.13 -58.05 11.05
N GLY C 95 170.90 -57.94 12.35
CA GLY C 95 171.92 -57.40 13.24
C GLY C 95 171.89 -55.93 13.52
N LYS C 96 172.04 -55.11 12.46
CA LYS C 96 172.28 -53.65 12.61
C LYS C 96 171.19 -52.74 12.10
N TRP C 97 171.24 -51.46 12.48
CA TRP C 97 170.13 -50.57 12.11
C TRP C 97 170.50 -49.66 10.96
N ARG C 98 169.65 -49.60 9.95
CA ARG C 98 169.94 -48.80 8.77
C ARG C 98 169.06 -47.55 8.74
N ARG C 99 169.70 -46.39 8.67
CA ARG C 99 168.98 -45.12 8.60
C ARG C 99 168.66 -44.75 7.15
N GLU C 100 167.38 -44.60 6.81
CA GLU C 100 166.98 -44.11 5.48
C GLU C 100 166.58 -42.65 5.46
N LEU C 101 167.10 -41.92 4.51
CA LEU C 101 166.72 -40.53 4.39
C LEU C 101 165.65 -40.46 3.34
N ILE C 102 164.40 -40.16 3.70
CA ILE C 102 163.32 -40.19 2.70
C ILE C 102 162.51 -38.92 2.62
N LEU C 103 161.77 -38.79 1.52
CA LEU C 103 160.93 -37.60 1.25
C LEU C 103 159.54 -38.00 0.79
N TYR C 104 158.52 -37.24 1.19
CA TYR C 104 157.11 -37.54 0.81
C TYR C 104 156.37 -36.31 0.25
N ASP C 105 155.40 -36.54 -0.62
CA ASP C 105 154.66 -35.43 -1.15
C ASP C 105 154.00 -34.64 -0.03
N LYS C 106 154.50 -33.45 0.23
CA LYS C 106 153.90 -32.66 1.32
C LYS C 106 152.38 -32.73 1.31
N GLU C 107 151.76 -32.94 0.14
CA GLU C 107 150.31 -32.92 0.07
C GLU C 107 149.79 -34.30 0.29
N GLU C 108 150.51 -35.28 -0.25
CA GLU C 108 150.14 -36.62 0.04
C GLU C 108 149.94 -36.80 1.56
N ILE C 109 150.87 -36.21 2.33
CA ILE C 109 150.82 -36.35 3.80
C ILE C 109 149.55 -35.74 4.30
N ARG C 110 149.24 -34.57 3.78
CA ARG C 110 148.04 -33.88 4.20
C ARG C 110 146.80 -34.67 3.79
N ARG C 111 146.93 -35.41 2.71
CA ARG C 111 145.81 -36.20 2.23
C ARG C 111 145.53 -37.38 3.18
N ILE C 112 146.61 -38.11 3.47
CA ILE C 112 146.51 -39.27 4.33
C ILE C 112 146.00 -38.89 5.71
N TRP C 113 146.47 -37.75 6.20
CA TRP C 113 146.04 -37.24 7.49
C TRP C 113 144.52 -37.13 7.53
N ARG C 114 143.91 -36.37 6.61
CA ARG C 114 142.47 -36.13 6.68
C ARG C 114 141.72 -37.45 6.50
N GLN C 115 142.20 -38.26 5.57
CA GLN C 115 141.61 -39.56 5.41
C GLN C 115 141.36 -40.19 6.77
N ALA C 116 142.36 -40.07 7.68
CA ALA C 116 142.26 -40.72 8.99
C ALA C 116 141.25 -39.99 9.84
N ASN C 117 141.28 -38.67 9.83
CA ASN C 117 140.27 -37.88 10.58
C ASN C 117 138.93 -37.58 9.87
N ASN C 118 138.49 -38.49 9.01
CA ASN C 118 137.25 -38.23 8.28
C ASN C 118 137.27 -37.00 7.36
N GLY C 119 138.42 -36.68 6.79
CA GLY C 119 138.49 -35.52 5.95
C GLY C 119 138.40 -34.23 6.74
N ASP C 120 138.47 -34.35 8.07
CA ASP C 120 138.55 -33.18 8.91
C ASP C 120 139.96 -32.66 9.02
N ASP C 121 140.09 -31.52 9.69
CA ASP C 121 141.42 -30.92 9.83
C ASP C 121 142.05 -31.41 11.13
N ALA C 122 141.17 -31.52 12.12
CA ALA C 122 141.50 -31.95 13.46
C ALA C 122 142.74 -31.19 13.88
N THR C 123 142.63 -29.87 14.00
CA THR C 123 143.80 -29.06 14.40
C THR C 123 144.23 -29.55 15.75
N ALA C 124 143.26 -29.87 16.58
CA ALA C 124 143.58 -30.45 17.87
C ALA C 124 144.64 -31.54 17.74
N GLY C 125 144.39 -32.46 16.82
CA GLY C 125 145.32 -33.55 16.61
C GLY C 125 146.75 -33.15 16.32
N LEU C 126 146.94 -32.16 15.46
CA LEU C 126 148.27 -31.74 15.06
C LEU C 126 148.87 -31.01 16.26
N THR C 127 148.01 -30.27 16.94
CA THR C 127 148.40 -29.48 18.07
C THR C 127 148.85 -30.43 19.15
N HIS C 128 148.25 -31.63 19.19
CA HIS C 128 148.58 -32.62 20.22
C HIS C 128 150.01 -33.08 20.08
N MET C 129 150.44 -33.35 18.85
CA MET C 129 151.77 -33.84 18.61
C MET C 129 152.63 -32.62 18.67
N MET C 130 152.00 -31.46 18.57
CA MET C 130 152.71 -30.18 18.63
C MET C 130 153.19 -30.09 20.06
N ILE C 131 152.42 -30.62 21.00
CA ILE C 131 152.81 -30.56 22.41
C ILE C 131 153.75 -31.70 22.83
N TRP C 132 153.50 -32.86 22.26
CA TRP C 132 154.27 -33.99 22.66
C TRP C 132 155.71 -33.59 22.37
N HIS C 133 155.89 -32.87 21.29
CA HIS C 133 157.20 -32.45 20.92
C HIS C 133 157.65 -31.45 21.94
N SER C 134 156.74 -30.54 22.29
CA SER C 134 157.09 -29.51 23.24
C SER C 134 157.61 -30.14 24.56
N ASN C 135 156.80 -30.99 25.12
CA ASN C 135 157.08 -31.53 26.40
C ASN C 135 158.37 -32.35 26.46
N LEU C 136 158.75 -32.88 25.29
CA LEU C 136 159.98 -33.58 25.08
C LEU C 136 161.11 -32.60 25.01
N ASN C 137 160.85 -31.40 24.54
CA ASN C 137 161.94 -30.49 24.33
C ASN C 137 162.20 -29.73 25.63
N ASP C 138 161.16 -29.52 26.39
CA ASP C 138 161.28 -28.84 27.61
C ASP C 138 162.01 -29.75 28.64
N ALA C 139 162.19 -31.01 28.30
CA ALA C 139 162.89 -31.93 29.18
C ALA C 139 164.24 -32.37 28.65
N THR C 140 164.40 -32.41 27.33
CA THR C 140 165.67 -32.84 26.75
C THR C 140 166.63 -31.69 26.84
N TYR C 141 166.13 -30.46 26.69
CA TYR C 141 166.99 -29.25 26.63
C TYR C 141 166.70 -28.13 27.63
N GLN C 142 167.74 -27.36 27.88
CA GLN C 142 167.61 -26.22 28.74
C GLN C 142 167.85 -25.00 27.91
N ARG C 143 166.91 -24.07 27.95
CA ARG C 143 166.92 -22.98 26.98
C ARG C 143 167.42 -21.70 27.65
N THR C 144 168.72 -21.66 27.92
CA THR C 144 169.30 -20.56 28.66
C THR C 144 169.70 -19.48 27.68
N ARG C 145 170.36 -19.89 26.59
CA ARG C 145 170.85 -18.95 25.57
C ARG C 145 169.79 -17.91 25.22
N ALA C 146 168.56 -18.39 25.10
CA ALA C 146 167.44 -17.55 24.72
C ALA C 146 166.94 -16.67 25.85
N LEU C 147 166.97 -17.17 27.09
CA LEU C 147 166.39 -16.41 28.22
C LEU C 147 167.20 -15.12 28.48
N VAL C 148 168.51 -15.30 28.45
CA VAL C 148 169.46 -14.25 28.77
C VAL C 148 169.47 -13.19 27.65
N ARG C 149 169.59 -13.70 26.41
CA ARG C 149 169.52 -12.85 25.23
C ARG C 149 168.19 -12.05 25.22
N THR C 150 167.15 -12.57 25.86
CA THR C 150 165.92 -11.82 26.08
C THR C 150 166.03 -10.89 27.29
N GLY C 151 166.80 -11.29 28.30
CA GLY C 151 167.01 -10.41 29.45
C GLY C 151 166.21 -10.93 30.62
N MET C 152 166.11 -12.26 30.64
CA MET C 152 165.45 -13.06 31.69
C MET C 152 166.54 -13.83 32.45
N ASP C 153 166.35 -14.06 33.73
CA ASP C 153 167.37 -14.78 34.45
C ASP C 153 167.40 -16.28 34.11
N PRO C 154 168.57 -16.84 33.75
CA PRO C 154 168.70 -18.27 33.35
C PRO C 154 168.12 -19.20 34.37
N ARG C 155 168.16 -18.80 35.62
CA ARG C 155 167.50 -19.55 36.66
C ARG C 155 165.98 -19.51 36.64
N MET C 156 165.40 -19.05 35.55
CA MET C 156 163.93 -19.02 35.44
C MET C 156 163.40 -20.15 34.57
N CYS C 157 164.15 -21.26 34.56
CA CYS C 157 163.78 -22.53 33.89
C CYS C 157 162.35 -22.98 34.11
N SER C 158 161.93 -23.09 35.37
CA SER C 158 160.59 -23.59 35.75
C SER C 158 159.38 -22.76 35.27
N LEU C 159 159.66 -21.73 34.49
CA LEU C 159 158.66 -20.82 34.01
C LEU C 159 158.66 -20.86 32.50
N MET C 160 159.59 -21.58 31.88
CA MET C 160 159.62 -21.63 30.42
C MET C 160 158.92 -22.87 29.79
N GLN C 161 157.83 -23.33 30.41
CA GLN C 161 157.09 -24.43 29.88
C GLN C 161 156.37 -24.18 28.53
N GLY C 162 156.93 -24.70 27.46
CA GLY C 162 156.30 -24.55 26.19
C GLY C 162 156.95 -23.39 25.43
N SER C 163 158.16 -22.99 25.82
CA SER C 163 158.79 -21.98 25.04
C SER C 163 159.04 -22.47 23.59
N THR C 164 159.03 -23.76 23.33
CA THR C 164 159.38 -24.27 21.99
C THR C 164 158.13 -24.39 21.12
N LEU C 165 157.02 -24.23 21.80
CA LEU C 165 155.76 -24.57 21.21
C LEU C 165 155.34 -23.51 20.21
N PRO C 166 155.39 -23.85 18.91
CA PRO C 166 155.03 -22.85 17.88
C PRO C 166 153.74 -22.06 18.25
N ARG C 167 153.77 -20.76 17.99
CA ARG C 167 152.59 -19.88 18.15
C ARG C 167 151.33 -20.44 17.47
N ARG C 168 151.51 -21.14 16.32
CA ARG C 168 150.44 -21.85 15.66
C ARG C 168 149.62 -22.73 16.63
N SER C 169 150.21 -23.15 17.74
CA SER C 169 149.50 -23.95 18.72
C SER C 169 148.14 -23.34 18.99
N GLY C 170 147.19 -24.19 19.35
CA GLY C 170 145.86 -23.72 19.58
C GLY C 170 145.62 -22.99 20.88
N ALA C 171 144.37 -22.74 21.16
CA ALA C 171 144.00 -22.03 22.35
C ALA C 171 144.31 -22.87 23.62
N ALA C 172 144.18 -24.20 23.51
CA ALA C 172 144.34 -25.10 24.65
C ALA C 172 145.80 -25.55 24.60
N GLY C 173 146.46 -25.06 23.54
CA GLY C 173 147.90 -25.17 23.39
C GLY C 173 148.70 -24.15 24.20
N ALA C 174 148.17 -22.95 24.37
CA ALA C 174 148.86 -21.92 25.09
C ALA C 174 148.61 -22.14 26.57
N ALA C 175 147.45 -22.66 26.95
CA ALA C 175 147.16 -22.88 28.41
C ALA C 175 148.24 -23.73 29.14
N VAL C 176 149.04 -24.43 28.35
CA VAL C 176 150.04 -25.32 28.89
C VAL C 176 151.28 -24.50 29.17
N LYS C 177 151.37 -23.30 28.55
CA LYS C 177 152.53 -22.41 28.71
C LYS C 177 152.82 -21.86 30.13
N GLY C 178 154.11 -21.85 30.49
CA GLY C 178 154.49 -21.26 31.77
C GLY C 178 154.50 -19.73 31.69
N VAL C 179 154.36 -19.09 32.86
CA VAL C 179 154.32 -17.62 32.97
C VAL C 179 155.53 -16.99 32.24
N GLY C 180 156.70 -17.54 32.56
CA GLY C 180 157.93 -17.14 31.94
C GLY C 180 157.86 -17.30 30.46
N THR C 181 157.02 -18.19 29.95
CA THR C 181 157.05 -18.43 28.49
C THR C 181 156.50 -17.21 27.78
N MET C 182 155.49 -16.63 28.40
CA MET C 182 154.76 -15.58 27.78
C MET C 182 155.64 -14.36 27.69
N VAL C 183 156.24 -14.03 28.84
CA VAL C 183 157.19 -12.94 28.96
C VAL C 183 158.30 -12.93 27.88
N MET C 184 158.92 -14.05 27.57
CA MET C 184 159.96 -14.07 26.58
C MET C 184 159.48 -13.57 25.21
N GLU C 185 158.17 -13.71 25.00
CA GLU C 185 157.51 -13.37 23.72
C GLU C 185 157.25 -11.86 23.63
N LEU C 186 156.33 -11.39 24.47
CA LEU C 186 156.07 -9.99 24.63
C LEU C 186 157.36 -9.18 24.65
N ILE C 187 158.30 -9.53 25.52
CA ILE C 187 159.62 -8.87 25.55
C ILE C 187 160.31 -8.83 24.18
N ARG C 188 160.12 -9.83 23.34
CA ARG C 188 160.80 -9.75 22.05
C ARG C 188 159.96 -8.96 21.08
N MET C 189 158.65 -9.17 21.20
CA MET C 189 157.67 -8.46 20.36
C MET C 189 157.87 -6.98 20.66
N ILE C 190 157.80 -6.62 21.96
CA ILE C 190 158.14 -5.26 22.44
C ILE C 190 159.57 -4.81 22.11
N LYS C 191 160.58 -5.62 22.43
CA LYS C 191 161.98 -5.19 22.24
C LYS C 191 162.31 -4.76 20.80
N ARG C 192 161.88 -5.51 19.80
CA ARG C 192 162.15 -5.07 18.44
C ARG C 192 161.33 -3.82 17.98
N GLY C 193 160.05 -3.80 18.38
CA GLY C 193 159.12 -2.66 18.12
C GLY C 193 159.58 -1.40 18.81
N ILE C 194 159.59 -1.42 20.15
CA ILE C 194 160.10 -0.30 20.94
C ILE C 194 161.55 -0.07 20.59
N ASN C 195 162.24 -0.89 20.01
CA ASN C 195 163.59 -0.57 19.54
C ASN C 195 163.42 0.11 18.20
N ARG C 206 150.38 -3.18 12.75
CA ARG C 206 149.09 -2.52 12.97
C ARG C 206 148.18 -3.33 13.89
N ARG C 207 147.73 -4.45 13.35
CA ARG C 207 146.84 -5.39 14.02
C ARG C 207 147.58 -6.06 15.18
N THR C 208 148.90 -5.94 15.18
CA THR C 208 149.79 -6.44 16.22
C THR C 208 149.35 -6.11 17.65
N ARG C 209 148.46 -5.14 17.78
CA ARG C 209 147.95 -4.71 19.10
C ARG C 209 147.01 -5.70 19.84
N ILE C 210 145.98 -6.17 19.16
CA ILE C 210 145.03 -7.14 19.74
C ILE C 210 145.78 -8.35 20.33
N ALA C 211 146.89 -8.73 19.66
CA ALA C 211 147.80 -9.77 20.14
C ALA C 211 148.29 -9.38 21.51
N TYR C 212 149.01 -8.25 21.59
CA TYR C 212 149.66 -7.82 22.82
C TYR C 212 148.71 -7.85 24.01
N GLU C 213 147.52 -7.27 23.86
CA GLU C 213 146.55 -7.21 24.97
C GLU C 213 146.13 -8.58 25.38
N ARG C 214 145.74 -9.39 24.40
CA ARG C 214 145.37 -10.76 24.68
C ARG C 214 146.51 -11.56 25.31
N MET C 215 147.68 -11.50 24.67
CA MET C 215 148.86 -12.17 25.17
C MET C 215 149.00 -11.81 26.62
N CYS C 216 148.57 -10.63 27.02
CA CYS C 216 148.65 -10.27 28.45
C CYS C 216 147.48 -10.85 29.23
N ASN C 217 146.33 -10.96 28.57
CA ASN C 217 145.14 -11.38 29.29
C ASN C 217 145.32 -12.80 29.72
N ILE C 218 145.88 -13.57 28.78
CA ILE C 218 146.35 -14.94 29.00
C ILE C 218 147.37 -14.91 30.12
N LEU C 219 148.39 -14.06 29.93
CA LEU C 219 149.42 -13.85 30.90
C LEU C 219 148.72 -13.69 32.23
N LYS C 220 147.75 -12.76 32.28
CA LYS C 220 147.15 -12.40 33.57
C LYS C 220 146.35 -13.55 34.11
N GLY C 221 145.83 -14.36 33.19
CA GLY C 221 144.99 -15.46 33.60
C GLY C 221 145.81 -16.60 34.18
N LYS C 222 147.14 -16.44 34.11
CA LYS C 222 148.05 -17.38 34.75
C LYS C 222 148.10 -17.07 36.25
N PHE C 223 148.21 -15.79 36.58
CA PHE C 223 148.22 -15.35 37.97
C PHE C 223 146.93 -15.70 38.65
N GLN C 224 147.03 -16.02 39.93
CA GLN C 224 145.90 -16.37 40.79
C GLN C 224 145.91 -15.61 42.11
N THR C 225 146.33 -14.33 42.08
CA THR C 225 146.28 -13.45 43.25
C THR C 225 145.96 -12.02 42.84
N ALA C 226 145.21 -11.32 43.69
CA ALA C 226 144.85 -9.91 43.46
C ALA C 226 145.94 -9.12 42.69
N ALA C 227 146.98 -8.70 43.42
CA ALA C 227 148.05 -7.83 42.92
C ALA C 227 148.62 -8.34 41.59
N GLN C 228 148.97 -9.62 41.61
CA GLN C 228 149.50 -10.30 40.45
C GLN C 228 148.60 -9.93 39.30
N ARG C 229 147.32 -10.22 39.48
CA ARG C 229 146.31 -9.96 38.46
C ARG C 229 146.32 -8.46 38.11
N THR C 230 146.27 -7.60 39.14
CA THR C 230 146.15 -6.15 38.90
C THR C 230 147.37 -5.58 38.18
N MET C 231 148.55 -6.08 38.53
CA MET C 231 149.79 -5.49 38.02
C MET C 231 150.03 -5.71 36.53
N VAL C 232 149.32 -6.73 36.03
CA VAL C 232 149.42 -7.16 34.68
C VAL C 232 148.73 -6.13 33.84
N ASP C 233 147.60 -5.66 34.38
CA ASP C 233 146.82 -4.57 33.77
C ASP C 233 147.65 -3.29 33.68
N GLN C 234 148.31 -2.92 34.78
CA GLN C 234 149.15 -1.75 34.80
C GLN C 234 150.21 -1.81 33.70
N VAL C 235 150.53 -3.03 33.26
CA VAL C 235 151.46 -3.27 32.16
C VAL C 235 150.81 -3.14 30.77
N ARG C 236 149.64 -3.72 30.65
CA ARG C 236 148.86 -3.69 29.44
C ARG C 236 148.33 -2.28 29.05
N GLU C 237 148.63 -1.28 29.88
CA GLU C 237 148.15 0.07 29.64
C GLU C 237 148.87 0.83 28.52
N SER C 238 150.15 0.54 28.32
CA SER C 238 150.96 1.32 27.37
C SER C 238 150.98 0.78 25.92
N ARG C 239 150.69 1.67 24.96
CA ARG C 239 150.67 1.28 23.55
C ARG C 239 152.07 0.93 23.10
N ASN C 240 153.02 1.76 23.48
CA ASN C 240 154.40 1.52 23.13
C ASN C 240 155.14 1.24 24.43
N PRO C 241 154.88 0.09 25.08
CA PRO C 241 155.44 -0.20 26.40
C PRO C 241 156.95 -0.36 26.35
N GLY C 242 157.70 0.58 26.93
CA GLY C 242 159.15 0.51 26.82
C GLY C 242 159.73 -0.21 28.01
N ASN C 243 161.02 0.02 28.27
CA ASN C 243 161.68 -0.49 29.47
C ASN C 243 160.88 -0.40 30.76
N ALA C 244 159.93 0.53 30.81
CA ALA C 244 158.97 0.64 31.93
C ALA C 244 158.32 -0.73 32.18
N GLU C 245 157.79 -1.30 31.09
CA GLU C 245 157.15 -2.60 31.09
C GLU C 245 158.25 -3.67 31.12
N PHE C 246 159.15 -3.62 30.12
CA PHE C 246 160.32 -4.52 30.01
C PHE C 246 160.85 -4.91 31.40
N GLU C 247 161.15 -3.90 32.21
CA GLU C 247 161.55 -4.16 33.57
C GLU C 247 160.41 -4.70 34.48
N ASP C 248 159.16 -4.26 34.29
CA ASP C 248 158.13 -4.70 35.26
C ASP C 248 157.67 -6.17 35.16
N LEU C 249 157.56 -6.69 33.93
CA LEU C 249 157.03 -8.04 33.71
C LEU C 249 158.06 -9.02 34.23
N ILE C 250 159.33 -8.69 33.99
CA ILE C 250 160.44 -9.48 34.48
C ILE C 250 160.28 -9.69 35.97
N PHE C 251 159.85 -8.62 36.65
CA PHE C 251 159.50 -8.68 38.08
C PHE C 251 158.42 -9.79 38.37
N LEU C 252 157.27 -9.58 37.74
CA LEU C 252 156.12 -10.49 37.77
C LEU C 252 156.59 -11.92 37.39
N ALA C 253 157.53 -12.01 36.44
CA ALA C 253 158.12 -13.31 36.10
C ALA C 253 158.70 -13.99 37.38
N ARG C 254 159.46 -13.19 38.12
CA ARG C 254 160.05 -13.65 39.34
C ARG C 254 159.02 -13.84 40.45
N SER C 255 157.89 -13.15 40.38
CA SER C 255 156.88 -13.31 41.44
C SER C 255 156.26 -14.72 41.40
N ALA C 256 156.29 -15.32 40.21
CA ALA C 256 155.64 -16.59 39.93
C ALA C 256 156.46 -17.75 40.45
N LEU C 257 157.74 -17.44 40.73
CA LEU C 257 158.72 -18.34 41.34
C LEU C 257 158.31 -18.59 42.74
N ILE C 258 157.44 -17.74 43.27
CA ILE C 258 157.03 -17.89 44.63
C ILE C 258 155.51 -18.04 44.69
N LEU C 259 154.82 -17.14 44.00
CA LEU C 259 153.34 -17.17 43.89
C LEU C 259 153.11 -17.61 42.46
N ARG C 260 153.03 -18.93 42.30
CA ARG C 260 153.03 -19.51 40.98
C ARG C 260 151.68 -19.17 40.39
N GLY C 261 151.53 -19.42 39.09
CA GLY C 261 150.24 -19.33 38.42
C GLY C 261 149.61 -20.65 38.05
N SER C 262 148.50 -20.56 37.33
CA SER C 262 147.82 -21.72 36.85
C SER C 262 148.36 -22.06 35.46
N VAL C 263 149.06 -23.18 35.39
CA VAL C 263 149.48 -23.72 34.09
C VAL C 263 149.10 -25.18 33.98
N ALA C 264 148.20 -25.44 33.05
CA ALA C 264 147.83 -26.80 32.65
C ALA C 264 149.00 -27.65 32.13
N HIS C 265 148.95 -28.94 32.49
CA HIS C 265 149.89 -29.96 32.01
C HIS C 265 149.11 -31.03 31.24
N LYS C 266 149.58 -31.38 30.06
CA LYS C 266 148.90 -32.32 29.16
C LYS C 266 149.81 -33.53 28.89
N SER C 267 149.33 -34.74 29.23
CA SER C 267 150.08 -35.96 29.00
C SER C 267 149.99 -36.37 27.55
N CYS C 268 150.94 -35.94 26.75
CA CYS C 268 150.81 -36.24 25.31
C CYS C 268 151.79 -37.26 24.86
N LEU C 269 151.33 -38.47 24.51
CA LEU C 269 152.24 -39.58 24.17
C LEU C 269 152.58 -39.55 22.71
N PRO C 270 153.69 -40.20 22.26
CA PRO C 270 154.16 -40.28 20.87
C PRO C 270 153.13 -40.91 19.99
N ALA C 271 153.14 -40.57 18.71
CA ALA C 271 152.16 -41.12 17.78
C ALA C 271 152.08 -42.65 17.80
N CYS C 272 153.22 -43.30 18.01
CA CYS C 272 153.27 -44.72 17.92
C CYS C 272 152.40 -45.35 19.01
N VAL C 273 152.36 -44.69 20.15
CA VAL C 273 151.68 -45.24 21.28
C VAL C 273 150.21 -45.26 20.98
N TYR C 274 149.65 -44.15 20.48
CA TYR C 274 148.27 -44.08 20.02
C TYR C 274 148.02 -44.98 18.81
N GLY C 275 148.90 -44.92 17.79
CA GLY C 275 148.77 -45.89 16.65
C GLY C 275 148.68 -47.33 17.10
N SER C 276 149.57 -47.74 17.96
CA SER C 276 149.56 -49.10 18.42
C SER C 276 148.25 -49.44 19.15
N ALA C 277 147.77 -48.53 19.98
CA ALA C 277 146.57 -48.66 20.75
C ALA C 277 145.35 -48.78 19.87
N VAL C 278 145.28 -47.94 18.84
CA VAL C 278 144.16 -47.96 17.91
C VAL C 278 144.12 -49.29 17.20
N ALA C 279 145.30 -49.75 16.81
CA ALA C 279 145.47 -51.01 16.10
C ALA C 279 145.09 -52.20 16.95
N SER C 280 145.28 -52.07 18.27
CA SER C 280 144.93 -53.10 19.23
C SER C 280 143.45 -53.10 19.55
N GLY C 281 142.66 -52.37 18.79
CA GLY C 281 141.30 -52.43 19.05
C GLY C 281 140.78 -51.23 19.83
N TYR C 282 141.59 -50.55 20.65
CA TYR C 282 141.04 -49.47 21.47
C TYR C 282 140.41 -48.46 20.63
N ASP C 283 139.14 -48.22 20.93
CA ASP C 283 138.34 -47.30 20.13
C ASP C 283 137.96 -46.11 20.99
N PHE C 284 138.91 -45.21 21.21
CA PHE C 284 138.83 -44.15 22.22
C PHE C 284 137.64 -43.25 22.15
N GLU C 285 137.33 -42.72 20.98
CA GLU C 285 136.05 -41.94 20.87
C GLU C 285 134.82 -42.62 21.52
N ARG C 286 134.78 -43.93 21.58
CA ARG C 286 133.68 -44.64 22.19
C ARG C 286 133.97 -44.89 23.62
N GLU C 287 135.19 -45.27 23.96
CA GLU C 287 135.56 -45.59 25.34
C GLU C 287 136.10 -44.38 26.10
N GLY C 288 136.25 -43.25 25.46
CA GLY C 288 136.69 -42.09 26.20
C GLY C 288 138.18 -42.12 26.50
N TYR C 289 138.76 -40.92 26.56
CA TYR C 289 140.16 -40.76 26.85
C TYR C 289 140.44 -39.37 27.50
N SER C 290 141.51 -39.24 28.31
CA SER C 290 141.91 -37.93 28.89
C SER C 290 143.38 -37.67 28.68
N LEU C 291 143.78 -36.42 28.92
CA LEU C 291 145.18 -36.04 28.91
C LEU C 291 145.61 -35.61 30.31
N VAL C 292 144.67 -35.60 31.27
CA VAL C 292 145.02 -35.16 32.62
C VAL C 292 144.42 -36.15 33.65
N GLY C 293 143.92 -37.28 33.14
CA GLY C 293 143.42 -38.31 34.03
C GLY C 293 144.27 -39.52 34.14
N ILE C 294 143.62 -40.66 34.37
CA ILE C 294 144.32 -41.95 34.47
C ILE C 294 144.55 -42.57 33.08
N ASP C 295 143.87 -42.04 32.07
CA ASP C 295 143.88 -42.64 30.75
C ASP C 295 145.33 -42.74 30.24
N PRO C 296 146.04 -41.62 30.26
CA PRO C 296 147.37 -41.64 29.66
C PRO C 296 148.27 -42.56 30.43
N PHE C 297 148.30 -42.49 31.74
CA PHE C 297 149.15 -43.45 32.45
C PHE C 297 148.78 -44.89 32.08
N ARG C 298 147.50 -45.21 32.10
CA ARG C 298 147.08 -46.60 31.84
C ARG C 298 147.56 -47.07 30.46
N LEU C 299 147.39 -46.21 29.46
CA LEU C 299 147.85 -46.52 28.14
C LEU C 299 149.33 -46.83 28.17
N LEU C 300 150.13 -45.99 28.83
CA LEU C 300 151.57 -46.23 28.90
C LEU C 300 151.91 -47.44 29.77
N GLN C 301 150.91 -48.10 30.38
CA GLN C 301 151.24 -49.25 31.23
C GLN C 301 151.38 -50.50 30.37
N ASN C 302 151.06 -50.37 29.09
CA ASN C 302 151.11 -51.50 28.14
C ASN C 302 151.82 -51.20 26.84
N SER C 303 152.39 -50.01 26.76
CA SER C 303 153.00 -49.56 25.54
C SER C 303 154.30 -50.32 25.35
N GLN C 304 154.63 -50.63 24.11
CA GLN C 304 155.86 -51.36 23.82
C GLN C 304 156.71 -50.42 22.97
N VAL C 305 157.23 -49.36 23.57
CA VAL C 305 157.97 -48.42 22.78
C VAL C 305 159.46 -48.71 22.82
N TYR C 306 160.07 -48.75 21.64
CA TYR C 306 161.51 -48.90 21.54
C TYR C 306 162.23 -47.64 21.13
N SER C 307 163.49 -47.54 21.53
CA SER C 307 164.29 -46.37 21.19
C SER C 307 165.72 -46.61 20.80
N LEU C 308 166.23 -45.86 19.83
CA LEU C 308 167.66 -45.96 19.47
C LEU C 308 168.47 -45.39 20.59
N ILE C 309 169.57 -46.06 20.84
CA ILE C 309 170.41 -45.72 21.98
C ILE C 309 171.89 -45.80 21.64
N ARG C 310 172.57 -44.66 21.81
CA ARG C 310 174.01 -44.59 21.56
C ARG C 310 174.86 -45.51 22.46
N PRO C 311 176.06 -45.97 21.97
CA PRO C 311 176.93 -47.00 22.59
C PRO C 311 177.19 -46.82 24.09
N ASN C 312 177.54 -45.60 24.49
CA ASN C 312 177.77 -45.40 25.91
C ASN C 312 176.61 -44.94 26.78
N GLU C 313 175.39 -44.88 26.23
CA GLU C 313 174.27 -44.29 26.97
C GLU C 313 173.60 -45.31 27.85
N ASN C 314 172.91 -44.82 28.88
CA ASN C 314 172.29 -45.68 29.83
C ASN C 314 170.84 -45.83 29.50
N PRO C 315 170.38 -47.05 29.19
CA PRO C 315 168.97 -47.30 28.87
C PRO C 315 167.98 -46.74 29.92
N ALA C 316 168.29 -47.03 31.18
CA ALA C 316 167.40 -46.69 32.26
C ALA C 316 167.22 -45.19 32.29
N HIS C 317 168.28 -44.52 31.84
CA HIS C 317 168.37 -43.08 31.87
C HIS C 317 167.55 -42.57 30.69
N LYS C 318 167.60 -43.33 29.59
CA LYS C 318 166.85 -42.95 28.39
C LYS C 318 165.34 -42.96 28.64
N SER C 319 164.86 -44.08 29.18
CA SER C 319 163.47 -44.23 29.53
C SER C 319 163.00 -43.08 30.42
N GLN C 320 163.84 -42.71 31.39
CA GLN C 320 163.46 -41.67 32.30
C GLN C 320 163.03 -40.45 31.50
N LEU C 321 163.93 -40.01 30.63
CA LEU C 321 163.71 -38.82 29.77
C LEU C 321 162.32 -38.84 29.13
N VAL C 322 162.15 -39.74 28.15
CA VAL C 322 160.80 -39.96 27.57
C VAL C 322 159.63 -39.95 28.53
N TRP C 323 159.77 -40.64 29.66
CA TRP C 323 158.73 -40.66 30.67
C TRP C 323 158.39 -39.26 31.15
N MET C 324 159.40 -38.38 31.22
CA MET C 324 159.14 -37.06 31.79
C MET C 324 158.50 -36.18 30.75
N ALA C 325 158.80 -36.49 29.47
CA ALA C 325 158.13 -35.80 28.37
C ALA C 325 156.70 -36.30 28.20
N CYS C 326 156.41 -37.52 28.62
CA CYS C 326 155.03 -37.94 28.51
C CYS C 326 154.05 -37.26 29.48
N HIS C 327 154.59 -36.65 30.51
CA HIS C 327 153.71 -35.91 31.38
C HIS C 327 154.06 -34.42 31.69
N SER C 328 155.05 -33.84 31.00
CA SER C 328 155.37 -32.43 31.27
C SER C 328 155.88 -32.36 32.75
N ALA C 329 156.82 -33.26 33.06
CA ALA C 329 157.37 -33.35 34.41
C ALA C 329 158.79 -32.90 34.31
N ALA C 330 159.09 -31.92 33.44
CA ALA C 330 160.50 -31.49 33.29
C ALA C 330 160.81 -30.45 34.29
N PHE C 331 159.82 -29.96 35.04
CA PHE C 331 160.11 -28.90 35.98
C PHE C 331 159.40 -29.29 37.22
N GLU C 332 159.11 -30.58 37.37
CA GLU C 332 158.39 -31.01 38.54
C GLU C 332 159.43 -31.27 39.65
N ASP C 333 158.98 -31.40 40.90
CA ASP C 333 159.89 -31.69 41.98
C ASP C 333 160.37 -33.14 41.84
N LEU C 334 161.69 -33.35 41.63
CA LEU C 334 162.21 -34.70 41.35
C LEU C 334 161.67 -35.68 42.37
N ARG C 335 161.52 -35.20 43.61
CA ARG C 335 161.04 -36.06 44.70
C ARG C 335 159.74 -36.71 44.36
N VAL C 336 158.78 -35.89 43.94
CA VAL C 336 157.47 -36.38 43.59
C VAL C 336 157.49 -37.22 42.30
N SER C 337 158.18 -36.72 41.26
CA SER C 337 158.35 -37.47 40.03
C SER C 337 158.83 -38.88 40.33
N SER C 338 159.83 -39.04 41.19
CA SER C 338 160.32 -40.38 41.51
C SER C 338 159.32 -41.15 42.32
N PHE C 339 158.49 -40.43 43.05
CA PHE C 339 157.59 -41.07 43.98
C PHE C 339 156.58 -41.78 43.12
N ILE C 340 155.99 -41.03 42.21
CA ILE C 340 154.95 -41.52 41.32
C ILE C 340 155.53 -42.51 40.27
N ARG C 341 156.73 -42.16 39.80
CA ARG C 341 157.43 -42.96 38.82
C ARG C 341 157.63 -44.37 39.31
N GLY C 342 158.05 -44.51 40.54
CA GLY C 342 158.24 -45.84 41.05
C GLY C 342 159.70 -46.14 41.25
N THR C 343 160.54 -45.34 40.59
CA THR C 343 162.00 -45.48 40.62
C THR C 343 162.74 -44.14 40.58
N LYS C 344 164.01 -44.16 40.91
CA LYS C 344 164.76 -42.90 40.85
C LYS C 344 164.54 -42.05 39.58
N VAL C 345 164.31 -40.76 39.79
CA VAL C 345 164.20 -39.83 38.71
C VAL C 345 165.41 -38.93 38.82
N VAL C 346 166.45 -39.35 38.14
CA VAL C 346 167.71 -38.66 38.25
C VAL C 346 167.71 -37.30 37.55
N PRO C 347 168.42 -36.30 38.11
CA PRO C 347 168.58 -34.95 37.57
C PRO C 347 169.21 -34.93 36.22
N ARG C 348 169.02 -33.81 35.51
CA ARG C 348 169.45 -33.70 34.12
C ARG C 348 170.92 -33.89 34.02
N GLY C 349 171.70 -33.18 34.83
CA GLY C 349 173.16 -33.34 34.74
C GLY C 349 173.65 -34.78 34.82
N LYS C 350 173.13 -35.54 35.76
CA LYS C 350 173.54 -36.90 35.97
C LYS C 350 172.91 -37.83 34.99
N LEU C 351 172.11 -37.27 34.08
CA LEU C 351 171.47 -38.09 33.08
C LEU C 351 172.37 -38.40 31.92
N SER C 352 172.46 -39.68 31.62
CA SER C 352 173.27 -40.14 30.49
C SER C 352 172.58 -40.19 29.14
N THR C 353 172.47 -39.05 28.48
CA THR C 353 171.88 -39.01 27.15
C THR C 353 171.90 -37.57 26.63
N ARG C 354 171.91 -37.46 25.30
CA ARG C 354 172.14 -36.18 24.65
C ARG C 354 170.85 -35.80 23.93
N GLY C 355 170.00 -36.78 23.68
CA GLY C 355 168.81 -36.46 22.95
C GLY C 355 168.31 -37.68 22.26
N VAL C 356 167.01 -37.74 22.08
CA VAL C 356 166.38 -38.93 21.60
C VAL C 356 166.52 -39.08 20.09
N GLN C 357 166.53 -37.94 19.38
CA GLN C 357 166.68 -37.96 17.93
C GLN C 357 168.12 -38.17 17.59
N ILE C 358 168.32 -38.84 16.49
CA ILE C 358 169.66 -39.16 16.06
C ILE C 358 170.09 -38.17 14.98
N ALA C 359 171.24 -37.54 15.20
CA ALA C 359 171.76 -36.57 14.28
C ALA C 359 172.43 -37.23 13.08
N SER C 360 172.43 -36.53 11.94
CA SER C 360 173.07 -36.98 10.66
C SER C 360 174.58 -37.26 10.79
N ASN C 361 175.15 -36.73 11.87
CA ASN C 361 176.54 -36.82 12.14
C ASN C 361 176.90 -38.23 12.49
N GLU C 362 176.05 -38.88 13.30
CA GLU C 362 176.41 -40.13 13.94
C GLU C 362 176.41 -41.23 12.97
N ASN C 363 176.87 -42.41 13.37
CA ASN C 363 176.88 -43.50 12.43
C ASN C 363 176.05 -44.58 12.98
N MET C 364 175.61 -45.48 12.12
CA MET C 364 174.77 -46.58 12.56
C MET C 364 175.54 -47.82 13.04
N GLU C 365 176.82 -47.89 12.69
CA GLU C 365 177.55 -49.11 12.95
C GLU C 365 177.50 -49.29 14.44
N THR C 366 177.83 -48.22 15.18
CA THR C 366 177.91 -48.30 16.63
C THR C 366 176.61 -47.85 17.23
N MET C 367 175.51 -48.42 16.79
CA MET C 367 174.20 -47.97 17.26
C MET C 367 173.34 -49.19 17.57
N GLU C 368 172.60 -49.14 18.66
CA GLU C 368 171.72 -50.23 19.03
C GLU C 368 170.47 -49.62 19.68
N SER C 369 169.53 -50.46 20.11
CA SER C 369 168.23 -49.95 20.54
C SER C 369 167.71 -50.67 21.77
N SER C 370 167.08 -49.95 22.70
CA SER C 370 166.53 -50.56 23.89
C SER C 370 165.03 -50.35 24.03
N THR C 371 164.42 -51.08 24.96
CA THR C 371 163.00 -51.01 25.19
C THR C 371 162.78 -50.05 26.36
N LEU C 372 161.98 -49.01 26.08
CA LEU C 372 161.81 -47.89 26.98
C LEU C 372 160.90 -48.29 28.11
N GLU C 373 161.32 -48.01 29.34
CA GLU C 373 160.50 -48.26 30.53
C GLU C 373 159.61 -47.06 30.81
N LEU C 374 158.34 -47.16 30.41
CA LEU C 374 157.39 -46.04 30.59
C LEU C 374 156.31 -46.21 31.65
N ARG C 375 156.25 -47.43 32.22
CA ARG C 375 155.34 -47.73 33.29
C ARG C 375 155.61 -46.84 34.50
N SER C 376 154.59 -46.55 35.31
CA SER C 376 154.76 -45.78 36.53
C SER C 376 154.13 -46.49 37.70
N ARG C 377 154.47 -46.07 38.90
CA ARG C 377 153.97 -46.72 40.10
C ARG C 377 152.52 -46.30 40.33
N TYR C 378 152.33 -45.02 40.60
CA TYR C 378 151.00 -44.49 40.77
C TYR C 378 150.74 -43.49 39.65
N TRP C 379 149.64 -42.76 39.77
CA TRP C 379 149.28 -41.67 38.89
C TRP C 379 148.69 -40.54 39.67
N ALA C 380 148.67 -39.37 39.04
CA ALA C 380 148.18 -38.18 39.69
C ALA C 380 147.46 -37.19 38.78
N ILE C 381 146.44 -36.51 39.29
CA ILE C 381 145.70 -35.65 38.40
C ILE C 381 146.61 -34.53 37.88
N ARG C 382 147.10 -34.59 36.63
CA ARG C 382 147.98 -33.50 36.18
C ARG C 382 147.20 -32.20 36.44
N THR C 383 147.69 -31.31 37.33
CA THR C 383 146.97 -30.05 37.65
C THR C 383 147.33 -28.85 36.78
N ARG C 384 146.69 -27.72 37.11
CA ARG C 384 146.93 -26.45 36.43
C ARG C 384 147.37 -25.39 37.44
N SER C 385 146.74 -25.43 38.60
CA SER C 385 147.06 -24.60 39.76
C SER C 385 148.53 -24.52 40.19
N GLY C 386 149.02 -23.33 40.51
CA GLY C 386 150.34 -23.18 41.11
C GLY C 386 150.39 -23.24 42.65
N GLY C 387 149.29 -23.60 43.35
CA GLY C 387 149.21 -23.49 44.84
C GLY C 387 149.21 -22.06 45.43
N ASN C 388 148.59 -21.87 46.60
CA ASN C 388 148.72 -20.59 47.33
C ASN C 388 148.44 -20.70 48.87
N THR C 389 149.04 -19.81 49.66
CA THR C 389 148.75 -19.74 51.11
C THR C 389 148.16 -18.37 51.52
N GLN C 398 136.39 22.02 51.88
CA GLN C 398 135.10 21.37 51.93
C GLN C 398 134.81 20.63 53.26
N ILE C 399 133.58 20.17 53.48
CA ILE C 399 133.15 19.51 54.73
C ILE C 399 132.11 18.40 54.44
N SER C 400 131.49 18.51 53.28
CA SER C 400 130.52 17.53 52.82
C SER C 400 130.69 17.36 51.33
N ILE C 401 130.19 16.24 50.81
CA ILE C 401 130.20 15.97 49.40
C ILE C 401 128.81 16.09 48.79
N GLN C 402 128.70 16.90 47.73
CA GLN C 402 127.44 17.02 46.93
C GLN C 402 127.36 15.87 45.93
N PRO C 403 126.33 15.05 45.99
CA PRO C 403 126.37 13.87 45.10
C PRO C 403 125.95 14.19 43.65
N THR C 404 126.72 13.68 42.68
CA THR C 404 126.42 13.99 41.29
C THR C 404 125.91 12.76 40.61
N PHE C 405 126.15 11.59 41.16
CA PHE C 405 125.65 10.39 40.46
C PHE C 405 124.85 9.46 41.36
N SER C 406 124.16 8.52 40.72
CA SER C 406 123.33 7.64 41.45
C SER C 406 124.11 6.33 41.65
N VAL C 407 124.79 6.20 42.78
CA VAL C 407 125.49 4.97 43.10
C VAL C 407 125.51 4.67 44.60
N GLN C 408 125.76 3.42 44.96
CA GLN C 408 125.93 3.05 46.36
C GLN C 408 127.18 3.66 46.98
N ARG C 409 126.97 4.79 47.65
CA ARG C 409 128.06 5.56 48.21
C ARG C 409 127.78 6.20 49.55
N ASN C 410 128.62 5.83 50.53
CA ASN C 410 128.59 6.50 51.82
C ASN C 410 128.81 7.99 51.58
N LEU C 411 127.87 8.84 51.95
CA LEU C 411 128.12 10.22 51.65
C LEU C 411 128.91 10.95 52.73
N PRO C 412 130.15 11.38 52.45
CA PRO C 412 131.02 12.09 53.43
C PRO C 412 130.64 13.47 53.89
N SER C 431 149.82 2.04 45.97
CA SER C 431 151.15 2.69 45.85
C SER C 431 151.89 2.11 44.65
N ASP C 432 152.92 1.29 44.92
CA ASP C 432 153.55 0.50 43.86
C ASP C 432 152.97 -0.88 43.98
N MET C 433 152.29 -1.38 42.96
CA MET C 433 151.71 -2.74 43.07
C MET C 433 152.82 -3.79 43.31
N ARG C 434 154.06 -3.40 42.97
CA ARG C 434 155.23 -4.21 43.26
C ARG C 434 155.27 -4.55 44.72
N THR C 435 155.20 -3.51 45.53
CA THR C 435 155.21 -3.61 46.99
C THR C 435 154.22 -4.68 47.47
N GLU C 436 152.99 -4.59 46.97
CA GLU C 436 151.98 -5.53 47.36
C GLU C 436 152.54 -6.97 47.23
N ILE C 437 153.08 -7.27 46.05
CA ILE C 437 153.62 -8.59 45.74
C ILE C 437 154.83 -8.93 46.59
N ILE C 438 155.79 -8.02 46.58
CA ILE C 438 157.01 -8.20 47.37
C ILE C 438 156.66 -8.56 48.80
N ARG C 439 155.59 -7.95 49.31
CA ARG C 439 155.09 -8.21 50.64
C ARG C 439 154.48 -9.62 50.71
N LEU C 440 153.92 -10.08 49.60
CA LEU C 440 153.30 -11.39 49.58
C LEU C 440 154.39 -12.41 49.40
N MET C 441 155.17 -12.27 48.30
CA MET C 441 156.47 -12.98 48.19
C MET C 441 157.14 -13.38 49.55
N GLU C 442 157.43 -12.38 50.38
CA GLU C 442 157.98 -12.54 51.73
C GLU C 442 157.37 -13.62 52.62
N SER C 443 156.07 -13.52 52.89
CA SER C 443 155.46 -14.41 53.89
C SER C 443 155.52 -15.84 53.44
N ALA C 444 155.97 -16.03 52.20
CA ALA C 444 155.99 -17.34 51.56
C ALA C 444 157.21 -18.18 51.92
N ARG C 445 156.96 -19.38 52.48
CA ARG C 445 158.03 -20.34 52.77
C ARG C 445 158.04 -21.57 51.83
N PRO C 446 159.24 -22.02 51.45
CA PRO C 446 159.34 -23.09 50.50
C PRO C 446 158.67 -24.29 51.05
N GLU C 447 158.64 -24.41 52.38
CA GLU C 447 157.97 -25.53 53.07
C GLU C 447 156.44 -25.47 53.04
N ASP C 448 155.91 -24.34 52.55
CA ASP C 448 154.46 -24.12 52.48
C ASP C 448 153.73 -25.16 51.65
N VAL C 449 152.92 -25.96 52.32
CA VAL C 449 152.24 -27.08 51.73
C VAL C 449 151.23 -26.62 50.70
N SER C 450 151.26 -27.17 49.47
CA SER C 450 150.19 -26.94 48.44
C SER C 450 149.31 -28.18 48.13
N PHE C 451 148.21 -27.96 47.40
CA PHE C 451 147.30 -29.05 47.04
C PHE C 451 146.94 -29.86 48.29
N GLN C 452 146.59 -29.14 49.35
CA GLN C 452 146.27 -29.75 50.64
C GLN C 452 145.21 -30.87 50.44
N GLY C 453 145.42 -32.05 51.01
CA GLY C 453 144.47 -33.13 50.80
C GLY C 453 144.56 -33.95 49.49
N ARG C 454 145.01 -33.31 48.38
CA ARG C 454 145.24 -33.98 47.09
C ARG C 454 146.31 -35.02 47.23
N GLY C 455 146.14 -36.16 46.58
CA GLY C 455 147.12 -37.26 46.68
C GLY C 455 147.38 -37.98 45.37
N VAL C 456 147.85 -39.22 45.48
CA VAL C 456 148.26 -39.97 44.30
C VAL C 456 147.33 -41.14 44.22
N PHE C 457 147.12 -41.65 43.01
CA PHE C 457 146.19 -42.76 42.91
C PHE C 457 146.88 -44.00 42.41
N GLU C 458 146.44 -45.14 42.92
CA GLU C 458 146.89 -46.42 42.41
C GLU C 458 146.41 -46.54 40.97
N LEU C 459 147.08 -47.43 40.22
CA LEU C 459 146.71 -47.60 38.83
C LEU C 459 145.48 -48.47 38.69
N SER C 460 145.04 -49.13 39.78
CA SER C 460 143.76 -49.83 39.78
C SER C 460 142.61 -48.83 40.00
N ASP C 461 142.87 -47.75 40.73
CA ASP C 461 141.84 -46.80 41.12
C ASP C 461 141.41 -45.96 39.97
N GLU C 462 140.53 -46.54 39.17
CA GLU C 462 140.14 -45.93 37.90
C GLU C 462 139.45 -44.62 38.11
N LYS C 463 138.48 -44.68 39.00
CA LYS C 463 137.73 -43.54 39.50
C LYS C 463 138.70 -42.76 40.38
N ALA C 464 138.40 -41.52 40.67
CA ALA C 464 139.29 -40.80 41.58
C ALA C 464 139.00 -41.07 43.07
N THR C 465 138.43 -42.23 43.33
CA THR C 465 137.96 -42.60 44.64
C THR C 465 138.90 -42.36 45.77
N SER C 466 139.83 -43.28 46.01
CA SER C 466 140.74 -43.15 47.15
C SER C 466 142.14 -42.60 46.88
N PRO C 467 142.45 -41.45 47.49
CA PRO C 467 143.72 -40.70 47.31
C PRO C 467 144.79 -41.18 48.27
N ILE C 468 146.06 -40.94 47.95
CA ILE C 468 147.14 -41.39 48.80
C ILE C 468 148.07 -40.27 49.01
N VAL C 469 148.38 -40.00 50.27
CA VAL C 469 149.25 -38.88 50.60
C VAL C 469 150.69 -39.32 50.79
N PRO C 470 151.62 -38.74 50.03
CA PRO C 470 153.03 -39.07 50.13
C PRO C 470 153.73 -38.33 51.24
N SER C 471 154.63 -39.06 51.89
CA SER C 471 155.38 -38.50 52.98
C SER C 471 156.82 -38.53 52.48
N PHE C 472 157.43 -37.35 52.32
CA PHE C 472 158.81 -37.27 51.79
C PHE C 472 159.99 -37.41 52.77
N ASP C 473 159.69 -37.71 54.04
CA ASP C 473 160.76 -37.97 54.99
C ASP C 473 161.48 -39.15 54.36
N MET C 474 162.67 -38.91 53.81
CA MET C 474 163.32 -39.94 52.97
C MET C 474 164.66 -39.51 52.42
N SER C 475 165.50 -40.45 52.01
CA SER C 475 166.79 -40.05 51.44
C SER C 475 166.51 -39.82 50.01
N ASN C 476 166.20 -38.58 49.68
CA ASN C 476 165.81 -38.18 48.33
C ASN C 476 167.04 -37.95 47.47
N GLU C 477 166.88 -37.31 46.32
CA GLU C 477 167.99 -37.05 45.42
C GLU C 477 167.86 -35.66 44.74
N GLY C 478 167.43 -34.65 45.50
CA GLY C 478 167.20 -33.35 44.85
C GLY C 478 165.73 -33.03 44.55
N SER C 479 165.52 -31.83 44.03
CA SER C 479 164.20 -31.41 43.64
C SER C 479 164.21 -30.71 42.28
N TYR C 480 165.35 -30.23 41.83
CA TYR C 480 165.44 -29.48 40.61
C TYR C 480 166.04 -30.27 39.44
N PHE C 481 165.21 -30.86 38.59
CA PHE C 481 165.71 -31.52 37.41
C PHE C 481 166.85 -30.75 36.73
N PHE C 482 166.85 -29.43 36.82
CA PHE C 482 167.88 -28.64 36.17
C PHE C 482 168.83 -27.90 37.16
N ASN D 14 118.23 -36.46 26.10
CA ASN D 14 119.51 -37.03 25.55
C ASN D 14 119.44 -37.35 24.05
N ALA D 15 119.82 -36.31 23.30
CA ALA D 15 119.85 -36.32 21.85
C ALA D 15 121.18 -36.86 21.29
N THR D 16 121.93 -37.60 22.10
CA THR D 16 123.21 -38.09 21.61
C THR D 16 123.05 -39.48 21.04
N GLU D 17 122.78 -40.45 21.90
CA GLU D 17 122.67 -41.83 21.46
C GLU D 17 121.44 -41.94 20.55
N ILE D 18 120.27 -41.81 21.17
CA ILE D 18 118.99 -41.97 20.48
C ILE D 18 118.94 -41.25 19.12
N ARG D 19 119.35 -39.99 19.03
CA ARG D 19 119.21 -39.28 17.76
C ARG D 19 120.30 -39.61 16.76
N ALA D 20 121.46 -39.99 17.26
CA ALA D 20 122.59 -40.17 16.38
C ALA D 20 122.85 -41.65 16.10
N SER D 21 122.48 -42.51 17.04
CA SER D 21 122.64 -43.93 16.83
C SER D 21 121.64 -44.45 15.81
N VAL D 22 120.54 -43.72 15.68
CA VAL D 22 119.50 -44.21 14.79
C VAL D 22 119.81 -43.61 13.43
N GLY D 23 120.56 -42.51 13.49
CA GLY D 23 121.10 -41.93 12.29
C GLY D 23 122.10 -42.85 11.62
N LYS D 24 122.81 -43.58 12.46
CA LYS D 24 123.82 -44.44 11.98
C LYS D 24 123.16 -45.64 11.36
N MET D 25 121.97 -45.96 11.85
CA MET D 25 121.32 -47.12 11.26
C MET D 25 120.68 -46.70 9.94
N ILE D 26 120.38 -45.40 9.81
CA ILE D 26 119.77 -44.90 8.62
C ILE D 26 120.84 -44.79 7.52
N ASP D 27 122.04 -44.33 7.90
CA ASP D 27 123.21 -44.25 7.00
C ASP D 27 123.45 -45.60 6.39
N GLY D 28 123.28 -46.66 7.18
CA GLY D 28 123.62 -47.96 6.64
C GLY D 28 122.71 -48.28 5.49
N ILE D 29 121.41 -48.04 5.68
CA ILE D 29 120.44 -48.45 4.70
C ILE D 29 120.74 -47.64 3.44
N GLY D 30 121.03 -46.35 3.63
CA GLY D 30 121.36 -45.46 2.52
C GLY D 30 122.53 -46.02 1.73
N ARG D 31 123.72 -45.89 2.30
CA ARG D 31 124.94 -46.47 1.76
C ARG D 31 124.67 -47.81 1.06
N PHE D 32 124.05 -48.76 1.76
CA PHE D 32 123.79 -50.04 1.13
C PHE D 32 122.96 -49.88 -0.21
N TYR D 33 121.80 -49.25 -0.12
CA TYR D 33 121.01 -48.99 -1.29
C TYR D 33 121.80 -48.40 -2.43
N ILE D 34 122.71 -47.49 -2.13
CA ILE D 34 123.54 -46.90 -3.14
C ILE D 34 124.46 -47.98 -3.77
N GLN D 35 125.10 -48.78 -2.92
CA GLN D 35 126.02 -49.84 -3.39
C GLN D 35 125.28 -50.81 -4.27
N MET D 36 124.17 -51.25 -3.74
CA MET D 36 123.33 -52.17 -4.47
C MET D 36 122.79 -51.58 -5.75
N CYS D 37 122.50 -50.29 -5.78
CA CYS D 37 122.15 -49.74 -7.05
C CYS D 37 123.33 -49.75 -7.99
N THR D 38 124.50 -49.46 -7.46
CA THR D 38 125.70 -49.44 -8.31
C THR D 38 125.99 -50.84 -8.94
N GLU D 39 125.53 -51.92 -8.30
CA GLU D 39 125.74 -53.25 -8.84
C GLU D 39 124.79 -53.45 -10.00
N LEU D 40 123.51 -53.24 -9.72
CA LEU D 40 122.53 -53.44 -10.75
C LEU D 40 122.74 -52.47 -11.92
N LYS D 41 123.68 -51.55 -11.75
CA LYS D 41 123.96 -50.58 -12.80
C LYS D 41 122.69 -49.85 -13.18
N LEU D 42 121.77 -49.63 -12.22
CA LEU D 42 120.60 -48.73 -12.46
C LEU D 42 120.91 -47.24 -12.61
N SER D 43 119.96 -46.51 -13.19
CA SER D 43 120.09 -45.07 -13.39
C SER D 43 119.54 -44.33 -12.18
N ASP D 44 119.62 -42.99 -12.22
CA ASP D 44 119.06 -42.18 -11.15
C ASP D 44 117.56 -42.35 -11.12
N TYR D 45 116.92 -42.20 -12.27
CA TYR D 45 115.48 -42.36 -12.28
C TYR D 45 115.13 -43.76 -11.89
N GLU D 46 115.99 -44.70 -12.24
CA GLU D 46 115.67 -46.09 -11.99
C GLU D 46 116.03 -46.53 -10.56
N GLY D 47 116.66 -45.64 -9.80
CA GLY D 47 116.99 -45.98 -8.43
C GLY D 47 115.96 -45.34 -7.54
N ARG D 48 115.17 -44.46 -8.14
CA ARG D 48 114.13 -43.76 -7.36
C ARG D 48 112.77 -44.42 -7.50
N LEU D 49 112.78 -45.57 -8.17
CA LEU D 49 111.57 -46.29 -8.45
C LEU D 49 111.19 -47.16 -7.27
N ILE D 50 110.27 -46.68 -6.48
CA ILE D 50 109.89 -47.43 -5.32
C ILE D 50 109.79 -48.90 -5.55
N GLN D 51 109.43 -49.29 -6.77
CA GLN D 51 109.36 -50.68 -7.18
C GLN D 51 110.72 -51.35 -6.97
N ASN D 52 111.72 -50.94 -7.75
CA ASN D 52 113.04 -51.49 -7.58
C ASN D 52 113.48 -51.40 -6.15
N SER D 53 113.24 -50.29 -5.45
CA SER D 53 113.72 -50.20 -4.09
C SER D 53 113.18 -51.37 -3.31
N LEU D 54 111.87 -51.59 -3.36
CA LEU D 54 111.26 -52.70 -2.63
C LEU D 54 111.95 -54.02 -2.86
N THR D 55 112.09 -54.38 -4.12
CA THR D 55 112.72 -55.61 -4.48
C THR D 55 114.06 -55.72 -3.74
N ILE D 56 114.86 -54.67 -3.80
CA ILE D 56 116.13 -54.72 -3.12
C ILE D 56 115.98 -54.96 -1.62
N GLU D 57 115.03 -54.27 -1.00
CA GLU D 57 114.89 -54.37 0.42
C GLU D 57 114.56 -55.78 0.82
N ARG D 58 113.73 -56.44 0.01
CA ARG D 58 113.30 -57.79 0.35
C ARG D 58 114.42 -58.82 0.09
N MET D 59 115.17 -58.66 -1.02
CA MET D 59 116.41 -59.43 -1.30
C MET D 59 117.32 -59.50 -0.10
N VAL D 60 117.20 -58.51 0.76
CA VAL D 60 118.18 -58.44 1.80
C VAL D 60 117.62 -59.08 3.01
N LEU D 61 116.38 -58.77 3.34
CA LEU D 61 115.78 -59.31 4.52
C LEU D 61 115.67 -60.84 4.37
N SER D 62 115.47 -61.31 3.13
CA SER D 62 115.43 -62.73 2.83
C SER D 62 116.82 -63.32 3.12
N ALA D 63 117.84 -62.67 2.60
CA ALA D 63 119.18 -63.21 2.73
C ALA D 63 119.63 -63.20 4.19
N PHE D 64 119.11 -62.32 5.02
CA PHE D 64 119.52 -62.32 6.40
C PHE D 64 118.53 -63.07 7.27
N ASP D 65 117.76 -63.97 6.66
CA ASP D 65 116.68 -64.73 7.35
C ASP D 65 115.95 -65.75 6.44
N THR D 85 119.09 -65.02 -3.29
CA THR D 85 117.70 -64.68 -3.63
C THR D 85 117.71 -63.72 -4.78
N GLY D 86 116.53 -63.49 -5.34
CA GLY D 86 116.40 -62.69 -6.55
C GLY D 86 115.16 -61.83 -6.41
N GLY D 87 114.74 -61.20 -7.50
CA GLY D 87 113.54 -60.38 -7.46
C GLY D 87 113.32 -59.61 -8.76
N PRO D 88 112.16 -58.92 -8.83
CA PRO D 88 111.72 -58.18 -10.00
C PRO D 88 112.42 -56.82 -10.09
N ILE D 89 113.07 -56.58 -11.21
CA ILE D 89 113.79 -55.31 -11.37
C ILE D 89 113.43 -54.60 -12.65
N TYR D 90 112.80 -53.45 -12.54
CA TYR D 90 112.33 -52.73 -13.71
C TYR D 90 113.33 -51.73 -14.30
N ARG D 91 113.44 -51.79 -15.63
CA ARG D 91 114.43 -51.01 -16.33
C ARG D 91 113.74 -50.07 -17.30
N ARG D 92 114.43 -48.99 -17.68
CA ARG D 92 113.82 -47.98 -18.55
C ARG D 92 114.49 -47.95 -19.92
N VAL D 93 113.79 -48.40 -20.96
CA VAL D 93 114.31 -48.25 -22.34
C VAL D 93 113.47 -47.22 -23.10
N ASP D 94 114.04 -46.64 -24.17
CA ASP D 94 113.33 -45.68 -25.02
C ASP D 94 111.82 -45.93 -24.93
N GLY D 95 111.08 -45.10 -24.20
CA GLY D 95 109.64 -45.22 -24.18
C GLY D 95 109.03 -46.06 -23.09
N LYS D 96 109.36 -47.36 -23.08
CA LYS D 96 108.65 -48.37 -22.23
C LYS D 96 109.46 -49.00 -21.13
N TRP D 97 108.80 -49.65 -20.19
CA TRP D 97 109.53 -50.18 -19.03
C TRP D 97 109.76 -51.68 -19.14
N ARG D 98 110.99 -52.11 -18.93
CA ARG D 98 111.30 -53.52 -19.07
C ARG D 98 111.56 -54.14 -17.70
N ARG D 99 110.81 -55.20 -17.39
CA ARG D 99 110.96 -55.91 -16.13
C ARG D 99 112.03 -57.00 -16.23
N GLU D 100 113.08 -56.94 -15.44
CA GLU D 100 114.07 -58.02 -15.38
C GLU D 100 113.93 -58.94 -14.18
N LEU D 101 113.97 -60.23 -14.42
CA LEU D 101 113.89 -61.17 -13.32
C LEU D 101 115.30 -61.56 -12.99
N ILE D 102 115.83 -61.16 -11.82
CA ILE D 102 117.24 -61.45 -11.52
C ILE D 102 117.47 -62.14 -10.20
N LEU D 103 118.66 -62.72 -10.06
CA LEU D 103 119.05 -63.46 -8.85
C LEU D 103 120.45 -63.06 -8.37
N TYR D 104 120.65 -63.02 -7.06
CA TYR D 104 121.96 -62.63 -6.48
C TYR D 104 122.46 -63.62 -5.41
N ASP D 105 123.77 -63.73 -5.26
CA ASP D 105 124.30 -64.62 -4.26
C ASP D 105 123.77 -64.25 -2.89
N LYS D 106 122.89 -65.07 -2.35
CA LYS D 106 122.35 -64.74 -1.01
C LYS D 106 123.43 -64.22 -0.06
N GLU D 107 124.69 -64.64 -0.26
CA GLU D 107 125.73 -64.25 0.68
C GLU D 107 126.37 -62.99 0.22
N GLU D 108 126.52 -62.88 -1.08
CA GLU D 108 126.99 -61.64 -1.60
C GLU D 108 126.19 -60.48 -1.00
N ILE D 109 124.87 -60.66 -0.93
CA ILE D 109 123.98 -59.61 -0.41
C ILE D 109 124.33 -59.32 1.02
N ARG D 110 124.53 -60.39 1.77
CA ARG D 110 124.88 -60.23 3.17
C ARG D 110 126.24 -59.57 3.31
N ARG D 111 127.10 -59.78 2.33
CA ARG D 111 128.41 -59.21 2.36
C ARG D 111 128.34 -57.68 2.15
N ILE D 112 127.63 -57.31 1.09
CA ILE D 112 127.50 -55.90 0.73
C ILE D 112 126.83 -55.12 1.85
N TRP D 113 125.83 -55.75 2.48
CA TRP D 113 125.12 -55.15 3.60
C TRP D 113 126.11 -54.73 4.67
N ARG D 114 126.90 -55.66 5.20
CA ARG D 114 127.78 -55.36 6.33
C ARG D 114 128.81 -54.32 5.91
N GLN D 115 129.35 -54.50 4.70
CA GLN D 115 130.24 -53.51 4.19
C GLN D 115 129.72 -52.12 4.47
N ALA D 116 128.40 -51.92 4.25
CA ALA D 116 127.80 -50.58 4.41
C ALA D 116 127.72 -50.25 5.87
N ASN D 117 127.31 -51.19 6.71
CA ASN D 117 127.27 -50.94 8.18
C ASN D 117 128.56 -51.20 8.96
N ASN D 118 129.72 -51.00 8.33
CA ASN D 118 130.97 -51.26 9.02
C ASN D 118 131.19 -52.73 9.46
N GLY D 119 130.67 -53.65 8.68
CA GLY D 119 130.82 -55.04 9.06
C GLY D 119 129.97 -55.41 10.25
N ASP D 120 129.09 -54.49 10.64
CA ASP D 120 128.12 -54.79 11.68
C ASP D 120 126.91 -55.51 11.14
N ASP D 121 126.04 -55.92 12.05
CA ASP D 121 124.84 -56.64 11.62
C ASP D 121 123.70 -55.66 11.40
N ALA D 122 123.70 -54.66 12.28
CA ALA D 122 122.72 -53.61 12.31
C ALA D 122 121.36 -54.25 12.16
N THR D 123 120.96 -55.07 13.13
CA THR D 123 119.64 -55.72 13.04
C THR D 123 118.60 -54.64 12.97
N ALA D 124 118.82 -53.58 13.72
CA ALA D 124 117.95 -52.44 13.64
C ALA D 124 117.62 -52.09 12.19
N GLY D 125 118.68 -51.96 11.40
CA GLY D 125 118.51 -51.61 10.00
C GLY D 125 117.59 -52.53 9.21
N LEU D 126 117.72 -53.83 9.38
CA LEU D 126 116.93 -54.78 8.63
C LEU D 126 115.51 -54.71 9.17
N THR D 127 115.43 -54.52 10.49
CA THR D 127 114.18 -54.46 11.18
C THR D 127 113.46 -53.24 10.69
N HIS D 128 114.21 -52.18 10.32
CA HIS D 128 113.61 -50.93 9.87
C HIS D 128 112.84 -51.14 8.57
N MET D 129 113.44 -51.88 7.65
CA MET D 129 112.83 -52.09 6.36
C MET D 129 111.83 -53.16 6.60
N MET D 130 111.97 -53.85 7.74
CA MET D 130 111.05 -54.93 8.11
C MET D 130 109.76 -54.20 8.41
N ILE D 131 109.83 -53.00 8.95
CA ILE D 131 108.62 -52.25 9.28
C ILE D 131 108.04 -51.46 8.09
N TRP D 132 108.94 -50.94 7.28
CA TRP D 132 108.49 -50.13 6.20
C TRP D 132 107.57 -51.04 5.40
N HIS D 133 107.94 -52.30 5.33
CA HIS D 133 107.15 -53.23 4.59
C HIS D 133 105.86 -53.41 5.35
N SER D 134 105.99 -53.54 6.66
CA SER D 134 104.79 -53.75 7.47
C SER D 134 103.77 -52.63 7.24
N ASN D 135 104.22 -51.42 7.44
CA ASN D 135 103.35 -50.30 7.41
C ASN D 135 102.67 -50.09 6.06
N LEU D 136 103.34 -50.57 5.00
CA LEU D 136 102.84 -50.60 3.66
C LEU D 136 101.80 -51.68 3.53
N ASN D 137 101.93 -52.74 4.29
CA ASN D 137 101.02 -53.85 4.08
C ASN D 137 99.77 -53.62 4.91
N ASP D 138 99.93 -52.96 6.02
CA ASP D 138 98.84 -52.67 6.86
C ASP D 138 97.93 -51.60 6.19
N ALA D 139 98.42 -51.00 5.13
CA ALA D 139 97.64 -50.00 4.41
C ALA D 139 97.19 -50.44 3.04
N THR D 140 97.95 -51.31 2.39
CA THR D 140 97.60 -51.77 1.06
C THR D 140 96.51 -52.81 1.20
N TYR D 141 96.59 -53.62 2.28
CA TYR D 141 95.67 -54.76 2.47
C TYR D 141 94.87 -54.82 3.76
N GLN D 142 93.75 -55.52 3.68
CA GLN D 142 92.92 -55.71 4.83
C GLN D 142 92.94 -57.18 5.14
N ARG D 143 93.27 -57.51 6.38
CA ARG D 143 93.57 -58.91 6.71
C ARG D 143 92.40 -59.53 7.46
N THR D 144 91.31 -59.77 6.73
CA THR D 144 90.09 -60.25 7.35
C THR D 144 90.12 -61.76 7.41
N ARG D 145 90.51 -62.37 6.28
CA ARG D 145 90.55 -63.84 6.16
C ARG D 145 91.21 -64.47 7.41
N ALA D 146 92.28 -63.84 7.85
CA ALA D 146 93.04 -64.32 8.98
C ALA D 146 92.39 -64.07 10.32
N LEU D 147 91.70 -62.93 10.46
CA LEU D 147 91.12 -62.55 11.78
C LEU D 147 90.00 -63.53 12.19
N VAL D 148 89.16 -63.82 11.20
CA VAL D 148 87.98 -64.64 11.37
C VAL D 148 88.39 -66.10 11.61
N ARG D 149 89.28 -66.59 10.72
CA ARG D 149 89.84 -67.92 10.86
C ARG D 149 90.51 -68.09 12.23
N THR D 150 90.97 -66.98 12.83
CA THR D 150 91.45 -67.00 14.22
C THR D 150 90.29 -66.90 15.22
N GLY D 151 89.22 -66.19 14.85
CA GLY D 151 88.06 -66.14 15.73
C GLY D 151 88.00 -64.78 16.37
N MET D 152 88.46 -63.80 15.57
CA MET D 152 88.47 -62.36 15.91
C MET D 152 87.46 -61.67 14.98
N ASP D 153 86.82 -60.62 15.47
CA ASP D 153 85.85 -59.97 14.61
C ASP D 153 86.52 -59.14 13.49
N PRO D 154 86.12 -59.34 12.21
CA PRO D 154 86.72 -58.64 11.06
C PRO D 154 86.74 -57.15 11.24
N ARG D 155 85.77 -56.64 11.95
CA ARG D 155 85.77 -55.23 12.30
C ARG D 155 86.81 -54.81 13.32
N MET D 156 87.80 -55.66 13.59
CA MET D 156 88.88 -55.30 14.53
C MET D 156 90.15 -54.92 13.80
N CYS D 157 89.98 -54.37 12.58
CA CYS D 157 91.06 -53.81 11.75
C CYS D 157 92.05 -52.92 12.47
N SER D 158 91.54 -51.89 13.17
CA SER D 158 92.37 -50.89 13.89
C SER D 158 93.27 -51.41 15.03
N LEU D 159 93.28 -52.72 15.20
CA LEU D 159 93.99 -53.35 16.26
C LEU D 159 94.99 -54.31 15.64
N MET D 160 94.98 -54.50 14.32
CA MET D 160 95.94 -55.40 13.70
C MET D 160 97.22 -54.73 13.12
N GLN D 161 97.69 -53.67 13.78
CA GLN D 161 98.89 -53.02 13.34
C GLN D 161 100.20 -53.84 13.45
N GLY D 162 100.67 -54.35 12.34
CA GLY D 162 101.90 -55.08 12.35
C GLY D 162 101.60 -56.57 12.37
N SER D 163 100.39 -56.97 12.00
CA SER D 163 100.14 -58.39 11.92
C SER D 163 101.08 -59.06 10.88
N THR D 164 101.65 -58.31 9.94
CA THR D 164 102.44 -58.92 8.86
C THR D 164 103.92 -59.02 9.27
N LEU D 165 104.19 -58.35 10.37
CA LEU D 165 105.54 -58.12 10.74
C LEU D 165 106.17 -59.37 11.31
N PRO D 166 107.09 -59.99 10.56
CA PRO D 166 107.71 -61.25 11.04
C PRO D 166 108.12 -61.17 12.54
N ARG D 167 107.87 -62.25 13.25
CA ARG D 167 108.31 -62.41 14.65
C ARG D 167 109.80 -62.08 14.85
N ARG D 168 110.63 -62.37 13.84
CA ARG D 168 112.04 -61.98 13.83
C ARG D 168 112.24 -60.49 14.18
N SER D 169 111.22 -59.66 13.94
CA SER D 169 111.31 -58.25 14.28
C SER D 169 111.88 -58.08 15.67
N GLY D 170 112.56 -56.98 15.88
CA GLY D 170 113.19 -56.75 17.16
C GLY D 170 112.27 -56.35 18.28
N ALA D 171 112.89 -55.95 19.38
CA ALA D 171 112.13 -55.57 20.55
C ALA D 171 111.34 -54.25 20.30
N ALA D 172 111.91 -53.36 19.47
CA ALA D 172 111.33 -52.03 19.24
C ALA D 172 110.50 -52.21 17.97
N GLY D 173 110.58 -53.43 17.44
CA GLY D 173 109.72 -53.89 16.36
C GLY D 173 108.33 -54.33 16.82
N ALA D 174 108.22 -54.90 18.02
CA ALA D 174 106.95 -55.36 18.49
C ALA D 174 106.22 -54.17 19.10
N ALA D 175 106.93 -53.21 19.67
CA ALA D 175 106.24 -52.03 20.28
C ALA D 175 105.27 -51.29 19.31
N VAL D 176 105.45 -51.56 18.02
CA VAL D 176 104.68 -50.89 17.01
C VAL D 176 103.39 -51.66 16.84
N LYS D 177 103.37 -52.92 17.30
CA LYS D 177 102.19 -53.80 17.19
C LYS D 177 100.89 -53.35 17.89
N GLY D 178 99.76 -53.52 17.20
CA GLY D 178 98.48 -53.23 17.84
C GLY D 178 98.06 -54.35 18.78
N VAL D 179 97.19 -54.01 19.74
CA VAL D 179 96.70 -54.95 20.77
C VAL D 179 96.15 -56.22 20.09
N GLY D 180 95.30 -56.00 19.09
CA GLY D 180 94.74 -57.04 18.31
C GLY D 180 95.81 -57.88 17.67
N THR D 181 97.00 -57.33 17.45
CA THR D 181 98.00 -58.11 16.70
C THR D 181 98.47 -59.25 17.58
N MET D 182 98.60 -58.95 18.85
CA MET D 182 99.19 -59.86 19.76
C MET D 182 98.26 -61.04 19.95
N VAL D 183 96.99 -60.71 20.20
CA VAL D 183 95.91 -61.68 20.35
C VAL D 183 95.86 -62.74 19.20
N MET D 184 95.98 -62.34 17.95
CA MET D 184 95.92 -63.28 16.86
C MET D 184 97.00 -64.37 16.97
N GLU D 185 98.09 -64.00 17.66
CA GLU D 185 99.27 -64.87 17.81
C GLU D 185 99.06 -65.91 18.92
N LEU D 186 99.00 -65.40 20.16
CA LEU D 186 98.65 -66.21 21.29
C LEU D 186 97.49 -67.16 20.97
N ILE D 187 96.37 -66.64 20.47
CA ILE D 187 95.24 -67.47 20.05
C ILE D 187 95.65 -68.60 19.08
N ARG D 188 96.65 -68.40 18.23
CA ARG D 188 97.00 -69.49 17.33
C ARG D 188 97.98 -70.41 18.03
N MET D 189 98.87 -69.78 18.79
CA MET D 189 99.87 -70.52 19.57
C MET D 189 99.08 -71.43 20.52
N ILE D 190 98.17 -70.83 21.29
CA ILE D 190 97.22 -71.56 22.14
C ILE D 190 96.30 -72.53 21.36
N LYS D 191 95.63 -72.07 20.29
CA LYS D 191 94.67 -72.91 19.58
C LYS D 191 95.26 -74.24 19.08
N ARG D 192 96.44 -74.24 18.50
CA ARG D 192 97.01 -75.50 18.06
C ARG D 192 97.49 -76.43 19.22
N GLY D 193 98.10 -75.79 20.24
CA GLY D 193 98.58 -76.46 21.48
C GLY D 193 97.43 -77.05 22.27
N ILE D 194 96.54 -76.17 22.76
CA ILE D 194 95.33 -76.60 23.47
C ILE D 194 94.49 -77.43 22.53
N ASN D 195 94.64 -77.44 21.32
CA ASN D 195 93.92 -78.38 20.46
C ASN D 195 94.72 -79.68 20.49
N ARG D 206 108.29 -76.91 24.79
CA ARG D 206 108.83 -76.83 26.14
C ARG D 206 109.12 -75.40 26.59
N ARG D 207 110.12 -74.82 25.94
CA ARG D 207 110.57 -73.46 26.17
C ARG D 207 109.51 -72.47 25.72
N THR D 208 108.55 -72.97 24.92
CA THR D 208 107.41 -72.21 24.42
C THR D 208 106.68 -71.39 25.49
N ARG D 209 106.91 -71.70 26.75
CA ARG D 209 106.26 -70.99 27.87
C ARG D 209 106.73 -69.54 28.15
N ILE D 210 108.03 -69.33 28.25
CA ILE D 210 108.59 -67.98 28.47
C ILE D 210 108.06 -67.00 27.43
N ALA D 211 107.86 -67.50 26.19
CA ALA D 211 107.23 -66.73 25.11
C ALA D 211 105.87 -66.27 25.58
N TYR D 212 104.98 -67.23 25.86
CA TYR D 212 103.59 -66.93 26.19
C TYR D 212 103.48 -65.86 27.26
N GLU D 213 104.22 -66.00 28.36
CA GLU D 213 104.14 -65.04 29.47
C GLU D 213 104.58 -63.68 29.03
N ARG D 214 105.73 -63.63 28.36
CA ARG D 214 106.23 -62.37 27.83
C ARG D 214 105.27 -61.76 26.82
N MET D 215 104.86 -62.57 25.84
CA MET D 215 103.93 -62.13 24.82
C MET D 215 102.77 -61.49 25.53
N CYS D 216 102.44 -61.93 26.74
CA CYS D 216 101.35 -61.28 27.47
C CYS D 216 101.81 -60.02 28.16
N ASN D 217 103.06 -60.01 28.60
CA ASN D 217 103.55 -58.88 29.38
C ASN D 217 103.58 -57.68 28.51
N ILE D 218 104.03 -57.91 27.29
CA ILE D 218 103.98 -56.96 26.18
C ILE D 218 102.54 -56.56 25.96
N LEU D 219 101.71 -57.59 25.77
CA LEU D 219 100.29 -57.43 25.60
C LEU D 219 99.86 -56.47 26.69
N LYS D 220 100.21 -56.79 27.95
CA LYS D 220 99.67 -56.03 29.09
C LYS D 220 100.22 -54.62 29.07
N GLY D 221 101.42 -54.49 28.53
CA GLY D 221 102.07 -53.21 28.53
C GLY D 221 101.47 -52.30 27.48
N LYS D 222 100.54 -52.84 26.68
CA LYS D 222 99.79 -52.06 25.73
C LYS D 222 98.68 -51.32 26.48
N PHE D 223 97.99 -52.03 27.37
CA PHE D 223 96.94 -51.44 28.18
C PHE D 223 97.49 -50.37 29.08
N GLN D 224 96.67 -49.34 29.30
CA GLN D 224 97.00 -48.20 30.14
C GLN D 224 95.88 -47.88 31.14
N THR D 225 95.24 -48.92 31.68
CA THR D 225 94.23 -48.77 32.75
C THR D 225 94.28 -49.94 33.72
N ALA D 226 94.03 -49.65 35.00
CA ALA D 226 94.00 -50.67 36.06
C ALA D 226 93.51 -52.06 35.55
N ALA D 227 92.19 -52.20 35.42
CA ALA D 227 91.51 -53.47 35.08
C ALA D 227 92.14 -54.14 33.86
N GLN D 228 92.28 -53.33 32.81
CA GLN D 228 92.89 -53.77 31.57
C GLN D 228 94.15 -54.50 31.96
N ARG D 229 95.01 -53.79 32.68
CA ARG D 229 96.28 -54.31 33.11
C ARG D 229 96.05 -55.59 33.94
N THR D 230 95.16 -55.52 34.93
CA THR D 230 94.95 -56.65 35.84
C THR D 230 94.41 -57.88 35.14
N MET D 231 93.51 -57.67 34.17
CA MET D 231 92.81 -58.80 33.54
C MET D 231 93.70 -59.67 32.67
N VAL D 232 94.82 -59.08 32.28
CA VAL D 232 95.77 -59.67 31.40
C VAL D 232 96.48 -60.72 32.19
N ASP D 233 96.76 -60.36 33.46
CA ASP D 233 97.38 -61.27 34.43
C ASP D 233 96.47 -62.49 34.67
N GLN D 234 95.18 -62.23 34.92
CA GLN D 234 94.22 -63.30 35.13
C GLN D 234 94.25 -64.28 33.96
N VAL D 235 94.68 -63.82 32.79
CA VAL D 235 94.83 -64.65 31.59
C VAL D 235 96.14 -65.44 31.56
N ARG D 236 97.22 -64.74 31.91
CA ARG D 236 98.54 -65.32 31.97
C ARG D 236 98.73 -66.38 33.08
N GLU D 237 97.68 -66.64 33.85
CA GLU D 237 97.76 -67.59 34.95
C GLU D 237 97.76 -69.07 34.52
N SER D 238 97.09 -69.40 33.42
CA SER D 238 96.92 -70.79 33.02
C SER D 238 98.03 -71.36 32.10
N ARG D 239 98.58 -72.52 32.48
CA ARG D 239 99.64 -73.15 31.70
C ARG D 239 99.08 -73.62 30.38
N ASN D 240 97.92 -74.25 30.43
CA ASN D 240 97.27 -74.73 29.24
C ASN D 240 95.99 -73.92 29.08
N PRO D 241 96.09 -72.61 28.76
CA PRO D 241 94.93 -71.72 28.72
C PRO D 241 93.96 -72.11 27.61
N GLY D 242 92.79 -72.63 27.95
CA GLY D 242 91.88 -73.09 26.91
C GLY D 242 90.91 -71.99 26.54
N ASN D 243 89.78 -72.37 25.93
CA ASN D 243 88.69 -71.44 25.63
C ASN D 243 88.37 -70.42 26.72
N ALA D 244 88.71 -70.76 27.97
CA ALA D 244 88.61 -69.82 29.09
C ALA D 244 89.31 -68.50 28.74
N GLU D 245 90.56 -68.65 28.30
CA GLU D 245 91.41 -67.54 27.88
C GLU D 245 90.94 -67.10 26.47
N PHE D 246 90.97 -68.06 25.52
CA PHE D 246 90.51 -67.86 24.14
C PHE D 246 89.35 -66.86 24.09
N GLU D 247 88.30 -67.12 24.85
CA GLU D 247 87.21 -66.18 24.94
C GLU D 247 87.58 -64.87 25.70
N ASP D 248 88.42 -64.93 26.73
CA ASP D 248 88.63 -63.67 27.51
C ASP D 248 89.47 -62.57 26.81
N LEU D 249 90.51 -62.96 26.07
CA LEU D 249 91.42 -62.01 25.47
C LEU D 249 90.67 -61.29 24.35
N ILE D 250 89.86 -62.06 23.64
CA ILE D 250 89.00 -61.53 22.59
C ILE D 250 88.20 -60.38 23.15
N PHE D 251 87.73 -60.56 24.38
CA PHE D 251 87.04 -59.48 25.14
C PHE D 251 87.94 -58.19 25.23
N LEU D 252 89.09 -58.40 25.88
CA LEU D 252 90.12 -57.39 26.06
C LEU D 252 90.49 -56.77 24.69
N ALA D 253 90.50 -57.60 23.63
CA ALA D 253 90.71 -57.10 22.27
C ALA D 253 89.68 -55.97 21.96
N ARG D 254 88.42 -56.30 22.26
CA ARG D 254 87.36 -55.36 22.05
C ARG D 254 87.39 -54.20 23.03
N SER D 255 88.01 -54.38 24.19
CA SER D 255 88.06 -53.27 25.17
C SER D 255 88.95 -52.14 24.65
N ALA D 256 89.89 -52.48 23.79
CA ALA D 256 90.90 -51.58 23.27
C ALA D 256 90.35 -50.68 22.20
N LEU D 257 89.19 -51.11 21.67
CA LEU D 257 88.40 -50.38 20.68
C LEU D 257 87.83 -49.17 21.33
N ILE D 258 87.83 -49.16 22.66
CA ILE D 258 87.25 -48.06 23.35
C ILE D 258 88.30 -47.44 24.28
N LEU D 259 88.97 -48.32 25.05
CA LEU D 259 90.07 -47.92 25.95
C LEU D 259 91.30 -48.45 25.27
N ARG D 260 91.87 -47.62 24.40
CA ARG D 260 92.91 -48.06 23.52
C ARG D 260 94.13 -48.26 24.39
N GLY D 261 95.16 -48.89 23.83
CA GLY D 261 96.46 -48.98 24.46
C GLY D 261 97.54 -48.11 23.88
N SER D 262 98.75 -48.30 24.39
CA SER D 262 99.90 -47.59 23.90
C SER D 262 100.53 -48.41 22.78
N VAL D 263 100.45 -47.89 21.56
CA VAL D 263 101.16 -48.47 20.44
C VAL D 263 101.93 -47.42 19.70
N ALA D 264 103.26 -47.56 19.76
CA ALA D 264 104.19 -46.75 18.97
C ALA D 264 103.98 -46.84 17.46
N HIS D 265 104.17 -45.69 16.79
CA HIS D 265 104.15 -45.58 15.33
C HIS D 265 105.52 -45.09 14.86
N LYS D 266 106.08 -45.75 13.86
CA LYS D 266 107.42 -45.47 13.34
C LYS D 266 107.34 -45.06 11.86
N SER D 267 107.81 -43.86 11.52
CA SER D 267 107.81 -43.38 10.16
C SER D 267 108.96 -44.01 9.38
N CYS D 268 108.71 -45.11 8.73
CA CYS D 268 109.82 -45.80 8.06
C CYS D 268 109.76 -45.66 6.58
N LEU D 269 110.67 -44.90 5.96
CA LEU D 269 110.61 -44.63 4.52
C LEU D 269 111.32 -45.70 3.74
N PRO D 270 111.05 -45.86 2.42
CA PRO D 270 111.65 -46.85 1.51
C PRO D 270 113.14 -46.67 1.45
N ALA D 271 113.87 -47.74 1.16
CA ALA D 271 115.32 -47.67 1.08
C ALA D 271 115.84 -46.53 0.16
N CYS D 272 115.11 -46.30 -0.93
CA CYS D 272 115.56 -45.39 -1.92
C CYS D 272 115.64 -43.97 -1.32
N VAL D 273 114.72 -43.69 -0.43
CA VAL D 273 114.62 -42.36 0.10
C VAL D 273 115.84 -42.10 0.93
N TYR D 274 116.21 -43.02 1.82
CA TYR D 274 117.44 -42.94 2.60
C TYR D 274 118.67 -43.02 1.70
N GLY D 275 118.73 -43.98 0.77
CA GLY D 275 119.86 -44.01 -0.22
C GLY D 275 120.08 -42.67 -0.91
N SER D 276 119.02 -42.12 -1.43
CA SER D 276 119.13 -40.86 -2.12
C SER D 276 119.67 -39.75 -1.20
N ALA D 277 119.16 -39.71 0.02
CA ALA D 277 119.53 -38.75 1.03
C ALA D 277 120.99 -38.86 1.42
N VAL D 278 121.45 -40.08 1.60
CA VAL D 278 122.84 -40.35 1.96
C VAL D 278 123.74 -39.85 0.86
N ALA D 279 123.33 -40.14 -0.37
CA ALA D 279 124.07 -39.77 -1.57
C ALA D 279 124.12 -38.27 -1.76
N SER D 280 123.09 -37.57 -1.29
CA SER D 280 123.02 -36.12 -1.35
C SER D 280 123.82 -35.47 -0.25
N GLY D 281 124.64 -36.23 0.44
CA GLY D 281 125.43 -35.60 1.41
C GLY D 281 124.92 -35.78 2.82
N TYR D 282 123.61 -35.97 3.04
CA TYR D 282 123.13 -36.03 4.43
C TYR D 282 123.80 -37.08 5.16
N ASP D 283 124.41 -36.69 6.27
CA ASP D 283 125.21 -37.59 7.08
C ASP D 283 124.53 -37.75 8.44
N PHE D 284 123.46 -38.54 8.48
CA PHE D 284 122.53 -38.59 9.61
C PHE D 284 123.12 -38.90 10.94
N GLU D 285 123.95 -39.93 11.03
CA GLU D 285 124.66 -40.16 12.32
C GLU D 285 125.29 -38.90 12.94
N ARG D 286 125.68 -37.93 12.14
CA ARG D 286 126.26 -36.71 12.66
C ARG D 286 125.20 -35.69 12.86
N GLU D 287 124.25 -35.58 11.94
CA GLU D 287 123.18 -34.57 12.04
C GLU D 287 121.94 -35.09 12.75
N GLY D 288 121.91 -36.35 13.15
CA GLY D 288 120.77 -36.82 13.89
C GLY D 288 119.56 -37.05 13.02
N TYR D 289 118.76 -38.03 13.42
CA TYR D 289 117.54 -38.38 12.71
C TYR D 289 116.50 -39.02 13.69
N SER D 290 115.19 -38.92 13.39
CA SER D 290 114.14 -39.58 14.20
C SER D 290 113.18 -40.34 13.32
N LEU D 291 112.38 -41.19 13.96
CA LEU D 291 111.29 -41.89 13.28
C LEU D 291 109.94 -41.42 13.82
N VAL D 292 109.95 -40.52 14.81
CA VAL D 292 108.70 -40.06 15.41
C VAL D 292 108.74 -38.52 15.55
N GLY D 293 109.77 -37.92 14.96
CA GLY D 293 109.83 -36.45 14.97
C GLY D 293 109.54 -35.80 13.67
N ILE D 294 110.19 -34.65 13.45
CA ILE D 294 110.04 -33.90 12.19
C ILE D 294 110.98 -34.42 11.10
N ASP D 295 111.95 -35.25 11.49
CA ASP D 295 112.99 -35.68 10.59
C ASP D 295 112.36 -36.38 9.37
N PRO D 296 111.52 -37.38 9.64
CA PRO D 296 110.99 -38.15 8.53
C PRO D 296 110.15 -37.28 7.63
N PHE D 297 109.23 -36.51 8.17
CA PHE D 297 108.49 -35.63 7.27
C PHE D 297 109.42 -34.74 6.45
N ARG D 298 110.40 -34.12 7.08
CA ARG D 298 111.28 -33.19 6.35
C ARG D 298 112.00 -33.89 5.19
N LEU D 299 112.51 -35.09 5.48
CA LEU D 299 113.15 -35.86 4.46
C LEU D 299 112.20 -36.07 3.30
N LEU D 300 110.95 -36.49 3.57
CA LEU D 300 109.99 -36.71 2.50
C LEU D 300 109.57 -35.40 1.83
N GLN D 301 110.04 -34.26 2.30
CA GLN D 301 109.62 -33.00 1.68
C GLN D 301 110.46 -32.72 0.44
N ASN D 302 111.48 -33.55 0.24
CA ASN D 302 112.41 -33.38 -0.89
C ASN D 302 112.69 -34.65 -1.67
N SER D 303 111.98 -35.70 -1.32
CA SER D 303 112.23 -36.98 -1.91
C SER D 303 111.68 -36.99 -3.32
N GLN D 304 112.37 -37.65 -4.22
CA GLN D 304 111.93 -37.72 -5.61
C GLN D 304 111.61 -39.17 -5.88
N VAL D 305 110.54 -39.69 -5.31
CA VAL D 305 110.27 -41.08 -5.51
C VAL D 305 109.30 -41.32 -6.64
N TYR D 306 109.67 -42.24 -7.53
CA TYR D 306 108.77 -42.62 -8.61
C TYR D 306 108.17 -44.00 -8.44
N SER D 307 107.00 -44.19 -9.04
CA SER D 307 106.32 -45.47 -8.94
C SER D 307 105.66 -46.00 -10.19
N LEU D 308 105.71 -47.30 -10.42
CA LEU D 308 105.00 -47.91 -11.55
C LEU D 308 103.54 -47.83 -11.29
N ILE D 309 102.80 -47.53 -12.35
CA ILE D 309 101.37 -47.28 -12.23
C ILE D 309 100.60 -47.90 -13.38
N ARG D 310 99.68 -48.80 -13.03
CA ARG D 310 98.83 -49.45 -14.03
C ARG D 310 97.93 -48.48 -14.83
N PRO D 311 97.56 -48.85 -16.10
CA PRO D 311 96.87 -47.99 -17.10
C PRO D 311 95.65 -47.23 -16.57
N ASN D 312 94.78 -47.93 -15.86
CA ASN D 312 93.63 -47.23 -15.33
C ASN D 312 93.71 -46.63 -13.93
N GLU D 313 94.89 -46.66 -13.30
CA GLU D 313 95.00 -46.25 -11.89
C GLU D 313 95.21 -44.76 -11.77
N ASN D 314 94.85 -44.22 -10.60
CA ASN D 314 94.92 -42.81 -10.38
C ASN D 314 96.18 -42.48 -9.65
N PRO D 315 97.07 -41.68 -10.27
CA PRO D 315 98.34 -41.29 -9.62
C PRO D 315 98.15 -40.71 -8.20
N ALA D 316 97.20 -39.79 -8.09
CA ALA D 316 97.01 -39.05 -6.87
C ALA D 316 96.66 -40.03 -5.78
N HIS D 317 96.01 -41.12 -6.22
CA HIS D 317 95.49 -42.12 -5.33
C HIS D 317 96.67 -42.99 -4.93
N LYS D 318 97.60 -43.19 -5.88
CA LYS D 318 98.79 -44.01 -5.60
C LYS D 318 99.66 -43.37 -4.53
N SER D 319 99.98 -42.09 -4.73
CA SER D 319 100.76 -41.34 -3.77
C SER D 319 100.15 -41.42 -2.38
N GLN D 320 98.81 -41.31 -2.30
CA GLN D 320 98.17 -41.34 -1.04
C GLN D 320 98.62 -42.58 -0.28
N LEU D 321 98.44 -43.73 -0.92
CA LEU D 321 98.79 -45.04 -0.34
C LEU D 321 100.17 -45.02 0.30
N VAL D 322 101.21 -44.97 -0.54
CA VAL D 322 102.58 -44.78 -0.03
C VAL D 322 102.75 -43.80 1.13
N TRP D 323 102.13 -42.64 1.03
CA TRP D 323 102.20 -41.66 2.10
C TRP D 323 101.68 -42.23 3.40
N MET D 324 100.68 -43.09 3.34
CA MET D 324 100.07 -43.58 4.59
C MET D 324 100.93 -44.67 5.16
N ALA D 325 101.66 -45.37 4.28
CA ALA D 325 102.64 -46.35 4.73
C ALA D 325 103.89 -45.69 5.28
N CYS D 326 104.18 -44.47 4.85
CA CYS D 326 105.33 -43.83 5.44
C CYS D 326 105.17 -43.37 6.90
N HIS D 327 103.93 -43.30 7.34
CA HIS D 327 103.73 -42.98 8.74
C HIS D 327 102.83 -43.95 9.59
N SER D 328 102.43 -45.09 9.04
CA SER D 328 101.60 -46.01 9.85
C SER D 328 100.27 -45.25 10.14
N ALA D 329 99.68 -44.71 9.06
CA ALA D 329 98.46 -43.94 9.16
C ALA D 329 97.39 -44.75 8.49
N ALA D 330 97.47 -46.08 8.58
CA ALA D 330 96.46 -46.92 7.87
C ALA D 330 95.26 -47.09 8.73
N PHE D 331 95.31 -46.66 9.99
CA PHE D 331 94.17 -46.89 10.85
C PHE D 331 93.97 -45.59 11.56
N GLU D 332 94.46 -44.50 10.96
CA GLU D 332 94.32 -43.22 11.61
C GLU D 332 92.95 -42.63 11.20
N ASP D 333 92.48 -41.61 11.90
CA ASP D 333 91.22 -40.99 11.54
C ASP D 333 91.42 -40.20 10.23
N LEU D 334 90.73 -40.59 9.13
CA LEU D 334 90.96 -39.99 7.82
C LEU D 334 90.96 -38.48 7.95
N ARG D 335 90.10 -37.98 8.83
CA ARG D 335 89.98 -36.52 9.03
C ARG D 335 91.30 -35.89 9.32
N VAL D 336 91.99 -36.44 10.31
CA VAL D 336 93.28 -35.93 10.73
C VAL D 336 94.36 -36.17 9.67
N SER D 337 94.42 -37.40 9.13
CA SER D 337 95.34 -37.73 8.06
C SER D 337 95.24 -36.69 6.96
N SER D 338 94.03 -36.33 6.52
CA SER D 338 93.89 -35.34 5.46
C SER D 338 94.29 -33.97 5.92
N PHE D 339 94.16 -33.74 7.22
CA PHE D 339 94.37 -32.43 7.75
C PHE D 339 95.84 -32.18 7.64
N ILE D 340 96.62 -33.10 8.15
CA ILE D 340 98.07 -33.02 8.17
C ILE D 340 98.66 -33.18 6.74
N ARG D 341 98.04 -34.10 6.00
CA ARG D 341 98.44 -34.38 4.64
C ARG D 341 98.41 -33.15 3.78
N GLY D 342 97.34 -32.37 3.90
CA GLY D 342 97.30 -31.18 3.11
C GLY D 342 96.25 -31.28 2.05
N THR D 343 95.85 -32.53 1.75
CA THR D 343 94.87 -32.85 0.71
C THR D 343 93.97 -34.04 1.08
N LYS D 344 92.89 -34.20 0.35
CA LYS D 344 92.03 -35.35 0.66
C LYS D 344 92.75 -36.70 0.85
N VAL D 345 92.38 -37.40 1.92
CA VAL D 345 92.89 -38.71 2.17
C VAL D 345 91.71 -39.64 2.01
N VAL D 346 91.56 -40.10 0.78
CA VAL D 346 90.41 -40.89 0.45
C VAL D 346 90.44 -42.30 1.04
N PRO D 347 89.29 -42.84 1.45
CA PRO D 347 89.13 -44.20 2.00
C PRO D 347 89.57 -45.28 1.08
N ARG D 348 89.82 -46.47 1.65
CA ARG D 348 90.41 -47.56 0.91
C ARG D 348 89.52 -47.95 -0.24
N GLY D 349 88.23 -48.15 0.03
CA GLY D 349 87.33 -48.55 -1.07
C GLY D 349 87.38 -47.65 -2.29
N LYS D 350 87.35 -46.33 -2.06
CA LYS D 350 87.34 -45.39 -3.12
C LYS D 350 88.71 -45.18 -3.70
N LEU D 351 89.69 -45.91 -3.17
CA LEU D 351 91.04 -45.79 -3.67
C LEU D 351 91.27 -46.59 -4.90
N SER D 352 91.79 -45.92 -5.92
CA SER D 352 92.12 -46.57 -7.17
C SER D 352 93.51 -47.20 -7.30
N THR D 353 93.66 -48.39 -6.74
CA THR D 353 94.93 -49.09 -6.85
C THR D 353 94.81 -50.44 -6.12
N ARG D 354 95.65 -51.38 -6.59
CA ARG D 354 95.52 -52.76 -6.16
C ARG D 354 96.78 -53.11 -5.35
N GLY D 355 97.83 -52.33 -5.52
CA GLY D 355 99.02 -52.65 -4.82
C GLY D 355 100.18 -52.09 -5.55
N VAL D 356 101.22 -51.77 -4.80
CA VAL D 356 102.34 -51.06 -5.35
C VAL D 356 103.29 -51.97 -6.13
N GLN D 357 103.39 -53.23 -5.68
CA GLN D 357 104.25 -54.21 -6.35
C GLN D 357 103.53 -54.71 -7.56
N ILE D 358 104.32 -55.02 -8.56
CA ILE D 358 103.78 -55.47 -9.81
C ILE D 358 103.89 -57.00 -9.87
N ALA D 359 102.76 -57.64 -10.14
CA ALA D 359 102.72 -59.09 -10.21
C ALA D 359 103.24 -59.59 -11.55
N SER D 360 103.77 -60.82 -11.53
CA SER D 360 104.31 -61.52 -12.75
C SER D 360 103.26 -61.70 -13.86
N ASN D 361 102.01 -61.56 -13.48
CA ASN D 361 100.90 -61.75 -14.34
C ASN D 361 100.83 -60.63 -15.35
N GLU D 362 101.10 -59.41 -14.90
CA GLU D 362 100.82 -58.22 -15.69
C GLU D 362 101.77 -58.08 -16.79
N ASN D 363 101.56 -57.14 -17.69
CA ASN D 363 102.51 -56.99 -18.76
C ASN D 363 103.06 -55.62 -18.71
N MET D 364 104.19 -55.41 -19.33
CA MET D 364 104.81 -54.10 -19.32
C MET D 364 104.36 -53.16 -20.44
N GLU D 365 103.71 -53.73 -21.47
CA GLU D 365 103.41 -52.93 -22.63
C GLU D 365 102.52 -51.82 -22.14
N THR D 366 101.49 -52.20 -21.38
CA THR D 366 100.51 -51.23 -20.92
C THR D 366 100.85 -50.76 -19.52
N MET D 367 102.09 -50.31 -19.34
CA MET D 367 102.54 -49.92 -18.01
C MET D 367 103.31 -48.61 -18.11
N GLU D 368 103.09 -47.71 -17.16
CA GLU D 368 103.79 -46.43 -17.15
C GLU D 368 104.04 -46.06 -15.68
N SER D 369 104.66 -44.90 -15.45
CA SER D 369 105.12 -44.59 -14.10
C SER D 369 104.89 -43.14 -13.73
N SER D 370 104.50 -42.85 -12.50
CA SER D 370 104.27 -41.49 -12.07
C SER D 370 105.15 -41.08 -10.89
N THR D 371 105.19 -39.78 -10.60
CA THR D 371 105.99 -39.25 -9.53
C THR D 371 105.08 -39.11 -8.31
N LEU D 372 105.51 -39.77 -7.22
CA LEU D 372 104.70 -39.91 -6.04
C LEU D 372 104.70 -38.62 -5.26
N GLU D 373 103.51 -38.16 -4.87
CA GLU D 373 103.37 -36.96 -4.04
C GLU D 373 103.44 -37.35 -2.56
N LEU D 374 104.62 -37.15 -1.95
CA LEU D 374 104.80 -37.52 -0.53
C LEU D 374 104.91 -36.40 0.48
N ARG D 375 104.95 -35.16 -0.05
CA ARG D 375 104.97 -33.97 0.78
C ARG D 375 103.72 -33.91 1.65
N SER D 376 103.80 -33.27 2.81
CA SER D 376 102.65 -33.08 3.67
C SER D 376 102.53 -31.63 4.09
N ARG D 377 101.38 -31.25 4.61
CA ARG D 377 101.13 -29.86 4.98
C ARG D 377 101.85 -29.58 6.29
N TYR D 378 101.42 -30.23 7.35
CA TYR D 378 102.06 -30.09 8.63
C TYR D 378 102.67 -31.43 9.01
N TRP D 379 103.14 -31.53 10.25
CA TRP D 379 103.62 -32.75 10.85
C TRP D 379 103.17 -32.86 12.26
N ALA D 380 103.25 -34.07 12.80
CA ALA D 380 102.79 -34.35 14.14
C ALA D 380 103.59 -35.40 14.90
N ILE D 381 103.74 -35.23 16.20
CA ILE D 381 104.58 -36.19 16.89
C ILE D 381 103.96 -37.60 16.81
N ARG D 382 104.45 -38.49 15.97
CA ARG D 382 103.80 -39.82 15.92
C ARG D 382 103.79 -40.32 17.38
N THR D 383 102.59 -40.53 17.97
CA THR D 383 102.49 -40.99 19.39
C THR D 383 102.44 -42.49 19.59
N ARG D 384 102.33 -42.88 20.86
CA ARG D 384 102.22 -44.27 21.25
C ARG D 384 100.93 -44.51 22.05
N SER D 385 100.62 -43.53 22.89
CA SER D 385 99.38 -43.46 23.67
C SER D 385 98.06 -43.68 22.92
N GLY D 386 97.15 -44.47 23.49
CA GLY D 386 95.80 -44.58 22.96
C GLY D 386 94.77 -43.57 23.48
N GLY D 387 95.18 -42.52 24.25
CA GLY D 387 94.22 -41.61 24.95
C GLY D 387 93.41 -42.23 26.11
N ASN D 388 93.01 -41.42 27.09
CA ASN D 388 92.05 -41.87 28.12
C ASN D 388 91.27 -40.73 28.83
N THR D 389 90.05 -41.03 29.32
CA THR D 389 89.29 -40.05 30.12
C THR D 389 89.00 -40.57 31.56
N GLN D 398 84.57 -65.00 65.51
CA GLN D 398 85.64 -64.12 65.95
C GLN D 398 85.18 -62.66 66.18
N ILE D 399 86.04 -61.82 66.78
CA ILE D 399 85.71 -60.42 67.12
C ILE D 399 86.96 -59.51 66.99
N SER D 400 88.11 -60.15 67.01
CA SER D 400 89.38 -59.47 66.84
C SER D 400 90.29 -60.37 66.02
N ILE D 401 91.32 -59.76 65.43
CA ILE D 401 92.32 -60.48 64.69
C ILE D 401 93.64 -60.54 65.43
N GLN D 402 94.17 -61.77 65.63
CA GLN D 402 95.52 -61.97 66.22
C GLN D 402 96.59 -61.78 65.15
N PRO D 403 97.51 -60.86 65.31
CA PRO D 403 98.42 -60.63 64.18
C PRO D 403 99.56 -61.65 64.09
N THR D 404 99.82 -62.16 62.89
CA THR D 404 100.85 -63.19 62.73
C THR D 404 102.02 -62.61 62.01
N PHE D 405 101.87 -61.50 61.31
CA PHE D 405 103.02 -60.97 60.60
C PHE D 405 103.28 -59.49 60.86
N SER D 406 104.46 -59.04 60.47
CA SER D 406 104.83 -57.69 60.72
C SER D 406 104.55 -56.89 59.45
N VAL D 407 103.37 -56.27 59.37
CA VAL D 407 103.06 -55.41 58.23
C VAL D 407 102.15 -54.24 58.62
N GLN D 408 102.12 -53.22 57.77
CA GLN D 408 101.20 -52.10 57.97
C GLN D 408 99.74 -52.52 57.78
N ARG D 409 99.10 -52.80 58.91
CA ARG D 409 97.75 -53.31 58.91
C ARG D 409 96.86 -52.82 60.04
N ASN D 410 95.76 -52.17 59.63
CA ASN D 410 94.73 -51.81 60.59
C ASN D 410 94.27 -53.07 61.31
N LEU D 411 94.43 -53.13 62.61
CA LEU D 411 94.03 -54.37 63.23
C LEU D 411 92.55 -54.43 63.60
N PRO D 412 91.75 -55.29 62.95
CA PRO D 412 90.30 -55.41 63.22
C PRO D 412 89.83 -55.98 64.54
N SER D 431 85.28 -58.94 41.48
CA SER D 431 84.23 -59.87 40.99
C SER D 431 84.69 -60.47 39.66
N ASP D 432 84.07 -60.03 38.55
CA ASP D 432 84.56 -60.37 37.22
C ASP D 432 85.29 -59.13 36.76
N MET D 433 86.59 -59.24 36.47
CA MET D 433 87.33 -58.04 36.03
C MET D 433 86.74 -57.49 34.71
N ARG D 434 85.99 -58.36 34.02
CA ARG D 434 85.23 -57.96 32.84
C ARG D 434 84.35 -56.79 33.17
N THR D 435 83.55 -56.99 34.20
CA THR D 435 82.62 -55.97 34.70
C THR D 435 83.31 -54.62 34.83
N GLU D 436 84.45 -54.62 35.50
CA GLU D 436 85.18 -53.40 35.73
C GLU D 436 85.33 -52.65 34.38
N ILE D 437 85.81 -53.36 33.35
CA ILE D 437 86.05 -52.80 32.04
C ILE D 437 84.75 -52.39 31.36
N ILE D 438 83.82 -53.33 31.30
CA ILE D 438 82.52 -53.06 30.70
C ILE D 438 81.94 -51.78 31.26
N ARG D 439 82.16 -51.55 32.55
CA ARG D 439 81.70 -50.35 33.22
C ARG D 439 82.50 -49.14 32.74
N LEU D 440 83.76 -49.37 32.38
CA LEU D 440 84.60 -48.27 31.93
C LEU D 440 84.28 -48.01 30.49
N MET D 441 84.42 -49.06 29.64
CA MET D 441 83.82 -49.03 28.28
C MET D 441 82.58 -48.06 28.12
N GLU D 442 81.52 -48.32 28.90
CA GLU D 442 80.31 -47.50 28.96
C GLU D 442 80.47 -45.98 29.01
N SER D 443 81.17 -45.48 30.03
CA SER D 443 81.20 -44.04 30.25
C SER D 443 81.91 -43.34 29.11
N ALA D 444 82.46 -44.14 28.21
CA ALA D 444 83.26 -43.64 27.11
C ALA D 444 82.44 -43.20 25.89
N ARG D 445 82.61 -41.93 25.51
CA ARG D 445 81.97 -41.39 24.29
C ARG D 445 82.95 -41.13 23.13
N PRO D 446 82.51 -41.43 21.90
CA PRO D 446 83.39 -41.33 20.77
C PRO D 446 83.87 -39.92 20.65
N GLU D 447 83.05 -38.98 21.11
CA GLU D 447 83.41 -37.54 21.10
C GLU D 447 84.46 -37.14 22.12
N ASP D 448 84.79 -38.08 23.02
CA ASP D 448 85.79 -37.85 24.08
C ASP D 448 87.13 -37.43 23.57
N VAL D 449 87.50 -36.18 23.84
CA VAL D 449 88.71 -35.58 23.33
C VAL D 449 89.94 -36.27 23.89
N SER D 450 90.90 -36.68 23.04
CA SER D 450 92.23 -37.18 23.48
C SER D 450 93.43 -36.24 23.15
N PHE D 451 94.60 -36.53 23.73
CA PHE D 451 95.79 -35.71 23.48
C PHE D 451 95.47 -34.24 23.66
N GLN D 452 94.79 -33.95 24.78
CA GLN D 452 94.35 -32.59 25.10
C GLN D 452 95.55 -31.62 25.00
N GLY D 453 95.40 -30.48 24.32
CA GLY D 453 96.52 -29.58 24.17
C GLY D 453 97.57 -29.87 23.07
N ARG D 454 97.78 -31.18 22.75
CA ARG D 454 98.69 -31.61 21.67
C ARG D 454 98.16 -31.12 20.34
N GLY D 455 99.06 -30.68 19.45
CA GLY D 455 98.65 -30.16 18.15
C GLY D 455 99.56 -30.58 17.00
N VAL D 456 99.53 -29.78 15.93
CA VAL D 456 100.27 -30.15 14.72
C VAL D 456 101.32 -29.09 14.54
N PHE D 457 102.41 -29.44 13.89
CA PHE D 457 103.45 -28.45 13.74
C PHE D 457 103.68 -28.12 12.30
N GLU D 458 103.99 -26.86 12.04
CA GLU D 458 104.41 -26.43 10.73
C GLU D 458 105.73 -27.13 10.40
N LEU D 459 106.03 -27.20 9.10
CA LEU D 459 107.24 -27.85 8.68
C LEU D 459 108.45 -26.96 8.87
N SER D 460 108.24 -25.66 9.16
CA SER D 460 109.33 -24.78 9.54
C SER D 460 109.68 -24.99 11.03
N ASP D 461 108.69 -25.36 11.84
CA ASP D 461 108.85 -25.46 13.29
C ASP D 461 109.66 -26.66 13.66
N GLU D 462 110.95 -26.50 13.55
CA GLU D 462 111.87 -27.62 13.70
C GLU D 462 111.81 -28.20 15.09
N LYS D 463 111.93 -27.28 16.03
CA LYS D 463 111.76 -27.53 17.45
C LYS D 463 110.27 -27.80 17.66
N ALA D 464 109.91 -28.39 18.78
CA ALA D 464 108.48 -28.58 19.01
C ALA D 464 107.79 -27.34 19.61
N THR D 465 108.36 -26.19 19.34
CA THR D 465 107.95 -24.93 19.92
C THR D 465 106.48 -24.66 19.89
N SER D 466 105.95 -24.14 18.79
CA SER D 466 104.54 -23.77 18.72
C SER D 466 103.59 -24.77 18.06
N PRO D 467 102.63 -25.27 18.84
CA PRO D 467 101.64 -26.30 18.41
C PRO D 467 100.43 -25.67 17.76
N ILE D 468 99.67 -26.43 16.96
CA ILE D 468 98.51 -25.89 16.28
C ILE D 468 97.40 -26.83 16.49
N VAL D 469 96.27 -26.30 16.95
CA VAL D 469 95.12 -27.14 17.24
C VAL D 469 94.12 -27.14 16.07
N PRO D 470 93.80 -28.32 15.55
CA PRO D 470 92.87 -28.46 14.45
C PRO D 470 91.43 -28.47 14.90
N SER D 471 90.60 -27.82 14.10
CA SER D 471 89.19 -27.74 14.38
C SER D 471 88.55 -28.48 13.23
N PHE D 472 87.87 -29.59 13.52
CA PHE D 472 87.24 -30.41 12.47
C PHE D 472 85.83 -30.03 11.99
N ASP D 473 85.28 -28.91 12.48
CA ASP D 473 84.00 -28.44 11.98
C ASP D 473 84.29 -28.25 10.49
N MET D 474 83.75 -29.13 9.66
CA MET D 474 84.17 -29.16 8.24
C MET D 474 83.48 -30.23 7.42
N SER D 475 83.44 -30.09 6.10
CA SER D 475 82.80 -31.11 5.29
C SER D 475 83.87 -32.13 5.07
N ASN D 476 83.93 -33.12 5.95
CA ASN D 476 84.97 -34.15 5.93
C ASN D 476 84.61 -35.23 4.94
N GLU D 477 85.27 -36.38 5.01
CA GLU D 477 85.02 -37.48 4.09
C GLU D 477 85.13 -38.85 4.81
N GLY D 478 84.63 -38.94 6.04
CA GLY D 478 84.81 -40.20 6.78
C GLY D 478 85.92 -40.17 7.84
N SER D 479 86.04 -41.27 8.55
CA SER D 479 87.09 -41.42 9.53
C SER D 479 87.75 -42.79 9.45
N TYR D 480 87.12 -43.77 8.84
CA TYR D 480 87.62 -45.11 8.79
C TYR D 480 88.22 -45.50 7.43
N PHE D 481 89.53 -45.37 7.26
CA PHE D 481 90.16 -45.83 6.04
C PHE D 481 89.60 -47.16 5.52
N PHE D 482 89.13 -48.03 6.42
CA PHE D 482 88.59 -49.30 6.00
C PHE D 482 87.07 -49.49 6.24
N ASN E 14 108.00 8.40 28.60
CA ASN E 14 107.78 9.23 27.37
C ASN E 14 109.07 9.86 26.81
N ALA E 15 109.67 9.06 25.92
CA ALA E 15 110.90 9.39 25.23
C ALA E 15 110.65 10.21 23.94
N THR E 16 109.49 10.84 23.83
CA THR E 16 109.22 11.58 22.61
C THR E 16 109.61 13.04 22.77
N GLU E 17 108.88 13.74 23.61
CA GLU E 17 109.14 15.16 23.81
C GLU E 17 110.50 15.31 24.47
N ILE E 18 110.56 14.89 25.74
CA ILE E 18 111.77 15.05 26.56
C ILE E 18 113.06 14.64 25.82
N ARG E 19 113.09 13.49 25.16
CA ARG E 19 114.34 13.06 24.54
C ARG E 19 114.63 13.75 23.20
N ALA E 20 113.59 14.14 22.53
CA ALA E 20 113.77 14.65 21.18
C ALA E 20 113.69 16.17 21.15
N SER E 21 112.95 16.76 22.08
CA SER E 21 112.87 18.20 22.17
C SER E 21 114.18 18.80 22.67
N VAL E 22 114.92 17.98 23.39
CA VAL E 22 116.13 18.51 23.99
C VAL E 22 117.23 18.26 22.97
N GLY E 23 116.95 17.29 22.12
CA GLY E 23 117.80 17.05 20.97
C GLY E 23 117.77 18.22 20.00
N LYS E 24 116.60 18.82 19.93
CA LYS E 24 116.41 19.90 19.02
C LYS E 24 117.11 21.11 19.57
N MET E 25 117.23 21.16 20.88
CA MET E 25 117.91 22.32 21.42
C MET E 25 119.41 22.13 21.29
N ILE E 26 119.84 20.86 21.21
CA ILE E 26 121.23 20.56 21.07
C ILE E 26 121.67 20.82 19.63
N ASP E 27 120.81 20.44 18.66
CA ASP E 27 121.02 20.71 17.22
C ASP E 27 121.25 22.19 17.03
N GLY E 28 120.52 23.02 17.77
CA GLY E 28 120.65 24.43 17.50
C GLY E 28 122.06 24.88 17.83
N ILE E 29 122.54 24.45 18.99
CA ILE E 29 123.82 24.91 19.46
C ILE E 29 124.86 24.45 18.45
N GLY E 30 124.72 23.19 18.01
CA GLY E 30 125.63 22.61 17.02
C GLY E 30 125.67 23.47 15.77
N ARG E 31 124.61 23.38 14.98
CA ARG E 31 124.40 24.22 13.81
C ARG E 31 124.96 25.63 14.01
N PHE E 32 124.54 26.32 15.07
CA PHE E 32 125.06 27.66 15.28
C PHE E 32 126.62 27.69 15.34
N TYR E 33 127.20 26.92 16.24
CA TYR E 33 128.63 26.81 16.35
C TYR E 33 129.30 26.59 15.01
N ILE E 34 128.71 25.76 14.16
CA ILE E 34 129.26 25.52 12.85
C ILE E 34 129.20 26.81 12.01
N GLN E 35 128.06 27.48 12.00
CA GLN E 35 127.88 28.74 11.24
C GLN E 35 128.87 29.76 11.68
N MET E 36 128.91 29.94 12.98
CA MET E 36 129.82 30.87 13.57
C MET E 36 131.26 30.51 13.31
N CYS E 37 131.60 29.24 13.27
CA CYS E 37 132.95 28.93 12.87
C CYS E 37 133.17 29.30 11.42
N THR E 38 132.17 29.05 10.59
CA THR E 38 132.32 29.37 9.17
C THR E 38 132.54 30.89 8.93
N GLU E 39 132.08 31.74 9.85
CA GLU E 39 132.27 33.17 9.71
C GLU E 39 133.71 33.49 10.05
N LEU E 40 134.12 33.07 11.23
CA LEU E 40 135.47 33.36 11.64
C LEU E 40 136.48 32.70 10.72
N LYS E 41 136.01 31.90 9.79
CA LYS E 41 136.89 31.22 8.86
C LYS E 41 137.93 30.43 9.62
N LEU E 42 137.60 29.89 10.81
CA LEU E 42 138.50 28.94 11.51
C LEU E 42 138.66 27.56 10.85
N SER E 43 139.72 26.86 11.24
CA SER E 43 140.00 25.53 10.73
C SER E 43 139.33 24.47 11.61
N ASP E 44 139.50 23.20 11.22
CA ASP E 44 138.96 22.12 12.03
C ASP E 44 139.66 22.08 13.36
N TYR E 45 140.98 22.10 13.37
CA TYR E 45 141.68 22.08 14.63
C TYR E 45 141.33 23.31 15.42
N GLU E 46 141.08 24.39 14.72
CA GLU E 46 140.84 25.65 15.40
C GLU E 46 139.39 25.81 15.84
N GLY E 47 138.53 24.86 15.46
CA GLY E 47 137.14 24.94 15.88
C GLY E 47 136.97 24.00 17.03
N ARG E 48 137.98 23.17 17.26
CA ARG E 48 137.92 22.20 18.34
C ARG E 48 138.62 22.69 19.60
N LEU E 49 139.05 23.95 19.53
CA LEU E 49 139.78 24.56 20.61
C LEU E 49 138.84 25.09 21.66
N ILE E 50 138.66 24.34 22.72
CA ILE E 50 137.76 24.77 23.74
C ILE E 50 137.83 26.23 24.03
N GLN E 51 139.00 26.82 23.86
CA GLN E 51 139.21 28.26 24.04
C GLN E 51 138.27 29.03 23.11
N ASN E 52 138.50 28.92 21.80
CA ASN E 52 137.65 29.59 20.86
C ASN E 52 136.21 29.24 21.12
N SER E 53 135.86 27.99 21.40
CA SER E 53 134.47 27.67 21.60
C SER E 53 133.91 28.56 22.68
N LEU E 54 134.56 28.62 23.81
CA LEU E 54 134.11 29.47 24.92
C LEU E 54 133.79 30.88 24.51
N THR E 55 134.76 31.51 23.89
CA THR E 55 134.60 32.87 23.44
C THR E 55 133.30 32.99 22.66
N ILE E 56 133.09 32.08 21.71
CA ILE E 56 131.87 32.14 20.93
C ILE E 56 130.62 32.03 21.80
N GLU E 57 130.64 31.11 22.76
CA GLU E 57 129.47 30.87 23.55
C GLU E 57 129.11 32.12 24.33
N ARG E 58 130.12 32.83 24.81
CA ARG E 58 129.87 33.99 25.62
C ARG E 58 129.41 35.20 24.77
N MET E 59 130.02 35.38 23.58
CA MET E 59 129.55 36.34 22.54
C MET E 59 128.07 36.26 22.33
N VAL E 60 127.51 35.11 22.61
CA VAL E 60 126.14 34.93 22.23
C VAL E 60 125.29 35.22 23.41
N LEU E 61 125.66 34.69 24.56
CA LEU E 61 124.87 34.89 25.75
C LEU E 61 124.85 36.38 26.09
N SER E 62 125.95 37.08 25.80
CA SER E 62 126.05 38.52 26.00
C SER E 62 125.05 39.21 25.07
N ALA E 63 125.08 38.82 23.79
CA ALA E 63 124.24 39.48 22.82
C ALA E 63 122.75 39.21 23.10
N PHE E 64 122.41 38.12 23.74
CA PHE E 64 121.03 37.86 24.01
C PHE E 64 120.67 38.27 25.43
N ASP E 65 121.46 39.19 26.01
CA ASP E 65 121.30 39.62 27.42
C ASP E 65 122.30 40.72 27.85
N THR E 85 129.24 42.53 20.53
CA THR E 85 130.26 42.09 21.49
C THR E 85 131.36 41.41 20.75
N GLY E 86 132.46 41.16 21.47
CA GLY E 86 133.67 40.63 20.85
C GLY E 86 134.26 39.61 21.80
N GLY E 87 135.49 39.18 21.53
CA GLY E 87 136.15 38.23 22.39
C GLY E 87 137.48 37.74 21.83
N PRO E 88 138.20 36.94 22.65
CA PRO E 88 139.52 36.42 22.33
C PRO E 88 139.43 35.22 21.38
N ILE E 89 140.10 35.31 20.25
CA ILE E 89 140.05 34.20 19.30
C ILE E 89 141.43 33.76 18.86
N TYR E 90 141.78 32.53 19.21
CA TYR E 90 143.12 32.03 18.92
C TYR E 90 143.27 31.31 17.58
N ARG E 91 144.34 31.67 16.89
CA ARG E 91 144.56 31.21 15.54
C ARG E 91 145.86 30.42 15.49
N ARG E 92 145.99 29.54 14.49
CA ARG E 92 147.18 28.67 14.39
C ARG E 92 148.03 29.03 13.19
N VAL E 93 149.21 29.59 13.41
CA VAL E 93 150.15 29.81 12.30
C VAL E 93 151.36 28.88 12.44
N ASP E 94 152.07 28.62 11.33
CA ASP E 94 153.27 27.78 11.36
C ASP E 94 153.92 27.81 12.75
N GLY E 95 153.75 26.75 13.54
CA GLY E 95 154.43 26.68 14.83
C GLY E 95 153.68 27.19 16.03
N LYS E 96 153.34 28.49 16.02
CA LYS E 96 152.83 29.19 17.24
C LYS E 96 151.40 29.66 17.19
N TRP E 97 150.83 30.01 18.33
CA TRP E 97 149.40 30.37 18.35
C TRP E 97 149.19 31.85 18.43
N ARG E 98 148.35 32.39 17.55
CA ARG E 98 148.13 33.83 17.52
C ARG E 98 146.74 34.17 18.06
N ARG E 99 146.71 35.03 19.08
CA ARG E 99 145.46 35.46 19.68
C ARG E 99 144.90 36.67 18.94
N GLU E 100 143.69 36.57 18.39
CA GLU E 100 143.02 37.74 17.79
C GLU E 100 141.93 38.34 18.67
N LEU E 101 141.95 39.65 18.80
CA LEU E 101 140.92 40.30 19.58
C LEU E 101 139.89 40.79 18.60
N ILE E 102 138.69 40.22 18.59
CA ILE E 102 137.70 40.61 17.57
C ILE E 102 136.36 41.02 18.14
N LEU E 103 135.58 41.71 17.29
CA LEU E 103 134.25 42.22 17.67
C LEU E 103 133.20 41.90 16.61
N TYR E 104 131.98 41.59 17.02
CA TYR E 104 130.89 41.26 16.08
C TYR E 104 129.58 42.06 16.35
N ASP E 105 128.81 42.30 15.31
CA ASP E 105 127.57 43.01 15.50
C ASP E 105 126.69 42.29 16.50
N LYS E 106 126.54 42.85 17.69
CA LYS E 106 125.71 42.17 18.70
C LYS E 106 124.44 41.60 18.10
N GLU E 107 123.93 42.21 17.02
CA GLU E 107 122.64 41.77 16.46
C GLU E 107 122.90 40.72 15.43
N GLU E 108 123.97 40.92 14.67
CA GLU E 108 124.34 39.89 13.76
C GLU E 108 124.35 38.53 14.48
N ILE E 109 124.93 38.53 15.70
CA ILE E 109 125.06 37.28 16.47
C ILE E 109 123.69 36.74 16.76
N ARG E 110 122.80 37.63 17.16
CA ARG E 110 121.45 37.23 17.47
C ARG E 110 120.74 36.72 16.23
N ARG E 111 121.15 37.25 15.08
CA ARG E 111 120.53 36.85 13.83
C ARG E 111 120.96 35.40 13.47
N ILE E 112 122.27 35.19 13.51
CA ILE E 112 122.82 33.89 13.17
C ILE E 112 122.28 32.81 14.09
N TRP E 113 122.15 33.15 15.38
CA TRP E 113 121.62 32.24 16.36
C TRP E 113 120.26 31.72 15.91
N ARG E 114 119.29 32.63 15.68
CA ARG E 114 117.92 32.18 15.37
C ARG E 114 117.91 31.40 14.06
N GLN E 115 118.67 31.90 13.09
CA GLN E 115 118.79 31.18 11.87
C GLN E 115 119.00 29.70 12.15
N ALA E 116 119.85 29.38 13.13
CA ALA E 116 120.18 27.99 13.43
C ALA E 116 119.01 27.33 14.11
N ASN E 117 118.37 28.00 15.05
CA ASN E 117 117.15 27.45 15.71
C ASN E 117 115.80 27.69 15.00
N ASN E 118 115.81 27.77 13.67
CA ASN E 118 114.56 28.04 12.98
C ASN E 118 113.90 29.39 13.31
N GLY E 119 114.70 30.40 13.59
CA GLY E 119 114.12 31.67 13.93
C GLY E 119 113.47 31.66 15.30
N ASP E 120 113.68 30.57 16.04
CA ASP E 120 113.22 30.51 17.41
C ASP E 120 114.19 31.18 18.36
N ASP E 121 113.79 31.26 19.62
CA ASP E 121 114.64 31.91 20.61
C ASP E 121 115.53 30.86 21.28
N ALA E 122 114.89 29.71 21.48
CA ALA E 122 115.48 28.56 22.10
C ALA E 122 116.20 29.04 23.34
N THR E 123 115.45 29.57 24.31
CA THR E 123 116.10 30.06 25.54
C THR E 123 116.81 28.90 26.17
N ALA E 124 116.18 27.73 26.10
CA ALA E 124 116.83 26.53 26.58
C ALA E 124 118.29 26.46 26.11
N GLY E 125 118.46 26.65 24.81
CA GLY E 125 119.79 26.59 24.24
C GLY E 125 120.81 27.53 24.87
N LEU E 126 120.42 28.77 25.12
CA LEU E 126 121.34 29.76 25.66
C LEU E 126 121.59 29.38 27.11
N THR E 127 120.51 28.91 27.75
CA THR E 127 120.54 28.54 29.13
C THR E 127 121.47 27.38 29.26
N HIS E 128 121.56 26.53 28.21
CA HIS E 128 122.40 25.34 28.26
C HIS E 128 123.86 25.72 28.36
N MET E 129 124.28 26.72 27.59
CA MET E 129 125.66 27.12 27.57
C MET E 129 125.80 27.99 28.78
N MET E 130 124.66 28.42 29.31
CA MET E 130 124.66 29.27 30.51
C MET E 130 125.13 28.34 31.62
N ILE E 131 124.78 27.06 31.54
CA ILE E 131 125.19 26.11 32.57
C ILE E 131 126.60 25.54 32.36
N TRP E 132 126.92 25.32 31.09
CA TRP E 132 128.18 24.72 30.81
C TRP E 132 129.21 25.65 31.43
N HIS E 133 128.92 26.93 31.35
CA HIS E 133 129.84 27.89 31.90
C HIS E 133 129.78 27.73 33.39
N SER E 134 128.58 27.60 33.92
CA SER E 134 128.43 27.47 35.36
C SER E 134 129.28 26.31 35.89
N ASN E 135 129.05 25.14 35.34
CA ASN E 135 129.64 23.96 35.84
C ASN E 135 131.17 23.97 35.75
N LEU E 136 131.68 24.75 34.80
CA LEU E 136 133.09 25.00 34.62
C LEU E 136 133.57 25.94 35.68
N ASN E 137 132.71 26.82 36.15
CA ASN E 137 133.19 27.82 37.07
C ASN E 137 133.13 27.27 38.48
N ASP E 138 132.17 26.41 38.71
CA ASP E 138 132.03 25.81 39.98
C ASP E 138 133.18 24.80 40.23
N ALA E 139 133.94 24.51 39.19
CA ALA E 139 135.07 23.60 39.31
C ALA E 139 136.41 24.27 39.17
N THR E 140 136.48 25.35 38.39
CA THR E 140 137.74 26.03 38.20
C THR E 140 138.02 26.89 39.42
N TYR E 141 136.95 27.43 40.02
CA TYR E 141 137.09 28.38 41.16
C TYR E 141 136.37 28.06 42.45
N GLN E 142 136.89 28.60 43.52
CA GLN E 142 136.29 28.44 44.81
C GLN E 142 135.82 29.81 45.25
N ARG E 143 134.54 29.89 45.60
CA ARG E 143 133.94 31.22 45.79
C ARG E 143 133.79 31.50 47.28
N THR E 144 134.92 31.76 47.93
CA THR E 144 134.92 31.93 49.38
C THR E 144 134.66 33.38 49.71
N ARG E 145 135.36 34.27 48.98
CA ARG E 145 135.25 35.72 49.21
C ARG E 145 133.79 36.15 49.35
N ALA E 146 132.95 35.58 48.49
CA ALA E 146 131.54 35.89 48.46
C ALA E 146 130.75 35.27 49.58
N LEU E 147 131.10 34.05 50.00
CA LEU E 147 130.30 33.33 51.02
C LEU E 147 130.38 34.04 52.38
N VAL E 148 131.60 34.44 52.71
CA VAL E 148 131.92 35.05 53.98
C VAL E 148 131.33 36.46 54.05
N ARG E 149 131.60 37.23 53.00
CA ARG E 149 131.04 38.57 52.86
C ARG E 149 129.49 38.51 52.94
N THR E 150 128.89 37.38 52.58
CA THR E 150 127.46 37.14 52.81
C THR E 150 127.20 36.70 54.25
N GLY E 151 128.12 35.95 54.85
CA GLY E 151 127.94 35.56 56.24
C GLY E 151 127.59 34.09 56.30
N MET E 152 128.18 33.37 55.33
CA MET E 152 128.07 31.91 55.16
C MET E 152 129.44 31.32 55.46
N ASP E 153 129.49 30.12 56.01
CA ASP E 153 130.78 29.55 56.31
C ASP E 153 131.52 29.07 55.04
N PRO E 154 132.80 29.49 54.85
CA PRO E 154 133.58 29.14 53.64
C PRO E 154 133.62 27.66 53.38
N ARG E 155 133.54 26.90 54.44
CA ARG E 155 133.42 25.45 54.30
C ARG E 155 132.09 24.96 53.77
N MET E 156 131.26 25.85 53.23
CA MET E 156 129.97 25.44 52.66
C MET E 156 130.03 25.38 51.14
N CYS E 157 131.22 25.10 50.61
CA CYS E 157 131.48 24.86 49.18
C CYS E 157 130.49 23.97 48.46
N SER E 158 130.26 22.76 49.00
CA SER E 158 129.38 21.74 48.40
C SER E 158 127.89 22.11 48.25
N LEU E 159 127.56 23.35 48.61
CA LEU E 159 126.21 23.82 48.62
C LEU E 159 126.13 25.00 47.68
N MET E 160 127.25 25.47 47.12
CA MET E 160 127.19 26.60 46.21
C MET E 160 127.17 26.24 44.70
N GLN E 161 126.50 25.14 44.36
CA GLN E 161 126.36 24.75 42.98
C GLN E 161 125.52 25.68 42.08
N GLY E 162 126.19 26.47 41.27
CA GLY E 162 125.48 27.35 40.39
C GLY E 162 125.42 28.74 40.98
N SER E 163 126.29 29.06 41.93
CA SER E 163 126.28 30.41 42.41
C SER E 163 126.63 31.40 41.27
N THR E 164 127.26 30.96 40.19
CA THR E 164 127.72 31.89 39.14
C THR E 164 126.64 32.08 38.09
N LEU E 165 125.64 31.23 38.21
CA LEU E 165 124.68 31.09 37.15
C LEU E 165 123.72 32.25 37.16
N PRO E 166 123.84 33.14 36.15
CA PRO E 166 122.96 34.33 36.10
C PRO E 166 121.48 33.98 36.42
N ARG E 167 120.84 34.84 37.20
CA ARG E 167 119.40 34.75 37.49
C ARG E 167 118.55 34.57 36.24
N ARG E 168 118.97 35.18 35.11
CA ARG E 168 118.34 34.98 33.81
C ARG E 168 118.14 33.48 33.47
N SER E 169 118.94 32.61 34.07
CA SER E 169 118.79 31.18 33.84
C SER E 169 117.33 30.79 33.95
N GLY E 170 116.96 29.76 33.22
CA GLY E 170 115.58 29.34 33.22
C GLY E 170 115.11 28.59 34.43
N ALA E 171 113.91 28.05 34.34
CA ALA E 171 113.33 27.32 35.43
C ALA E 171 114.10 26.02 35.70
N ALA E 172 114.65 25.39 34.65
CA ALA E 172 115.30 24.09 34.76
C ALA E 172 116.79 24.43 34.93
N GLY E 173 117.04 25.75 34.88
CA GLY E 173 118.34 26.31 35.22
C GLY E 173 118.57 26.46 36.73
N ALA E 174 117.52 26.74 37.50
CA ALA E 174 117.67 26.92 38.91
C ALA E 174 117.66 25.54 39.56
N ALA E 175 116.94 24.57 39.00
CA ALA E 175 116.91 23.21 39.62
C ALA E 175 118.30 22.60 39.86
N VAL E 176 119.30 23.15 39.16
CA VAL E 176 120.64 22.62 39.22
C VAL E 176 121.32 23.24 40.42
N LYS E 177 120.77 24.36 40.92
CA LYS E 177 121.34 25.09 42.09
C LYS E 177 121.42 24.34 43.42
N GLY E 178 122.55 24.50 44.12
CA GLY E 178 122.67 23.92 45.45
C GLY E 178 121.92 24.74 46.49
N VAL E 179 121.56 24.10 47.60
CA VAL E 179 120.79 24.73 48.70
C VAL E 179 121.49 26.04 49.14
N GLY E 180 122.79 25.92 49.37
CA GLY E 180 123.61 27.05 49.71
C GLY E 180 123.53 28.12 48.67
N THR E 181 123.20 27.79 47.43
CA THR E 181 123.26 28.83 46.38
C THR E 181 122.12 29.81 46.63
N MET E 182 121.01 29.25 47.04
CA MET E 182 119.81 30.01 47.16
C MET E 182 119.96 31.00 48.29
N VAL E 183 120.40 30.47 49.43
CA VAL E 183 120.68 31.25 50.63
C VAL E 183 121.56 32.50 50.38
N MET E 184 122.63 32.40 49.61
CA MET E 184 123.47 33.55 49.37
C MET E 184 122.71 34.70 48.72
N GLU E 185 121.64 34.34 48.03
CA GLU E 185 120.80 35.30 47.27
C GLU E 185 119.82 36.03 48.18
N LEU E 186 118.85 35.27 48.70
CA LEU E 186 117.94 35.75 49.68
C LEU E 186 118.66 36.61 50.74
N ILE E 187 119.71 36.07 51.36
CA ILE E 187 120.52 36.82 52.33
C ILE E 187 121.00 38.17 51.77
N ARG E 188 121.29 38.29 50.48
CA ARG E 188 121.74 39.58 49.99
C ARG E 188 120.55 40.45 49.67
N MET E 189 119.52 39.79 49.12
CA MET E 189 118.27 40.46 48.77
C MET E 189 117.73 41.04 50.08
N ILE E 190 117.58 40.17 51.09
CA ILE E 190 117.22 40.58 52.46
C ILE E 190 118.22 41.56 53.09
N LYS E 191 119.53 41.27 53.09
CA LYS E 191 120.51 42.12 53.77
C LYS E 191 120.48 43.59 53.33
N ARG E 192 120.41 43.85 52.04
CA ARG E 192 120.33 45.25 51.62
C ARG E 192 118.98 45.95 51.94
N GLY E 193 117.88 45.20 51.74
CA GLY E 193 116.50 45.64 52.05
C GLY E 193 116.30 45.88 53.53
N ILE E 194 116.43 44.82 54.33
CA ILE E 194 116.36 44.93 55.78
C ILE E 194 117.48 45.83 56.25
N ASN E 195 118.44 46.12 55.57
CA ASN E 195 119.41 47.13 56.01
C ASN E 195 118.83 48.47 55.60
N ARG E 206 108.82 46.58 45.29
CA ARG E 206 107.39 46.28 45.42
C ARG E 206 107.06 44.84 45.07
N ARG E 207 107.20 44.55 43.79
CA ARG E 207 106.94 43.23 43.22
C ARG E 207 107.99 42.24 43.71
N THR E 208 109.08 42.77 44.27
CA THR E 208 110.17 42.00 44.86
C THR E 208 109.71 40.88 45.80
N ARG E 209 108.48 40.94 46.26
CA ARG E 209 107.92 39.93 47.17
C ARG E 209 107.64 38.52 46.59
N ILE E 210 106.94 38.46 45.46
CA ILE E 210 106.65 37.19 44.79
C ILE E 210 107.93 36.39 44.56
N ALA E 211 109.02 37.11 44.28
CA ALA E 211 110.36 36.54 44.16
C ALA E 211 110.69 35.80 45.44
N TYR E 212 110.76 36.56 46.54
CA TYR E 212 111.20 36.02 47.83
C TYR E 212 110.47 34.74 48.19
N GLU E 213 109.14 34.74 48.08
CA GLU E 213 108.35 33.55 48.46
C GLU E 213 108.69 32.38 47.57
N ARG E 214 108.70 32.63 46.27
CA ARG E 214 109.06 31.58 45.33
C ARG E 214 110.50 31.09 45.56
N MET E 215 111.44 32.04 45.63
CA MET E 215 112.82 31.72 45.88
C MET E 215 112.87 30.80 47.06
N CYS E 216 111.93 30.92 47.99
CA CYS E 216 111.93 30.00 49.14
C CYS E 216 111.26 28.68 48.77
N ASN E 217 110.28 28.74 47.90
CA ASN E 217 109.50 27.53 47.60
C ASN E 217 110.40 26.55 46.91
N ILE E 218 111.20 27.12 46.00
CA ILE E 218 112.30 26.42 45.34
C ILE E 218 113.24 25.90 46.40
N LEU E 219 113.69 26.83 47.25
CA LEU E 219 114.55 26.53 48.36
C LEU E 219 113.94 25.32 49.03
N LYS E 220 112.66 25.39 49.37
CA LYS E 220 112.04 24.34 50.19
C LYS E 220 111.96 23.05 49.41
N GLY E 221 111.85 23.20 48.10
CA GLY E 221 111.70 22.04 47.26
C GLY E 221 113.02 21.30 47.10
N LYS E 222 114.08 21.90 47.65
CA LYS E 222 115.38 21.24 47.69
C LYS E 222 115.37 20.23 48.83
N PHE E 223 114.85 20.64 49.98
CA PHE E 223 114.74 19.75 51.14
C PHE E 223 113.84 18.59 50.84
N GLN E 224 114.18 17.45 51.42
CA GLN E 224 113.44 16.20 51.29
C GLN E 224 113.16 15.54 52.65
N THR E 225 112.89 16.35 53.67
CA THR E 225 112.48 15.84 55.00
C THR E 225 111.47 16.77 55.65
N ALA E 226 110.53 16.18 56.39
CA ALA E 226 109.51 16.94 57.13
C ALA E 226 110.00 18.32 57.60
N ALA E 227 110.74 18.33 58.72
CA ALA E 227 111.19 19.53 59.41
C ALA E 227 111.86 20.53 58.46
N GLN E 228 112.80 19.99 57.69
CA GLN E 228 113.51 20.76 56.69
C GLN E 228 112.46 21.55 55.94
N ARG E 229 111.51 20.81 55.37
CA ARG E 229 110.44 21.38 54.58
C ARG E 229 109.69 22.42 55.44
N THR E 230 109.28 22.02 56.65
CA THR E 230 108.44 22.88 57.49
C THR E 230 109.17 24.17 57.91
N MET E 231 110.47 24.05 58.19
CA MET E 231 111.19 25.19 58.75
C MET E 231 111.41 26.34 57.76
N VAL E 232 111.27 25.99 56.49
CA VAL E 232 111.48 26.88 55.39
C VAL E 232 110.32 27.81 55.37
N ASP E 233 109.14 27.22 55.63
CA ASP E 233 107.88 27.98 55.75
C ASP E 233 107.95 28.98 56.91
N GLN E 234 108.42 28.52 58.07
CA GLN E 234 108.56 29.39 59.22
C GLN E 234 109.43 30.59 58.88
N VAL E 235 110.29 30.45 57.87
CA VAL E 235 111.14 31.53 57.37
C VAL E 235 110.41 32.47 56.39
N ARG E 236 109.68 31.86 55.48
CA ARG E 236 108.90 32.58 54.48
C ARG E 236 107.73 33.39 55.06
N GLU E 237 107.55 33.34 56.38
CA GLU E 237 106.43 34.03 57.02
C GLU E 237 106.61 35.55 57.14
N SER E 238 107.85 36.02 57.28
CA SER E 238 108.10 37.44 57.55
C SER E 238 108.27 38.32 56.28
N ARG E 239 107.52 39.43 56.23
CA ARG E 239 107.59 40.35 55.10
C ARG E 239 108.95 41.02 55.08
N ASN E 240 109.38 41.48 56.24
CA ASN E 240 110.68 42.11 56.36
C ASN E 240 111.56 41.20 57.21
N PRO E 241 111.93 40.01 56.69
CA PRO E 241 112.66 39.02 57.49
C PRO E 241 114.04 39.51 57.89
N GLY E 242 114.26 39.78 59.18
CA GLY E 242 115.54 40.35 59.57
C GLY E 242 116.47 39.23 59.99
N ASN E 243 117.50 39.60 60.78
CA ASN E 243 118.41 38.63 61.38
C ASN E 243 117.76 37.37 61.94
N ALA E 244 116.48 37.46 62.29
CA ALA E 244 115.68 36.29 62.70
C ALA E 244 115.81 35.19 61.64
N GLU E 245 115.56 35.58 60.40
CA GLU E 245 115.65 34.70 59.23
C GLU E 245 117.14 34.53 58.89
N PHE E 246 117.82 35.67 58.64
CA PHE E 246 119.27 35.71 58.36
C PHE E 246 120.02 34.60 59.12
N GLU E 247 119.83 34.57 60.43
CA GLU E 247 120.41 33.50 61.21
C GLU E 247 119.76 32.11 60.97
N ASP E 248 118.44 32.04 60.72
CA ASP E 248 117.84 30.70 60.63
C ASP E 248 118.16 29.88 59.35
N LEU E 249 118.24 30.56 58.20
CA LEU E 249 118.43 29.88 56.92
C LEU E 249 119.85 29.33 56.90
N ILE E 250 120.77 30.13 57.44
CA ILE E 250 122.15 29.74 57.59
C ILE E 250 122.21 28.39 58.28
N PHE E 251 121.36 28.24 59.30
CA PHE E 251 121.19 26.95 60.00
C PHE E 251 120.83 25.79 58.99
N LEU E 252 119.69 25.99 58.35
CA LEU E 252 119.15 25.11 57.32
C LEU E 252 120.23 24.87 56.24
N ALA E 253 121.03 25.89 55.93
CA ALA E 253 122.17 25.72 55.01
C ALA E 253 123.08 24.57 55.52
N ARG E 254 123.41 24.66 56.81
CA ARG E 254 124.22 23.67 57.43
C ARG E 254 123.50 22.33 57.60
N SER E 255 122.18 22.33 57.64
CA SER E 255 121.46 21.07 57.80
C SER E 255 121.62 20.18 56.56
N ALA E 256 121.86 20.83 55.43
CA ALA E 256 121.91 20.19 54.12
C ALA E 256 123.23 19.49 53.91
N LEU E 257 124.21 19.87 54.75
CA LEU E 257 125.54 19.28 54.84
C LEU E 257 125.40 17.90 55.35
N ILE E 258 124.27 17.59 55.97
CA ILE E 258 124.09 16.30 56.54
C ILE E 258 122.85 15.65 55.93
N LEU E 259 121.75 16.40 55.90
CA LEU E 259 120.49 15.96 55.28
C LEU E 259 120.40 16.79 54.02
N ARG E 260 120.98 16.23 52.96
CA ARG E 260 121.18 16.99 51.75
C ARG E 260 119.80 17.15 51.13
N GLY E 261 119.70 18.01 50.12
CA GLY E 261 118.50 18.13 49.32
C GLY E 261 118.58 17.54 47.93
N SER E 262 117.53 17.76 47.16
CA SER E 262 117.48 17.33 45.79
C SER E 262 118.03 18.45 44.91
N VAL E 263 119.18 18.20 44.32
CA VAL E 263 119.72 19.10 43.31
C VAL E 263 120.12 18.32 42.07
N ALA E 264 119.40 18.62 40.99
CA ALA E 264 119.72 18.13 39.65
C ALA E 264 121.12 18.52 39.16
N HIS E 265 121.75 17.57 38.44
CA HIS E 265 123.03 17.77 37.76
C HIS E 265 122.82 17.59 36.26
N LYS E 266 123.33 18.52 35.46
CA LYS E 266 123.15 18.52 34.00
C LYS E 266 124.53 18.44 33.30
N SER E 267 124.73 17.40 32.48
CA SER E 267 125.98 17.23 31.75
C SER E 267 126.00 18.16 30.55
N CYS E 268 126.55 19.33 30.70
CA CYS E 268 126.49 20.29 29.58
C CYS E 268 127.80 20.47 28.93
N LEU E 269 127.99 19.98 27.70
CA LEU E 269 129.30 20.02 27.03
C LEU E 269 129.48 21.31 26.29
N PRO E 270 130.73 21.72 25.95
CA PRO E 270 131.08 22.95 25.22
C PRO E 270 130.44 22.98 23.87
N ALA E 271 130.19 24.17 23.34
CA ALA E 271 129.55 24.30 22.03
C ALA E 271 130.24 23.48 20.93
N CYS E 272 131.57 23.39 21.02
CA CYS E 272 132.31 22.77 19.96
C CYS E 272 131.94 21.28 19.87
N VAL E 273 131.67 20.70 21.01
CA VAL E 273 131.43 19.30 21.05
C VAL E 273 130.14 19.01 20.33
N TYR E 274 129.07 19.75 20.61
CA TYR E 274 127.82 19.67 19.90
C TYR E 274 127.97 20.10 18.43
N GLY E 275 128.62 21.23 18.17
CA GLY E 275 128.92 21.61 16.74
C GLY E 275 129.58 20.51 15.96
N SER E 276 130.62 19.94 16.51
CA SER E 276 131.32 18.90 15.83
C SER E 276 130.40 17.68 15.55
N ALA E 277 129.60 17.31 16.53
CA ALA E 277 128.67 16.21 16.47
C ALA E 277 127.61 16.42 15.41
N VAL E 278 127.07 17.63 15.36
CA VAL E 278 126.04 17.97 14.39
C VAL E 278 126.62 17.86 13.00
N ALA E 279 127.84 18.34 12.85
CA ALA E 279 128.56 18.34 11.59
C ALA E 279 128.89 16.94 11.14
N SER E 280 129.09 16.03 12.08
CA SER E 280 129.35 14.63 11.81
C SER E 280 128.09 13.85 11.48
N GLY E 281 127.00 14.55 11.25
CA GLY E 281 125.87 13.83 10.87
C GLY E 281 124.88 13.63 12.01
N TYR E 282 125.30 13.61 13.28
CA TYR E 282 124.33 13.29 14.35
C TYR E 282 123.24 14.24 14.32
N ASP E 283 122.04 13.70 14.23
CA ASP E 283 120.83 14.50 14.11
C ASP E 283 119.97 14.27 15.34
N PHE E 284 120.35 14.90 16.45
CA PHE E 284 119.84 14.58 17.79
C PHE E 284 118.36 14.67 17.96
N GLU E 285 117.73 15.75 17.51
CA GLU E 285 116.25 15.78 17.54
C GLU E 285 115.56 14.51 17.01
N ARG E 286 116.19 13.78 16.10
CA ARG E 286 115.63 12.57 15.57
C ARG E 286 116.09 11.41 16.35
N GLU E 287 117.37 11.38 16.74
CA GLU E 287 117.94 10.24 17.48
C GLU E 287 117.87 10.44 18.99
N GLY E 288 117.37 11.56 19.47
CA GLY E 288 117.23 11.71 20.88
C GLY E 288 118.56 11.98 21.59
N TYR E 289 118.48 12.74 22.68
CA TYR E 289 119.63 13.07 23.47
C TYR E 289 119.23 13.35 24.95
N SER E 290 120.14 13.15 25.92
CA SER E 290 119.87 13.48 27.34
C SER E 290 120.99 14.28 27.93
N LEU E 291 120.73 14.87 29.10
CA LEU E 291 121.76 15.56 29.88
C LEU E 291 122.02 14.81 31.18
N VAL E 292 121.27 13.72 31.43
CA VAL E 292 121.44 13.00 32.70
C VAL E 292 121.49 11.49 32.40
N GLY E 293 121.57 11.15 31.10
CA GLY E 293 121.72 9.75 30.73
C GLY E 293 123.08 9.35 30.24
N ILE E 294 123.09 8.38 29.35
CA ILE E 294 124.34 7.90 28.73
C ILE E 294 124.75 8.77 27.53
N ASP E 295 123.84 9.60 27.07
CA ASP E 295 124.05 10.35 25.83
C ASP E 295 125.32 11.21 25.97
N PRO E 296 125.37 12.00 27.04
CA PRO E 296 126.48 12.93 27.15
C PRO E 296 127.79 12.18 27.28
N PHE E 297 127.87 11.19 28.14
CA PHE E 297 129.13 10.44 28.18
C PHE E 297 129.49 9.89 26.81
N ARG E 298 128.55 9.26 26.12
CA ARG E 298 128.85 8.63 24.83
C ARG E 298 129.41 9.66 23.83
N LEU E 299 128.77 10.82 23.77
CA LEU E 299 129.23 11.86 22.92
C LEU E 299 130.66 12.21 23.26
N LEU E 300 130.99 12.38 24.54
CA LEU E 300 132.35 12.72 24.94
C LEU E 300 133.31 11.54 24.71
N GLN E 301 132.82 10.38 24.27
CA GLN E 301 133.72 9.25 24.08
C GLN E 301 134.42 9.35 22.73
N ASN E 302 133.98 10.33 21.92
CA ASN E 302 134.52 10.53 20.57
C ASN E 302 134.90 11.96 20.24
N SER E 303 134.80 12.81 21.24
CA SER E 303 135.02 14.21 21.04
C SER E 303 136.51 14.45 20.86
N GLN E 304 136.86 15.39 19.99
CA GLN E 304 138.26 15.69 19.76
C GLN E 304 138.46 17.12 20.21
N VAL E 305 138.43 17.37 21.51
CA VAL E 305 138.55 18.72 21.96
C VAL E 305 139.99 19.06 22.32
N TYR E 306 140.45 20.20 21.80
CA TYR E 306 141.77 20.69 22.16
C TYR E 306 141.73 21.90 23.06
N SER E 307 142.81 22.09 23.81
CA SER E 307 142.88 23.21 24.73
C SER E 307 144.22 23.90 24.84
N LEU E 308 144.22 25.22 24.97
CA LEU E 308 145.48 25.96 25.20
C LEU E 308 145.97 25.65 26.56
N ILE E 309 147.28 25.50 26.63
CA ILE E 309 147.92 25.05 27.87
C ILE E 309 149.22 25.80 28.14
N ARG E 310 149.25 26.47 29.29
CA ARG E 310 150.44 27.21 29.72
C ARG E 310 151.70 26.33 29.90
N PRO E 311 152.93 26.92 29.71
CA PRO E 311 154.22 26.21 29.68
C PRO E 311 154.47 25.21 30.80
N ASN E 312 154.20 25.63 32.03
CA ASN E 312 154.40 24.68 33.12
C ASN E 312 153.23 23.81 33.56
N GLU E 313 152.11 23.86 32.83
CA GLU E 313 150.89 23.17 33.29
C GLU E 313 150.87 21.72 32.86
N ASN E 314 150.11 20.91 33.58
CA ASN E 314 150.07 19.50 33.32
C ASN E 314 148.86 19.19 32.50
N PRO E 315 149.07 18.66 31.27
CA PRO E 315 147.93 18.30 30.40
C PRO E 315 146.87 17.40 31.09
N ALA E 316 147.37 16.37 31.75
CA ALA E 316 146.50 15.36 32.32
C ALA E 316 145.61 16.03 33.34
N HIS E 317 146.17 17.09 33.93
CA HIS E 317 145.53 17.81 35.00
C HIS E 317 144.49 18.72 34.36
N LYS E 318 144.83 19.24 33.17
CA LYS E 318 143.91 20.11 32.44
C LYS E 318 142.63 19.37 32.05
N SER E 319 142.81 18.22 31.40
CA SER E 319 141.70 17.39 31.01
C SER E 319 140.78 17.09 32.19
N GLN E 320 141.39 16.79 33.34
CA GLN E 320 140.60 16.46 34.49
C GLN E 320 139.58 17.55 34.72
N LEU E 321 140.07 18.78 34.84
CA LEU E 321 139.24 19.97 35.08
C LEU E 321 138.00 19.99 34.18
N VAL E 322 138.23 20.25 32.89
CA VAL E 322 137.13 20.13 31.88
C VAL E 322 136.18 18.96 32.07
N TRP E 323 136.73 17.77 32.30
CA TRP E 323 135.90 16.60 32.53
C TRP E 323 134.95 16.81 33.69
N MET E 324 135.39 17.52 34.72
CA MET E 324 134.55 17.66 35.92
C MET E 324 133.49 18.69 35.67
N ALA E 325 133.80 19.66 34.80
CA ALA E 325 132.81 20.63 34.37
C ALA E 325 131.81 20.03 33.40
N CYS E 326 132.19 18.99 32.68
CA CYS E 326 131.20 18.38 31.82
C CYS E 326 130.07 17.60 32.54
N HIS E 327 130.32 17.28 33.80
CA HIS E 327 129.25 16.65 34.54
C HIS E 327 128.83 17.28 35.91
N SER E 328 129.35 18.45 36.26
CA SER E 328 128.95 19.06 37.54
C SER E 328 129.45 18.10 38.65
N ALA E 329 130.73 17.73 38.54
CA ALA E 329 131.35 16.81 39.49
C ALA E 329 132.35 17.60 40.27
N ALA E 330 132.06 18.89 40.53
CA ALA E 330 133.06 19.71 41.26
C ALA E 330 132.89 19.55 42.72
N PHE E 331 131.84 18.87 43.17
CA PHE E 331 131.62 18.74 44.60
C PHE E 331 131.28 17.31 44.81
N GLU E 332 131.69 16.45 43.88
CA GLU E 332 131.37 15.05 44.02
C GLU E 332 132.47 14.41 44.88
N ASP E 333 132.23 13.20 45.39
CA ASP E 333 133.24 12.52 46.17
C ASP E 333 134.37 12.07 45.23
N LEU E 334 135.60 12.60 45.41
CA LEU E 334 136.69 12.33 44.49
C LEU E 334 136.78 10.84 44.21
N ARG E 335 136.50 10.04 45.24
CA ARG E 335 136.58 8.58 45.13
C ARG E 335 135.76 8.07 43.99
N VAL E 336 134.50 8.49 43.97
CA VAL E 336 133.57 8.05 42.94
C VAL E 336 133.92 8.67 41.57
N SER E 337 134.20 9.98 41.54
CA SER E 337 134.64 10.64 40.33
C SER E 337 135.77 9.86 39.68
N SER E 338 136.77 9.45 40.44
CA SER E 338 137.89 8.70 39.87
C SER E 338 137.47 7.33 39.44
N PHE E 339 136.44 6.81 40.11
CA PHE E 339 136.06 5.45 39.89
C PHE E 339 135.46 5.42 38.50
N ILE E 340 134.51 6.31 38.27
CA ILE E 340 133.80 6.40 37.02
C ILE E 340 134.72 6.94 35.89
N ARG E 341 135.55 7.91 36.26
CA ARG E 341 136.49 8.53 35.37
C ARG E 341 137.39 7.52 34.73
N GLY E 342 137.91 6.61 35.54
CA GLY E 342 138.78 5.62 34.96
C GLY E 342 140.19 5.81 35.40
N THR E 343 140.49 7.03 35.88
CA THR E 343 141.83 7.45 36.31
C THR E 343 141.79 8.41 37.50
N LYS E 344 142.93 8.58 38.15
CA LYS E 344 142.93 9.53 39.27
C LYS E 344 142.24 10.88 39.03
N VAL E 345 141.41 11.27 39.99
CA VAL E 345 140.78 12.56 39.95
C VAL E 345 141.38 13.35 41.10
N VAL E 346 142.45 14.04 40.76
CA VAL E 346 143.20 14.73 41.77
C VAL E 346 142.49 15.96 42.31
N PRO E 347 142.63 16.26 43.61
CA PRO E 347 142.06 17.43 44.30
C PRO E 347 142.50 18.74 43.72
N ARG E 348 141.74 19.79 44.03
CA ARG E 348 141.95 21.09 43.42
C ARG E 348 143.32 21.59 43.74
N GLY E 349 143.70 21.57 45.01
CA GLY E 349 145.03 22.08 45.38
C GLY E 349 146.18 21.48 44.57
N LYS E 350 146.17 20.16 44.43
CA LYS E 350 147.20 19.46 43.73
C LYS E 350 147.05 19.55 42.25
N LEU E 351 146.04 20.28 41.81
CA LEU E 351 145.82 20.44 40.38
C LEU E 351 146.66 21.51 39.79
N SER E 352 147.36 21.15 38.73
CA SER E 352 148.21 22.09 38.02
C SER E 352 147.55 22.90 36.90
N THR E 353 146.84 23.96 37.28
CA THR E 353 146.22 24.82 36.29
C THR E 353 145.48 25.95 37.01
N ARG E 354 145.35 27.07 36.28
CA ARG E 354 144.85 28.29 36.88
C ARG E 354 143.50 28.62 36.25
N GLY E 355 143.23 28.03 35.09
CA GLY E 355 142.00 28.35 34.46
C GLY E 355 142.13 28.10 32.99
N VAL E 356 141.02 27.77 32.38
CA VAL E 356 141.03 27.33 31.02
C VAL E 356 141.12 28.50 30.04
N GLN E 357 140.52 29.64 30.43
CA GLN E 357 140.55 30.84 29.59
C GLN E 357 141.88 31.50 29.76
N ILE E 358 142.31 32.11 28.68
CA ILE E 358 143.59 32.75 28.67
C ILE E 358 143.40 34.26 28.88
N ALA E 359 144.10 34.80 29.86
CA ALA E 359 144.00 36.21 30.18
C ALA E 359 144.83 37.05 29.23
N SER E 360 144.40 38.31 29.05
CA SER E 360 145.10 39.32 28.18
C SER E 360 146.54 39.60 28.60
N ASN E 361 146.85 39.21 29.83
CA ASN E 361 148.11 39.44 30.43
C ASN E 361 149.16 38.58 29.77
N GLU E 362 148.80 37.33 29.49
CA GLU E 362 149.77 36.31 29.12
C GLU E 362 150.25 36.54 27.76
N ASN E 363 151.26 35.80 27.32
CA ASN E 363 151.75 36.00 25.98
C ASN E 363 151.60 34.73 25.25
N MET E 364 151.61 34.80 23.94
CA MET E 364 151.46 33.61 23.12
C MET E 364 152.78 32.89 22.81
N GLU E 365 153.91 33.58 23.00
CA GLU E 365 155.16 33.03 22.57
C GLU E 365 155.31 31.73 23.32
N THR E 366 155.12 31.80 24.64
CA THR E 366 155.32 30.64 25.49
C THR E 366 154.01 29.92 25.72
N MET E 367 153.31 29.61 24.64
CA MET E 367 151.98 29.00 24.79
C MET E 367 151.87 27.85 23.79
N GLU E 368 151.28 26.74 24.22
CA GLU E 368 151.08 25.60 23.35
C GLU E 368 149.75 24.95 23.73
N SER E 369 149.38 23.86 23.05
CA SER E 369 148.04 23.32 23.21
C SER E 369 148.03 21.80 23.26
N SER E 370 147.20 21.21 24.10
CA SER E 370 147.10 19.77 24.20
C SER E 370 145.71 19.23 23.89
N THR E 371 145.60 17.92 23.71
CA THR E 371 144.36 17.28 23.39
C THR E 371 143.77 16.75 24.72
N LEU E 372 142.54 17.21 24.99
CA LEU E 372 141.90 17.00 26.27
C LEU E 372 141.40 15.58 26.34
N GLU E 373 141.71 14.89 27.44
CA GLU E 373 141.21 13.54 27.68
C GLU E 373 139.86 13.60 28.39
N LEU E 374 138.78 13.42 27.61
CA LEU E 374 137.41 13.51 28.18
C LEU E 374 136.64 12.20 28.32
N ARG E 375 137.23 11.13 27.78
CA ARG E 375 136.67 9.80 27.87
C ARG E 375 136.54 9.39 29.35
N SER E 376 135.57 8.53 29.67
CA SER E 376 135.42 8.02 31.02
C SER E 376 135.30 6.50 30.99
N ARG E 377 135.47 5.88 32.15
CA ARG E 377 135.45 4.43 32.22
C ARG E 377 134.01 3.96 32.15
N TYR E 378 133.22 4.31 33.15
CA TYR E 378 131.81 3.97 33.15
C TYR E 378 131.02 5.27 33.08
N TRP E 379 129.71 5.15 33.28
CA TRP E 379 128.81 6.27 33.40
C TRP E 379 127.78 6.00 34.47
N ALA E 380 127.14 7.07 34.90
CA ALA E 380 126.17 7.00 35.97
C ALA E 380 124.99 7.96 35.86
N ILE E 381 123.80 7.53 36.28
CA ILE E 381 122.67 8.40 36.09
C ILE E 381 122.87 9.70 36.89
N ARG E 382 123.24 10.83 36.27
CA ARG E 382 123.42 12.04 37.09
C ARG E 382 122.12 12.20 37.89
N THR E 383 122.17 12.12 39.23
CA THR E 383 120.94 12.25 40.07
C THR E 383 120.60 13.66 40.53
N ARG E 384 119.50 13.74 41.29
CA ARG E 384 119.04 14.99 41.87
C ARG E 384 118.96 14.88 43.39
N SER E 385 118.51 13.71 43.84
CA SER E 385 118.46 13.32 45.24
C SER E 385 119.72 13.53 46.09
N GLY E 386 119.58 14.05 47.30
CA GLY E 386 120.68 14.11 48.25
C GLY E 386 120.87 12.87 49.16
N GLY E 387 120.13 11.75 48.92
CA GLY E 387 120.13 10.60 49.88
C GLY E 387 119.45 10.85 51.25
N ASN E 388 118.91 9.80 51.87
CA ASN E 388 118.43 9.89 53.27
C ASN E 388 118.35 8.53 54.02
N THR E 389 118.48 8.56 55.35
CA THR E 389 118.29 7.34 56.18
C THR E 389 117.13 7.50 57.18
N GLN E 398 86.90 23.24 81.86
CA GLN E 398 86.12 22.42 80.95
C GLN E 398 86.32 20.90 81.13
N ILE E 399 85.50 20.06 80.49
CA ILE E 399 85.54 18.59 80.63
C ILE E 399 85.17 17.90 79.29
N SER E 400 84.50 18.66 78.44
CA SER E 400 84.11 18.20 77.13
C SER E 400 84.25 19.36 76.16
N ILE E 401 84.33 19.03 74.87
CA ILE E 401 84.39 20.02 73.83
C ILE E 401 83.09 20.07 73.04
N GLN E 402 82.50 21.28 72.94
CA GLN E 402 81.31 21.53 72.08
C GLN E 402 81.73 21.71 70.64
N PRO E 403 81.26 20.91 69.72
CA PRO E 403 81.81 21.03 68.36
C PRO E 403 81.20 22.19 67.55
N THR E 404 82.05 22.98 66.89
CA THR E 404 81.54 24.14 66.16
C THR E 404 81.66 23.88 64.70
N PHE E 405 82.49 22.95 64.27
CA PHE E 405 82.60 22.73 62.83
C PHE E 405 82.43 21.27 62.40
N SER E 406 82.25 21.07 61.11
CA SER E 406 82.03 19.75 60.62
C SER E 406 83.37 19.22 60.10
N VAL E 407 84.09 18.49 60.95
CA VAL E 407 85.34 17.87 60.51
C VAL E 407 85.60 16.54 61.22
N GLN E 408 86.47 15.72 60.64
CA GLN E 408 86.89 14.49 61.28
C GLN E 408 87.72 14.74 62.54
N ARG E 409 87.02 14.69 63.67
CA ARG E 409 87.63 15.02 64.95
C ARG E 409 87.16 14.18 66.12
N ASN E 410 88.13 13.51 66.75
CA ASN E 410 87.86 12.81 68.00
C ASN E 410 87.29 13.82 68.99
N LEU E 411 86.09 13.62 69.47
CA LEU E 411 85.59 14.63 70.37
C LEU E 411 85.98 14.42 71.82
N PRO E 412 86.83 15.30 72.40
CA PRO E 412 87.30 15.18 73.80
C PRO E 412 86.32 15.37 74.93
N SER E 431 108.04 22.66 68.91
CA SER E 431 108.86 23.54 69.78
C SER E 431 109.71 24.47 68.91
N ASP E 432 111.03 24.20 68.85
CA ASP E 432 111.88 24.87 67.88
C ASP E 432 112.08 23.88 66.77
N MET E 433 111.67 24.20 65.54
CA MET E 433 111.85 23.23 64.45
C MET E 433 113.35 22.91 64.24
N ARG E 434 114.20 23.80 64.75
CA ARG E 434 115.65 23.58 64.77
C ARG E 434 115.93 22.27 65.43
N THR E 435 115.41 22.12 66.63
CA THR E 435 115.58 20.92 67.45
C THR E 435 115.29 19.66 66.63
N GLU E 436 114.16 19.66 65.95
CA GLU E 436 113.77 18.53 65.15
C GLU E 436 114.95 18.12 64.25
N ILE E 437 115.50 19.09 63.53
CA ILE E 437 116.58 18.87 62.59
C ILE E 437 117.86 18.45 63.30
N ILE E 438 118.25 19.25 64.29
CA ILE E 438 119.44 18.96 65.07
C ILE E 438 119.41 17.52 65.56
N ARG E 439 118.23 17.05 65.91
CA ARG E 439 118.02 15.69 66.35
C ARG E 439 118.20 14.72 65.18
N LEU E 440 117.85 15.17 63.98
CA LEU E 440 117.97 14.32 62.81
C LEU E 440 119.41 14.33 62.37
N MET E 441 119.94 15.55 62.08
CA MET E 441 121.41 15.73 61.98
C MET E 441 122.28 14.69 62.76
N GLU E 442 122.10 14.64 64.09
CA GLU E 442 122.75 13.67 64.98
C GLU E 442 122.81 12.21 64.53
N SER E 443 121.65 11.59 64.30
CA SER E 443 121.64 10.15 64.06
C SER E 443 122.36 9.80 62.77
N ALA E 444 122.77 10.86 62.07
CA ALA E 444 123.39 10.71 60.76
C ALA E 444 124.90 10.44 60.81
N ARG E 445 125.31 9.32 60.21
CA ARG E 445 126.73 8.98 60.09
C ARG E 445 127.28 9.11 58.65
N PRO E 446 128.52 9.60 58.53
CA PRO E 446 129.08 9.85 57.23
C PRO E 446 129.13 8.59 56.46
N GLU E 447 129.25 7.47 57.18
CA GLU E 447 129.28 6.12 56.56
C GLU E 447 127.94 5.65 56.03
N ASP E 448 126.88 6.41 56.36
CA ASP E 448 125.50 6.08 55.95
C ASP E 448 125.34 5.95 54.45
N VAL E 449 125.07 4.73 54.00
CA VAL E 449 125.00 4.41 52.59
C VAL E 449 123.83 5.11 51.93
N SER E 450 124.04 5.82 50.81
CA SER E 450 122.93 6.37 49.97
C SER E 450 122.76 5.69 48.59
N PHE E 451 121.65 5.99 47.90
CA PHE E 451 121.38 5.41 46.58
C PHE E 451 121.57 3.89 46.63
N GLN E 452 120.98 3.29 47.67
CA GLN E 452 121.09 1.84 47.90
C GLN E 452 120.72 1.08 46.61
N GLY E 453 121.53 0.11 46.19
CA GLY E 453 121.23 -0.60 44.94
C GLY E 453 121.62 0.07 43.60
N ARG E 454 121.62 1.43 43.55
CA ARG E 454 122.05 2.20 42.37
C ARG E 454 123.50 1.93 42.11
N GLY E 455 123.89 1.82 40.84
CA GLY E 455 125.28 1.54 40.48
C GLY E 455 125.77 2.31 39.25
N VAL E 456 126.81 1.77 38.62
CA VAL E 456 127.44 2.48 37.51
C VAL E 456 127.22 1.63 36.30
N PHE E 457 127.20 2.25 35.12
CA PHE E 457 126.95 1.46 33.94
C PHE E 457 128.13 1.48 33.01
N GLU E 458 128.36 0.35 32.36
CA GLU E 458 129.33 0.27 31.30
C GLU E 458 128.88 1.19 30.17
N LEU E 459 129.84 1.57 29.32
CA LEU E 459 129.53 2.46 28.22
C LEU E 459 128.87 1.70 27.09
N SER E 460 128.90 0.35 27.11
CA SER E 460 128.14 -0.44 26.16
C SER E 460 126.67 -0.52 26.58
N ASP E 461 126.41 -0.46 27.88
CA ASP E 461 125.07 -0.67 28.43
C ASP E 461 124.20 0.53 28.18
N GLU E 462 123.67 0.56 26.97
CA GLU E 462 122.95 1.73 26.49
C GLU E 462 121.71 1.98 27.30
N LYS E 463 120.96 0.90 27.44
CA LYS E 463 119.78 0.81 28.29
C LYS E 463 120.30 0.83 29.73
N ALA E 464 119.43 1.12 30.67
CA ALA E 464 119.92 1.08 32.05
C ALA E 464 119.90 -0.35 32.66
N THR E 465 120.00 -1.33 31.79
CA THR E 465 119.87 -2.71 32.15
C THR E 465 120.65 -3.17 33.34
N SER E 466 121.92 -3.49 33.18
CA SER E 466 122.72 -4.02 34.27
C SER E 466 123.64 -3.03 35.01
N PRO E 467 123.38 -2.83 36.31
CA PRO E 467 124.09 -1.86 37.18
C PRO E 467 125.32 -2.49 37.80
N ILE E 468 126.28 -1.67 38.24
CA ILE E 468 127.51 -2.20 38.82
C ILE E 468 127.75 -1.48 40.08
N VAL E 469 127.98 -2.23 41.14
CA VAL E 469 128.20 -1.63 42.45
C VAL E 469 129.68 -1.50 42.78
N PRO E 470 130.14 -0.29 43.07
CA PRO E 470 131.54 -0.03 43.40
C PRO E 470 131.85 -0.30 44.84
N SER E 471 133.02 -0.86 45.04
CA SER E 471 133.48 -1.18 46.37
C SER E 471 134.70 -0.29 46.56
N PHE E 472 134.63 0.63 47.52
CA PHE E 472 135.75 1.58 47.76
C PHE E 472 136.91 1.13 48.67
N ASP E 473 136.89 -0.12 49.12
CA ASP E 473 138.00 -0.64 49.90
C ASP E 473 139.18 -0.46 48.93
N MET E 474 140.05 0.51 49.21
CA MET E 474 141.06 0.90 48.20
C MET E 474 141.98 2.02 48.65
N SER E 475 143.14 2.17 48.04
CA SER E 475 144.02 3.25 48.43
C SER E 475 143.55 4.41 47.64
N ASN E 476 142.65 5.19 48.21
CA ASN E 476 142.02 6.31 47.52
C ASN E 476 142.91 7.54 47.61
N GLU E 477 142.37 8.72 47.31
CA GLU E 477 143.15 9.95 47.35
C GLU E 477 142.30 11.13 47.89
N GLY E 478 141.46 10.89 48.90
CA GLY E 478 140.59 11.97 49.34
C GLY E 478 139.13 11.85 48.87
N SER E 479 138.31 12.78 49.33
CA SER E 479 136.94 12.85 48.92
C SER E 479 136.51 14.28 48.60
N TYR E 480 137.22 15.27 49.08
CA TYR E 480 136.84 16.65 48.91
C TYR E 480 137.67 17.39 47.84
N PHE E 481 137.18 17.48 46.61
CA PHE E 481 137.87 18.26 45.61
C PHE E 481 138.43 19.59 46.14
N PHE E 482 137.77 20.18 47.14
CA PHE E 482 138.23 21.44 47.69
C PHE E 482 138.74 21.37 49.16
N ASN F 14 98.29 6.23 17.94
CA ASN F 14 99.64 6.82 17.67
C ASN F 14 99.64 7.84 16.51
N ALA F 15 99.40 9.08 16.92
CA ALA F 15 99.32 10.24 16.06
C ALA F 15 100.71 10.86 15.81
N THR F 16 101.78 10.12 16.04
CA THR F 16 103.10 10.71 15.87
C THR F 16 103.62 10.41 14.47
N GLU F 17 103.92 9.15 14.21
CA GLU F 17 104.47 8.77 12.91
C GLU F 17 103.40 9.01 11.85
N ILE F 18 102.37 8.18 11.90
CA ILE F 18 101.29 8.20 10.91
C ILE F 18 100.80 9.62 10.56
N ARG F 19 100.52 10.46 11.57
CA ARG F 19 99.97 11.77 11.25
C ARG F 19 101.01 12.79 10.80
N ALA F 20 102.23 12.61 11.25
CA ALA F 20 103.24 13.61 11.00
C ALA F 20 104.18 13.18 9.86
N SER F 21 104.34 11.88 9.70
CA SER F 21 105.18 11.39 8.62
C SER F 21 104.50 11.58 7.26
N VAL F 22 103.17 11.67 7.31
CA VAL F 22 102.45 11.77 6.06
C VAL F 22 102.33 13.26 5.77
N GLY F 23 102.45 14.03 6.85
CA GLY F 23 102.54 15.46 6.74
C GLY F 23 103.82 15.88 6.03
N LYS F 24 104.86 15.10 6.28
CA LYS F 24 106.13 15.39 5.74
C LYS F 24 106.10 15.05 4.28
N MET F 25 105.26 14.10 3.92
CA MET F 25 105.24 13.76 2.51
C MET F 25 104.38 14.79 1.77
N ILE F 26 103.47 15.44 2.51
CA ILE F 26 102.62 16.42 1.92
C ILE F 26 103.41 17.72 1.72
N ASP F 27 104.25 18.08 2.71
CA ASP F 27 105.16 19.23 2.65
C ASP F 27 106.00 19.12 1.41
N GLY F 28 106.43 17.91 1.07
CA GLY F 28 107.33 17.81 -0.05
C GLY F 28 106.62 18.25 -1.32
N ILE F 29 105.39 17.75 -1.50
CA ILE F 29 104.68 18.00 -2.72
C ILE F 29 104.47 19.50 -2.79
N GLY F 30 104.09 20.10 -1.67
CA GLY F 30 103.85 21.53 -1.58
C GLY F 30 105.09 22.30 -2.04
N ARG F 31 106.10 22.32 -1.17
CA ARG F 31 107.40 22.88 -1.48
C ARG F 31 107.79 22.67 -2.95
N PHE F 32 107.77 21.43 -3.43
CA PHE F 32 108.13 21.20 -4.81
C PHE F 32 107.25 22.06 -5.81
N TYR F 33 105.93 21.90 -5.71
CA TYR F 33 105.04 22.67 -6.52
C TYR F 33 105.36 24.14 -6.51
N ILE F 34 105.71 24.68 -5.35
CA ILE F 34 106.08 26.08 -5.25
C ILE F 34 107.37 26.35 -6.07
N GLN F 35 108.37 25.51 -5.89
CA GLN F 35 109.66 25.65 -6.61
C GLN F 35 109.43 25.61 -8.08
N MET F 36 108.74 24.59 -8.48
CA MET F 36 108.41 24.42 -9.86
C MET F 36 107.57 25.54 -10.41
N CYS F 37 106.67 26.11 -9.62
CA CYS F 37 106.01 27.28 -10.12
C CYS F 37 106.98 28.42 -10.28
N THR F 38 107.88 28.56 -9.33
CA THR F 38 108.85 29.65 -9.40
C THR F 38 109.75 29.55 -10.67
N GLU F 39 109.94 28.35 -11.21
CA GLU F 39 110.73 28.19 -12.41
C GLU F 39 109.93 28.68 -13.60
N LEU F 40 108.74 28.11 -13.75
CA LEU F 40 107.92 28.50 -14.86
C LEU F 40 107.54 29.98 -14.80
N LYS F 41 107.91 30.63 -13.71
CA LYS F 41 107.60 32.04 -13.54
C LYS F 41 106.12 32.26 -13.72
N LEU F 42 105.27 31.30 -13.31
CA LEU F 42 103.80 31.52 -13.24
C LEU F 42 103.32 32.51 -12.16
N SER F 43 102.10 33.00 -12.34
CA SER F 43 101.48 33.91 -11.38
C SER F 43 100.72 33.13 -10.32
N ASP F 44 100.13 33.87 -9.37
CA ASP F 44 99.31 33.22 -8.34
C ASP F 44 98.10 32.60 -8.98
N TYR F 45 97.39 33.36 -9.80
CA TYR F 45 96.22 32.79 -10.45
C TYR F 45 96.64 31.66 -11.33
N GLU F 46 97.82 31.76 -11.89
CA GLU F 46 98.26 30.76 -12.85
C GLU F 46 98.88 29.54 -12.17
N GLY F 47 99.04 29.59 -10.85
CA GLY F 47 99.58 28.45 -10.15
C GLY F 47 98.44 27.71 -9.52
N ARG F 48 97.27 28.34 -9.54
CA ARG F 48 96.09 27.72 -8.95
C ARG F 48 95.22 27.03 -9.99
N LEU F 49 95.76 26.99 -11.21
CA LEU F 49 95.04 26.43 -12.32
C LEU F 49 95.23 24.92 -12.37
N ILE F 50 94.24 24.22 -11.87
CA ILE F 50 94.37 22.78 -11.84
C ILE F 50 94.99 22.21 -13.07
N GLN F 51 94.80 22.86 -14.20
CA GLN F 51 95.39 22.46 -15.48
C GLN F 51 96.92 22.43 -15.34
N ASN F 52 97.52 23.61 -15.15
CA ASN F 52 98.95 23.65 -14.96
C ASN F 52 99.39 22.72 -13.88
N SER F 53 98.68 22.63 -12.76
CA SER F 53 99.13 21.76 -11.69
C SER F 53 99.30 20.36 -12.25
N LEU F 54 98.28 19.84 -12.90
CA LEU F 54 98.35 18.51 -13.48
C LEU F 54 99.58 18.26 -14.31
N THR F 55 99.79 19.13 -15.27
CA THR F 55 100.93 19.02 -16.14
C THR F 55 102.19 18.84 -15.29
N ILE F 56 102.36 19.70 -14.30
CA ILE F 56 103.53 19.57 -13.45
C ILE F 56 103.62 18.21 -12.78
N GLU F 57 102.50 17.74 -12.25
CA GLU F 57 102.52 16.51 -11.51
C GLU F 57 102.97 15.37 -12.40
N ARG F 58 102.52 15.39 -13.65
CA ARG F 58 102.84 14.31 -14.55
C ARG F 58 104.30 14.39 -15.04
N MET F 59 104.80 15.60 -15.34
CA MET F 59 106.23 15.88 -15.60
C MET F 59 107.13 15.20 -14.60
N VAL F 60 106.60 14.97 -13.43
CA VAL F 60 107.48 14.53 -12.39
C VAL F 60 107.39 13.05 -12.31
N LEU F 61 106.19 12.51 -12.34
CA LEU F 61 106.02 11.10 -12.23
C LEU F 61 106.67 10.42 -13.44
N SER F 62 106.64 11.09 -14.60
CA SER F 62 107.30 10.61 -15.81
C SER F 62 108.81 10.57 -15.55
N ALA F 63 109.34 11.67 -15.04
CA ALA F 63 110.78 11.74 -14.86
C ALA F 63 111.26 10.75 -13.81
N PHE F 64 110.43 10.35 -12.87
CA PHE F 64 110.88 9.41 -11.88
C PHE F 64 110.44 8.00 -12.24
N ASP F 65 110.18 7.77 -13.54
CA ASP F 65 109.67 6.47 -14.04
C ASP F 65 109.48 6.42 -15.58
N THR F 85 111.19 15.59 -19.82
CA THR F 85 109.80 15.56 -20.28
C THR F 85 109.25 16.95 -20.29
N GLY F 86 108.07 17.10 -20.89
CA GLY F 86 107.48 18.41 -21.10
C GLY F 86 105.99 18.29 -20.85
N GLY F 87 105.24 19.33 -21.21
CA GLY F 87 103.80 19.29 -21.04
C GLY F 87 103.14 20.63 -21.35
N PRO F 88 101.78 20.62 -21.32
CA PRO F 88 100.95 21.78 -21.66
C PRO F 88 100.89 22.77 -20.50
N ILE F 89 101.26 24.01 -20.77
CA ILE F 89 101.24 25.00 -19.71
C ILE F 89 100.49 26.26 -20.11
N TYR F 90 99.38 26.52 -19.44
CA TYR F 90 98.53 27.65 -19.81
C TYR F 90 98.87 28.97 -19.10
N ARG F 91 98.90 30.03 -19.90
CA ARG F 91 99.33 31.32 -19.42
C ARG F 91 98.19 32.31 -19.59
N ARG F 92 98.23 33.40 -18.80
CA ARG F 92 97.15 34.38 -18.83
C ARG F 92 97.62 35.71 -19.40
N VAL F 93 97.16 36.08 -20.58
CA VAL F 93 97.45 37.42 -21.13
C VAL F 93 96.16 38.25 -21.17
N ASP F 94 96.29 39.58 -21.19
CA ASP F 94 95.13 40.49 -21.28
C ASP F 94 93.96 39.77 -21.95
N GLY F 95 92.96 39.36 -21.17
CA GLY F 95 91.77 38.77 -21.76
C GLY F 95 91.74 37.27 -21.93
N LYS F 96 92.67 36.73 -22.72
CA LYS F 96 92.62 35.31 -23.18
C LYS F 96 93.70 34.41 -22.67
N TRP F 97 93.52 33.10 -22.81
CA TRP F 97 94.48 32.17 -22.23
C TRP F 97 95.41 31.59 -23.26
N ARG F 98 96.71 31.64 -23.00
CA ARG F 98 97.67 31.15 -23.98
C ARG F 98 98.29 29.84 -23.50
N ARG F 99 98.19 28.80 -24.34
CA ARG F 99 98.76 27.50 -24.03
C ARG F 99 100.22 27.42 -24.48
N GLU F 100 101.15 27.18 -23.57
CA GLU F 100 102.55 26.95 -23.95
C GLU F 100 102.96 25.47 -23.92
N LEU F 101 103.62 25.04 -24.98
CA LEU F 101 104.09 23.67 -25.01
C LEU F 101 105.53 23.70 -24.58
N ILE F 102 105.87 23.16 -23.40
CA ILE F 102 107.26 23.26 -22.92
C ILE F 102 107.88 21.96 -22.53
N LEU F 103 109.22 21.98 -22.44
CA LEU F 103 110.00 20.77 -22.09
C LEU F 103 111.05 21.08 -21.01
N TYR F 104 111.29 20.13 -20.11
CA TYR F 104 112.27 20.31 -19.02
C TYR F 104 113.26 19.14 -18.89
N ASP F 105 114.47 19.44 -18.42
CA ASP F 105 115.43 18.38 -18.26
C ASP F 105 114.89 17.30 -17.34
N LYS F 106 114.56 16.14 -17.91
CA LYS F 106 114.02 15.07 -17.07
C LYS F 106 114.76 14.94 -15.74
N GLU F 107 116.05 15.32 -15.71
CA GLU F 107 116.83 15.13 -14.49
C GLU F 107 116.72 16.35 -13.64
N GLU F 108 116.71 17.50 -14.30
CA GLU F 108 116.47 18.70 -13.55
C GLU F 108 115.23 18.51 -12.65
N ILE F 109 114.19 17.90 -13.22
CA ILE F 109 112.93 17.70 -12.47
C ILE F 109 113.19 16.84 -11.28
N ARG F 110 113.95 15.79 -11.51
CA ARG F 110 114.26 14.87 -10.44
C ARG F 110 115.12 15.56 -9.38
N ARG F 111 115.91 16.54 -9.82
CA ARG F 111 116.76 17.26 -8.91
C ARG F 111 115.92 18.16 -7.99
N ILE F 112 115.06 18.94 -8.63
CA ILE F 112 114.22 19.88 -7.89
C ILE F 112 113.33 19.15 -6.90
N TRP F 113 112.82 17.98 -7.32
CA TRP F 113 111.98 17.16 -6.47
C TRP F 113 112.71 16.86 -5.17
N ARG F 114 113.89 16.24 -5.24
CA ARG F 114 114.57 15.80 -4.01
C ARG F 114 114.93 17.02 -3.16
N GLN F 115 115.40 18.08 -3.82
CA GLN F 115 115.65 19.28 -3.11
C GLN F 115 114.52 19.57 -2.14
N ALA F 116 113.27 19.40 -2.60
CA ALA F 116 112.10 19.72 -1.77
C ALA F 116 111.96 18.70 -0.68
N ASN F 117 112.12 17.42 -0.99
CA ASN F 117 112.08 16.37 0.06
C ASN F 117 113.38 16.07 0.82
N ASN F 118 114.23 17.07 1.00
CA ASN F 118 115.49 16.82 1.67
C ASN F 118 116.43 15.82 0.98
N GLY F 119 116.40 15.79 -0.34
CA GLY F 119 117.24 14.85 -1.04
C GLY F 119 116.76 13.43 -0.90
N ASP F 120 115.57 13.26 -0.31
CA ASP F 120 114.95 11.96 -0.24
C ASP F 120 114.23 11.60 -1.53
N ASP F 121 113.72 10.39 -1.59
CA ASP F 121 113.02 9.95 -2.79
C ASP F 121 111.53 10.21 -2.62
N ALA F 122 111.10 10.00 -1.39
CA ALA F 122 109.74 10.17 -0.97
C ALA F 122 108.86 9.50 -2.01
N THR F 123 108.99 8.18 -2.15
CA THR F 123 108.16 7.47 -3.15
C THR F 123 106.72 7.70 -2.79
N ALA F 124 106.44 7.71 -1.50
CA ALA F 124 105.11 8.03 -1.05
C ALA F 124 104.55 9.26 -1.79
N GLY F 125 105.36 10.32 -1.80
CA GLY F 125 104.94 11.53 -2.46
C GLY F 125 104.54 11.39 -3.92
N LEU F 126 105.31 10.65 -4.69
CA LEU F 126 105.05 10.49 -6.11
C LEU F 126 103.82 9.61 -6.24
N THR F 127 103.75 8.63 -5.34
CA THR F 127 102.69 7.68 -5.33
C THR F 127 101.42 8.43 -5.02
N HIS F 128 101.52 9.50 -4.22
CA HIS F 128 100.35 10.28 -3.81
C HIS F 128 99.70 10.94 -5.02
N MET F 129 100.52 11.52 -5.89
CA MET F 129 100.01 12.21 -7.05
C MET F 129 99.70 11.14 -8.02
N MET F 130 100.24 9.94 -7.77
CA MET F 130 100.00 8.79 -8.64
C MET F 130 98.54 8.46 -8.41
N ILE F 131 98.04 8.66 -7.20
CA ILE F 131 96.64 8.35 -6.91
C ILE F 131 95.67 9.48 -7.27
N TRP F 132 96.14 10.70 -7.06
CA TRP F 132 95.27 11.81 -7.31
C TRP F 132 94.87 11.67 -8.77
N HIS F 133 95.81 11.22 -9.57
CA HIS F 133 95.54 11.07 -10.97
C HIS F 133 94.56 9.94 -11.09
N SER F 134 94.83 8.87 -10.36
CA SER F 134 93.95 7.71 -10.44
C SER F 134 92.49 8.10 -10.15
N ASN F 135 92.29 8.70 -9.01
CA ASN F 135 90.98 8.97 -8.55
C ASN F 135 90.20 9.92 -9.45
N LEU F 136 90.95 10.75 -10.20
CA LEU F 136 90.44 11.63 -11.21
C LEU F 136 90.07 10.84 -12.42
N ASN F 137 90.75 9.74 -12.67
CA ASN F 137 90.50 9.04 -13.91
C ASN F 137 89.37 8.07 -13.71
N ASP F 138 89.25 7.56 -12.49
CA ASP F 138 88.22 6.66 -12.19
C ASP F 138 86.86 7.41 -12.15
N ALA F 139 86.91 8.73 -12.20
CA ALA F 139 85.68 9.52 -12.19
C ALA F 139 85.42 10.23 -13.50
N THR F 140 86.48 10.58 -14.23
CA THR F 140 86.30 11.28 -15.49
C THR F 140 85.89 10.28 -16.54
N TYR F 141 86.43 9.05 -16.43
CA TYR F 141 86.21 8.00 -17.46
C TYR F 141 85.63 6.66 -17.01
N GLN F 142 85.00 5.99 -17.95
CA GLN F 142 84.46 4.69 -17.70
C GLN F 142 85.23 3.72 -18.55
N ARG F 143 85.76 2.68 -17.92
CA ARG F 143 86.74 1.84 -18.60
C ARG F 143 86.08 0.52 -19.01
N THR F 144 85.21 0.61 -20.02
CA THR F 144 84.43 -0.55 -20.42
C THR F 144 85.21 -1.34 -21.45
N ARG F 145 85.77 -0.62 -22.42
CA ARG F 145 86.53 -1.25 -23.52
C ARG F 145 87.49 -2.31 -22.98
N ALA F 146 88.15 -1.97 -21.87
CA ALA F 146 89.11 -2.85 -21.26
C ALA F 146 88.51 -4.01 -20.51
N LEU F 147 87.36 -3.80 -19.86
CA LEU F 147 86.76 -4.85 -19.01
C LEU F 147 86.31 -6.06 -19.86
N VAL F 148 85.66 -5.71 -20.96
CA VAL F 148 85.05 -6.67 -21.87
C VAL F 148 86.14 -7.44 -22.61
N ARG F 149 87.10 -6.67 -23.18
CA ARG F 149 88.25 -7.26 -23.85
C ARG F 149 89.01 -8.20 -22.89
N THR F 150 88.91 -7.95 -21.58
CA THR F 150 89.41 -8.89 -20.57
C THR F 150 88.43 -10.04 -20.32
N GLY F 151 87.13 -9.77 -20.43
CA GLY F 151 86.16 -10.84 -20.27
C GLY F 151 85.47 -10.69 -18.93
N MET F 152 85.33 -9.41 -18.55
CA MET F 152 84.66 -8.96 -17.33
C MET F 152 83.37 -8.23 -17.76
N ASP F 153 82.33 -8.31 -16.94
CA ASP F 153 81.11 -7.65 -17.35
C ASP F 153 81.20 -6.12 -17.20
N PRO F 154 80.87 -5.34 -18.26
CA PRO F 154 80.97 -3.86 -18.24
C PRO F 154 80.25 -3.25 -17.06
N ARG F 155 79.21 -3.91 -16.62
CA ARG F 155 78.54 -3.48 -15.42
C ARG F 155 79.30 -3.72 -14.12
N MET F 156 80.60 -4.01 -14.21
CA MET F 156 81.42 -4.20 -13.00
C MET F 156 82.28 -2.99 -12.70
N CYS F 157 81.77 -1.81 -13.12
CA CYS F 157 82.38 -0.49 -12.82
C CYS F 157 82.84 -0.27 -11.40
N SER F 158 81.94 -0.50 -10.43
CA SER F 158 82.21 -0.27 -8.99
C SER F 158 83.33 -1.13 -8.35
N LEU F 159 84.00 -1.92 -9.18
CA LEU F 159 85.01 -2.83 -8.72
C LEU F 159 86.30 -2.46 -9.43
N MET F 160 86.29 -1.51 -10.35
CA MET F 160 87.53 -1.15 -11.03
C MET F 160 88.26 0.10 -10.45
N GLN F 161 88.20 0.27 -9.13
CA GLN F 161 88.88 1.37 -8.50
C GLN F 161 90.43 1.32 -8.54
N GLY F 162 91.01 2.12 -9.40
CA GLY F 162 92.44 2.17 -9.48
C GLY F 162 92.91 1.29 -10.64
N SER F 163 92.04 0.98 -11.58
CA SER F 163 92.52 0.25 -12.71
C SER F 163 93.59 1.06 -13.49
N THR F 164 93.66 2.38 -13.31
CA THR F 164 94.58 3.21 -14.12
C THR F 164 95.92 3.34 -13.42
N LEU F 165 95.90 2.89 -12.18
CA LEU F 165 96.98 3.19 -11.29
C LEU F 165 98.18 2.33 -11.62
N PRO F 166 99.24 2.94 -12.19
CA PRO F 166 100.43 2.14 -12.56
C PRO F 166 100.85 1.14 -11.45
N ARG F 167 101.22 -0.06 -11.88
CA ARG F 167 101.78 -1.09 -10.99
C ARG F 167 102.91 -0.57 -10.10
N ARG F 168 103.72 0.38 -10.63
CA ARG F 168 104.74 1.07 -9.84
C ARG F 168 104.18 1.61 -8.51
N SER F 169 102.88 1.85 -8.42
CA SER F 169 102.29 2.32 -7.18
C SER F 169 102.79 1.50 -6.01
N GLY F 170 102.84 2.12 -4.86
CA GLY F 170 103.36 1.45 -3.69
C GLY F 170 102.45 0.44 -3.06
N ALA F 171 102.86 -0.03 -1.90
CA ALA F 171 102.09 -1.03 -1.18
C ALA F 171 100.74 -0.44 -0.69
N ALA F 172 100.73 0.85 -0.35
CA ALA F 172 99.56 1.50 0.25
C ALA F 172 98.84 2.13 -0.95
N GLY F 173 99.48 1.96 -2.11
CA GLY F 173 98.89 2.29 -3.40
C GLY F 173 97.93 1.23 -3.93
N ALA F 174 98.20 -0.04 -3.65
CA ALA F 174 97.35 -1.09 -4.14
C ALA F 174 96.18 -1.23 -3.20
N ALA F 175 96.36 -0.96 -1.91
CA ALA F 175 95.22 -1.10 -0.96
C ALA F 175 93.95 -0.30 -1.36
N VAL F 176 94.15 0.66 -2.26
CA VAL F 176 93.08 1.53 -2.68
C VAL F 176 92.34 0.83 -3.79
N LYS F 177 92.97 -0.18 -4.41
CA LYS F 177 92.38 -0.94 -5.54
C LYS F 177 91.08 -1.73 -5.26
N GLY F 178 90.13 -1.65 -6.20
CA GLY F 178 88.93 -2.46 -6.07
C GLY F 178 89.18 -3.92 -6.44
N VAL F 179 88.33 -4.81 -5.93
CA VAL F 179 88.44 -6.25 -6.16
C VAL F 179 88.55 -6.55 -7.68
N GLY F 180 87.63 -5.94 -8.42
CA GLY F 180 87.62 -6.03 -9.84
C GLY F 180 88.91 -5.57 -10.43
N THR F 181 89.65 -4.71 -9.75
CA THR F 181 90.85 -4.16 -10.40
C THR F 181 91.89 -5.26 -10.52
N MET F 182 91.93 -6.07 -9.48
CA MET F 182 92.95 -7.05 -9.36
C MET F 182 92.75 -8.10 -10.43
N VAL F 183 91.51 -8.58 -10.49
CA VAL F 183 91.07 -9.55 -11.49
C VAL F 183 91.46 -9.19 -12.94
N MET F 184 91.29 -7.95 -13.38
CA MET F 184 91.63 -7.59 -14.73
C MET F 184 93.10 -7.84 -15.05
N GLU F 185 93.92 -7.82 -13.98
CA GLU F 185 95.38 -7.98 -14.08
C GLU F 185 95.78 -9.44 -14.22
N LEU F 186 95.57 -10.19 -13.14
CA LEU F 186 95.74 -11.61 -13.15
C LEU F 186 95.19 -12.24 -14.44
N ILE F 187 93.92 -11.97 -14.77
CA ILE F 187 93.33 -12.44 -16.03
C ILE F 187 94.18 -12.10 -17.26
N ARG F 188 94.88 -10.98 -17.27
CA ARG F 188 95.67 -10.68 -18.47
C ARG F 188 97.02 -11.35 -18.35
N MET F 189 97.52 -11.34 -17.12
CA MET F 189 98.82 -11.97 -16.81
C MET F 189 98.65 -13.45 -17.18
N ILE F 190 97.61 -14.08 -16.60
CA ILE F 190 97.21 -15.45 -16.96
C ILE F 190 96.85 -15.63 -18.44
N LYS F 191 95.97 -14.80 -19.00
CA LYS F 191 95.50 -14.98 -20.38
C LYS F 191 96.64 -15.05 -21.42
N ARG F 192 97.61 -14.17 -21.34
CA ARG F 192 98.70 -14.27 -22.30
C ARG F 192 99.66 -15.48 -22.08
N GLY F 193 99.94 -15.75 -20.79
CA GLY F 193 100.77 -16.91 -20.35
C GLY F 193 100.12 -18.23 -20.70
N ILE F 194 98.95 -18.49 -20.09
CA ILE F 194 98.16 -19.68 -20.41
C ILE F 194 97.78 -19.64 -21.88
N ASN F 195 97.84 -18.64 -22.56
CA ASN F 195 97.62 -18.68 -24.01
C ASN F 195 98.95 -19.07 -24.62
N ARG F 206 109.62 -16.38 -15.17
CA ARG F 206 110.15 -17.23 -14.11
C ARG F 206 109.72 -16.77 -12.72
N ARG F 207 110.25 -15.61 -12.34
CA ARG F 207 109.99 -14.97 -11.07
C ARG F 207 108.55 -14.48 -11.02
N THR F 208 107.92 -14.42 -12.20
CA THR F 208 106.51 -14.05 -12.37
C THR F 208 105.55 -14.73 -11.40
N ARG F 209 105.98 -15.82 -10.79
CA ARG F 209 105.15 -16.58 -9.83
C ARG F 209 104.85 -15.92 -8.47
N ILE F 210 105.89 -15.43 -7.79
CA ILE F 210 105.72 -14.74 -6.50
C ILE F 210 104.70 -13.61 -6.62
N ALA F 211 104.69 -12.95 -7.80
CA ALA F 211 103.69 -11.93 -8.13
C ALA F 211 102.32 -12.54 -8.01
N TYR F 212 102.03 -13.55 -8.83
CA TYR F 212 100.70 -14.15 -8.93
C TYR F 212 100.16 -14.50 -7.55
N GLU F 213 100.94 -15.18 -6.73
CA GLU F 213 100.47 -15.61 -5.40
C GLU F 213 100.15 -14.42 -4.54
N ARG F 214 101.07 -13.48 -4.49
CA ARG F 214 100.85 -12.25 -3.74
C ARG F 214 99.64 -11.48 -4.26
N MET F 215 99.62 -11.24 -5.58
CA MET F 215 98.53 -10.55 -6.22
C MET F 215 97.26 -11.18 -5.76
N CYS F 216 97.28 -12.48 -5.45
CA CYS F 216 96.05 -13.13 -4.94
C CYS F 216 95.87 -12.88 -3.46
N ASN F 217 96.99 -12.78 -2.74
CA ASN F 217 96.91 -12.68 -1.29
C ASN F 217 96.27 -11.37 -0.94
N ILE F 218 96.70 -10.36 -1.70
CA ILE F 218 96.11 -9.02 -1.71
C ILE F 218 94.64 -9.16 -2.07
N LEU F 219 94.42 -9.81 -3.21
CA LEU F 219 93.10 -10.09 -3.70
C LEU F 219 92.33 -10.63 -2.53
N LYS F 220 92.88 -11.66 -1.87
CA LYS F 220 92.11 -12.36 -0.83
C LYS F 220 91.88 -11.46 0.35
N GLY F 221 92.82 -10.56 0.55
CA GLY F 221 92.76 -9.69 1.70
C GLY F 221 91.70 -8.60 1.50
N LYS F 222 91.12 -8.57 0.29
CA LYS F 222 90.02 -7.68 -0.01
C LYS F 222 88.74 -8.29 0.59
N PHE F 223 88.56 -9.59 0.36
CA PHE F 223 87.41 -10.31 0.90
C PHE F 223 87.42 -10.29 2.41
N GLN F 224 86.22 -10.24 2.96
CA GLN F 224 85.99 -10.23 4.41
C GLN F 224 84.94 -11.25 4.84
N THR F 225 84.93 -12.42 4.20
CA THR F 225 84.05 -13.54 4.59
C THR F 225 84.74 -14.87 4.36
N ALA F 226 84.47 -15.84 5.25
CA ALA F 226 85.02 -17.19 5.15
C ALA F 226 85.25 -17.66 3.68
N ALA F 227 84.17 -18.08 3.02
CA ALA F 227 84.19 -18.68 1.68
C ALA F 227 84.98 -17.83 0.69
N GLN F 228 84.63 -16.55 0.68
CA GLN F 228 85.28 -15.57 -0.17
C GLN F 228 86.77 -15.80 0.00
N ARG F 229 87.21 -15.72 1.26
CA ARG F 229 88.61 -15.88 1.61
C ARG F 229 89.09 -17.25 1.11
N THR F 230 88.34 -18.32 1.44
CA THR F 230 88.78 -19.68 1.12
C THR F 230 88.88 -19.93 -0.38
N MET F 231 87.93 -19.36 -1.13
CA MET F 231 87.85 -19.68 -2.57
C MET F 231 88.99 -19.10 -3.40
N VAL F 232 89.63 -18.11 -2.80
CA VAL F 232 90.70 -17.37 -3.43
C VAL F 232 91.89 -18.28 -3.44
N ASP F 233 92.04 -19.01 -2.32
CA ASP F 233 93.07 -20.02 -2.15
C ASP F 233 92.92 -21.13 -3.20
N GLN F 234 91.69 -21.64 -3.33
CA GLN F 234 91.40 -22.68 -4.30
C GLN F 234 91.83 -22.24 -5.71
N VAL F 235 91.89 -20.92 -5.92
CA VAL F 235 92.36 -20.34 -7.19
C VAL F 235 93.88 -20.26 -7.29
N ARG F 236 94.50 -19.81 -6.20
CA ARG F 236 95.93 -19.68 -6.10
C ARG F 236 96.69 -21.03 -6.12
N GLU F 237 95.97 -22.13 -6.22
CA GLU F 237 96.58 -23.45 -6.20
C GLU F 237 97.28 -23.86 -7.51
N SER F 238 96.79 -23.37 -8.64
CA SER F 238 97.30 -23.81 -9.94
C SER F 238 98.49 -22.98 -10.49
N ARG F 239 99.57 -23.67 -10.89
CA ARG F 239 100.74 -22.99 -11.43
C ARG F 239 100.40 -22.37 -12.77
N ASN F 240 99.71 -23.14 -13.60
CA ASN F 240 99.31 -22.65 -14.89
C ASN F 240 97.78 -22.56 -14.88
N PRO F 241 97.21 -21.62 -14.11
CA PRO F 241 95.75 -21.56 -13.91
C PRO F 241 95.04 -21.20 -15.21
N GLY F 242 94.29 -22.14 -15.79
CA GLY F 242 93.66 -21.86 -17.08
C GLY F 242 92.26 -21.35 -16.86
N ASN F 243 91.43 -21.44 -17.91
CA ASN F 243 90.01 -21.13 -17.83
C ASN F 243 89.30 -21.60 -16.56
N ALA F 244 89.84 -22.64 -15.92
CA ALA F 244 89.37 -23.10 -14.61
C ALA F 244 89.29 -21.92 -13.63
N GLU F 245 90.42 -21.20 -13.55
CA GLU F 245 90.57 -20.03 -12.71
C GLU F 245 89.86 -18.85 -13.43
N PHE F 246 90.30 -18.57 -14.67
CA PHE F 246 89.71 -17.52 -15.52
C PHE F 246 88.20 -17.39 -15.26
N GLU F 247 87.47 -18.49 -15.37
CA GLU F 247 86.07 -18.48 -15.04
C GLU F 247 85.79 -18.30 -13.51
N ASP F 248 86.61 -18.85 -12.62
CA ASP F 248 86.23 -18.77 -11.19
C ASP F 248 86.36 -17.38 -10.52
N LEU F 249 87.40 -16.63 -10.88
CA LEU F 249 87.68 -15.34 -10.23
C LEU F 249 86.60 -14.37 -10.66
N ILE F 250 86.23 -14.46 -11.94
CA ILE F 250 85.15 -13.67 -12.51
C ILE F 250 83.93 -13.81 -11.64
N PHE F 251 83.70 -15.05 -11.19
CA PHE F 251 82.62 -15.34 -10.22
C PHE F 251 82.76 -14.47 -8.92
N LEU F 252 83.90 -14.68 -8.25
CA LEU F 252 84.31 -13.96 -7.05
C LEU F 252 84.24 -12.44 -7.33
N ALA F 253 84.58 -12.02 -8.55
CA ALA F 253 84.42 -10.61 -8.93
C ALA F 253 82.94 -10.15 -8.69
N ARG F 254 82.04 -11.00 -9.19
CA ARG F 254 80.64 -10.73 -9.03
C ARG F 254 80.16 -10.92 -7.59
N SER F 255 80.86 -11.71 -6.80
CA SER F 255 80.43 -11.92 -5.41
C SER F 255 80.59 -10.63 -4.60
N ALA F 256 81.52 -9.80 -5.04
CA ALA F 256 81.92 -8.59 -4.34
C ALA F 256 80.93 -7.47 -4.55
N LEU F 257 80.10 -7.66 -5.59
CA LEU F 257 78.98 -6.80 -5.95
C LEU F 257 77.94 -6.91 -4.90
N ILE F 258 78.02 -7.95 -4.10
CA ILE F 258 77.02 -8.16 -3.09
C ILE F 258 77.69 -8.22 -1.72
N LEU F 259 78.75 -9.03 -1.63
CA LEU F 259 79.57 -9.17 -0.42
C LEU F 259 80.85 -8.47 -0.77
N ARG F 260 80.87 -7.16 -0.48
CA ARG F 260 81.93 -6.33 -0.97
C ARG F 260 83.15 -6.69 -0.14
N GLY F 261 84.32 -6.19 -0.57
CA GLY F 261 85.53 -6.30 0.22
C GLY F 261 85.99 -5.03 0.88
N SER F 262 87.17 -5.10 1.49
CA SER F 262 87.77 -3.96 2.12
C SER F 262 88.65 -3.26 1.07
N VAL F 263 88.24 -2.06 0.69
CA VAL F 263 89.07 -1.22 -0.15
C VAL F 263 89.16 0.17 0.43
N ALA F 264 90.39 0.51 0.84
CA ALA F 264 90.74 1.86 1.27
C ALA F 264 90.50 2.95 0.22
N HIS F 265 90.05 4.12 0.70
CA HIS F 265 89.88 5.33 -0.11
C HIS F 265 90.79 6.42 0.44
N LYS F 266 91.53 7.07 -0.43
CA LYS F 266 92.52 8.09 -0.06
C LYS F 266 92.16 9.45 -0.70
N SER F 267 91.94 10.48 0.12
CA SER F 267 91.61 11.81 -0.36
C SER F 267 92.86 12.51 -0.87
N CYS F 268 93.15 12.39 -2.14
CA CYS F 268 94.40 12.96 -2.63
C CYS F 268 94.18 14.18 -3.45
N LEU F 269 94.55 15.37 -2.96
CA LEU F 269 94.27 16.63 -3.65
C LEU F 269 95.36 16.96 -4.63
N PRO F 270 95.11 17.83 -5.64
CA PRO F 270 96.08 18.27 -6.66
C PRO F 270 97.27 18.93 -6.05
N ALA F 271 98.40 18.88 -6.72
CA ALA F 271 99.62 19.48 -6.19
C ALA F 271 99.44 20.96 -5.77
N CYS F 272 98.62 21.68 -6.52
CA CYS F 272 98.49 23.08 -6.30
C CYS F 272 97.90 23.35 -4.91
N VAL F 273 97.03 22.46 -4.50
CA VAL F 273 96.32 22.66 -3.27
C VAL F 273 97.30 22.55 -2.14
N TYR F 274 98.14 21.52 -2.12
CA TYR F 274 99.22 21.37 -1.16
C TYR F 274 100.27 22.47 -1.32
N GLY F 275 100.73 22.75 -2.54
CA GLY F 275 101.65 23.92 -2.75
C GLY F 275 101.13 25.20 -2.14
N SER F 276 99.90 25.52 -2.44
CA SER F 276 99.33 26.74 -1.93
C SER F 276 99.31 26.75 -0.38
N ALA F 277 98.94 25.63 0.20
CA ALA F 277 98.84 25.43 1.63
C ALA F 277 100.19 25.58 2.30
N VAL F 278 101.21 24.98 1.71
CA VAL F 278 102.56 25.05 2.24
C VAL F 278 103.04 26.49 2.25
N ALA F 279 102.73 27.17 1.16
CA ALA F 279 103.10 28.56 0.96
C ALA F 279 102.40 29.48 1.93
N SER F 280 101.19 29.10 2.34
CA SER F 280 100.40 29.84 3.32
C SER F 280 100.85 29.59 4.73
N GLY F 281 101.98 28.94 4.89
CA GLY F 281 102.42 28.76 6.21
C GLY F 281 102.16 27.37 6.76
N TYR F 282 101.14 26.64 6.28
CA TYR F 282 100.84 25.34 6.91
C TYR F 282 102.00 24.47 6.85
N ASP F 283 102.40 24.00 8.02
CA ASP F 283 103.60 23.19 8.15
C ASP F 283 103.19 21.80 8.61
N PHE F 284 102.66 20.99 7.70
CA PHE F 284 101.95 19.76 8.00
C PHE F 284 102.70 18.74 8.80
N GLU F 285 103.94 18.43 8.42
CA GLU F 285 104.75 17.55 9.29
C GLU F 285 104.71 17.90 10.79
N ARG F 286 104.52 19.15 11.13
CA ARG F 286 104.45 19.56 12.52
C ARG F 286 103.04 19.54 12.99
N GLU F 287 102.10 20.00 12.18
CA GLU F 287 100.68 20.05 12.57
C GLU F 287 99.92 18.79 12.18
N GLY F 288 100.53 17.84 11.52
CA GLY F 288 99.84 16.62 11.23
C GLY F 288 98.84 16.77 10.09
N TYR F 289 98.66 15.68 9.35
CA TYR F 289 97.73 15.64 8.23
C TYR F 289 97.21 14.20 8.00
N SER F 290 96.00 14.03 7.42
CA SER F 290 95.48 12.69 7.06
C SER F 290 94.97 12.67 5.65
N LEU F 291 94.74 11.47 5.13
CA LEU F 291 94.10 11.28 3.84
C LEU F 291 92.73 10.61 4.02
N VAL F 292 92.36 10.27 5.26
CA VAL F 292 91.09 9.60 5.49
C VAL F 292 90.37 10.27 6.69
N GLY F 293 90.92 11.40 7.14
CA GLY F 293 90.26 12.14 8.20
C GLY F 293 89.59 13.41 7.78
N ILE F 294 89.57 14.37 8.69
CA ILE F 294 88.98 15.69 8.41
C ILE F 294 89.98 16.63 7.71
N ASP F 295 91.25 16.23 7.72
CA ASP F 295 92.31 17.10 7.23
C ASP F 295 92.03 17.50 5.77
N PRO F 296 91.81 16.50 4.93
CA PRO F 296 91.66 16.81 3.51
C PRO F 296 90.44 17.66 3.29
N PHE F 297 89.30 17.31 3.84
CA PHE F 297 88.16 18.20 3.65
C PHE F 297 88.48 19.62 4.11
N ARG F 298 89.05 19.77 5.30
CA ARG F 298 89.30 21.11 5.83
C ARG F 298 90.21 21.93 4.89
N LEU F 299 91.26 21.29 4.39
CA LEU F 299 92.12 21.93 3.47
C LEU F 299 91.32 22.42 2.27
N LEU F 300 90.48 21.56 1.69
CA LEU F 300 89.67 21.96 0.54
C LEU F 300 88.61 22.99 0.91
N GLN F 301 88.48 23.37 2.18
CA GLN F 301 87.46 24.34 2.55
C GLN F 301 87.96 25.75 2.30
N ASN F 302 89.24 25.86 1.95
CA ASN F 302 89.89 27.17 1.73
C ASN F 302 90.70 27.25 0.45
N SER F 303 90.64 26.19 -0.33
CA SER F 303 91.45 26.10 -1.52
C SER F 303 90.88 27.04 -2.57
N GLN F 304 91.75 27.66 -3.34
CA GLN F 304 91.30 28.58 -4.39
C GLN F 304 91.73 27.95 -5.70
N VAL F 305 91.10 26.87 -6.11
CA VAL F 305 91.53 26.23 -7.31
C VAL F 305 90.73 26.69 -8.51
N TYR F 306 91.45 27.05 -9.58
CA TYR F 306 90.80 27.41 -10.82
C TYR F 306 90.96 26.37 -11.91
N SER F 307 90.01 26.36 -12.83
CA SER F 307 90.05 25.39 -13.93
C SER F 307 89.66 25.89 -15.29
N LEU F 308 90.34 25.44 -16.34
CA LEU F 308 89.94 25.80 -17.71
C LEU F 308 88.65 25.11 -18.02
N ILE F 309 87.81 25.85 -18.72
CA ILE F 309 86.44 25.39 -18.98
C ILE F 309 86.01 25.72 -20.39
N ARG F 310 85.68 24.68 -21.15
CA ARG F 310 85.19 24.84 -22.52
C ARG F 310 83.89 25.66 -22.64
N PRO F 311 83.66 26.35 -23.80
CA PRO F 311 82.57 27.32 -24.03
C PRO F 311 81.17 26.86 -23.62
N ASN F 312 80.81 25.65 -24.00
CA ASN F 312 79.50 25.18 -23.59
C ASN F 312 79.38 24.40 -22.29
N GLU F 313 80.45 24.30 -21.51
CA GLU F 313 80.44 23.42 -20.33
C GLU F 313 79.89 24.14 -19.12
N ASN F 314 79.40 23.35 -18.16
CA ASN F 314 78.77 23.90 -17.00
C ASN F 314 79.75 23.92 -15.88
N PRO F 315 80.09 25.13 -15.36
CA PRO F 315 81.02 25.24 -14.23
C PRO F 315 80.67 24.35 -13.03
N ALA F 316 79.41 24.39 -12.65
CA ALA F 316 78.95 23.72 -11.46
C ALA F 316 79.21 22.24 -11.61
N HIS F 317 79.15 21.83 -12.89
CA HIS F 317 79.27 20.43 -13.26
C HIS F 317 80.74 20.10 -13.20
N LYS F 318 81.58 21.07 -13.59
CA LYS F 318 83.04 20.86 -13.58
C LYS F 318 83.55 20.62 -12.16
N SER F 319 83.18 21.54 -11.25
CA SER F 319 83.54 21.42 -9.86
C SER F 319 83.15 20.06 -9.30
N GLN F 320 81.95 19.60 -9.65
CA GLN F 320 81.49 18.35 -9.13
C GLN F 320 82.54 17.29 -9.40
N LEU F 321 82.91 17.16 -10.67
CA LEU F 321 83.90 16.16 -11.12
C LEU F 321 85.13 16.14 -10.23
N VAL F 322 85.95 17.20 -10.33
CA VAL F 322 87.08 17.37 -9.39
C VAL F 322 86.83 17.01 -7.93
N TRP F 323 85.70 17.44 -7.39
CA TRP F 323 85.35 17.11 -6.03
C TRP F 323 85.27 15.61 -5.82
N MET F 324 84.82 14.88 -6.84
CA MET F 324 84.62 13.43 -6.64
C MET F 324 85.95 12.73 -6.77
N ALA F 325 86.87 13.33 -7.54
CA ALA F 325 88.23 12.83 -7.62
C ALA F 325 89.02 13.16 -6.36
N CYS F 326 88.65 14.21 -5.65
CA CYS F 326 89.36 14.47 -4.42
C CYS F 326 89.10 13.48 -3.27
N HIS F 327 88.01 12.73 -3.40
CA HIS F 327 87.78 11.71 -2.40
C HIS F 327 87.54 10.25 -2.89
N SER F 328 87.72 9.97 -4.18
CA SER F 328 87.51 8.58 -4.64
C SER F 328 86.01 8.26 -4.41
N ALA F 329 85.15 9.19 -4.89
CA ALA F 329 83.72 9.06 -4.72
C ALA F 329 83.15 8.82 -6.09
N ALA F 330 83.89 8.11 -6.95
CA ALA F 330 83.38 7.90 -8.33
C ALA F 330 82.49 6.72 -8.37
N PHE F 331 82.40 5.95 -7.29
CA PHE F 331 81.58 4.76 -7.33
C PHE F 331 80.81 4.78 -6.06
N GLU F 332 80.66 5.96 -5.47
CA GLU F 332 79.94 6.03 -4.21
C GLU F 332 78.44 6.18 -4.54
N ASP F 333 77.57 5.98 -3.55
CA ASP F 333 76.15 6.14 -3.78
C ASP F 333 75.85 7.63 -3.95
N LEU F 334 75.37 8.07 -5.14
CA LEU F 334 75.18 9.48 -5.41
C LEU F 334 74.44 10.14 -4.27
N ARG F 335 73.50 9.39 -3.67
CA ARG F 335 72.69 9.92 -2.57
C ARG F 335 73.54 10.46 -1.47
N VAL F 336 74.48 9.63 -1.02
CA VAL F 336 75.37 10.02 0.07
C VAL F 336 76.36 11.11 -0.36
N SER F 337 76.98 10.94 -1.55
CA SER F 337 77.87 11.95 -2.09
C SER F 337 77.19 13.31 -2.05
N SER F 338 75.94 13.42 -2.50
CA SER F 338 75.25 14.70 -2.48
C SER F 338 74.94 15.16 -1.08
N PHE F 339 74.81 14.20 -0.18
CA PHE F 339 74.38 14.50 1.15
C PHE F 339 75.53 15.23 1.79
N ILE F 340 76.69 14.64 1.71
CA ILE F 340 77.91 15.16 2.31
C ILE F 340 78.39 16.42 1.54
N ARG F 341 78.27 16.34 0.21
CA ARG F 341 78.66 17.42 -0.67
C ARG F 341 77.96 18.70 -0.31
N GLY F 342 76.66 18.62 -0.07
CA GLY F 342 75.98 19.83 0.28
C GLY F 342 75.05 20.26 -0.81
N THR F 343 75.30 19.73 -2.02
CA THR F 343 74.54 20.05 -3.24
C THR F 343 74.39 18.86 -4.18
N LYS F 344 73.47 18.97 -5.13
CA LYS F 344 73.32 17.86 -6.07
C LYS F 344 74.63 17.28 -6.65
N VAL F 345 74.72 15.96 -6.63
CA VAL F 345 75.83 15.28 -7.23
C VAL F 345 75.26 14.54 -8.42
N VAL F 346 75.27 15.23 -9.53
CA VAL F 346 74.65 14.70 -10.71
C VAL F 346 75.42 13.54 -11.35
N PRO F 347 74.72 12.54 -11.90
CA PRO F 347 75.28 11.37 -12.58
C PRO F 347 76.14 11.72 -13.76
N ARG F 348 76.98 10.76 -14.17
CA ARG F 348 77.98 11.00 -15.18
C ARG F 348 77.33 11.41 -16.46
N GLY F 349 76.33 10.65 -16.91
CA GLY F 349 75.67 11.00 -18.18
C GLY F 349 75.19 12.45 -18.26
N LYS F 350 74.52 12.91 -17.20
CA LYS F 350 73.98 14.23 -17.17
C LYS F 350 75.01 15.25 -16.87
N LEU F 351 76.26 14.83 -16.72
CA LEU F 351 77.34 15.75 -16.46
C LEU F 351 77.85 16.41 -17.69
N SER F 352 77.91 17.72 -17.64
CA SER F 352 78.42 18.51 -18.75
C SER F 352 79.93 18.78 -18.76
N THR F 353 80.69 17.80 -19.22
CA THR F 353 82.12 17.97 -19.33
C THR F 353 82.75 16.68 -19.89
N ARG F 354 83.90 16.88 -20.54
CA ARG F 354 84.51 15.80 -21.31
C ARG F 354 85.82 15.42 -20.62
N GLY F 355 86.33 16.31 -19.78
CA GLY F 355 87.58 16.01 -19.17
C GLY F 355 88.25 17.28 -18.79
N VAL F 356 89.04 17.19 -17.74
CA VAL F 356 89.62 18.37 -17.16
C VAL F 356 90.84 18.87 -17.93
N GLN F 357 91.58 17.91 -18.51
CA GLN F 357 92.77 18.25 -19.31
C GLN F 357 92.31 18.72 -20.66
N ILE F 358 93.08 19.64 -21.19
CA ILE F 358 92.76 20.22 -22.47
C ILE F 358 93.60 19.54 -23.55
N ALA F 359 92.92 19.04 -24.58
CA ALA F 359 93.60 18.36 -25.67
C ALA F 359 94.21 19.34 -26.65
N SER F 360 95.28 18.90 -27.32
CA SER F 360 96.01 19.71 -28.37
C SER F 360 95.11 20.14 -29.54
N ASN F 361 93.99 19.46 -29.66
CA ASN F 361 93.06 19.67 -30.71
C ASN F 361 92.38 21.02 -30.55
N GLU F 362 92.04 21.36 -29.31
CA GLU F 362 91.15 22.48 -29.05
C GLU F 362 91.84 23.76 -29.27
N ASN F 363 91.13 24.86 -29.22
CA ASN F 363 91.80 26.13 -29.43
C ASN F 363 91.60 26.95 -28.22
N MET F 364 92.43 27.95 -28.03
CA MET F 364 92.32 28.81 -26.87
C MET F 364 91.38 30.00 -27.05
N GLU F 365 91.04 30.31 -28.30
CA GLU F 365 90.30 31.53 -28.55
C GLU F 365 89.01 31.37 -27.78
N THR F 366 88.36 30.23 -27.96
CA THR F 366 87.06 30.01 -27.34
C THR F 366 87.22 29.26 -26.04
N MET F 367 88.09 29.77 -25.17
CA MET F 367 88.37 29.06 -23.93
C MET F 367 88.38 30.07 -22.79
N GLU F 368 87.80 29.69 -21.65
CA GLU F 368 87.79 30.55 -20.49
C GLU F 368 87.92 29.67 -19.24
N SER F 369 87.89 30.27 -18.05
CA SER F 369 88.23 29.52 -16.84
C SER F 369 87.33 29.87 -15.68
N SER F 370 86.93 28.90 -14.87
CA SER F 370 86.10 29.16 -13.72
C SER F 370 86.73 28.74 -12.40
N THR F 371 86.15 29.16 -11.29
CA THR F 371 86.65 28.86 -9.98
C THR F 371 85.88 27.64 -9.47
N LEU F 372 86.64 26.60 -9.13
CA LEU F 372 86.10 25.30 -8.81
C LEU F 372 85.51 25.33 -7.42
N GLU F 373 84.28 24.84 -7.28
CA GLU F 373 83.62 24.74 -5.97
C GLU F 373 83.97 23.39 -5.33
N LEU F 374 84.93 23.41 -4.40
CA LEU F 374 85.38 22.16 -3.74
C LEU F 374 84.98 21.96 -2.28
N ARG F 375 84.36 23.01 -1.71
CA ARG F 375 83.85 22.96 -0.36
C ARG F 375 82.79 21.85 -0.24
N SER F 376 82.63 21.28 0.95
CA SER F 376 81.59 20.29 1.19
C SER F 376 80.81 20.65 2.43
N ARG F 377 79.65 20.02 2.59
CA ARG F 377 78.78 20.34 3.72
C ARG F 377 79.35 19.70 4.98
N TYR F 378 79.37 18.37 4.99
CA TYR F 378 79.95 17.64 6.10
C TYR F 378 81.16 16.89 5.60
N TRP F 379 81.69 16.02 6.44
CA TRP F 379 82.76 15.10 6.11
C TRP F 379 82.52 13.76 6.72
N ALA F 380 83.23 12.76 6.21
CA ALA F 380 83.06 11.40 6.66
C ALA F 380 84.33 10.55 6.66
N ILE F 381 84.46 9.65 7.62
CA ILE F 381 85.71 8.92 7.66
C ILE F 381 85.85 8.06 6.40
N ARG F 382 86.68 8.46 5.41
CA ARG F 382 86.77 7.61 4.21
C ARG F 382 87.10 6.20 4.73
N THR F 383 86.20 5.20 4.52
CA THR F 383 86.44 3.82 5.02
C THR F 383 87.16 2.89 4.04
N ARG F 384 87.34 1.65 4.49
CA ARG F 384 87.96 0.60 3.71
C ARG F 384 87.02 -0.59 3.57
N SER F 385 86.32 -0.88 4.65
CA SER F 385 85.27 -1.90 4.72
C SER F 385 84.18 -1.87 3.64
N GLY F 386 83.82 -3.03 3.10
CA GLY F 386 82.67 -3.13 2.21
C GLY F 386 81.31 -3.40 2.88
N GLY F 387 81.21 -3.34 4.23
CA GLY F 387 79.97 -3.79 4.96
C GLY F 387 79.65 -5.30 4.92
N ASN F 388 78.96 -5.80 5.95
CA ASN F 388 78.43 -7.19 5.90
C ASN F 388 77.24 -7.45 6.87
N THR F 389 76.36 -8.42 6.51
CA THR F 389 75.28 -8.82 7.42
C THR F 389 75.38 -10.32 7.81
N GLN F 398 85.96 -51.00 9.38
CA GLN F 398 86.47 -50.54 10.66
C GLN F 398 85.36 -50.16 11.67
N ILE F 399 85.73 -49.92 12.94
CA ILE F 399 84.78 -49.60 14.02
C ILE F 399 85.40 -48.61 15.04
N SER F 400 86.71 -48.54 15.00
CA SER F 400 87.47 -47.63 15.84
C SER F 400 88.64 -47.11 15.05
N ILE F 401 89.19 -45.99 15.49
CA ILE F 401 90.36 -45.41 14.89
C ILE F 401 91.59 -45.56 15.77
N GLN F 402 92.66 -46.15 15.21
CA GLN F 402 93.98 -46.24 15.90
C GLN F 402 94.74 -44.93 15.76
N PRO F 403 95.09 -44.28 16.86
CA PRO F 403 95.69 -42.95 16.66
C PRO F 403 97.18 -42.99 16.30
N THR F 404 97.58 -42.19 15.29
CA THR F 404 98.96 -42.24 14.85
C THR F 404 99.64 -40.97 15.24
N PHE F 405 98.92 -39.91 15.54
CA PHE F 405 99.60 -38.68 15.91
C PHE F 405 99.11 -38.06 17.21
N SER F 406 99.88 -37.11 17.72
CA SER F 406 99.55 -36.51 18.97
C SER F 406 98.82 -35.20 18.66
N VAL F 407 97.49 -35.23 18.62
CA VAL F 407 96.72 -34.00 18.44
C VAL F 407 95.38 -34.05 19.18
N GLN F 408 94.78 -32.88 19.39
CA GLN F 408 93.45 -32.80 19.97
C GLN F 408 92.38 -33.36 19.03
N ARG F 409 92.04 -34.62 19.29
CA ARG F 409 91.12 -35.35 18.44
C ARG F 409 90.19 -36.30 19.16
N ASN F 410 88.89 -36.05 18.97
CA ASN F 410 87.88 -36.97 19.44
C ASN F 410 88.16 -38.34 18.81
N LEU F 411 88.41 -39.36 19.60
CA LEU F 411 88.72 -40.59 18.96
C LEU F 411 87.50 -41.44 18.61
N PRO F 412 87.18 -41.63 17.32
CA PRO F 412 86.01 -42.41 16.86
C PRO F 412 85.97 -43.90 17.11
N SER F 431 81.93 -28.67 -0.58
CA SER F 431 81.45 -29.10 -1.92
C SER F 431 82.05 -28.18 -2.98
N ASP F 432 81.22 -27.30 -3.56
CA ASP F 432 81.73 -26.25 -4.43
C ASP F 432 81.72 -25.00 -3.57
N MET F 433 82.88 -24.38 -3.35
CA MET F 433 82.90 -23.17 -2.51
C MET F 433 82.01 -22.06 -3.12
N ARG F 434 81.75 -22.20 -4.42
CA ARG F 434 80.82 -21.33 -5.13
C ARG F 434 79.50 -21.31 -4.41
N THR F 435 78.97 -22.51 -4.21
CA THR F 435 77.70 -22.72 -3.53
C THR F 435 77.62 -21.92 -2.23
N GLU F 436 78.66 -22.05 -1.41
CA GLU F 436 78.71 -21.36 -0.16
C GLU F 436 78.38 -19.86 -0.39
N ILE F 437 79.07 -19.25 -1.34
CA ILE F 437 78.92 -17.83 -1.65
C ILE F 437 77.55 -17.54 -2.24
N ILE F 438 77.20 -18.29 -3.27
CA ILE F 438 75.90 -18.13 -3.92
C ILE F 438 74.80 -18.13 -2.87
N ARG F 439 74.96 -18.96 -1.85
CA ARG F 439 74.02 -19.06 -0.76
C ARG F 439 74.08 -17.80 0.10
N LEU F 440 75.26 -17.19 0.18
CA LEU F 440 75.41 -15.99 0.98
C LEU F 440 74.90 -14.83 0.18
N MET F 441 75.49 -14.63 -1.02
CA MET F 441 74.86 -13.75 -2.04
C MET F 441 73.30 -13.57 -1.90
N GLU F 442 72.56 -14.69 -1.99
CA GLU F 442 71.12 -14.74 -1.81
C GLU F 442 70.50 -13.97 -0.63
N SER F 443 70.93 -14.28 0.60
CA SER F 443 70.26 -13.72 1.76
C SER F 443 70.44 -12.23 1.82
N ALA F 444 71.26 -11.73 0.91
CA ALA F 444 71.63 -10.32 0.87
C ALA F 444 70.61 -9.42 0.17
N ARG F 445 70.11 -8.42 0.90
CA ARG F 445 69.21 -7.42 0.32
C ARG F 445 69.85 -6.02 0.15
N PRO F 446 69.53 -5.35 -0.97
CA PRO F 446 70.16 -4.08 -1.26
C PRO F 446 69.87 -3.13 -0.16
N GLU F 447 68.72 -3.31 0.50
CA GLU F 447 68.32 -2.46 1.64
C GLU F 447 69.11 -2.70 2.91
N ASP F 448 69.92 -3.77 2.92
CA ASP F 448 70.74 -4.15 4.08
C ASP F 448 71.67 -3.06 4.55
N VAL F 449 71.38 -2.54 5.73
CA VAL F 449 72.10 -1.40 6.29
C VAL F 449 73.54 -1.76 6.58
N SER F 450 74.52 -0.96 6.11
CA SER F 450 75.95 -1.10 6.51
C SER F 450 76.50 0.05 7.40
N PHE F 451 77.69 -0.14 7.97
CA PHE F 451 78.31 0.88 8.82
C PHE F 451 77.30 1.35 9.88
N GLN F 452 76.65 0.38 10.51
CA GLN F 452 75.62 0.65 11.51
C GLN F 452 76.17 1.64 12.57
N GLY F 453 75.43 2.68 12.90
CA GLY F 453 75.94 3.65 13.87
C GLY F 453 76.93 4.74 13.37
N ARG F 454 77.74 4.41 12.33
CA ARG F 454 78.66 5.37 11.68
C ARG F 454 77.87 6.48 11.06
N GLY F 455 78.37 7.72 11.14
CA GLY F 455 77.66 8.87 10.59
C GLY F 455 78.58 9.89 9.92
N VAL F 456 78.09 11.12 9.83
CA VAL F 456 78.83 12.17 9.10
C VAL F 456 79.20 13.19 10.12
N PHE F 457 80.28 13.92 9.86
CA PHE F 457 80.68 14.89 10.86
C PHE F 457 80.61 16.29 10.30
N GLU F 458 80.25 17.23 11.15
CA GLU F 458 80.31 18.63 10.82
C GLU F 458 81.77 19.00 10.59
N LEU F 459 81.98 20.10 9.86
CA LEU F 459 83.33 20.53 9.57
C LEU F 459 83.95 21.24 10.76
N SER F 460 83.13 21.59 11.79
CA SER F 460 83.67 22.10 13.04
C SER F 460 84.18 20.94 13.92
N ASP F 461 83.56 19.77 13.79
CA ASP F 461 83.84 18.63 14.65
C ASP F 461 85.16 18.01 14.31
N GLU F 462 86.20 18.63 14.83
CA GLU F 462 87.56 18.27 14.45
C GLU F 462 87.89 16.86 14.85
N LYS F 463 87.60 16.61 16.12
CA LYS F 463 87.67 15.30 16.73
C LYS F 463 86.53 14.48 16.15
N ALA F 464 86.60 13.16 16.27
CA ALA F 464 85.46 12.39 15.76
C ALA F 464 84.29 12.30 16.75
N THR F 465 84.19 13.29 17.62
CA THR F 465 83.25 13.31 18.71
C THR F 465 81.84 12.96 18.36
N SER F 466 81.06 13.91 17.86
CA SER F 466 79.64 13.66 17.59
C SER F 466 79.27 13.36 16.14
N PRO F 467 78.74 12.15 15.89
CA PRO F 467 78.37 11.63 14.55
C PRO F 467 76.96 12.04 14.18
N ILE F 468 76.63 12.03 12.88
CA ILE F 468 75.31 12.44 12.43
C ILE F 468 74.82 11.41 11.49
N VAL F 469 73.62 10.91 11.75
CA VAL F 469 73.05 9.87 10.90
C VAL F 469 72.11 10.45 9.84
N PRO F 470 72.38 10.16 8.57
CA PRO F 470 71.57 10.65 7.47
C PRO F 470 70.36 9.78 7.22
N SER F 471 69.27 10.46 6.90
CA SER F 471 68.02 9.78 6.63
C SER F 471 67.75 10.10 5.17
N PHE F 472 67.73 9.08 4.32
CA PHE F 472 67.53 9.29 2.86
C PHE F 472 66.08 9.37 2.33
N ASP F 473 65.09 9.35 3.23
CA ASP F 473 63.71 9.53 2.81
C ASP F 473 63.77 10.91 2.15
N MET F 474 63.68 10.94 0.82
CA MET F 474 63.96 12.20 0.10
C MET F 474 63.83 12.07 -1.42
N SER F 475 63.65 13.18 -2.12
CA SER F 475 63.55 13.09 -3.56
C SER F 475 64.95 13.13 -4.04
N ASN F 476 65.55 11.95 -4.19
CA ASN F 476 66.96 11.82 -4.55
C ASN F 476 67.12 11.94 -6.06
N GLU F 477 68.27 11.54 -6.59
CA GLU F 477 68.53 11.64 -8.01
C GLU F 477 69.35 10.42 -8.51
N GLY F 478 69.05 9.22 -8.02
CA GLY F 478 69.88 8.07 -8.40
C GLY F 478 70.90 7.64 -7.34
N SER F 479 71.60 6.55 -7.65
CA SER F 479 72.65 6.07 -6.79
C SER F 479 73.90 5.69 -7.58
N TYR F 480 73.79 5.45 -8.87
CA TYR F 480 74.88 5.00 -9.67
C TYR F 480 75.50 6.10 -10.56
N PHE F 481 76.57 6.75 -10.10
CA PHE F 481 77.26 7.71 -10.94
C PHE F 481 77.39 7.26 -12.39
N PHE F 482 77.48 5.95 -12.63
CA PHE F 482 77.62 5.47 -14.00
C PHE F 482 76.41 4.65 -14.52
N ASN G 14 67.50 24.96 47.89
CA ASN G 14 66.81 26.27 47.65
C ASN G 14 67.57 27.47 48.21
N ALA G 15 68.42 27.99 47.33
CA ALA G 15 69.29 29.13 47.58
C ALA G 15 68.57 30.47 47.30
N THR G 16 67.24 30.48 47.25
CA THR G 16 66.56 31.72 46.94
C THR G 16 66.18 32.44 48.22
N GLU G 17 65.26 31.89 48.97
CA GLU G 17 64.79 32.52 50.19
C GLU G 17 65.94 32.55 51.19
N ILE G 18 66.29 31.37 51.68
CA ILE G 18 67.31 31.20 52.72
C ILE G 18 68.57 32.04 52.45
N ARG G 19 69.13 32.00 51.25
CA ARG G 19 70.39 32.72 51.02
C ARG G 19 70.21 34.21 50.79
N ALA G 20 69.06 34.59 50.29
CA ALA G 20 68.87 35.97 49.90
C ALA G 20 68.04 36.73 50.94
N SER G 21 67.18 36.02 51.64
CA SER G 21 66.39 36.65 52.69
C SER G 21 67.26 37.01 53.90
N VAL G 22 68.37 36.29 54.02
CA VAL G 22 69.18 36.50 55.18
C VAL G 22 70.19 37.56 54.79
N GLY G 23 70.38 37.67 53.47
CA GLY G 23 71.16 38.75 52.92
C GLY G 23 70.47 40.08 53.15
N LYS G 24 69.16 40.05 53.12
CA LYS G 24 68.40 41.23 53.27
C LYS G 24 68.43 41.64 54.71
N MET G 25 68.60 40.67 55.58
CA MET G 25 68.65 41.06 56.98
C MET G 25 70.03 41.60 57.30
N ILE G 26 71.04 41.18 56.50
CA ILE G 26 72.38 41.62 56.71
C ILE G 26 72.52 43.05 56.18
N ASP G 27 71.90 43.33 55.02
CA ASP G 27 71.85 44.68 54.41
C ASP G 27 71.31 45.64 55.42
N GLY G 28 70.32 45.22 56.20
CA GLY G 28 69.70 46.17 57.09
C GLY G 28 70.73 46.64 58.11
N ILE G 29 71.44 45.67 58.68
CA ILE G 29 72.35 45.99 59.76
C ILE G 29 73.40 46.92 59.19
N GLY G 30 73.87 46.58 57.98
CA GLY G 30 74.88 47.39 57.29
C GLY G 30 74.40 48.83 57.16
N ARG G 31 73.48 49.04 56.23
CA ARG G 31 72.80 50.32 56.05
C ARG G 31 72.59 51.06 57.37
N PHE G 32 71.96 50.42 58.35
CA PHE G 32 71.76 51.09 59.62
C PHE G 32 73.10 51.61 60.24
N TYR G 33 74.05 50.71 60.44
CA TYR G 33 75.35 51.08 60.94
C TYR G 33 75.93 52.27 60.22
N ILE G 34 75.79 52.31 58.91
CA ILE G 34 76.28 53.42 58.13
C ILE G 34 75.54 54.71 58.52
N GLN G 35 74.22 54.65 58.59
CA GLN G 35 73.38 55.81 58.95
C GLN G 35 73.76 56.33 60.30
N MET G 36 73.80 55.41 61.22
CA MET G 36 74.16 55.73 62.57
C MET G 36 75.58 56.25 62.68
N CYS G 37 76.49 55.77 61.87
CA CYS G 37 77.79 56.40 61.90
C CYS G 37 77.69 57.81 61.37
N THR G 38 76.89 57.99 60.33
CA THR G 38 76.77 59.33 59.75
C THR G 38 76.18 60.36 60.76
N GLU G 39 75.42 59.89 61.75
CA GLU G 39 74.87 60.79 62.74
C GLU G 39 75.98 61.19 63.70
N LEU G 40 76.62 60.18 64.26
CA LEU G 40 77.67 60.47 65.21
C LEU G 40 78.82 61.24 64.54
N LYS G 41 78.75 61.40 63.24
CA LYS G 41 79.78 62.11 62.51
C LYS G 41 81.12 61.48 62.78
N LEU G 42 81.18 60.15 63.00
CA LEU G 42 82.48 59.43 63.07
C LEU G 42 83.27 59.32 61.75
N SER G 43 84.56 59.04 61.88
CA SER G 43 85.44 58.87 60.72
C SER G 43 85.44 57.42 60.26
N ASP G 44 86.19 57.15 59.19
CA ASP G 44 86.31 55.78 58.71
C ASP G 44 87.03 54.94 59.74
N TYR G 45 88.16 55.41 60.22
CA TYR G 45 88.85 54.65 61.23
C TYR G 45 88.00 54.52 62.46
N GLU G 46 87.20 55.52 62.72
CA GLU G 46 86.42 55.52 63.94
C GLU G 46 85.10 54.75 63.78
N GLY G 47 84.81 54.28 62.59
CA GLY G 47 83.61 53.50 62.39
C GLY G 47 84.01 52.05 62.36
N ARG G 48 85.31 51.81 62.27
CA ARG G 48 85.81 50.45 62.22
C ARG G 48 86.26 49.94 63.58
N LEU G 49 85.99 50.78 64.58
CA LEU G 49 86.41 50.48 65.93
C LEU G 49 85.40 49.59 66.61
N ILE G 50 85.70 48.31 66.65
CA ILE G 50 84.77 47.40 67.26
C ILE G 50 84.12 47.91 68.49
N GLN G 51 84.83 48.76 69.23
CA GLN G 51 84.32 49.41 70.44
C GLN G 51 83.06 50.20 70.08
N ASN G 52 83.22 51.27 69.30
CA ASN G 52 82.08 52.04 68.89
C ASN G 52 81.02 51.16 68.28
N SER G 53 81.37 50.20 67.44
CA SER G 53 80.34 49.39 66.83
C SER G 53 79.48 48.78 67.93
N LEU G 54 80.09 48.14 68.88
CA LEU G 54 79.35 47.52 69.99
C LEU G 54 78.35 48.44 70.63
N THR G 55 78.84 49.59 71.05
CA THR G 55 77.99 50.57 71.68
C THR G 55 76.75 50.79 70.83
N ILE G 56 76.95 51.01 69.54
CA ILE G 56 75.82 51.24 68.67
C ILE G 56 74.85 50.05 68.67
N GLU G 57 75.39 48.84 68.60
CA GLU G 57 74.55 47.68 68.50
C GLU G 57 73.67 47.57 69.72
N ARG G 58 74.24 47.90 70.88
CA ARG G 58 73.49 47.75 72.11
C ARG G 58 72.44 48.86 72.28
N MET G 59 72.79 50.10 71.92
CA MET G 59 71.84 51.25 71.79
C MET G 59 70.58 50.86 71.08
N VAL G 60 70.68 49.86 70.23
CA VAL G 60 69.57 49.59 69.38
C VAL G 60 68.78 48.51 70.00
N LEU G 61 69.43 47.45 70.44
CA LEU G 61 68.73 46.35 71.02
C LEU G 61 67.99 46.81 72.28
N SER G 62 68.58 47.78 73.00
CA SER G 62 67.97 48.37 74.17
C SER G 62 66.69 49.09 73.73
N ALA G 63 66.82 49.92 72.71
CA ALA G 63 65.70 50.72 72.28
C ALA G 63 64.57 49.85 71.73
N PHE G 64 64.86 48.67 71.22
CA PHE G 64 63.81 47.85 70.71
C PHE G 64 63.40 46.80 71.73
N ASP G 65 63.66 47.08 73.01
CA ASP G 65 63.40 46.12 74.12
C ASP G 65 63.75 46.68 75.52
N THR G 85 68.36 55.82 74.85
CA THR G 85 69.52 55.19 75.49
C THR G 85 70.76 55.83 74.97
N GLY G 86 71.87 55.52 75.61
CA GLY G 86 73.15 56.17 75.30
C GLY G 86 74.24 55.12 75.36
N GLY G 87 75.49 55.55 75.33
CA GLY G 87 76.60 54.61 75.42
C GLY G 87 77.95 55.29 75.21
N PRO G 88 79.03 54.49 75.39
CA PRO G 88 80.40 54.95 75.30
C PRO G 88 80.85 55.06 73.84
N ILE G 89 81.32 56.24 73.46
CA ILE G 89 81.74 56.43 72.08
C ILE G 89 83.13 57.04 72.00
N TYR G 90 84.08 56.27 71.46
CA TYR G 90 85.46 56.71 71.41
C TYR G 90 85.85 57.47 70.14
N ARG G 91 86.56 58.58 70.36
CA ARG G 91 86.90 59.49 69.30
C ARG G 91 88.39 59.59 69.17
N ARG G 92 88.88 59.99 67.99
CA ARG G 92 90.33 60.05 67.75
C ARG G 92 90.80 61.48 67.57
N VAL G 93 91.56 62.00 68.53
CA VAL G 93 92.19 63.33 68.35
C VAL G 93 93.71 63.17 68.21
N ASP G 94 94.37 64.16 67.61
CA ASP G 94 95.84 64.15 67.46
C ASP G 94 96.47 63.28 68.57
N GLY G 95 96.91 62.07 68.22
CA GLY G 95 97.62 61.25 69.20
C GLY G 95 96.80 60.29 70.02
N LYS G 96 95.86 60.82 70.82
CA LYS G 96 95.15 60.03 71.87
C LYS G 96 93.68 59.80 71.66
N TRP G 97 93.10 58.87 72.40
CA TRP G 97 91.70 58.54 72.15
C TRP G 97 90.76 59.15 73.17
N ARG G 98 89.72 59.81 72.72
CA ARG G 98 88.81 60.47 73.63
C ARG G 98 87.48 59.72 73.72
N ARG G 99 87.09 59.34 74.93
CA ARG G 99 85.84 58.64 75.15
C ARG G 99 84.69 59.64 75.36
N GLU G 100 83.66 59.60 74.53
CA GLU G 100 82.46 60.42 74.74
C GLU G 100 81.28 59.65 75.31
N LEU G 101 80.67 60.20 76.33
CA LEU G 101 79.50 59.55 76.89
C LEU G 101 78.30 60.21 76.28
N ILE G 102 77.53 59.51 75.44
CA ILE G 102 76.41 60.17 74.74
C ILE G 102 75.09 59.46 74.90
N LEU G 103 74.02 60.19 74.59
CA LEU G 103 72.64 59.68 74.71
C LEU G 103 71.82 60.00 73.46
N TYR G 104 70.94 59.09 73.05
CA TYR G 104 70.09 59.29 71.85
C TYR G 104 68.59 59.02 72.11
N ASP G 105 67.73 59.69 71.37
CA ASP G 105 66.32 59.45 71.55
C ASP G 105 66.00 58.00 71.33
N LYS G 106 65.67 57.28 72.40
CA LYS G 106 65.35 55.86 72.22
C LYS G 106 64.49 55.60 71.00
N GLU G 107 63.67 56.58 70.59
CA GLU G 107 62.75 56.35 69.48
C GLU G 107 63.41 56.73 68.20
N GLU G 108 64.19 57.81 68.27
CA GLU G 108 64.96 58.15 67.12
C GLU G 108 65.70 56.91 66.60
N ILE G 109 66.27 56.13 67.54
CA ILE G 109 67.05 54.94 67.16
C ILE G 109 66.16 53.97 66.47
N ARG G 110 64.98 53.79 67.03
CA ARG G 110 64.03 52.87 66.45
C ARG G 110 63.60 53.36 65.07
N ARG G 111 63.60 54.67 64.90
CA ARG G 111 63.18 55.24 63.64
C ARG G 111 64.24 54.96 62.54
N ILE G 112 65.48 55.28 62.90
CA ILE G 112 66.58 55.09 61.96
C ILE G 112 66.72 53.64 61.56
N TRP G 113 66.52 52.74 62.53
CA TRP G 113 66.58 51.31 62.29
C TRP G 113 65.63 50.94 61.16
N ARG G 114 64.33 51.24 61.30
CA ARG G 114 63.34 50.77 60.32
C ARG G 114 63.63 51.43 58.97
N GLN G 115 63.97 52.71 59.01
CA GLN G 115 64.36 53.36 57.79
C GLN G 115 65.29 52.47 56.99
N ALA G 116 66.25 51.84 57.67
CA ALA G 116 67.24 51.01 56.98
C ALA G 116 66.61 49.74 56.51
N ASN G 117 65.79 49.11 57.33
CA ASN G 117 65.05 47.88 56.88
C ASN G 117 63.72 48.09 56.14
N ASN G 118 63.59 49.19 55.41
CA ASN G 118 62.34 49.44 54.72
C ASN G 118 61.11 49.61 55.64
N GLY G 119 61.32 50.16 56.82
CA GLY G 119 60.21 50.33 57.72
C GLY G 119 59.75 49.02 58.30
N ASP G 120 60.52 47.96 58.05
CA ASP G 120 60.25 46.69 58.68
C ASP G 120 60.81 46.60 60.08
N ASP G 121 60.52 45.51 60.76
CA ASP G 121 61.01 45.35 62.12
C ASP G 121 62.34 44.60 62.09
N ALA G 122 62.38 43.65 61.17
CA ALA G 122 63.50 42.79 60.94
C ALA G 122 63.97 42.29 62.30
N THR G 123 63.13 41.53 62.99
CA THR G 123 63.52 41.01 64.31
C THR G 123 64.77 40.18 64.13
N ALA G 124 64.79 39.44 63.04
CA ALA G 124 65.99 38.69 62.70
C ALA G 124 67.25 39.54 62.90
N GLY G 125 67.22 40.72 62.30
CA GLY G 125 68.36 41.61 62.40
C GLY G 125 68.81 41.95 63.81
N LEU G 126 67.88 42.23 64.70
CA LEU G 126 68.22 42.61 66.05
C LEU G 126 68.72 41.36 66.76
N THR G 127 68.08 40.25 66.42
CA THR G 127 68.37 38.97 67.01
C THR G 127 69.77 38.62 66.60
N HIS G 128 70.19 39.05 65.40
CA HIS G 128 71.52 38.72 64.87
C HIS G 128 72.60 39.34 65.73
N MET G 129 72.41 40.60 66.11
CA MET G 129 73.39 41.30 66.90
C MET G 129 73.17 40.82 68.29
N MET G 130 72.01 40.21 68.51
CA MET G 130 71.68 39.68 69.84
C MET G 130 72.62 38.51 70.02
N ILE G 131 72.95 37.81 68.94
CA ILE G 131 73.84 36.66 69.04
C ILE G 131 75.33 37.04 69.01
N TRP G 132 75.63 38.04 68.20
CA TRP G 132 77.00 38.41 68.05
C TRP G 132 77.46 38.74 69.46
N HIS G 133 76.57 39.34 70.23
CA HIS G 133 76.93 39.71 71.56
C HIS G 133 77.06 38.43 72.34
N SER G 134 76.12 37.52 72.13
CA SER G 134 76.17 36.27 72.86
C SER G 134 77.51 35.57 72.66
N ASN G 135 77.85 35.34 71.41
CA ASN G 135 78.99 34.56 71.09
C ASN G 135 80.31 35.17 71.59
N LEU G 136 80.29 36.50 71.75
CA LEU G 136 81.36 37.26 72.32
C LEU G 136 81.39 37.05 73.81
N ASN G 137 80.24 36.80 74.41
CA ASN G 137 80.22 36.75 75.85
C ASN G 137 80.54 35.34 76.29
N ASP G 138 80.16 34.39 75.47
CA ASP G 138 80.42 33.03 75.77
C ASP G 138 81.93 32.73 75.62
N ALA G 139 82.66 33.68 75.05
CA ALA G 139 84.11 33.52 74.88
C ALA G 139 84.92 34.45 75.76
N THR G 140 84.39 35.62 76.08
CA THR G 140 85.13 36.56 76.90
C THR G 140 85.03 36.10 78.34
N TYR G 141 83.88 35.53 78.71
CA TYR G 141 83.61 35.16 80.12
C TYR G 141 83.23 33.72 80.42
N GLN G 142 83.49 33.33 81.65
CA GLN G 142 83.13 32.01 82.09
C GLN G 142 82.08 32.18 83.16
N ARG G 143 80.96 31.50 82.98
CA ARG G 143 79.79 31.79 83.81
C ARG G 143 79.62 30.70 84.86
N THR G 144 80.52 30.71 85.85
CA THR G 144 80.54 29.65 86.85
C THR G 144 79.60 30.03 87.98
N ARG G 145 79.73 31.29 88.42
CA ARG G 145 78.92 31.79 89.55
C ARG G 145 77.46 31.37 89.41
N ALA G 146 76.95 31.48 88.19
CA ALA G 146 75.58 31.17 87.88
C ALA G 146 75.28 29.69 87.84
N LEU G 147 76.22 28.88 87.35
CA LEU G 147 75.96 27.44 87.17
C LEU G 147 75.76 26.73 88.53
N VAL G 148 76.64 27.10 89.45
CA VAL G 148 76.72 26.51 90.77
C VAL G 148 75.50 26.95 91.60
N ARG G 149 75.28 28.27 91.61
CA ARG G 149 74.12 28.84 92.27
C ARG G 149 72.82 28.21 91.73
N THR G 150 72.84 27.72 90.49
CA THR G 150 71.73 26.92 89.95
C THR G 150 71.82 25.46 90.40
N GLY G 151 73.03 24.94 90.58
CA GLY G 151 73.17 23.58 91.07
C GLY G 151 73.61 22.68 89.94
N MET G 152 74.40 23.30 89.05
CA MET G 152 75.03 22.66 87.88
C MET G 152 76.53 22.61 88.12
N ASP G 153 77.20 21.58 87.61
CA ASP G 153 78.61 21.52 87.86
C ASP G 153 79.41 22.55 87.03
N PRO G 154 80.29 23.36 87.67
CA PRO G 154 81.05 24.42 86.96
C PRO G 154 81.80 23.89 85.77
N ARG G 155 82.19 22.64 85.83
CA ARG G 155 82.79 22.00 84.68
C ARG G 155 81.85 21.70 83.54
N MET G 156 80.66 22.28 83.54
CA MET G 156 79.71 22.08 82.43
C MET G 156 79.67 23.28 81.50
N CYS G 157 80.82 23.97 81.41
CA CYS G 157 81.05 25.08 80.47
C CYS G 157 80.60 24.85 79.04
N SER G 158 81.03 23.75 78.42
CA SER G 158 80.74 23.40 77.02
C SER G 158 79.25 23.18 76.67
N LEU G 159 78.38 23.40 77.64
CA LEU G 159 76.97 23.15 77.50
C LEU G 159 76.25 24.47 77.74
N MET G 160 76.95 25.53 78.13
CA MET G 160 76.28 26.80 78.37
C MET G 160 76.32 27.81 77.18
N GLN G 161 76.27 27.29 75.96
CA GLN G 161 76.26 28.15 74.80
C GLN G 161 75.00 29.03 74.62
N GLY G 162 75.14 30.30 74.93
CA GLY G 162 74.02 31.18 74.75
C GLY G 162 73.32 31.40 76.08
N SER G 163 73.98 31.10 77.19
CA SER G 163 73.33 31.39 78.44
C SER G 163 73.07 32.91 78.59
N THR G 164 73.75 33.77 77.84
CA THR G 164 73.62 35.23 78.03
C THR G 164 72.52 35.77 77.13
N LEU G 165 72.09 34.90 76.25
CA LEU G 165 71.25 35.34 75.17
C LEU G 165 69.84 35.58 75.64
N PRO G 166 69.44 36.87 75.70
CA PRO G 166 68.08 37.18 76.21
C PRO G 166 66.99 36.24 75.62
N ARG G 167 66.06 35.83 76.48
CA ARG G 167 64.88 35.04 76.07
C ARG G 167 64.15 35.65 74.87
N ARG G 168 64.13 37.00 74.79
CA ARG G 168 63.59 37.71 73.63
C ARG G 168 64.14 37.15 72.29
N SER G 169 65.31 36.52 72.31
CA SER G 169 65.87 35.95 71.11
C SER G 169 64.81 35.15 70.37
N GLY G 170 64.96 35.08 69.06
CA GLY G 170 63.98 34.40 68.27
C GLY G 170 64.02 32.89 68.30
N ALA G 171 63.25 32.29 67.43
CA ALA G 171 63.18 30.85 67.37
C ALA G 171 64.52 30.24 66.89
N ALA G 172 65.22 30.96 66.00
CA ALA G 172 66.44 30.45 65.37
C ALA G 172 67.58 31.01 66.25
N GLY G 173 67.14 31.80 67.24
CA GLY G 173 68.00 32.26 68.32
C GLY G 173 68.24 31.21 69.42
N ALA G 174 67.24 30.38 69.71
CA ALA G 174 67.38 29.41 70.74
C ALA G 174 68.10 28.20 70.16
N ALA G 175 67.92 27.91 68.87
CA ALA G 175 68.61 26.73 68.27
C ALA G 175 70.14 26.72 68.47
N VAL G 176 70.68 27.90 68.81
CA VAL G 176 72.11 28.05 68.96
C VAL G 176 72.46 27.66 70.36
N LYS G 177 71.47 27.63 71.26
CA LYS G 177 71.68 27.27 72.69
C LYS G 177 72.21 25.85 73.00
N GLY G 178 73.15 25.78 73.93
CA GLY G 178 73.64 24.48 74.38
C GLY G 178 72.65 23.80 75.33
N VAL G 179 72.74 22.47 75.41
CA VAL G 179 71.84 21.65 76.24
C VAL G 179 71.82 22.20 77.69
N GLY G 180 73.02 22.42 78.22
CA GLY G 180 73.20 22.99 79.51
C GLY G 180 72.52 24.32 79.61
N THR G 181 72.32 25.02 78.52
CA THR G 181 71.77 26.39 78.64
C THR G 181 70.33 26.29 79.07
N MET G 182 69.66 25.29 78.52
CA MET G 182 68.26 25.17 78.70
C MET G 182 67.98 24.81 80.14
N VAL G 183 68.70 23.79 80.62
CA VAL G 183 68.64 23.33 81.99
C VAL G 183 68.76 24.47 83.05
N MET G 184 69.68 25.39 82.90
CA MET G 184 69.83 26.45 83.88
C MET G 184 68.55 27.28 84.04
N GLU G 185 67.74 27.28 82.97
CA GLU G 185 66.50 28.06 82.89
C GLU G 185 65.35 27.35 83.61
N LEU G 186 64.93 26.23 83.03
CA LEU G 186 63.96 25.37 83.64
C LEU G 186 64.24 25.21 85.15
N ILE G 187 65.46 24.82 85.51
CA ILE G 187 65.85 24.71 86.93
C ILE G 187 65.56 26.00 87.73
N ARG G 188 65.65 27.18 87.12
CA ARG G 188 65.37 28.36 87.92
C ARG G 188 63.89 28.63 87.91
N MET G 189 63.29 28.38 86.73
CA MET G 189 61.85 28.56 86.55
C MET G 189 61.18 27.62 87.56
N ILE G 190 61.57 26.33 87.50
CA ILE G 190 61.14 25.33 88.49
C ILE G 190 61.56 25.66 89.93
N LYS G 191 62.83 25.98 90.18
CA LYS G 191 63.30 26.21 91.56
C LYS G 191 62.52 27.28 92.33
N ARG G 192 62.24 28.41 91.71
CA ARG G 192 61.45 29.40 92.42
C ARG G 192 59.96 29.04 92.62
N GLY G 193 59.37 28.43 91.57
CA GLY G 193 57.97 27.92 91.57
C GLY G 193 57.78 26.81 92.57
N ILE G 194 58.47 25.68 92.34
CA ILE G 194 58.47 24.56 93.27
C ILE G 194 59.00 25.02 94.61
N ASN G 195 59.65 26.05 94.75
CA ASN G 195 60.03 26.55 96.07
C ASN G 195 58.82 27.33 96.58
N ARG G 206 50.39 31.06 85.38
CA ARG G 206 49.31 30.31 84.74
C ARG G 206 49.72 29.74 83.40
N ARG G 207 49.90 30.67 82.45
CA ARG G 207 50.29 30.38 81.08
C ARG G 207 51.73 29.86 81.05
N THR G 208 52.44 30.06 82.16
CA THR G 208 53.80 29.59 82.36
C THR G 208 54.04 28.13 81.98
N ARG G 209 52.97 27.36 81.85
CA ARG G 209 53.04 25.93 81.49
C ARG G 209 53.46 25.60 80.04
N ILE G 210 52.81 26.21 79.05
CA ILE G 210 53.14 26.01 77.64
C ILE G 210 54.64 26.25 77.39
N ALA G 211 55.20 27.21 78.13
CA ALA G 211 56.64 27.48 78.12
C ALA G 211 57.38 26.22 78.51
N TYR G 212 57.13 25.75 79.73
CA TYR G 212 57.87 24.62 80.29
C TYR G 212 57.91 23.43 79.34
N GLU G 213 56.75 23.04 78.79
CA GLU G 213 56.68 21.88 77.89
C GLU G 213 57.50 22.13 76.65
N ARG G 214 57.29 23.28 76.03
CA ARG G 214 58.06 23.64 74.86
C ARG G 214 59.56 23.71 75.16
N MET G 215 59.91 24.45 76.21
CA MET G 215 61.28 24.58 76.63
C MET G 215 61.86 23.21 76.72
N CYS G 216 61.05 22.20 77.03
CA CYS G 216 61.59 20.82 77.07
C CYS G 216 61.65 20.22 75.68
N ASN G 217 60.70 20.60 74.83
CA ASN G 217 60.61 19.97 73.51
C ASN G 217 61.82 20.34 72.72
N ILE G 218 62.17 21.62 72.86
CA ILE G 218 63.43 22.19 72.36
C ILE G 218 64.57 21.41 72.97
N LEU G 219 64.55 21.35 74.31
CA LEU G 219 65.52 20.63 75.07
C LEU G 219 65.65 19.28 74.39
N LYS G 220 64.52 18.60 74.21
CA LYS G 220 64.57 17.21 73.73
C LYS G 220 65.09 17.16 72.31
N GLY G 221 64.82 18.23 71.59
CA GLY G 221 65.22 18.26 70.19
C GLY G 221 66.71 18.48 70.05
N LYS G 222 67.37 18.71 71.19
CA LYS G 222 68.83 18.81 71.22
C LYS G 222 69.40 17.40 71.18
N PHE G 223 68.83 16.51 71.99
CA PHE G 223 69.24 15.11 72.02
C PHE G 223 69.02 14.45 70.69
N GLN G 224 69.93 13.54 70.35
CA GLN G 224 69.90 12.76 69.12
C GLN G 224 70.08 11.27 69.36
N THR G 225 69.52 10.76 70.46
CA THR G 225 69.51 9.31 70.76
C THR G 225 68.22 8.91 71.45
N ALA G 226 67.74 7.69 71.14
CA ALA G 226 66.54 7.13 71.77
C ALA G 226 66.30 7.61 73.22
N ALA G 227 67.03 6.99 74.16
CA ALA G 227 66.86 7.20 75.60
C ALA G 227 66.88 8.68 75.97
N GLN G 228 67.90 9.36 75.45
CA GLN G 228 68.07 10.79 75.66
C GLN G 228 66.72 11.41 75.38
N ARG G 229 66.23 11.16 74.16
CA ARG G 229 64.97 11.69 73.72
C ARG G 229 63.85 11.26 74.69
N THR G 230 63.78 9.96 75.00
CA THR G 230 62.69 9.43 75.82
C THR G 230 62.70 10.00 77.24
N MET G 231 63.90 10.17 77.80
CA MET G 231 64.01 10.56 79.21
C MET G 231 63.55 11.98 79.51
N VAL G 232 63.52 12.76 78.43
CA VAL G 232 63.19 14.15 78.49
C VAL G 232 61.71 14.23 78.71
N ASP G 233 61.00 13.32 78.03
CA ASP G 233 59.55 13.15 78.18
C ASP G 233 59.19 12.78 79.62
N GLN G 234 59.90 11.78 80.17
CA GLN G 234 59.67 11.35 81.53
C GLN G 234 59.81 12.53 82.50
N VAL G 235 60.56 13.56 82.09
CA VAL G 235 60.71 14.79 82.85
C VAL G 235 59.56 15.78 82.67
N ARG G 236 59.16 15.94 81.42
CA ARG G 236 58.06 16.81 81.04
C ARG G 236 56.68 16.35 81.55
N GLU G 237 56.64 15.22 82.25
CA GLU G 237 55.38 14.66 82.72
C GLU G 237 54.79 15.38 83.94
N SER G 238 55.64 15.95 84.80
CA SER G 238 55.16 16.53 86.06
C SER G 238 54.78 18.03 85.99
N ARG G 239 53.58 18.36 86.47
CA ARG G 239 53.11 19.74 86.47
C ARG G 239 53.94 20.57 87.41
N ASN G 240 54.17 20.02 88.60
CA ASN G 240 54.99 20.70 89.58
C ASN G 240 56.26 19.89 89.77
N PRO G 241 57.14 19.84 88.76
CA PRO G 241 58.32 18.96 88.79
C PRO G 241 59.29 19.37 89.88
N GLY G 242 59.43 18.57 90.93
CA GLY G 242 60.30 18.97 92.04
C GLY G 242 61.69 18.42 91.83
N ASN G 243 62.45 18.34 92.94
CA ASN G 243 63.76 17.69 92.94
C ASN G 243 63.86 16.40 92.15
N ALA G 244 62.73 15.72 91.97
CA ALA G 244 62.63 14.53 91.10
C ALA G 244 63.24 14.86 89.72
N GLU G 245 62.74 15.96 89.15
CA GLU G 245 63.18 16.47 87.86
C GLU G 245 64.52 17.18 88.06
N PHE G 246 64.53 18.19 88.96
CA PHE G 246 65.74 18.94 89.35
C PHE G 246 66.99 18.04 89.29
N GLU G 247 66.94 16.92 89.99
CA GLU G 247 68.02 15.97 89.91
C GLU G 247 68.13 15.24 88.54
N ASP G 248 67.01 14.95 87.88
CA ASP G 248 67.15 14.14 86.65
C ASP G 248 67.75 14.85 85.40
N LEU G 249 67.39 16.13 85.21
CA LEU G 249 67.81 16.87 84.03
C LEU G 249 69.31 17.11 84.14
N ILE G 250 69.74 17.40 85.36
CA ILE G 250 71.15 17.58 85.67
C ILE G 250 71.92 16.37 85.16
N PHE G 251 71.32 15.19 85.37
CA PHE G 251 71.87 13.93 84.81
C PHE G 251 72.07 14.03 83.25
N LEU G 252 70.93 14.23 82.59
CA LEU G 252 70.83 14.43 81.15
C LEU G 252 71.82 15.54 80.71
N ALA G 253 71.97 16.58 81.54
CA ALA G 253 72.98 17.62 81.26
C ALA G 253 74.38 16.97 81.09
N ARG G 254 74.70 16.10 82.04
CA ARG G 254 75.94 15.40 82.01
C ARG G 254 76.00 14.35 80.90
N SER G 255 74.85 13.85 80.45
CA SER G 255 74.88 12.84 79.39
C SER G 255 75.36 13.44 78.07
N ALA G 256 75.17 14.74 77.93
CA ALA G 256 75.44 15.47 76.71
C ALA G 256 76.92 15.76 76.55
N LEU G 257 77.63 15.62 77.68
CA LEU G 257 79.09 15.72 77.80
C LEU G 257 79.69 14.58 77.07
N ILE G 258 78.89 13.54 76.83
CA ILE G 258 79.43 12.38 76.19
C ILE G 258 78.64 12.10 74.91
N LEU G 259 77.31 12.13 75.03
CA LEU G 259 76.39 11.96 73.89
C LEU G 259 75.82 13.33 73.69
N ARG G 260 76.53 14.09 72.86
CA ARG G 260 76.24 15.50 72.73
C ARG G 260 74.93 15.59 71.98
N GLY G 261 74.34 16.79 71.95
CA GLY G 261 73.18 17.07 71.10
C GLY G 261 73.45 17.90 69.88
N SER G 262 72.37 18.25 69.20
CA SER G 262 72.45 19.10 68.04
C SER G 262 72.31 20.55 68.51
N VAL G 263 73.39 21.30 68.37
CA VAL G 263 73.33 22.73 68.60
C VAL G 263 73.97 23.47 67.44
N ALA G 264 73.14 24.23 66.74
CA ALA G 264 73.56 25.15 65.70
C ALA G 264 74.56 26.23 66.17
N HIS G 265 75.51 26.54 65.29
CA HIS G 265 76.48 27.63 65.49
C HIS G 265 76.29 28.65 64.37
N LYS G 266 76.21 29.93 64.72
CA LYS G 266 75.95 31.02 63.79
C LYS G 266 77.13 32.02 63.80
N SER G 267 77.77 32.22 62.64
CA SER G 267 78.88 33.15 62.52
C SER G 267 78.35 34.58 62.45
N CYS G 268 78.25 35.24 63.58
CA CYS G 268 77.65 36.58 63.55
C CYS G 268 78.65 37.65 63.76
N LEU G 269 78.97 38.44 62.74
CA LEU G 269 80.04 39.45 62.83
C LEU G 269 79.50 40.76 63.37
N PRO G 270 80.35 41.65 63.90
CA PRO G 270 80.00 42.98 64.46
C PRO G 270 79.33 43.84 63.43
N ALA G 271 78.49 44.76 63.87
CA ALA G 271 77.79 45.64 62.94
C ALA G 271 78.72 46.35 61.93
N CYS G 272 79.91 46.70 62.40
CA CYS G 272 80.79 47.48 61.59
C CYS G 272 81.20 46.70 60.34
N VAL G 273 81.33 45.40 60.52
CA VAL G 273 81.83 44.57 59.47
C VAL G 273 80.81 44.56 58.37
N TYR G 274 79.53 44.32 58.68
CA TYR G 274 78.44 44.41 57.73
C TYR G 274 78.25 45.84 57.21
N GLY G 275 78.23 46.85 58.09
CA GLY G 275 78.20 48.27 57.60
C GLY G 275 79.28 48.57 56.57
N SER G 276 80.49 48.21 56.88
CA SER G 276 81.56 48.48 55.97
C SER G 276 81.36 47.78 54.62
N ALA G 277 80.92 46.53 54.66
CA ALA G 277 80.66 45.71 53.51
C ALA G 277 79.56 46.28 52.64
N VAL G 278 78.49 46.73 53.27
CA VAL G 278 77.36 47.31 52.56
C VAL G 278 77.82 48.56 51.84
N ALA G 279 78.62 49.34 52.53
CA ALA G 279 79.16 50.60 52.02
C ALA G 279 80.10 50.37 50.87
N SER G 280 80.80 49.24 50.87
CA SER G 280 81.70 48.85 49.80
C SER G 280 80.99 48.28 48.61
N GLY G 281 79.68 48.43 48.57
CA GLY G 281 79.02 47.97 47.42
C GLY G 281 78.34 46.63 47.61
N TYR G 282 78.81 45.76 48.51
CA TYR G 282 78.21 44.42 48.59
C TYR G 282 76.79 44.52 48.85
N ASP G 283 76.01 43.90 47.98
CA ASP G 283 74.56 43.98 48.03
C ASP G 283 74.01 42.59 48.32
N PHE G 284 74.11 42.15 49.57
CA PHE G 284 73.92 40.76 49.97
C PHE G 284 72.61 40.14 49.61
N GLU G 285 71.49 40.81 49.88
CA GLU G 285 70.19 40.29 49.38
C GLU G 285 70.21 39.83 47.91
N ARG G 286 71.03 40.42 47.08
CA ARG G 286 71.11 40.03 45.68
C ARG G 286 72.16 38.99 45.51
N GLU G 287 73.30 39.12 46.17
CA GLU G 287 74.41 38.17 46.02
C GLU G 287 74.35 37.04 47.05
N GLY G 288 73.41 37.06 47.96
CA GLY G 288 73.31 35.95 48.88
C GLY G 288 74.37 35.99 49.97
N TYR G 289 73.99 35.48 51.13
CA TYR G 289 74.89 35.43 52.27
C TYR G 289 74.49 34.24 53.21
N SER G 290 75.46 33.70 54.00
CA SER G 290 75.16 32.64 54.99
C SER G 290 75.77 32.97 56.32
N LEU G 291 75.33 32.25 57.36
CA LEU G 291 75.93 32.34 58.68
C LEU G 291 76.62 31.01 59.04
N VAL G 292 76.53 30.01 58.15
CA VAL G 292 77.13 28.71 58.46
C VAL G 292 77.90 28.21 57.21
N GLY G 293 78.05 29.10 56.23
CA GLY G 293 78.85 28.74 55.05
C GLY G 293 80.18 29.41 54.97
N ILE G 294 80.60 29.63 53.74
CA ILE G 294 81.89 30.32 53.48
C ILE G 294 81.74 31.84 53.51
N ASP G 295 80.49 32.32 53.49
CA ASP G 295 80.22 33.74 53.35
C ASP G 295 80.90 34.50 54.50
N PRO G 296 80.62 34.07 55.74
CA PRO G 296 81.14 34.84 56.86
C PRO G 296 82.64 34.81 56.87
N PHE G 297 83.27 33.67 56.71
CA PHE G 297 84.73 33.71 56.66
C PHE G 297 85.23 34.64 55.57
N ARG G 298 84.67 34.54 54.37
CA ARG G 298 85.17 35.36 53.26
C ARG G 298 85.06 36.86 53.57
N LEU G 299 83.93 37.26 54.14
CA LEU G 299 83.74 38.61 54.53
C LEU G 299 84.85 39.02 55.49
N LEU G 300 85.12 38.21 56.51
CA LEU G 300 86.17 38.54 57.47
C LEU G 300 87.55 38.46 56.85
N GLN G 301 87.68 38.07 55.58
CA GLN G 301 89.01 37.97 54.99
C GLN G 301 89.47 39.34 54.49
N ASN G 302 88.55 40.31 54.54
CA ASN G 302 88.83 41.67 54.05
C ASN G 302 88.41 42.77 55.01
N SER G 303 87.97 42.38 56.19
CA SER G 303 87.46 43.31 57.14
C SER G 303 88.61 44.09 57.74
N GLN G 304 88.39 45.36 58.00
CA GLN G 304 89.44 46.20 58.57
C GLN G 304 88.94 46.63 59.94
N VAL G 305 88.88 45.71 60.89
CA VAL G 305 88.34 46.07 62.16
C VAL G 305 89.43 46.45 63.15
N TYR G 306 89.23 47.59 63.80
CA TYR G 306 90.15 48.02 64.84
C TYR G 306 89.58 47.91 66.23
N SER G 307 90.48 47.77 67.20
CA SER G 307 90.05 47.62 68.59
C SER G 307 90.87 48.35 69.63
N LEU G 308 90.22 48.91 70.64
CA LEU G 308 90.95 49.54 71.75
C LEU G 308 91.63 48.47 72.54
N ILE G 309 92.85 48.80 72.95
CA ILE G 309 93.71 47.83 73.60
C ILE G 309 94.47 48.43 74.76
N ARG G 310 94.24 47.87 75.95
CA ARG G 310 94.94 48.32 77.16
C ARG G 310 96.47 48.17 77.10
N PRO G 311 97.23 49.04 77.84
CA PRO G 311 98.71 49.18 77.79
C PRO G 311 99.50 47.87 77.85
N ASN G 312 99.15 47.00 78.79
CA ASN G 312 99.86 45.74 78.85
C ASN G 312 99.31 44.55 78.07
N GLU G 313 98.26 44.76 77.26
CA GLU G 313 97.59 43.62 76.62
C GLU G 313 98.26 43.24 75.32
N ASN G 314 98.06 41.99 74.91
CA ASN G 314 98.69 41.48 73.74
C ASN G 314 97.75 41.55 72.59
N PRO G 315 98.10 42.33 71.54
CA PRO G 315 97.24 42.45 70.35
C PRO G 315 96.82 41.09 69.75
N ALA G 316 97.81 40.21 69.59
CA ALA G 316 97.60 38.96 68.92
C ALA G 316 96.57 38.18 69.68
N HIS G 317 96.56 38.43 70.99
CA HIS G 317 95.73 37.72 71.93
C HIS G 317 94.33 38.32 71.80
N LYS G 318 94.29 39.63 71.57
CA LYS G 318 92.99 40.33 71.42
C LYS G 318 92.24 39.82 70.20
N SER G 319 92.92 39.82 69.05
CA SER G 319 92.35 39.33 67.83
C SER G 319 91.79 37.93 68.00
N GLN G 320 92.54 37.07 68.72
CA GLN G 320 92.11 35.72 68.90
C GLN G 320 90.69 35.72 69.43
N LEU G 321 90.52 36.42 70.55
CA LEU G 321 89.21 36.53 71.25
C LEU G 321 88.08 36.83 70.26
N VAL G 322 88.05 38.06 69.75
CA VAL G 322 87.09 38.40 68.67
C VAL G 322 86.86 37.35 67.60
N TRP G 323 87.94 36.75 67.10
CA TRP G 323 87.82 35.70 66.11
C TRP G 323 86.99 34.55 66.61
N MET G 324 87.08 34.25 67.91
CA MET G 324 86.37 33.07 68.42
C MET G 324 84.92 33.41 68.64
N ALA G 325 84.65 34.70 68.90
CA ALA G 325 83.28 35.17 68.97
C ALA G 325 82.65 35.29 67.60
N CYS G 326 83.45 35.46 66.56
CA CYS G 326 82.83 35.49 65.25
C CYS G 326 82.30 34.15 64.73
N HIS G 327 82.75 33.08 65.35
CA HIS G 327 82.19 31.80 64.97
C HIS G 327 81.62 30.89 66.09
N SER G 328 81.50 31.38 67.33
CA SER G 328 80.94 30.52 68.38
C SER G 328 81.93 29.34 68.56
N ALA G 329 83.22 29.68 68.69
CA ALA G 329 84.27 28.69 68.83
C ALA G 329 84.79 28.83 70.24
N ALA G 330 83.93 29.15 71.20
CA ALA G 330 84.42 29.35 72.59
C ALA G 330 84.46 28.04 73.29
N PHE G 331 83.93 26.98 72.70
CA PHE G 331 83.89 25.71 73.40
C PHE G 331 84.33 24.71 72.39
N GLU G 332 85.05 25.16 71.37
CA GLU G 332 85.47 24.23 70.33
C GLU G 332 86.81 23.62 70.79
N ASP G 333 87.24 22.52 70.16
CA ASP G 333 88.50 21.92 70.51
C ASP G 333 89.63 22.83 70.03
N LEU G 334 90.45 23.38 70.96
CA LEU G 334 91.47 24.37 70.60
C LEU G 334 92.26 23.88 69.41
N ARG G 335 92.49 22.56 69.37
CA ARG G 335 93.28 21.95 68.29
C ARG G 335 92.74 22.31 66.95
N VAL G 336 91.45 22.09 66.78
CA VAL G 336 90.78 22.37 65.51
C VAL G 336 90.69 23.88 65.24
N SER G 337 90.27 24.66 66.26
CA SER G 337 90.24 26.11 66.15
C SER G 337 91.56 26.62 65.61
N SER G 338 92.69 26.17 66.14
CA SER G 338 93.99 26.64 65.67
C SER G 338 94.28 26.14 64.27
N PHE G 339 93.68 25.00 63.94
CA PHE G 339 94.01 24.36 62.70
C PHE G 339 93.42 25.23 61.63
N ILE G 340 92.14 25.53 61.77
CA ILE G 340 91.39 26.32 60.83
C ILE G 340 91.85 27.81 60.86
N ARG G 341 92.10 28.28 62.08
CA ARG G 341 92.54 29.63 62.31
C ARG G 341 93.78 29.95 61.53
N GLY G 342 94.74 29.04 61.56
CA GLY G 342 95.94 29.30 60.82
C GLY G 342 97.10 29.54 61.73
N THR G 343 96.79 29.89 62.99
CA THR G 343 97.76 30.22 64.04
C THR G 343 97.34 29.73 65.42
N LYS G 344 98.28 29.71 66.34
CA LYS G 344 97.90 29.29 67.70
C LYS G 344 96.61 29.92 68.26
N VAL G 345 95.77 29.07 68.82
CA VAL G 345 94.58 29.51 69.48
C VAL G 345 94.79 29.21 70.96
N VAL G 346 95.34 30.20 71.62
CA VAL G 346 95.71 30.00 73.00
C VAL G 346 94.52 29.94 73.95
N PRO G 347 94.59 29.10 75.00
CA PRO G 347 93.57 28.94 76.04
C PRO G 347 93.26 30.21 76.77
N ARG G 348 92.10 30.23 77.43
CA ARG G 348 91.58 31.43 78.06
C ARG G 348 92.55 31.91 79.11
N GLY G 349 92.97 31.02 80.00
CA GLY G 349 93.89 31.44 81.06
C GLY G 349 95.13 32.19 80.56
N LYS G 350 95.77 31.64 79.53
CA LYS G 350 96.97 32.20 78.99
C LYS G 350 96.68 33.37 78.10
N LEU G 351 95.42 33.73 77.97
CA LEU G 351 95.05 34.86 77.15
C LEU G 351 95.20 36.16 77.86
N SER G 352 95.92 37.07 77.22
CA SER G 352 96.13 38.40 77.76
C SER G 352 95.07 39.45 77.41
N THR G 353 93.96 39.43 78.14
CA THR G 353 92.93 40.43 77.92
C THR G 353 91.78 40.17 78.90
N ARG G 354 91.06 41.26 79.20
CA ARG G 354 90.07 41.22 80.27
C ARG G 354 88.69 41.41 79.63
N GLY G 355 88.67 41.93 78.40
CA GLY G 355 87.40 42.17 77.80
C GLY G 355 87.54 43.25 76.79
N VAL G 356 86.69 43.18 75.78
CA VAL G 356 86.82 44.05 74.66
C VAL G 356 86.26 45.44 74.93
N GLN G 357 85.20 45.49 75.74
CA GLN G 357 84.57 46.76 76.10
C GLN G 357 85.40 47.43 77.15
N ILE G 358 85.41 48.74 77.10
CA ILE G 358 86.19 49.52 78.00
C ILE G 358 85.29 50.03 79.13
N ALA G 359 85.70 49.76 80.36
CA ALA G 359 84.93 50.18 81.52
C ALA G 359 85.16 51.65 81.84
N SER G 360 84.16 52.27 82.46
CA SER G 360 84.19 53.71 82.90
C SER G 360 85.34 54.02 83.88
N ASN G 361 85.88 52.95 84.46
CA ASN G 361 86.90 53.04 85.44
C ASN G 361 88.18 53.50 84.81
N GLU G 362 88.47 52.96 83.61
CA GLU G 362 89.79 53.09 83.02
C GLU G 362 90.02 54.46 82.53
N ASN G 363 91.22 54.78 82.11
CA ASN G 363 91.45 56.12 81.61
C ASN G 363 91.90 56.02 80.22
N MET G 364 91.78 57.10 79.47
CA MET G 364 92.19 57.10 78.09
C MET G 364 93.66 57.45 77.85
N GLU G 365 94.30 58.02 78.86
CA GLU G 365 95.63 58.55 78.65
C GLU G 365 96.47 57.35 78.25
N THR G 366 96.35 56.27 79.03
CA THR G 366 97.16 55.09 78.79
C THR G 366 96.41 54.10 77.95
N MET G 367 95.87 54.54 76.82
CA MET G 367 95.04 53.66 76.01
C MET G 367 95.44 53.84 74.54
N GLU G 368 95.52 52.74 73.80
CA GLU G 368 95.85 52.78 72.39
C GLU G 368 95.05 51.70 71.68
N SER G 369 95.23 51.56 70.36
CA SER G 369 94.34 50.69 69.59
C SER G 369 95.10 49.89 68.55
N SER G 370 94.72 48.63 68.33
CA SER G 370 95.36 47.81 67.33
C SER G 370 94.41 47.29 66.26
N THR G 371 94.96 46.74 65.19
CA THR G 371 94.18 46.25 64.09
C THR G 371 94.02 44.73 64.31
N LEU G 372 92.75 44.31 64.37
CA LEU G 372 92.39 42.97 64.75
C LEU G 372 92.67 42.03 63.61
N GLU G 373 93.35 40.91 63.90
CA GLU G 373 93.61 39.88 62.91
C GLU G 373 92.45 38.88 62.89
N LEU G 374 91.56 39.01 61.92
CA LEU G 374 90.37 38.13 61.82
C LEU G 374 90.36 37.10 60.70
N ARG G 375 91.37 37.20 59.82
CA ARG G 375 91.54 36.26 58.73
C ARG G 375 91.75 34.85 59.29
N SER G 376 91.35 33.83 58.53
CA SER G 376 91.57 32.45 58.93
C SER G 376 92.22 31.67 57.80
N ARG G 377 92.77 30.51 58.12
CA ARG G 377 93.47 29.71 57.12
C ARG G 377 92.45 29.03 56.23
N TYR G 378 91.67 28.14 56.79
CA TYR G 378 90.61 27.48 56.05
C TYR G 378 89.27 27.90 56.65
N TRP G 379 88.22 27.23 56.21
CA TRP G 379 86.88 27.38 56.75
C TRP G 379 86.20 26.04 56.84
N ALA G 380 85.14 26.00 57.64
CA ALA G 380 84.43 24.77 57.87
C ALA G 380 82.92 24.93 58.06
N ILE G 381 82.13 23.97 57.60
CA ILE G 381 80.71 24.16 57.69
C ILE G 381 80.29 24.24 59.17
N ARG G 382 80.01 25.41 59.72
CA ARG G 382 79.63 25.44 61.15
C ARG G 382 78.47 24.44 61.28
N THR G 383 78.64 23.34 62.05
CA THR G 383 77.57 22.31 62.19
C THR G 383 76.61 22.53 63.36
N ARG G 384 75.68 21.58 63.49
CA ARG G 384 74.69 21.59 64.56
C ARG G 384 74.77 20.30 65.37
N SER G 385 75.01 19.20 64.66
CA SER G 385 75.25 17.88 65.22
C SER G 385 76.30 17.76 66.33
N GLY G 386 76.00 17.00 67.38
CA GLY G 386 77.00 16.66 68.39
C GLY G 386 77.83 15.40 68.13
N GLY G 387 77.74 14.77 66.94
CA GLY G 387 78.37 13.42 66.69
C GLY G 387 77.75 12.23 67.45
N ASN G 388 77.85 11.02 66.88
CA ASN G 388 77.49 9.80 67.63
C ASN G 388 78.15 8.49 67.09
N THR G 389 78.34 7.50 67.97
CA THR G 389 78.84 6.17 67.53
C THR G 389 77.82 5.04 67.83
N GLN G 398 45.57 -17.25 83.09
CA GLN G 398 45.22 -17.21 81.67
C GLN G 398 46.19 -18.05 80.79
N ILE G 399 45.84 -18.24 79.51
CA ILE G 399 46.61 -19.06 78.55
C ILE G 399 46.54 -18.48 77.12
N SER G 400 45.53 -17.67 76.91
CA SER G 400 45.34 -17.00 75.65
C SER G 400 44.81 -15.60 75.94
N ILE G 401 44.95 -14.71 74.95
CA ILE G 401 44.44 -13.37 75.04
C ILE G 401 43.23 -13.18 74.14
N GLN G 402 42.12 -12.70 74.72
CA GLN G 402 40.90 -12.31 73.95
C GLN G 402 41.08 -10.93 73.37
N PRO G 403 41.00 -10.77 72.05
CA PRO G 403 41.33 -9.43 71.52
C PRO G 403 40.17 -8.43 71.63
N THR G 404 40.46 -7.21 72.10
CA THR G 404 39.40 -6.24 72.29
C THR G 404 39.53 -5.16 71.27
N PHE G 405 40.67 -5.00 70.64
CA PHE G 405 40.78 -3.92 69.66
C PHE G 405 41.33 -4.38 68.31
N SER G 406 41.18 -3.52 67.32
CA SER G 406 41.61 -3.86 66.00
C SER G 406 43.00 -3.25 65.79
N VAL G 407 44.05 -4.02 66.05
CA VAL G 407 45.40 -3.56 65.79
C VAL G 407 46.34 -4.69 65.36
N GLN G 408 47.46 -4.33 64.75
CA GLN G 408 48.48 -5.31 64.41
C GLN G 408 49.16 -5.89 65.66
N ARG G 409 48.66 -7.05 66.05
CA ARG G 409 49.11 -7.70 67.27
C ARG G 409 49.20 -9.21 67.21
N ASN G 410 50.42 -9.70 67.47
CA ASN G 410 50.62 -11.13 67.63
C ASN G 410 49.70 -11.61 68.76
N LEU G 411 48.78 -12.52 68.47
CA LEU G 411 47.92 -12.89 69.55
C LEU G 411 48.46 -14.01 70.43
N PRO G 412 48.80 -13.74 71.69
CA PRO G 412 49.36 -14.74 72.63
C PRO G 412 48.50 -15.90 73.09
N SER G 431 63.25 0.12 82.43
CA SER G 431 63.57 0.16 83.88
C SER G 431 63.79 1.61 84.32
N ASP G 432 65.06 1.99 84.56
CA ASP G 432 65.40 3.39 84.77
C ASP G 432 65.99 3.85 83.45
N MET G 433 65.38 4.84 82.79
CA MET G 433 65.94 5.28 81.50
C MET G 433 67.39 5.81 81.68
N ARG G 434 67.72 6.16 82.93
CA ARG G 434 69.08 6.53 83.31
C ARG G 434 70.03 5.46 82.88
N THR G 435 69.73 4.25 83.32
CA THR G 435 70.53 3.05 83.02
C THR G 435 70.85 2.98 81.53
N GLU G 436 69.82 3.12 80.70
CA GLU G 436 69.98 3.05 79.29
C GLU G 436 71.16 3.97 78.88
N ILE G 437 71.10 5.23 79.31
CA ILE G 437 72.09 6.24 78.98
C ILE G 437 73.44 5.91 79.58
N ILE G 438 73.44 5.66 80.89
CA ILE G 438 74.69 5.32 81.57
C ILE G 438 75.40 4.21 80.84
N ARG G 439 74.64 3.28 80.29
CA ARG G 439 75.17 2.17 79.52
C ARG G 439 75.72 2.68 78.18
N LEU G 440 75.11 3.74 77.65
CA LEU G 440 75.56 4.28 76.39
C LEU G 440 76.76 5.14 76.65
N MET G 441 76.60 6.16 77.52
CA MET G 441 77.77 6.85 78.12
C MET G 441 79.10 6.01 78.16
N GLU G 442 79.05 4.86 78.86
CA GLU G 442 80.15 3.92 78.96
C GLU G 442 80.91 3.56 77.67
N SER G 443 80.20 3.02 76.67
CA SER G 443 80.88 2.50 75.50
C SER G 443 81.60 3.60 74.74
N ALA G 444 81.37 4.82 75.20
CA ALA G 444 81.89 6.01 74.52
C ALA G 444 83.34 6.35 74.91
N ARG G 445 84.21 6.41 73.89
CA ARG G 445 85.60 6.83 74.10
C ARG G 445 85.91 8.23 73.51
N PRO G 446 86.73 9.01 74.24
CA PRO G 446 86.99 10.36 73.82
C PRO G 446 87.62 10.35 72.48
N GLU G 447 88.33 9.27 72.17
CA GLU G 447 88.98 9.10 70.84
C GLU G 447 88.01 8.82 69.71
N ASP G 448 86.74 8.56 70.06
CA ASP G 448 85.69 8.24 69.08
C ASP G 448 85.50 9.31 68.03
N VAL G 449 85.85 8.97 66.79
CA VAL G 449 85.85 9.91 65.68
C VAL G 449 84.44 10.36 65.36
N SER G 450 84.20 11.68 65.26
CA SER G 450 82.91 12.23 64.75
C SER G 450 83.00 12.93 63.36
N PHE G 451 81.84 13.24 62.76
CA PHE G 451 81.81 13.89 61.46
C PHE G 451 82.73 13.17 60.48
N GLN G 452 82.59 11.84 60.46
CA GLN G 452 83.42 10.97 59.61
C GLN G 452 83.39 11.49 58.16
N GLY G 453 84.54 11.62 57.50
CA GLY G 453 84.54 12.14 56.14
C GLY G 453 84.45 13.67 55.93
N ARG G 454 83.77 14.39 56.87
CA ARG G 454 83.69 15.87 56.86
C ARG G 454 85.07 16.45 57.04
N GLY G 455 85.36 17.53 56.33
CA GLY G 455 86.68 18.17 56.42
C GLY G 455 86.64 19.69 56.40
N VAL G 456 87.76 20.29 56.00
CA VAL G 456 87.88 21.75 56.06
C VAL G 456 88.02 22.20 54.63
N PHE G 457 87.62 23.44 54.37
CA PHE G 457 87.72 23.89 53.00
C PHE G 457 88.65 25.05 52.87
N GLU G 458 89.37 25.09 51.76
CA GLU G 458 90.18 26.23 51.41
C GLU G 458 89.25 27.42 51.22
N LEU G 459 89.83 28.63 51.32
CA LEU G 459 89.04 29.82 51.17
C LEU G 459 88.78 30.12 49.71
N SER G 460 89.47 29.44 48.78
CA SER G 460 89.15 29.53 47.37
C SER G 460 87.94 28.63 47.04
N ASP G 461 87.78 27.54 47.76
CA ASP G 461 86.77 26.55 47.48
C ASP G 461 85.40 27.03 47.85
N GLU G 462 84.84 27.82 46.96
CA GLU G 462 83.60 28.53 47.24
C GLU G 462 82.46 27.58 47.46
N LYS G 463 82.36 26.67 46.51
CA LYS G 463 81.45 25.54 46.54
C LYS G 463 81.97 24.60 47.61
N ALA G 464 81.15 23.68 48.07
CA ALA G 464 81.69 22.73 49.06
C ALA G 464 82.42 21.54 48.41
N THR G 465 82.93 21.77 47.21
CA THR G 465 83.54 20.75 46.40
C THR G 465 84.52 19.85 47.08
N SER G 466 85.77 20.27 47.21
CA SER G 466 86.79 19.41 47.79
C SER G 466 87.15 19.64 49.27
N PRO G 467 86.91 18.62 50.11
CA PRO G 467 87.11 18.66 51.57
C PRO G 467 88.53 18.30 51.94
N ILE G 468 88.99 18.69 53.14
CA ILE G 468 90.34 18.39 53.55
C ILE G 468 90.29 17.85 54.92
N VAL G 469 90.93 16.71 55.11
CA VAL G 469 90.91 16.05 56.41
C VAL G 469 92.16 16.37 57.23
N PRO G 470 91.97 16.91 58.43
CA PRO G 470 93.07 17.25 59.31
C PRO G 470 93.58 16.08 60.11
N SER G 471 94.88 16.06 60.26
CA SER G 471 95.53 15.01 61.00
C SER G 471 96.16 15.72 62.19
N PHE G 472 95.71 15.41 63.39
CA PHE G 472 96.22 16.08 64.61
C PHE G 472 97.51 15.54 65.27
N ASP G 473 98.15 14.56 64.64
CA ASP G 473 99.42 14.07 65.15
C ASP G 473 100.28 15.34 65.11
N MET G 474 100.57 15.91 66.27
CA MET G 474 101.18 17.25 66.30
C MET G 474 101.45 17.77 67.70
N SER G 475 102.35 18.74 67.85
CA SER G 475 102.59 19.28 69.18
C SER G 475 101.56 20.33 69.35
N ASN G 476 100.43 19.94 69.92
CA ASN G 476 99.27 20.83 70.08
C ASN G 476 99.44 21.68 71.33
N GLU G 477 98.36 22.31 71.79
CA GLU G 477 98.43 23.17 72.96
C GLU G 477 97.15 23.04 73.82
N GLY G 478 96.62 21.83 73.97
CA GLY G 478 95.34 21.70 74.69
C GLY G 478 94.12 21.51 73.79
N SER G 479 92.98 21.32 74.44
CA SER G 479 91.73 21.21 73.73
C SER G 479 90.62 22.03 74.41
N TYR G 480 90.78 22.39 75.66
CA TYR G 480 89.76 23.07 76.40
C TYR G 480 90.04 24.58 76.59
N PHE G 481 89.49 25.42 75.72
CA PHE G 481 89.62 26.85 75.92
C PHE G 481 89.47 27.28 77.38
N PHE G 482 88.68 26.55 78.17
CA PHE G 482 88.49 26.91 79.57
C PHE G 482 89.08 25.90 80.58
N ASN H 14 59.31 27.07 36.20
CA ASN H 14 60.17 28.06 36.94
C ASN H 14 59.59 29.48 36.96
N ALA H 15 58.79 29.68 38.01
CA ALA H 15 58.10 30.93 38.27
C ALA H 15 58.97 31.93 39.07
N THR H 16 60.28 31.73 39.07
CA THR H 16 61.12 32.63 39.86
C THR H 16 61.62 33.77 38.99
N GLU H 17 62.49 33.46 38.04
CA GLU H 17 63.07 34.48 37.18
C GLU H 17 61.95 35.07 36.33
N ILE H 18 61.47 34.26 35.40
CA ILE H 18 60.46 34.68 34.42
C ILE H 18 59.31 35.49 35.05
N ARG H 19 58.72 35.02 36.15
CA ARG H 19 57.57 35.73 36.69
C ARG H 19 57.94 36.96 37.51
N ALA H 20 59.11 36.93 38.10
CA ALA H 20 59.47 37.99 39.03
C ALA H 20 60.42 39.00 38.37
N SER H 21 61.20 38.55 37.41
CA SER H 21 62.09 39.44 36.70
C SER H 21 61.31 40.38 35.78
N VAL H 22 60.13 39.93 35.40
CA VAL H 22 59.37 40.72 34.45
C VAL H 22 58.51 41.64 35.29
N GLY H 23 58.30 41.21 36.53
CA GLY H 23 57.67 42.05 37.51
C GLY H 23 58.51 43.26 37.83
N LYS H 24 59.82 43.03 37.81
CA LYS H 24 60.73 44.06 38.15
C LYS H 24 60.78 45.04 37.02
N MET H 25 60.51 44.56 35.82
CA MET H 25 60.55 45.50 34.72
C MET H 25 59.26 46.30 34.69
N ILE H 26 58.19 45.71 35.27
CA ILE H 26 56.92 46.38 35.32
C ILE H 26 56.95 47.46 36.40
N ASP H 27 57.57 47.15 37.55
CA ASP H 27 57.78 48.09 38.66
C ASP H 27 58.48 49.31 38.13
N GLY H 28 59.43 49.13 37.23
CA GLY H 28 60.18 50.28 36.80
C GLY H 28 59.27 51.25 36.09
N ILE H 29 58.44 50.72 35.19
CA ILE H 29 57.61 51.57 34.37
C ILE H 29 56.68 52.31 35.31
N GLY H 30 56.13 51.57 36.28
CA GLY H 30 55.22 52.14 37.27
C GLY H 30 55.89 53.31 37.98
N ARG H 31 56.81 53.00 38.88
CA ARG H 31 57.64 53.97 39.56
C ARG H 31 57.98 55.16 38.67
N PHE H 32 58.54 54.91 37.49
CA PHE H 32 58.87 56.02 36.62
C PHE H 32 57.62 56.94 36.31
N TYR H 33 56.57 56.33 35.77
CA TYR H 33 55.35 57.04 35.52
C TYR H 33 54.90 57.88 36.69
N ILE H 34 55.02 57.35 37.90
CA ILE H 34 54.65 58.09 39.09
C ILE H 34 55.58 59.33 39.25
N GLN H 35 56.87 59.11 39.12
CA GLN H 35 57.87 60.21 39.25
C GLN H 35 57.59 61.29 38.25
N MET H 36 57.47 60.84 37.03
CA MET H 36 57.18 61.75 35.95
C MET H 36 55.85 62.44 36.12
N CYS H 37 54.85 61.79 36.68
CA CYS H 37 53.66 62.54 36.97
C CYS H 37 53.93 63.57 38.03
N THR H 38 54.71 63.20 39.02
CA THR H 38 55.00 64.13 40.11
C THR H 38 55.74 65.41 39.60
N GLU H 39 56.46 65.30 38.49
CA GLU H 39 57.15 66.45 37.93
C GLU H 39 56.12 67.36 37.27
N LEU H 40 55.37 66.78 36.35
CA LEU H 40 54.40 67.57 35.65
C LEU H 40 53.34 68.13 36.61
N LYS H 41 53.41 67.73 37.86
CA LYS H 41 52.45 68.18 38.85
C LYS H 41 51.04 67.91 38.38
N LEU H 42 50.82 66.82 37.64
CA LEU H 42 49.43 66.36 37.31
C LEU H 42 48.61 65.83 38.48
N SER H 43 47.29 65.79 38.29
CA SER H 43 46.37 65.28 39.30
C SER H 43 46.17 63.77 39.11
N ASP H 44 45.36 63.18 39.99
CA ASP H 44 45.04 61.77 39.86
C ASP H 44 44.25 61.54 38.60
N TYR H 45 43.20 62.32 38.39
CA TYR H 45 42.45 62.14 37.18
C TYR H 45 43.30 62.43 35.98
N GLU H 46 44.23 63.33 36.14
CA GLU H 46 45.04 63.74 35.01
C GLU H 46 46.23 62.82 34.78
N GLY H 47 46.43 61.85 35.67
CA GLY H 47 47.52 60.90 35.48
C GLY H 47 46.94 59.64 34.91
N ARG H 48 45.61 59.57 34.94
CA ARG H 48 44.93 58.38 34.43
C ARG H 48 44.45 58.55 33.00
N LEU H 49 44.86 59.69 32.42
CA LEU H 49 44.44 60.05 31.09
C LEU H 49 45.34 59.39 30.07
N ILE H 50 44.88 58.31 29.50
CA ILE H 50 45.70 57.62 28.55
C ILE H 50 46.44 58.51 27.62
N GLN H 51 45.86 59.67 27.32
CA GLN H 51 46.49 60.69 26.49
C GLN H 51 47.84 61.10 27.10
N ASN H 52 47.80 61.75 28.26
CA ASN H 52 49.02 62.11 28.92
C ASN H 52 49.93 60.94 29.07
N SER H 53 49.44 59.76 29.43
CA SER H 53 50.34 58.64 29.62
C SER H 53 51.14 58.44 28.36
N LEU H 54 50.46 58.34 27.22
CA LEU H 54 51.15 58.16 25.95
C LEU H 54 52.28 59.13 25.72
N THR H 55 51.96 60.39 25.83
CA THR H 55 52.95 61.43 25.64
C THR H 55 54.18 61.10 26.48
N ILE H 56 53.98 60.79 27.75
CA ILE H 56 55.11 60.48 28.58
C ILE H 56 55.91 59.29 28.06
N GLU H 57 55.21 58.25 27.64
CA GLU H 57 55.89 57.05 27.21
C GLU H 57 56.77 57.34 26.03
N ARG H 58 56.29 58.19 25.13
CA ARG H 58 57.05 58.48 23.92
C ARG H 58 58.24 59.41 24.21
N MET H 59 58.05 60.43 25.08
CA MET H 59 59.14 61.26 25.63
C MET H 59 60.32 60.46 26.08
N VAL H 60 60.05 59.22 26.43
CA VAL H 60 61.10 58.48 27.06
C VAL H 60 61.77 57.66 26.03
N LEU H 61 60.99 56.99 25.19
CA LEU H 61 61.55 56.14 24.19
C LEU H 61 62.37 56.99 23.20
N SER H 62 61.93 58.23 22.98
CA SER H 62 62.66 59.17 22.14
C SER H 62 64.01 59.48 22.81
N ALA H 63 63.95 59.81 24.09
CA ALA H 63 65.16 60.20 24.78
C ALA H 63 66.16 59.04 24.87
N PHE H 64 65.70 57.81 24.86
CA PHE H 64 66.62 56.71 24.95
C PHE H 64 66.92 56.14 23.57
N ASP H 65 66.72 56.97 22.53
CA ASP H 65 66.88 56.54 21.12
C ASP H 65 66.64 57.67 20.09
N THR H 85 63.28 66.21 24.66
CA THR H 85 62.05 66.07 23.86
C THR H 85 60.90 66.58 24.64
N GLY H 86 59.76 66.72 23.95
CA GLY H 86 58.58 67.33 24.55
C GLY H 86 57.37 66.56 24.09
N GLY H 87 56.19 67.11 24.33
CA GLY H 87 54.97 66.44 23.91
C GLY H 87 53.71 67.13 24.42
N PRO H 88 52.54 66.64 23.95
CA PRO H 88 51.23 67.19 24.26
C PRO H 88 50.76 66.74 25.65
N ILE H 89 50.44 67.70 26.51
CA ILE H 89 50.01 67.35 27.84
C ILE H 89 48.71 68.03 28.22
N TYR H 90 47.66 67.26 28.42
CA TYR H 90 46.35 67.81 28.69
C TYR H 90 46.03 68.02 30.18
N ARG H 91 45.49 69.20 30.45
CA ARG H 91 45.24 69.61 31.83
C ARG H 91 43.76 69.85 32.02
N ARG H 92 43.31 69.77 33.28
CA ARG H 92 41.87 69.91 33.56
C ARG H 92 41.59 71.19 34.34
N VAL H 93 40.93 72.16 33.72
CA VAL H 93 40.47 73.36 34.45
C VAL H 93 38.95 73.36 34.56
N ASP H 94 38.41 74.09 35.53
CA ASP H 94 36.94 74.20 35.71
C ASP H 94 36.24 73.97 34.37
N GLY H 95 35.63 72.79 34.18
CA GLY H 95 34.85 72.56 32.98
C GLY H 95 35.55 71.93 31.81
N LYS H 96 36.57 72.62 31.27
CA LYS H 96 37.19 72.26 29.97
C LYS H 96 38.62 71.77 30.03
N TRP H 97 39.10 71.17 28.95
CA TRP H 97 40.44 70.57 28.99
C TRP H 97 41.47 71.43 28.28
N ARG H 98 42.58 71.70 28.94
CA ARG H 98 43.59 72.57 28.35
C ARG H 98 44.81 71.76 27.92
N ARG H 99 45.17 71.86 26.65
CA ARG H 99 46.33 71.16 26.12
C ARG H 99 47.61 71.99 26.31
N GLU H 100 48.60 71.47 27.02
CA GLU H 100 49.90 72.15 27.12
C GLU H 100 50.98 71.54 26.25
N LEU H 101 51.70 72.39 25.54
CA LEU H 101 52.78 71.88 24.72
C LEU H 101 54.04 72.06 25.51
N ILE H 102 54.68 70.97 25.97
CA ILE H 102 55.87 71.12 26.83
C ILE H 102 57.08 70.38 26.36
N LEU H 103 58.23 70.78 26.91
CA LEU H 103 59.53 70.18 26.54
C LEU H 103 60.36 69.84 27.79
N TYR H 104 61.10 68.74 27.74
CA TYR H 104 61.93 68.30 28.89
C TYR H 104 63.38 67.97 28.49
N ASP H 105 64.32 68.14 29.42
CA ASP H 105 65.68 67.83 29.11
C ASP H 105 65.81 66.37 28.69
N LYS H 106 66.06 66.14 27.41
CA LYS H 106 66.18 64.75 26.96
C LYS H 106 66.98 63.89 27.95
N GLU H 107 67.90 64.49 28.70
CA GLU H 107 68.76 63.70 29.58
C GLU H 107 68.12 63.60 30.92
N GLU H 108 67.50 64.70 31.34
CA GLU H 108 66.75 64.62 32.55
C GLU H 108 65.83 63.38 32.52
N ILE H 109 65.19 63.16 31.37
CA ILE H 109 64.24 62.03 31.23
C ILE H 109 64.98 60.75 31.43
N ARG H 110 66.14 60.66 30.81
CA ARG H 110 66.94 59.47 30.92
C ARG H 110 67.41 59.28 32.36
N ARG H 111 67.58 60.38 33.07
CA ARG H 111 68.02 60.31 34.43
C ARG H 111 66.91 59.74 35.34
N ILE H 112 65.73 60.34 35.20
CA ILE H 112 64.60 59.92 36.01
C ILE H 112 64.26 58.47 35.76
N TRP H 113 64.36 58.04 34.50
CA TRP H 113 64.10 56.67 34.12
C TRP H 113 64.97 55.73 34.96
N ARG H 114 66.30 55.88 34.91
CA ARG H 114 67.19 54.93 35.58
C ARG H 114 66.94 54.99 37.09
N GLN H 115 66.78 56.21 37.61
CA GLN H 115 66.45 56.33 38.98
C GLN H 115 65.40 55.32 39.37
N ALA H 116 64.37 55.16 38.53
CA ALA H 116 63.26 54.26 38.83
C ALA H 116 63.71 52.83 38.71
N ASN H 117 64.47 52.50 37.68
CA ASN H 117 65.02 51.12 37.54
C ASN H 117 66.34 50.81 38.26
N ASN H 118 66.60 51.47 39.39
CA ASN H 118 67.86 51.25 40.07
C ASN H 118 69.12 51.64 39.28
N GLY H 119 69.02 52.65 38.45
CA GLY H 119 70.16 53.03 37.67
C GLY H 119 70.47 52.04 36.57
N ASP H 120 69.55 51.08 36.37
CA ASP H 120 69.67 50.16 35.26
C ASP H 120 69.13 50.75 33.98
N ASP H 121 69.30 50.01 32.90
CA ASP H 121 68.82 50.50 31.60
C ASP H 121 67.41 49.99 31.35
N ALA H 122 67.22 48.76 31.80
CA ALA H 122 65.99 48.03 31.68
C ALA H 122 65.49 48.22 30.26
N THR H 123 66.25 47.72 29.28
CA THR H 123 65.82 47.86 27.88
C THR H 123 64.48 47.20 27.74
N ALA H 124 64.32 46.07 28.42
CA ALA H 124 63.03 45.42 28.44
C ALA H 124 61.90 46.43 28.67
N GLY H 125 62.06 47.24 29.70
CA GLY H 125 61.06 48.23 30.02
C GLY H 125 60.69 49.17 28.90
N LEU H 126 61.67 49.68 28.17
CA LEU H 126 61.43 50.64 27.11
C LEU H 126 60.79 49.87 25.97
N THR H 127 61.27 48.65 25.78
CA THR H 127 60.82 47.79 24.73
C THR H 127 59.38 47.48 25.00
N HIS H 128 58.99 47.42 26.28
CA HIS H 128 57.62 47.08 26.66
C HIS H 128 56.65 48.14 26.17
N MET H 129 57.01 49.40 26.35
CA MET H 129 56.15 50.49 25.96
C MET H 129 56.34 50.62 24.50
N MET H 130 57.41 50.01 23.99
CA MET H 130 57.72 50.04 22.56
C MET H 130 56.64 49.18 21.94
N ILE H 131 56.19 48.16 22.63
CA ILE H 131 55.15 47.28 22.09
C ILE H 131 53.72 47.80 22.33
N TRP H 132 53.54 48.40 23.48
CA TRP H 132 52.22 48.85 23.82
C TRP H 132 51.85 49.80 22.69
N HIS H 133 52.83 50.54 22.22
CA HIS H 133 52.57 51.47 21.18
C HIS H 133 52.28 50.67 19.94
N SER H 134 53.09 49.65 19.72
CA SER H 134 52.90 48.82 18.53
C SER H 134 51.46 48.29 18.46
N ASN H 135 51.07 47.61 19.51
CA ASN H 135 49.83 46.93 19.51
C ASN H 135 48.62 47.84 19.36
N LEU H 136 48.81 49.11 19.76
CA LEU H 136 47.86 50.17 19.59
C LEU H 136 47.85 50.62 18.16
N ASN H 137 48.97 50.50 17.47
CA ASN H 137 49.02 51.05 16.14
C ASN H 137 48.53 50.01 15.16
N ASP H 138 48.76 48.75 15.50
CA ASP H 138 48.33 47.70 14.67
C ASP H 138 46.78 47.56 14.73
N ALA H 139 46.18 48.27 15.66
CA ALA H 139 44.72 48.25 15.79
C ALA H 139 44.05 49.55 15.41
N THR H 140 44.74 50.68 15.59
CA THR H 140 44.16 51.97 15.27
C THR H 140 44.23 52.14 13.77
N TYR H 141 45.32 51.63 13.15
CA TYR H 141 45.58 51.85 11.71
C TYR H 141 45.76 50.64 10.83
N GLN H 142 45.49 50.82 9.56
CA GLN H 142 45.68 49.78 8.59
C GLN H 142 46.77 50.24 7.66
N ARG H 143 47.79 49.41 7.50
CA ARG H 143 49.00 49.87 6.84
C ARG H 143 49.06 49.31 5.42
N THR H 144 48.20 49.84 4.56
CA THR H 144 48.07 49.32 3.21
C THR H 144 49.07 50.01 2.31
N ARG H 145 49.13 51.34 2.43
CA ARG H 145 50.02 52.16 1.60
C ARG H 145 51.42 51.53 1.51
N ALA H 146 51.89 51.05 2.64
CA ALA H 146 53.21 50.46 2.74
C ALA H 146 53.31 49.08 2.15
N LEU H 147 52.25 48.26 2.29
CA LEU H 147 52.32 46.86 1.84
C LEU H 147 52.46 46.77 0.31
N VAL H 148 51.65 47.60 -0.35
CA VAL H 148 51.54 47.63 -1.80
C VAL H 148 52.82 48.21 -2.41
N ARG H 149 53.22 49.38 -1.86
CA ARG H 149 54.47 50.02 -2.26
C ARG H 149 55.66 49.05 -2.06
N THR H 150 55.53 48.09 -1.15
CA THR H 150 56.51 47.01 -1.03
C THR H 150 56.25 45.89 -2.05
N GLY H 151 54.98 45.66 -2.39
CA GLY H 151 54.68 44.66 -3.41
C GLY H 151 54.10 43.44 -2.73
N MET H 152 53.37 43.72 -1.64
CA MET H 152 52.64 42.74 -0.82
C MET H 152 51.14 43.00 -1.03
N ASP H 153 50.34 41.96 -0.97
CA ASP H 153 48.91 42.18 -1.18
C ASP H 153 48.25 42.86 0.03
N PRO H 154 47.50 43.98 -0.17
CA PRO H 154 46.86 44.73 0.92
C PRO H 154 46.02 43.85 1.81
N ARG H 155 45.47 42.81 1.24
CA ARG H 155 44.76 41.83 2.03
C ARG H 155 45.62 40.95 2.92
N MET H 156 46.88 41.33 3.12
CA MET H 156 47.77 40.56 4.01
C MET H 156 47.94 41.23 5.36
N CYS H 157 46.89 41.97 5.77
CA CYS H 157 46.78 42.60 7.10
C CYS H 157 47.16 41.74 8.28
N SER H 158 46.56 40.55 8.38
CA SER H 158 46.79 39.62 9.51
C SER H 158 48.22 39.07 9.70
N LEU H 159 49.13 39.56 8.88
CA LEU H 159 50.48 39.10 8.86
C LEU H 159 51.38 40.29 9.17
N MET H 160 50.84 41.49 9.28
CA MET H 160 51.68 42.64 9.57
C MET H 160 51.74 43.06 11.07
N GLN H 161 51.69 42.08 11.97
CA GLN H 161 51.78 42.36 13.37
C GLN H 161 53.14 42.90 13.87
N GLY H 162 53.19 44.20 14.13
CA GLY H 162 54.40 44.77 14.62
C GLY H 162 55.16 45.42 13.48
N SER H 163 54.50 45.71 12.37
CA SER H 163 55.20 46.41 11.34
C SER H 163 55.67 47.81 11.83
N THR H 164 55.09 48.35 12.89
CA THR H 164 55.42 49.73 13.32
C THR H 164 56.56 49.70 14.33
N LEU H 165 56.85 48.48 14.76
CA LEU H 165 57.71 48.31 15.89
C LEU H 165 59.15 48.55 15.52
N PRO H 166 59.72 49.67 15.98
CA PRO H 166 61.12 49.99 15.62
C PRO H 166 62.06 48.76 15.73
N ARG H 167 62.94 48.63 14.75
CA ARG H 167 64.00 47.60 14.75
C ARG H 167 64.78 47.54 16.07
N ARG H 168 64.97 48.71 16.72
CA ARG H 168 65.57 48.79 18.04
C ARG H 168 64.91 47.82 19.05
N SER H 169 63.67 47.41 18.80
CA SER H 169 63.01 46.45 19.67
C SER H 169 63.93 45.30 19.97
N GLY H 170 63.74 44.71 21.13
CA GLY H 170 64.61 43.63 21.54
C GLY H 170 64.36 42.29 20.87
N ALA H 171 65.03 41.29 21.39
CA ALA H 171 64.91 39.96 20.84
C ALA H 171 63.48 39.38 21.07
N ALA H 172 62.86 39.76 22.19
CA ALA H 172 61.56 39.19 22.59
C ALA H 172 60.54 40.20 22.06
N GLY H 173 61.10 41.28 21.47
CA GLY H 173 60.33 42.26 20.71
C GLY H 173 59.99 41.81 19.29
N ALA H 174 60.88 41.05 18.66
CA ALA H 174 60.63 40.63 17.30
C ALA H 174 59.75 39.39 17.35
N ALA H 175 59.86 38.57 18.39
CA ALA H 175 59.00 37.35 18.47
C ALA H 175 57.49 37.63 18.33
N VAL H 176 57.12 38.89 18.53
CA VAL H 176 55.73 39.28 18.51
C VAL H 176 55.36 39.57 17.08
N LYS H 177 56.37 39.77 16.22
CA LYS H 177 56.15 40.07 14.79
C LYS H 177 55.44 39.01 13.92
N GLY H 178 54.52 39.46 13.07
CA GLY H 178 53.87 38.55 12.13
C GLY H 178 54.79 38.20 10.98
N VAL H 179 54.53 37.05 10.33
CA VAL H 179 55.34 36.55 9.20
C VAL H 179 55.47 37.64 8.12
N GLY H 180 54.33 38.22 7.77
CA GLY H 180 54.26 39.29 6.85
C GLY H 180 55.11 40.44 7.29
N THR H 181 55.37 40.59 8.58
CA THR H 181 56.09 41.80 9.01
C THR H 181 57.53 41.70 8.53
N MET H 182 58.04 40.48 8.59
CA MET H 182 59.42 40.27 8.33
C MET H 182 59.69 40.51 6.87
N VAL H 183 58.85 39.89 6.04
CA VAL H 183 58.88 40.04 4.58
C VAL H 183 58.95 41.52 4.11
N MET H 184 58.15 42.42 4.66
CA MET H 184 58.18 43.79 4.22
C MET H 184 59.56 44.44 4.39
N GLU H 185 60.32 43.87 5.34
CA GLU H 185 61.66 44.39 5.69
C GLU H 185 62.72 43.91 4.71
N LEU H 186 62.98 42.59 4.75
CA LEU H 186 63.83 41.95 3.80
C LEU H 186 63.58 42.48 2.37
N ILE H 187 62.33 42.43 1.91
CA ILE H 187 61.96 42.99 0.61
C ILE H 187 62.45 44.43 0.41
N ARG H 188 62.50 45.26 1.45
CA ARG H 188 62.95 46.61 1.22
C ARG H 188 64.46 46.66 1.30
N MET H 189 64.98 45.87 2.23
CA MET H 189 66.43 45.76 2.43
C MET H 189 66.99 45.25 1.10
N ILE H 190 66.45 44.12 0.63
CA ILE H 190 66.76 43.58 -0.71
C ILE H 190 66.42 44.53 -1.86
N LYS H 191 65.21 45.09 -1.92
CA LYS H 191 64.81 45.93 -3.05
C LYS H 191 65.76 47.12 -3.33
N ARG H 192 66.17 47.83 -2.30
CA ARG H 192 67.09 48.93 -2.55
C ARG H 192 68.53 48.48 -2.94
N GLY H 193 69.01 47.42 -2.25
CA GLY H 193 70.33 46.78 -2.51
C GLY H 193 70.39 46.16 -3.89
N ILE H 194 69.55 45.15 -4.14
CA ILE H 194 69.44 44.54 -5.46
C ILE H 194 68.99 45.58 -6.46
N ASN H 195 68.49 46.65 -6.13
CA ASN H 195 68.22 47.70 -7.11
C ASN H 195 69.53 48.46 -7.27
N ARG H 206 78.08 46.02 4.18
CA ARG H 206 79.03 44.92 4.40
C ARG H 206 78.51 43.91 5.42
N ARG H 207 78.44 44.36 6.66
CA ARG H 207 77.98 43.59 7.79
C ARG H 207 76.49 43.29 7.65
N THR H 208 75.84 44.03 6.75
CA THR H 208 74.43 43.87 6.40
C THR H 208 73.99 42.43 6.16
N ARG H 209 74.95 41.55 5.92
CA ARG H 209 74.67 40.12 5.65
C ARG H 209 74.17 39.26 6.84
N ILE H 210 74.88 39.32 7.97
CA ILE H 210 74.48 38.60 9.18
C ILE H 210 73.03 38.89 9.55
N ALA H 211 72.61 40.14 9.30
CA ALA H 211 71.22 40.58 9.46
C ALA H 211 70.34 39.70 8.61
N TYR H 212 70.54 39.76 7.29
CA TYR H 212 69.68 39.07 6.34
C TYR H 212 69.47 37.61 6.71
N GLU H 213 70.55 36.89 7.01
CA GLU H 213 70.44 35.45 7.34
C GLU H 213 69.63 35.26 8.59
N ARG H 214 69.97 36.01 9.63
CA ARG H 214 69.22 35.94 10.87
C ARG H 214 67.75 36.33 10.67
N MET H 215 67.53 37.49 10.03
CA MET H 215 66.20 37.96 9.75
C MET H 215 65.44 36.83 9.12
N CYS H 216 66.12 35.95 8.39
CA CYS H 216 65.42 34.80 7.80
C CYS H 216 65.24 33.68 8.80
N ASN H 217 66.21 33.55 9.71
CA ASN H 217 66.18 32.41 10.63
C ASN H 217 65.00 32.57 11.54
N ILE H 218 64.82 33.83 11.96
CA ILE H 218 63.64 34.29 12.69
C ILE H 218 62.42 34.01 11.85
N LEU H 219 62.48 34.51 10.62
CA LEU H 219 61.44 34.30 9.64
C LEU H 219 61.11 32.83 9.70
N LYS H 220 62.14 31.99 9.56
CA LYS H 220 61.90 30.54 9.40
C LYS H 220 61.34 29.98 10.69
N GLY H 221 61.72 30.60 11.78
CA GLY H 221 61.30 30.10 13.08
C GLY H 221 59.84 30.43 13.35
N LYS H 222 59.24 31.21 12.43
CA LYS H 222 57.82 31.50 12.49
C LYS H 222 57.06 30.29 11.95
N PHE H 223 57.53 29.75 10.83
CA PHE H 223 56.93 28.56 10.22
C PHE H 223 57.03 27.38 11.15
N GLN H 224 56.00 26.54 11.10
CA GLN H 224 55.90 25.33 11.89
C GLN H 224 55.52 24.11 11.05
N THR H 225 56.05 24.03 9.83
CA THR H 225 55.87 22.85 8.95
C THR H 225 57.11 22.62 8.11
N ALA H 226 57.42 21.33 7.86
CA ALA H 226 58.55 20.92 7.03
C ALA H 226 58.89 21.94 5.91
N ALA H 227 58.12 21.87 4.81
CA ALA H 227 58.34 22.64 3.59
C ALA H 227 58.53 24.13 3.88
N GLN H 228 57.59 24.65 4.66
CA GLN H 228 57.63 26.05 5.08
C GLN H 228 59.03 26.31 5.55
N ARG H 229 59.46 25.51 6.52
CA ARG H 229 60.77 25.64 7.12
C ARG H 229 61.84 25.51 6.01
N THR H 230 61.75 24.46 5.19
CA THR H 230 62.78 24.19 4.19
C THR H 230 62.88 25.29 3.14
N MET H 231 61.73 25.84 2.75
CA MET H 231 61.71 26.80 1.63
C MET H 231 62.36 28.14 1.94
N VAL H 232 62.47 28.38 3.24
CA VAL H 232 62.98 29.61 3.77
C VAL H 232 64.46 29.58 3.55
N ASP H 233 65.03 28.38 3.76
CA ASP H 233 66.45 28.10 3.51
C ASP H 233 66.79 28.33 2.03
N GLN H 234 65.97 27.75 1.14
CA GLN H 234 66.17 27.91 -0.29
C GLN H 234 66.22 29.39 -0.66
N VAL H 235 65.61 30.24 0.16
CA VAL H 235 65.63 31.69 -0.01
C VAL H 235 66.91 32.35 0.53
N ARG H 236 67.29 31.91 1.73
CA ARG H 236 68.48 32.40 2.40
C ARG H 236 69.80 32.01 1.70
N GLU H 237 69.71 31.28 0.59
CA GLU H 237 70.91 30.83 -0.12
C GLU H 237 71.62 31.91 -0.94
N SER H 238 70.88 32.88 -1.46
CA SER H 238 71.45 33.87 -2.36
C SER H 238 72.03 35.14 -1.69
N ARG H 239 73.27 35.48 -2.03
CA ARG H 239 73.93 36.66 -1.46
C ARG H 239 73.23 37.90 -1.94
N ASN H 240 72.96 37.95 -3.24
CA ASN H 240 72.27 39.07 -3.82
C ASN H 240 70.91 38.58 -4.30
N PRO H 241 70.00 38.23 -3.37
CA PRO H 241 68.72 37.61 -3.73
C PRO H 241 67.84 38.57 -4.51
N GLY H 242 67.62 38.29 -5.80
CA GLY H 242 66.85 39.24 -6.61
C GLY H 242 65.39 38.84 -6.62
N ASN H 243 64.65 39.33 -7.62
CA ASN H 243 63.27 38.92 -7.86
C ASN H 243 62.97 37.44 -7.68
N ALA H 244 64.00 36.61 -7.83
CA ALA H 244 63.91 35.17 -7.54
C ALA H 244 63.32 34.95 -6.14
N GLU H 245 63.95 35.64 -5.17
CA GLU H 245 63.56 35.62 -3.77
C GLU H 245 62.32 36.52 -3.63
N PHE H 246 62.47 37.80 -4.02
CA PHE H 246 61.38 38.80 -4.01
C PHE H 246 60.02 38.13 -4.29
N GLU H 247 59.94 37.41 -5.41
CA GLU H 247 58.74 36.67 -5.70
C GLU H 247 58.51 35.45 -4.75
N ASP H 248 59.55 34.75 -4.31
CA ASP H 248 59.28 33.53 -3.52
C ASP H 248 58.75 33.74 -2.08
N LEU H 249 59.25 34.76 -1.38
CA LEU H 249 58.92 34.98 0.01
C LEU H 249 57.46 35.44 0.06
N ILE H 250 57.10 36.27 -0.92
CA ILE H 250 55.73 36.74 -1.08
C ILE H 250 54.80 35.55 -1.09
N PHE H 251 55.24 34.50 -1.79
CA PHE H 251 54.52 33.20 -1.80
C PHE H 251 54.29 32.66 -0.33
N LEU H 252 55.44 32.42 0.32
CA LEU H 252 55.52 31.98 1.71
C LEU H 252 54.68 32.92 2.60
N ALA H 253 54.69 34.23 2.29
CA ALA H 253 53.82 35.17 2.99
C ALA H 253 52.33 34.70 2.93
N ARG H 254 51.93 34.36 1.71
CA ARG H 254 50.60 33.88 1.48
C ARG H 254 50.38 32.49 2.05
N SER H 255 51.43 31.70 2.22
CA SER H 255 51.25 30.34 2.75
C SER H 255 50.81 30.39 4.22
N ALA H 256 51.17 31.49 4.89
CA ALA H 256 50.97 31.67 6.32
C ALA H 256 49.53 32.05 6.62
N LEU H 257 48.84 32.49 5.56
CA LEU H 257 47.42 32.82 5.55
C LEU H 257 46.65 31.57 5.73
N ILE H 258 47.29 30.44 5.50
CA ILE H 258 46.59 29.20 5.61
C ILE H 258 47.30 28.31 6.63
N LEU H 259 48.63 28.20 6.49
CA LEU H 259 49.48 27.44 7.43
C LEU H 259 50.22 28.53 8.18
N ARG H 260 49.61 28.96 9.27
CA ARG H 260 50.08 30.13 9.96
C ARG H 260 51.38 29.72 10.64
N GLY H 261 52.11 30.71 11.16
CA GLY H 261 53.27 30.45 11.99
C GLY H 261 53.08 30.72 13.47
N SER H 262 54.18 30.61 14.20
CA SER H 262 54.18 30.90 15.60
C SER H 262 54.52 32.37 15.79
N VAL H 263 53.55 33.13 16.26
CA VAL H 263 53.80 34.51 16.65
C VAL H 263 53.22 34.77 18.03
N ALA H 264 54.14 35.04 18.95
CA ALA H 264 53.81 35.49 20.30
C ALA H 264 52.99 36.80 20.35
N HIS H 265 52.06 36.84 21.30
CA HIS H 265 51.25 38.02 21.62
C HIS H 265 51.54 38.45 23.06
N LYS H 266 51.80 39.73 23.26
CA LYS H 266 52.17 40.29 24.57
C LYS H 266 51.14 41.35 25.01
N SER H 267 50.51 41.13 26.17
CA SER H 267 49.52 42.05 26.70
C SER H 267 50.23 43.24 27.34
N CYS H 268 50.45 44.30 26.59
CA CYS H 268 51.22 45.41 27.15
C CYS H 268 50.37 46.59 27.43
N LEU H 269 50.13 46.92 28.72
CA LEU H 269 49.21 48.00 29.09
C LEU H 269 49.93 49.32 29.13
N PRO H 270 49.22 50.48 29.05
CA PRO H 270 49.76 51.84 29.08
C PRO H 270 50.51 52.10 30.35
N ALA H 271 51.47 53.01 30.32
CA ALA H 271 52.26 53.31 31.51
C ALA H 271 51.41 53.64 32.75
N CYS H 272 50.29 54.32 32.51
CA CYS H 272 49.49 54.79 33.59
C CYS H 272 48.96 53.62 34.41
N VAL H 273 48.65 52.54 33.72
CA VAL H 273 48.03 51.42 34.35
C VAL H 273 49.01 50.81 35.30
N TYR H 274 50.24 50.58 34.89
CA TYR H 274 51.32 50.11 35.75
C TYR H 274 51.68 51.15 36.81
N GLY H 275 51.85 52.42 36.44
CA GLY H 275 52.06 53.49 37.46
C GLY H 275 51.01 53.47 38.56
N SER H 276 49.77 53.44 38.18
CA SER H 276 48.70 53.44 39.14
C SER H 276 48.78 52.22 40.07
N ALA H 277 49.06 51.06 39.49
CA ALA H 277 49.17 49.79 40.18
C ALA H 277 50.31 49.80 41.18
N VAL H 278 51.45 50.33 40.77
CA VAL H 278 52.62 50.41 41.62
C VAL H 278 52.31 51.29 42.81
N ALA H 279 51.65 52.39 42.53
CA ALA H 279 51.27 53.37 43.53
C ALA H 279 50.27 52.82 44.52
N SER H 280 49.43 51.88 44.07
CA SER H 280 48.45 51.20 44.90
C SER H 280 49.06 50.10 45.73
N GLY H 281 50.37 50.05 45.78
CA GLY H 281 50.93 49.07 46.61
C GLY H 281 51.43 47.85 45.85
N TYR H 282 50.88 47.51 44.69
CA TYR H 282 51.31 46.26 44.03
C TYR H 282 52.73 46.27 43.79
N ASP H 283 53.39 45.25 44.31
CA ASP H 283 54.85 45.16 44.24
C ASP H 283 55.21 43.95 43.39
N PHE H 284 55.08 44.09 42.07
CA PHE H 284 55.11 42.99 41.12
C PHE H 284 56.32 42.11 41.14
N GLU H 285 57.51 42.69 41.15
CA GLU H 285 58.71 41.83 41.34
C GLU H 285 58.61 40.80 42.48
N ARG H 286 57.84 41.09 43.51
CA ARG H 286 57.67 40.17 44.61
C ARG H 286 56.49 39.29 44.38
N GLU H 287 55.40 39.85 43.86
CA GLU H 287 54.17 39.07 43.63
C GLU H 287 54.11 38.48 42.23
N GLY H 288 55.07 38.75 41.37
CA GLY H 288 55.05 38.13 40.08
C GLY H 288 54.03 38.77 39.14
N TYR H 289 54.37 38.74 37.85
CA TYR H 289 53.51 39.28 36.82
C TYR H 289 53.76 38.57 35.46
N SER H 290 52.76 38.53 34.56
CA SER H 290 52.94 37.96 33.20
C SER H 290 52.41 38.90 32.15
N LEU H 291 52.78 38.62 30.90
CA LEU H 291 52.23 39.33 29.75
C LEU H 291 51.38 38.38 28.89
N VAL H 292 51.32 37.10 29.28
CA VAL H 292 50.56 36.13 28.47
C VAL H 292 49.70 35.26 29.41
N GLY H 293 49.64 35.67 30.69
CA GLY H 293 48.77 34.96 31.63
C GLY H 293 47.53 35.70 32.03
N ILE H 294 47.10 35.44 33.25
CA ILE H 294 45.92 36.13 33.82
C ILE H 294 46.27 37.49 34.42
N ASP H 295 47.57 37.74 34.60
CA ASP H 295 48.02 38.92 35.31
C ASP H 295 47.48 40.18 34.60
N PRO H 296 47.73 40.27 33.30
CA PRO H 296 47.35 41.50 32.61
C PRO H 296 45.86 41.67 32.64
N PHE H 297 45.08 40.67 32.31
CA PHE H 297 43.64 40.87 32.42
C PHE H 297 43.24 41.32 33.83
N ARG H 298 43.75 40.65 34.85
CA ARG H 298 43.33 40.99 36.23
C ARG H 298 43.64 42.45 36.56
N LEU H 299 44.84 42.90 36.19
CA LEU H 299 45.21 44.26 36.39
C LEU H 299 44.20 45.17 35.72
N LEU H 300 43.84 44.91 34.46
CA LEU H 300 42.88 45.74 33.77
C LEU H 300 41.47 45.60 34.34
N GLN H 301 41.26 44.73 35.33
CA GLN H 301 39.92 44.56 35.86
C GLN H 301 39.63 45.63 36.90
N ASN H 302 40.67 46.41 37.24
CA ASN H 302 40.56 47.46 38.26
C ASN H 302 41.14 48.81 37.84
N SER H 303 41.56 48.89 36.59
CA SER H 303 42.22 50.06 36.10
C SER H 303 41.19 51.16 35.93
N GLN H 304 41.59 52.39 36.21
CA GLN H 304 40.67 53.51 36.07
C GLN H 304 41.27 54.40 34.99
N VAL H 305 41.23 53.97 33.75
CA VAL H 305 41.84 54.75 32.72
C VAL H 305 40.84 55.65 32.03
N TYR H 306 41.21 56.93 31.91
CA TYR H 306 40.38 57.86 31.18
C TYR H 306 40.96 58.27 29.84
N SER H 307 40.09 58.67 28.92
CA SER H 307 40.53 59.08 27.60
C SER H 307 39.85 60.27 26.98
N LEU H 308 40.58 61.11 26.27
CA LEU H 308 39.97 62.23 25.55
C LEU H 308 39.18 61.69 24.42
N ILE H 309 38.03 62.32 24.22
CA ILE H 309 37.06 61.83 23.24
C ILE H 309 36.42 62.95 22.46
N ARG H 310 36.60 62.92 21.14
CA ARG H 310 36.00 63.93 20.26
C ARG H 310 34.46 63.97 20.30
N PRO H 311 33.84 65.16 20.02
CA PRO H 311 32.39 65.45 20.16
C PRO H 311 31.44 64.40 19.59
N ASN H 312 31.71 63.98 18.36
CA ASN H 312 30.84 62.96 17.80
C ASN H 312 31.20 61.49 18.00
N GLU H 313 32.24 61.20 18.78
CA GLU H 313 32.74 59.82 18.87
C GLU H 313 31.99 59.02 19.91
N ASN H 314 32.02 57.70 19.75
CA ASN H 314 31.28 56.84 20.62
C ASN H 314 32.19 56.30 21.67
N PRO H 315 31.92 56.60 22.95
CA PRO H 315 32.76 56.10 24.06
C PRO H 315 32.98 54.57 24.02
N ALA H 316 31.88 53.85 23.83
CA ALA H 316 31.91 52.41 23.91
C ALA H 316 32.85 51.89 22.85
N HIS H 317 32.92 52.67 21.78
CA HIS H 317 33.69 52.31 20.60
C HIS H 317 35.13 52.61 20.92
N LYS H 318 35.36 53.69 21.68
CA LYS H 318 36.72 54.09 22.06
C LYS H 318 37.38 53.02 22.93
N SER H 319 36.66 52.63 24.00
CA SER H 319 37.13 51.60 24.89
C SER H 319 37.51 50.33 24.11
N GLN H 320 36.66 49.97 23.15
CA GLN H 320 36.92 48.78 22.40
C GLN H 320 38.34 48.81 21.87
N LEU H 321 38.64 49.88 21.14
CA LEU H 321 39.96 50.11 20.52
C LEU H 321 41.09 49.81 21.49
N VAL H 322 41.27 50.70 22.47
CA VAL H 322 42.24 50.42 23.58
C VAL H 322 42.29 49.00 24.09
N TRP H 323 41.14 48.40 24.33
CA TRP H 323 41.09 47.03 24.79
C TRP H 323 41.78 46.09 23.82
N MET H 324 41.69 46.37 22.52
CA MET H 324 42.24 45.44 21.54
C MET H 324 43.73 45.64 21.45
N ALA H 325 44.17 46.87 21.74
CA ALA H 325 45.60 47.15 21.83
C ALA H 325 46.21 46.59 23.10
N CYS H 326 45.41 46.43 24.14
CA CYS H 326 45.99 45.83 25.32
C CYS H 326 46.33 44.33 25.22
N HIS H 327 45.75 43.68 24.22
CA HIS H 327 46.12 42.31 24.02
C HIS H 327 46.60 41.88 22.59
N SER H 328 46.81 42.81 21.67
CA SER H 328 47.29 42.43 20.34
C SER H 328 46.16 41.56 19.71
N ALA H 329 44.92 42.10 19.78
CA ALA H 329 43.76 41.40 19.27
C ALA H 329 43.29 42.17 18.06
N ALA H 330 44.22 42.77 17.31
CA ALA H 330 43.79 43.58 16.14
C ALA H 330 43.60 42.70 14.96
N PHE H 331 43.98 41.43 15.03
CA PHE H 331 43.86 40.58 13.87
C PHE H 331 43.27 39.31 14.37
N GLU H 332 42.58 39.39 15.52
CA GLU H 332 42.02 38.18 16.07
C GLU H 332 40.62 37.99 15.45
N ASP H 333 40.04 36.80 15.58
CA ASP H 333 38.71 36.57 15.04
C ASP H 333 37.70 37.34 15.90
N LEU H 334 36.98 38.33 15.31
CA LEU H 334 36.10 39.20 16.09
C LEU H 334 35.22 38.36 16.98
N ARG H 335 34.81 37.19 16.47
CA ARG H 335 33.93 36.29 17.22
C ARG H 335 34.47 35.99 18.58
N VAL H 336 35.72 35.54 18.60
CA VAL H 336 36.38 35.17 19.85
C VAL H 336 36.66 36.42 20.72
N SER H 337 37.20 37.48 20.11
CA SER H 337 37.42 38.74 20.81
C SER H 337 36.18 39.15 21.56
N SER H 338 35.01 39.10 20.92
CA SER H 338 33.77 39.50 21.59
C SER H 338 33.38 38.51 22.66
N PHE H 339 33.81 37.27 22.46
CA PHE H 339 33.38 36.22 23.32
C PHE H 339 34.04 36.47 24.65
N ILE H 340 35.35 36.63 24.60
CA ILE H 340 36.17 36.85 25.77
C ILE H 340 35.92 38.26 26.37
N ARG H 341 35.77 39.23 25.47
CA ARG H 341 35.51 40.60 25.84
C ARG H 341 34.31 40.71 26.73
N GLY H 342 33.23 40.04 26.34
CA GLY H 342 32.06 40.12 27.17
C GLY H 342 30.96 40.88 26.48
N THR H 343 31.36 41.66 25.47
CA THR H 343 30.46 42.52 24.69
C THR H 343 30.86 42.62 23.21
N LYS H 344 29.95 43.11 22.39
CA LYS H 344 30.30 43.25 20.97
C LYS H 344 31.68 43.88 20.68
N VAL H 345 32.42 43.24 19.79
CA VAL H 345 33.67 43.76 19.34
C VAL H 345 33.47 44.13 17.89
N VAL H 346 33.06 45.37 17.72
CA VAL H 346 32.70 45.82 16.40
C VAL H 346 33.90 46.01 15.47
N PRO H 347 33.75 45.71 14.17
CA PRO H 347 34.77 45.86 13.13
C PRO H 347 35.26 47.27 12.97
N ARG H 348 36.44 47.41 12.35
CA ARG H 348 37.11 48.69 12.27
C ARG H 348 36.26 49.68 11.54
N GLY H 349 35.74 49.31 10.38
CA GLY H 349 34.91 50.25 9.63
C GLY H 349 33.77 50.88 10.43
N LYS H 350 33.04 50.04 11.15
CA LYS H 350 31.91 50.48 11.92
C LYS H 350 32.32 51.11 13.20
N LEU H 351 33.63 51.22 13.44
CA LEU H 351 34.12 51.84 14.63
C LEU H 351 34.16 53.33 14.55
N SER H 352 33.55 53.97 15.54
CA SER H 352 33.54 55.41 15.60
C SER H 352 34.70 56.07 16.33
N THR H 353 35.82 56.22 15.62
CA THR H 353 36.98 56.90 16.21
C THR H 353 38.11 56.92 15.17
N ARG H 354 38.97 57.92 15.32
CA ARG H 354 39.97 58.21 14.32
C ARG H 354 41.34 57.92 14.93
N GLY H 355 41.40 57.89 16.26
CA GLY H 355 42.68 57.67 16.86
C GLY H 355 42.66 58.25 18.24
N VAL H 356 43.46 57.64 19.10
CA VAL H 356 43.41 57.97 20.49
C VAL H 356 44.16 59.26 20.82
N GLN H 357 45.24 59.51 20.05
CA GLN H 357 46.05 60.72 20.25
C GLN H 357 45.33 61.87 19.59
N ILE H 358 45.51 63.01 20.19
CA ILE H 358 44.85 64.20 19.72
C ILE H 358 45.85 65.02 18.88
N ALA H 359 45.43 65.35 17.67
CA ALA H 359 46.28 66.10 16.77
C ALA H 359 46.26 67.59 17.10
N SER H 360 47.36 68.28 16.77
CA SER H 360 47.52 69.76 16.96
C SER H 360 46.45 70.59 16.24
N ASN H 361 45.80 69.96 15.29
CA ASN H 361 44.82 70.58 14.47
C ASN H 361 43.58 70.89 15.27
N GLU H 362 43.20 69.96 16.14
CA GLU H 362 41.89 69.99 16.77
C GLU H 362 41.84 71.05 17.79
N ASN H 363 40.68 71.32 18.36
CA ASN H 363 40.62 72.34 19.37
C ASN H 363 40.11 71.72 20.61
N MET H 364 40.36 72.36 21.73
CA MET H 364 39.92 71.83 23.01
C MET H 364 38.50 72.25 23.41
N GLU H 365 37.96 73.27 22.76
CA GLU H 365 36.70 73.83 23.21
C GLU H 365 35.72 72.69 23.10
N THR H 366 35.70 72.03 21.94
CA THR H 366 34.74 70.98 21.68
C THR H 366 35.33 69.64 22.01
N MET H 367 35.90 69.50 23.19
CA MET H 367 36.57 68.26 23.55
C MET H 367 36.16 67.85 24.96
N GLU H 368 35.93 66.56 25.17
CA GLU H 368 35.56 66.06 26.48
C GLU H 368 36.20 64.67 26.65
N SER H 369 35.96 64.03 27.79
CA SER H 369 36.71 62.81 28.11
C SER H 369 35.83 61.75 28.74
N SER H 370 36.02 60.48 28.39
CA SER H 370 35.25 59.41 28.98
C SER H 370 36.10 58.37 29.70
N THR H 371 35.45 57.50 30.46
CA THR H 371 36.13 56.48 31.22
C THR H 371 36.09 55.20 30.39
N LEU H 372 37.30 54.68 30.13
CA LEU H 372 37.49 53.58 29.21
C LEU H 372 37.06 52.29 29.85
N GLU H 373 36.25 51.51 29.15
CA GLU H 373 35.83 50.19 29.63
C GLU H 373 36.84 49.13 29.18
N LEU H 374 37.72 48.73 30.10
CA LEU H 374 38.78 47.75 29.77
C LEU H 374 38.62 46.35 30.37
N ARG H 375 37.61 46.21 31.24
CA ARG H 375 37.28 44.93 31.83
C ARG H 375 36.92 43.91 30.74
N SER H 376 37.14 42.62 31.00
CA SER H 376 36.75 41.58 30.07
C SER H 376 35.98 40.50 30.79
N ARG H 377 35.30 39.66 30.02
CA ARG H 377 34.47 38.62 30.61
C ARG H 377 35.36 37.49 31.12
N TYR H 378 36.04 36.83 30.20
CA TYR H 378 36.97 35.78 30.56
C TYR H 378 38.36 36.24 30.16
N TRP H 379 39.32 35.31 30.23
CA TRP H 379 40.67 35.50 29.76
C TRP H 379 41.17 34.25 29.11
N ALA H 380 42.24 34.41 28.34
CA ALA H 380 42.79 33.30 27.58
C ALA H 380 44.32 33.33 27.43
N ILE H 381 44.94 32.17 27.43
CA ILE H 381 46.38 32.20 27.37
C ILE H 381 46.85 32.83 26.05
N ARG H 382 47.30 34.09 26.04
CA ARG H 382 47.72 34.65 24.74
C ARG H 382 48.74 33.66 24.16
N THR H 383 48.44 33.02 23.01
CA THR H 383 49.37 32.01 22.41
C THR H 383 50.39 32.57 21.42
N ARG H 384 51.18 31.65 20.88
CA ARG H 384 52.19 31.98 19.88
C ARG H 384 51.96 31.16 18.61
N SER H 385 51.57 29.91 18.81
CA SER H 385 51.17 28.98 17.74
C SER H 385 50.14 29.49 16.72
N GLY H 386 50.37 29.20 15.44
CA GLY H 386 49.36 29.45 14.41
C GLY H 386 48.36 28.32 14.14
N GLY H 387 48.33 27.23 14.96
CA GLY H 387 47.53 26.01 14.64
C GLY H 387 48.00 25.18 13.43
N ASN H 388 47.73 23.86 13.45
CA ASN H 388 47.95 23.03 12.25
C ASN H 388 47.10 21.71 12.21
N THR H 389 46.80 21.21 11.00
CA THR H 389 46.13 19.90 10.86
C THR H 389 46.99 18.89 10.07
N GLN H 398 76.41 1.02 -14.11
CA GLN H 398 76.71 0.41 -12.82
C GLN H 398 75.63 -0.59 -12.33
N ILE H 399 75.92 -1.35 -11.26
CA ILE H 399 75.01 -2.38 -10.72
C ILE H 399 75.13 -2.47 -9.18
N SER H 400 76.22 -1.96 -8.68
CA SER H 400 76.48 -1.91 -7.25
C SER H 400 77.19 -0.60 -6.95
N ILE H 401 77.14 -0.20 -5.68
CA ILE H 401 77.83 0.98 -5.21
C ILE H 401 79.03 0.61 -4.35
N GLN H 402 80.21 1.14 -4.71
CA GLN H 402 81.45 1.00 -3.89
C GLN H 402 81.44 2.03 -2.77
N PRO H 403 81.49 1.61 -1.52
CA PRO H 403 81.34 2.64 -0.47
C PRO H 403 82.62 3.43 -0.19
N THR H 404 82.51 4.76 -0.09
CA THR H 404 83.70 5.57 0.11
C THR H 404 83.68 6.12 1.49
N PHE H 405 82.55 6.16 2.17
CA PHE H 405 82.56 6.73 3.51
C PHE H 405 81.92 5.83 4.56
N SER H 406 82.15 6.17 5.82
CA SER H 406 81.65 5.37 6.89
C SER H 406 80.35 6.02 7.37
N VAL H 407 79.21 5.56 6.84
CA VAL H 407 77.92 6.05 7.32
C VAL H 407 76.83 4.98 7.26
N GLN H 408 75.75 5.18 8.01
CA GLN H 408 74.60 4.30 7.93
C GLN H 408 73.89 4.38 6.58
N ARG H 409 74.24 3.44 5.72
CA ARG H 409 73.74 3.44 4.36
C ARG H 409 73.45 2.07 3.78
N ASN H 410 72.19 1.89 3.38
CA ASN H 410 71.80 0.70 2.64
C ASN H 410 72.68 0.61 1.39
N LEU H 411 73.46 -0.44 1.25
CA LEU H 411 74.30 -0.43 0.07
C LEU H 411 73.63 -1.00 -1.17
N PRO H 412 73.36 -0.18 -2.19
CA PRO H 412 72.70 -0.62 -3.45
C PRO H 412 73.42 -1.56 -4.38
N SER H 431 61.17 18.66 -5.69
CA SER H 431 60.89 19.35 -6.97
C SER H 431 60.88 20.86 -6.75
N ASP H 432 59.69 21.47 -6.78
CA ASP H 432 59.54 22.86 -6.37
C ASP H 432 58.98 22.80 -4.97
N MET H 433 59.69 23.33 -3.97
CA MET H 433 59.16 23.27 -2.60
C MET H 433 57.81 24.00 -2.50
N ARG H 434 57.56 24.88 -3.47
CA ARG H 434 56.27 25.55 -3.62
C ARG H 434 55.17 24.54 -3.65
N THR H 435 55.32 23.60 -4.57
CA THR H 435 54.37 22.50 -4.77
C THR H 435 54.00 21.85 -3.44
N GLU H 436 55.01 21.50 -2.66
CA GLU H 436 54.80 20.86 -1.39
C GLU H 436 53.75 21.68 -0.59
N ILE H 437 53.99 22.98 -0.48
CA ILE H 437 53.13 23.87 0.28
C ILE H 437 51.76 24.01 -0.36
N ILE H 438 51.76 24.33 -1.64
CA ILE H 438 50.50 24.48 -2.37
C ILE H 438 49.62 23.27 -2.15
N ARG H 439 50.25 22.10 -2.07
CA ARG H 439 49.55 20.84 -1.82
C ARG H 439 49.04 20.82 -0.37
N LEU H 440 49.77 21.48 0.53
CA LEU H 440 49.36 21.48 1.93
C LEU H 440 48.29 22.52 2.08
N MET H 441 48.61 23.79 1.71
CA MET H 441 47.56 24.82 1.50
C MET H 441 46.13 24.25 1.15
N GLU H 442 46.05 23.50 0.03
CA GLU H 442 44.83 22.83 -0.42
C GLU H 442 44.00 22.07 0.62
N SER H 443 44.61 21.09 1.28
CA SER H 443 43.82 20.21 2.16
C SER H 443 43.25 20.98 3.32
N ALA H 444 43.65 22.23 3.41
CA ALA H 444 43.27 23.09 4.54
C ALA H 444 41.89 23.75 4.38
N ARG H 445 41.01 23.49 5.35
CA ARG H 445 39.69 24.14 5.39
C ARG H 445 39.55 25.20 6.51
N PRO H 446 38.86 26.31 6.20
CA PRO H 446 38.76 27.38 7.15
C PRO H 446 38.11 26.89 8.39
N GLU H 447 37.25 25.87 8.25
CA GLU H 447 36.56 25.26 9.40
C GLU H 447 37.44 24.39 10.28
N ASP H 448 38.68 24.15 9.81
CA ASP H 448 39.65 23.32 10.53
C ASP H 448 39.95 23.81 11.93
N VAL H 449 39.53 23.03 12.91
CA VAL H 449 39.62 23.41 14.31
C VAL H 449 41.06 23.50 14.76
N SER H 450 41.49 24.61 15.39
CA SER H 450 42.82 24.72 16.05
C SER H 450 42.79 24.79 17.60
N PHE H 451 43.96 24.65 18.24
CA PHE H 451 44.05 24.69 19.69
C PHE H 451 43.01 23.75 20.31
N GLN H 452 42.97 22.52 19.76
CA GLN H 452 42.01 21.51 20.20
C GLN H 452 42.07 21.36 21.74
N GLY H 453 40.94 21.35 22.41
CA GLY H 453 40.96 21.25 23.87
C GLY H 453 41.24 22.53 24.70
N ARG H 454 42.03 23.49 24.12
CA ARG H 454 42.31 24.78 24.75
C ARG H 454 41.04 25.57 24.87
N GLY H 455 40.86 26.29 25.99
CA GLY H 455 39.64 27.06 26.21
C GLY H 455 39.89 28.41 26.87
N VAL H 456 38.85 28.93 27.51
CA VAL H 456 38.92 30.28 28.07
C VAL H 456 38.80 30.11 29.56
N PHE H 457 39.36 31.06 30.31
CA PHE H 457 39.29 30.90 31.74
C PHE H 457 38.51 32.01 32.38
N GLU H 458 37.78 31.67 33.42
CA GLU H 458 37.11 32.66 34.25
C GLU H 458 38.19 33.54 34.89
N LEU H 459 37.76 34.73 35.31
CA LEU H 459 38.70 35.64 35.92
C LEU H 459 38.97 35.27 37.37
N SER H 460 38.17 34.35 37.95
CA SER H 460 38.45 33.80 39.26
C SER H 460 39.53 32.70 39.15
N ASP H 461 39.57 32.00 38.02
CA ASP H 461 40.43 30.85 37.83
C ASP H 461 41.86 31.27 37.66
N GLU H 462 42.49 31.53 38.78
CA GLU H 462 43.82 32.12 38.78
C GLU H 462 44.83 31.22 38.14
N LYS H 463 44.79 29.98 38.63
CA LYS H 463 45.54 28.86 38.10
C LYS H 463 44.92 28.53 36.75
N ALA H 464 45.63 27.80 35.91
CA ALA H 464 45.00 27.42 34.64
C ALA H 464 44.10 26.18 34.76
N THR H 465 43.58 25.95 35.96
CA THR H 465 42.84 24.78 36.28
C THR H 465 41.77 24.38 35.32
N SER H 466 40.58 24.98 35.42
CA SER H 466 39.46 24.58 34.57
C SER H 466 39.19 25.45 33.34
N PRO H 467 39.31 24.85 32.14
CA PRO H 467 39.16 25.53 30.83
C PRO H 467 37.71 25.54 30.38
N ILE H 468 37.34 26.45 29.47
CA ILE H 468 35.96 26.55 29.01
C ILE H 468 35.99 26.62 27.55
N VAL H 469 35.21 25.76 26.92
CA VAL H 469 35.18 25.71 25.46
C VAL H 469 34.00 26.50 24.89
N PRO H 470 34.29 27.47 24.01
CA PRO H 470 33.27 28.30 23.40
C PRO H 470 32.64 27.65 22.20
N SER H 471 31.34 27.85 22.10
CA SER H 471 30.58 27.30 21.01
C SER H 471 30.09 28.52 20.25
N PHE H 472 30.52 28.69 19.00
CA PHE H 472 30.13 29.87 18.20
C PHE H 472 28.81 29.82 17.42
N ASP H 473 28.02 28.76 17.59
CA ASP H 473 26.71 28.71 16.97
C ASP H 473 26.03 29.94 17.57
N MET H 474 25.85 30.97 16.75
CA MET H 474 25.41 32.27 17.31
C MET H 474 25.27 33.37 16.27
N SER H 475 24.51 34.42 16.56
CA SER H 475 24.37 35.49 15.59
C SER H 475 25.54 36.37 15.83
N ASN H 476 26.62 36.11 15.13
CA ASN H 476 27.89 36.82 15.32
C ASN H 476 27.87 38.14 14.54
N GLU H 477 29.02 38.75 14.36
CA GLU H 477 29.11 40.03 13.66
C GLU H 477 30.39 40.10 12.78
N GLY H 478 30.75 39.01 12.12
CA GLY H 478 32.02 39.02 11.37
C GLY H 478 33.18 38.32 12.07
N SER H 479 34.30 38.27 11.37
CA SER H 479 35.51 37.71 11.92
C SER H 479 36.73 38.58 11.61
N TYR H 480 36.66 39.45 10.64
CA TYR H 480 37.78 40.23 10.22
C TYR H 480 37.71 41.70 10.69
N PHE H 481 38.34 42.03 11.81
CA PHE H 481 38.40 43.42 12.24
C PHE H 481 38.64 44.39 11.08
N PHE H 482 39.35 43.96 10.04
CA PHE H 482 39.62 44.84 8.91
C PHE H 482 38.94 44.44 7.59
N ASN I 14 25.58 3.74 56.76
CA ASN I 14 24.31 4.34 57.30
C ASN I 14 24.41 4.77 58.78
N ALA I 15 24.82 6.02 58.91
CA ALA I 15 25.02 6.69 60.18
C ALA I 15 23.72 7.34 60.71
N THR I 16 22.57 6.91 60.21
CA THR I 16 21.34 7.54 60.66
C THR I 16 20.74 6.75 61.81
N GLU I 17 20.27 5.55 61.53
CA GLU I 17 19.63 4.74 62.57
C GLU I 17 20.68 4.36 63.60
N ILE I 18 21.61 3.51 63.18
CA ILE I 18 22.64 2.96 64.06
C ILE I 18 23.30 4.04 64.95
N ARG I 19 23.72 5.16 64.38
CA ARG I 19 24.44 6.14 65.21
C ARG I 19 23.51 7.01 66.07
N ALA I 20 22.29 7.19 65.62
CA ALA I 20 21.42 8.13 66.29
C ALA I 20 20.40 7.39 67.17
N SER I 21 20.06 6.18 66.78
CA SER I 21 19.14 5.38 67.58
C SER I 21 19.80 4.91 68.87
N VAL I 22 21.11 4.84 68.84
CA VAL I 22 21.80 4.31 69.99
C VAL I 22 22.12 5.51 70.87
N GLY I 23 22.14 6.66 70.21
CA GLY I 23 22.23 7.91 70.92
C GLY I 23 20.99 8.15 71.77
N LYS I 24 19.88 7.70 71.24
CA LYS I 24 18.64 7.91 71.89
C LYS I 24 18.57 6.99 73.07
N MET I 25 19.26 5.87 72.98
CA MET I 25 19.21 4.97 74.12
C MET I 25 20.15 5.48 75.19
N ILE I 26 21.17 6.24 74.77
CA ILE I 26 22.12 6.78 75.69
C ILE I 26 21.51 7.96 76.44
N ASP I 27 20.75 8.80 75.71
CA ASP I 27 20.00 9.93 76.28
C ASP I 27 19.11 9.43 77.38
N GLY I 28 18.52 8.25 77.19
CA GLY I 28 17.58 7.81 78.19
C GLY I 28 18.30 7.58 79.50
N ILE I 29 19.44 6.91 79.43
CA ILE I 29 20.15 6.52 80.63
C ILE I 29 20.55 7.81 81.31
N GLY I 30 21.04 8.77 80.53
CA GLY I 30 21.47 10.06 81.05
C GLY I 30 20.32 10.72 81.82
N ARG I 31 19.36 11.24 81.07
CA ARG I 31 18.12 11.78 81.62
C ARG I 31 17.67 11.04 82.87
N PHE I 32 17.51 9.71 82.78
CA PHE I 32 17.08 8.97 83.95
C PHE I 32 18.03 9.22 85.19
N TYR I 33 19.32 8.93 85.01
CA TYR I 33 20.29 9.18 86.05
C TYR I 33 20.15 10.54 86.65
N ILE I 34 19.91 11.56 85.84
CA ILE I 34 19.74 12.90 86.34
C ILE I 34 18.48 12.98 87.23
N GLN I 35 17.38 12.42 86.74
CA GLN I 35 16.09 12.43 87.50
C GLN I 35 16.26 11.75 88.81
N MET I 36 16.81 10.57 88.73
CA MET I 36 17.06 9.79 89.89
C MET I 36 18.03 10.46 90.84
N CYS I 37 19.01 11.18 90.34
CA CYS I 37 19.81 11.93 91.27
C CYS I 37 19.00 13.03 91.91
N THR I 38 18.15 13.65 91.13
CA THR I 38 17.33 14.74 91.68
C THR I 38 16.39 14.24 92.82
N GLU I 39 16.03 12.96 92.81
CA GLU I 39 15.18 12.42 93.85
C GLU I 39 16.00 12.26 95.11
N LEU I 40 17.10 11.53 94.97
CA LEU I 40 17.94 11.30 96.12
C LEU I 40 18.49 12.60 96.67
N LYS I 41 18.25 13.70 95.99
CA LYS I 41 18.75 14.99 96.42
C LYS I 41 20.24 14.92 96.62
N LEU I 42 20.97 14.11 95.82
CA LEU I 42 22.46 14.15 95.82
C LEU I 42 23.09 15.42 95.23
N SER I 43 24.37 15.63 95.57
CA SER I 43 25.13 16.78 95.06
C SER I 43 25.82 16.42 93.75
N ASP I 44 26.53 17.40 93.18
CA ASP I 44 27.29 17.13 91.96
C ASP I 44 28.39 16.15 92.25
N TYR I 45 29.17 16.40 93.29
CA TYR I 45 30.22 15.46 93.60
C TYR I 45 29.64 14.12 93.95
N GLU I 46 28.46 14.13 94.53
CA GLU I 46 27.87 12.90 94.99
C GLU I 46 27.10 12.17 93.88
N GLY I 47 27.00 12.79 92.71
CA GLY I 47 26.34 12.12 91.60
C GLY I 47 27.40 11.57 90.70
N ARG I 48 28.64 11.98 90.95
CA ARG I 48 29.74 11.51 90.12
C ARG I 48 30.48 10.34 90.75
N LEU I 49 29.90 9.86 91.86
CA LEU I 49 30.50 8.80 92.61
C LEU I 49 30.12 7.45 92.03
N ILE I 50 31.01 6.88 91.26
CA ILE I 50 30.70 5.64 90.63
C ILE I 50 29.98 4.68 91.52
N GLN I 51 30.22 4.77 92.82
CA GLN I 51 29.54 3.96 93.82
C GLN I 51 28.02 4.20 93.72
N ASN I 52 27.58 5.41 94.06
CA ASN I 52 26.18 5.71 93.95
C ASN I 52 25.67 5.39 92.59
N SER I 53 26.39 5.69 91.52
CA SER I 53 25.85 5.40 90.19
C SER I 53 25.49 3.93 90.12
N LEU I 54 26.41 3.07 90.47
CA LEU I 54 26.14 1.63 90.44
C LEU I 54 24.87 1.23 91.12
N THR I 55 24.74 1.64 92.36
CA THR I 55 23.57 1.33 93.14
C THR I 55 22.34 1.68 92.33
N ILE I 56 22.30 2.89 91.78
CA ILE I 56 21.16 3.29 91.01
C ILE I 56 20.90 2.36 89.81
N GLU I 57 21.97 2.01 89.11
CA GLU I 57 21.81 1.21 87.92
C GLU I 57 21.19 -0.12 88.27
N ARG I 58 21.60 -0.67 89.40
CA ARG I 58 21.12 -1.99 89.77
C ARG I 58 19.66 -1.94 90.28
N MET I 59 19.32 -0.90 91.08
CA MET I 59 17.93 -0.57 91.46
C MET I 59 16.97 -0.65 90.31
N VAL I 60 17.50 -0.43 89.12
CA VAL I 60 16.61 -0.28 88.02
C VAL I 60 16.50 -1.58 87.33
N LEU I 61 17.63 -2.23 87.10
CA LEU I 61 17.62 -3.49 86.40
C LEU I 61 16.84 -4.52 87.23
N SER I 62 16.92 -4.39 88.57
CA SER I 62 16.17 -5.25 89.47
C SER I 62 14.68 -4.98 89.27
N ALA I 63 14.30 -3.71 89.28
CA ALA I 63 12.90 -3.37 89.18
C ALA I 63 12.32 -3.77 87.82
N PHE I 64 13.12 -3.85 86.79
CA PHE I 64 12.59 -4.22 85.51
C PHE I 64 12.83 -5.70 85.23
N ASP I 65 13.01 -6.48 86.31
CA ASP I 65 13.34 -7.92 86.21
C ASP I 65 13.46 -8.63 87.58
N THR I 85 12.84 -1.94 95.32
CA THR I 85 14.20 -2.35 95.68
C THR I 85 14.93 -1.18 96.25
N GLY I 86 16.10 -1.45 96.83
CA GLY I 86 16.86 -0.44 97.55
C GLY I 86 18.32 -0.63 97.24
N GLY I 87 19.19 0.05 97.98
CA GLY I 87 20.61 -0.10 97.76
C GLY I 87 21.44 0.88 98.59
N PRO I 88 22.78 0.71 98.53
CA PRO I 88 23.74 1.49 99.30
C PRO I 88 23.97 2.86 98.66
N ILE I 89 23.75 3.91 99.43
CA ILE I 89 23.94 5.25 98.89
C ILE I 89 24.83 6.11 99.76
N TYR I 90 26.00 6.48 99.24
CA TYR I 90 26.96 7.23 100.01
C TYR I 90 26.83 8.75 99.93
N ARG I 91 26.91 9.37 101.10
CA ARG I 91 26.67 10.79 101.22
C ARG I 91 27.92 11.47 101.76
N ARG I 92 28.05 12.77 101.50
CA ARG I 92 29.25 13.50 101.91
C ARG I 92 28.95 14.52 103.00
N VAL I 93 29.41 14.30 104.21
CA VAL I 93 29.29 15.31 105.28
C VAL I 93 30.66 15.87 105.63
N ASP I 94 30.71 17.08 106.20
CA ASP I 94 31.97 17.70 106.63
C ASP I 94 33.02 16.62 106.91
N GLY I 95 33.98 16.43 106.00
CA GLY I 95 35.07 15.50 106.26
C GLY I 95 34.90 14.09 105.79
N LYS I 96 33.88 13.39 106.31
CA LYS I 96 33.74 11.91 106.12
C LYS I 96 32.55 11.45 105.31
N TRP I 97 32.56 10.20 104.88
CA TRP I 97 31.50 9.75 103.99
C TRP I 97 30.47 8.90 104.71
N ARG I 98 29.19 9.23 104.53
CA ARG I 98 28.15 8.51 105.23
C ARG I 98 27.37 7.61 104.28
N ARG I 99 27.31 6.32 104.60
CA ARG I 99 26.58 5.36 103.78
C ARG I 99 25.12 5.29 104.20
N GLU I 100 24.18 5.57 103.30
CA GLU I 100 22.75 5.39 103.59
C GLU I 100 22.16 4.14 102.96
N LEU I 101 21.42 3.40 103.74
CA LEU I 101 20.78 2.22 103.22
C LEU I 101 19.36 2.61 102.87
N ILE I 102 19.00 2.66 101.59
CA ILE I 102 17.65 3.14 101.24
C ILE I 102 16.87 2.21 100.35
N LEU I 103 15.56 2.44 100.31
CA LEU I 103 14.63 1.61 99.50
C LEU I 103 13.67 2.47 98.69
N TYR I 104 13.33 2.02 97.48
CA TYR I 104 12.42 2.78 96.59
C TYR I 104 11.28 1.92 96.02
N ASP I 105 10.14 2.53 95.73
CA ASP I 105 9.05 1.78 95.18
C ASP I 105 9.48 1.11 93.88
N LYS I 106 9.63 -0.20 93.90
CA LYS I 106 10.06 -0.89 92.67
C LYS I 106 9.34 -0.34 91.43
N GLU I 107 8.12 0.18 91.60
CA GLU I 107 7.36 0.62 90.43
C GLU I 107 7.66 2.06 90.17
N GLU I 108 7.79 2.82 91.25
CA GLU I 108 8.22 4.17 91.06
C GLU I 108 9.43 4.22 90.14
N ILE I 109 10.38 3.29 90.36
CA ILE I 109 11.63 3.26 89.58
C ILE I 109 11.29 3.02 88.14
N ARG I 110 10.40 2.07 87.92
CA ARG I 110 9.99 1.75 86.58
C ARG I 110 9.27 2.92 85.93
N ARG I 111 8.61 3.72 86.76
CA ARG I 111 7.88 4.85 86.25
C ARG I 111 8.86 5.95 85.77
N ILE I 112 9.80 6.27 86.65
CA ILE I 112 10.78 7.31 86.36
C ILE I 112 11.59 6.94 85.13
N TRP I 113 11.93 5.65 85.01
CA TRP I 113 12.68 5.15 83.87
C TRP I 113 11.96 5.54 82.58
N ARG I 114 10.70 5.11 82.42
CA ARG I 114 10.00 5.32 81.13
C ARG I 114 9.85 6.81 80.89
N GLN I 115 9.50 7.54 81.94
CA GLN I 115 9.43 8.95 81.80
C GLN I 115 10.62 9.48 81.02
N ALA I 116 11.82 8.96 81.33
CA ALA I 116 13.04 9.44 80.68
C ALA I 116 13.09 8.96 79.26
N ASN I 117 12.75 7.72 79.01
CA ASN I 117 12.69 7.19 77.61
C ASN I 117 11.39 7.42 76.84
N ASN I 118 10.68 8.50 77.11
CA ASN I 118 9.41 8.73 76.42
C ASN I 118 8.33 7.66 76.67
N GLY I 119 8.32 7.07 77.86
CA GLY I 119 7.33 6.06 78.12
C GLY I 119 7.62 4.77 77.37
N ASP I 120 8.81 4.71 76.75
CA ASP I 120 9.26 3.49 76.13
C ASP I 120 9.88 2.54 77.12
N ASP I 121 10.22 1.35 76.64
CA ASP I 121 10.82 0.37 77.53
C ASP I 121 12.33 0.47 77.46
N ALA I 122 12.78 0.75 76.24
CA ALA I 122 14.16 0.88 75.89
C ALA I 122 14.91 -0.27 76.53
N THR I 123 14.61 -1.50 76.11
CA THR I 123 15.30 -2.66 76.69
C THR I 123 16.77 -2.49 76.43
N ALA I 124 17.08 -1.98 75.25
CA ALA I 124 18.47 -1.69 74.95
C ALA I 124 19.15 -0.96 76.12
N GLY I 125 18.50 0.09 76.59
CA GLY I 125 19.05 0.85 77.68
C GLY I 125 19.38 0.06 78.94
N LEU I 126 18.49 -0.83 79.35
CA LEU I 126 18.68 -1.60 80.56
C LEU I 126 19.78 -2.60 80.28
N THR I 127 19.75 -3.13 79.06
CA THR I 127 20.69 -4.12 78.61
C THR I 127 22.05 -3.47 78.61
N HIS I 128 22.11 -2.16 78.34
CA HIS I 128 23.39 -1.45 78.27
C HIS I 128 24.07 -1.44 79.62
N MET I 129 23.31 -1.19 80.67
CA MET I 129 23.87 -1.11 82.00
C MET I 129 24.01 -2.53 82.42
N MET I 130 23.33 -3.42 81.71
CA MET I 130 23.39 -4.86 82.01
C MET I 130 24.79 -5.25 81.63
N ILE I 131 25.35 -4.63 80.60
CA ILE I 131 26.71 -4.96 80.17
C ILE I 131 27.81 -4.23 80.95
N TRP I 132 27.51 -2.98 81.28
CA TRP I 132 28.51 -2.20 81.94
C TRP I 132 28.84 -3.00 83.19
N HIS I 133 27.83 -3.61 83.77
CA HIS I 133 28.03 -4.36 84.97
C HIS I 133 28.84 -5.57 84.58
N SER I 134 28.47 -6.18 83.47
CA SER I 134 29.19 -7.38 83.03
C SER I 134 30.69 -7.09 82.90
N ASN I 135 31.00 -6.10 82.10
CA ASN I 135 32.35 -5.84 81.76
C ASN I 135 33.22 -5.47 82.96
N LEU I 136 32.56 -4.94 84.01
CA LEU I 136 33.16 -4.64 85.28
C LEU I 136 33.38 -5.91 86.04
N ASN I 137 32.55 -6.92 85.82
CA ASN I 137 32.66 -8.09 86.65
C ASN I 137 33.67 -9.03 86.02
N ASP I 138 33.76 -8.99 84.71
CA ASP I 138 34.68 -9.81 84.03
C ASP I 138 36.12 -9.31 84.27
N ALA I 139 36.24 -8.13 84.86
CA ALA I 139 37.56 -7.58 85.16
C ALA I 139 37.87 -7.52 86.64
N THR I 140 36.84 -7.37 87.48
CA THR I 140 37.07 -7.30 88.91
C THR I 140 37.31 -8.70 89.42
N TYR I 141 36.62 -9.68 88.83
CA TYR I 141 36.67 -11.09 89.32
C TYR I 141 37.08 -12.16 88.35
N GLN I 142 37.59 -13.24 88.90
CA GLN I 142 37.96 -14.38 88.10
C GLN I 142 37.05 -15.51 88.49
N ARG I 143 36.40 -16.10 87.50
CA ARG I 143 35.30 -17.02 87.79
C ARG I 143 35.76 -18.46 87.59
N THR I 144 36.60 -18.92 88.52
CA THR I 144 37.22 -20.23 88.38
C THR I 144 36.31 -21.27 89.00
N ARG I 145 35.81 -20.95 90.21
CA ARG I 145 34.95 -21.87 90.96
C ARG I 145 33.88 -22.48 90.05
N ALA I 146 33.31 -21.64 89.20
CA ALA I 146 32.25 -22.03 88.31
C ALA I 146 32.72 -22.84 87.12
N LEU I 147 33.91 -22.53 86.59
CA LEU I 147 34.39 -23.20 85.35
C LEU I 147 34.66 -24.70 85.61
N VAL I 148 35.30 -24.94 86.75
CA VAL I 148 35.76 -26.25 87.15
C VAL I 148 34.55 -27.12 87.53
N ARG I 149 33.69 -26.54 88.39
CA ARG I 149 32.45 -27.19 88.78
C ARG I 149 31.60 -27.52 87.53
N THR I 150 31.78 -26.79 86.45
CA THR I 150 31.18 -27.13 85.15
C THR I 150 32.01 -28.19 84.43
N GLY I 151 33.33 -28.17 84.60
CA GLY I 151 34.16 -29.20 83.98
C GLY I 151 34.91 -28.59 82.81
N MET I 152 35.23 -27.30 83.00
CA MET I 152 36.00 -26.47 82.05
C MET I 152 37.34 -26.16 82.71
N ASP I 153 38.39 -26.04 81.92
CA ASP I 153 39.67 -25.77 82.53
C ASP I 153 39.78 -24.31 83.04
N PRO I 154 40.19 -24.11 84.32
CA PRO I 154 40.28 -22.76 84.92
C PRO I 154 41.11 -21.81 84.09
N ARG I 155 42.07 -22.35 83.38
CA ARG I 155 42.82 -21.55 82.44
C ARG I 155 42.08 -21.12 81.19
N MET I 156 40.76 -21.25 81.19
CA MET I 156 39.96 -20.81 80.04
C MET I 156 39.28 -19.48 80.30
N CYS I 157 39.91 -18.66 81.15
CA CYS I 157 39.50 -17.27 81.46
C CYS I 157 39.12 -16.43 80.27
N SER I 158 40.00 -16.34 79.27
CA SER I 158 39.82 -15.49 78.06
C SER I 158 38.62 -15.84 77.16
N LEU I 159 37.82 -16.81 77.59
CA LEU I 159 36.72 -17.31 76.82
C LEU I 159 35.46 -17.10 77.65
N MET I 160 35.57 -16.64 78.88
CA MET I 160 34.36 -16.43 79.69
C MET I 160 33.83 -14.97 79.70
N GLN I 161 33.95 -14.28 78.58
CA GLN I 161 33.43 -12.93 78.47
C GLN I 161 31.90 -12.79 78.54
N GLY I 162 31.40 -12.36 79.68
CA GLY I 162 29.99 -12.16 79.81
C GLY I 162 29.37 -13.35 80.50
N SER I 163 30.15 -14.16 81.20
CA SER I 163 29.55 -15.23 81.94
C SER I 163 28.56 -14.68 83.01
N THR I 164 28.68 -13.41 83.41
CA THR I 164 27.85 -12.88 84.50
C THR I 164 26.56 -12.29 83.96
N LEU I 165 26.56 -12.17 82.65
CA LEU I 165 25.56 -11.39 82.00
C LEU I 165 24.25 -12.14 81.96
N PRO I 166 23.27 -11.69 82.77
CA PRO I 166 21.96 -12.41 82.80
C PRO I 166 21.45 -12.79 81.39
N ARG I 167 20.92 -14.00 81.29
CA ARG I 167 20.26 -14.48 80.06
C ARG I 167 19.23 -13.48 79.50
N ARG I 168 18.54 -12.75 80.40
CA ARG I 168 17.65 -11.67 80.00
C ARG I 168 18.30 -10.69 78.99
N SER I 169 19.63 -10.61 78.99
CA SER I 169 20.32 -9.75 78.04
C SER I 169 19.74 -9.93 76.66
N GLY I 170 19.81 -8.88 75.86
CA GLY I 170 19.25 -8.94 74.54
C GLY I 170 20.04 -9.70 73.52
N ALA I 171 19.61 -9.59 72.28
CA ALA I 171 20.26 -10.28 71.20
C ALA I 171 21.69 -9.73 70.95
N ALA I 172 21.87 -8.42 71.18
CA ALA I 172 23.14 -7.74 70.88
C ALA I 172 23.91 -7.77 72.21
N GLY I 173 23.21 -8.32 73.21
CA GLY I 173 23.80 -8.64 74.51
C GLY I 173 24.59 -9.94 74.52
N ALA I 174 24.17 -10.94 73.74
CA ALA I 174 24.85 -12.19 73.73
C ALA I 174 26.03 -12.09 72.77
N ALA I 175 25.92 -11.27 71.72
CA ALA I 175 27.06 -11.15 70.76
C ALA I 175 28.41 -10.78 71.44
N VAL I 176 28.31 -10.26 72.67
CA VAL I 176 29.48 -9.80 73.37
C VAL I 176 30.09 -10.99 74.08
N LYS I 177 29.30 -12.07 74.24
CA LYS I 177 29.76 -13.30 74.92
C LYS I 177 30.95 -14.07 74.30
N GLY I 178 31.86 -14.52 75.16
CA GLY I 178 32.97 -15.34 74.67
C GLY I 178 32.51 -16.78 74.41
N VAL I 179 33.26 -17.49 73.55
CA VAL I 179 32.94 -18.87 73.15
C VAL I 179 32.75 -19.75 74.40
N GLY I 180 33.72 -19.64 75.32
CA GLY I 180 33.68 -20.31 76.56
C GLY I 180 32.44 -19.97 77.34
N THR I 181 31.84 -18.82 77.10
CA THR I 181 30.70 -18.42 77.95
C THR I 181 29.52 -19.33 77.62
N MET I 182 29.41 -19.63 76.33
CA MET I 182 28.27 -20.32 75.86
C MET I 182 28.30 -21.74 76.36
N VAL I 183 29.46 -22.36 76.19
CA VAL I 183 29.73 -23.71 76.68
C VAL I 183 29.35 -23.94 78.16
N MET I 184 29.67 -23.04 79.07
CA MET I 184 29.35 -23.23 80.46
C MET I 184 27.84 -23.39 80.69
N GLU I 185 27.07 -22.82 79.74
CA GLU I 185 25.59 -22.81 79.81
C GLU I 185 25.00 -24.13 79.33
N LEU I 186 25.15 -24.38 78.03
CA LEU I 186 24.79 -25.63 77.45
C LEU I 186 25.21 -26.81 78.35
N ILE I 187 26.49 -26.87 78.72
CA ILE I 187 26.98 -27.90 79.65
C ILE I 187 26.15 -28.00 80.93
N ARG I 188 25.60 -26.90 81.43
CA ARG I 188 24.82 -27.04 82.66
C ARG I 188 23.40 -27.41 82.31
N MET I 189 22.93 -26.82 81.22
CA MET I 189 21.58 -27.09 80.71
C MET I 189 21.54 -28.59 80.41
N ILE I 190 22.50 -29.06 79.60
CA ILE I 190 22.71 -30.49 79.34
C ILE I 190 23.00 -31.32 80.60
N LYS I 191 23.96 -30.91 81.43
CA LYS I 191 24.36 -31.72 82.59
C LYS I 191 23.20 -32.08 83.55
N ARG I 192 22.34 -31.11 83.86
CA ARG I 192 21.22 -31.45 84.72
C ARG I 192 20.13 -32.33 84.04
N GLY I 193 19.85 -32.00 82.76
CA GLY I 193 18.88 -32.74 81.90
C GLY I 193 19.35 -34.17 81.65
N ILE I 194 20.49 -34.30 80.97
CA ILE I 194 21.10 -35.61 80.73
C ILE I 194 21.44 -36.24 82.06
N ASN I 195 21.49 -35.61 83.10
CA ASN I 195 21.66 -36.27 84.40
C ASN I 195 20.27 -36.71 84.82
N ARG I 206 10.35 -28.93 77.67
CA ARG I 206 9.74 -29.18 76.36
C ARG I 206 10.28 -28.24 75.28
N ARG I 207 9.91 -26.97 75.43
CA ARG I 207 10.30 -25.89 74.53
C ARG I 207 11.80 -25.63 74.66
N THR I 208 12.39 -26.15 75.73
CA THR I 208 13.82 -26.07 76.01
C THR I 208 14.72 -26.41 74.83
N ARG I 209 14.16 -27.07 73.82
CA ARG I 209 14.92 -27.47 72.62
C ARG I 209 15.35 -26.34 71.65
N ILE I 210 14.40 -25.48 71.26
CA ILE I 210 14.70 -24.35 70.37
C ILE I 210 15.86 -23.51 70.93
N ALA I 211 15.92 -23.41 72.26
CA ALA I 211 17.03 -22.77 72.97
C ALA I 211 18.31 -23.45 72.57
N TYR I 212 18.43 -24.74 72.89
CA TYR I 212 19.66 -25.49 72.68
C TYR I 212 20.22 -25.31 71.28
N GLU I 213 19.37 -25.47 70.27
CA GLU I 213 19.83 -25.36 68.87
C GLU I 213 20.32 -23.98 68.58
N ARG I 214 19.53 -22.99 68.95
CA ARG I 214 19.93 -21.60 68.78
C ARG I 214 21.22 -21.28 69.54
N MET I 215 21.23 -21.63 70.84
CA MET I 215 22.38 -21.42 71.67
C MET I 215 23.57 -21.96 70.96
N CYS I 216 23.39 -22.99 70.14
CA CYS I 216 24.54 -23.52 69.38
C CYS I 216 24.79 -22.70 68.13
N ASN I 217 23.72 -22.17 67.54
CA ASN I 217 23.87 -21.47 66.27
C ASN I 217 24.68 -20.24 66.48
N ILE I 218 24.36 -19.59 67.60
CA ILE I 218 25.12 -18.47 68.15
C ILE I 218 26.55 -18.94 68.39
N LEU I 219 26.64 -20.03 69.16
CA LEU I 219 27.90 -20.66 69.45
C LEU I 219 28.63 -20.76 68.13
N LYS I 220 27.98 -21.33 67.12
CA LYS I 220 28.67 -21.64 65.86
C LYS I 220 29.06 -20.36 65.16
N GLY I 221 28.24 -19.34 65.38
CA GLY I 221 28.47 -18.09 64.70
C GLY I 221 29.65 -17.33 65.30
N LYS I 222 30.18 -17.89 66.40
CA LYS I 222 31.39 -17.36 67.01
C LYS I 222 32.59 -17.83 66.19
N PHE I 223 32.59 -19.12 65.84
CA PHE I 223 33.65 -19.68 65.02
C PHE I 223 33.70 -19.04 63.66
N GLN I 224 34.91 -18.92 63.14
CA GLN I 224 35.18 -18.33 61.83
C GLN I 224 36.10 -19.21 60.98
N THR I 225 35.94 -20.54 61.08
CA THR I 225 36.67 -21.49 60.23
C THR I 225 35.81 -22.70 59.90
N ALA I 226 35.97 -23.23 58.68
CA ALA I 226 35.26 -24.41 58.22
C ALA I 226 34.92 -25.41 59.37
N ALA I 227 35.92 -26.21 59.75
CA ALA I 227 35.77 -27.30 60.71
C ALA I 227 35.06 -26.86 62.00
N GLN I 228 35.59 -25.75 62.54
CA GLN I 228 35.04 -25.15 63.73
C GLN I 228 33.54 -25.08 63.52
N ARG I 229 33.15 -24.42 62.43
CA ARG I 229 31.77 -24.25 62.08
C ARG I 229 31.09 -25.62 61.96
N THR I 230 31.70 -26.53 61.21
CA THR I 230 31.06 -27.83 60.93
C THR I 230 30.90 -28.67 62.20
N MET I 231 31.89 -28.60 63.10
CA MET I 231 31.89 -29.49 64.26
C MET I 231 30.80 -29.18 65.29
N VAL I 232 30.31 -27.95 65.18
CA VAL I 232 29.34 -27.41 66.08
C VAL I 232 28.03 -28.07 65.74
N ASP I 233 27.83 -28.23 64.42
CA ASP I 233 26.66 -28.95 63.88
C ASP I 233 26.65 -30.40 64.36
N GLN I 234 27.79 -31.08 64.23
CA GLN I 234 27.91 -32.46 64.67
C GLN I 234 27.50 -32.59 66.14
N VAL I 235 27.60 -31.49 66.89
CA VAL I 235 27.18 -31.43 68.29
C VAL I 235 25.67 -31.19 68.46
N ARG I 236 25.16 -30.26 67.68
CA ARG I 236 23.76 -29.92 67.68
C ARG I 236 22.83 -31.02 67.15
N GLU I 237 23.40 -32.16 66.76
CA GLU I 237 22.62 -33.25 66.20
C GLU I 237 21.83 -34.07 67.24
N SER I 238 22.35 -34.18 68.46
CA SER I 238 21.74 -35.04 69.47
C SER I 238 20.65 -34.38 70.35
N ARG I 239 19.49 -35.02 70.45
CA ARG I 239 18.39 -34.49 71.26
C ARG I 239 18.77 -34.53 72.73
N ASN I 240 19.32 -35.66 73.14
CA ASN I 240 19.76 -35.81 74.51
C ASN I 240 21.28 -35.93 74.49
N PRO I 241 21.99 -34.84 74.16
CA PRO I 241 23.45 -34.89 73.98
C PRO I 241 24.17 -35.21 75.29
N GLY I 242 24.76 -36.39 75.40
CA GLY I 242 25.37 -36.76 76.67
C GLY I 242 26.85 -36.40 76.65
N ASN I 243 27.61 -37.04 77.53
CA ASN I 243 29.07 -36.91 77.55
C ASN I 243 29.76 -36.89 76.19
N ALA I 244 29.10 -37.48 75.19
CA ALA I 244 29.55 -37.41 73.79
C ALA I 244 29.80 -35.95 73.40
N GLU I 245 28.79 -35.12 73.66
CA GLU I 245 28.82 -33.70 73.40
C GLU I 245 29.66 -33.04 74.51
N PHE I 246 29.22 -33.24 75.77
CA PHE I 246 29.93 -32.74 76.97
C PHE I 246 31.44 -32.71 76.75
N GLU I 247 32.01 -33.84 76.36
CA GLU I 247 33.41 -33.87 76.02
C GLU I 247 33.77 -33.11 74.71
N ASP I 248 32.91 -33.13 73.70
CA ASP I 248 33.33 -32.50 72.43
C ASP I 248 33.42 -30.96 72.40
N LEU I 249 32.46 -30.29 73.06
CA LEU I 249 32.37 -28.84 73.02
C LEU I 249 33.56 -28.28 73.80
N ILE I 250 33.88 -28.95 74.90
CA ILE I 250 35.03 -28.62 75.72
C ILE I 250 36.25 -28.54 74.84
N PHE I 251 36.34 -29.50 73.90
CA PHE I 251 37.40 -29.50 72.87
C PHE I 251 37.41 -28.14 72.07
N LEU I 252 36.27 -27.91 71.40
CA LEU I 252 35.99 -26.71 70.63
C LEU I 252 36.27 -25.46 71.51
N ALA I 253 35.94 -25.54 72.81
CA ALA I 253 36.28 -24.47 73.74
C ALA I 253 37.80 -24.15 73.67
N ARG I 254 38.58 -25.23 73.75
CA ARG I 254 40.00 -25.12 73.68
C ARG I 254 40.49 -24.75 72.28
N SER I 255 39.72 -25.04 71.24
CA SER I 255 40.17 -24.70 69.89
C SER I 255 40.20 -23.18 69.70
N ALA I 256 39.37 -22.49 70.47
CA ALA I 256 39.16 -21.05 70.34
C ALA I 256 40.28 -20.27 70.98
N LEU I 257 41.05 -20.99 71.82
CA LEU I 257 42.26 -20.52 72.49
C LEU I 257 43.31 -20.31 71.45
N ILE I 258 43.11 -20.90 70.29
CA ILE I 258 44.10 -20.79 69.27
C ILE I 258 43.48 -20.20 68.01
N LEU I 259 42.32 -20.74 67.62
CA LEU I 259 41.54 -20.25 66.48
C LEU I 259 40.34 -19.59 67.14
N ARG I 260 40.52 -18.31 67.42
CA ARG I 260 39.56 -17.61 68.24
C ARG I 260 38.32 -17.43 67.37
N GLY I 261 37.22 -17.01 67.99
CA GLY I 261 36.02 -16.62 67.26
C GLY I 261 35.76 -15.13 67.21
N SER I 262 34.60 -14.79 66.66
CA SER I 262 34.17 -13.43 66.60
C SER I 262 33.35 -13.12 67.85
N VAL I 263 33.90 -12.26 68.69
CA VAL I 263 33.17 -11.74 69.83
C VAL I 263 33.27 -10.24 69.88
N ALA I 264 32.13 -9.59 69.69
CA ALA I 264 31.96 -8.15 69.87
C ALA I 264 32.31 -7.65 71.28
N HIS I 265 32.93 -6.46 71.31
CA HIS I 265 33.23 -5.73 72.55
C HIS I 265 32.49 -4.39 72.53
N LYS I 266 31.81 -4.07 73.63
CA LYS I 266 30.98 -2.88 73.74
C LYS I 266 31.50 -1.97 74.88
N SER I 267 31.86 -0.74 74.55
CA SER I 267 32.36 0.22 75.54
C SER I 267 31.19 0.79 76.32
N CYS I 268 30.86 0.19 77.44
CA CYS I 268 29.67 0.68 78.15
C CYS I 268 30.02 1.39 79.41
N LEU I 269 29.83 2.72 79.46
CA LEU I 269 30.26 3.53 80.61
C LEU I 269 29.18 3.56 81.67
N PRO I 270 29.51 3.88 82.95
CA PRO I 270 28.58 3.97 84.09
C PRO I 270 27.50 4.98 83.84
N ALA I 271 26.35 4.81 84.46
CA ALA I 271 25.24 5.73 84.26
C ALA I 271 25.63 7.21 84.49
N CYS I 272 26.51 7.43 85.45
CA CYS I 272 26.83 8.77 85.83
C CYS I 272 27.49 9.51 84.66
N VAL I 273 28.27 8.77 83.90
CA VAL I 273 29.03 9.37 82.85
C VAL I 273 28.06 9.88 81.81
N TYR I 274 27.10 9.07 81.37
CA TYR I 274 26.05 9.47 80.47
C TYR I 274 25.14 10.53 81.10
N GLY I 275 24.69 10.34 82.34
CA GLY I 275 23.92 11.42 83.05
C GLY I 275 24.63 12.76 83.02
N SER I 276 25.88 12.77 83.39
CA SER I 276 26.61 14.00 83.42
C SER I 276 26.69 14.65 82.03
N ALA I 277 26.93 13.83 81.01
CA ALA I 277 27.04 14.24 79.63
C ALA I 277 25.74 14.84 79.12
N VAL I 278 24.64 14.19 79.43
CA VAL I 278 23.32 14.65 79.01
C VAL I 278 23.05 16.00 79.62
N ALA I 279 23.40 16.12 80.89
CA ALA I 279 23.22 17.34 81.67
C ALA I 279 24.06 18.48 81.15
N SER I 280 25.22 18.15 80.60
CA SER I 280 26.13 19.11 79.99
C SER I 280 25.69 19.53 78.61
N GLY I 281 24.49 19.18 78.22
CA GLY I 281 24.08 19.63 76.97
C GLY I 281 24.17 18.57 75.88
N TYR I 282 25.07 17.58 75.97
CA TYR I 282 25.21 16.64 74.85
C TYR I 282 23.95 15.99 74.58
N ASP I 283 23.53 16.11 73.34
CA ASP I 283 22.24 15.58 72.90
C ASP I 283 22.48 14.47 71.89
N PHE I 284 22.87 13.30 72.36
CA PHE I 284 23.42 12.22 71.55
C PHE I 284 22.56 11.74 70.42
N GLU I 285 21.29 11.47 70.67
CA GLU I 285 20.39 11.15 69.53
C GLU I 285 20.52 12.09 68.32
N ARG I 286 20.89 13.34 68.52
CA ARG I 286 21.05 14.28 67.44
C ARG I 286 22.46 14.27 66.96
N GLU I 287 23.43 14.20 67.87
CA GLU I 287 24.86 14.23 67.50
C GLU I 287 25.44 12.83 67.30
N GLY I 288 24.68 11.79 67.52
CA GLY I 288 25.21 10.48 67.26
C GLY I 288 26.18 10.00 68.33
N TYR I 289 26.18 8.69 68.53
CA TYR I 289 27.06 8.07 69.51
C TYR I 289 27.37 6.60 69.11
N SER I 290 28.54 6.04 69.53
CA SER I 290 28.87 4.62 69.28
C SER I 290 29.33 3.94 70.54
N LEU I 291 29.38 2.61 70.49
CA LEU I 291 29.95 1.82 71.57
C LEU I 291 31.23 1.12 71.10
N VAL I 292 31.59 1.28 69.81
CA VAL I 292 32.77 0.61 69.29
C VAL I 292 33.60 1.61 68.47
N GLY I 293 33.22 2.89 68.55
CA GLY I 293 34.01 3.92 67.87
C GLY I 293 34.83 4.79 68.77
N ILE I 294 35.00 6.03 68.33
CA ILE I 294 35.74 7.02 69.13
C ILE I 294 34.86 7.71 70.18
N ASP I 295 33.54 7.52 70.06
CA ASP I 295 32.59 8.25 70.89
C ASP I 295 32.88 7.95 72.36
N PRO I 296 32.94 6.67 72.71
CA PRO I 296 33.08 6.34 74.12
C PRO I 296 34.40 6.85 74.64
N PHE I 297 35.50 6.61 73.97
CA PHE I 297 36.73 7.18 74.49
C PHE I 297 36.63 8.69 74.67
N ARG I 298 36.12 9.40 73.66
CA ARG I 298 36.06 10.87 73.75
C ARG I 298 35.24 11.32 74.97
N LEU I 299 34.10 10.68 75.19
CA LEU I 299 33.29 10.98 76.32
C LEU I 299 34.12 10.80 77.59
N LEU I 300 34.83 9.68 77.73
CA LEU I 300 35.64 9.46 78.92
C LEU I 300 36.83 10.41 78.99
N GLN I 301 37.05 11.25 77.99
CA GLN I 301 38.21 12.14 78.03
C GLN I 301 37.89 13.37 78.87
N ASN I 302 36.61 13.50 79.26
CA ASN I 302 36.14 14.66 80.02
C ASN I 302 35.30 14.30 81.25
N SER I 303 35.21 13.02 81.51
CA SER I 303 34.36 12.55 82.57
C SER I 303 35.02 12.88 83.90
N GLN I 304 34.21 13.23 84.89
CA GLN I 304 34.74 13.56 86.20
C GLN I 304 34.18 12.50 87.15
N VAL I 305 34.66 11.28 87.06
CA VAL I 305 34.10 10.26 87.89
C VAL I 305 34.93 10.05 89.14
N TYR I 306 34.23 10.04 90.28
CA TYR I 306 34.88 9.75 91.55
C TYR I 306 34.55 8.38 92.11
N SER I 307 35.46 7.85 92.92
CA SER I 307 35.25 6.53 93.50
C SER I 307 35.67 6.37 94.94
N LEU I 308 34.90 5.62 95.72
CA LEU I 308 35.30 5.30 97.10
C LEU I 308 36.47 4.39 97.06
N ILE I 309 37.39 4.65 97.98
CA ILE I 309 38.66 3.94 97.99
C ILE I 309 39.10 3.59 99.40
N ARG I 310 39.27 2.30 99.64
CA ARG I 310 39.74 1.81 100.94
C ARG I 310 41.13 2.31 101.35
N PRO I 311 41.41 2.42 102.69
CA PRO I 311 42.61 3.05 103.29
C PRO I 311 43.95 2.63 102.68
N ASN I 312 44.13 1.33 102.50
CA ASN I 312 45.38 0.91 101.91
C ASN I 312 45.44 0.73 100.39
N GLU I 313 44.38 1.11 99.67
CA GLU I 313 44.32 0.82 98.23
C GLU I 313 45.01 1.89 97.42
N ASN I 314 45.42 1.52 96.21
CA ASN I 314 46.14 2.41 95.36
C ASN I 314 45.21 3.04 94.37
N PRO I 315 45.05 4.38 94.42
CA PRO I 315 44.17 5.08 93.48
C PRO I 315 44.44 4.74 91.99
N ALA I 316 45.72 4.76 91.64
CA ALA I 316 46.12 4.61 90.26
C ALA I 316 45.66 3.24 89.79
N HIS I 317 45.62 2.33 90.77
CA HIS I 317 45.31 0.93 90.53
C HIS I 317 43.81 0.85 90.38
N LYS I 318 43.10 1.67 91.15
CA LYS I 318 41.63 1.69 91.10
C LYS I 318 41.13 2.13 89.73
N SER I 319 41.65 3.29 89.27
CA SER I 319 41.31 3.81 87.98
C SER I 319 41.54 2.77 86.89
N GLN I 320 42.67 2.05 86.98
CA GLN I 320 42.97 1.08 85.97
C GLN I 320 41.78 0.16 85.80
N LEU I 321 41.36 -0.44 86.90
CA LEU I 321 40.23 -1.40 86.93
C LEU I 321 39.03 -0.87 86.14
N VAL I 322 38.36 0.14 86.69
CA VAL I 322 37.28 0.84 85.94
C VAL I 322 37.54 1.08 84.47
N TRP I 323 38.73 1.56 84.12
CA TRP I 323 39.08 1.78 82.73
C TRP I 323 38.96 0.50 81.92
N MET I 324 39.29 -0.64 82.52
CA MET I 324 39.30 -1.88 81.74
C MET I 324 37.89 -2.39 81.59
N ALA I 325 37.03 -2.05 82.57
CA ALA I 325 35.61 -2.35 82.46
C ALA I 325 34.92 -1.42 81.48
N CYS I 326 35.44 -0.24 81.27
CA CYS I 326 34.80 0.60 80.28
C CYS I 326 34.98 0.16 78.81
N HIS I 327 35.94 -0.71 78.59
CA HIS I 327 36.07 -1.23 77.25
C HIS I 327 36.10 -2.79 77.07
N SER I 328 35.84 -3.56 78.13
CA SER I 328 35.86 -5.02 77.96
C SER I 328 37.32 -5.42 77.58
N ALA I 329 38.27 -4.89 78.37
CA ALA I 329 39.68 -5.12 78.13
C ALA I 329 40.16 -5.99 79.26
N ALA I 330 39.32 -6.89 79.77
CA ALA I 330 39.75 -7.72 80.92
C ALA I 330 40.48 -8.92 80.44
N PHE I 331 40.50 -9.17 79.13
CA PHE I 331 41.16 -10.37 78.65
C PHE I 331 41.96 -9.91 77.48
N GLU I 332 42.29 -8.63 77.44
CA GLU I 332 43.04 -8.12 76.31
C GLU I 332 44.53 -8.33 76.62
N ASP I 333 45.41 -8.22 75.62
CA ASP I 333 46.81 -8.36 75.86
C ASP I 333 47.31 -7.13 76.63
N LEU I 334 47.81 -7.29 77.87
CA LEU I 334 48.17 -6.17 78.71
C LEU I 334 49.02 -5.19 77.93
N ARG I 335 49.88 -5.73 77.05
CA ARG I 335 50.79 -4.90 76.25
C ARG I 335 50.05 -3.84 75.50
N VAL I 336 49.03 -4.27 74.77
CA VAL I 336 48.23 -3.36 73.96
C VAL I 336 47.37 -2.43 74.84
N SER I 337 46.70 -2.99 75.86
CA SER I 337 45.94 -2.20 76.81
C SER I 337 46.79 -1.05 77.33
N SER I 338 48.03 -1.30 77.73
CA SER I 338 48.88 -0.24 78.24
C SER I 338 49.28 0.72 77.15
N PHE I 339 49.32 0.21 75.93
CA PHE I 339 49.83 0.98 74.84
C PHE I 339 48.81 2.06 74.59
N ILE I 340 47.57 1.64 74.44
CA ILE I 340 46.46 2.54 74.15
C ILE I 340 46.11 3.41 75.39
N ARG I 341 46.19 2.76 76.57
CA ARG I 341 45.92 3.42 77.82
C ARG I 341 46.77 4.62 78.01
N GLY I 342 48.07 4.49 77.73
CA GLY I 342 48.92 5.62 77.90
C GLY I 342 49.86 5.43 79.05
N THR I 343 49.51 4.48 79.94
CA THR I 343 50.26 4.16 81.15
C THR I 343 50.24 2.68 81.49
N LYS I 344 51.11 2.26 82.38
CA LYS I 344 51.09 0.85 82.76
C LYS I 344 49.70 0.26 83.08
N VAL I 345 49.44 -0.91 82.52
CA VAL I 345 48.23 -1.63 82.81
C VAL I 345 48.66 -2.87 83.56
N VAL I 346 48.70 -2.71 84.86
CA VAL I 346 49.22 -3.76 85.69
C VAL I 346 48.28 -4.97 85.80
N PRO I 347 48.84 -6.19 85.86
CA PRO I 347 48.10 -7.46 86.01
C PRO I 347 47.26 -7.52 87.24
N ARG I 348 46.28 -8.44 87.24
CA ARG I 348 45.28 -8.51 88.29
C ARG I 348 45.96 -8.77 89.61
N GLY I 349 46.83 -9.77 89.67
CA GLY I 349 47.49 -10.07 90.95
C GLY I 349 48.15 -8.87 91.61
N LYS I 350 48.90 -8.11 90.84
CA LYS I 350 49.62 -6.97 91.34
C LYS I 350 48.74 -5.79 91.53
N LEU I 351 47.45 -5.95 91.25
CA LEU I 351 46.51 -4.88 91.42
C LEU I 351 46.05 -4.73 92.82
N SER I 352 46.17 -3.51 93.33
CA SER I 352 45.73 -3.20 94.69
C SER I 352 44.28 -2.77 94.85
N THR I 353 43.38 -3.74 94.87
CA THR I 353 41.97 -3.44 95.09
C THR I 353 41.16 -4.76 95.07
N ARG I 354 40.02 -4.70 95.78
CA ARG I 354 39.26 -5.90 96.04
C ARG I 354 37.93 -5.79 95.28
N GLY I 355 37.57 -4.56 94.91
CA GLY I 355 36.32 -4.42 94.26
C GLY I 355 35.82 -3.03 94.46
N VAL I 356 35.05 -2.56 93.50
CA VAL I 356 34.67 -1.18 93.48
C VAL I 356 33.50 -0.90 94.43
N GLN I 357 32.61 -1.89 94.58
CA GLN I 357 31.46 -1.77 95.47
C GLN I 357 31.93 -1.98 96.87
N ILE I 358 31.27 -1.28 97.77
CA ILE I 358 31.63 -1.34 99.16
C ILE I 358 30.67 -2.28 99.88
N ALA I 359 31.24 -3.25 100.58
CA ALA I 359 30.46 -4.22 101.31
C ALA I 359 29.94 -3.67 102.62
N SER I 360 28.80 -4.21 103.08
CA SER I 360 28.15 -3.83 104.38
C SER I 360 29.06 -4.05 105.61
N ASN I 361 30.09 -4.84 105.40
CA ASN I 361 31.00 -5.23 106.42
C ASN I 361 31.84 -4.05 106.82
N GLU I 362 32.28 -3.26 105.83
CA GLU I 362 33.32 -2.27 106.03
C GLU I 362 32.80 -1.11 106.78
N ASN I 363 33.64 -0.19 107.18
CA ASN I 363 33.14 0.94 107.92
C ASN I 363 33.49 2.16 107.17
N MET I 364 32.80 3.24 107.44
CA MET I 364 33.05 4.49 106.75
C MET I 364 34.14 5.37 107.38
N GLU I 365 34.48 5.08 108.64
CA GLU I 365 35.35 5.96 109.36
C GLU I 365 36.64 5.98 108.56
N THR I 366 37.13 4.79 108.22
CA THR I 366 38.40 4.67 107.53
C THR I 366 38.19 4.57 106.04
N MET I 367 37.43 5.49 105.49
CA MET I 367 37.09 5.42 104.07
C MET I 367 37.24 6.81 103.45
N GLU I 368 37.81 6.87 102.25
CA GLU I 368 37.98 8.13 101.54
C GLU I 368 37.77 7.87 100.06
N SER I 369 37.90 8.91 99.22
CA SER I 369 37.51 8.77 97.83
C SER I 369 38.49 9.47 96.89
N SER I 370 38.78 8.88 95.74
CA SER I 370 39.67 9.49 94.78
C SER I 370 39.03 9.74 93.43
N THR I 371 39.70 10.52 92.59
CA THR I 371 39.20 10.85 91.28
C THR I 371 39.83 9.87 90.28
N LEU I 372 38.94 9.18 89.56
CA LEU I 372 39.32 8.08 88.70
C LEU I 372 39.96 8.60 87.45
N GLU I 373 41.12 8.06 87.08
CA GLU I 373 41.79 8.43 85.84
C GLU I 373 41.29 7.53 84.70
N LEU I 374 40.37 8.07 83.89
CA LEU I 374 39.78 7.28 82.78
C LEU I 374 40.20 7.65 81.36
N ARG I 375 40.96 8.76 81.27
CA ARG I 375 41.51 9.20 80.00
C ARG I 375 42.42 8.13 79.40
N SER I 376 42.54 8.09 78.08
CA SER I 376 43.44 7.16 77.42
C SER I 376 44.31 7.90 76.42
N ARG I 377 45.38 7.25 75.98
CA ARG I 377 46.32 7.89 75.06
C ARG I 377 45.71 7.91 73.67
N TYR I 378 45.52 6.73 73.10
CA TYR I 378 44.88 6.61 71.80
C TYR I 378 43.56 5.89 71.99
N TRP I 379 42.94 5.53 70.87
CA TRP I 379 41.76 4.71 70.81
C TRP I 379 41.84 3.74 69.68
N ALA I 380 41.00 2.72 69.76
CA ALA I 380 41.00 1.65 68.76
C ALA I 380 39.63 1.06 68.45
N ILE I 381 39.41 0.68 67.20
CA ILE I 381 38.07 0.19 66.88
C ILE I 381 37.78 -1.08 67.69
N ARG I 382 36.99 -1.04 68.76
CA ARG I 382 36.75 -2.28 69.50
C ARG I 382 36.25 -3.29 68.45
N THR I 383 36.99 -4.39 68.21
CA THR I 383 36.59 -5.39 67.18
C THR I 383 35.74 -6.54 67.69
N ARG I 384 35.41 -7.45 66.76
CA ARG I 384 34.63 -8.64 67.06
C ARG I 384 35.39 -9.89 66.66
N SER I 385 36.09 -9.79 65.54
CA SER I 385 37.00 -10.82 65.01
C SER I 385 38.04 -11.39 65.98
N GLY I 386 38.24 -12.70 65.97
CA GLY I 386 39.33 -13.32 66.71
C GLY I 386 40.66 -13.46 65.95
N GLY I 387 40.81 -12.85 64.74
CA GLY I 387 42.01 -13.11 63.87
C GLY I 387 42.13 -14.53 63.26
N ASN I 388 42.78 -14.64 62.10
CA ASN I 388 43.12 -15.97 61.55
C ASN I 388 44.30 -15.97 60.53
N THR I 389 45.02 -17.09 60.42
CA THR I 389 46.08 -17.23 59.40
C THR I 389 45.79 -18.39 58.41
N GLN I 398 30.02 -52.90 40.24
CA GLN I 398 29.61 -51.88 39.28
C GLN I 398 30.78 -51.25 38.50
N ILE I 399 30.50 -50.46 37.46
CA ILE I 399 31.51 -49.85 36.59
C ILE I 399 31.07 -48.45 36.10
N SER I 400 29.77 -48.24 36.19
CA SER I 400 29.18 -46.95 35.82
C SER I 400 28.05 -46.67 36.81
N ILE I 401 27.66 -45.40 36.89
CA ILE I 401 26.56 -44.98 37.71
C ILE I 401 25.35 -44.59 36.87
N GLN I 402 24.19 -45.21 37.16
CA GLN I 402 22.89 -44.83 36.53
C GLN I 402 22.32 -43.61 37.22
N PRO I 403 22.09 -42.52 36.52
CA PRO I 403 21.66 -41.32 37.26
C PRO I 403 20.17 -41.32 37.62
N THR I 404 19.85 -40.97 38.87
CA THR I 404 18.46 -41.00 39.30
C THR I 404 17.96 -39.62 39.49
N PHE I 405 18.83 -38.64 39.65
CA PHE I 405 18.32 -37.28 39.84
C PHE I 405 18.93 -36.25 38.91
N SER I 406 18.31 -35.08 38.86
CA SER I 406 18.75 -34.07 37.97
C SER I 406 19.64 -33.10 38.78
N VAL I 407 20.95 -33.33 38.76
CA VAL I 407 21.87 -32.41 39.42
C VAL I 407 23.21 -32.32 38.70
N GLN I 408 23.96 -31.25 38.98
CA GLN I 408 25.31 -31.12 38.44
C GLN I 408 26.27 -32.15 39.04
N ARG I 409 26.44 -33.23 38.27
CA ARG I 409 27.24 -34.36 38.71
C ARG I 409 28.07 -35.04 37.64
N ASN I 410 29.38 -35.06 37.88
CA ASN I 410 30.28 -35.84 37.04
C ASN I 410 29.80 -37.28 37.05
N LEU I 411 29.43 -37.83 35.90
CA LEU I 411 28.94 -39.18 35.98
C LEU I 411 30.03 -40.23 35.91
N PRO I 412 30.28 -40.98 37.00
CA PRO I 412 31.34 -42.03 37.05
C PRO I 412 31.19 -43.28 36.20
N SER I 431 36.64 -37.52 58.53
CA SER I 431 37.00 -38.54 59.55
C SER I 431 36.50 -38.08 60.93
N ASP I 432 37.42 -37.65 61.79
CA ASP I 432 37.03 -36.99 63.03
C ASP I 432 37.22 -35.52 62.78
N MET I 433 36.16 -34.71 62.86
CA MET I 433 36.34 -33.27 62.61
C MET I 433 37.33 -32.64 63.60
N ARG I 434 37.54 -33.35 64.72
CA ARG I 434 38.55 -32.98 65.70
C ARG I 434 39.88 -32.85 65.02
N THR I 435 40.26 -33.90 64.33
CA THR I 435 41.52 -33.98 63.57
C THR I 435 41.73 -32.72 62.74
N GLU I 436 40.71 -32.36 61.97
CA GLU I 436 40.79 -31.20 61.12
C GLU I 436 41.31 -30.01 61.95
N ILE I 437 40.67 -29.75 63.08
CA ILE I 437 41.00 -28.64 63.96
C ILE I 437 42.38 -28.80 64.58
N ILE I 438 42.59 -29.95 65.19
CA ILE I 438 43.88 -30.25 65.81
C ILE I 438 45.01 -29.96 64.83
N ARG I 439 44.77 -30.27 63.56
CA ARG I 439 45.72 -30.03 62.49
C ARG I 439 45.85 -28.51 62.25
N LEU I 440 44.77 -27.78 62.47
CA LEU I 440 44.80 -26.35 62.24
C LEU I 440 45.44 -25.70 63.45
N MET I 441 44.84 -25.95 64.63
CA MET I 441 45.55 -25.67 65.91
C MET I 441 47.12 -25.65 65.82
N GLU I 442 47.70 -26.79 65.41
CA GLU I 442 49.13 -26.96 65.19
C GLU I 442 49.88 -25.85 64.43
N SER I 443 49.46 -25.57 63.19
CA SER I 443 50.23 -24.66 62.35
C SER I 443 50.25 -23.27 62.92
N ALA I 444 49.47 -23.10 63.99
CA ALA I 444 49.29 -21.79 64.62
C ALA I 444 50.40 -21.41 65.62
N ARG I 445 51.04 -20.28 65.35
CA ARG I 445 52.05 -19.73 66.27
C ARG I 445 51.60 -18.47 67.03
N PRO I 446 51.96 -18.37 68.32
CA PRO I 446 51.49 -17.27 69.12
C PRO I 446 51.94 -15.99 68.52
N GLU I 447 53.08 -16.04 67.82
CA GLU I 447 53.62 -14.84 67.13
C GLU I 447 52.86 -14.42 65.89
N ASP I 448 51.91 -15.27 65.46
CA ASP I 448 51.09 -15.03 64.27
C ASP I 448 50.32 -13.73 64.32
N VAL I 449 50.70 -12.80 63.46
CA VAL I 449 50.17 -11.45 63.45
C VAL I 449 48.70 -11.46 63.08
N SER I 450 47.82 -10.81 63.86
CA SER I 450 46.39 -10.58 63.48
C SER I 450 46.03 -9.10 63.17
N PHE I 451 44.84 -8.87 62.60
CA PHE I 451 44.39 -7.52 62.27
C PHE I 451 45.48 -6.79 61.49
N GLN I 452 46.02 -7.48 60.49
CA GLN I 452 47.11 -6.95 59.66
C GLN I 452 46.72 -5.56 59.13
N GLY I 453 47.61 -4.57 59.24
CA GLY I 453 47.26 -3.24 58.79
C GLY I 453 46.41 -2.34 59.73
N ARG I 454 45.53 -2.96 60.56
CA ARG I 454 44.72 -2.24 61.56
C ARG I 454 45.62 -1.61 62.58
N GLY I 455 45.29 -0.40 63.03
CA GLY I 455 46.13 0.32 64.00
C GLY I 455 45.33 1.07 65.06
N VAL I 456 45.98 2.07 65.64
CA VAL I 456 45.37 2.80 66.76
C VAL I 456 45.17 4.20 66.27
N PHE I 457 44.18 4.89 66.84
CA PHE I 457 43.95 6.24 66.36
C PHE I 457 44.17 7.25 67.45
N GLU I 458 44.69 8.40 67.05
CA GLU I 458 44.81 9.53 67.95
C GLU I 458 43.39 9.95 68.34
N LEU I 459 43.31 10.68 69.48
CA LEU I 459 42.03 11.12 69.95
C LEU I 459 41.54 12.32 69.18
N SER I 460 42.42 12.97 68.38
CA SER I 460 41.99 14.02 67.47
C SER I 460 41.37 13.41 66.21
N ASP I 461 41.82 12.23 65.81
CA ASP I 461 41.42 11.60 64.56
C ASP I 461 40.02 11.08 64.64
N GLU I 462 39.09 11.99 64.47
CA GLU I 462 37.67 11.68 64.70
C GLU I 462 37.18 10.62 63.75
N LYS I 463 37.48 10.90 62.48
CA LYS I 463 37.26 9.98 61.37
C LYS I 463 38.26 8.86 61.54
N ALA I 464 38.03 7.74 60.88
CA ALA I 464 39.03 6.67 60.99
C ALA I 464 40.21 6.85 60.02
N THR I 465 40.47 8.09 59.64
CA THR I 465 41.43 8.43 58.64
C THR I 465 42.77 7.78 58.77
N SER I 466 43.66 8.34 59.59
CA SER I 466 45.02 7.81 59.70
C SER I 466 45.31 6.87 60.89
N PRO I 467 45.67 5.63 60.58
CA PRO I 467 45.93 4.54 61.57
C PRO I 467 47.36 4.56 62.05
N ILE I 468 47.64 3.98 63.21
CA ILE I 468 48.99 3.98 63.75
C ILE I 468 49.32 2.60 64.16
N VAL I 469 50.45 2.10 63.70
CA VAL I 469 50.84 0.74 64.01
C VAL I 469 51.83 0.68 65.19
N PRO I 470 51.47 -0.07 66.22
CA PRO I 470 52.31 -0.20 67.40
C PRO I 470 53.38 -1.24 67.25
N SER I 471 54.55 -0.92 67.78
CA SER I 471 55.68 -1.81 67.72
C SER I 471 55.95 -2.17 69.17
N PHE I 472 55.80 -3.43 69.52
CA PHE I 472 55.99 -3.88 70.91
C PHE I 472 57.42 -4.23 71.39
N ASP I 473 58.42 -4.00 70.54
CA ASP I 473 59.80 -4.19 70.95
C ASP I 473 59.91 -3.23 72.15
N MET I 474 59.95 -3.77 73.36
CA MET I 474 59.83 -2.90 74.55
C MET I 474 59.89 -3.66 75.86
N SER I 475 60.19 -2.99 76.96
CA SER I 475 60.22 -3.68 78.24
C SER I 475 58.83 -3.65 78.72
N ASN I 476 58.08 -4.70 78.38
CA ASN I 476 56.65 -4.79 78.69
C ASN I 476 56.46 -5.29 80.12
N GLU I 477 55.25 -5.71 80.45
CA GLU I 477 54.96 -6.19 81.80
C GLU I 477 53.97 -7.39 81.77
N GLY I 478 54.13 -8.29 80.80
CA GLY I 478 53.14 -9.38 80.69
C GLY I 478 52.11 -9.19 79.57
N SER I 479 51.26 -10.20 79.42
CA SER I 479 50.19 -10.13 78.46
C SER I 479 48.88 -10.65 79.06
N TYR I 480 48.92 -11.40 80.12
CA TYR I 480 47.75 -12.01 80.70
C TYR I 480 47.25 -11.31 81.97
N PHE I 481 46.29 -10.39 81.86
CA PHE I 481 45.71 -9.78 83.04
C PHE I 481 45.48 -10.79 84.17
N PHE I 482 45.20 -12.05 83.85
CA PHE I 482 44.96 -13.04 84.88
C PHE I 482 46.04 -14.15 84.99
N ASN J 14 16.48 9.43 48.04
CA ASN J 14 16.78 9.63 49.50
C ASN J 14 15.57 10.13 50.31
N ALA J 15 14.86 9.12 50.80
CA ALA J 15 13.66 9.28 51.61
C ALA J 15 13.97 9.46 53.10
N THR J 16 15.20 9.81 53.44
CA THR J 16 15.53 9.94 54.86
C THR J 16 15.34 11.37 55.32
N GLU J 17 16.18 12.27 54.83
CA GLU J 17 16.12 13.65 55.26
C GLU J 17 14.82 14.24 54.76
N ILE J 18 14.72 14.40 53.44
CA ILE J 18 13.58 15.04 52.79
C ILE J 18 12.22 14.54 53.33
N ARG J 19 12.02 13.23 53.45
CA ARG J 19 10.70 12.76 53.87
C ARG J 19 10.47 12.85 55.38
N ALA J 20 11.55 12.78 56.13
CA ALA J 20 11.40 12.69 57.57
C ALA J 20 11.67 14.04 58.24
N SER J 21 12.50 14.86 57.61
CA SER J 21 12.79 16.17 58.13
C SER J 21 11.58 17.10 57.97
N VAL J 22 10.75 16.77 56.99
CA VAL J 22 9.64 17.65 56.71
C VAL J 22 8.49 17.14 57.56
N GLY J 23 8.61 15.87 57.93
CA GLY J 23 7.71 15.29 58.90
C GLY J 23 7.88 15.94 60.25
N LYS J 24 9.10 16.30 60.54
CA LYS J 24 9.41 16.85 61.82
C LYS J 24 8.90 18.26 61.84
N MET J 25 8.82 18.87 60.68
CA MET J 25 8.32 20.24 60.69
C MET J 25 6.80 20.20 60.78
N ILE J 26 6.20 19.08 60.33
CA ILE J 26 4.78 18.94 60.38
C ILE J 26 4.34 18.62 61.81
N ASP J 27 5.12 17.77 62.50
CA ASP J 27 4.90 17.43 63.92
C ASP J 27 4.87 18.71 64.72
N GLY J 28 5.72 19.67 64.38
CA GLY J 28 5.77 20.84 65.22
C GLY J 28 4.45 21.57 65.15
N ILE J 29 3.93 21.73 63.94
CA ILE J 29 2.74 22.52 63.74
C ILE J 29 1.63 21.82 64.50
N GLY J 30 1.59 20.48 64.38
CA GLY J 30 0.59 19.67 65.04
C GLY J 30 0.63 19.92 66.54
N ARG J 31 1.64 19.36 67.20
CA ARG J 31 1.93 19.60 68.60
C ARG J 31 1.57 21.02 69.03
N PHE J 32 2.10 22.04 68.34
CA PHE J 32 1.78 23.39 68.72
C PHE J 32 0.22 23.66 68.73
N TYR J 33 -0.43 23.41 67.60
CA TYR J 33 -1.85 23.55 67.52
C TYR J 33 -2.58 22.89 68.66
N ILE J 34 -2.13 21.70 69.06
CA ILE J 34 -2.74 21.00 70.17
C ILE J 34 -2.54 21.81 71.48
N GLN J 35 -1.32 22.26 71.71
CA GLN J 35 -0.99 23.04 72.93
C GLN J 35 -1.83 24.28 72.99
N MET J 36 -1.80 24.98 71.90
CA MET J 36 -2.56 26.19 71.78
C MET J 36 -4.05 25.95 71.90
N CYS J 37 -4.56 24.83 71.42
CA CYS J 37 -5.94 24.57 71.69
C CYS J 37 -6.15 24.32 73.17
N THR J 38 -5.22 23.62 73.78
CA THR J 38 -5.36 23.33 75.21
C THR J 38 -5.38 24.62 76.08
N GLU J 39 -4.79 25.71 75.58
CA GLU J 39 -4.79 26.96 76.31
C GLU J 39 -6.17 27.57 76.19
N LEU J 40 -6.60 27.76 74.95
CA LEU J 40 -7.88 28.36 74.74
C LEU J 40 -9.01 27.52 75.34
N LYS J 41 -8.67 26.35 75.83
CA LYS J 41 -9.65 25.46 76.41
C LYS J 41 -10.77 25.21 75.43
N LEU J 42 -10.48 25.18 74.12
CA LEU J 42 -11.47 24.73 73.10
C LEU J 42 -11.84 23.24 73.14
N SER J 43 -12.98 22.91 72.52
CA SER J 43 -13.44 21.54 72.42
C SER J 43 -12.89 20.87 71.17
N ASP J 44 -13.24 19.59 71.00
CA ASP J 44 -12.82 18.87 69.79
C ASP J 44 -13.48 19.50 68.58
N TYR J 45 -14.80 19.68 68.64
CA TYR J 45 -15.45 20.30 67.51
C TYR J 45 -14.92 21.68 67.29
N GLU J 46 -14.55 22.33 68.37
CA GLU J 46 -14.13 23.72 68.26
C GLU J 46 -12.66 23.85 67.90
N GLY J 47 -11.94 22.73 67.82
CA GLY J 47 -10.55 22.79 67.42
C GLY J 47 -10.46 22.41 65.97
N ARG J 48 -11.58 21.89 65.46
CA ARG J 48 -11.61 21.46 64.06
C ARG J 48 -12.21 22.52 63.15
N LEU J 49 -12.46 23.69 63.76
CA LEU J 49 -13.09 24.77 63.05
C LEU J 49 -12.06 25.57 62.30
N ILE J 50 -11.95 25.31 61.01
CA ILE J 50 -10.97 26.01 60.23
C ILE J 50 -10.83 27.45 60.58
N GLN J 51 -11.92 28.07 61.03
CA GLN J 51 -11.94 29.46 61.46
C GLN J 51 -10.93 29.64 62.61
N ASN J 52 -11.22 29.03 63.76
CA ASN J 52 -10.29 29.12 64.86
C ASN J 52 -8.91 28.73 64.44
N SER J 53 -8.73 27.67 63.64
CA SER J 53 -7.38 27.29 63.28
C SER J 53 -6.68 28.47 62.67
N LEU J 54 -7.29 29.09 61.67
CA LEU J 54 -6.69 30.25 61.01
C LEU J 54 -6.20 31.31 61.97
N THR J 55 -7.10 31.74 62.83
CA THR J 55 -6.78 32.75 63.80
C THR J 55 -5.49 32.35 64.51
N ILE J 56 -5.42 31.12 64.99
CA ILE J 56 -4.23 30.69 65.68
C ILE J 56 -2.99 30.78 64.81
N GLU J 57 -3.11 30.36 63.56
CA GLU J 57 -1.95 30.34 62.69
C GLU J 57 -1.41 31.72 62.50
N ARG J 58 -2.31 32.69 62.39
CA ARG J 58 -1.88 34.06 62.14
C ARG J 58 -1.29 34.72 63.40
N MET J 59 -1.89 34.47 64.58
CA MET J 59 -1.35 34.82 65.91
C MET J 59 0.11 34.48 66.02
N VAL J 60 0.52 33.49 65.27
CA VAL J 60 1.84 32.98 65.49
C VAL J 60 2.75 33.62 64.52
N LEU J 61 2.35 33.68 63.26
CA LEU J 61 3.19 34.25 62.25
C LEU J 61 3.42 35.74 62.55
N SER J 62 2.41 36.39 63.14
CA SER J 62 2.51 37.77 63.57
C SER J 62 3.57 37.86 64.67
N ALA J 63 3.45 36.99 65.66
CA ALA J 63 4.36 37.07 66.80
C ALA J 63 5.79 36.76 66.39
N PHE J 64 6.00 35.99 65.34
CA PHE J 64 7.35 35.69 64.94
C PHE J 64 7.80 36.61 63.81
N ASP J 65 7.15 37.78 63.69
CA ASP J 65 7.41 38.74 62.59
C ASP J 65 6.57 40.04 62.69
N THR J 85 -0.26 39.51 70.32
CA THR J 85 -1.30 39.65 69.29
C THR J 85 -2.51 38.88 69.71
N GLY J 86 -3.61 39.09 68.99
CA GLY J 86 -4.89 38.52 69.36
C GLY J 86 -5.59 38.07 68.09
N GLY J 87 -6.87 37.74 68.21
CA GLY J 87 -7.63 37.34 67.04
C GLY J 87 -9.02 36.83 67.39
N PRO J 88 -9.82 36.55 66.33
CA PRO J 88 -11.21 36.12 66.45
C PRO J 88 -11.30 34.63 66.80
N ILE J 89 -11.99 34.33 67.88
CA ILE J 89 -12.11 32.93 68.29
C ILE J 89 -13.54 32.53 68.54
N TYR J 90 -14.05 31.62 67.72
CA TYR J 90 -15.45 31.22 67.82
C TYR J 90 -15.72 30.03 68.74
N ARG J 91 -16.76 30.20 69.55
CA ARG J 91 -17.08 29.24 70.58
C ARG J 91 -18.47 28.69 70.34
N ARG J 92 -18.74 27.49 70.88
CA ARG J 92 -20.03 26.84 70.65
C ARG J 92 -20.85 26.76 71.91
N VAL J 93 -21.95 27.51 71.99
CA VAL J 93 -22.89 27.37 73.13
C VAL J 93 -24.20 26.75 72.64
N ASP J 94 -24.97 26.15 73.56
CA ASP J 94 -26.28 25.56 73.22
C ASP J 94 -26.87 26.26 71.99
N GLY J 95 -26.83 25.62 70.83
CA GLY J 95 -27.47 26.18 69.64
C GLY J 95 -26.63 27.04 68.74
N LYS J 96 -26.12 28.16 69.29
CA LYS J 96 -25.48 29.23 68.46
C LYS J 96 -24.01 29.45 68.66
N TRP J 97 -23.37 30.17 67.75
CA TRP J 97 -21.92 30.30 67.84
C TRP J 97 -21.50 31.65 68.38
N ARG J 98 -20.62 31.66 69.37
CA ARG J 98 -20.22 32.90 70.00
C ARG J 98 -18.78 33.26 69.59
N ARG J 99 -18.61 34.45 69.04
CA ARG J 99 -17.29 34.93 68.63
C ARG J 99 -16.59 35.63 69.79
N GLU J 100 -15.43 35.16 70.21
CA GLU J 100 -14.63 35.85 71.22
C GLU J 100 -13.44 36.63 70.65
N LEU J 101 -13.29 37.86 71.08
CA LEU J 101 -12.16 38.64 70.61
C LEU J 101 -11.10 38.54 71.68
N ILE J 102 -9.98 37.85 71.40
CA ILE J 102 -8.97 37.65 72.46
C ILE J 102 -7.58 38.09 72.08
N LEU J 103 -6.74 38.24 73.11
CA LEU J 103 -5.35 38.69 72.93
C LEU J 103 -4.38 37.81 73.73
N TYR J 104 -3.19 37.56 73.19
CA TYR J 104 -2.18 36.72 73.88
C TYR J 104 -0.78 37.37 73.92
N ASP J 105 0.00 37.06 74.94
CA ASP J 105 1.31 37.61 75.02
C ASP J 105 2.12 37.26 73.78
N LYS J 106 2.37 38.25 72.93
CA LYS J 106 3.13 37.95 71.71
C LYS J 106 4.31 37.02 71.98
N GLU J 107 4.87 37.05 73.20
CA GLU J 107 6.06 36.26 73.48
C GLU J 107 5.64 34.90 73.99
N GLU J 108 4.59 34.92 74.79
CA GLU J 108 4.06 33.65 75.20
C GLU J 108 3.89 32.74 73.98
N ILE J 109 3.35 33.32 72.89
CA ILE J 109 3.09 32.54 71.67
C ILE J 109 4.37 32.00 71.14
N ARG J 110 5.38 32.85 71.12
CA ARG J 110 6.67 32.44 70.62
C ARG J 110 7.27 31.37 71.53
N ARG J 111 6.91 31.42 72.80
CA ARG J 111 7.42 30.46 73.74
C ARG J 111 6.81 29.06 73.48
N ILE J 112 5.48 29.06 73.40
CA ILE J 112 4.76 27.81 73.18
C ILE J 112 5.17 27.16 71.88
N TRP J 113 5.38 27.99 70.85
CA TRP J 113 5.82 27.51 69.56
C TRP J 113 7.08 26.68 69.70
N ARG J 114 8.15 27.26 70.26
CA ARG J 114 9.44 26.57 70.31
C ARG J 114 9.31 25.31 71.17
N GLN J 115 8.61 25.45 72.29
CA GLN J 115 8.35 24.30 73.09
C GLN J 115 7.97 23.12 72.23
N ALA J 116 7.10 23.37 71.23
CA ALA J 116 6.60 22.28 70.38
C ALA J 116 7.69 21.82 69.46
N ASN J 117 8.44 22.73 68.87
CA ASN J 117 9.58 22.36 68.00
C ASN J 117 10.94 22.09 68.69
N ASN J 118 10.91 21.61 69.94
CA ASN J 118 12.16 21.39 70.65
C ASN J 118 13.01 22.66 70.89
N GLY J 119 12.36 23.79 71.08
CA GLY J 119 13.10 25.01 71.29
C GLY J 119 13.79 25.47 70.02
N ASP J 120 13.46 24.84 68.90
CA ASP J 120 13.94 25.30 67.61
C ASP J 120 13.09 26.42 67.06
N ASP J 121 13.53 26.98 65.94
CA ASP J 121 12.79 28.08 65.34
C ASP J 121 11.80 27.54 64.32
N ALA J 122 12.29 26.50 63.64
CA ALA J 122 11.56 25.81 62.61
C ALA J 122 10.95 26.85 61.71
N THR J 123 11.78 27.63 61.03
CA THR J 123 11.24 28.67 60.13
C THR J 123 10.40 27.98 59.09
N ALA J 124 10.87 26.83 58.65
CA ALA J 124 10.08 26.03 57.74
C ALA J 124 8.61 25.96 58.18
N GLY J 125 8.43 25.61 59.45
CA GLY J 125 7.09 25.50 59.98
C GLY J 125 6.22 26.74 59.83
N LEU J 126 6.76 27.91 60.12
CA LEU J 126 6.01 29.14 60.06
C LEU J 126 5.76 29.44 58.60
N THR J 127 6.77 29.15 57.79
CA THR J 127 6.74 29.40 56.38
C THR J 127 5.66 28.53 55.81
N HIS J 128 5.44 27.34 56.40
CA HIS J 128 4.45 26.39 55.89
C HIS J 128 3.05 26.98 56.00
N MET J 129 2.75 27.60 57.14
CA MET J 129 1.43 28.15 57.37
C MET J 129 1.44 29.44 56.64
N MET J 130 2.64 29.91 56.29
CA MET J 130 2.79 31.17 55.56
C MET J 130 2.23 30.86 54.18
N ILE J 131 2.40 29.63 53.71
CA ILE J 131 1.90 29.26 52.39
C ILE J 131 0.42 28.84 52.38
N TRP J 132 0.04 28.16 53.45
CA TRP J 132 -1.30 27.66 53.49
C TRP J 132 -2.17 28.90 53.35
N HIS J 133 -1.72 29.99 53.95
CA HIS J 133 -2.48 31.19 53.89
C HIS J 133 -2.41 31.67 52.47
N SER J 134 -1.22 31.61 51.90
CA SER J 134 -1.06 32.08 50.52
C SER J 134 -2.04 31.37 49.58
N ASN J 135 -1.97 30.06 49.59
CA ASN J 135 -2.71 29.29 48.66
C ASN J 135 -4.22 29.45 48.79
N LEU J 136 -4.66 29.83 50.00
CA LEU J 136 -6.01 30.16 50.32
C LEU J 136 -6.34 31.52 49.75
N ASN J 137 -5.36 32.39 49.66
CA ASN J 137 -5.68 33.74 49.27
C ASN J 137 -5.66 33.82 47.75
N ASP J 138 -4.82 33.02 47.16
CA ASP J 138 -4.71 33.00 45.75
C ASP J 138 -5.98 32.34 45.13
N ALA J 139 -6.80 31.74 45.99
CA ALA J 139 -8.04 31.12 45.52
C ALA J 139 -9.29 31.84 45.98
N THR J 140 -9.24 32.50 47.13
CA THR J 140 -10.40 33.20 47.64
C THR J 140 -10.53 34.51 46.89
N TYR J 141 -9.38 35.11 46.55
CA TYR J 141 -9.36 36.46 45.92
C TYR J 141 -8.65 36.61 44.59
N GLN J 142 -9.07 37.63 43.86
CA GLN J 142 -8.46 37.94 42.61
C GLN J 142 -7.81 39.29 42.76
N ARG J 143 -6.52 39.35 42.44
CA ARG J 143 -5.74 40.54 42.80
C ARG J 143 -5.51 41.39 41.56
N THR J 144 -6.58 42.05 41.11
CA THR J 144 -6.52 42.80 39.87
C THR J 144 -6.07 44.22 40.18
N ARG J 145 -6.66 44.81 41.23
CA ARG J 145 -6.36 46.19 41.62
C ARG J 145 -4.84 46.43 41.63
N ALA J 146 -4.11 45.45 42.14
CA ALA J 146 -2.68 45.55 42.25
C ALA J 146 -1.94 45.35 40.95
N LEU J 147 -2.44 44.46 40.08
CA LEU J 147 -1.72 44.14 38.82
C LEU J 147 -1.67 45.38 37.88
N VAL J 148 -2.81 46.02 37.79
CA VAL J 148 -3.02 47.14 36.89
C VAL J 148 -2.25 48.37 37.40
N ARG J 149 -2.43 48.65 38.71
CA ARG J 149 -1.70 49.72 39.37
C ARG J 149 -0.17 49.50 39.22
N THR J 150 0.25 48.25 39.06
CA THR J 150 1.64 47.96 38.71
C THR J 150 1.90 48.11 37.20
N GLY J 151 0.89 47.83 36.37
CA GLY J 151 1.06 48.04 34.94
C GLY J 151 1.21 46.69 34.27
N MET J 152 0.51 45.71 34.87
CA MET J 152 0.41 44.31 34.40
C MET J 152 -1.02 44.09 33.93
N ASP J 153 -1.20 43.24 32.93
CA ASP J 153 -2.56 43.03 32.46
C ASP J 153 -3.39 42.17 33.43
N PRO J 154 -4.60 42.63 33.82
CA PRO J 154 -5.45 41.92 34.79
C PRO J 154 -5.69 40.48 34.41
N ARG J 155 -5.68 40.22 33.13
CA ARG J 155 -5.76 38.86 32.65
C ARG J 155 -4.52 38.01 32.88
N MET J 156 -3.60 38.47 33.71
CA MET J 156 -2.39 37.69 34.03
C MET J 156 -2.49 37.02 35.38
N CYS J 157 -3.74 36.70 35.78
CA CYS J 157 -4.06 35.92 36.99
C CYS J 157 -3.21 34.68 37.23
N SER J 158 -3.13 33.80 36.23
CA SER J 158 -2.41 32.51 36.32
C SER J 158 -0.88 32.60 36.56
N LEU J 159 -0.38 33.82 36.74
CA LEU J 159 1.02 34.07 36.90
C LEU J 159 1.22 34.72 38.25
N MET J 160 0.16 35.05 38.97
CA MET J 160 0.35 35.68 40.28
C MET J 160 0.29 34.72 41.50
N GLN J 161 0.79 33.50 41.32
CA GLN J 161 0.83 32.56 42.41
C GLN J 161 1.77 32.91 43.59
N GLY J 162 1.19 33.36 44.68
CA GLY J 162 1.98 33.68 45.82
C GLY J 162 2.25 35.18 45.86
N SER J 163 1.46 35.98 45.16
CA SER J 163 1.65 37.39 45.29
C SER J 163 1.40 37.85 46.75
N THR J 164 0.70 37.08 47.56
CA THR J 164 0.33 37.53 48.92
C THR J 164 1.39 37.12 49.92
N LEU J 165 2.28 36.28 49.42
CA LEU J 165 3.18 35.59 50.29
C LEU J 165 4.29 36.51 50.75
N PRO J 166 4.25 36.90 52.04
CA PRO J 166 5.29 37.83 52.55
C PRO J 166 6.72 37.46 52.07
N ARG J 167 7.48 38.47 51.70
CA ARG J 167 8.91 38.33 51.35
C ARG J 167 9.70 37.52 52.40
N ARG J 168 9.33 37.66 53.69
CA ARG J 168 9.90 36.86 54.76
C ARG J 168 9.89 35.34 54.43
N SER J 169 8.99 34.90 53.54
CA SER J 169 8.95 33.50 53.16
C SER J 169 10.34 33.02 52.84
N GLY J 170 10.55 31.73 53.07
CA GLY J 170 11.86 31.17 52.85
C GLY J 170 12.27 30.95 51.41
N ALA J 171 13.38 30.27 51.25
CA ALA J 171 13.89 30.00 49.93
C ALA J 171 12.96 29.04 49.15
N ALA J 172 12.30 28.12 49.87
CA ALA J 172 11.49 27.07 49.24
C ALA J 172 10.07 27.63 49.27
N GLY J 173 9.98 28.83 49.88
CA GLY J 173 8.78 29.66 49.84
C GLY J 173 8.61 30.45 48.55
N ALA J 174 9.71 30.88 47.94
CA ALA J 174 9.62 31.65 46.73
C ALA J 174 9.47 30.69 45.56
N ALA J 175 10.04 29.49 45.65
CA ALA J 175 9.91 28.53 44.52
C ALA J 175 8.45 28.25 44.09
N VAL J 176 7.52 28.59 44.98
CA VAL J 176 6.12 28.31 44.75
C VAL J 176 5.57 29.47 43.94
N LYS J 177 6.27 30.60 43.94
CA LYS J 177 5.84 31.82 43.21
C LYS J 177 5.69 31.72 41.67
N GLY J 178 4.62 32.31 41.14
CA GLY J 178 4.46 32.37 39.70
C GLY J 178 5.34 33.44 39.08
N VAL J 179 5.64 33.28 37.78
CA VAL J 179 6.50 34.20 37.03
C VAL J 179 6.01 35.66 37.20
N GLY J 180 4.70 35.82 36.99
CA GLY J 180 4.05 37.07 37.17
C GLY J 180 4.25 37.59 38.56
N THR J 181 4.49 36.73 39.53
CA THR J 181 4.54 37.24 40.92
C THR J 181 5.80 38.08 41.08
N MET J 182 6.85 37.59 40.43
CA MET J 182 8.14 38.18 40.62
C MET J 182 8.16 39.55 40.00
N VAL J 183 7.68 39.61 38.75
CA VAL J 183 7.53 40.85 38.00
C VAL J 183 6.82 41.98 38.78
N MET J 184 5.72 41.72 39.47
CA MET J 184 5.03 42.75 40.19
C MET J 184 5.92 43.43 41.24
N GLU J 185 6.93 42.67 41.70
CA GLU J 185 7.86 43.10 42.75
C GLU J 185 8.95 44.01 42.20
N LEU J 186 9.83 43.42 41.39
CA LEU J 186 10.82 44.15 40.66
C LEU J 186 10.25 45.45 40.08
N ILE J 187 9.15 45.36 39.32
CA ILE J 187 8.47 46.55 38.79
C ILE J 187 8.15 47.59 39.88
N ARG J 188 7.87 47.19 41.11
CA ARG J 188 7.57 48.21 42.10
C ARG J 188 8.86 48.70 42.72
N MET J 189 9.76 47.74 42.91
CA MET J 189 11.09 48.03 43.47
C MET J 189 11.74 49.03 42.51
N ILE J 190 11.79 48.66 41.22
CA ILE J 190 12.23 49.55 40.15
C ILE J 190 11.40 50.83 40.00
N LYS J 191 10.07 50.73 39.94
CA LYS J 191 9.22 51.91 39.70
C LYS J 191 9.44 53.04 40.71
N ARG J 192 9.51 52.73 41.99
CA ARG J 192 9.75 53.80 42.95
C ARG J 192 11.20 54.39 42.92
N GLY J 193 12.18 53.48 42.74
CA GLY J 193 13.62 53.83 42.61
C GLY J 193 13.88 54.64 41.35
N ILE J 194 13.64 54.03 40.20
CA ILE J 194 13.76 54.73 38.92
C ILE J 194 12.79 55.89 38.90
N ASN J 195 11.85 56.00 39.67
CA ASN J 195 11.03 57.20 39.73
C ASN J 195 11.78 58.17 40.64
N ARG J 206 21.17 50.83 48.89
CA ARG J 206 22.55 50.44 48.60
C ARG J 206 22.68 48.95 48.31
N ARG J 207 22.46 48.17 49.36
CA ARG J 207 22.53 46.71 49.32
C ARG J 207 21.37 46.16 48.49
N THR J 208 20.38 47.02 48.23
CA THR J 208 19.22 46.71 47.41
C THR J 208 19.54 46.05 46.07
N ARG J 209 20.79 46.12 45.64
CA ARG J 209 21.24 45.53 44.37
C ARG J 209 21.31 43.99 44.30
N ILE J 210 21.97 43.36 45.28
CA ILE J 210 22.07 41.90 45.35
C ILE J 210 20.68 41.25 45.27
N ALA J 211 19.68 41.93 45.86
CA ALA J 211 18.28 41.54 45.76
C ALA J 211 17.89 41.47 44.30
N TYR J 212 17.95 42.61 43.62
CA TYR J 212 17.48 42.72 42.24
C TYR J 212 18.04 41.63 41.36
N GLU J 213 19.35 41.40 41.41
CA GLU J 213 20.00 40.39 40.55
C GLU J 213 19.48 39.02 40.88
N ARG J 214 19.46 38.69 42.17
CA ARG J 214 18.93 37.41 42.60
C ARG J 214 17.47 37.25 42.22
N MET J 215 16.65 38.25 42.58
CA MET J 215 15.25 38.25 42.27
C MET J 215 15.11 37.93 40.81
N CYS J 216 16.08 38.31 39.99
CA CYS J 216 16.00 37.96 38.55
C CYS J 216 16.47 36.54 38.32
N ASN J 217 17.44 36.08 39.11
CA ASN J 217 18.03 34.78 38.86
C ASN J 217 17.00 33.73 39.09
N ILE J 218 16.25 33.96 40.17
CA ILE J 218 15.05 33.20 40.52
C ILE J 218 14.08 33.30 39.37
N LEU J 219 13.79 34.55 39.01
CA LEU J 219 12.92 34.86 37.90
C LEU J 219 13.37 33.96 36.77
N LYS J 220 14.67 34.01 36.45
CA LYS J 220 15.18 33.33 35.24
C LYS J 220 15.05 31.83 35.41
N GLY J 221 15.15 31.41 36.66
CA GLY J 221 15.13 29.99 36.93
C GLY J 221 13.72 29.44 36.81
N LYS J 222 12.75 30.33 36.59
CA LYS J 222 11.38 29.94 36.32
C LYS J 222 11.29 29.49 34.86
N PHE J 223 11.88 30.28 33.96
CA PHE J 223 11.91 29.96 32.54
C PHE J 223 12.65 28.67 32.29
N GLN J 224 12.17 27.94 31.30
CA GLN J 224 12.74 26.66 30.88
C GLN J 224 12.96 26.59 29.37
N THR J 225 13.37 27.71 28.77
CA THR J 225 13.73 27.76 27.34
C THR J 225 14.87 28.74 27.10
N ALA J 226 15.75 28.39 26.15
CA ALA J 226 16.89 29.24 25.78
C ALA J 226 16.59 30.76 25.93
N ALA J 227 15.89 31.33 24.94
CA ALA J 227 15.61 32.77 24.82
C ALA J 227 15.07 33.35 26.13
N GLN J 228 14.04 32.66 26.64
CA GLN J 228 13.41 33.04 27.89
C GLN J 228 14.53 33.28 28.87
N ARG J 229 15.36 32.26 29.04
CA ARG J 229 16.48 32.30 29.97
C ARG J 229 17.39 33.49 29.59
N THR J 230 17.77 33.59 28.32
CA THR J 230 18.73 34.60 27.89
C THR J 230 18.21 36.02 28.07
N MET J 231 16.91 36.21 27.82
CA MET J 231 16.35 37.57 27.81
C MET J 231 16.26 38.21 29.19
N VAL J 232 16.32 37.34 30.19
CA VAL J 232 16.19 37.72 31.56
C VAL J 232 17.47 38.39 31.94
N ASP J 233 18.57 37.81 31.42
CA ASP J 233 19.92 38.38 31.58
C ASP J 233 20.00 39.78 30.97
N GLN J 234 19.52 39.91 29.73
CA GLN J 234 19.52 41.19 29.04
C GLN J 234 18.81 42.24 29.89
N VAL J 235 17.91 41.80 30.78
CA VAL J 235 17.20 42.68 31.71
C VAL J 235 18.02 43.02 32.96
N ARG J 236 18.65 41.98 33.51
CA ARG J 236 19.47 42.11 34.69
C ARG J 236 20.77 42.93 34.47
N GLU J 237 20.98 43.41 33.25
CA GLU J 237 22.19 44.16 32.92
C GLU J 237 22.22 45.60 33.45
N SER J 238 21.06 46.24 33.57
CA SER J 238 21.00 47.66 33.93
C SER J 238 20.92 47.94 35.44
N ARG J 239 21.80 48.82 35.92
CA ARG J 239 21.82 49.19 37.35
C ARG J 239 20.57 49.96 37.69
N ASN J 240 20.22 50.90 36.83
CA ASN J 240 19.04 51.69 37.04
C ASN J 240 18.07 51.35 35.91
N PRO J 241 17.52 50.12 35.90
CA PRO J 241 16.69 49.66 34.77
C PRO J 241 15.40 50.45 34.66
N GLY J 242 15.26 51.26 33.62
CA GLY J 242 14.06 52.10 33.53
C GLY J 242 13.00 51.40 32.71
N ASN J 243 12.06 52.19 32.18
CA ASN J 243 11.03 51.69 31.26
C ASN J 243 11.53 50.70 30.21
N ALA J 244 12.82 50.76 29.89
CA ALA J 244 13.48 49.78 29.01
C ALA J 244 13.17 48.36 29.50
N GLU J 245 13.44 48.16 30.79
CA GLU J 245 13.21 46.90 31.47
C GLU J 245 11.69 46.80 31.76
N PHE J 246 11.16 47.81 32.49
CA PHE J 246 9.72 47.91 32.81
C PHE J 246 8.86 47.33 31.68
N GLU J 247 9.07 47.83 30.47
CA GLU J 247 8.38 47.28 29.33
C GLU J 247 8.84 45.83 28.96
N ASP J 248 10.13 45.50 29.10
CA ASP J 248 10.55 44.17 28.61
C ASP J 248 10.08 42.94 29.43
N LEU J 249 10.06 43.08 30.77
CA LEU J 249 9.75 41.97 31.65
C LEU J 249 8.27 41.64 31.48
N ILE J 250 7.48 42.71 31.35
CA ILE J 250 6.05 42.61 31.10
C ILE J 250 5.83 41.69 29.91
N PHE J 251 6.69 41.87 28.90
CA PHE J 251 6.70 40.98 27.72
C PHE J 251 6.88 39.47 28.13
N LEU J 252 8.03 39.23 28.77
CA LEU J 252 8.42 37.94 29.31
C LEU J 252 7.28 37.41 30.23
N ALA J 253 6.62 38.31 30.96
CA ALA J 253 5.45 37.92 31.76
C ALA J 253 4.40 37.21 30.84
N ARG J 254 4.13 37.88 29.73
CA ARG J 254 3.20 37.36 28.77
C ARG J 254 3.73 36.12 28.04
N SER J 255 5.05 35.97 27.96
CA SER J 255 5.60 34.81 27.25
C SER J 255 5.30 33.51 28.02
N ALA J 256 5.11 33.65 29.33
CA ALA J 256 4.94 32.55 30.25
C ALA J 256 3.54 31.99 30.19
N LEU J 257 2.64 32.82 29.61
CA LEU J 257 1.25 32.49 29.33
C LEU J 257 1.21 31.45 28.27
N ILE J 258 2.31 31.29 27.55
CA ILE J 258 2.33 30.35 26.49
C ILE J 258 3.45 29.33 26.73
N LEU J 259 4.65 29.86 27.04
CA LEU J 259 5.83 29.04 27.37
C LEU J 259 5.98 29.24 28.87
N ARG J 260 5.31 28.37 29.61
CA ARG J 260 5.18 28.56 31.03
C ARG J 260 6.55 28.28 31.62
N GLY J 261 6.74 28.61 32.90
CA GLY J 261 7.93 28.23 33.63
C GLY J 261 7.73 27.13 34.65
N SER J 262 8.78 26.87 35.41
CA SER J 262 8.74 25.90 36.47
C SER J 262 8.31 26.61 37.76
N VAL J 263 7.13 26.28 38.23
CA VAL J 263 6.68 26.74 39.53
C VAL J 263 6.15 25.59 40.35
N ALA J 264 6.88 25.30 41.43
CA ALA J 264 6.46 24.35 42.45
C ALA J 264 5.11 24.67 43.10
N HIS J 265 4.34 23.59 43.37
CA HIS J 265 3.07 23.67 44.12
C HIS J 265 3.21 22.83 45.39
N LYS J 266 2.82 23.41 46.52
CA LYS J 266 2.96 22.78 47.84
C LYS J 266 1.57 22.59 48.49
N SER J 267 1.21 21.34 48.81
CA SER J 267 -0.08 21.04 49.43
C SER J 267 -0.01 21.38 50.92
N CYS J 268 -0.39 22.57 51.29
CA CYS J 268 -0.24 22.95 52.70
C CYS J 268 -1.54 23.02 53.41
N LEU J 269 -1.82 22.08 54.33
CA LEU J 269 -3.12 22.01 55.00
C LEU J 269 -3.16 22.88 56.21
N PRO J 270 -4.35 23.28 56.73
CA PRO J 270 -4.55 24.13 57.92
C PRO J 270 -3.95 23.50 59.14
N ALA J 271 -3.56 24.32 60.11
CA ALA J 271 -2.95 23.80 61.32
C ALA J 271 -3.77 22.68 62.01
N CYS J 272 -5.09 22.81 61.94
CA CYS J 272 -5.94 21.91 62.65
C CYS J 272 -5.77 20.49 62.11
N VAL J 273 -5.55 20.41 60.82
CA VAL J 273 -5.49 19.14 60.18
C VAL J 273 -4.27 18.41 60.68
N TYR J 274 -3.11 19.05 60.70
CA TYR J 274 -1.89 18.51 61.28
C TYR J 274 -2.03 18.31 62.79
N GLY J 275 -2.53 19.30 63.52
CA GLY J 275 -2.81 19.08 64.99
C GLY J 275 -3.63 17.85 65.26
N SER J 276 -4.72 17.71 64.55
CA SER J 276 -5.58 16.57 64.76
C SER J 276 -4.84 15.25 64.48
N ALA J 277 -4.07 15.23 63.40
CA ALA J 277 -3.30 14.09 62.96
C ALA J 277 -2.25 13.69 63.98
N VAL J 278 -1.55 14.68 64.52
CA VAL J 278 -0.51 14.45 65.51
C VAL J 278 -1.13 13.84 66.74
N ALA J 279 -2.28 14.38 67.12
CA ALA J 279 -3.03 13.94 68.29
C ALA J 279 -3.55 12.53 68.12
N SER J 280 -3.84 12.13 66.89
CA SER J 280 -4.30 10.80 66.56
C SER J 280 -3.17 9.80 66.50
N GLY J 281 -2.00 10.19 66.96
CA GLY J 281 -0.98 9.24 66.96
C GLY J 281 0.01 9.40 65.82
N TYR J 282 -0.38 9.96 64.66
CA TYR J 282 0.57 10.01 63.54
C TYR J 282 1.78 10.70 63.92
N ASP J 283 2.89 10.01 63.75
CA ASP J 283 4.19 10.52 64.16
C ASP J 283 5.05 10.72 62.91
N PHE J 284 4.78 11.80 62.17
CA PHE J 284 5.28 12.01 60.82
C PHE J 284 6.76 11.96 60.64
N GLU J 285 7.51 12.67 61.48
CA GLU J 285 8.99 12.51 61.43
C GLU J 285 9.48 11.05 61.35
N ARG J 286 8.75 10.11 61.90
CA ARG J 286 9.14 8.73 61.85
C ARG J 286 8.54 8.07 60.66
N GLU J 287 7.28 8.37 60.35
CA GLU J 287 6.58 7.73 59.22
C GLU J 287 6.72 8.53 57.92
N GLY J 288 7.37 9.68 57.95
CA GLY J 288 7.57 10.39 56.72
C GLY J 288 6.31 11.10 56.24
N TYR J 289 6.52 12.22 55.57
CA TYR J 289 5.44 13.02 55.01
C TYR J 289 5.92 13.82 53.78
N SER J 290 5.01 14.17 52.84
CA SER J 290 5.36 15.03 51.68
C SER J 290 4.37 16.14 51.52
N LEU J 291 4.74 17.13 50.70
CA LEU J 291 3.83 18.21 50.31
C LEU J 291 3.51 18.12 48.82
N VAL J 292 4.11 17.15 48.11
CA VAL J 292 3.87 17.04 46.67
C VAL J 292 3.62 15.56 46.31
N GLY J 293 3.46 14.73 47.35
CA GLY J 293 3.12 13.33 47.10
C GLY J 293 1.72 12.95 47.42
N ILE J 294 1.55 11.71 47.82
CA ILE J 294 0.23 11.19 48.22
C ILE J 294 -0.10 11.51 49.68
N ASP J 295 0.91 11.94 50.44
CA ASP J 295 0.76 12.13 51.87
C ASP J 295 -0.37 13.13 52.15
N PRO J 296 -0.29 14.29 51.52
CA PRO J 296 -1.28 15.32 51.84
C PRO J 296 -2.65 14.87 51.44
N PHE J 297 -2.85 14.35 50.25
CA PHE J 297 -4.19 13.87 49.94
C PHE J 297 -4.66 12.84 50.96
N ARG J 298 -3.83 11.86 51.29
CA ARG J 298 -4.25 10.80 52.21
C ARG J 298 -4.68 11.37 53.57
N LEU J 299 -3.90 12.31 54.09
CA LEU J 299 -4.24 12.95 55.31
C LEU J 299 -5.62 13.59 55.19
N LEU J 300 -5.88 14.33 54.11
CA LEU J 300 -7.17 14.97 53.94
C LEU J 300 -8.28 13.94 53.67
N GLN J 301 -7.97 12.66 53.58
CA GLN J 301 -9.01 11.68 53.31
C GLN J 301 -9.72 11.30 54.60
N ASN J 302 -9.18 11.78 55.72
CA ASN J 302 -9.72 11.46 57.05
C ASN J 302 -9.92 12.66 57.96
N SER J 303 -9.68 13.84 57.40
CA SER J 303 -9.72 15.03 58.18
C SER J 303 -11.17 15.37 58.50
N GLN J 304 -11.42 15.90 59.68
CA GLN J 304 -12.78 16.25 60.07
C GLN J 304 -12.78 17.75 60.26
N VAL J 305 -12.68 18.51 59.18
CA VAL J 305 -12.61 19.93 59.34
C VAL J 305 -13.96 20.58 59.20
N TYR J 306 -14.29 21.44 60.17
CA TYR J 306 -15.52 22.20 60.09
C TYR J 306 -15.31 23.67 59.79
N SER J 307 -16.32 24.28 59.20
CA SER J 307 -16.23 25.70 58.84
C SER J 307 -17.46 26.54 59.08
N LEU J 308 -17.29 27.78 59.51
CA LEU J 308 -18.42 28.71 59.65
C LEU J 308 -18.91 29.06 58.29
N ILE J 309 -20.24 29.13 58.21
CA ILE J 309 -20.90 29.33 56.92
C ILE J 309 -22.06 30.29 57.03
N ARG J 310 -21.98 31.37 56.26
CA ARG J 310 -23.05 32.37 56.24
C ARG J 310 -24.41 31.82 55.73
N PRO J 311 -25.55 32.43 56.18
CA PRO J 311 -26.94 31.95 55.97
C PRO J 311 -27.29 31.55 54.53
N ASN J 312 -26.92 32.41 53.58
CA ASN J 312 -27.22 32.04 52.21
C ASN J 312 -26.16 31.28 51.41
N GLU J 313 -25.06 30.88 52.05
CA GLU J 313 -23.94 30.29 51.30
C GLU J 313 -24.12 28.81 51.09
N ASN J 314 -23.45 28.28 50.07
CA ASN J 314 -23.61 26.91 49.72
C ASN J 314 -22.47 26.12 50.29
N PRO J 315 -22.77 25.16 51.19
CA PRO J 315 -21.73 24.32 51.80
C PRO J 315 -20.78 23.66 50.77
N ALA J 316 -21.38 23.08 49.74
CA ALA J 316 -20.65 22.30 48.78
C ALA J 316 -19.64 23.20 48.11
N HIS J 317 -20.04 24.48 48.04
CA HIS J 317 -19.28 25.50 47.35
C HIS J 317 -18.16 25.90 48.28
N LYS J 318 -18.45 25.91 49.59
CA LYS J 318 -17.44 26.28 50.59
C LYS J 318 -16.28 25.28 50.59
N SER J 319 -16.63 23.99 50.70
CA SER J 319 -15.66 22.93 50.67
C SER J 319 -14.76 23.04 49.44
N GLN J 320 -15.37 23.34 48.29
CA GLN J 320 -14.60 23.43 47.09
C GLN J 320 -13.44 24.36 47.31
N LEU J 321 -13.75 25.58 47.74
CA LEU J 321 -12.75 26.65 47.98
C LEU J 321 -11.56 26.12 48.77
N VAL J 322 -11.78 25.84 50.06
CA VAL J 322 -10.75 25.17 50.88
C VAL J 322 -9.95 24.06 50.20
N TRP J 323 -10.64 23.18 49.50
CA TRP J 323 -9.97 22.11 48.79
C TRP J 323 -8.97 22.65 47.78
N MET J 324 -9.28 23.79 47.16
CA MET J 324 -8.40 24.29 46.10
C MET J 324 -7.22 24.99 46.73
N ALA J 325 -7.42 25.53 47.94
CA ALA J 325 -6.33 26.10 48.71
C ALA J 325 -5.44 25.01 49.30
N CYS J 326 -5.98 23.82 49.52
CA CYS J 326 -5.10 22.79 50.02
C CYS J 326 -4.07 22.25 49.01
N HIS J 327 -4.32 22.51 47.74
CA HIS J 327 -3.33 22.11 46.77
C HIS J 327 -2.79 23.21 45.78
N SER J 328 -3.14 24.47 45.97
CA SER J 328 -2.62 25.49 45.04
C SER J 328 -3.22 25.17 43.65
N ALA J 329 -4.55 24.96 43.63
CA ALA J 329 -5.24 24.61 42.40
C ALA J 329 -6.12 25.79 42.07
N ALA J 330 -5.65 27.01 42.36
CA ALA J 330 -6.51 28.19 42.08
C ALA J 330 -6.32 28.64 40.67
N PHE J 331 -5.36 28.06 39.94
CA PHE J 331 -5.12 28.53 38.59
C PHE J 331 -4.97 27.28 37.79
N GLU J 332 -5.52 26.17 38.29
CA GLU J 332 -5.37 24.94 37.55
C GLU J 332 -6.53 24.86 36.54
N ASP J 333 -6.44 23.95 35.57
CA ASP J 333 -7.51 23.80 34.61
C ASP J 333 -8.71 23.16 35.30
N LEU J 334 -9.86 23.87 35.40
CA LEU J 334 -11.00 23.38 36.16
C LEU J 334 -11.29 21.94 35.79
N ARG J 335 -11.10 21.62 34.51
CA ARG J 335 -11.37 20.26 34.01
C ARG J 335 -10.66 19.23 34.80
N VAL J 336 -9.35 19.42 34.95
CA VAL J 336 -8.51 18.48 35.68
C VAL J 336 -8.82 18.50 37.19
N SER J 337 -8.93 19.71 37.78
CA SER J 337 -9.30 19.85 39.17
C SER J 337 -10.54 19.03 39.47
N SER J 338 -11.58 19.12 38.63
CA SER J 338 -12.79 18.35 38.87
C SER J 338 -12.57 16.87 38.67
N PHE J 339 -11.60 16.56 37.83
CA PHE J 339 -11.40 15.19 37.45
C PHE J 339 -10.85 14.50 38.66
N ILE J 340 -9.81 15.08 39.22
CA ILE J 340 -9.12 14.54 40.38
C ILE J 340 -9.99 14.67 41.65
N ARG J 341 -10.67 15.82 41.74
CA ARG J 341 -11.54 16.13 42.85
C ARG J 341 -12.60 15.06 43.03
N GLY J 342 -13.21 14.65 41.93
CA GLY J 342 -14.21 13.64 42.07
C GLY J 342 -15.58 14.18 41.80
N THR J 343 -15.69 15.51 41.88
CA THR J 343 -16.95 16.25 41.70
C THR J 343 -16.76 17.60 41.02
N LYS J 344 -17.85 18.17 40.55
CA LYS J 344 -17.70 19.50 39.92
C LYS J 344 -16.84 20.53 40.68
N VAL J 345 -15.94 21.18 39.96
CA VAL J 345 -15.14 22.22 40.50
C VAL J 345 -15.60 23.49 39.81
N VAL J 346 -16.58 24.10 40.44
CA VAL J 346 -17.21 25.25 39.84
C VAL J 346 -16.33 26.49 39.85
N PRO J 347 -16.39 27.32 38.79
CA PRO J 347 -15.65 28.59 38.64
C PRO J 347 -15.93 29.58 39.71
N ARG J 348 -15.03 30.55 39.86
CA ARG J 348 -15.08 31.49 40.97
C ARG J 348 -16.37 32.27 40.93
N GLY J 349 -16.71 32.82 39.77
CA GLY J 349 -17.95 33.61 39.70
C GLY J 349 -19.19 32.88 40.21
N LYS J 350 -19.36 31.63 39.79
CA LYS J 350 -20.50 30.85 40.16
C LYS J 350 -20.37 30.30 41.53
N LEU J 351 -19.28 30.62 42.22
CA LEU J 351 -19.07 30.15 43.56
C LEU J 351 -19.79 30.97 44.58
N SER J 352 -20.56 30.29 45.41
CA SER J 352 -21.29 30.96 46.48
C SER J 352 -20.55 31.13 47.80
N THR J 353 -19.71 32.14 47.89
CA THR J 353 -19.01 32.42 49.13
C THR J 353 -18.10 33.65 48.93
N ARG J 354 -17.84 34.32 50.05
CA ARG J 354 -17.18 35.62 50.00
C ARG J 354 -15.81 35.45 50.67
N GLY J 355 -15.65 34.41 51.46
CA GLY J 355 -14.41 34.26 52.14
C GLY J 355 -14.61 33.46 53.36
N VAL J 356 -13.57 32.75 53.74
CA VAL J 356 -13.68 31.79 54.80
C VAL J 356 -13.63 32.44 56.18
N GLN J 357 -12.88 33.54 56.29
CA GLN J 357 -12.77 34.28 57.55
C GLN J 357 -14.00 35.12 57.71
N ILE J 358 -14.38 35.28 58.96
CA ILE J 358 -15.56 36.02 59.28
C ILE J 358 -15.16 37.43 59.72
N ALA J 359 -15.77 38.42 59.07
CA ALA J 359 -15.47 39.81 59.37
C ALA J 359 -16.20 40.27 60.61
N SER J 360 -15.61 41.27 61.29
CA SER J 360 -16.19 41.90 62.53
C SER J 360 -17.59 42.52 62.30
N ASN J 361 -17.89 42.73 61.03
CA ASN J 361 -19.10 43.36 60.62
C ASN J 361 -20.28 42.44 60.89
N GLU J 362 -20.09 41.15 60.61
CA GLU J 362 -21.20 40.21 60.56
C GLU J 362 -21.69 39.91 61.90
N ASN J 363 -22.79 39.18 62.01
CA ASN J 363 -23.28 38.88 63.34
C ASN J 363 -23.33 37.41 63.47
N MET J 364 -23.36 36.93 64.69
CA MET J 364 -23.39 35.50 64.92
C MET J 364 -24.80 34.88 64.95
N GLU J 365 -25.82 35.74 65.10
CA GLU J 365 -27.15 35.21 65.31
C GLU J 365 -27.45 34.39 64.08
N THR J 366 -27.21 34.98 62.90
CA THR J 366 -27.54 34.32 61.65
C THR J 366 -26.34 33.60 61.10
N MET J 367 -25.70 32.78 61.93
CA MET J 367 -24.48 32.12 61.51
C MET J 367 -24.53 30.65 61.92
N GLU J 368 -24.10 29.76 61.05
CA GLU J 368 -24.07 28.35 61.35
C GLU J 368 -22.82 27.74 60.70
N SER J 369 -22.63 26.43 60.84
CA SER J 369 -21.36 25.83 60.44
C SER J 369 -21.55 24.49 59.75
N SER J 370 -20.77 24.20 58.70
CA SER J 370 -20.88 22.94 58.02
C SER J 370 -19.57 22.14 58.03
N THR J 371 -19.65 20.87 57.63
CA THR J 371 -18.51 20.00 57.61
C THR J 371 -17.97 20.01 56.19
N LEU J 372 -16.68 20.37 56.09
CA LEU J 372 -16.03 20.62 54.82
C LEU J 372 -15.72 19.31 54.14
N GLU J 373 -16.08 19.21 52.87
CA GLU J 373 -15.77 18.02 52.06
C GLU J 373 -14.39 18.19 51.41
N LEU J 374 -13.37 17.57 52.00
CA LEU J 374 -11.99 17.71 51.48
C LEU J 374 -11.39 16.49 50.79
N ARG J 375 -12.14 15.37 50.85
CA ARG J 375 -11.75 14.15 50.18
C ARG J 375 -11.64 14.38 48.66
N SER J 376 -10.78 13.61 47.99
CA SER J 376 -10.67 13.70 46.55
C SER J 376 -10.76 12.31 45.93
N ARG J 377 -10.99 12.26 44.63
CA ARG J 377 -11.14 10.99 43.95
C ARG J 377 -9.78 10.33 43.78
N TYR J 378 -8.92 10.97 42.99
CA TYR J 378 -7.58 10.49 42.80
C TYR J 378 -6.62 11.52 43.38
N TRP J 379 -5.33 11.32 43.11
CA TRP J 379 -4.28 12.26 43.44
C TRP J 379 -3.28 12.33 42.34
N ALA J 380 -2.48 13.40 42.37
CA ALA J 380 -1.50 13.64 41.33
C ALA J 380 -0.21 14.31 41.80
N ILE J 381 0.91 13.94 41.20
CA ILE J 381 2.14 14.50 41.71
C ILE J 381 2.14 16.02 41.53
N ARG J 382 1.91 16.82 42.57
CA ARG J 382 1.90 18.28 42.33
C ARG J 382 3.24 18.60 41.65
N THR J 383 3.22 19.09 40.39
CA THR J 383 4.48 19.38 39.65
C THR J 383 5.02 20.80 39.81
N ARG J 384 6.13 21.05 39.11
CA ARG J 384 6.77 22.36 39.10
C ARG J 384 6.89 22.88 37.67
N SER J 385 7.18 21.96 36.77
CA SER J 385 7.22 22.20 35.32
C SER J 385 6.02 22.91 34.68
N GLY J 386 6.26 23.86 33.79
CA GLY J 386 5.19 24.45 32.99
C GLY J 386 4.87 23.75 31.66
N GLY J 387 5.44 22.55 31.37
CA GLY J 387 5.34 21.92 30.02
C GLY J 387 6.07 22.62 28.87
N ASN J 388 6.48 21.86 27.85
CA ASN J 388 7.01 22.48 26.60
C ASN J 388 6.93 21.55 25.35
N THR J 389 6.84 22.16 24.15
CA THR J 389 6.89 21.38 22.89
C THR J 389 8.08 21.79 22.00
N GLN J 398 40.77 42.30 5.26
CA GLN J 398 41.42 41.07 5.70
C GLN J 398 41.02 39.82 4.91
N ILE J 399 41.71 38.69 5.12
CA ILE J 399 41.47 37.43 4.38
C ILE J 399 41.72 36.20 5.30
N SER J 400 42.46 36.44 6.36
CA SER J 400 42.75 35.42 7.34
C SER J 400 42.74 36.07 8.71
N ILE J 401 42.58 35.25 9.74
CA ILE J 401 42.63 35.71 11.11
C ILE J 401 43.90 35.26 11.81
N GLN J 402 44.64 36.24 12.39
CA GLN J 402 45.83 35.93 13.22
C GLN J 402 45.40 35.55 14.63
N PRO J 403 45.74 34.38 15.11
CA PRO J 403 45.17 34.00 16.41
C PRO J 403 45.90 34.63 17.62
N THR J 404 45.15 35.15 18.58
CA THR J 404 45.79 35.82 19.71
C THR J 404 45.60 35.00 20.93
N PHE J 405 44.65 34.09 20.96
CA PHE J 405 44.46 33.30 22.18
C PHE J 405 44.42 31.80 21.94
N SER J 406 44.54 31.06 23.03
CA SER J 406 44.58 29.63 22.92
C SER J 406 43.16 29.12 23.20
N VAL J 407 42.37 28.91 22.16
CA VAL J 407 41.04 28.33 22.33
C VAL J 407 40.63 27.46 21.14
N GLN J 408 39.64 26.60 21.35
CA GLN J 408 39.08 25.82 20.26
C GLN J 408 38.32 26.68 19.25
N ARG J 409 39.03 27.02 18.18
CA ARG J 409 38.52 27.93 17.17
C ARG J 409 38.91 27.60 15.75
N ASN J 410 37.87 27.38 14.93
CA ASN J 410 38.08 27.25 13.50
C ASN J 410 38.79 28.50 13.00
N LEU J 411 39.98 28.37 12.44
CA LEU J 411 40.63 29.58 12.04
C LEU J 411 40.24 30.06 10.64
N PRO J 412 39.54 31.19 10.50
CA PRO J 412 39.10 31.74 9.20
C PRO J 412 40.13 32.24 8.22
N SER J 431 19.41 39.13 17.42
CA SER J 431 18.73 40.39 17.03
C SER J 431 18.00 40.97 18.22
N ASP J 432 16.66 40.87 18.21
CA ASP J 432 15.87 41.19 19.40
C ASP J 432 15.50 39.86 20.00
N MET J 433 15.92 39.58 21.23
CA MET J 433 15.59 38.27 21.83
C MET J 433 14.06 38.10 21.93
N ARG J 434 13.34 39.22 21.88
CA ARG J 434 11.89 39.22 21.80
C ARG J 434 11.44 38.36 20.66
N THR J 435 11.97 38.66 19.49
CA THR J 435 11.68 37.94 18.24
C THR J 435 11.77 36.43 18.46
N GLU J 436 12.87 36.00 19.05
CA GLU J 436 13.09 34.60 19.28
C GLU J 436 11.83 34.00 19.97
N ILE J 437 11.40 34.64 21.05
CA ILE J 437 10.27 34.19 21.83
C ILE J 437 8.97 34.29 21.05
N ILE J 438 8.72 35.47 20.51
CA ILE J 438 7.51 35.69 19.72
C ILE J 438 7.37 34.60 18.67
N ARG J 439 8.50 34.17 18.12
CA ARG J 439 8.53 33.11 17.13
C ARG J 439 8.19 31.76 17.80
N LEU J 440 8.56 31.63 19.08
CA LEU J 440 8.30 30.39 19.78
C LEU J 440 6.86 30.41 20.23
N MET J 441 6.49 31.44 21.02
CA MET J 441 5.06 31.76 21.23
C MET J 441 4.08 31.26 20.11
N GLU J 442 4.30 31.74 18.88
CA GLU J 442 3.55 31.35 17.69
C GLU J 442 3.27 29.86 17.48
N SER J 443 4.33 29.04 17.39
CA SER J 443 4.15 27.64 17.02
C SER J 443 3.35 26.89 18.06
N ALA J 444 3.08 27.58 19.16
CA ALA J 444 2.40 27.00 20.30
C ALA J 444 0.87 26.97 20.18
N ARG J 445 0.30 25.77 20.27
CA ARG J 445 -1.16 25.59 20.28
C ARG J 445 -1.73 25.18 21.65
N PRO J 446 -2.90 25.75 22.02
CA PRO J 446 -3.45 25.50 23.32
C PRO J 446 -3.68 24.04 23.48
N GLU J 447 -3.93 23.35 22.37
CA GLU J 447 -4.15 21.88 22.37
C GLU J 447 -2.90 21.07 22.61
N ASP J 448 -1.73 21.74 22.60
CA ASP J 448 -0.43 21.09 22.80
C ASP J 448 -0.32 20.33 24.09
N VAL J 449 -0.24 19.02 23.99
CA VAL J 449 -0.25 18.12 25.14
C VAL J 449 0.99 18.33 25.98
N SER J 450 0.84 18.52 27.30
CA SER J 450 1.99 18.52 28.26
C SER J 450 2.03 17.31 29.23
N PHE J 451 3.16 17.13 29.94
CA PHE J 451 3.31 16.03 30.89
C PHE J 451 2.92 14.71 30.21
N GLN J 452 3.46 14.53 29.01
CA GLN J 452 3.16 13.34 28.20
C GLN J 452 3.40 12.06 29.03
N GLY J 453 2.46 11.12 29.03
CA GLY J 453 2.63 9.94 29.85
C GLY J 453 2.30 10.02 31.37
N ARG J 454 2.48 11.22 31.98
CA ARG J 454 2.11 11.46 33.39
C ARG J 454 0.62 11.31 33.56
N GLY J 455 0.20 10.73 34.68
CA GLY J 455 -1.23 10.51 34.94
C GLY J 455 -1.65 10.75 36.38
N VAL J 456 -2.76 10.14 36.76
CA VAL J 456 -3.33 10.39 38.09
C VAL J 456 -3.24 9.09 38.82
N PHE J 457 -3.18 9.16 40.15
CA PHE J 457 -3.07 7.92 40.88
C PHE J 457 -4.25 7.70 41.78
N GLU J 458 -4.65 6.45 41.90
CA GLU J 458 -5.66 6.05 42.86
C GLU J 458 -5.11 6.35 44.26
N LEU J 459 -6.04 6.47 45.21
CA LEU J 459 -5.64 6.76 46.57
C LEU J 459 -5.12 5.52 47.27
N SER J 460 -5.33 4.32 46.68
CA SER J 460 -4.71 3.10 47.17
C SER J 460 -3.24 3.02 46.72
N ASP J 461 -2.95 3.58 45.55
CA ASP J 461 -1.64 3.46 44.94
C ASP J 461 -0.62 4.30 45.64
N GLU J 462 -0.13 3.76 46.73
CA GLU J 462 0.73 4.52 47.63
C GLU J 462 2.01 4.92 46.96
N LYS J 463 2.62 3.91 46.36
CA LYS J 463 3.79 4.03 45.51
C LYS J 463 3.32 4.72 44.24
N ALA J 464 4.25 5.25 43.47
CA ALA J 464 3.80 5.86 42.21
C ALA J 464 3.64 4.84 41.07
N THR J 465 3.40 3.60 41.44
CA THR J 465 3.35 2.48 40.54
C THR J 465 2.55 2.68 39.30
N SER J 466 1.24 2.49 39.35
CA SER J 466 0.40 2.58 38.15
C SER J 466 -0.34 3.90 37.93
N PRO J 467 -0.03 4.58 36.83
CA PRO J 467 -0.58 5.92 36.46
C PRO J 467 -1.87 5.77 35.68
N ILE J 468 -2.70 6.82 35.64
CA ILE J 468 -3.98 6.75 34.94
C ILE J 468 -4.09 7.96 34.10
N VAL J 469 -4.38 7.75 32.84
CA VAL J 469 -4.48 8.88 31.90
C VAL J 469 -5.93 9.33 31.71
N PRO J 470 -6.21 10.60 31.96
CA PRO J 470 -7.55 11.14 31.81
C PRO J 470 -7.86 11.55 30.40
N SER J 471 -9.10 11.29 30.02
CA SER J 471 -9.56 11.61 28.70
C SER J 471 -10.64 12.65 28.93
N PHE J 472 -10.43 13.87 28.44
CA PHE J 472 -11.40 14.96 28.67
C PHE J 472 -12.58 15.10 27.69
N ASP J 473 -12.72 14.17 26.75
CA ASP J 473 -13.88 14.17 25.86
C ASP J 473 -15.03 14.08 26.85
N MET J 474 -15.77 15.18 27.05
CA MET J 474 -16.74 15.23 28.14
C MET J 474 -17.49 16.55 28.24
N SER J 475 -18.64 16.58 28.89
CA SER J 475 -19.36 17.84 29.01
C SER J 475 -18.77 18.49 30.20
N ASN J 476 -17.74 19.31 29.99
CA ASN J 476 -16.99 19.95 31.05
C ASN J 476 -17.71 21.21 31.52
N GLU J 477 -17.03 22.06 32.26
CA GLU J 477 -17.63 23.29 32.77
C GLU J 477 -16.62 24.46 32.75
N GLY J 478 -15.81 24.56 31.71
CA GLY J 478 -14.77 25.61 31.73
C GLY J 478 -13.36 25.11 32.06
N SER J 479 -12.42 26.03 32.01
CA SER J 479 -11.05 25.73 32.37
C SER J 479 -10.45 26.83 33.24
N TYR J 480 -11.01 28.01 33.24
CA TYR J 480 -10.46 29.13 33.96
C TYR J 480 -11.21 29.46 35.26
N PHE J 481 -10.76 28.96 36.40
CA PHE J 481 -11.36 29.33 37.67
C PHE J 481 -11.71 30.82 37.75
N PHE J 482 -10.95 31.68 37.07
CA PHE J 482 -11.24 33.11 37.12
C PHE J 482 -11.71 33.72 35.77
N ASN K 14 0.47 -28.57 32.02
CA ASN K 14 -0.89 -29.13 32.31
C ASN K 14 -0.91 -30.06 33.55
N ALA K 15 -1.16 -29.39 34.67
CA ALA K 15 -1.24 -30.00 35.98
C ALA K 15 -2.65 -30.55 36.29
N THR K 16 -3.46 -30.77 35.27
CA THR K 16 -4.81 -31.24 35.54
C THR K 16 -4.86 -32.76 35.48
N GLU K 17 -4.69 -33.31 34.28
CA GLU K 17 -4.77 -34.74 34.10
C GLU K 17 -3.61 -35.38 34.84
N ILE K 18 -2.40 -35.16 34.31
CA ILE K 18 -1.18 -35.76 34.84
C ILE K 18 -1.08 -35.70 36.37
N ARG K 19 -1.32 -34.54 36.98
CA ARG K 19 -1.12 -34.46 38.43
C ARG K 19 -2.29 -35.04 39.23
N ALA K 20 -3.46 -35.01 38.66
CA ALA K 20 -4.64 -35.39 39.41
C ALA K 20 -5.09 -36.81 39.05
N SER K 21 -4.81 -37.22 37.83
CA SER K 21 -5.17 -38.57 37.42
C SER K 21 -4.27 -39.60 38.10
N VAL K 22 -3.09 -39.14 38.49
CA VAL K 22 -2.16 -40.09 39.07
C VAL K 22 -2.42 -40.07 40.56
N GLY K 23 -3.02 -38.96 40.99
CA GLY K 23 -3.51 -38.87 42.35
C GLY K 23 -4.64 -39.86 42.59
N LYS K 24 -5.42 -40.06 41.54
CA LYS K 24 -6.56 -40.91 41.65
C LYS K 24 -6.08 -42.33 41.69
N MET K 25 -4.93 -42.56 41.07
CA MET K 25 -4.45 -43.94 41.11
C MET K 25 -3.81 -44.20 42.46
N ILE K 26 -3.34 -43.13 43.11
CA ILE K 26 -2.71 -43.26 44.39
C ILE K 26 -3.78 -43.48 45.47
N ASP K 27 -4.91 -42.75 45.35
CA ASP K 27 -6.09 -42.90 46.23
C ASP K 27 -6.52 -44.34 46.22
N GLY K 28 -6.46 -44.97 45.06
CA GLY K 28 -6.99 -46.32 45.01
C GLY K 28 -6.16 -47.22 45.90
N ILE K 29 -4.84 -47.10 45.79
CA ILE K 29 -3.95 -47.99 46.49
C ILE K 29 -4.20 -47.75 47.97
N GLY K 30 -4.30 -46.48 48.34
CA GLY K 30 -4.54 -46.10 49.73
C GLY K 30 -5.80 -46.78 50.25
N ARG K 31 -6.95 -46.27 49.82
CA ARG K 31 -8.25 -46.86 50.10
C ARG K 31 -8.18 -48.39 50.17
N PHE K 32 -7.67 -49.03 49.11
CA PHE K 32 -7.60 -50.48 49.15
C PHE K 32 -6.80 -51.01 50.41
N TYR K 33 -5.56 -50.56 50.56
CA TYR K 33 -4.78 -50.91 51.71
C TYR K 33 -5.53 -50.76 53.00
N ILE K 34 -6.30 -49.69 53.14
CA ILE K 34 -7.08 -49.48 54.34
C ILE K 34 -8.15 -50.59 54.47
N GLN K 35 -8.86 -50.87 53.39
CA GLN K 35 -9.92 -51.91 53.40
C GLN K 35 -9.34 -53.24 53.76
N MET K 36 -8.29 -53.56 53.07
CA MET K 36 -7.59 -54.79 53.32
C MET K 36 -7.03 -54.87 54.71
N CYS K 37 -6.57 -53.76 55.27
CA CYS K 37 -6.19 -53.84 56.66
C CYS K 37 -7.39 -54.10 57.53
N THR K 38 -8.50 -53.46 57.20
CA THR K 38 -9.70 -53.64 58.01
C THR K 38 -10.19 -55.11 58.01
N GLU K 39 -9.87 -55.88 56.96
CA GLU K 39 -10.26 -57.27 56.91
C GLU K 39 -9.38 -58.06 57.84
N LEU K 40 -8.08 -57.93 57.64
CA LEU K 40 -7.17 -58.67 58.47
C LEU K 40 -7.29 -58.26 59.94
N LYS K 41 -8.09 -57.25 60.21
CA LYS K 41 -8.27 -56.77 61.56
C LYS K 41 -6.94 -56.44 62.17
N LEU K 42 -5.96 -55.96 61.38
CA LEU K 42 -4.69 -55.42 61.94
C LEU K 42 -4.81 -54.10 62.71
N SER K 43 -3.79 -53.81 63.52
CA SER K 43 -3.74 -52.58 64.30
C SER K 43 -3.05 -51.47 63.50
N ASP K 44 -2.97 -50.28 64.11
CA ASP K 44 -2.26 -49.19 63.46
C ASP K 44 -0.80 -49.52 63.33
N TYR K 45 -0.18 -49.95 64.41
CA TYR K 45 1.22 -50.29 64.31
C TYR K 45 1.40 -51.43 63.37
N GLU K 46 0.42 -52.30 63.30
CA GLU K 46 0.55 -53.49 62.48
C GLU K 46 0.17 -53.24 61.03
N GLY K 47 -0.30 -52.04 60.71
CA GLY K 47 -0.62 -51.73 59.34
C GLY K 47 0.50 -50.92 58.78
N ARG K 48 1.39 -50.48 59.67
CA ARG K 48 2.52 -49.67 59.23
C ARG K 48 3.79 -50.50 59.05
N LEU K 49 3.61 -51.81 59.17
CA LEU K 49 4.70 -52.73 59.09
C LEU K 49 5.00 -53.07 57.64
N ILE K 50 6.00 -52.42 57.10
CA ILE K 50 6.32 -52.67 55.71
C ILE K 50 6.21 -54.09 55.31
N GLN K 51 6.48 -55.00 56.25
CA GLN K 51 6.36 -56.45 56.03
C GLN K 51 4.92 -56.77 55.60
N ASN K 52 3.97 -56.60 56.50
CA ASN K 52 2.60 -56.85 56.15
C ASN K 52 2.21 -56.11 54.91
N SER K 53 2.62 -54.85 54.73
CA SER K 53 2.20 -54.13 53.54
C SER K 53 2.61 -54.94 52.33
N LEU K 54 3.86 -55.32 52.25
CA LEU K 54 4.35 -56.11 51.11
C LEU K 54 3.49 -57.30 50.79
N THR K 55 3.26 -58.12 51.79
CA THR K 55 2.45 -59.30 51.61
C THR K 55 1.15 -58.92 50.93
N ILE K 56 0.49 -57.88 51.44
CA ILE K 56 -0.76 -57.48 50.84
C ILE K 56 -0.59 -57.08 49.37
N GLU K 57 0.46 -56.33 49.08
CA GLU K 57 0.63 -55.84 47.73
C GLU K 57 0.78 -56.99 46.78
N ARG K 58 1.49 -58.03 47.21
CA ARG K 58 1.75 -59.15 46.33
C ARG K 58 0.49 -60.04 46.16
N MET K 59 -0.26 -60.27 47.25
CA MET K 59 -1.60 -60.91 47.22
C MET K 59 -2.47 -60.35 46.13
N VAL K 60 -2.19 -59.12 45.75
CA VAL K 60 -3.12 -58.48 44.86
C VAL K 60 -2.61 -58.63 43.49
N LEU K 61 -1.33 -58.37 43.29
CA LEU K 61 -0.76 -58.45 41.98
C LEU K 61 -0.87 -59.91 41.46
N SER K 62 -0.77 -60.86 42.39
CA SER K 62 -0.93 -62.27 42.06
C SER K 62 -2.36 -62.50 41.59
N ALA K 63 -3.32 -62.00 42.37
CA ALA K 63 -4.71 -62.25 42.05
C ALA K 63 -5.11 -61.58 40.74
N PHE K 64 -4.45 -60.51 40.34
CA PHE K 64 -4.82 -59.87 39.12
C PHE K 64 -3.90 -60.30 37.98
N ASP K 65 -3.27 -61.48 38.15
CA ASP K 65 -2.28 -62.01 37.17
C ASP K 65 -1.73 -63.40 37.53
N THR K 85 -5.04 -66.42 46.76
CA THR K 85 -3.64 -66.43 47.18
C THR K 85 -3.55 -66.05 48.62
N GLY K 86 -2.37 -66.23 49.19
CA GLY K 86 -2.17 -66.03 50.62
C GLY K 86 -0.83 -65.37 50.82
N GLY K 87 -0.36 -65.31 52.06
CA GLY K 87 0.93 -64.72 52.33
C GLY K 87 1.22 -64.60 53.83
N PRO K 88 2.45 -64.16 54.16
CA PRO K 88 2.95 -64.05 55.52
C PRO K 88 2.42 -62.77 56.19
N ILE K 89 1.77 -62.94 57.32
CA ILE K 89 1.22 -61.77 58.01
C ILE K 89 1.64 -61.72 59.47
N TYR K 90 2.42 -60.71 59.83
CA TYR K 90 2.95 -60.62 61.19
C TYR K 90 2.06 -59.84 62.17
N ARG K 91 1.90 -60.43 63.34
CA ARG K 91 1.00 -59.91 64.34
C ARG K 91 1.78 -59.55 65.59
N ARG K 92 1.23 -58.65 66.41
CA ARG K 92 1.93 -58.19 67.61
C ARG K 92 1.24 -58.64 68.88
N VAL K 93 1.83 -59.57 69.61
CA VAL K 93 1.29 -59.95 70.94
C VAL K 93 2.23 -59.46 72.05
N ASP K 94 1.71 -59.30 73.27
CA ASP K 94 2.52 -58.89 74.42
C ASP K 94 3.99 -59.28 74.20
N GLY K 95 4.84 -58.31 73.87
CA GLY K 95 6.27 -58.61 73.75
C GLY K 95 6.79 -58.99 72.40
N LYS K 96 6.29 -60.11 71.86
CA LYS K 96 6.88 -60.76 70.64
C LYS K 96 6.03 -60.75 69.40
N TRP K 97 6.64 -61.04 68.26
CA TRP K 97 5.89 -60.93 67.01
C TRP K 97 5.46 -62.28 66.47
N ARG K 98 4.19 -62.42 66.15
CA ARG K 98 3.69 -63.70 65.69
C ARG K 98 3.40 -63.66 64.18
N ARG K 99 4.01 -64.58 63.44
CA ARG K 99 3.80 -64.67 62.00
C ARG K 99 2.60 -65.55 61.68
N GLU K 100 1.59 -65.02 61.01
CA GLU K 100 0.46 -65.85 60.53
C GLU K 100 0.52 -66.18 59.04
N LEU K 101 0.31 -67.43 58.73
CA LEU K 101 0.30 -67.83 57.34
C LEU K 101 -1.14 -67.85 56.91
N ILE K 102 -1.58 -66.94 56.03
CA ILE K 102 -3.01 -66.89 55.68
C ILE K 102 -3.28 -66.93 54.20
N LEU K 103 -4.53 -67.24 53.87
CA LEU K 103 -4.98 -67.34 52.46
C LEU K 103 -6.29 -66.60 52.22
N TYR K 104 -6.45 -65.98 51.06
CA TYR K 104 -7.68 -65.22 50.73
C TYR K 104 -8.27 -65.60 49.36
N ASP K 105 -9.58 -65.46 49.21
CA ASP K 105 -10.19 -65.77 47.94
C ASP K 105 -9.57 -64.93 46.84
N LYS K 106 -8.79 -65.56 45.98
CA LYS K 106 -8.17 -64.77 44.90
C LYS K 106 -9.13 -63.77 44.28
N GLU K 107 -10.45 -64.06 44.31
CA GLU K 107 -11.40 -63.19 43.64
C GLU K 107 -11.88 -62.15 44.62
N GLU K 108 -12.06 -62.59 45.85
CA GLU K 108 -12.38 -61.62 46.85
C GLU K 108 -11.41 -60.43 46.77
N ILE K 109 -10.12 -60.75 46.59
CA ILE K 109 -9.08 -59.69 46.54
C ILE K 109 -9.36 -58.80 45.37
N ARG K 110 -9.67 -59.41 44.25
CA ARG K 110 -9.95 -58.65 43.06
C ARG K 110 -11.20 -57.80 43.24
N ARG K 111 -12.11 -58.30 44.07
CA ARG K 111 -13.34 -57.58 44.31
C ARG K 111 -13.07 -56.31 45.14
N ILE K 112 -12.36 -56.52 46.25
CA ILE K 112 -12.05 -55.42 47.14
C ILE K 112 -11.25 -54.35 46.45
N TRP K 113 -10.32 -54.77 45.58
CA TRP K 113 -9.50 -53.86 44.80
C TRP K 113 -10.41 -52.91 44.03
N ARG K 114 -11.29 -53.42 43.17
CA ARG K 114 -12.09 -52.55 42.30
C ARG K 114 -12.99 -51.66 43.15
N GLN K 115 -13.57 -52.25 44.18
CA GLN K 115 -14.36 -51.46 45.09
C GLN K 115 -13.63 -50.16 45.40
N ALA K 116 -12.32 -50.25 45.65
CA ALA K 116 -11.55 -49.07 46.04
C ALA K 116 -11.37 -48.16 44.86
N ASN K 117 -11.06 -48.71 43.70
CA ASN K 117 -10.94 -47.89 42.47
C ASN K 117 -12.24 -47.61 41.68
N ASN K 118 -13.38 -47.54 42.37
CA ASN K 118 -14.62 -47.32 41.66
C ASN K 118 -15.02 -48.43 40.66
N GLY K 119 -14.65 -49.66 40.96
CA GLY K 119 -14.98 -50.72 40.04
C GLY K 119 -14.14 -50.67 38.79
N ASP K 120 -13.13 -49.79 38.79
CA ASP K 120 -12.18 -49.75 37.70
C ASP K 120 -11.09 -50.79 37.85
N ASP K 121 -10.25 -50.89 36.84
CA ASP K 121 -9.18 -51.88 36.89
C ASP K 121 -7.93 -51.24 37.47
N ALA K 122 -7.76 -49.98 37.08
CA ALA K 122 -6.66 -49.15 37.47
C ALA K 122 -5.40 -49.97 37.31
N THR K 123 -5.07 -50.36 36.07
CA THR K 123 -3.86 -51.15 35.85
C THR K 123 -2.69 -50.35 36.34
N ALA K 124 -2.75 -49.05 36.10
CA ALA K 124 -1.73 -48.18 36.62
C ALA K 124 -1.41 -48.50 38.09
N GLY K 125 -2.46 -48.58 38.88
CA GLY K 125 -2.29 -48.88 40.29
C GLY K 125 -1.52 -50.15 40.60
N LEU K 126 -1.82 -51.23 39.90
CA LEU K 126 -1.19 -52.50 40.16
C LEU K 126 0.25 -52.40 39.67
N THR K 127 0.40 -51.70 38.55
CA THR K 127 1.66 -51.52 37.91
C THR K 127 2.52 -50.72 38.86
N HIS K 128 1.90 -49.83 39.64
CA HIS K 128 2.66 -48.96 40.57
C HIS K 128 3.34 -49.79 41.63
N MET K 129 2.62 -50.77 42.18
CA MET K 129 3.16 -51.58 43.24
C MET K 129 4.01 -52.57 42.55
N MET K 130 3.81 -52.70 41.23
CA MET K 130 4.60 -53.63 40.42
C MET K 130 5.99 -53.03 40.41
N ILE K 131 6.09 -51.72 40.44
CA ILE K 131 7.40 -51.07 40.41
C ILE K 131 8.03 -50.93 41.81
N TRP K 132 7.19 -50.67 42.78
CA TRP K 132 7.71 -50.46 44.10
C TRP K 132 8.47 -51.74 44.41
N HIS K 133 7.94 -52.85 43.96
CA HIS K 133 8.58 -54.10 44.23
C HIS K 133 9.86 -54.10 43.43
N SER K 134 9.76 -53.67 42.18
CA SER K 134 10.93 -53.66 41.33
C SER K 134 12.09 -52.90 41.98
N ASN K 135 11.81 -51.66 42.32
CA ASN K 135 12.82 -50.79 42.79
C ASN K 135 13.48 -51.26 44.09
N LEU K 136 12.72 -52.05 44.86
CA LEU K 136 13.17 -52.69 46.06
C LEU K 136 14.05 -53.85 45.70
N ASN K 137 13.81 -54.47 44.56
CA ASN K 137 14.55 -55.67 44.26
C ASN K 137 15.85 -55.29 43.57
N ASP K 138 15.81 -54.21 42.84
CA ASP K 138 16.96 -53.75 42.17
C ASP K 138 17.98 -53.19 43.20
N ALA K 139 17.54 -53.02 44.43
CA ALA K 139 18.42 -52.52 45.49
C ALA K 139 18.77 -53.55 46.53
N THR K 140 17.86 -54.51 46.78
CA THR K 140 18.13 -55.53 47.79
C THR K 140 19.07 -56.55 47.19
N TYR K 141 18.92 -56.81 45.87
CA TYR K 141 19.69 -57.88 45.19
C TYR K 141 20.52 -57.50 43.98
N GLN K 142 21.52 -58.29 43.73
CA GLN K 142 22.36 -58.11 42.58
C GLN K 142 22.16 -59.30 41.69
N ARG K 143 21.82 -59.03 40.43
CA ARG K 143 21.35 -60.11 39.56
C ARG K 143 22.46 -60.51 38.59
N THR K 144 23.48 -61.18 39.12
CA THR K 144 24.65 -61.51 38.33
C THR K 144 24.42 -62.84 37.64
N ARG K 145 23.91 -63.81 38.42
CA ARG K 145 23.68 -65.17 37.91
C ARG K 145 22.99 -65.13 36.54
N ALA K 146 22.02 -64.23 36.43
CA ALA K 146 21.24 -64.10 35.22
C ALA K 146 21.96 -63.39 34.09
N LEU K 147 22.80 -62.40 34.42
CA LEU K 147 23.46 -61.59 33.37
C LEU K 147 24.46 -62.44 32.55
N VAL K 148 25.21 -63.23 33.31
CA VAL K 148 26.28 -64.05 32.78
C VAL K 148 25.70 -65.21 31.96
N ARG K 149 24.73 -65.90 32.58
CA ARG K 149 24.00 -66.97 31.92
C ARG K 149 23.35 -66.45 30.62
N THR K 150 23.06 -65.15 30.55
CA THR K 150 22.63 -64.52 29.30
C THR K 150 23.83 -64.17 28.40
N GLY K 151 24.96 -63.83 29.00
CA GLY K 151 26.15 -63.56 28.20
C GLY K 151 26.41 -62.08 28.19
N MET K 152 26.06 -61.47 29.33
CA MET K 152 26.25 -60.03 29.63
C MET K 152 27.31 -59.93 30.73
N ASP K 153 28.09 -58.88 30.71
CA ASP K 153 29.12 -58.78 31.74
C ASP K 153 28.52 -58.41 33.12
N PRO K 154 28.86 -59.18 34.19
CA PRO K 154 28.32 -58.95 35.53
C PRO K 154 28.50 -57.54 36.01
N ARG K 155 29.55 -56.91 35.53
CA ARG K 155 29.74 -55.49 35.81
C ARG K 155 28.80 -54.55 35.10
N MET K 156 27.72 -55.07 34.52
CA MET K 156 26.72 -54.22 33.85
C MET K 156 25.49 -54.01 34.70
N CYS K 157 25.69 -54.05 36.03
CA CYS K 157 24.67 -53.74 37.05
C CYS K 157 23.83 -52.51 36.80
N SER K 158 24.48 -51.37 36.57
CA SER K 158 23.82 -50.05 36.38
C SER K 158 22.90 -49.93 35.14
N LEU K 159 22.72 -51.04 34.43
CA LEU K 159 21.96 -51.07 33.23
C LEU K 159 20.83 -52.06 33.41
N MET K 160 20.77 -52.77 34.54
CA MET K 160 19.68 -53.72 34.74
C MET K 160 18.50 -53.19 35.59
N GLN K 161 18.17 -51.91 35.45
CA GLN K 161 17.05 -51.35 36.15
C GLN K 161 15.66 -51.86 35.73
N GLY K 162 15.09 -52.72 36.55
CA GLY K 162 13.78 -53.21 36.26
C GLY K 162 13.89 -54.59 35.61
N SER K 163 15.03 -55.26 35.76
CA SER K 163 15.07 -56.58 35.22
C SER K 163 14.03 -57.51 35.91
N THR K 164 13.53 -57.15 37.09
CA THR K 164 12.62 -58.05 37.83
C THR K 164 11.17 -57.77 37.47
N LEU K 165 11.03 -56.68 36.75
CA LEU K 165 9.72 -56.13 36.55
C LEU K 165 8.96 -56.93 35.52
N PRO K 166 7.94 -57.68 35.97
CA PRO K 166 7.18 -58.53 35.02
C PRO K 166 6.82 -57.78 33.71
N ARG K 167 6.95 -58.49 32.60
CA ARG K 167 6.53 -57.99 31.27
C ARG K 167 5.11 -57.40 31.28
N ARG K 168 4.22 -57.98 32.09
CA ARG K 168 2.88 -57.45 32.30
C ARG K 168 2.89 -55.93 32.62
N SER K 169 4.00 -55.43 33.14
CA SER K 169 4.09 -54.00 33.44
C SER K 169 3.60 -53.19 32.25
N GLY K 170 3.08 -52.02 32.55
CA GLY K 170 2.53 -51.20 31.51
C GLY K 170 3.53 -50.48 30.63
N ALA K 171 3.01 -49.59 29.80
CA ALA K 171 3.83 -48.86 28.90
C ALA K 171 4.77 -47.89 29.65
N ALA K 172 4.31 -47.36 30.79
CA ALA K 172 5.05 -46.34 31.54
C ALA K 172 5.82 -47.13 32.59
N GLY K 173 5.55 -48.45 32.56
CA GLY K 173 6.32 -49.43 33.33
C GLY K 173 7.65 -49.81 32.69
N ALA K 174 7.72 -49.84 31.37
CA ALA K 174 8.94 -50.21 30.71
C ALA K 174 9.83 -48.99 30.63
N ALA K 175 9.27 -47.79 30.54
CA ALA K 175 10.13 -46.57 30.46
C ALA K 175 11.15 -46.44 31.61
N VAL K 176 10.90 -47.20 32.69
CA VAL K 176 11.73 -47.12 33.87
C VAL K 176 12.89 -48.06 33.67
N LYS K 177 12.76 -49.00 32.71
CA LYS K 177 13.82 -49.99 32.42
C LYS K 177 15.18 -49.47 31.92
N GLY K 178 16.26 -50.06 32.45
CA GLY K 178 17.59 -49.69 31.97
C GLY K 178 17.89 -50.36 30.62
N VAL K 179 18.82 -49.78 29.88
CA VAL K 179 19.21 -50.25 28.54
C VAL K 179 19.57 -51.75 28.60
N GLY K 180 20.41 -52.08 29.58
CA GLY K 180 20.80 -53.43 29.84
C GLY K 180 19.61 -54.30 30.10
N THR K 181 18.51 -53.74 30.56
CA THR K 181 17.38 -54.62 30.94
C THR K 181 16.80 -55.22 29.68
N MET K 182 16.75 -54.39 28.66
CA MET K 182 16.07 -54.76 27.46
C MET K 182 16.85 -55.87 26.78
N VAL K 183 18.15 -55.63 26.65
CA VAL K 183 19.10 -56.59 26.08
C VAL K 183 18.97 -58.02 26.68
N MET K 184 18.87 -58.17 27.99
CA MET K 184 18.77 -59.49 28.57
C MET K 184 17.57 -60.27 28.05
N GLU K 185 16.56 -59.51 27.61
CA GLU K 185 15.28 -60.07 27.13
C GLU K 185 15.38 -60.57 25.69
N LEU K 186 15.55 -59.60 24.77
CA LEU K 186 15.82 -59.89 23.40
C LEU K 186 16.84 -61.04 23.26
N ILE K 187 18.00 -60.92 23.91
CA ILE K 187 19.00 -62.00 23.91
C ILE K 187 18.40 -63.36 24.32
N ARG K 188 17.43 -63.40 25.22
CA ARG K 188 16.91 -64.71 25.58
C ARG K 188 15.84 -65.12 24.59
N MET K 189 15.06 -64.12 24.18
CA MET K 189 13.99 -64.32 23.20
C MET K 189 14.68 -64.85 21.93
N ILE K 190 15.70 -64.11 21.46
CA ILE K 190 16.57 -64.54 20.35
C ILE K 190 17.32 -65.85 20.63
N LYS K 191 18.01 -65.98 21.78
CA LYS K 191 18.82 -67.16 22.04
C LYS K 191 18.06 -68.49 21.95
N ARG K 192 16.88 -68.57 22.52
CA ARG K 192 16.13 -69.81 22.39
C ARG K 192 15.57 -70.09 20.97
N GLY K 193 15.08 -69.01 20.33
CA GLY K 193 14.55 -69.04 18.93
C GLY K 193 15.65 -69.38 17.94
N ILE K 194 16.65 -68.51 17.83
CA ILE K 194 17.81 -68.75 16.99
C ILE K 194 18.51 -70.02 17.46
N ASN K 195 18.32 -70.50 18.56
CA ASN K 195 18.89 -71.81 18.93
C ASN K 195 17.92 -72.85 18.38
N ARG K 206 4.97 -66.76 16.00
CA ARG K 206 4.49 -66.07 14.82
C ARG K 206 4.41 -64.56 15.03
N ARG K 207 3.47 -64.17 15.89
CA ARG K 207 3.21 -62.79 16.25
C ARG K 207 4.38 -62.23 17.05
N THR K 208 5.24 -63.13 17.54
CA THR K 208 6.45 -62.82 18.28
C THR K 208 7.31 -61.73 17.64
N ARG K 209 7.09 -61.45 16.37
CA ARG K 209 7.87 -60.43 15.62
C ARG K 209 7.60 -58.96 15.99
N ILE K 210 6.33 -58.54 16.03
CA ILE K 210 5.95 -57.18 16.41
C ILE K 210 6.59 -56.80 17.76
N ALA K 211 6.68 -57.79 18.65
CA ALA K 211 7.37 -57.64 19.94
C ALA K 211 8.79 -57.20 19.67
N TYR K 212 9.55 -58.06 18.99
CA TYR K 212 10.98 -57.84 18.78
C TYR K 212 11.27 -56.44 18.25
N GLU K 213 10.55 -56.01 17.22
CA GLU K 213 10.80 -54.69 16.62
C GLU K 213 10.52 -53.59 17.61
N ARG K 214 9.36 -53.68 18.25
CA ARG K 214 9.02 -52.70 19.27
C ARG K 214 10.02 -52.71 20.42
N MET K 215 10.29 -53.90 20.97
CA MET K 215 11.24 -54.05 22.04
C MET K 215 12.49 -53.34 21.65
N CYS K 216 12.79 -53.27 20.35
CA CYS K 216 14.00 -52.53 19.93
C CYS K 216 13.72 -51.04 19.84
N ASN K 217 12.49 -50.69 19.48
CA ASN K 217 12.18 -49.28 19.25
C ASN K 217 12.29 -48.55 20.55
N ILE K 218 11.76 -49.23 21.58
CA ILE K 218 11.90 -48.83 22.99
C ILE K 218 13.38 -48.76 23.30
N LEU K 219 14.07 -49.87 23.03
CA LEU K 219 15.48 -49.98 23.20
C LEU K 219 16.08 -48.73 22.61
N LYS K 220 15.73 -48.44 21.34
CA LYS K 220 16.39 -47.35 20.62
C LYS K 220 16.03 -46.02 21.24
N GLY K 221 14.84 -45.97 21.80
CA GLY K 221 14.36 -44.73 22.37
C GLY K 221 15.05 -44.43 23.69
N LYS K 222 15.87 -45.38 24.16
CA LYS K 222 16.69 -45.17 25.33
C LYS K 222 17.91 -44.34 24.93
N PHE K 223 18.53 -44.70 23.80
CA PHE K 223 19.67 -43.97 23.29
C PHE K 223 19.30 -42.55 22.94
N GLN K 224 20.25 -41.65 23.15
CA GLN K 224 20.10 -40.23 22.86
C GLN K 224 21.27 -39.67 22.06
N THR K 225 21.79 -40.46 21.12
CA THR K 225 22.84 -40.02 20.19
C THR K 225 22.68 -40.65 18.83
N ALA K 226 23.00 -39.89 17.77
CA ALA K 226 22.94 -40.38 16.39
C ALA K 226 23.22 -41.89 16.26
N ALA K 227 24.51 -42.26 16.28
CA ALA K 227 24.99 -43.62 16.02
C ALA K 227 24.25 -44.65 16.87
N GLN K 228 24.18 -44.35 18.17
CA GLN K 228 23.49 -45.19 19.12
C GLN K 228 22.15 -45.51 18.51
N ARG K 229 21.42 -44.45 18.17
CA ARG K 229 20.09 -44.57 17.59
C ARG K 229 20.19 -45.41 16.30
N THR K 230 21.12 -45.05 15.41
CA THR K 230 21.19 -45.70 14.09
C THR K 230 21.55 -47.18 14.20
N MET K 231 22.44 -47.50 15.15
CA MET K 231 22.97 -48.88 15.22
C MET K 231 21.94 -49.92 15.69
N VAL K 232 20.90 -49.39 16.31
CA VAL K 232 19.85 -50.17 16.89
C VAL K 232 19.02 -50.69 15.74
N ASP K 233 18.84 -49.80 14.76
CA ASP K 233 18.15 -50.13 13.51
C ASP K 233 18.89 -51.24 12.76
N GLN K 234 20.21 -51.08 12.61
CA GLN K 234 21.03 -52.07 11.94
C GLN K 234 20.84 -53.45 12.59
N VAL K 235 20.43 -53.45 13.86
CA VAL K 235 20.13 -54.69 14.60
C VAL K 235 18.72 -55.23 14.33
N ARG K 236 17.76 -54.31 14.33
CA ARG K 236 16.38 -54.64 14.08
C ARG K 236 16.09 -55.10 12.63
N GLU K 237 17.12 -55.16 11.80
CA GLU K 237 16.95 -55.54 10.40
C GLU K 237 16.74 -57.04 10.17
N SER K 238 17.32 -57.89 11.02
CA SER K 238 17.30 -59.33 10.80
C SER K 238 16.09 -60.08 11.42
N ARG K 239 15.41 -60.88 10.60
CA ARG K 239 14.26 -61.64 11.08
C ARG K 239 14.71 -62.69 12.07
N ASN K 240 15.77 -63.39 11.71
CA ASN K 240 16.32 -64.41 12.59
C ASN K 240 17.69 -63.92 13.04
N PRO K 241 17.75 -62.86 13.87
CA PRO K 241 19.02 -62.23 14.25
C PRO K 241 19.89 -63.17 15.07
N GLY K 242 21.00 -63.64 14.52
CA GLY K 242 21.80 -64.62 15.24
C GLY K 242 22.89 -63.91 16.02
N ASN K 243 23.93 -64.67 16.38
CA ASN K 243 25.13 -64.10 17.01
C ASN K 243 25.62 -62.77 16.43
N ALA K 244 25.28 -62.50 15.18
CA ALA K 244 25.54 -61.20 14.53
C ALA K 244 25.01 -60.07 15.43
N GLU K 245 23.74 -60.22 15.80
CA GLU K 245 23.03 -59.29 16.67
C GLU K 245 23.50 -59.55 18.12
N PHE K 246 23.31 -60.81 18.58
CA PHE K 246 23.75 -61.27 19.91
C PHE K 246 25.03 -60.54 20.35
N GLU K 247 26.07 -60.60 19.51
CA GLU K 247 27.27 -59.85 19.79
C GLU K 247 27.11 -58.32 19.66
N ASP K 248 26.30 -57.82 18.73
CA ASP K 248 26.28 -56.35 18.55
C ASP K 248 25.57 -55.53 19.66
N LEU K 249 24.47 -56.06 20.21
CA LEU K 249 23.66 -55.33 21.18
C LEU K 249 24.46 -55.25 22.46
N ILE K 250 25.15 -56.35 22.77
CA ILE K 250 26.04 -56.43 23.91
C ILE K 250 26.99 -55.26 23.88
N PHE K 251 27.48 -54.97 22.67
CA PHE K 251 28.32 -53.77 22.41
C PHE K 251 27.61 -52.46 22.90
N LEU K 252 26.47 -52.21 22.26
CA LEU K 252 25.57 -51.10 22.54
C LEU K 252 25.25 -51.08 24.06
N ALA K 253 25.10 -52.26 24.66
CA ALA K 253 24.91 -52.35 26.11
C ALA K 253 26.08 -51.60 26.84
N ARG K 254 27.29 -51.94 26.41
CA ARG K 254 28.46 -51.32 26.95
C ARG K 254 28.60 -49.86 26.55
N SER K 255 28.00 -49.45 25.44
CA SER K 255 28.14 -48.05 25.02
C SER K 255 27.39 -47.12 25.98
N ALA K 256 26.39 -47.68 26.65
CA ALA K 256 25.47 -46.94 27.52
C ALA K 256 26.11 -46.66 28.86
N LEU K 257 27.19 -47.42 29.13
CA LEU K 257 28.04 -47.29 30.31
C LEU K 257 28.77 -46.00 30.21
N ILE K 258 28.82 -45.44 29.01
CA ILE K 258 29.56 -44.22 28.83
C ILE K 258 28.62 -43.15 28.27
N LEU K 259 27.88 -43.53 27.23
CA LEU K 259 26.86 -42.65 26.60
C LEU K 259 25.55 -43.25 27.03
N ARG K 260 25.08 -42.78 28.18
CA ARG K 260 23.97 -43.41 28.83
C ARG K 260 22.75 -43.07 27.98
N GLY K 261 21.63 -43.74 28.26
CA GLY K 261 20.35 -43.38 27.67
C GLY K 261 19.37 -42.69 28.61
N SER K 262 18.17 -42.49 28.09
CA SER K 262 17.11 -41.91 28.87
C SER K 262 16.35 -43.03 29.56
N VAL K 263 16.46 -43.08 30.87
CA VAL K 263 15.63 -43.98 31.67
C VAL K 263 14.98 -43.24 32.80
N ALA K 264 13.66 -43.17 32.73
CA ALA K 264 12.81 -42.65 33.80
C ALA K 264 12.96 -43.39 35.13
N HIS K 265 12.91 -42.61 36.23
CA HIS K 265 12.89 -43.13 37.60
C HIS K 265 11.59 -42.71 38.26
N LYS K 266 10.92 -43.65 38.91
CA LYS K 266 9.61 -43.43 39.54
C LYS K 266 9.69 -43.70 41.06
N SER K 267 9.37 -42.69 41.87
CA SER K 267 9.38 -42.83 43.32
C SER K 267 8.15 -43.57 43.79
N CYS K 268 8.23 -44.87 43.92
CA CYS K 268 7.01 -45.62 44.26
C CYS K 268 7.05 -46.13 45.65
N LEU K 269 6.23 -45.58 46.56
CA LEU K 269 6.28 -45.95 47.99
C LEU K 269 5.40 -47.14 48.27
N PRO K 270 5.61 -47.87 49.38
CA PRO K 270 4.85 -49.05 49.81
C PRO K 270 3.40 -48.73 49.99
N ALA K 271 2.53 -49.72 49.82
CA ALA K 271 1.09 -49.48 49.96
C ALA K 271 0.70 -48.79 51.29
N CYS K 272 1.43 -49.13 52.34
CA CYS K 272 1.07 -48.65 53.64
C CYS K 272 1.19 -47.13 53.70
N VAL K 273 2.17 -46.62 52.99
CA VAL K 273 2.47 -45.23 53.05
C VAL K 273 1.31 -44.48 52.44
N TYR K 274 0.85 -44.88 51.26
CA TYR K 274 -0.33 -44.33 50.62
C TYR K 274 -1.59 -44.61 51.43
N GLY K 275 -1.80 -45.86 51.87
CA GLY K 275 -2.95 -46.14 52.80
C GLY K 275 -3.02 -45.21 53.98
N SER K 276 -1.91 -45.06 54.65
CA SER K 276 -1.89 -44.21 55.81
C SER K 276 -2.23 -42.76 55.45
N ALA K 277 -1.69 -42.27 54.35
CA ALA K 277 -1.89 -40.94 53.85
C ALA K 277 -3.35 -40.69 53.49
N VAL K 278 -3.96 -41.66 52.83
CA VAL K 278 -5.35 -41.55 52.43
C VAL K 278 -6.23 -41.46 53.66
N ALA K 279 -5.89 -42.27 54.64
CA ALA K 279 -6.61 -42.35 55.90
C ALA K 279 -6.47 -41.08 56.70
N SER K 280 -5.35 -40.38 56.55
CA SER K 280 -5.08 -39.12 57.20
C SER K 280 -5.76 -37.96 56.51
N GLY K 281 -6.66 -38.25 55.58
CA GLY K 281 -7.32 -37.17 54.99
C GLY K 281 -6.79 -36.81 53.62
N TYR K 282 -5.52 -37.06 53.30
CA TYR K 282 -5.00 -36.60 52.01
C TYR K 282 -5.78 -37.14 50.92
N ASP K 283 -6.30 -36.24 50.10
CA ASP K 283 -7.18 -36.61 48.99
C ASP K 283 -6.49 -36.28 47.69
N PHE K 284 -5.54 -37.11 47.28
CA PHE K 284 -4.59 -36.81 46.22
C PHE K 284 -5.17 -36.45 44.89
N GLU K 285 -6.12 -37.24 44.39
CA GLU K 285 -6.82 -36.80 43.15
C GLU K 285 -7.25 -35.32 43.13
N ARG K 286 -7.53 -34.74 44.27
CA ARG K 286 -7.93 -33.35 44.33
C ARG K 286 -6.75 -32.48 44.54
N GLU K 287 -5.82 -32.90 45.39
CA GLU K 287 -4.62 -32.09 45.71
C GLU K 287 -3.44 -32.43 44.81
N GLY K 288 -3.56 -33.40 43.92
CA GLY K 288 -2.47 -33.66 43.02
C GLY K 288 -1.32 -34.39 43.68
N TYR K 289 -0.65 -35.21 42.88
CA TYR K 289 0.49 -35.99 43.34
C TYR K 289 1.46 -36.28 42.17
N SER K 290 2.77 -36.49 42.45
CA SER K 290 3.75 -36.89 41.40
C SER K 290 4.57 -38.06 41.86
N LEU K 291 5.27 -38.67 40.90
CA LEU K 291 6.23 -39.72 41.19
C LEU K 291 7.65 -39.25 40.86
N VAL K 292 7.79 -38.03 40.33
CA VAL K 292 9.12 -37.54 39.96
C VAL K 292 9.28 -36.09 40.47
N GLY K 293 8.32 -35.66 41.30
CA GLY K 293 8.44 -34.32 41.90
C GLY K 293 8.78 -34.31 43.36
N ILE K 294 8.28 -33.30 44.03
CA ILE K 294 8.49 -33.17 45.49
C ILE K 294 7.46 -33.97 46.29
N ASP K 295 6.40 -34.43 45.61
CA ASP K 295 5.28 -35.05 46.29
C ASP K 295 5.78 -36.27 47.08
N PRO K 296 6.49 -37.16 46.40
CA PRO K 296 6.87 -38.40 47.07
C PRO K 296 7.79 -38.10 48.22
N PHE K 297 8.82 -37.29 48.04
CA PHE K 297 9.65 -36.99 49.20
C PHE K 297 8.82 -36.41 50.34
N ARG K 298 7.95 -35.45 50.05
CA ARG K 298 7.17 -34.81 51.13
C ARG K 298 6.33 -35.83 51.90
N LEU K 299 5.67 -36.71 51.16
CA LEU K 299 4.91 -37.75 51.77
C LEU K 299 5.78 -38.56 52.71
N LEU K 300 6.97 -38.98 52.27
CA LEU K 300 7.86 -39.76 53.11
C LEU K 300 8.44 -38.92 54.25
N GLN K 301 8.14 -37.63 54.33
CA GLN K 301 8.70 -36.81 55.41
C GLN K 301 7.86 -36.97 56.67
N ASN K 302 6.73 -37.66 56.53
CA ASN K 302 5.80 -37.86 57.66
C ASN K 302 5.34 -39.29 57.84
N SER K 303 5.91 -40.18 57.05
CA SER K 303 5.48 -41.55 57.06
C SER K 303 5.97 -42.22 58.33
N GLN K 304 5.17 -43.10 58.89
CA GLN K 304 5.55 -43.80 60.11
C GLN K 304 5.66 -45.26 59.73
N VAL K 305 6.68 -45.63 58.98
CA VAL K 305 6.77 -47.00 58.55
C VAL K 305 7.67 -47.81 59.47
N TYR K 306 7.15 -48.96 59.89
CA TYR K 306 7.95 -49.87 60.70
C TYR K 306 8.37 -51.12 59.94
N SER K 307 9.48 -51.71 60.38
CA SER K 307 10.00 -52.90 59.73
C SER K 307 10.54 -53.98 60.63
N LEU K 308 10.32 -55.24 60.29
CA LEU K 308 10.90 -56.36 61.05
C LEU K 308 12.37 -56.37 60.79
N ILE K 309 13.10 -56.65 61.87
CA ILE K 309 14.55 -56.56 61.83
C ILE K 309 15.20 -57.69 62.59
N ARG K 310 16.01 -58.48 61.88
CA ARG K 310 16.74 -59.59 62.48
C ARG K 310 17.72 -59.18 63.59
N PRO K 311 18.00 -60.08 64.58
CA PRO K 311 18.78 -59.81 65.83
C PRO K 311 20.10 -59.08 65.63
N ASN K 312 20.89 -59.53 64.68
CA ASN K 312 22.14 -58.82 64.45
C ASN K 312 22.18 -57.69 63.43
N GLU K 313 21.03 -57.30 62.89
CA GLU K 313 21.02 -56.33 61.79
C GLU K 313 21.02 -54.91 62.30
N ASN K 314 21.47 -53.99 61.46
CA ASN K 314 21.60 -52.62 61.84
C ASN K 314 20.42 -51.85 61.35
N PRO K 315 19.62 -51.27 62.28
CA PRO K 315 18.44 -50.48 61.88
C PRO K 315 18.74 -49.39 60.83
N ALA K 316 19.80 -48.64 61.10
CA ALA K 316 20.13 -47.49 60.29
C ALA K 316 20.39 -47.96 58.88
N HIS K 317 20.87 -49.21 58.81
CA HIS K 317 21.28 -49.82 57.57
C HIS K 317 20.00 -50.27 56.87
N LYS K 318 19.04 -50.72 57.67
CA LYS K 318 17.75 -51.18 57.12
C LYS K 318 17.01 -50.05 56.43
N SER K 319 16.85 -48.93 57.15
CA SER K 319 16.21 -47.75 56.63
C SER K 319 16.85 -47.33 55.30
N GLN K 320 18.19 -47.37 55.26
CA GLN K 320 18.86 -46.96 54.06
C GLN K 320 18.28 -47.69 52.88
N LEU K 321 18.29 -49.02 52.96
CA LEU K 321 17.79 -49.92 51.90
C LEU K 321 16.44 -49.44 51.37
N VAL K 322 15.39 -49.60 52.18
CA VAL K 322 14.06 -49.03 51.83
C VAL K 322 14.06 -47.65 51.20
N TRP K 323 14.84 -46.73 51.76
CA TRP K 323 14.93 -45.40 51.21
C TRP K 323 15.40 -45.43 49.76
N MET K 324 16.29 -46.37 49.43
CA MET K 324 16.86 -46.36 48.09
C MET K 324 15.88 -46.99 47.12
N ALA K 325 15.04 -47.89 47.65
CA ALA K 325 13.96 -48.46 46.86
C ALA K 325 12.83 -47.46 46.67
N CYS K 326 12.69 -46.52 47.58
CA CYS K 326 11.64 -45.54 47.34
C CYS K 326 11.91 -44.54 46.21
N HIS K 327 13.17 -44.45 45.80
CA HIS K 327 13.44 -43.61 44.67
C HIS K 327 14.23 -44.24 43.46
N SER K 328 14.46 -45.55 43.46
CA SER K 328 15.19 -46.14 42.33
C SER K 328 16.62 -45.52 42.34
N ALA K 329 17.23 -45.55 43.54
CA ALA K 329 18.56 -44.98 43.73
C ALA K 329 19.48 -46.14 43.98
N ALA K 330 19.24 -47.30 43.34
CA ALA K 330 20.11 -48.46 43.60
C ALA K 330 21.28 -48.43 42.72
N PHE K 331 21.35 -47.50 41.76
CA PHE K 331 22.47 -47.49 40.84
C PHE K 331 22.87 -46.05 40.75
N GLU K 332 22.50 -45.26 41.76
CA GLU K 332 22.83 -43.86 41.70
C GLU K 332 24.25 -43.69 42.28
N ASP K 333 24.87 -42.53 42.07
CA ASP K 333 26.18 -42.30 42.63
C ASP K 333 26.05 -42.12 44.14
N LEU K 334 26.65 -43.01 44.96
CA LEU K 334 26.46 -42.99 46.40
C LEU K 334 26.66 -41.59 46.92
N ARG K 335 27.60 -40.86 46.30
CA ARG K 335 27.92 -39.49 46.74
C ARG K 335 26.71 -38.64 46.77
N VAL K 336 25.99 -38.63 45.66
CA VAL K 336 24.78 -37.81 45.53
C VAL K 336 23.65 -38.33 46.41
N SER K 337 23.41 -39.66 46.39
CA SER K 337 22.43 -40.29 47.26
C SER K 337 22.62 -39.83 48.69
N SER K 338 23.85 -39.83 49.20
CA SER K 338 24.09 -39.41 50.58
C SER K 338 23.89 -37.93 50.74
N PHE K 339 24.09 -37.20 49.64
CA PHE K 339 24.08 -35.77 49.72
C PHE K 339 22.64 -35.40 49.97
N ILE K 340 21.76 -35.92 49.14
CA ILE K 340 20.34 -35.64 49.19
C ILE K 340 19.70 -36.30 50.45
N ARG K 341 20.15 -37.53 50.72
CA ARG K 341 19.69 -38.30 51.84
C ARG K 341 19.84 -37.54 53.14
N GLY K 342 21.01 -36.94 53.32
CA GLY K 342 21.19 -36.20 54.54
C GLY K 342 22.18 -36.88 55.44
N THR K 343 22.41 -38.18 55.17
CA THR K 343 23.30 -39.04 55.95
C THR K 343 24.05 -40.06 55.10
N LYS K 344 25.07 -40.66 55.66
CA LYS K 344 25.78 -41.68 54.88
C LYS K 344 24.90 -42.72 54.15
N VAL K 345 25.21 -42.94 52.88
CA VAL K 345 24.54 -43.95 52.12
C VAL K 345 25.58 -45.02 51.84
N VAL K 346 25.62 -45.96 52.76
CA VAL K 346 26.66 -46.97 52.70
C VAL K 346 26.45 -47.97 51.58
N PRO K 347 27.54 -48.44 50.95
CA PRO K 347 27.54 -49.45 49.86
C PRO K 347 26.93 -50.75 50.26
N ARG K 348 26.54 -51.55 49.26
CA ARG K 348 25.79 -52.76 49.50
C ARG K 348 26.59 -53.70 50.35
N GLY K 349 27.85 -53.94 49.99
CA GLY K 349 28.65 -54.88 50.78
C GLY K 349 28.69 -54.58 52.27
N LYS K 350 28.89 -53.31 52.62
CA LYS K 350 29.00 -52.90 53.98
C LYS K 350 27.65 -52.77 54.63
N LEU K 351 26.60 -53.07 53.87
CA LEU K 351 25.26 -53.00 54.41
C LEU K 351 24.89 -54.21 55.20
N SER K 352 24.43 -53.96 56.42
CA SER K 352 23.99 -55.03 57.29
C SER K 352 22.53 -55.46 57.18
N THR K 353 22.23 -56.28 56.18
CA THR K 353 20.87 -56.78 56.02
C THR K 353 20.83 -57.70 54.79
N ARG K 354 19.87 -58.63 54.84
CA ARG K 354 19.82 -59.72 53.87
C ARG K 354 18.57 -59.52 53.02
N GLY K 355 17.61 -58.75 53.54
CA GLY K 355 16.41 -58.60 52.79
C GLY K 355 15.31 -58.24 53.72
N VAL K 356 14.35 -57.50 53.20
CA VAL K 356 13.32 -56.94 54.02
C VAL K 356 12.24 -57.96 54.38
N GLN K 357 11.99 -58.89 53.44
CA GLN K 357 10.98 -59.93 53.66
C GLN K 357 11.59 -60.99 54.53
N ILE K 358 10.74 -61.57 55.33
CA ILE K 358 11.17 -62.58 56.27
C ILE K 358 10.86 -63.96 55.68
N ALA K 359 11.89 -64.81 55.63
CA ALA K 359 11.73 -66.14 55.09
C ALA K 359 11.12 -67.09 56.10
N SER K 360 10.42 -68.11 55.58
CA SER K 360 9.76 -69.18 56.41
C SER K 360 10.74 -69.94 57.32
N ASN K 361 12.02 -69.83 57.00
CA ASN K 361 13.07 -70.50 57.68
C ASN K 361 13.24 -69.93 59.06
N GLU K 362 13.15 -68.61 59.16
CA GLU K 362 13.57 -67.91 60.37
C GLU K 362 12.60 -68.11 61.45
N ASN K 363 12.90 -67.67 62.66
CA ASN K 363 11.95 -67.86 63.73
C ASN K 363 11.60 -66.54 64.26
N MET K 364 10.47 -66.46 64.95
CA MET K 364 10.03 -65.19 65.50
C MET K 364 10.58 -64.88 66.90
N GLU K 365 11.11 -65.90 67.57
CA GLU K 365 11.47 -65.72 68.96
C GLU K 365 12.52 -64.63 68.95
N THR K 366 13.52 -64.78 68.08
CA THR K 366 14.63 -63.85 68.03
C THR K 366 14.38 -62.80 66.98
N MET K 367 13.23 -62.16 67.03
CA MET K 367 12.88 -61.19 66.00
C MET K 367 12.28 -59.96 66.66
N GLU K 368 12.65 -58.78 66.18
CA GLU K 368 12.12 -57.53 66.71
C GLU K 368 11.97 -56.55 65.54
N SER K 369 11.52 -55.33 65.83
CA SER K 369 11.13 -54.42 64.75
C SER K 369 11.57 -52.99 65.02
N SER K 370 12.04 -52.27 64.01
CA SER K 370 12.45 -50.90 64.19
C SER K 370 11.67 -49.92 63.31
N THR K 371 11.81 -48.63 63.60
CA THR K 371 11.12 -47.60 62.87
C THR K 371 12.08 -47.08 61.79
N LEU K 372 11.61 -47.17 60.55
CA LEU K 372 12.42 -46.91 59.38
C LEU K 372 12.62 -45.42 59.22
N GLU K 373 13.86 -44.99 59.03
CA GLU K 373 14.18 -43.59 58.77
C GLU K 373 14.11 -43.31 57.26
N LEU K 374 13.00 -42.72 56.83
CA LEU K 374 12.80 -42.45 55.38
C LEU K 374 12.88 -40.98 54.95
N ARG K 375 12.98 -40.09 55.95
CA ARG K 375 13.15 -38.68 55.69
C ARG K 375 14.43 -38.43 54.90
N SER K 376 14.46 -37.35 54.11
CA SER K 376 15.66 -36.97 53.38
C SER K 376 15.98 -35.51 53.60
N ARG K 377 17.19 -35.11 53.26
CA ARG K 377 17.62 -33.74 53.50
C ARG K 377 16.99 -32.84 52.45
N TYR K 378 17.36 -33.04 51.20
CA TYR K 378 16.78 -32.29 50.11
C TYR K 378 16.01 -33.25 49.22
N TRP K 379 15.58 -32.77 48.06
CA TRP K 379 14.96 -33.55 47.02
C TRP K 379 15.43 -33.10 45.68
N ALA K 380 15.22 -33.97 44.69
CA ALA K 380 15.67 -33.71 43.35
C ALA K 380 14.77 -34.25 42.23
N ILE K 381 14.68 -33.52 41.13
CA ILE K 381 13.75 -33.97 40.12
C ILE K 381 14.17 -35.36 39.59
N ARG K 382 13.55 -36.46 39.99
CA ARG K 382 14.00 -37.76 39.46
C ARG K 382 14.01 -37.59 37.94
N THR K 383 15.19 -37.69 37.27
CA THR K 383 15.26 -37.52 35.79
C THR K 383 15.13 -38.80 34.98
N ARG K 384 15.23 -38.62 33.66
CA ARG K 384 15.16 -39.72 32.71
C ARG K 384 16.43 -39.78 31.86
N SER K 385 16.90 -38.58 31.50
CA SER K 385 18.15 -38.37 30.78
C SER K 385 19.41 -39.05 31.34
N GLY K 386 20.22 -39.63 30.47
CA GLY K 386 21.53 -40.14 30.87
C GLY K 386 22.71 -39.15 30.79
N GLY K 387 22.45 -37.84 30.54
CA GLY K 387 23.56 -36.85 30.26
C GLY K 387 24.31 -37.03 28.93
N ASN K 388 24.85 -35.93 28.37
CA ASN K 388 25.77 -36.05 27.22
C ASN K 388 26.72 -34.82 27.03
N THR K 389 27.90 -35.05 26.43
CA THR K 389 28.81 -33.94 26.08
C THR K 389 29.06 -33.83 24.56
N GLN K 398 31.32 -42.17 -16.61
CA GLN K 398 30.39 -41.04 -16.62
C GLN K 398 31.04 -39.70 -16.22
N ILE K 399 30.32 -38.58 -16.39
CA ILE K 399 30.84 -37.22 -16.12
C ILE K 399 29.72 -36.30 -15.59
N SER K 400 28.49 -36.71 -15.84
CA SER K 400 27.33 -36.01 -15.37
C SER K 400 26.27 -37.03 -14.98
N ILE K 401 25.32 -36.60 -14.17
CA ILE K 401 24.21 -37.43 -13.77
C ILE K 401 22.90 -36.99 -14.43
N GLN K 402 22.24 -37.93 -15.11
CA GLN K 402 20.88 -37.69 -15.69
C GLN K 402 19.82 -37.84 -14.61
N PRO K 403 19.03 -36.82 -14.35
CA PRO K 403 18.13 -36.96 -13.20
C PRO K 403 16.85 -37.77 -13.51
N THR K 404 16.49 -38.69 -12.62
CA THR K 404 15.34 -39.54 -12.89
C THR K 404 14.24 -39.17 -11.97
N PHE K 405 14.51 -38.50 -10.86
CA PHE K 405 13.41 -38.16 -9.96
C PHE K 405 13.35 -36.69 -9.58
N SER K 406 12.24 -36.30 -9.00
CA SER K 406 12.05 -34.91 -8.66
C SER K 406 12.39 -34.77 -7.17
N VAL K 407 13.63 -34.41 -6.87
CA VAL K 407 14.03 -34.15 -5.48
C VAL K 407 15.09 -33.06 -5.37
N GLN K 408 15.23 -32.49 -4.18
CA GLN K 408 16.29 -31.53 -3.92
C GLN K 408 17.68 -32.18 -3.96
N ARG K 409 18.30 -32.04 -5.11
CA ARG K 409 19.59 -32.68 -5.36
C ARG K 409 20.56 -31.88 -6.21
N ASN K 410 21.73 -31.62 -5.60
CA ASN K 410 22.84 -31.02 -6.34
C ASN K 410 23.14 -31.92 -7.54
N LEU K 411 23.02 -31.41 -8.74
CA LEU K 411 23.26 -32.32 -9.83
C LEU K 411 24.73 -32.40 -10.23
N PRO K 412 25.40 -33.56 -10.03
CA PRO K 412 26.83 -33.75 -10.36
C PRO K 412 27.26 -33.76 -11.81
N SER K 431 30.66 -46.68 7.76
CA SER K 431 31.55 -47.87 7.79
C SER K 431 30.99 -48.90 8.76
N ASP K 432 31.63 -49.05 9.93
CA ASP K 432 31.05 -49.85 11.01
C ASP K 432 30.46 -48.84 11.96
N MET K 433 29.16 -48.87 12.21
CA MET K 433 28.58 -47.88 13.14
C MET K 433 29.19 -48.02 14.55
N ARG K 434 29.79 -49.19 14.80
CA ARG K 434 30.56 -49.43 16.02
C ARG K 434 31.60 -48.36 16.19
N THR K 435 32.40 -48.20 15.15
CA THR K 435 33.47 -47.20 15.09
C THR K 435 32.98 -45.83 15.55
N GLU K 436 31.86 -45.40 14.97
CA GLU K 436 31.30 -44.13 15.31
C GLU K 436 31.21 -44.00 16.85
N ILE K 437 30.61 -45.00 17.48
CA ILE K 437 30.40 -45.01 18.92
C ILE K 437 31.71 -45.10 19.67
N ILE K 438 32.52 -46.09 19.31
CA ILE K 438 33.82 -46.28 19.94
C ILE K 438 34.59 -44.96 19.95
N ARG K 439 34.44 -44.20 18.88
CA ARG K 439 35.08 -42.90 18.75
C ARG K 439 34.42 -41.90 19.72
N LEU K 440 33.13 -42.09 19.99
CA LEU K 440 32.42 -41.19 20.88
C LEU K 440 32.74 -41.60 22.30
N MET K 441 32.43 -42.87 22.63
CA MET K 441 32.99 -43.49 23.86
C MET K 441 34.34 -42.86 24.37
N GLU K 442 35.38 -42.91 23.52
CA GLU K 442 36.68 -42.31 23.78
C GLU K 442 36.73 -40.90 24.38
N SER K 443 36.13 -39.92 23.68
CA SER K 443 36.30 -38.53 24.09
C SER K 443 35.66 -38.28 25.44
N ALA K 444 34.98 -39.31 25.93
CA ALA K 444 34.21 -39.22 27.16
C ALA K 444 35.05 -39.44 28.43
N ARG K 445 35.03 -38.44 29.31
CA ARG K 445 35.70 -38.55 30.62
C ARG K 445 34.71 -38.67 31.82
N PRO K 446 35.08 -39.51 32.79
CA PRO K 446 34.19 -39.76 33.89
C PRO K 446 33.90 -38.50 34.59
N GLU K 447 34.85 -37.56 34.55
CA GLU K 447 34.68 -36.23 35.18
C GLU K 447 33.73 -35.31 34.45
N ASP K 448 33.29 -35.73 33.24
CA ASP K 448 32.38 -34.95 32.40
C ASP K 448 31.08 -34.60 33.09
N VAL K 449 30.89 -33.33 33.36
CA VAL K 449 29.75 -32.83 34.12
C VAL K 449 28.46 -33.05 33.36
N SER K 450 27.43 -33.65 33.97
CA SER K 450 26.06 -33.74 33.40
C SER K 450 24.99 -32.89 34.13
N PHE K 451 23.81 -32.74 33.51
CA PHE K 451 22.73 -31.96 34.11
C PHE K 451 23.25 -30.59 34.55
N GLN K 452 23.99 -29.96 33.65
CA GLN K 452 24.61 -28.65 33.91
C GLN K 452 23.55 -27.67 34.44
N GLY K 453 23.83 -26.96 35.53
CA GLY K 453 22.83 -26.06 36.08
C GLY K 453 21.72 -26.65 36.98
N ARG K 454 21.32 -27.92 36.73
CA ARG K 454 20.33 -28.65 37.56
C ARG K 454 20.87 -28.82 38.94
N GLY K 455 20.02 -28.68 39.95
CA GLY K 455 20.45 -28.81 41.35
C GLY K 455 19.46 -29.55 42.24
N VAL K 456 19.56 -29.29 43.55
CA VAL K 456 18.75 -30.03 44.51
C VAL K 456 17.84 -29.01 45.14
N PHE K 457 16.69 -29.46 45.62
CA PHE K 457 15.79 -28.49 46.20
C PHE K 457 15.56 -28.77 47.66
N GLU K 458 15.40 -27.70 48.42
CA GLU K 458 15.00 -27.81 49.81
C GLU K 458 13.60 -28.40 49.85
N LEU K 459 13.25 -28.97 51.00
CA LEU K 459 11.95 -29.58 51.14
C LEU K 459 10.87 -28.53 51.37
N SER K 460 11.26 -27.27 51.65
CA SER K 460 10.31 -26.17 51.70
C SER K 460 9.98 -25.69 50.27
N ASP K 461 10.93 -25.81 49.36
CA ASP K 461 10.81 -25.27 48.02
C ASP K 461 9.87 -26.09 47.18
N GLU K 462 8.60 -25.82 47.39
CA GLU K 462 7.54 -26.66 46.80
C GLU K 462 7.57 -26.60 45.30
N LYS K 463 7.60 -25.36 44.83
CA LYS K 463 7.79 -25.01 43.44
C LYS K 463 9.23 -25.36 43.09
N ALA K 464 9.54 -25.47 41.81
CA ALA K 464 10.95 -25.74 41.50
C ALA K 464 11.81 -24.46 41.46
N THR K 465 11.39 -23.46 42.20
CA THR K 465 11.99 -22.15 42.19
C THR K 465 13.47 -22.11 42.28
N SER K 466 14.02 -22.18 43.49
CA SER K 466 15.46 -22.06 43.67
C SER K 466 16.26 -23.36 43.83
N PRO K 467 17.17 -23.62 42.88
CA PRO K 467 18.00 -24.85 42.80
C PRO K 467 19.26 -24.71 43.63
N ILE K 468 19.89 -25.83 44.01
CA ILE K 468 21.09 -25.78 44.83
C ILE K 468 22.09 -26.68 44.22
N VAL K 469 23.28 -26.17 43.99
CA VAL K 469 24.32 -26.96 43.35
C VAL K 469 25.28 -27.57 44.38
N PRO K 470 25.42 -28.90 44.35
CA PRO K 470 26.29 -29.60 45.26
C PRO K 470 27.73 -29.62 44.81
N SER K 471 28.60 -29.48 45.79
CA SER K 471 30.02 -29.47 45.52
C SER K 471 30.54 -30.71 46.25
N PHE K 472 31.06 -31.67 45.50
CA PHE K 472 31.55 -32.94 46.10
C PHE K 472 32.99 -32.98 46.66
N ASP K 473 33.68 -31.84 46.66
CA ASP K 473 34.99 -31.79 47.28
C ASP K 473 34.70 -32.21 48.71
N MET K 474 35.09 -33.42 49.08
CA MET K 474 34.62 -33.98 50.37
C MET K 474 35.15 -35.38 50.65
N SER K 475 35.15 -35.81 51.91
CA SER K 475 35.63 -37.16 52.20
C SER K 475 34.43 -38.01 52.00
N ASN K 476 34.28 -38.53 50.79
CA ASN K 476 33.11 -39.32 50.40
C ASN K 476 33.29 -40.77 50.85
N GLU K 477 32.48 -41.67 50.31
CA GLU K 477 32.56 -43.08 50.69
C GLU K 477 32.29 -43.99 49.46
N GLY K 478 32.81 -43.62 48.29
CA GLY K 478 32.49 -44.42 47.10
C GLY K 478 31.42 -43.80 46.18
N SER K 479 31.18 -44.49 45.06
CA SER K 479 30.16 -44.08 44.15
C SER K 479 29.32 -45.26 43.67
N TYR K 480 29.81 -46.46 43.80
CA TYR K 480 29.13 -47.62 43.29
C TYR K 480 28.45 -48.46 44.38
N PHE K 481 27.14 -48.25 44.62
CA PHE K 481 26.43 -49.09 45.56
C PHE K 481 26.80 -50.57 45.46
N PHE K 482 27.18 -51.04 44.26
CA PHE K 482 27.52 -52.44 44.09
C PHE K 482 29.02 -52.70 43.76
N ASN L 14 -11.08 -23.67 27.27
CA ASN L 14 -10.82 -24.62 28.41
C ASN L 14 -12.06 -25.44 28.81
N ALA L 15 -12.14 -26.58 28.14
CA ALA L 15 -13.21 -27.56 28.30
C ALA L 15 -12.92 -28.54 29.44
N THR L 16 -12.01 -28.21 30.35
CA THR L 16 -11.68 -29.15 31.41
C THR L 16 -12.53 -28.87 32.64
N GLU L 17 -12.27 -27.75 33.28
CA GLU L 17 -12.99 -27.42 34.50
C GLU L 17 -14.45 -27.18 34.15
N ILE L 18 -14.69 -26.08 33.44
CA ILE L 18 -16.05 -25.64 33.09
C ILE L 18 -16.94 -26.80 32.58
N ARG L 19 -16.45 -27.62 31.63
CA ARG L 19 -17.33 -28.65 31.08
C ARG L 19 -17.47 -29.87 31.97
N ALA L 20 -16.46 -30.14 32.77
CA ALA L 20 -16.45 -31.37 33.52
C ALA L 20 -16.84 -31.13 34.98
N SER L 21 -16.56 -29.93 35.48
CA SER L 21 -16.93 -29.60 36.84
C SER L 21 -18.44 -29.42 36.97
N VAL L 22 -19.06 -29.10 35.84
CA VAL L 22 -20.48 -28.83 35.90
C VAL L 22 -21.16 -30.16 35.64
N GLY L 23 -20.40 -31.03 34.99
CA GLY L 23 -20.84 -32.41 34.84
C GLY L 23 -20.93 -33.11 36.18
N LYS L 24 -20.01 -32.72 37.06
CA LYS L 24 -19.93 -33.34 38.33
C LYS L 24 -21.08 -32.85 39.16
N MET L 25 -21.53 -31.64 38.87
CA MET L 25 -22.64 -31.15 39.67
C MET L 25 -23.93 -31.77 39.14
N ILE L 26 -23.93 -32.18 37.87
CA ILE L 26 -25.08 -32.78 37.28
C ILE L 26 -25.21 -34.24 37.77
N ASP L 27 -24.07 -34.94 37.86
CA ASP L 27 -23.98 -36.31 38.40
C ASP L 27 -24.60 -36.32 39.78
N GLY L 28 -24.35 -35.27 40.56
CA GLY L 28 -24.84 -35.33 41.92
C GLY L 28 -26.35 -35.37 41.92
N ILE L 29 -26.96 -34.51 41.11
CA ILE L 29 -28.39 -34.38 41.13
C ILE L 29 -28.95 -35.72 40.69
N GLY L 30 -28.34 -36.29 39.65
CA GLY L 30 -28.76 -37.58 39.11
C GLY L 30 -28.75 -38.64 40.22
N ARG L 31 -27.55 -39.07 40.58
CA ARG L 31 -27.32 -39.96 41.70
C ARG L 31 -28.31 -39.73 42.84
N PHE L 32 -28.39 -38.49 43.33
CA PHE L 32 -29.32 -38.23 44.41
C PHE L 32 -30.80 -38.65 44.05
N TYR L 33 -31.32 -38.10 42.96
CA TYR L 33 -32.63 -38.46 42.50
C TYR L 33 -32.84 -39.95 42.45
N ILE L 34 -31.85 -40.69 42.01
CA ILE L 34 -31.95 -42.13 41.97
C ILE L 34 -32.09 -42.70 43.40
N GLN L 35 -31.23 -42.24 44.30
CA GLN L 35 -31.26 -42.70 45.72
C GLN L 35 -32.59 -42.42 46.33
N MET L 36 -32.99 -41.19 46.18
CA MET L 36 -34.26 -40.76 46.69
C MET L 36 -35.42 -41.50 46.06
N CYS L 37 -35.33 -41.85 44.79
CA CYS L 37 -36.38 -42.69 44.27
C CYS L 37 -36.34 -44.04 44.91
N THR L 38 -35.15 -44.56 45.12
CA THR L 38 -35.03 -45.89 45.73
C THR L 38 -35.63 -45.94 47.16
N GLU L 39 -35.69 -44.80 47.84
CA GLU L 39 -36.27 -44.75 49.18
C GLU L 39 -37.77 -44.83 49.04
N LEU L 40 -38.31 -43.90 48.27
CA LEU L 40 -39.74 -43.88 48.11
C LEU L 40 -40.26 -45.17 47.47
N LYS L 41 -39.35 -46.03 47.05
CA LYS L 41 -39.73 -47.28 46.43
C LYS L 41 -40.63 -47.00 45.25
N LEU L 42 -40.45 -45.88 44.54
CA LEU L 42 -41.16 -45.64 43.25
C LEU L 42 -40.73 -46.54 42.07
N SER L 43 -41.60 -46.61 41.07
CA SER L 43 -41.34 -47.39 39.87
C SER L 43 -40.61 -46.54 38.82
N ASP L 44 -40.29 -47.15 37.69
CA ASP L 44 -39.65 -46.41 36.60
C ASP L 44 -40.61 -45.37 36.08
N TYR L 45 -41.83 -45.78 35.78
CA TYR L 45 -42.78 -44.80 35.29
C TYR L 45 -43.03 -43.76 36.33
N GLU L 46 -42.96 -44.15 37.58
CA GLU L 46 -43.29 -43.23 38.65
C GLU L 46 -42.10 -42.37 39.05
N GLY L 47 -40.94 -42.61 38.46
CA GLY L 47 -39.78 -41.79 38.77
C GLY L 47 -39.62 -40.80 37.65
N ARG L 48 -40.36 -41.04 36.57
CA ARG L 48 -40.27 -40.15 35.41
C ARG L 48 -41.38 -39.10 35.40
N LEU L 49 -42.13 -39.09 36.50
CA LEU L 49 -43.26 -38.21 36.62
C LEU L 49 -42.82 -36.85 37.11
N ILE L 50 -42.69 -35.93 36.19
CA ILE L 50 -42.23 -34.61 36.57
C ILE L 50 -42.81 -34.13 37.85
N GLN L 51 -44.03 -34.55 38.16
CA GLN L 51 -44.70 -34.21 39.41
C GLN L 51 -43.84 -34.68 40.59
N ASN L 52 -43.70 -35.98 40.75
CA ASN L 52 -42.87 -36.50 41.81
C ASN L 52 -41.51 -35.89 41.78
N SER L 53 -40.89 -35.71 40.61
CA SER L 53 -39.56 -35.16 40.61
C SER L 53 -39.57 -33.82 41.32
N LEU L 54 -40.47 -32.94 40.93
CA LEU L 54 -40.57 -31.63 41.58
C LEU L 54 -40.61 -31.70 43.09
N THR L 55 -41.54 -32.47 43.59
CA THR L 55 -41.70 -32.62 45.01
C THR L 55 -40.34 -32.94 45.63
N ILE L 56 -39.64 -33.91 45.06
CA ILE L 56 -38.34 -34.27 45.60
C ILE L 56 -37.38 -33.08 45.59
N GLU L 57 -37.35 -32.35 44.49
CA GLU L 57 -36.40 -31.28 44.36
C GLU L 57 -36.64 -30.24 45.44
N ARG L 58 -37.90 -29.99 45.73
CA ARG L 58 -38.22 -28.95 46.70
C ARG L 58 -37.95 -29.42 48.14
N MET L 59 -38.28 -30.69 48.46
CA MET L 59 -37.88 -31.37 49.72
C MET L 59 -36.43 -31.13 50.06
N VAL L 60 -35.64 -30.88 49.05
CA VAL L 60 -34.24 -30.85 49.31
C VAL L 60 -33.83 -29.45 49.50
N LEU L 61 -34.29 -28.56 48.63
CA LEU L 61 -33.91 -27.17 48.73
C LEU L 61 -34.44 -26.59 50.06
N SER L 62 -35.59 -27.10 50.51
CA SER L 62 -36.16 -26.71 51.79
C SER L 62 -35.22 -27.17 52.91
N ALA L 63 -34.82 -28.43 52.83
CA ALA L 63 -34.00 -28.98 53.90
C ALA L 63 -32.62 -28.31 53.94
N PHE L 64 -32.14 -27.78 52.85
CA PHE L 64 -30.85 -27.15 52.88
C PHE L 64 -30.99 -25.64 53.00
N ASP L 65 -32.13 -25.19 53.53
CA ASP L 65 -32.47 -23.75 53.64
C ASP L 65 -33.83 -23.47 54.33
N THR L 85 -38.96 -32.16 56.10
CA THR L 85 -40.00 -31.64 55.21
C THR L 85 -40.64 -32.78 54.48
N GLY L 86 -41.75 -32.48 53.80
CA GLY L 86 -42.55 -33.52 53.16
C GLY L 86 -43.02 -32.97 51.83
N GLY L 87 -43.96 -33.67 51.19
CA GLY L 87 -44.49 -33.21 49.92
C GLY L 87 -45.42 -34.22 49.28
N PRO L 88 -46.04 -33.80 48.15
CA PRO L 88 -47.03 -34.59 47.42
C PRO L 88 -46.35 -35.64 46.54
N ILE L 89 -46.72 -36.89 46.73
CA ILE L 89 -46.10 -37.95 45.94
C ILE L 89 -47.13 -38.85 45.29
N TYR L 90 -47.17 -38.83 43.97
CA TYR L 90 -48.18 -39.59 43.24
C TYR L 90 -47.76 -41.01 42.86
N ARG L 91 -48.69 -41.94 43.10
CA ARG L 91 -48.43 -43.34 42.93
C ARG L 91 -49.37 -43.91 41.88
N ARG L 92 -48.98 -45.03 41.27
CA ARG L 92 -49.79 -45.62 40.19
C ARG L 92 -50.37 -46.95 40.61
N VAL L 93 -51.69 -47.02 40.79
CA VAL L 93 -52.36 -48.32 41.04
C VAL L 93 -53.22 -48.69 39.84
N ASP L 94 -53.52 -49.98 39.68
CA ASP L 94 -54.39 -50.47 38.59
C ASP L 94 -55.32 -49.35 38.14
N GLY L 95 -55.05 -48.73 36.99
CA GLY L 95 -55.96 -47.74 36.45
C GLY L 95 -55.73 -46.30 36.82
N LYS L 96 -55.81 -45.99 38.11
CA LYS L 96 -55.84 -44.58 38.61
C LYS L 96 -54.66 -44.12 39.42
N TRP L 97 -54.52 -42.82 39.61
CA TRP L 97 -53.32 -42.31 40.27
C TRP L 97 -53.60 -41.93 41.71
N ARG L 98 -52.77 -42.41 42.63
CA ARG L 98 -52.99 -42.14 44.04
C ARG L 98 -51.95 -41.15 44.56
N ARG L 99 -52.44 -40.05 45.14
CA ARG L 99 -51.56 -39.02 45.71
C ARG L 99 -51.21 -39.36 47.16
N GLU L 100 -49.95 -39.53 47.50
CA GLU L 100 -49.53 -39.69 48.89
C GLU L 100 -48.93 -38.45 49.51
N LEU L 101 -49.38 -38.11 50.71
CA LEU L 101 -48.82 -36.97 51.38
C LEU L 101 -47.78 -37.49 52.33
N ILE L 102 -46.48 -37.23 52.09
CA ILE L 102 -45.44 -37.81 52.95
C ILE L 102 -44.48 -36.82 53.53
N LEU L 103 -43.76 -37.26 54.56
CA LEU L 103 -42.78 -36.40 55.27
C LEU L 103 -41.45 -37.15 55.49
N TYR L 104 -40.34 -36.44 55.40
CA TYR L 104 -39.00 -37.04 55.58
C TYR L 104 -38.11 -36.26 56.57
N ASP L 105 -37.21 -36.96 57.25
CA ASP L 105 -36.34 -36.29 58.16
C ASP L 105 -35.56 -35.20 57.46
N LYS L 106 -35.88 -33.95 57.73
CA LYS L 106 -35.16 -32.86 57.05
C LYS L 106 -33.66 -33.13 56.98
N GLU L 107 -33.11 -33.89 57.94
CA GLU L 107 -31.66 -34.09 57.97
C GLU L 107 -31.33 -35.32 57.17
N GLU L 108 -32.18 -36.32 57.29
CA GLU L 108 -31.98 -37.45 56.45
C GLU L 108 -31.78 -37.00 54.99
N ILE L 109 -32.59 -36.03 54.55
CA ILE L 109 -32.52 -35.54 53.16
C ILE L 109 -31.17 -34.95 52.92
N ARG L 110 -30.73 -34.16 53.89
CA ARG L 110 -29.44 -33.52 53.76
C ARG L 110 -28.32 -34.56 53.76
N ARG L 111 -28.57 -35.68 54.43
CA ARG L 111 -27.59 -36.72 54.50
C ARG L 111 -27.44 -37.43 53.13
N ILE L 112 -28.60 -37.82 52.61
CA ILE L 112 -28.62 -38.52 51.33
C ILE L 112 -28.04 -37.67 50.22
N TRP L 113 -28.33 -36.37 50.26
CA TRP L 113 -27.82 -35.43 49.29
C TRP L 113 -26.29 -35.52 49.26
N ARG L 114 -25.62 -35.30 50.39
CA ARG L 114 -24.14 -35.24 50.38
C ARG L 114 -23.58 -36.59 49.97
N GLN L 115 -24.18 -37.66 50.48
CA GLN L 115 -23.78 -38.95 50.07
C GLN L 115 -23.59 -38.99 48.56
N ALA L 116 -24.53 -38.39 47.82
CA ALA L 116 -24.48 -38.42 46.36
C ALA L 116 -23.37 -37.54 45.86
N ASN L 117 -23.22 -36.36 46.43
CA ASN L 117 -22.09 -35.46 46.05
C ASN L 117 -20.75 -35.67 46.77
N ASN L 118 -20.44 -36.90 47.16
CA ASN L 118 -19.21 -37.14 47.89
C ASN L 118 -19.08 -36.41 49.24
N GLY L 119 -20.20 -36.22 49.92
CA GLY L 119 -20.14 -35.52 51.18
C GLY L 119 -19.87 -34.05 51.00
N ASP L 120 -19.91 -33.59 49.74
CA ASP L 120 -19.81 -32.17 49.47
C ASP L 120 -21.13 -31.46 49.63
N ASP L 121 -21.10 -30.15 49.51
CA ASP L 121 -22.33 -29.37 49.65
C ASP L 121 -22.99 -29.18 48.30
N ALA L 122 -22.11 -28.99 47.33
CA ALA L 122 -22.45 -28.77 45.95
C ALA L 122 -23.57 -27.74 45.92
N THR L 123 -23.28 -26.52 46.37
CA THR L 123 -24.32 -25.49 46.37
C THR L 123 -24.78 -25.29 44.96
N ALA L 124 -23.84 -25.36 44.04
CA ALA L 124 -24.20 -25.30 42.64
C ALA L 124 -25.39 -26.20 42.33
N GLY L 125 -25.30 -27.44 42.77
CA GLY L 125 -26.36 -28.39 42.53
C GLY L 125 -27.74 -27.96 43.02
N LEU L 126 -27.82 -27.41 44.21
CA LEU L 126 -29.09 -27.01 44.79
C LEU L 126 -29.56 -25.79 44.03
N THR L 127 -28.59 -24.94 43.70
CA THR L 127 -28.84 -23.72 43.01
C THR L 127 -29.38 -24.06 41.65
N HIS L 128 -28.95 -25.20 41.09
CA HIS L 128 -29.37 -25.62 39.75
C HIS L 128 -30.85 -25.90 39.73
N MET L 129 -31.35 -26.59 40.75
CA MET L 129 -32.74 -26.96 40.80
C MET L 129 -33.43 -25.74 41.29
N MET L 130 -32.65 -24.81 41.84
CA MET L 130 -33.19 -23.55 42.35
C MET L 130 -33.61 -22.80 41.09
N ILE L 131 -32.90 -22.98 40.01
CA ILE L 131 -33.24 -22.29 38.76
C ILE L 131 -34.31 -23.02 37.92
N TRP L 132 -34.22 -24.33 37.94
CA TRP L 132 -35.14 -25.07 37.14
C TRP L 132 -36.51 -24.65 37.62
N HIS L 133 -36.62 -24.43 38.91
CA HIS L 133 -37.88 -24.05 39.46
C HIS L 133 -38.15 -22.65 38.97
N SER L 134 -37.13 -21.81 39.01
CA SER L 134 -37.32 -20.43 38.57
C SER L 134 -37.88 -20.38 37.14
N ASN L 135 -37.18 -21.02 36.25
CA ASN L 135 -37.49 -20.92 34.86
C ASN L 135 -38.87 -21.46 34.51
N LEU L 136 -39.35 -22.39 35.36
CA LEU L 136 -40.66 -22.95 35.29
C LEU L 136 -41.67 -21.94 35.81
N ASN L 137 -41.26 -21.09 36.72
CA ASN L 137 -42.23 -20.22 37.33
C ASN L 137 -42.35 -18.96 36.49
N ASP L 138 -41.26 -18.60 35.85
CA ASP L 138 -41.26 -17.46 35.02
C ASP L 138 -42.08 -17.74 33.73
N ALA L 139 -42.43 -19.00 33.53
CA ALA L 139 -43.23 -19.37 32.35
C ALA L 139 -44.63 -19.80 32.70
N THR L 140 -44.83 -20.38 33.88
CA THR L 140 -46.15 -20.83 34.26
C THR L 140 -46.96 -19.64 34.69
N TYR L 141 -46.29 -18.65 35.33
CA TYR L 141 -46.99 -17.48 35.92
C TYR L 141 -46.54 -16.10 35.48
N GLN L 142 -47.45 -15.16 35.60
CA GLN L 142 -47.16 -13.79 35.28
C GLN L 142 -47.25 -13.02 36.56
N ARG L 143 -46.20 -12.28 36.89
CA ARG L 143 -46.09 -11.71 38.23
C ARG L 143 -46.39 -10.22 38.17
N THR L 144 -47.68 -9.91 37.98
CA THR L 144 -48.09 -8.52 37.79
C THR L 144 -48.37 -7.90 39.15
N ARG L 145 -49.10 -8.65 39.98
CA ARG L 145 -49.49 -8.17 41.31
C ARG L 145 -48.30 -7.52 42.04
N ALA L 146 -47.15 -8.16 41.91
CA ALA L 146 -45.95 -7.72 42.56
C ALA L 146 -45.30 -6.52 41.90
N LEU L 147 -45.36 -6.44 40.56
CA LEU L 147 -44.66 -5.36 39.84
C LEU L 147 -45.28 -3.98 40.16
N VAL L 148 -46.61 -3.98 40.15
CA VAL L 148 -47.41 -2.78 40.33
C VAL L 148 -47.31 -2.31 41.79
N ARG L 149 -47.52 -3.26 42.72
CA ARG L 149 -47.37 -2.99 44.14
C ARG L 149 -45.96 -2.46 44.44
N THR L 150 -44.98 -2.80 43.60
CA THR L 150 -43.64 -2.19 43.68
C THR L 150 -43.60 -0.83 42.98
N GLY L 151 -44.39 -0.67 41.91
CA GLY L 151 -44.44 0.63 41.25
C GLY L 151 -43.70 0.54 39.94
N MET L 152 -43.78 -0.66 39.36
CA MET L 152 -43.20 -1.02 38.05
C MET L 152 -44.36 -1.25 37.09
N ASP L 153 -44.16 -0.95 35.82
CA ASP L 153 -45.26 -1.14 34.89
C ASP L 153 -45.49 -2.63 34.58
N PRO L 154 -46.74 -3.14 34.71
CA PRO L 154 -47.06 -4.57 34.47
C PRO L 154 -46.58 -5.06 33.14
N ARG L 155 -46.53 -4.17 32.18
CA ARG L 155 -45.96 -4.50 30.89
C ARG L 155 -44.45 -4.67 30.88
N MET L 156 -43.82 -4.78 32.04
CA MET L 156 -42.36 -5.00 32.10
C MET L 156 -42.02 -6.45 32.41
N CYS L 157 -42.92 -7.35 31.98
CA CYS L 157 -42.73 -8.82 32.04
C CYS L 157 -41.37 -9.33 31.62
N SER L 158 -40.94 -8.95 30.41
CA SER L 158 -39.66 -9.42 29.81
C SER L 158 -38.36 -9.03 30.56
N LEU L 159 -38.53 -8.39 31.71
CA LEU L 159 -37.43 -7.90 32.48
C LEU L 159 -37.48 -8.57 33.84
N MET L 160 -38.51 -9.36 34.13
CA MET L 160 -38.59 -10.01 35.44
C MET L 160 -38.07 -11.48 35.47
N GLN L 161 -37.04 -11.78 34.68
CA GLN L 161 -36.47 -13.10 34.68
C GLN L 161 -35.75 -13.53 35.98
N GLY L 162 -36.40 -14.37 36.76
CA GLY L 162 -35.80 -14.84 37.95
C GLY L 162 -36.31 -14.04 39.14
N SER L 163 -37.43 -13.36 39.00
CA SER L 163 -37.96 -12.69 40.15
C SER L 163 -38.31 -13.70 41.28
N THR L 164 -38.47 -14.98 40.96
CA THR L 164 -38.92 -15.95 41.98
C THR L 164 -37.72 -16.59 42.68
N LEU L 165 -36.58 -16.30 42.08
CA LEU L 165 -35.40 -17.03 42.44
C LEU L 165 -34.86 -16.54 43.77
N PRO L 166 -35.00 -17.38 44.82
CA PRO L 166 -34.53 -16.96 46.16
C PRO L 166 -33.14 -16.27 46.12
N ARG L 167 -33.01 -15.21 46.90
CA ARG L 167 -31.72 -14.51 47.09
C ARG L 167 -30.57 -15.46 47.44
N ARG L 168 -30.87 -16.55 48.18
CA ARG L 168 -29.91 -17.60 48.46
C ARG L 168 -29.19 -18.10 47.18
N SER L 169 -29.81 -17.93 46.02
CA SER L 169 -29.18 -18.33 44.77
C SER L 169 -27.75 -17.85 44.73
N GLY L 170 -26.92 -18.58 44.03
CA GLY L 170 -25.52 -18.24 43.97
C GLY L 170 -25.16 -17.07 43.09
N ALA L 171 -23.86 -16.89 42.90
CA ALA L 171 -23.38 -15.81 42.10
C ALA L 171 -23.76 -15.98 40.61
N ALA L 172 -23.82 -17.25 40.15
CA ALA L 172 -24.06 -17.56 38.74
C ALA L 172 -25.56 -17.79 38.65
N GLY L 173 -26.19 -17.71 39.84
CA GLY L 173 -27.64 -17.68 39.97
C GLY L 173 -28.26 -16.31 39.69
N ALA L 174 -27.57 -15.23 40.03
CA ALA L 174 -28.11 -13.93 39.81
C ALA L 174 -27.84 -13.53 38.37
N ALA L 175 -26.75 -13.99 37.77
CA ALA L 175 -26.47 -13.63 36.35
C ALA L 175 -27.63 -13.93 35.38
N VAL L 176 -28.54 -14.79 35.82
CA VAL L 176 -29.62 -15.23 34.98
C VAL L 176 -30.73 -14.21 35.11
N LYS L 177 -30.68 -13.39 36.17
CA LYS L 177 -31.71 -12.36 36.44
C LYS L 177 -31.89 -11.24 35.39
N GLY L 178 -33.16 -10.90 35.10
CA GLY L 178 -33.42 -9.78 34.20
C GLY L 178 -33.23 -8.45 34.92
N VAL L 179 -32.98 -7.40 34.13
CA VAL L 179 -32.73 -6.04 34.64
C VAL L 179 -33.87 -5.61 35.60
N GLY L 180 -35.10 -5.83 35.12
CA GLY L 180 -36.27 -5.57 35.88
C GLY L 180 -36.26 -6.34 37.16
N THR L 181 -35.56 -7.46 37.23
CA THR L 181 -35.68 -8.29 38.45
C THR L 181 -34.99 -7.56 39.59
N MET L 182 -33.88 -6.92 39.23
CA MET L 182 -33.04 -6.33 40.22
C MET L 182 -33.75 -5.15 40.84
N VAL L 183 -34.28 -4.30 39.95
CA VAL L 183 -35.07 -3.13 40.32
C VAL L 183 -36.20 -3.43 41.35
N MET L 184 -36.97 -4.50 41.17
CA MET L 184 -38.03 -4.78 42.10
C MET L 184 -37.52 -4.97 43.54
N GLU L 185 -36.25 -5.37 43.63
CA GLU L 185 -35.58 -5.67 44.91
C GLU L 185 -35.13 -4.39 45.62
N LEU L 186 -34.13 -3.74 45.02
CA LEU L 186 -33.68 -2.45 45.45
C LEU L 186 -34.86 -1.55 45.82
N ILE L 187 -35.81 -1.37 44.91
CA ILE L 187 -37.03 -0.59 45.19
C ILE L 187 -37.75 -1.03 46.48
N ARG L 188 -37.71 -2.32 46.82
CA ARG L 188 -38.41 -2.69 48.05
C ARG L 188 -37.49 -2.50 49.23
N MET L 189 -36.22 -2.81 48.99
CA MET L 189 -35.18 -2.65 50.01
C MET L 189 -35.18 -1.16 50.38
N ILE L 190 -35.03 -0.31 49.35
CA ILE L 190 -35.16 1.15 49.49
C ILE L 190 -36.53 1.61 50.02
N LYS L 191 -37.64 1.15 49.43
CA LYS L 191 -38.98 1.63 49.82
C LYS L 191 -39.28 1.46 51.32
N ARG L 192 -38.97 0.32 51.89
CA ARG L 192 -39.23 0.18 53.32
C ARG L 192 -38.27 1.00 54.24
N GLY L 193 -36.99 1.02 53.84
CA GLY L 193 -35.91 1.81 54.52
C GLY L 193 -36.17 3.30 54.44
N ILE L 194 -36.16 3.83 53.21
CA ILE L 194 -36.49 5.24 52.98
C ILE L 194 -37.91 5.49 53.45
N ASN L 195 -38.72 4.61 53.65
CA ASN L 195 -40.03 4.87 54.25
C ASN L 195 -39.80 4.90 55.75
N ARG L 206 -27.47 -2.06 58.90
CA ARG L 206 -26.10 -1.54 58.94
C ARG L 206 -25.27 -2.00 57.74
N ARG L 207 -24.99 -3.30 57.75
CA ARG L 207 -24.22 -3.97 56.72
C ARG L 207 -25.00 -3.99 55.41
N THR L 208 -26.30 -3.70 55.50
CA THR L 208 -27.22 -3.61 54.38
C THR L 208 -26.70 -2.77 53.21
N ARG L 209 -25.69 -1.95 53.46
CA ARG L 209 -25.09 -1.08 52.43
C ARG L 209 -24.27 -1.77 51.32
N ILE L 210 -23.32 -2.63 51.70
CA ILE L 210 -22.51 -3.39 50.73
C ILE L 210 -23.39 -4.12 49.72
N ALA L 211 -24.55 -4.60 50.20
CA ALA L 211 -25.58 -5.21 49.36
C ALA L 211 -25.98 -4.22 48.30
N TYR L 212 -26.54 -3.08 48.72
CA TYR L 212 -27.10 -2.10 47.80
C TYR L 212 -26.12 -1.75 46.68
N GLU L 213 -24.87 -1.45 47.02
CA GLU L 213 -23.88 -1.05 46.02
C GLU L 213 -23.62 -2.17 45.05
N ARG L 214 -23.38 -3.36 45.59
CA ARG L 214 -23.18 -4.52 44.75
C ARG L 214 -24.40 -4.82 43.88
N MET L 215 -25.57 -4.89 44.52
CA MET L 215 -26.81 -5.13 43.83
C MET L 215 -26.87 -4.18 42.67
N CYS L 216 -26.27 -3.00 42.78
CA CYS L 216 -26.26 -2.08 41.64
C CYS L 216 -25.17 -2.42 40.66
N ASN L 217 -24.06 -2.94 41.16
CA ASN L 217 -22.91 -3.18 40.30
C ASN L 217 -23.27 -4.25 39.32
N ILE L 218 -23.96 -5.26 39.87
CA ILE L 218 -24.60 -6.34 39.11
C ILE L 218 -25.57 -5.70 38.14
N LEU L 219 -26.46 -4.89 38.70
CA LEU L 219 -27.44 -4.16 37.93
C LEU L 219 -26.69 -3.55 36.78
N LYS L 220 -25.60 -2.82 37.09
CA LYS L 220 -24.92 -2.04 36.05
C LYS L 220 -24.26 -2.95 35.05
N GLY L 221 -23.89 -4.13 35.53
CA GLY L 221 -23.19 -5.06 34.68
C GLY L 221 -24.14 -5.73 33.70
N LYS L 222 -25.44 -5.44 33.87
CA LYS L 222 -26.45 -5.90 32.93
C LYS L 222 -26.41 -4.99 31.70
N PHE L 223 -26.34 -3.69 31.93
CA PHE L 223 -26.26 -2.71 30.85
C PHE L 223 -25.00 -2.90 30.05
N GLN L 224 -25.12 -2.65 28.75
CA GLN L 224 -24.02 -2.75 27.80
C GLN L 224 -23.90 -1.51 26.92
N THR L 225 -24.13 -0.33 27.49
CA THR L 225 -23.94 0.96 26.80
C THR L 225 -23.46 2.03 27.76
N ALA L 226 -22.59 2.92 27.26
CA ALA L 226 -22.06 4.04 28.04
C ALA L 226 -23.04 4.56 29.11
N ALA L 227 -24.01 5.39 28.66
CA ALA L 227 -24.96 6.10 29.51
C ALA L 227 -25.64 5.17 30.52
N GLN L 228 -26.15 4.06 29.97
CA GLN L 228 -26.80 3.04 30.76
C GLN L 228 -25.88 2.78 31.94
N ARG L 229 -24.64 2.41 31.61
CA ARG L 229 -23.65 2.09 32.60
C ARG L 229 -23.46 3.29 33.54
N THR L 230 -23.26 4.49 32.98
CA THR L 230 -22.97 5.67 33.79
C THR L 230 -24.11 6.05 34.72
N MET L 231 -25.34 5.89 34.23
CA MET L 231 -26.50 6.39 34.99
C MET L 231 -26.81 5.58 36.25
N VAL L 232 -26.25 4.38 36.26
CA VAL L 232 -26.46 3.43 37.32
C VAL L 232 -25.66 3.91 38.48
N ASP L 233 -24.46 4.42 38.15
CA ASP L 233 -23.55 5.03 39.13
C ASP L 233 -24.21 6.26 39.79
N GLN L 234 -24.78 7.14 38.95
CA GLN L 234 -25.46 8.32 39.45
C GLN L 234 -26.55 7.93 40.47
N VAL L 235 -27.04 6.69 40.36
CA VAL L 235 -28.03 6.15 41.29
C VAL L 235 -27.41 5.60 42.58
N ARG L 236 -26.31 4.87 42.41
CA ARG L 236 -25.58 4.28 43.51
C ARG L 236 -24.88 5.31 44.42
N GLU L 237 -25.02 6.60 44.10
CA GLU L 237 -24.36 7.65 44.86
C GLU L 237 -25.02 7.95 46.23
N SER L 238 -26.33 7.78 46.33
CA SER L 238 -27.06 8.19 47.53
C SER L 238 -27.17 7.10 48.63
N ARG L 239 -26.80 7.46 49.87
CA ARG L 239 -26.87 6.52 50.99
C ARG L 239 -28.31 6.19 51.29
N ASN L 240 -29.14 7.23 51.33
CA ASN L 240 -30.54 7.05 51.58
C ASN L 240 -31.29 7.44 50.31
N PRO L 241 -31.16 6.63 49.23
CA PRO L 241 -31.72 7.01 47.92
C PRO L 241 -33.24 7.05 47.95
N GLY L 242 -33.84 8.23 47.85
CA GLY L 242 -35.29 8.31 47.96
C GLY L 242 -35.92 8.24 46.59
N ASN L 243 -37.17 8.71 46.49
CA ASN L 243 -37.87 8.85 45.21
C ASN L 243 -37.02 9.37 44.05
N ALA L 244 -35.96 10.10 44.37
CA ALA L 244 -34.96 10.53 43.37
C ALA L 244 -34.49 9.33 42.55
N GLU L 245 -34.07 8.29 43.29
CA GLU L 245 -33.60 7.04 42.72
C GLU L 245 -34.84 6.23 42.27
N PHE L 246 -35.75 5.98 43.24
CA PHE L 246 -37.02 5.27 42.99
C PHE L 246 -37.56 5.59 41.59
N GLU L 247 -37.71 6.87 41.28
CA GLU L 247 -38.11 7.25 39.95
C GLU L 247 -37.02 7.00 38.87
N ASP L 248 -35.73 7.16 39.18
CA ASP L 248 -34.74 7.03 38.09
C ASP L 248 -34.48 5.60 37.54
N LEU L 249 -34.48 4.60 38.44
CA LEU L 249 -34.13 3.24 38.07
C LEU L 249 -35.27 2.70 37.21
N ILE L 250 -36.49 3.06 37.60
CA ILE L 250 -37.69 2.71 36.87
C ILE L 250 -37.51 3.12 35.42
N PHE L 251 -36.92 4.31 35.24
CA PHE L 251 -36.55 4.81 33.90
C PHE L 251 -35.62 3.79 33.13
N LEU L 252 -34.46 3.56 33.76
CA LEU L 252 -33.45 2.62 33.32
C LEU L 252 -34.11 1.24 33.08
N ALA L 253 -35.08 0.87 33.93
CA ALA L 253 -35.85 -0.36 33.71
C ALA L 253 -36.48 -0.36 32.29
N ARG L 254 -37.11 0.77 31.98
CA ARG L 254 -37.72 0.95 30.70
C ARG L 254 -36.69 1.10 29.57
N SER L 255 -35.48 1.54 29.89
CA SER L 255 -34.48 1.71 28.83
C SER L 255 -34.05 0.36 28.26
N ALA L 256 -34.19 -0.68 29.09
CA ALA L 256 -33.73 -2.03 28.80
C ALA L 256 -34.68 -2.73 27.86
N LEU L 257 -35.89 -2.18 27.78
CA LEU L 257 -36.96 -2.61 26.88
C LEU L 257 -36.55 -2.30 25.49
N ILE L 258 -35.56 -1.43 25.33
CA ILE L 258 -35.15 -1.04 24.02
C ILE L 258 -33.66 -1.35 23.86
N LEU L 259 -32.87 -0.92 24.84
CA LEU L 259 -31.42 -1.19 24.89
C LEU L 259 -31.28 -2.22 25.99
N ARG L 260 -31.38 -3.47 25.58
CA ARG L 260 -31.49 -4.55 26.53
C ARG L 260 -30.12 -4.68 27.17
N GLY L 261 -30.04 -5.46 28.25
CA GLY L 261 -28.78 -5.83 28.85
C GLY L 261 -28.33 -7.26 28.61
N SER L 262 -27.24 -7.61 29.27
CA SER L 262 -26.73 -8.95 29.20
C SER L 262 -27.36 -9.77 30.33
N VAL L 263 -28.19 -10.72 29.96
CA VAL L 263 -28.71 -11.68 30.91
C VAL L 263 -28.54 -13.09 30.39
N ALA L 264 -27.70 -13.84 31.10
CA ALA L 264 -27.53 -15.27 30.89
C ALA L 264 -28.81 -16.10 31.03
N HIS L 265 -28.93 -17.11 30.16
CA HIS L 265 -30.00 -18.11 30.20
C HIS L 265 -29.38 -19.49 30.42
N LYS L 266 -29.94 -20.24 31.38
CA LYS L 266 -29.41 -21.56 31.78
C LYS L 266 -30.48 -22.65 31.54
N SER L 267 -30.16 -23.64 30.71
CA SER L 267 -31.07 -24.74 30.42
C SER L 267 -31.07 -25.72 31.57
N CYS L 268 -31.98 -25.56 32.52
CA CYS L 268 -31.93 -26.43 33.69
C CYS L 268 -33.05 -27.41 33.70
N LEU L 269 -32.76 -28.70 33.49
CA LEU L 269 -33.81 -29.73 33.37
C LEU L 269 -34.19 -30.27 34.72
N PRO L 270 -35.38 -30.90 34.88
CA PRO L 270 -35.90 -31.49 36.12
C PRO L 270 -34.98 -32.56 36.64
N ALA L 271 -34.99 -32.79 37.94
CA ALA L 271 -34.12 -33.79 38.53
C ALA L 271 -34.23 -35.18 37.86
N CYS L 272 -35.44 -35.52 37.43
CA CYS L 272 -35.69 -36.83 36.92
C CYS L 272 -34.87 -37.06 35.64
N VAL L 273 -34.72 -35.99 34.89
CA VAL L 273 -34.09 -36.10 33.61
C VAL L 273 -32.64 -36.44 33.84
N TYR L 274 -31.95 -35.72 34.72
CA TYR L 274 -30.59 -36.03 35.13
C TYR L 274 -30.50 -37.38 35.84
N GLY L 275 -31.38 -37.65 36.81
CA GLY L 275 -31.42 -39.01 37.45
C GLY L 275 -31.49 -40.13 36.43
N SER L 276 -32.41 -40.02 35.52
CA SER L 276 -32.58 -41.04 34.53
C SER L 276 -31.30 -41.22 33.68
N ALA L 277 -30.70 -40.12 33.29
CA ALA L 277 -29.49 -40.06 32.49
C ALA L 277 -28.32 -40.70 33.21
N VAL L 278 -28.18 -40.39 34.49
CA VAL L 278 -27.09 -40.93 35.29
C VAL L 278 -27.24 -42.44 35.38
N ALA L 279 -28.47 -42.87 35.57
CA ALA L 279 -28.83 -44.27 35.70
C ALA L 279 -28.59 -45.02 34.41
N SER L 280 -28.73 -44.34 33.29
CA SER L 280 -28.48 -44.90 31.96
C SER L 280 -27.02 -44.96 31.63
N GLY L 281 -26.17 -44.73 32.60
CA GLY L 281 -24.81 -44.85 32.29
C GLY L 281 -24.12 -43.53 32.08
N TYR L 282 -24.81 -42.47 31.64
CA TYR L 282 -24.09 -41.22 31.33
C TYR L 282 -23.36 -40.75 32.48
N ASP L 283 -22.06 -40.57 32.29
CA ASP L 283 -21.16 -40.19 33.37
C ASP L 283 -20.61 -38.80 33.07
N PHE L 284 -21.42 -37.77 33.29
CA PHE L 284 -21.18 -36.42 32.80
C PHE L 284 -19.89 -35.79 33.20
N GLU L 285 -19.54 -35.84 34.48
CA GLU L 285 -18.18 -35.36 34.86
C GLU L 285 -17.03 -35.85 33.95
N ARG L 286 -17.17 -37.02 33.35
CA ARG L 286 -16.15 -37.54 32.48
C ARG L 286 -16.42 -37.13 31.07
N GLU L 287 -17.68 -37.17 30.64
CA GLU L 287 -18.05 -36.83 29.26
C GLU L 287 -18.41 -35.35 29.09
N GLY L 288 -18.42 -34.58 30.16
CA GLY L 288 -18.68 -33.18 29.99
C GLY L 288 -20.15 -32.88 29.75
N TYR L 289 -20.57 -31.71 30.22
CA TYR L 289 -21.94 -31.25 30.06
C TYR L 289 -22.01 -29.70 30.06
N SER L 290 -23.03 -29.10 29.42
CA SER L 290 -23.23 -27.63 29.46
C SER L 290 -24.66 -27.29 29.79
N LEU L 291 -24.88 -26.01 30.13
CA LEU L 291 -26.23 -25.49 30.33
C LEU L 291 -26.56 -24.46 29.25
N VAL L 292 -25.60 -24.18 28.36
CA VAL L 292 -25.85 -23.17 27.32
C VAL L 292 -25.36 -23.71 25.96
N GLY L 293 -25.02 -25.00 25.94
CA GLY L 293 -24.64 -25.62 24.67
C GLY L 293 -25.64 -26.55 24.09
N ILE L 294 -25.15 -27.56 23.39
CA ILE L 294 -26.01 -28.59 22.79
C ILE L 294 -26.35 -29.70 23.78
N ASP L 295 -25.64 -29.73 24.91
CA ASP L 295 -25.76 -30.83 25.85
C ASP L 295 -27.22 -30.94 26.32
N PRO L 296 -27.77 -29.83 26.80
CA PRO L 296 -29.11 -29.92 27.37
C PRO L 296 -30.11 -30.31 26.31
N PHE L 297 -30.10 -29.68 25.15
CA PHE L 297 -31.05 -30.15 24.14
C PHE L 297 -30.87 -31.63 23.86
N ARG L 298 -29.64 -32.10 23.66
CA ARG L 298 -29.43 -33.51 23.31
C ARG L 298 -29.99 -34.45 24.38
N LEU L 299 -29.74 -34.11 25.65
CA LEU L 299 -30.27 -34.88 26.72
C LEU L 299 -31.79 -34.95 26.61
N LEU L 300 -32.45 -33.82 26.40
CA LEU L 300 -33.90 -33.81 26.27
C LEU L 300 -34.37 -34.49 24.99
N GLN L 301 -33.47 -34.96 24.13
CA GLN L 301 -33.91 -35.59 22.89
C GLN L 301 -34.24 -37.05 23.14
N ASN L 302 -33.94 -37.52 24.36
CA ASN L 302 -34.16 -38.93 24.74
C ASN L 302 -34.86 -39.11 26.08
N SER L 303 -35.28 -38.00 26.66
CA SER L 303 -35.85 -38.03 27.97
C SER L 303 -37.25 -38.62 27.88
N GLN L 304 -37.65 -39.37 28.88
CA GLN L 304 -38.97 -39.99 28.88
C GLN L 304 -39.71 -39.38 30.06
N VAL L 305 -40.07 -38.12 29.98
CA VAL L 305 -40.70 -37.52 31.11
C VAL L 305 -42.21 -37.55 31.01
N TYR L 306 -42.85 -37.99 32.08
CA TYR L 306 -44.30 -37.99 32.14
C TYR L 306 -44.86 -36.93 33.07
N SER L 307 -46.09 -36.52 32.79
CA SER L 307 -46.73 -35.50 33.60
C SER L 307 -48.19 -35.69 33.90
N LEU L 308 -48.63 -35.35 35.11
CA LEU L 308 -50.06 -35.40 35.46
C LEU L 308 -50.76 -34.32 34.71
N ILE L 309 -51.94 -34.67 34.23
CA ILE L 309 -52.70 -33.79 33.35
C ILE L 309 -54.17 -33.80 33.68
N ARG L 310 -54.69 -32.62 34.01
CA ARG L 310 -56.13 -32.47 34.32
C ARG L 310 -57.06 -32.82 33.15
N PRO L 311 -58.32 -33.27 33.44
CA PRO L 311 -59.30 -33.81 32.47
C PRO L 311 -59.49 -32.99 31.19
N ASN L 312 -59.67 -31.69 31.36
CA ASN L 312 -59.84 -30.89 30.16
C ASN L 312 -58.60 -30.26 29.52
N GLU L 313 -57.40 -30.59 30.01
CA GLU L 313 -56.19 -29.90 29.55
C GLU L 313 -55.63 -30.53 28.30
N ASN L 314 -54.86 -29.76 27.55
CA ASN L 314 -54.33 -30.21 26.30
C ASN L 314 -52.92 -30.67 26.50
N PRO L 315 -52.64 -31.96 26.25
CA PRO L 315 -51.29 -32.51 26.40
C PRO L 315 -50.20 -31.68 25.64
N ALA L 316 -50.52 -31.38 24.40
CA ALA L 316 -49.55 -30.75 23.52
C ALA L 316 -49.18 -29.41 24.13
N HIS L 317 -50.16 -28.85 24.84
CA HIS L 317 -50.05 -27.54 25.42
C HIS L 317 -49.21 -27.68 26.67
N LYS L 318 -49.38 -28.81 27.37
CA LYS L 318 -48.62 -29.08 28.60
C LYS L 318 -47.13 -29.17 28.31
N SER L 319 -46.78 -30.02 27.33
CA SER L 319 -45.41 -30.19 26.91
C SER L 319 -44.78 -28.85 26.57
N GLN L 320 -45.53 -28.00 25.86
CA GLN L 320 -44.99 -26.73 25.47
C GLN L 320 -44.43 -26.04 26.69
N LEU L 321 -45.28 -25.88 27.70
CA LEU L 321 -44.92 -25.20 28.96
C LEU L 321 -43.58 -25.67 29.49
N VAL L 322 -43.55 -26.91 30.00
CA VAL L 322 -42.25 -27.53 30.40
C VAL L 322 -41.07 -27.27 29.49
N TRP L 323 -41.27 -27.40 28.18
CA TRP L 323 -40.21 -27.13 27.23
C TRP L 323 -39.69 -25.72 27.36
N MET L 324 -40.56 -24.76 27.69
CA MET L 324 -40.12 -23.36 27.72
C MET L 324 -39.40 -23.10 29.02
N ALA L 325 -39.76 -23.87 30.06
CA ALA L 325 -39.04 -23.81 31.33
C ALA L 325 -37.69 -24.51 31.23
N CYS L 326 -37.56 -25.46 30.33
CA CYS L 326 -36.24 -26.07 30.20
C CYS L 326 -35.15 -25.19 29.58
N HIS L 327 -35.59 -24.12 28.91
CA HIS L 327 -34.60 -23.22 28.40
C HIS L 327 -34.74 -21.70 28.77
N SER L 328 -35.66 -21.34 29.66
CA SER L 328 -35.78 -19.92 30.01
C SER L 328 -36.23 -19.18 28.72
N ALA L 329 -37.28 -19.73 28.09
CA ALA L 329 -37.79 -19.17 26.85
C ALA L 329 -39.15 -18.62 27.16
N ALA L 330 -39.33 -18.08 28.37
CA ALA L 330 -40.68 -17.56 28.74
C ALA L 330 -40.83 -16.16 28.27
N PHE L 331 -39.77 -15.53 27.77
CA PHE L 331 -39.88 -14.15 27.37
C PHE L 331 -39.19 -14.08 26.06
N GLU L 332 -39.08 -15.22 25.37
CA GLU L 332 -38.39 -15.21 24.10
C GLU L 332 -39.42 -14.84 23.02
N ASP L 333 -38.96 -14.49 21.81
CA ASP L 333 -39.88 -14.17 20.75
C ASP L 333 -40.55 -15.47 20.27
N LEU L 334 -41.89 -15.60 20.42
CA LEU L 334 -42.59 -16.84 20.13
C LEU L 334 -42.15 -17.36 18.78
N ARG L 335 -41.91 -16.43 17.84
CA ARG L 335 -41.51 -16.81 16.48
C ARG L 335 -40.33 -17.71 16.48
N VAL L 336 -39.28 -17.27 17.17
CA VAL L 336 -38.04 -18.03 17.25
C VAL L 336 -38.22 -19.33 18.07
N SER L 337 -38.87 -19.22 19.24
CA SER L 337 -39.17 -20.39 20.05
C SER L 337 -39.81 -21.46 19.20
N SER L 338 -40.81 -21.13 18.38
CA SER L 338 -41.46 -22.12 17.55
C SER L 338 -40.55 -22.62 16.45
N PHE L 339 -39.62 -21.77 16.07
CA PHE L 339 -38.79 -22.08 14.94
C PHE L 339 -37.89 -23.20 15.39
N ILE L 340 -37.24 -22.99 16.51
CA ILE L 340 -36.30 -23.93 17.07
C ILE L 340 -37.03 -25.19 17.62
N ARG L 341 -38.18 -24.92 18.25
CA ARG L 341 -39.01 -25.94 18.82
C ARG L 341 -39.38 -26.99 17.80
N GLY L 342 -39.79 -26.54 16.62
CA GLY L 342 -40.14 -27.50 15.62
C GLY L 342 -41.61 -27.49 15.35
N THR L 343 -42.36 -26.93 16.31
CA THR L 343 -43.83 -26.86 16.27
C THR L 343 -44.38 -25.58 16.89
N LYS L 344 -45.64 -25.29 16.62
CA LYS L 344 -46.21 -24.08 17.23
C LYS L 344 -45.92 -23.88 18.74
N VAL L 345 -45.52 -22.67 19.08
CA VAL L 345 -45.31 -22.30 20.45
C VAL L 345 -46.38 -21.27 20.76
N VAL L 346 -47.49 -21.81 21.23
CA VAL L 346 -48.64 -20.97 21.45
C VAL L 346 -48.49 -20.05 22.65
N PRO L 347 -49.03 -18.83 22.59
CA PRO L 347 -49.03 -17.81 23.65
C PRO L 347 -49.70 -18.28 24.91
N ARG L 348 -49.38 -17.59 26.02
CA ARG L 348 -49.82 -18.02 27.34
C ARG L 348 -51.31 -18.05 27.40
N GLY L 349 -51.97 -16.97 26.98
CA GLY L 349 -53.43 -16.94 27.04
C GLY L 349 -54.11 -18.15 26.39
N LYS L 350 -53.67 -18.51 25.19
CA LYS L 350 -54.25 -19.58 24.45
C LYS L 350 -53.77 -20.91 24.93
N LEU L 351 -52.93 -20.91 25.97
CA LEU L 351 -52.43 -22.13 26.51
C LEU L 351 -53.39 -22.78 27.46
N SER L 352 -53.67 -24.05 27.21
CA SER L 352 -54.55 -24.83 28.06
C SER L 352 -53.91 -25.54 29.24
N THR L 353 -53.67 -24.79 30.32
CA THR L 353 -53.12 -25.40 31.52
C THR L 353 -52.96 -24.31 32.59
N ARG L 354 -52.99 -24.77 33.84
CA ARG L 354 -53.07 -23.87 34.97
C ARG L 354 -51.76 -23.99 35.75
N GLY L 355 -51.05 -25.09 35.55
CA GLY L 355 -49.85 -25.27 36.30
C GLY L 355 -49.55 -26.71 36.40
N VAL L 356 -48.27 -27.01 36.50
CA VAL L 356 -47.81 -28.37 36.41
C VAL L 356 -48.00 -29.12 37.73
N GLN L 357 -47.88 -28.39 38.84
CA GLN L 357 -48.07 -28.98 40.18
C GLN L 357 -49.54 -29.13 40.43
N ILE L 358 -49.86 -30.18 41.15
CA ILE L 358 -51.23 -30.47 41.45
C ILE L 358 -51.55 -29.97 42.86
N ALA L 359 -52.62 -29.17 42.96
CA ALA L 359 -53.02 -28.61 44.23
C ALA L 359 -53.81 -29.61 45.06
N SER L 360 -53.75 -29.46 46.38
CA SER L 360 -54.48 -30.32 47.37
C SER L 360 -56.00 -30.32 47.17
N ASN L 361 -56.47 -29.32 46.45
CA ASN L 361 -57.84 -29.10 46.21
C ASN L 361 -58.39 -30.18 45.29
N GLU L 362 -57.61 -30.53 44.27
CA GLU L 362 -58.10 -31.34 43.18
C GLU L 362 -58.29 -32.74 43.60
N ASN L 363 -58.88 -33.57 42.76
CA ASN L 363 -59.06 -34.94 43.16
C ASN L 363 -58.37 -35.79 42.17
N MET L 364 -58.07 -37.01 42.56
CA MET L 364 -57.38 -37.92 41.68
C MET L 364 -58.28 -38.74 40.76
N GLU L 365 -59.58 -38.78 41.09
CA GLU L 365 -60.46 -39.67 40.36
C GLU L 365 -60.39 -39.21 38.92
N THR L 366 -60.56 -37.91 38.71
CA THR L 366 -60.61 -37.36 37.37
C THR L 366 -59.25 -36.87 36.96
N MET L 367 -58.23 -37.70 37.10
CA MET L 367 -56.87 -37.27 36.82
C MET L 367 -56.17 -38.36 36.01
N GLU L 368 -55.40 -37.95 35.01
CA GLU L 368 -54.65 -38.90 34.18
C GLU L 368 -53.32 -38.24 33.82
N SER L 369 -52.49 -38.94 33.03
CA SER L 369 -51.12 -38.48 32.82
C SER L 369 -50.67 -38.67 31.38
N SER L 370 -49.93 -37.71 30.83
CA SER L 370 -49.44 -37.83 29.48
C SER L 370 -47.92 -37.79 29.38
N THR L 371 -47.39 -38.14 28.22
CA THR L 371 -45.96 -38.16 27.99
C THR L 371 -45.59 -36.83 27.33
N LEU L 372 -44.66 -36.13 28.00
CA LEU L 372 -44.32 -34.77 27.64
C LEU L 372 -43.44 -34.77 26.41
N GLU L 373 -43.79 -33.95 25.43
CA GLU L 373 -42.98 -33.79 24.21
C GLU L 373 -41.92 -32.70 24.44
N LEU L 374 -40.69 -33.13 24.72
CA LEU L 374 -39.60 -32.16 24.99
C LEU L 374 -38.52 -32.02 23.93
N ARG L 375 -38.61 -32.88 22.91
CA ARG L 375 -37.71 -32.83 21.77
C ARG L 375 -37.83 -31.48 21.07
N SER L 376 -36.77 -31.02 20.42
CA SER L 376 -36.80 -29.79 19.64
C SER L 376 -36.23 -30.02 18.25
N ARG L 377 -36.49 -29.10 17.35
CA ARG L 377 -36.04 -29.25 15.97
C ARG L 377 -34.55 -28.96 15.90
N TYR L 378 -34.18 -27.72 16.18
CA TYR L 378 -32.79 -27.35 16.21
C TYR L 378 -32.43 -26.96 17.64
N TRP L 379 -31.24 -26.40 17.79
CA TRP L 379 -30.77 -25.83 19.04
C TRP L 379 -30.02 -24.56 18.78
N ALA L 380 -29.84 -23.78 19.85
CA ALA L 380 -29.19 -22.50 19.74
C ALA L 380 -28.37 -22.09 20.97
N ILE L 381 -27.26 -21.40 20.74
CA ILE L 381 -26.43 -21.09 21.88
C ILE L 381 -27.20 -20.20 22.86
N ARG L 382 -27.73 -20.70 23.98
CA ARG L 382 -28.47 -19.79 24.87
C ARG L 382 -27.51 -18.62 25.16
N THR L 383 -27.86 -17.39 24.74
CA THR L 383 -26.96 -16.21 24.96
C THR L 383 -27.19 -15.45 26.25
N ARG L 384 -26.40 -14.38 26.41
CA ARG L 384 -26.49 -13.49 27.57
C ARG L 384 -26.75 -12.06 27.11
N SER L 385 -26.10 -11.70 26.02
CA SER L 385 -26.28 -10.42 25.32
C SER L 385 -27.72 -9.98 25.02
N GLY L 386 -28.04 -8.71 25.24
CA GLY L 386 -29.31 -8.15 24.79
C GLY L 386 -29.33 -7.56 23.38
N GLY L 387 -28.26 -7.73 22.55
CA GLY L 387 -28.13 -7.01 21.24
C GLY L 387 -27.93 -5.48 21.31
N ASN L 388 -27.26 -4.91 20.30
CA ASN L 388 -27.20 -3.44 20.18
C ASN L 388 -26.89 -2.93 18.73
N THR L 389 -27.36 -1.71 18.41
CA THR L 389 -27.01 -1.08 17.11
C THR L 389 -26.24 0.25 17.30
N GLN L 398 -9.22 35.15 33.50
CA GLN L 398 -8.03 34.41 33.14
C GLN L 398 -7.81 34.27 31.61
N ILE L 399 -6.64 33.78 31.19
CA ILE L 399 -6.27 33.65 29.76
C ILE L 399 -5.38 32.40 29.53
N SER L 400 -4.79 31.94 30.60
CA SER L 400 -3.97 30.74 30.59
C SER L 400 -4.21 29.98 31.88
N ILE L 401 -3.87 28.69 31.86
CA ILE L 401 -3.96 27.85 33.02
C ILE L 401 -2.59 27.52 33.59
N GLN L 402 -2.39 27.80 34.88
CA GLN L 402 -1.15 27.40 35.61
C GLN L 402 -1.25 25.94 36.04
N PRO L 403 -0.33 25.10 35.61
CA PRO L 403 -0.56 23.67 35.93
C PRO L 403 -0.14 23.29 37.36
N THR L 404 -0.99 22.53 38.06
CA THR L 404 -0.69 22.18 39.44
C THR L 404 -0.37 20.74 39.52
N PHE L 405 -0.74 19.93 38.55
CA PHE L 405 -0.43 18.51 38.67
C PHE L 405 0.27 17.93 37.44
N SER L 406 0.81 16.74 37.60
CA SER L 406 1.55 16.13 36.54
C SER L 406 0.60 15.15 35.84
N VAL L 407 -0.06 15.61 34.78
CA VAL L 407 -0.91 14.71 33.98
C VAL L 407 -0.93 15.08 32.51
N GLN L 408 -1.33 14.15 31.66
CA GLN L 408 -1.51 14.42 30.24
C GLN L 408 -2.66 15.39 29.97
N ARG L 409 -2.28 16.66 29.83
CA ARG L 409 -3.24 17.73 29.67
C ARG L 409 -2.85 18.83 28.72
N ASN L 410 -3.69 19.01 27.70
CA ASN L 410 -3.54 20.16 26.81
C ASN L 410 -3.58 21.42 27.66
N LEU L 411 -2.52 22.22 27.66
CA LEU L 411 -2.59 23.36 28.51
C LEU L 411 -3.25 24.58 27.86
N PRO L 412 -4.44 25.00 28.34
CA PRO L 412 -5.18 26.16 27.77
C PRO L 412 -4.60 27.54 27.92
N SER L 431 -25.33 16.48 30.92
CA SER L 431 -26.57 17.18 31.34
C SER L 431 -27.41 16.27 32.21
N ASP L 432 -28.53 15.76 31.66
CA ASP L 432 -29.29 14.70 32.32
C ASP L 432 -28.89 13.44 31.60
N MET L 433 -28.32 12.46 32.30
CA MET L 433 -27.91 11.23 31.61
C MET L 433 -29.14 10.52 30.99
N ARG L 434 -30.33 10.88 31.50
CA ARG L 434 -31.59 10.43 30.94
C ARG L 434 -31.63 10.74 29.47
N THR L 435 -31.40 12.01 29.17
CA THR L 435 -31.39 12.54 27.81
C THR L 435 -30.55 11.65 26.89
N GLU L 436 -29.33 11.35 27.33
CA GLU L 436 -28.43 10.54 26.56
C GLU L 436 -29.18 9.27 26.10
N ILE L 437 -29.80 8.57 27.05
CA ILE L 437 -30.50 7.33 26.80
C ILE L 437 -31.73 7.54 25.93
N ILE L 438 -32.56 8.48 26.35
CA ILE L 438 -33.78 8.80 25.59
C ILE L 438 -33.44 9.04 24.14
N ARG L 439 -32.28 9.65 23.90
CA ARG L 439 -31.79 9.92 22.56
C ARG L 439 -31.37 8.60 21.89
N LEU L 440 -30.90 7.65 22.69
CA LEU L 440 -30.46 6.38 22.14
C LEU L 440 -31.68 5.53 21.91
N MET L 441 -32.46 5.30 22.99
CA MET L 441 -33.85 4.78 22.84
C MET L 441 -34.52 5.08 21.45
N GLU L 442 -34.66 6.38 21.12
CA GLU L 442 -35.19 6.86 19.86
C GLU L 442 -34.71 6.18 18.57
N SER L 443 -33.39 6.21 18.33
CA SER L 443 -32.88 5.76 17.03
C SER L 443 -33.13 4.27 16.84
N ALA L 444 -33.64 3.65 17.90
CA ALA L 444 -33.85 2.21 17.93
C ALA L 444 -35.17 1.77 17.30
N ARG L 445 -35.07 0.90 16.28
CA ARG L 445 -36.24 0.30 15.65
C ARG L 445 -36.44 -1.20 15.98
N PRO L 446 -37.71 -1.61 16.17
CA PRO L 446 -37.97 -2.96 16.59
C PRO L 446 -37.44 -3.90 15.57
N GLU L 447 -37.39 -3.44 14.31
CA GLU L 447 -36.85 -4.25 13.19
C GLU L 447 -35.35 -4.41 13.20
N ASP L 448 -34.68 -3.66 14.09
CA ASP L 448 -33.21 -3.69 14.21
C ASP L 448 -32.66 -5.06 14.51
N VAL L 449 -31.93 -5.61 13.53
CA VAL L 449 -31.43 -6.96 13.59
C VAL L 449 -30.40 -7.11 14.68
N SER L 450 -30.52 -8.11 15.58
CA SER L 450 -29.47 -8.47 16.56
C SER L 450 -28.76 -9.83 16.31
N PHE L 451 -27.66 -10.09 17.02
CA PHE L 451 -26.91 -11.34 16.86
C PHE L 451 -26.64 -11.59 15.38
N GLN L 452 -26.17 -10.54 14.71
CA GLN L 452 -25.89 -10.60 13.26
C GLN L 452 -25.00 -11.82 12.94
N GLY L 453 -25.35 -12.61 11.94
CA GLY L 453 -24.55 -13.80 11.66
C GLY L 453 -24.78 -15.08 12.50
N ARG L 454 -25.18 -14.90 13.80
CA ARG L 454 -25.52 -16.02 14.69
C ARG L 454 -26.72 -16.75 14.16
N GLY L 455 -26.73 -18.07 14.26
CA GLY L 455 -27.84 -18.89 13.75
C GLY L 455 -28.22 -20.05 14.65
N VAL L 456 -28.85 -21.05 14.04
CA VAL L 456 -29.38 -22.18 14.82
C VAL L 456 -28.62 -23.38 14.37
N PHE L 457 -28.50 -24.38 15.23
CA PHE L 457 -27.74 -25.53 14.84
C PHE L 457 -28.60 -26.76 14.79
N GLU L 458 -28.31 -27.63 13.84
CA GLU L 458 -28.92 -28.93 13.78
C GLU L 458 -28.50 -29.71 15.03
N LEU L 459 -29.30 -30.73 15.35
CA LEU L 459 -29.01 -31.53 16.52
C LEU L 459 -27.90 -32.52 16.26
N SER L 460 -27.52 -32.72 14.97
CA SER L 460 -26.36 -33.51 14.64
C SER L 460 -25.07 -32.68 14.82
N ASP L 461 -25.17 -31.37 14.63
CA ASP L 461 -24.01 -30.48 14.63
C ASP L 461 -23.51 -30.27 16.02
N GLU L 462 -22.74 -31.24 16.47
CA GLU L 462 -22.31 -31.27 17.87
C GLU L 462 -21.44 -30.10 18.21
N LYS L 463 -20.46 -29.91 17.35
CA LYS L 463 -19.56 -28.77 17.34
C LYS L 463 -20.39 -27.57 16.89
N ALA L 464 -19.92 -26.37 17.15
CA ALA L 464 -20.69 -25.23 16.65
C ALA L 464 -20.38 -24.89 15.17
N THR L 465 -19.96 -25.90 14.43
CA THR L 465 -19.51 -25.75 13.08
C THR L 465 -20.39 -24.94 12.18
N SER L 466 -21.42 -25.54 11.60
CA SER L 466 -22.27 -24.82 10.64
C SER L 466 -23.59 -24.25 11.18
N PRO L 467 -23.73 -22.92 11.12
CA PRO L 467 -24.90 -22.15 11.64
C PRO L 467 -25.99 -22.06 10.60
N ILE L 468 -27.24 -21.81 11.02
CA ILE L 468 -28.35 -21.72 10.09
C ILE L 468 -29.10 -20.49 10.40
N VAL L 469 -29.34 -19.69 9.39
CA VAL L 469 -30.05 -18.44 9.59
C VAL L 469 -31.54 -18.55 9.26
N PRO L 470 -32.40 -18.22 10.23
CA PRO L 470 -33.83 -18.29 10.04
C PRO L 470 -34.41 -17.08 9.37
N SER L 471 -35.36 -17.33 8.50
CA SER L 471 -36.02 -16.27 7.77
C SER L 471 -37.45 -16.33 8.27
N PHE L 472 -37.91 -15.26 8.91
CA PHE L 472 -39.28 -15.23 9.47
C PHE L 472 -40.43 -14.79 8.55
N ASP L 473 -40.16 -14.57 7.26
CA ASP L 473 -41.22 -14.26 6.32
C ASP L 473 -42.11 -15.49 6.44
N MET L 474 -43.27 -15.35 7.08
CA MET L 474 -44.07 -16.53 7.43
C MET L 474 -45.36 -16.21 8.15
N SER L 475 -46.33 -17.12 8.16
CA SER L 475 -47.56 -16.83 8.87
C SER L 475 -47.30 -17.25 10.26
N ASN L 476 -46.84 -16.31 11.07
CA ASN L 476 -46.43 -16.58 12.45
C ASN L 476 -47.64 -16.56 13.37
N GLU L 477 -47.42 -16.50 14.67
CA GLU L 477 -48.52 -16.50 15.63
C GLU L 477 -48.23 -15.55 16.82
N GLY L 478 -47.64 -14.38 16.55
CA GLY L 478 -47.26 -13.51 17.67
C GLY L 478 -45.77 -13.55 18.03
N SER L 479 -45.42 -12.70 19.00
CA SER L 479 -44.06 -12.67 19.49
C SER L 479 -44.02 -12.61 21.02
N TYR L 480 -45.09 -12.21 21.66
CA TYR L 480 -45.12 -12.02 23.08
C TYR L 480 -45.86 -13.15 23.84
N PHE L 481 -45.13 -14.15 24.33
CA PHE L 481 -45.75 -15.18 25.15
C PHE L 481 -46.78 -14.62 26.12
N PHE L 482 -46.60 -13.40 26.60
CA PHE L 482 -47.55 -12.81 27.54
C PHE L 482 -48.36 -11.61 26.99
N ASN M 14 -6.91 -33.85 -14.93
CA ASN M 14 -7.78 -34.85 -15.64
C ASN M 14 -7.25 -36.30 -15.56
N ALA M 15 -7.73 -36.95 -14.50
CA ALA M 15 -7.41 -38.32 -14.16
C ALA M 15 -8.33 -39.33 -14.88
N THR M 16 -9.00 -38.91 -15.94
CA THR M 16 -9.91 -39.84 -16.60
C THR M 16 -9.20 -40.56 -17.73
N GLU M 17 -8.87 -39.83 -18.78
CA GLU M 17 -8.23 -40.43 -19.93
C GLU M 17 -6.85 -40.92 -19.52
N ILE M 18 -5.96 -39.97 -19.25
CA ILE M 18 -4.56 -40.26 -18.93
C ILE M 18 -4.40 -41.41 -17.91
N ARG M 19 -5.15 -41.40 -16.81
CA ARG M 19 -4.92 -42.44 -15.81
C ARG M 19 -5.59 -43.77 -16.14
N ALA M 20 -6.65 -43.71 -16.90
CA ALA M 20 -7.44 -44.90 -17.13
C ALA M 20 -7.14 -45.49 -18.52
N SER M 21 -6.78 -44.63 -19.46
CA SER M 21 -6.44 -45.10 -20.79
C SER M 21 -5.11 -45.84 -20.78
N VAL M 22 -4.28 -45.52 -19.80
CA VAL M 22 -2.98 -46.12 -19.79
C VAL M 22 -3.10 -47.39 -18.96
N GLY M 23 -4.14 -47.39 -18.13
CA GLY M 23 -4.52 -48.59 -17.42
C GLY M 23 -4.99 -49.67 -18.39
N LYS M 24 -5.64 -49.20 -19.44
CA LYS M 24 -6.19 -50.12 -20.39
C LYS M 24 -5.06 -50.68 -21.21
N MET M 25 -4.00 -49.91 -21.33
CA MET M 25 -2.90 -50.46 -22.11
C MET M 25 -2.12 -51.43 -21.25
N ILE M 26 -2.20 -51.25 -19.92
CA ILE M 26 -1.50 -52.11 -19.02
C ILE M 26 -2.25 -53.44 -18.90
N ASP M 27 -3.59 -53.38 -18.86
CA ASP M 27 -4.47 -54.56 -18.85
C ASP M 27 -4.13 -55.43 -20.04
N GLY M 28 -3.85 -54.81 -21.18
CA GLY M 28 -3.64 -55.63 -22.35
C GLY M 28 -2.41 -56.49 -22.14
N ILE M 29 -1.34 -55.88 -21.66
CA ILE M 29 -0.08 -56.57 -21.55
C ILE M 29 -0.30 -57.71 -20.57
N GLY M 30 -1.01 -57.41 -19.47
CA GLY M 30 -1.31 -58.41 -18.46
C GLY M 30 -2.02 -59.60 -19.07
N ARG M 31 -3.30 -59.41 -19.38
CA ARG M 31 -4.11 -60.37 -20.10
C ARG M 31 -3.29 -61.16 -21.13
N PHE M 32 -2.59 -60.48 -22.04
CA PHE M 32 -1.81 -61.20 -23.01
C PHE M 32 -0.77 -62.18 -22.34
N TYR M 33 0.08 -61.64 -21.48
CA TYR M 33 1.02 -62.45 -20.76
C TYR M 33 0.39 -63.68 -20.13
N ILE M 34 -0.80 -63.51 -19.57
CA ILE M 34 -1.51 -64.63 -18.98
C ILE M 34 -1.86 -65.67 -20.07
N GLN M 35 -2.42 -65.20 -21.17
CA GLN M 35 -2.81 -66.09 -22.29
C GLN M 35 -1.64 -66.84 -22.80
N MET M 36 -0.61 -66.09 -23.07
CA MET M 36 0.62 -66.66 -23.55
C MET M 36 1.25 -67.60 -22.55
N CYS M 37 1.14 -67.34 -21.27
CA CYS M 37 1.60 -68.34 -20.34
C CYS M 37 0.75 -69.58 -20.43
N THR M 38 -0.55 -69.38 -20.58
CA THR M 38 -1.45 -70.54 -20.65
C THR M 38 -1.14 -71.45 -21.87
N GLU M 39 -0.55 -70.89 -22.93
CA GLU M 39 -0.21 -71.67 -24.10
C GLU M 39 1.01 -72.51 -23.77
N LEU M 40 2.06 -71.82 -23.34
CA LEU M 40 3.28 -72.53 -23.02
C LEU M 40 3.07 -73.52 -21.89
N LYS M 41 1.89 -73.52 -21.30
CA LYS M 41 1.59 -74.41 -20.21
C LYS M 41 2.63 -74.27 -19.12
N LEU M 42 3.18 -73.06 -18.90
CA LEU M 42 4.04 -72.78 -17.73
C LEU M 42 3.33 -72.78 -16.36
N SER M 43 4.13 -72.92 -15.31
CA SER M 43 3.62 -72.91 -13.94
C SER M 43 3.61 -71.48 -13.39
N ASP M 44 3.14 -71.34 -12.15
CA ASP M 44 3.15 -70.02 -11.51
C ASP M 44 4.57 -69.58 -11.30
N TYR M 45 5.40 -70.43 -10.73
CA TYR M 45 6.78 -70.04 -10.52
C TYR M 45 7.43 -69.80 -11.85
N GLU M 46 7.00 -70.52 -12.86
CA GLU M 46 7.67 -70.42 -14.15
C GLU M 46 7.11 -69.28 -14.98
N GLY M 47 6.08 -68.59 -14.49
CA GLY M 47 5.55 -67.46 -15.22
C GLY M 47 6.09 -66.21 -14.58
N ARG M 48 6.70 -66.39 -13.41
CA ARG M 48 7.24 -65.24 -12.70
C ARG M 48 8.73 -65.07 -12.94
N LEU M 49 9.23 -65.88 -13.86
CA LEU M 49 10.64 -65.90 -14.18
C LEU M 49 10.96 -64.82 -15.18
N ILE M 50 11.47 -63.71 -14.69
CA ILE M 50 11.77 -62.62 -15.60
C ILE M 50 12.36 -63.05 -16.89
N GLN M 51 13.10 -64.15 -16.87
CA GLN M 51 13.70 -64.75 -18.06
C GLN M 51 12.59 -65.07 -19.08
N ASN M 52 11.74 -66.04 -18.75
CA ASN M 52 10.66 -66.36 -19.63
C ASN M 52 9.87 -65.14 -19.99
N SER M 53 9.58 -64.24 -19.07
CA SER M 53 8.78 -63.08 -19.43
C SER M 53 9.45 -62.36 -20.58
N LEU M 54 10.73 -62.06 -20.46
CA LEU M 54 11.46 -61.38 -21.53
C LEU M 54 11.28 -62.01 -22.88
N THR M 55 11.56 -63.30 -22.94
CA THR M 55 11.44 -64.03 -24.17
C THR M 55 10.07 -63.75 -24.78
N ILE M 56 9.02 -63.89 -23.98
CA ILE M 56 7.70 -63.64 -24.50
C ILE M 56 7.54 -62.22 -25.05
N GLU M 57 8.06 -61.24 -24.31
CA GLU M 57 7.87 -59.88 -24.72
C GLU M 57 8.51 -59.63 -26.07
N ARG M 58 9.67 -60.24 -26.28
CA ARG M 58 10.39 -60.01 -27.51
C ARG M 58 9.73 -60.76 -28.70
N MET M 59 9.27 -62.01 -28.47
CA MET M 59 8.42 -62.77 -29.43
C MET M 59 7.33 -61.93 -30.01
N VAL M 60 6.92 -60.93 -29.27
CA VAL M 60 5.74 -60.23 -29.68
C VAL M 60 6.16 -59.03 -30.44
N LEU M 61 7.13 -58.29 -29.91
CA LEU M 61 7.57 -57.09 -30.57
C LEU M 61 8.16 -57.45 -31.94
N SER M 62 8.79 -58.63 -32.03
CA SER M 62 9.32 -59.13 -33.28
C SER M 62 8.17 -59.37 -34.25
N ALA M 63 7.14 -60.08 -33.76
CA ALA M 63 6.04 -60.43 -34.64
C ALA M 63 5.26 -59.20 -35.09
N PHE M 64 5.28 -58.12 -34.34
CA PHE M 64 4.56 -56.95 -34.76
C PHE M 64 5.50 -55.95 -35.42
N ASP M 65 6.63 -56.45 -35.94
CA ASP M 65 7.69 -55.59 -36.55
C ASP M 65 8.88 -56.38 -37.11
N THR M 85 8.14 -66.36 -34.86
CA THR M 85 9.40 -66.20 -34.11
C THR M 85 9.39 -67.13 -32.94
N GLY M 86 10.54 -67.26 -32.30
CA GLY M 86 10.71 -68.23 -31.21
C GLY M 86 11.56 -67.58 -30.14
N GLY M 87 12.02 -68.38 -29.18
CA GLY M 87 12.86 -67.84 -28.13
C GLY M 87 13.16 -68.87 -27.04
N PRO M 88 14.03 -68.47 -26.09
CA PRO M 88 14.49 -69.33 -25.00
C PRO M 88 13.45 -69.41 -23.88
N ILE M 89 13.04 -70.62 -23.54
CA ILE M 89 12.04 -70.77 -22.49
C ILE M 89 12.48 -71.75 -21.43
N TYR M 90 12.68 -71.26 -20.21
CA TYR M 90 13.18 -72.11 -19.14
C TYR M 90 12.10 -72.80 -18.31
N ARG M 91 12.33 -74.09 -18.07
CA ARG M 91 11.36 -74.93 -17.41
C ARG M 91 11.94 -75.47 -16.12
N ARG M 92 11.08 -75.86 -15.19
CA ARG M 92 11.54 -76.34 -13.88
C ARG M 92 11.26 -77.82 -13.69
N VAL M 93 12.28 -78.66 -13.68
CA VAL M 93 12.10 -80.08 -13.34
C VAL M 93 12.74 -80.39 -11.98
N ASP M 94 12.30 -81.46 -11.32
CA ASP M 94 12.87 -81.88 -10.03
C ASP M 94 14.32 -81.40 -9.93
N GLY M 95 14.56 -80.34 -9.14
CA GLY M 95 15.93 -79.90 -8.90
C GLY M 95 16.48 -78.84 -9.80
N LYS M 96 16.56 -79.14 -11.11
CA LYS M 96 17.32 -78.29 -12.08
C LYS M 96 16.49 -77.61 -13.14
N TRP M 97 17.08 -76.63 -13.82
CA TRP M 97 16.29 -75.85 -14.77
C TRP M 97 16.55 -76.25 -16.21
N ARG M 98 15.49 -76.51 -16.97
CA ARG M 98 15.66 -76.96 -18.33
C ARG M 98 15.29 -75.85 -19.32
N ARG M 99 16.22 -75.50 -20.20
CA ARG M 99 15.99 -74.47 -21.22
C ARG M 99 15.36 -75.09 -22.47
N GLU M 100 14.18 -74.64 -22.86
CA GLU M 100 13.58 -75.06 -24.13
C GLU M 100 13.69 -74.03 -25.24
N LEU M 101 14.11 -74.48 -26.41
CA LEU M 101 14.21 -73.58 -27.54
C LEU M 101 12.95 -73.75 -28.33
N ILE M 102 12.06 -72.76 -28.37
CA ILE M 102 10.76 -72.95 -29.06
C ILE M 102 10.45 -71.89 -30.08
N LEU M 103 9.49 -72.22 -30.96
CA LEU M 103 9.07 -71.31 -32.04
C LEU M 103 7.54 -71.22 -32.12
N TYR M 104 7.02 -70.04 -32.45
CA TYR M 104 5.56 -69.83 -32.55
C TYR M 104 5.14 -69.14 -33.86
N ASP M 105 3.93 -69.42 -34.33
CA ASP M 105 3.46 -68.79 -35.52
C ASP M 105 3.50 -67.27 -35.38
N LYS M 106 4.43 -66.63 -36.06
CA LYS M 106 4.50 -65.16 -35.94
C LYS M 106 3.12 -64.51 -35.94
N GLU M 107 2.14 -65.13 -36.61
CA GLU M 107 0.83 -64.50 -36.73
C GLU M 107 -0.03 -64.93 -35.58
N GLU M 108 0.11 -66.20 -35.20
CA GLU M 108 -0.58 -66.61 -34.04
C GLU M 108 -0.34 -65.61 -32.89
N ILE M 109 0.93 -65.17 -32.76
CA ILE M 109 1.30 -64.25 -31.67
C ILE M 109 0.54 -62.97 -31.84
N ARG M 110 0.49 -62.50 -33.07
CA ARG M 110 -0.22 -61.26 -33.35
C ARG M 110 -1.70 -61.44 -33.09
N ARG M 111 -2.19 -62.65 -33.26
CA ARG M 111 -3.59 -62.92 -33.05
C ARG M 111 -3.93 -62.85 -31.55
N ILE M 112 -3.13 -63.58 -30.78
CA ILE M 112 -3.35 -63.64 -29.33
C ILE M 112 -3.23 -62.27 -28.71
N TRP M 113 -2.28 -61.46 -29.21
CA TRP M 113 -2.08 -60.11 -28.73
C TRP M 113 -3.39 -59.34 -28.84
N ARG M 114 -3.96 -59.22 -30.05
CA ARG M 114 -5.14 -58.38 -30.24
C ARG M 114 -6.30 -58.92 -29.42
N GLN M 115 -6.45 -60.24 -29.43
CA GLN M 115 -7.45 -60.83 -28.60
C GLN M 115 -7.46 -60.19 -27.23
N ALA M 116 -6.25 -59.96 -26.67
CA ALA M 116 -6.14 -59.42 -25.31
C ALA M 116 -6.52 -57.97 -25.32
N ASN M 117 -6.06 -57.21 -26.30
CA ASN M 117 -6.46 -55.77 -26.42
C ASN M 117 -7.78 -55.47 -27.17
N ASN M 118 -8.74 -56.38 -27.11
CA ASN M 118 -9.98 -56.15 -27.83
C ASN M 118 -9.84 -56.04 -29.36
N GLY M 119 -8.89 -56.77 -29.93
CA GLY M 119 -8.70 -56.69 -31.35
C GLY M 119 -8.10 -55.37 -31.77
N ASP M 120 -7.66 -54.58 -30.79
CA ASP M 120 -6.93 -53.36 -31.08
C ASP M 120 -5.47 -53.62 -31.33
N ASP M 121 -4.75 -52.58 -31.72
CA ASP M 121 -3.33 -52.73 -31.99
C ASP M 121 -2.52 -52.44 -30.75
N ALA M 122 -3.04 -51.44 -30.02
CA ALA M 122 -2.47 -50.95 -28.80
C ALA M 122 -0.99 -50.79 -29.04
N THR M 123 -0.60 -49.88 -29.93
CA THR M 123 0.83 -49.68 -30.20
C THR M 123 1.47 -49.25 -28.91
N ALA M 124 0.77 -48.44 -28.16
CA ALA M 124 1.25 -48.07 -26.84
C ALA M 124 1.79 -49.28 -26.08
N GLY M 125 0.98 -50.32 -26.03
CA GLY M 125 1.36 -51.52 -25.33
C GLY M 125 2.69 -52.13 -25.77
N LEU M 126 2.91 -52.22 -27.07
CA LEU M 126 4.12 -52.84 -27.59
C LEU M 126 5.27 -51.90 -27.30
N THR M 127 4.97 -50.61 -27.43
CA THR M 127 5.93 -49.57 -27.22
C THR M 127 6.34 -49.62 -25.78
N HIS M 128 5.42 -50.02 -24.90
CA HIS M 128 5.70 -50.05 -23.45
C HIS M 128 6.79 -51.07 -23.15
N MET M 129 6.69 -52.24 -23.76
CA MET M 129 7.64 -53.31 -23.51
C MET M 129 8.81 -52.95 -24.32
N MET M 130 8.62 -52.04 -25.28
CA MET M 130 9.70 -51.58 -26.16
C MET M 130 10.60 -50.79 -25.23
N ILE M 131 10.04 -50.11 -24.25
CA ILE M 131 10.84 -49.31 -23.33
C ILE M 131 11.42 -50.13 -22.16
N TRP M 132 10.63 -51.07 -21.69
CA TRP M 132 11.07 -51.82 -20.56
C TRP M 132 12.38 -52.44 -21.00
N HIS M 133 12.44 -52.82 -22.26
CA HIS M 133 13.64 -53.43 -22.75
C HIS M 133 14.69 -52.36 -22.79
N SER M 134 14.30 -51.19 -23.26
CA SER M 134 15.26 -50.10 -23.35
C SER M 134 15.92 -49.83 -21.99
N ASN M 135 15.09 -49.58 -21.01
CA ASN M 135 15.56 -49.16 -19.75
C ASN M 135 16.45 -50.19 -19.06
N LEU M 136 16.24 -51.46 -19.43
CA LEU M 136 17.03 -52.59 -19.00
C LEU M 136 18.35 -52.57 -19.72
N ASN M 137 18.37 -52.06 -20.93
CA ASN M 137 19.59 -52.16 -21.70
C ASN M 137 20.48 -50.97 -21.39
N ASP M 138 19.85 -49.87 -21.07
CA ASP M 138 20.58 -48.70 -20.74
C ASP M 138 21.24 -48.87 -19.35
N ALA M 139 20.87 -49.92 -18.64
CA ALA M 139 21.46 -50.20 -17.33
C ALA M 139 22.34 -51.43 -17.31
N THR M 140 22.05 -52.40 -18.16
CA THR M 140 22.85 -53.63 -18.18
C THR M 140 24.13 -53.33 -18.93
N TYR M 141 24.04 -52.47 -19.97
CA TYR M 141 25.20 -52.20 -20.86
C TYR M 141 25.64 -50.76 -21.03
N GLN M 142 26.89 -50.61 -21.38
CA GLN M 142 27.44 -49.31 -21.64
C GLN M 142 27.79 -49.26 -23.10
N ARG M 143 27.28 -48.26 -23.80
CA ARG M 143 27.35 -48.27 -25.25
C ARG M 143 28.43 -47.31 -25.73
N THR M 144 29.69 -47.70 -25.52
CA THR M 144 30.81 -46.83 -25.81
C THR M 144 31.23 -47.03 -27.26
N ARG M 145 31.33 -48.31 -27.65
CA ARG M 145 31.77 -48.66 -29.01
C ARG M 145 31.05 -47.80 -30.06
N ALA M 146 29.75 -47.60 -29.85
CA ALA M 146 28.93 -46.84 -30.75
C ALA M 146 29.13 -45.35 -30.68
N LEU M 147 29.38 -44.83 -29.47
CA LEU M 147 29.48 -43.36 -29.30
C LEU M 147 30.71 -42.78 -30.03
N VAL M 148 31.81 -43.51 -29.86
CA VAL M 148 33.11 -43.13 -30.38
C VAL M 148 33.11 -43.26 -31.92
N ARG M 149 32.66 -44.45 -32.38
CA ARG M 149 32.52 -44.70 -33.80
C ARG M 149 31.60 -43.63 -34.45
N THR M 150 30.70 -43.04 -33.68
CA THR M 150 29.93 -41.88 -34.14
C THR M 150 30.73 -40.58 -34.00
N GLY M 151 31.60 -40.49 -33.00
CA GLY M 151 32.44 -39.30 -32.86
C GLY M 151 31.91 -38.45 -31.72
N MET M 152 31.39 -39.18 -30.72
CA MET M 152 30.86 -38.65 -29.46
C MET M 152 31.80 -39.09 -28.35
N ASP M 153 31.96 -38.27 -27.32
CA ASP M 153 32.86 -38.68 -26.26
C ASP M 153 32.26 -39.80 -25.38
N PRO M 154 33.01 -40.91 -25.15
CA PRO M 154 32.51 -42.06 -24.37
C PRO M 154 32.00 -41.66 -23.01
N ARG M 155 32.57 -40.60 -22.47
CA ARG M 155 32.06 -40.05 -21.24
C ARG M 155 30.72 -39.34 -21.34
N MET M 156 30.01 -39.53 -22.45
CA MET M 156 28.68 -38.92 -22.60
C MET M 156 27.56 -39.93 -22.38
N CYS M 157 27.85 -40.92 -21.53
CA CYS M 157 26.88 -41.94 -21.06
C CYS M 157 25.52 -41.41 -20.64
N SER M 158 25.51 -40.44 -19.73
CA SER M 158 24.27 -39.86 -19.15
C SER M 158 23.33 -39.14 -20.14
N LEU M 159 23.68 -39.19 -21.43
CA LEU M 159 22.94 -38.51 -22.46
C LEU M 159 22.47 -39.56 -23.44
N MET M 160 22.85 -40.82 -23.29
CA MET M 160 22.40 -41.83 -24.23
C MET M 160 21.17 -42.66 -23.78
N GLN M 161 20.24 -42.02 -23.07
CA GLN M 161 19.04 -42.69 -22.64
C GLN M 161 18.06 -43.11 -23.76
N GLY M 162 18.05 -44.38 -24.08
CA GLY M 162 17.15 -44.86 -25.08
C GLY M 162 17.88 -44.99 -26.40
N SER M 163 19.20 -45.04 -26.39
CA SER M 163 19.87 -45.27 -27.64
C SER M 163 19.47 -46.64 -28.25
N THR M 164 18.94 -47.56 -27.47
CA THR M 164 18.66 -48.93 -27.98
C THR M 164 17.24 -49.00 -28.52
N LEU M 165 16.51 -47.94 -28.23
CA LEU M 165 15.10 -47.96 -28.43
C LEU M 165 14.77 -47.81 -29.90
N PRO M 166 14.29 -48.91 -30.53
CA PRO M 166 13.99 -48.84 -31.97
C PRO M 166 13.22 -47.55 -32.36
N ARG M 167 13.60 -46.98 -33.49
CA ARG M 167 12.91 -45.82 -34.08
C ARG M 167 11.39 -46.03 -34.19
N ARG M 168 10.95 -47.28 -34.43
CA ARG M 168 9.55 -47.65 -34.40
C ARG M 168 8.82 -47.14 -33.13
N SER M 169 9.57 -46.92 -32.05
CA SER M 169 8.97 -46.41 -30.83
C SER M 169 8.05 -45.24 -31.15
N GLY M 170 7.04 -45.07 -30.33
CA GLY M 170 6.09 -44.03 -30.57
C GLY M 170 6.52 -42.62 -30.24
N ALA M 171 5.58 -41.71 -30.29
CA ALA M 171 5.87 -40.33 -30.02
C ALA M 171 6.25 -40.11 -28.54
N ALA M 172 5.66 -40.91 -27.63
CA ALA M 172 5.85 -40.75 -26.19
C ALA M 172 6.98 -41.71 -25.84
N GLY M 173 7.41 -42.43 -26.89
CA GLY M 173 8.60 -43.27 -26.85
C GLY M 173 9.90 -42.48 -27.03
N ALA M 174 9.89 -41.42 -27.82
CA ALA M 174 11.08 -40.67 -28.05
C ALA M 174 11.24 -39.67 -26.91
N ALA M 175 10.15 -39.20 -26.32
CA ALA M 175 10.28 -38.23 -25.18
C ALA M 175 11.19 -38.72 -24.04
N VAL M 176 11.42 -40.03 -24.01
CA VAL M 176 12.18 -40.64 -22.94
C VAL M 176 13.63 -40.54 -23.31
N LYS M 177 13.92 -40.30 -24.60
CA LYS M 177 15.31 -40.19 -25.11
C LYS M 177 16.19 -39.06 -24.54
N GLY M 178 17.45 -39.39 -24.25
CA GLY M 178 18.40 -38.37 -23.82
C GLY M 178 18.89 -37.53 -24.99
N VAL M 179 19.35 -36.32 -24.69
CA VAL M 179 19.84 -35.36 -25.70
C VAL M 179 20.90 -36.03 -26.61
N GLY M 180 21.86 -36.67 -25.93
CA GLY M 180 22.88 -37.41 -26.59
C GLY M 180 22.30 -38.48 -27.48
N THR M 181 21.10 -38.95 -27.20
CA THR M 181 20.60 -40.08 -28.00
C THR M 181 20.29 -39.59 -29.40
N MET M 182 19.78 -38.38 -29.46
CA MET M 182 19.29 -37.86 -30.68
C MET M 182 20.46 -37.59 -31.60
N VAL M 183 21.46 -36.91 -31.05
CA VAL M 183 22.71 -36.61 -31.74
C VAL M 183 23.36 -37.84 -32.42
N MET M 184 23.43 -38.99 -31.78
CA MET M 184 24.04 -40.15 -32.39
C MET M 184 23.36 -40.55 -33.70
N GLU M 185 22.08 -40.18 -33.79
CA GLU M 185 21.21 -40.52 -34.93
C GLU M 185 21.45 -39.58 -36.12
N LEU M 186 21.05 -38.32 -35.93
CA LEU M 186 21.33 -37.29 -36.88
C LEU M 186 22.78 -37.39 -37.41
N ILE M 187 23.77 -37.44 -36.52
CA ILE M 187 25.16 -37.63 -36.92
C ILE M 187 25.36 -38.83 -37.85
N ARG M 188 24.59 -39.91 -37.69
CA ARG M 188 24.83 -41.03 -38.60
C ARG M 188 24.03 -40.83 -39.86
N MET M 189 22.84 -40.27 -39.68
CA MET M 189 21.94 -39.97 -40.80
C MET M 189 22.71 -38.99 -41.69
N ILE M 190 23.18 -37.89 -41.09
CA ILE M 190 24.08 -36.93 -41.75
C ILE M 190 25.40 -37.55 -42.24
N LYS M 191 26.14 -38.26 -41.39
CA LYS M 191 27.46 -38.78 -41.78
C LYS M 191 27.45 -39.64 -43.06
N ARG M 192 26.49 -40.55 -43.19
CA ARG M 192 26.46 -41.33 -44.42
C ARG M 192 26.01 -40.53 -45.69
N GLY M 193 25.01 -39.66 -45.48
CA GLY M 193 24.48 -38.75 -46.54
C GLY M 193 25.53 -37.75 -46.99
N ILE M 194 25.95 -36.88 -46.06
CA ILE M 194 27.02 -35.92 -46.33
C ILE M 194 28.28 -36.68 -46.69
N ASN M 195 28.44 -37.86 -46.45
CA ASN M 195 29.60 -38.61 -46.94
C ASN M 195 29.25 -39.04 -48.36
N ARG M 206 14.86 -38.64 -50.13
CA ARG M 206 14.01 -37.53 -50.52
C ARG M 206 13.21 -36.97 -49.36
N ARG M 207 12.26 -37.79 -48.90
CA ARG M 207 11.37 -37.47 -47.80
C ARG M 207 12.16 -37.42 -46.49
N THR M 208 13.38 -37.97 -46.53
CA THR M 208 14.33 -37.97 -45.42
C THR M 208 14.49 -36.61 -44.72
N ARG M 209 14.07 -35.54 -45.38
CA ARG M 209 14.18 -34.18 -44.83
C ARG M 209 13.24 -33.83 -43.64
N ILE M 210 11.95 -34.09 -43.80
CA ILE M 210 10.97 -33.84 -42.73
C ILE M 210 11.42 -34.49 -41.41
N ALA M 211 12.05 -35.66 -41.53
CA ALA M 211 12.66 -36.37 -40.40
C ALA M 211 13.66 -35.45 -39.74
N TYR M 212 14.70 -35.06 -40.50
CA TYR M 212 15.81 -34.29 -39.95
C TYR M 212 15.33 -33.08 -39.17
N GLU M 213 14.43 -32.29 -39.76
CA GLU M 213 13.94 -31.07 -39.10
C GLU M 213 13.22 -31.41 -37.82
N ARG M 214 12.30 -32.36 -37.90
CA ARG M 214 11.59 -32.81 -36.72
C ARG M 214 12.54 -33.36 -35.66
N MET M 215 13.40 -34.30 -36.08
CA MET M 215 14.37 -34.89 -35.21
C MET M 215 15.08 -33.79 -34.48
N CYS M 216 15.21 -32.62 -35.11
CA CYS M 216 15.85 -31.49 -34.41
C CYS M 216 14.87 -30.79 -33.49
N ASN M 217 13.61 -30.75 -33.91
CA ASN M 217 12.63 -29.98 -33.15
C ASN M 217 12.44 -30.61 -31.82
N ILE M 218 12.40 -31.93 -31.86
CA ILE M 218 12.42 -32.80 -30.69
C ILE M 218 13.69 -32.50 -29.90
N LEU M 219 14.81 -32.60 -30.61
CA LEU M 219 16.10 -32.30 -30.07
C LEU M 219 15.95 -31.00 -29.34
N LYS M 220 15.42 -29.97 -30.02
CA LYS M 220 15.41 -28.62 -29.45
C LYS M 220 14.48 -28.57 -28.26
N GLY M 221 13.46 -29.42 -28.31
CA GLY M 221 12.47 -29.41 -27.26
C GLY M 221 13.01 -30.06 -26.00
N LYS M 222 14.22 -30.62 -26.10
CA LYS M 222 14.91 -31.16 -24.94
C LYS M 222 15.52 -30.00 -24.15
N PHE M 223 16.16 -29.08 -24.87
CA PHE M 223 16.74 -27.90 -24.26
C PHE M 223 15.69 -27.05 -23.59
N GLN M 224 16.08 -26.43 -22.49
CA GLN M 224 15.23 -25.55 -21.70
C GLN M 224 15.91 -24.22 -21.37
N THR M 225 16.69 -23.68 -22.32
CA THR M 225 17.32 -22.36 -22.18
C THR M 225 17.39 -21.65 -23.53
N ALA M 226 17.22 -20.33 -23.51
CA ALA M 226 17.30 -19.49 -24.72
C ALA M 226 18.30 -20.05 -25.77
N ALA M 227 19.59 -19.79 -25.55
CA ALA M 227 20.67 -20.10 -26.50
C ALA M 227 20.60 -21.55 -26.97
N GLN M 228 20.48 -22.45 -26.00
CA GLN M 228 20.36 -23.86 -26.27
C GLN M 228 19.33 -24.00 -27.36
N ARG M 229 18.14 -23.48 -27.07
CA ARG M 229 17.02 -23.54 -27.98
C ARG M 229 17.42 -22.90 -29.32
N THR M 230 17.98 -21.68 -29.28
CA THR M 230 18.29 -20.94 -30.50
C THR M 230 19.34 -21.64 -31.36
N MET M 231 20.33 -22.24 -30.70
CA MET M 231 21.48 -22.80 -31.44
C MET M 231 21.14 -24.04 -32.27
N VAL M 232 20.01 -24.65 -31.89
CA VAL M 232 19.54 -25.86 -32.47
C VAL M 232 19.00 -25.49 -33.82
N ASP M 233 18.34 -24.34 -33.86
CA ASP M 233 17.81 -23.75 -35.10
C ASP M 233 18.95 -23.45 -36.08
N GLN M 234 20.00 -22.80 -35.58
CA GLN M 234 21.15 -22.48 -36.40
C GLN M 234 21.72 -23.74 -37.04
N VAL M 235 21.46 -24.89 -36.43
CA VAL M 235 21.87 -26.20 -36.96
C VAL M 235 20.90 -26.75 -38.01
N ARG M 236 19.62 -26.64 -37.71
CA ARG M 236 18.56 -27.08 -38.59
C ARG M 236 18.44 -26.27 -39.90
N GLU M 237 19.31 -25.27 -40.07
CA GLU M 237 19.25 -24.41 -41.26
C GLU M 237 19.80 -25.05 -42.53
N SER M 238 20.78 -25.94 -42.41
CA SER M 238 21.47 -26.50 -43.58
C SER M 238 20.84 -27.78 -44.17
N ARG M 239 20.58 -27.77 -45.48
CA ARG M 239 20.00 -28.94 -46.15
C ARG M 239 20.98 -30.08 -46.13
N ASN M 240 22.22 -29.78 -46.45
CA ASN M 240 23.26 -30.78 -46.45
C ASN M 240 24.24 -30.42 -45.33
N PRO M 241 23.82 -30.54 -44.06
CA PRO M 241 24.63 -30.08 -42.93
C PRO M 241 25.91 -30.89 -42.79
N GLY M 242 27.06 -30.30 -43.06
CA GLY M 242 28.29 -31.08 -43.02
C GLY M 242 28.94 -30.96 -41.66
N ASN M 243 30.24 -31.25 -41.60
CA ASN M 243 31.05 -31.05 -40.39
C ASN M 243 30.76 -29.77 -39.61
N ALA M 244 30.25 -28.76 -40.31
CA ALA M 244 29.78 -27.50 -39.69
C ALA M 244 28.82 -27.84 -38.53
N GLU M 245 27.82 -28.66 -38.87
CA GLU M 245 26.81 -29.12 -37.93
C GLU M 245 27.45 -30.23 -37.07
N PHE M 246 27.94 -31.29 -37.76
CA PHE M 246 28.64 -32.42 -37.11
C PHE M 246 29.41 -31.95 -35.87
N GLU M 247 30.28 -30.96 -36.05
CA GLU M 247 30.97 -30.39 -34.93
C GLU M 247 30.06 -29.58 -33.96
N ASP M 248 29.04 -28.87 -34.47
CA ASP M 248 28.28 -28.01 -33.54
C ASP M 248 27.35 -28.72 -32.53
N LEU M 249 26.68 -29.81 -32.99
CA LEU M 249 25.69 -30.50 -32.17
C LEU M 249 26.44 -31.20 -31.04
N ILE M 250 27.60 -31.74 -31.39
CA ILE M 250 28.48 -32.39 -30.44
C ILE M 250 28.73 -31.43 -29.28
N PHE M 251 28.92 -30.16 -29.64
CA PHE M 251 29.04 -29.07 -28.64
C PHE M 251 27.81 -29.04 -27.66
N LEU M 252 26.65 -28.81 -28.29
CA LEU M 252 25.34 -28.80 -27.66
C LEU M 252 25.17 -30.10 -26.84
N ALA M 253 25.66 -31.23 -27.36
CA ALA M 253 25.65 -32.49 -26.61
C ALA M 253 26.33 -32.29 -25.22
N ARG M 254 27.50 -31.68 -25.29
CA ARG M 254 28.25 -31.39 -24.10
C ARG M 254 27.63 -30.29 -23.25
N SER M 255 26.83 -29.42 -23.85
CA SER M 255 26.22 -28.34 -23.06
C SER M 255 25.18 -28.91 -22.09
N ALA M 256 24.63 -30.06 -22.44
CA ALA M 256 23.54 -30.70 -21.72
C ALA M 256 24.04 -31.40 -20.49
N LEU M 257 25.37 -31.63 -20.46
CA LEU M 257 26.12 -32.19 -19.35
C LEU M 257 26.11 -31.21 -18.24
N ILE M 258 25.79 -29.96 -18.55
CA ILE M 258 25.81 -28.96 -17.54
C ILE M 258 24.43 -28.31 -17.44
N LEU M 259 23.89 -27.93 -18.60
CA LEU M 259 22.54 -27.35 -18.72
C LEU M 259 21.74 -28.45 -19.37
N ARG M 260 21.18 -29.29 -18.51
CA ARG M 260 20.57 -30.51 -18.96
C ARG M 260 19.29 -30.09 -19.66
N GLY M 261 18.68 -31.04 -20.37
CA GLY M 261 17.35 -30.85 -20.94
C GLY M 261 16.23 -31.58 -20.24
N SER M 262 15.05 -31.50 -20.84
CA SER M 262 13.90 -32.19 -20.33
C SER M 262 13.83 -33.57 -20.99
N VAL M 263 14.05 -34.60 -20.19
CA VAL M 263 13.84 -35.96 -20.64
C VAL M 263 12.98 -36.72 -19.66
N ALA M 264 11.80 -37.09 -20.13
CA ALA M 264 10.88 -37.97 -19.42
C ALA M 264 11.48 -39.36 -19.08
N HIS M 265 11.12 -39.84 -17.88
CA HIS M 265 11.45 -41.20 -17.42
C HIS M 265 10.16 -41.97 -17.19
N LYS M 266 10.09 -43.20 -17.71
CA LYS M 266 8.90 -44.04 -17.65
C LYS M 266 9.21 -45.35 -16.89
N SER M 267 8.49 -45.60 -15.79
CA SER M 267 8.68 -46.81 -15.01
C SER M 267 8.01 -47.99 -15.70
N CYS M 268 8.73 -48.70 -16.51
CA CYS M 268 8.08 -49.78 -17.27
C CYS M 268 8.46 -51.12 -16.77
N LEU M 269 7.53 -51.86 -16.13
CA LEU M 269 7.86 -53.15 -15.51
C LEU M 269 7.71 -54.27 -16.50
N PRO M 270 8.34 -55.45 -16.27
CA PRO M 270 8.29 -56.65 -17.13
C PRO M 270 6.88 -57.14 -17.31
N ALA M 271 6.62 -57.81 -18.42
CA ALA M 271 5.27 -58.30 -18.69
C ALA M 271 4.68 -59.14 -17.54
N CYS M 272 5.54 -59.90 -16.87
CA CYS M 272 5.09 -60.82 -15.89
C CYS M 272 4.44 -60.05 -14.73
N VAL M 273 4.99 -58.89 -14.44
CA VAL M 273 4.56 -58.15 -13.30
C VAL M 273 3.14 -57.69 -13.56
N TYR M 274 2.86 -57.11 -14.73
CA TYR M 274 1.52 -56.75 -15.14
C TYR M 274 0.63 -57.98 -15.32
N GLY M 275 1.09 -59.02 -16.00
CA GLY M 275 0.30 -60.30 -16.06
C GLY M 275 -0.13 -60.79 -14.69
N SER M 276 0.80 -60.87 -13.79
CA SER M 276 0.48 -61.35 -12.47
C SER M 276 -0.57 -60.46 -11.78
N ALA M 277 -0.43 -59.16 -11.92
CA ALA M 277 -1.30 -58.17 -11.35
C ALA M 277 -2.70 -58.27 -11.90
N VAL M 278 -2.80 -58.43 -13.21
CA VAL M 278 -4.09 -58.55 -13.89
C VAL M 278 -4.80 -59.79 -13.38
N ALA M 279 -4.03 -60.86 -13.24
CA ALA M 279 -4.53 -62.15 -12.79
C ALA M 279 -4.99 -62.11 -11.36
N SER M 280 -4.37 -61.24 -10.56
CA SER M 280 -4.72 -61.03 -9.16
C SER M 280 -5.93 -60.15 -9.01
N GLY M 281 -6.63 -59.86 -10.10
CA GLY M 281 -7.78 -59.10 -9.93
C GLY M 281 -7.60 -57.64 -10.32
N TYR M 282 -6.39 -57.06 -10.23
CA TYR M 282 -6.26 -55.63 -10.49
C TYR M 282 -6.74 -55.31 -11.82
N ASP M 283 -7.69 -54.39 -11.86
CA ASP M 283 -8.35 -54.02 -13.11
C ASP M 283 -8.02 -52.57 -13.42
N PHE M 284 -6.81 -52.32 -13.91
CA PHE M 284 -6.20 -51.00 -14.00
C PHE M 284 -6.98 -49.97 -14.76
N GLU M 285 -7.44 -50.30 -15.96
CA GLU M 285 -8.35 -49.35 -16.65
C GLU M 285 -9.47 -48.74 -15.77
N ARG M 286 -9.92 -49.45 -14.77
CA ARG M 286 -10.95 -48.96 -13.89
C ARG M 286 -10.34 -48.26 -12.72
N GLU M 287 -9.27 -48.83 -12.17
CA GLU M 287 -8.62 -48.25 -10.97
C GLU M 287 -7.49 -47.29 -11.33
N GLY M 288 -7.17 -47.11 -12.60
CA GLY M 288 -6.17 -46.14 -12.94
C GLY M 288 -4.76 -46.65 -12.65
N TYR M 289 -3.82 -46.18 -13.47
CA TYR M 289 -2.43 -46.53 -13.34
C TYR M 289 -1.52 -45.41 -13.91
N SER M 290 -0.26 -45.28 -13.42
CA SER M 290 0.71 -44.30 -13.98
C SER M 290 2.04 -44.96 -14.25
N LEU M 291 2.89 -44.26 -15.00
CA LEU M 291 4.26 -44.68 -15.23
C LEU M 291 5.23 -43.69 -14.58
N VAL M 292 4.70 -42.61 -13.97
CA VAL M 292 5.57 -41.61 -13.38
C VAL M 292 5.04 -41.23 -11.98
N GLY M 293 4.05 -42.00 -11.52
CA GLY M 293 3.53 -41.77 -10.17
C GLY M 293 3.92 -42.80 -9.17
N ILE M 294 3.03 -43.01 -8.21
CA ILE M 294 3.25 -44.03 -7.15
C ILE M 294 2.80 -45.43 -7.61
N ASP M 295 2.07 -45.48 -8.72
CA ASP M 295 1.46 -46.72 -9.16
C ASP M 295 2.55 -47.78 -9.38
N PRO M 296 3.57 -47.44 -10.16
CA PRO M 296 4.56 -48.45 -10.50
C PRO M 296 5.29 -48.89 -9.26
N PHE M 297 5.76 -47.99 -8.43
CA PHE M 297 6.40 -48.47 -7.21
C PHE M 297 5.48 -49.38 -6.41
N ARG M 298 4.23 -48.98 -6.21
CA ARG M 298 3.31 -49.77 -5.38
C ARG M 298 3.14 -51.19 -5.94
N LEU M 299 2.98 -51.28 -7.25
CA LEU M 299 2.86 -52.54 -7.89
C LEU M 299 4.09 -53.39 -7.58
N LEU M 300 5.29 -52.82 -7.72
CA LEU M 300 6.51 -53.57 -7.44
C LEU M 300 6.67 -53.86 -5.95
N GLN M 301 5.77 -53.38 -5.10
CA GLN M 301 5.93 -53.63 -3.66
C GLN M 301 5.37 -55.00 -3.31
N ASN M 302 4.72 -55.63 -4.29
CA ASN M 302 4.09 -56.95 -4.09
C ASN M 302 4.42 -57.97 -5.15
N SER M 303 5.30 -57.60 -6.06
CA SER M 303 5.62 -58.43 -7.18
C SER M 303 6.45 -59.60 -6.71
N GLN M 304 6.24 -60.77 -7.30
CA GLN M 304 7.01 -61.94 -6.91
C GLN M 304 7.81 -62.34 -8.13
N VAL M 305 8.81 -61.57 -8.49
CA VAL M 305 9.54 -61.88 -9.68
C VAL M 305 10.78 -62.70 -9.38
N TYR M 306 10.94 -63.80 -10.13
CA TYR M 306 12.14 -64.60 -10.02
C TYR M 306 13.07 -64.47 -11.20
N SER M 307 14.35 -64.73 -10.94
CA SER M 307 15.34 -64.63 -12.01
C SER M 307 16.42 -65.69 -12.03
N LEU M 308 16.82 -66.13 -13.21
CA LEU M 308 17.94 -67.08 -13.34
C LEU M 308 19.20 -66.38 -12.96
N ILE M 309 20.03 -67.11 -12.25
CA ILE M 309 21.25 -66.52 -11.69
C ILE M 309 22.43 -67.47 -11.81
N ARG M 310 23.47 -67.01 -12.50
CA ARG M 310 24.70 -67.79 -12.66
C ARG M 310 25.42 -68.12 -11.34
N PRO M 311 26.18 -69.26 -11.28
CA PRO M 311 26.80 -69.84 -10.06
C PRO M 311 27.57 -68.86 -9.19
N ASN M 312 28.41 -68.05 -9.80
CA ASN M 312 29.12 -67.08 -8.98
C ASN M 312 28.52 -65.70 -8.78
N GLU M 313 27.29 -65.47 -9.25
CA GLU M 313 26.72 -64.12 -9.24
C GLU M 313 26.05 -63.81 -7.91
N ASN M 314 25.93 -62.52 -7.60
CA ASN M 314 25.39 -62.10 -6.35
C ASN M 314 23.95 -61.75 -6.53
N PRO M 315 23.04 -62.47 -5.85
CA PRO M 315 21.58 -62.18 -5.95
C PRO M 315 21.23 -60.68 -5.70
N ALA M 316 21.80 -60.16 -4.63
CA ALA M 316 21.46 -58.84 -4.18
C ALA M 316 21.81 -57.85 -5.28
N HIS M 317 22.85 -58.25 -6.03
CA HIS M 317 23.42 -57.43 -7.07
C HIS M 317 22.50 -57.55 -8.26
N LYS M 318 21.94 -58.75 -8.45
CA LYS M 318 21.02 -58.99 -9.57
C LYS M 318 19.76 -58.13 -9.45
N SER M 319 19.12 -58.21 -8.28
CA SER M 319 17.94 -57.43 -8.00
C SER M 319 18.20 -55.94 -8.27
N GLN M 320 19.37 -55.46 -7.84
CA GLN M 320 19.67 -54.06 -8.02
C GLN M 320 19.45 -53.70 -9.47
N LEU M 321 20.12 -54.43 -10.36
CA LEU M 321 20.06 -54.20 -11.82
C LEU M 321 18.61 -54.02 -12.29
N VAL M 322 17.85 -55.12 -12.30
CA VAL M 322 16.40 -55.03 -12.58
C VAL M 322 15.66 -53.83 -11.98
N TRP M 323 15.91 -53.55 -10.71
CA TRP M 323 15.29 -52.40 -10.07
C TRP M 323 15.62 -51.11 -10.79
N MET M 324 16.83 -51.01 -11.34
CA MET M 324 17.22 -49.73 -11.95
C MET M 324 16.63 -49.63 -13.32
N ALA M 325 16.38 -50.80 -13.95
CA ALA M 325 15.67 -50.83 -15.22
C ALA M 325 14.19 -50.58 -15.03
N CYS M 326 13.65 -50.88 -13.86
CA CYS M 326 12.25 -50.56 -13.68
C CYS M 326 11.91 -49.07 -13.57
N HIS M 327 12.92 -48.26 -13.31
CA HIS M 327 12.66 -46.85 -13.30
C HIS M 327 13.57 -45.93 -14.18
N SER M 328 14.43 -46.51 -15.02
CA SER M 328 15.27 -45.65 -15.87
C SER M 328 16.20 -44.85 -14.91
N ALA M 329 16.83 -45.60 -14.00
CA ALA M 329 17.71 -45.00 -13.00
C ALA M 329 19.10 -45.45 -13.33
N ALA M 330 19.41 -45.61 -14.63
CA ALA M 330 20.77 -46.09 -14.99
C ALA M 330 21.71 -44.96 -15.07
N PHE M 331 21.23 -43.72 -14.98
CA PHE M 331 22.14 -42.60 -15.11
C PHE M 331 21.76 -41.67 -14.02
N GLU M 332 21.12 -42.20 -12.98
CA GLU M 332 20.70 -41.33 -11.89
C GLU M 332 21.88 -41.21 -10.91
N ASP M 333 21.83 -40.25 -10.00
CA ASP M 333 22.89 -40.11 -9.01
C ASP M 333 22.79 -41.27 -8.03
N LEU M 334 23.82 -42.15 -7.95
CA LEU M 334 23.74 -43.36 -7.13
C LEU M 334 23.25 -43.00 -5.74
N ARG M 335 23.67 -41.82 -5.26
CA ARG M 335 23.29 -41.37 -3.91
C ARG M 335 21.81 -41.38 -3.72
N VAL M 336 21.11 -40.75 -4.65
CA VAL M 336 19.65 -40.67 -4.57
C VAL M 336 18.99 -42.03 -4.82
N SER M 337 19.45 -42.75 -5.86
CA SER M 337 18.96 -44.10 -6.12
C SER M 337 19.00 -44.93 -4.86
N SER M 338 20.11 -44.91 -4.13
CA SER M 338 20.21 -45.71 -2.90
C SER M 338 19.30 -45.17 -1.82
N PHE M 339 19.04 -43.87 -1.90
CA PHE M 339 18.31 -43.22 -0.85
C PHE M 339 16.91 -43.74 -0.94
N ILE M 340 16.34 -43.65 -2.14
CA ILE M 340 14.98 -44.05 -2.41
C ILE M 340 14.84 -45.59 -2.35
N ARG M 341 15.87 -46.26 -2.89
CA ARG M 341 15.92 -47.70 -2.93
C ARG M 341 15.78 -48.29 -1.55
N GLY M 342 16.50 -47.73 -0.60
CA GLY M 342 16.37 -48.27 0.74
C GLY M 342 17.63 -48.97 1.15
N THR M 343 18.44 -49.32 0.15
CA THR M 343 19.70 -50.06 0.33
C THR M 343 20.79 -49.64 -0.64
N LYS M 344 22.02 -50.02 -0.36
CA LYS M 344 23.09 -49.66 -1.31
C LYS M 344 22.79 -49.91 -2.80
N VAL M 345 23.07 -48.91 -3.61
CA VAL M 345 22.95 -49.04 -5.03
C VAL M 345 24.36 -48.98 -5.58
N VAL M 346 24.93 -50.18 -5.68
CA VAL M 346 26.32 -50.26 -6.06
C VAL M 346 26.56 -49.94 -7.53
N PRO M 347 27.69 -49.31 -7.86
CA PRO M 347 28.12 -48.94 -9.22
C PRO M 347 28.27 -50.13 -10.12
N ARG M 348 28.26 -49.86 -11.43
CA ARG M 348 28.23 -50.92 -12.43
C ARG M 348 29.45 -51.79 -12.29
N GLY M 349 30.63 -51.18 -12.23
CA GLY M 349 31.85 -52.00 -12.13
C GLY M 349 31.83 -53.02 -10.98
N LYS M 350 31.40 -52.58 -9.80
CA LYS M 350 31.38 -53.42 -8.65
C LYS M 350 30.20 -54.34 -8.65
N LEU M 351 29.38 -54.27 -9.71
CA LEU M 351 28.23 -55.12 -9.81
C LEU M 351 28.56 -56.47 -10.32
N SER M 352 28.12 -57.48 -9.57
CA SER M 352 28.33 -58.86 -9.96
C SER M 352 27.27 -59.50 -10.86
N THR M 353 27.36 -59.22 -12.16
CA THR M 353 26.42 -59.81 -13.11
C THR M 353 26.76 -59.32 -14.51
N ARG M 354 26.39 -60.16 -15.49
CA ARG M 354 26.82 -59.94 -16.86
C ARG M 354 25.58 -59.61 -17.69
N GLY M 355 24.41 -59.98 -17.17
CA GLY M 355 23.24 -59.73 -17.94
C GLY M 355 22.17 -60.67 -17.52
N VAL M 356 20.95 -60.22 -17.66
CA VAL M 356 19.83 -60.96 -17.13
C VAL M 356 19.43 -62.13 -18.03
N GLN M 357 19.60 -61.93 -19.34
CA GLN M 357 19.27 -62.99 -20.32
C GLN M 357 20.38 -63.99 -20.32
N ILE M 358 19.98 -65.22 -20.56
CA ILE M 358 20.93 -66.31 -20.55
C ILE M 358 21.30 -66.64 -21.99
N ALA M 359 22.61 -66.67 -22.26
CA ALA M 359 23.11 -66.95 -23.59
C ALA M 359 23.11 -68.45 -23.87
N SER M 360 22.99 -68.79 -25.16
CA SER M 360 23.01 -70.20 -25.66
C SER M 360 24.29 -70.97 -25.29
N ASN M 361 25.32 -70.20 -24.95
CA ASN M 361 26.60 -70.71 -24.64
C ASN M 361 26.56 -71.46 -23.34
N GLU M 362 25.84 -70.92 -22.36
CA GLU M 362 25.94 -71.38 -20.98
C GLU M 362 25.27 -72.68 -20.83
N ASN M 363 25.41 -73.30 -19.67
CA ASN M 363 24.75 -74.59 -19.50
C ASN M 363 23.82 -74.47 -18.36
N MET M 364 22.85 -75.36 -18.29
CA MET M 364 21.88 -75.33 -17.22
C MET M 364 22.30 -76.08 -15.95
N GLU M 365 23.31 -76.95 -16.08
CA GLU M 365 23.63 -77.82 -14.98
C GLU M 365 23.99 -76.90 -13.84
N THR M 366 24.87 -75.95 -14.12
CA THR M 366 25.37 -75.06 -13.09
C THR M 366 24.55 -73.79 -13.07
N MET M 367 23.25 -73.91 -12.99
CA MET M 367 22.39 -72.74 -13.05
C MET M 367 21.31 -72.85 -11.99
N GLU M 368 21.00 -71.74 -11.31
CA GLU M 368 19.96 -71.73 -10.30
C GLU M 368 19.27 -70.38 -10.36
N SER M 369 18.29 -70.15 -9.48
CA SER M 369 17.44 -68.97 -9.63
C SER M 369 17.13 -68.32 -8.29
N SER M 370 17.09 -66.99 -8.23
CA SER M 370 16.78 -66.31 -7.00
C SER M 370 15.56 -65.40 -7.12
N THR M 371 15.06 -64.93 -5.98
CA THR M 371 13.89 -64.09 -5.94
C THR M 371 14.40 -62.63 -5.87
N LEU M 372 13.94 -61.85 -6.86
CA LEU M 372 14.44 -60.52 -7.09
C LEU M 372 13.86 -59.58 -6.06
N GLU M 373 14.71 -58.78 -5.42
CA GLU M 373 14.27 -57.76 -4.47
C GLU M 373 13.97 -56.46 -5.21
N LEU M 374 12.68 -56.21 -5.45
CA LEU M 374 12.27 -54.99 -6.20
C LEU M 374 11.58 -53.89 -5.41
N ARG M 375 11.31 -54.19 -4.13
CA ARG M 375 10.72 -53.23 -3.22
C ARG M 375 11.65 -52.03 -3.06
N SER M 376 11.09 -50.85 -2.77
CA SER M 376 11.89 -49.66 -2.51
C SER M 376 11.45 -49.01 -1.21
N ARG M 377 12.28 -48.11 -0.70
CA ARG M 377 11.98 -47.46 0.57
C ARG M 377 10.92 -46.40 0.35
N TYR M 378 11.25 -45.37 -0.42
CA TYR M 378 10.31 -44.34 -0.76
C TYR M 378 10.06 -44.39 -2.26
N TRP M 379 9.36 -43.38 -2.76
CA TRP M 379 9.14 -43.18 -4.17
C TRP M 379 9.24 -41.72 -4.51
N ALA M 380 9.41 -41.43 -5.79
CA ALA M 380 9.59 -40.08 -6.26
C ALA M 380 8.99 -39.79 -7.64
N ILE M 381 8.48 -38.58 -7.83
CA ILE M 381 7.83 -38.33 -9.09
C ILE M 381 8.84 -38.45 -10.24
N ARG M 382 8.87 -39.54 -11.01
CA ARG M 382 9.88 -39.60 -12.07
C ARG M 382 9.70 -38.31 -12.90
N THR M 383 10.72 -37.42 -12.94
CA THR M 383 10.59 -36.13 -13.68
C THR M 383 11.06 -36.18 -15.13
N ARG M 384 10.96 -35.01 -15.78
CA ARG M 384 11.38 -34.83 -17.15
C ARG M 384 12.45 -33.73 -17.25
N SER M 385 12.24 -32.69 -16.46
CA SER M 385 13.17 -31.58 -16.28
C SER M 385 14.64 -31.93 -15.98
N GLY M 386 15.57 -31.23 -16.63
CA GLY M 386 16.98 -31.35 -16.27
C GLY M 386 17.49 -30.38 -15.20
N GLY M 387 16.61 -29.61 -14.50
CA GLY M 387 17.05 -28.51 -13.59
C GLY M 387 17.71 -27.28 -14.24
N ASN M 388 17.59 -26.11 -13.61
CA ASN M 388 18.36 -24.92 -14.06
C ASN M 388 18.56 -23.84 -12.96
N THR M 389 19.65 -23.06 -13.06
CA THR M 389 19.86 -21.91 -12.15
C THR M 389 19.93 -20.56 -12.91
N GLN M 398 23.16 8.70 -42.96
CA GLN M 398 21.80 8.94 -42.50
C GLN M 398 21.72 9.53 -41.07
N ILE M 399 20.54 9.97 -40.63
CA ILE M 399 20.32 10.61 -39.32
C ILE M 399 18.93 10.26 -38.74
N SER M 400 18.06 9.83 -39.64
CA SER M 400 16.73 9.40 -39.26
C SER M 400 16.36 8.20 -40.13
N ILE M 401 15.37 7.44 -39.67
CA ILE M 401 14.85 6.33 -40.42
C ILE M 401 13.46 6.62 -40.97
N GLN M 402 13.30 6.44 -42.30
CA GLN M 402 11.98 6.55 -42.97
C GLN M 402 11.20 5.25 -42.81
N PRO M 403 10.03 5.28 -42.20
CA PRO M 403 9.40 3.98 -41.93
C PRO M 403 8.67 3.38 -43.15
N THR M 404 8.88 2.09 -43.41
CA THR M 404 8.29 1.47 -44.58
C THR M 404 7.21 0.53 -44.15
N PHE M 405 7.20 0.10 -42.91
CA PHE M 405 6.13 -0.83 -42.52
C PHE M 405 5.38 -0.42 -41.26
N SER M 406 4.26 -1.08 -41.03
CA SER M 406 3.43 -0.73 -39.91
C SER M 406 3.77 -1.72 -38.79
N VAL M 407 4.69 -1.34 -37.90
CA VAL M 407 4.99 -2.17 -36.74
C VAL M 407 5.37 -1.35 -35.51
N GLN M 408 5.29 -1.95 -34.34
CA GLN M 408 5.75 -1.31 -33.11
C GLN M 408 7.27 -1.12 -33.09
N ARG M 409 7.67 0.09 -33.48
CA ARG M 409 9.08 0.42 -33.63
C ARG M 409 9.46 1.82 -33.21
N ASN M 410 10.38 1.88 -32.24
CA ASN M 410 11.00 3.15 -31.88
C ASN M 410 11.61 3.76 -33.12
N LEU M 411 11.18 4.93 -33.54
CA LEU M 411 11.77 5.42 -34.75
C LEU M 411 13.05 6.21 -34.53
N PRO M 412 14.22 5.71 -34.98
CA PRO M 412 15.53 6.37 -34.81
C PRO M 412 15.81 7.67 -35.54
N SER M 431 26.52 -13.09 -31.63
CA SER M 431 27.88 -13.40 -32.14
C SER M 431 27.98 -14.89 -32.49
N ASP M 432 28.69 -15.65 -31.65
CA ASP M 432 28.66 -17.11 -31.77
C ASP M 432 27.72 -17.57 -30.69
N MET M 433 26.62 -18.24 -31.04
CA MET M 433 25.69 -18.69 -29.98
C MET M 433 26.39 -19.66 -29.00
N ARG M 434 27.51 -20.23 -29.46
CA ARG M 434 28.37 -21.05 -28.62
C ARG M 434 28.75 -20.28 -27.39
N THR M 435 29.29 -19.10 -27.62
CA THR M 435 29.73 -18.18 -26.56
C THR M 435 28.64 -18.03 -25.49
N GLU M 436 27.42 -17.76 -25.93
CA GLU M 436 26.33 -17.58 -25.02
C GLU M 436 26.30 -18.77 -24.04
N ILE M 437 26.31 -19.98 -24.58
CA ILE M 437 26.24 -21.20 -23.79
C ILE M 437 27.48 -21.39 -22.93
N ILE M 438 28.64 -21.31 -23.56
CA ILE M 438 29.90 -21.45 -22.84
C ILE M 438 29.91 -20.52 -21.62
N ARG M 439 29.33 -19.35 -21.78
CA ARG M 439 29.22 -18.38 -20.70
C ARG M 439 28.23 -18.88 -19.65
N LEU M 440 27.22 -19.64 -20.08
CA LEU M 440 26.22 -20.13 -19.15
C LEU M 440 26.81 -21.35 -18.48
N MET M 441 27.19 -22.36 -19.29
CA MET M 441 28.07 -23.44 -18.78
C MET M 441 28.96 -23.07 -17.54
N GLU M 442 29.82 -22.05 -17.71
CA GLU M 442 30.67 -21.51 -16.66
C GLU M 442 30.05 -21.25 -15.29
N SER M 443 29.01 -20.42 -15.22
CA SER M 443 28.48 -20.00 -13.93
C SER M 443 27.90 -21.18 -13.17
N ALA M 444 27.85 -22.31 -13.85
CA ALA M 444 27.23 -23.51 -13.31
C ALA M 444 28.16 -24.32 -12.40
N ARG M 445 27.70 -24.54 -11.16
CA ARG M 445 28.42 -25.39 -10.21
C ARG M 445 27.72 -26.75 -9.92
N PRO M 446 28.53 -27.81 -9.80
CA PRO M 446 27.95 -29.13 -9.64
C PRO M 446 27.11 -29.15 -8.41
N GLU M 447 27.48 -28.31 -7.44
CA GLU M 447 26.71 -28.20 -6.16
C GLU M 447 25.37 -27.50 -6.30
N ASP M 448 25.13 -26.90 -7.48
CA ASP M 448 23.89 -26.17 -7.76
C ASP M 448 22.64 -27.00 -7.57
N VAL M 449 21.86 -26.64 -6.57
CA VAL M 449 20.69 -27.40 -6.16
C VAL M 449 19.63 -27.35 -7.24
N SER M 450 19.08 -28.50 -7.67
CA SER M 450 17.89 -28.57 -8.58
C SER M 450 16.59 -29.10 -7.91
N PHE M 451 15.45 -28.96 -8.60
CA PHE M 451 14.17 -29.42 -8.08
C PHE M 451 13.97 -28.90 -6.65
N GLN M 452 14.24 -27.60 -6.49
CA GLN M 452 14.15 -26.95 -5.17
C GLN M 452 12.78 -27.25 -4.53
N GLY M 453 12.75 -27.66 -3.27
CA GLY M 453 11.47 -28.00 -2.66
C GLY M 453 10.86 -29.39 -2.93
N ARG M 454 11.13 -29.97 -4.13
CA ARG M 454 10.69 -31.33 -4.50
C ARG M 454 11.34 -32.33 -3.58
N GLY M 455 10.61 -33.37 -3.19
CA GLY M 455 11.14 -34.38 -2.27
C GLY M 455 10.72 -35.81 -2.61
N VAL M 456 10.76 -36.66 -1.60
CA VAL M 456 10.49 -38.09 -1.84
C VAL M 456 9.25 -38.40 -1.05
N PHE M 457 8.51 -39.41 -1.50
CA PHE M 457 7.29 -39.71 -0.79
C PHE M 457 7.33 -41.07 -0.18
N GLU M 458 6.72 -41.20 0.98
CA GLU M 458 6.52 -42.49 1.60
C GLU M 458 5.60 -43.31 0.70
N LEU M 459 5.66 -44.64 0.87
CA LEU M 459 4.85 -45.50 0.05
C LEU M 459 3.41 -45.55 0.55
N SER M 460 3.14 -45.00 1.76
CA SER M 460 1.78 -44.82 2.22
C SER M 460 1.16 -43.56 1.59
N ASP M 461 1.97 -42.57 1.28
CA ASP M 461 1.51 -41.28 0.81
C ASP M 461 1.04 -41.36 -0.61
N GLU M 462 -0.18 -41.82 -0.76
CA GLU M 462 -0.71 -42.15 -2.08
C GLU M 462 -0.82 -40.92 -2.93
N LYS M 463 -1.44 -39.92 -2.33
CA LYS M 463 -1.56 -38.58 -2.86
C LYS M 463 -0.16 -37.97 -2.80
N ALA M 464 0.08 -36.90 -3.54
CA ALA M 464 1.41 -36.29 -3.42
C ALA M 464 1.52 -35.32 -2.23
N THR M 465 0.70 -35.56 -1.22
CA THR M 465 0.56 -34.69 -0.08
C THR M 465 1.84 -34.22 0.54
N SER M 466 2.43 -35.02 1.42
CA SER M 466 3.63 -34.60 2.14
C SER M 466 4.98 -35.09 1.60
N PRO M 467 5.83 -34.15 1.17
CA PRO M 467 7.15 -34.42 0.54
C PRO M 467 8.24 -34.55 1.59
N ILE M 468 9.35 -35.21 1.25
CA ILE M 468 10.43 -35.41 2.21
C ILE M 468 11.70 -35.02 1.56
N VAL M 469 12.46 -34.16 2.22
CA VAL M 469 13.71 -33.69 1.64
C VAL M 469 14.91 -34.47 2.17
N PRO M 470 15.69 -35.06 1.27
CA PRO M 470 16.87 -35.84 1.64
C PRO M 470 18.08 -34.98 1.86
N SER M 471 18.83 -35.38 2.87
CA SER M 471 20.04 -34.67 3.23
C SER M 471 21.15 -35.68 2.97
N PHE M 472 22.04 -35.38 2.03
CA PHE M 472 23.11 -36.31 1.67
C PHE M 472 24.42 -36.28 2.48
N ASP M 473 24.46 -35.47 3.55
CA ASP M 473 25.61 -35.47 4.43
C ASP M 473 25.66 -36.93 4.90
N MET M 474 26.63 -37.69 4.40
CA MET M 474 26.59 -39.15 4.62
C MET M 474 27.76 -39.89 3.98
N SER M 475 28.07 -41.09 4.44
CA SER M 475 29.16 -41.83 3.82
C SER M 475 28.54 -42.52 2.67
N ASN M 476 28.59 -41.87 1.52
CA ASN M 476 27.94 -42.37 0.30
C ASN M 476 28.85 -43.37 -0.40
N GLU M 477 28.56 -43.69 -1.65
CA GLU M 477 29.36 -44.65 -2.40
C GLU M 477 29.49 -44.23 -3.89
N GLY M 478 29.68 -42.94 -4.15
CA GLY M 478 29.71 -42.51 -5.55
C GLY M 478 28.43 -41.85 -6.05
N SER M 479 28.48 -41.39 -7.29
CA SER M 479 27.32 -40.81 -7.92
C SER M 479 27.15 -41.32 -9.36
N TYR M 480 28.18 -41.85 -9.97
CA TYR M 480 28.13 -42.27 -11.34
C TYR M 480 28.03 -43.80 -11.52
N PHE M 481 26.83 -44.32 -11.69
CA PHE M 481 26.69 -45.75 -11.97
C PHE M 481 27.73 -46.27 -12.95
N PHE M 482 28.20 -45.43 -13.87
CA PHE M 482 29.19 -45.87 -14.85
C PHE M 482 30.59 -45.21 -14.69
N ASN N 14 -19.95 -33.28 -18.72
CA ASN N 14 -19.18 -34.57 -18.62
C ASN N 14 -19.82 -35.73 -19.40
N ALA N 15 -19.37 -35.80 -20.65
CA ALA N 15 -19.80 -36.79 -21.62
C ALA N 15 -18.98 -38.09 -21.53
N THR N 16 -18.30 -38.31 -20.42
CA THR N 16 -17.48 -39.51 -20.34
C THR N 16 -18.26 -40.65 -19.70
N GLU N 17 -18.56 -40.51 -18.42
CA GLU N 17 -19.26 -41.56 -17.70
C GLU N 17 -20.67 -41.67 -18.28
N ILE N 18 -21.47 -40.64 -18.01
CA ILE N 18 -22.88 -40.62 -18.41
C ILE N 18 -23.11 -41.10 -19.85
N ARG N 19 -22.36 -40.59 -20.82
CA ARG N 19 -22.64 -40.97 -22.21
C ARG N 19 -22.10 -42.34 -22.59
N ALA N 20 -21.03 -42.75 -21.94
CA ALA N 20 -20.36 -43.96 -22.35
C ALA N 20 -20.72 -45.13 -21.43
N SER N 21 -21.04 -44.84 -20.19
CA SER N 21 -21.43 -45.88 -19.26
C SER N 21 -22.82 -46.42 -19.60
N VAL N 22 -23.60 -45.58 -20.27
CA VAL N 22 -24.95 -45.98 -20.56
C VAL N 22 -24.90 -46.68 -21.90
N GLY N 23 -23.86 -46.34 -22.64
CA GLY N 23 -23.56 -47.06 -23.86
C GLY N 23 -23.19 -48.50 -23.58
N LYS N 24 -22.54 -48.68 -22.46
CA LYS N 24 -22.07 -49.97 -22.10
C LYS N 24 -23.26 -50.79 -21.65
N MET N 25 -24.27 -50.10 -21.14
CA MET N 25 -25.41 -50.88 -20.71
C MET N 25 -26.26 -51.22 -21.93
N ILE N 26 -26.14 -50.42 -22.98
CA ILE N 26 -26.88 -50.65 -24.18
C ILE N 26 -26.24 -51.80 -24.96
N ASP N 27 -24.90 -51.83 -25.00
CA ASP N 27 -24.12 -52.92 -25.61
C ASP N 27 -24.55 -54.22 -25.01
N GLY N 28 -24.80 -54.24 -23.71
CA GLY N 28 -25.10 -55.52 -23.10
C GLY N 28 -26.38 -56.06 -23.67
N ILE N 29 -27.40 -55.21 -23.77
CA ILE N 29 -28.70 -55.65 -24.18
C ILE N 29 -28.55 -56.16 -25.60
N GLY N 30 -27.81 -55.41 -26.42
CA GLY N 30 -27.57 -55.78 -27.80
C GLY N 30 -26.96 -57.18 -27.88
N ARG N 31 -25.68 -57.27 -27.54
CA ARG N 31 -24.97 -58.52 -27.42
C ARG N 31 -25.86 -59.65 -26.92
N PHE N 32 -26.52 -59.46 -25.77
CA PHE N 32 -27.37 -60.50 -25.26
C PHE N 32 -28.48 -60.94 -26.31
N TYR N 33 -29.27 -59.98 -26.77
CA TYR N 33 -30.25 -60.24 -27.78
C TYR N 33 -29.70 -61.02 -28.94
N ILE N 34 -28.50 -60.71 -29.38
CA ILE N 34 -27.88 -61.42 -30.47
C ILE N 34 -27.62 -62.89 -30.04
N GLN N 35 -27.05 -63.09 -28.87
CA GLN N 35 -26.75 -64.44 -28.35
C GLN N 35 -28.00 -65.26 -28.26
N MET N 36 -28.96 -64.66 -27.63
CA MET N 36 -30.24 -65.29 -27.46
C MET N 36 -30.92 -65.57 -28.79
N CYS N 37 -30.76 -64.70 -29.77
CA CYS N 37 -31.29 -65.07 -31.06
C CYS N 37 -30.54 -66.24 -31.62
N THR N 38 -29.24 -66.25 -31.43
CA THR N 38 -28.43 -67.35 -31.97
C THR N 38 -28.83 -68.72 -31.36
N GLU N 39 -29.39 -68.72 -30.15
CA GLU N 39 -29.83 -69.95 -29.52
C GLU N 39 -31.10 -70.42 -30.19
N LEU N 40 -32.09 -69.53 -30.20
CA LEU N 40 -33.35 -69.89 -30.79
C LEU N 40 -33.20 -70.19 -32.28
N LYS N 41 -32.01 -69.98 -32.81
CA LYS N 41 -31.76 -70.23 -34.22
C LYS N 41 -32.77 -69.48 -35.07
N LEU N 42 -33.21 -68.30 -34.63
CA LEU N 42 -34.03 -67.40 -35.49
C LEU N 42 -33.30 -66.77 -36.68
N SER N 43 -34.08 -66.30 -37.66
CA SER N 43 -33.55 -65.64 -38.85
C SER N 43 -33.41 -64.14 -38.60
N ASP N 44 -32.90 -63.43 -39.62
CA ASP N 44 -32.80 -61.98 -39.51
C ASP N 44 -34.18 -61.38 -39.44
N TYR N 45 -35.07 -61.76 -40.35
CA TYR N 45 -36.39 -61.22 -40.29
C TYR N 45 -37.06 -61.62 -39.01
N GLU N 46 -36.71 -62.78 -38.51
CA GLU N 46 -37.38 -63.28 -37.33
C GLU N 46 -36.76 -62.76 -36.04
N GLY N 47 -35.67 -62.01 -36.15
CA GLY N 47 -35.06 -61.43 -34.96
C GLY N 47 -35.48 -60.00 -34.88
N ARG N 48 -36.08 -59.52 -35.97
CA ARG N 48 -36.52 -58.13 -36.01
C ARG N 48 -37.99 -57.98 -35.66
N LEU N 49 -38.58 -59.11 -35.26
CA LEU N 49 -39.98 -59.16 -34.97
C LEU N 49 -40.24 -58.71 -33.55
N ILE N 50 -40.65 -57.48 -33.40
CA ILE N 50 -40.88 -56.96 -32.08
C ILE N 50 -41.53 -57.93 -31.16
N GLN N 51 -42.36 -58.81 -31.71
CA GLN N 51 -43.02 -59.88 -30.96
C GLN N 51 -41.97 -60.75 -30.26
N ASN N 52 -41.19 -61.48 -31.05
CA ASN N 52 -40.14 -62.28 -30.48
C ASN N 52 -39.27 -61.48 -29.57
N SER N 53 -38.89 -60.25 -29.93
CA SER N 53 -38.02 -59.51 -29.06
C SER N 53 -38.64 -59.42 -27.69
N LEU N 54 -39.88 -58.99 -27.62
CA LEU N 54 -40.57 -58.88 -26.33
C LEU N 54 -40.48 -60.11 -25.48
N THR N 55 -40.87 -61.23 -26.06
CA THR N 55 -40.83 -62.49 -25.37
C THR N 55 -39.45 -62.67 -24.73
N ILE N 56 -38.40 -62.45 -25.51
CA ILE N 56 -37.07 -62.61 -24.97
C ILE N 56 -36.82 -61.67 -23.79
N GLU N 57 -37.24 -60.42 -23.92
CA GLU N 57 -36.95 -59.46 -22.89
C GLU N 57 -37.60 -59.87 -21.60
N ARG N 58 -38.80 -60.42 -21.69
CA ARG N 58 -39.52 -60.78 -20.48
C ARG N 58 -38.95 -62.07 -19.85
N MET N 59 -38.58 -63.07 -20.68
CA MET N 59 -37.82 -64.27 -20.25
C MET N 59 -36.67 -63.92 -19.35
N VAL N 60 -36.18 -62.71 -19.51
CA VAL N 60 -34.95 -62.41 -18.83
C VAL N 60 -35.28 -61.73 -17.57
N LEU N 61 -36.18 -60.75 -17.63
CA LEU N 61 -36.53 -60.01 -16.45
C LEU N 61 -37.18 -60.96 -15.43
N SER N 62 -37.90 -61.96 -15.92
CA SER N 62 -38.50 -62.98 -15.08
C SER N 62 -37.38 -63.77 -14.39
N ALA N 63 -36.42 -64.21 -15.18
CA ALA N 63 -35.36 -65.04 -14.64
C ALA N 63 -34.50 -64.26 -13.64
N PHE N 64 -34.41 -62.95 -13.76
CA PHE N 64 -33.61 -62.21 -12.82
C PHE N 64 -34.47 -61.61 -11.72
N ASP N 65 -35.65 -62.21 -11.50
CA ASP N 65 -36.65 -61.70 -10.52
C ASP N 65 -37.92 -62.57 -10.40
N THR N 85 -37.93 -70.11 -17.35
CA THR N 85 -39.16 -69.50 -17.90
C THR N 85 -39.20 -69.71 -19.36
N GLY N 86 -40.35 -69.40 -19.96
CA GLY N 86 -40.57 -69.68 -21.38
C GLY N 86 -41.34 -68.53 -21.97
N GLY N 87 -41.85 -68.70 -23.18
CA GLY N 87 -42.62 -67.64 -23.81
C GLY N 87 -42.97 -67.96 -25.26
N PRO N 88 -43.79 -67.07 -25.87
CA PRO N 88 -44.31 -67.24 -27.23
C PRO N 88 -43.25 -66.82 -28.26
N ILE N 89 -42.94 -67.73 -29.17
CA ILE N 89 -41.93 -67.41 -30.17
C ILE N 89 -42.42 -67.70 -31.58
N TYR N 90 -42.56 -66.65 -32.38
CA TYR N 90 -43.11 -66.80 -33.72
C TYR N 90 -42.07 -67.07 -34.81
N ARG N 91 -42.40 -68.04 -35.65
CA ARG N 91 -41.49 -68.52 -36.67
C ARG N 91 -42.09 -68.30 -38.04
N ARG N 92 -41.24 -68.23 -39.06
CA ARG N 92 -41.72 -67.95 -40.42
C ARG N 92 -41.54 -69.15 -41.34
N VAL N 93 -42.63 -69.79 -41.75
CA VAL N 93 -42.55 -70.87 -42.75
C VAL N 93 -43.20 -70.41 -44.06
N ASP N 94 -42.83 -71.03 -45.18
CA ASP N 94 -43.41 -70.71 -46.50
C ASP N 94 -44.81 -70.12 -46.31
N GLY N 95 -44.96 -68.80 -46.46
CA GLY N 95 -46.27 -68.19 -46.42
C GLY N 95 -46.76 -67.69 -45.08
N LYS N 96 -46.90 -68.59 -44.11
CA LYS N 96 -47.59 -68.29 -42.82
C LYS N 96 -46.73 -68.29 -41.58
N TRP N 97 -47.25 -67.74 -40.49
CA TRP N 97 -46.42 -67.61 -39.29
C TRP N 97 -46.75 -68.64 -38.25
N ARG N 98 -45.72 -69.33 -37.74
CA ARG N 98 -45.96 -70.39 -36.78
C ARG N 98 -45.52 -69.95 -35.38
N ARG N 99 -46.44 -70.02 -34.43
CA ARG N 99 -46.14 -69.66 -33.05
C ARG N 99 -45.59 -70.86 -32.27
N GLU N 100 -44.38 -70.77 -31.74
CA GLU N 100 -43.84 -71.81 -30.86
C GLU N 100 -43.90 -71.48 -29.38
N LEU N 101 -44.37 -72.42 -28.59
CA LEU N 101 -44.41 -72.19 -27.16
C LEU N 101 -43.18 -72.84 -26.58
N ILE N 102 -42.21 -72.07 -26.08
CA ILE N 102 -40.96 -72.68 -25.60
C ILE N 102 -40.58 -72.30 -24.19
N LEU N 103 -39.67 -73.10 -23.64
CA LEU N 103 -39.20 -72.90 -22.25
C LEU N 103 -37.67 -72.98 -22.16
N TYR N 104 -37.06 -72.16 -21.30
CA TYR N 104 -35.58 -72.14 -21.15
C TYR N 104 -35.14 -72.23 -19.68
N ASP N 105 -33.96 -72.80 -19.45
CA ASP N 105 -33.48 -72.89 -18.10
C ASP N 105 -33.39 -71.51 -17.47
N LYS N 106 -34.28 -71.22 -16.53
CA LYS N 106 -34.23 -69.90 -15.91
C LYS N 106 -32.80 -69.44 -15.60
N GLU N 107 -31.88 -70.39 -15.37
CA GLU N 107 -30.53 -70.01 -14.98
C GLU N 107 -29.69 -69.87 -16.20
N GLU N 108 -29.93 -70.76 -17.15
CA GLU N 108 -29.25 -70.59 -18.40
C GLU N 108 -29.39 -69.13 -18.89
N ILE N 109 -30.60 -68.59 -18.75
CA ILE N 109 -30.88 -67.22 -19.21
C ILE N 109 -30.02 -66.26 -18.46
N ARG N 110 -29.96 -66.47 -17.16
CA ARG N 110 -29.17 -65.61 -16.31
C ARG N 110 -27.69 -65.74 -16.65
N ARG N 111 -27.31 -66.91 -17.13
CA ARG N 111 -25.93 -67.15 -17.48
C ARG N 111 -25.55 -66.36 -18.75
N ILE N 112 -26.39 -66.55 -19.77
CA ILE N 112 -26.16 -65.89 -21.04
C ILE N 112 -26.14 -64.39 -20.90
N TRP N 113 -27.04 -63.87 -20.05
CA TRP N 113 -27.12 -62.45 -19.77
C TRP N 113 -25.76 -61.94 -19.33
N ARG N 114 -25.20 -62.49 -18.23
CA ARG N 114 -23.96 -61.95 -17.66
C ARG N 114 -22.84 -62.10 -18.69
N GLN N 115 -22.80 -63.25 -19.34
CA GLN N 115 -21.83 -63.43 -20.37
C GLN N 115 -21.75 -62.19 -21.23
N ALA N 116 -22.92 -61.62 -21.59
CA ALA N 116 -22.96 -60.46 -22.48
C ALA N 116 -22.46 -59.24 -21.77
N ASN N 117 -22.88 -59.04 -20.53
CA ASN N 117 -22.37 -57.90 -19.72
C ASN N 117 -21.06 -58.11 -18.94
N ASN N 118 -20.16 -58.94 -19.47
CA ASN N 118 -18.92 -59.20 -18.76
C ASN N 118 -19.08 -59.87 -17.38
N GLY N 119 -20.09 -60.70 -17.23
CA GLY N 119 -20.30 -61.32 -15.95
C GLY N 119 -20.81 -60.35 -14.91
N ASP N 120 -21.17 -59.15 -15.35
CA ASP N 120 -21.80 -58.18 -14.48
C ASP N 120 -23.28 -58.43 -14.36
N ASP N 121 -23.92 -57.65 -13.50
CA ASP N 121 -25.35 -57.81 -13.29
C ASP N 121 -26.11 -56.87 -14.21
N ALA N 122 -25.50 -55.69 -14.35
CA ALA N 122 -26.01 -54.62 -15.15
C ALA N 122 -27.48 -54.47 -14.83
N THR N 123 -27.81 -54.11 -13.59
CA THR N 123 -29.23 -53.96 -13.22
C THR N 123 -29.82 -52.90 -14.10
N ALA N 124 -29.03 -51.88 -14.37
CA ALA N 124 -29.45 -50.85 -15.30
C ALA N 124 -30.07 -51.48 -16.57
N GLY N 125 -29.34 -52.42 -17.14
CA GLY N 125 -29.81 -53.07 -18.34
C GLY N 125 -31.18 -53.72 -18.24
N LEU N 126 -31.45 -54.42 -17.16
CA LEU N 126 -32.70 -55.13 -16.98
C LEU N 126 -33.77 -54.07 -16.74
N THR N 127 -33.37 -53.05 -15.99
CA THR N 127 -34.24 -51.98 -15.62
C THR N 127 -34.63 -51.26 -16.89
N HIS N 128 -33.73 -51.23 -17.88
CA HIS N 128 -33.98 -50.52 -19.13
C HIS N 128 -35.13 -51.17 -19.88
N MET N 129 -35.15 -52.49 -19.93
CA MET N 129 -36.16 -53.21 -20.67
C MET N 129 -37.33 -53.21 -19.75
N MET N 130 -37.08 -52.92 -18.48
CA MET N 130 -38.14 -52.88 -17.47
C MET N 130 -38.95 -51.66 -17.85
N ILE N 131 -38.32 -50.63 -18.37
CA ILE N 131 -39.05 -49.42 -18.75
C ILE N 131 -39.67 -49.50 -20.16
N TRP N 132 -38.94 -50.14 -21.06
CA TRP N 132 -39.42 -50.19 -22.40
C TRP N 132 -40.78 -50.83 -22.31
N HIS N 133 -40.91 -51.79 -21.40
CA HIS N 133 -42.15 -52.47 -21.25
C HIS N 133 -43.11 -51.48 -20.66
N SER N 134 -42.64 -50.74 -19.67
CA SER N 134 -43.51 -49.76 -19.02
C SER N 134 -44.12 -48.80 -20.05
N ASN N 135 -43.26 -48.16 -20.79
CA ASN N 135 -43.67 -47.13 -21.67
C ASN N 135 -44.62 -47.60 -22.76
N LEU N 136 -44.52 -48.91 -23.09
CA LEU N 136 -45.39 -49.59 -23.99
C LEU N 136 -46.72 -49.84 -23.33
N ASN N 137 -46.72 -50.00 -22.02
CA ASN N 137 -47.96 -50.38 -21.38
C ASN N 137 -48.74 -49.12 -21.04
N ASP N 138 -48.02 -48.06 -20.77
CA ASP N 138 -48.64 -46.84 -20.47
C ASP N 138 -49.30 -46.24 -21.74
N ALA N 139 -49.00 -46.82 -22.88
CA ALA N 139 -49.58 -46.36 -24.15
C ALA N 139 -50.56 -47.33 -24.75
N THR N 140 -50.37 -48.62 -24.52
CA THR N 140 -51.26 -49.62 -25.08
C THR N 140 -52.53 -49.65 -24.26
N TYR N 141 -52.39 -49.42 -22.94
CA TYR N 141 -53.53 -49.55 -22.00
C TYR N 141 -53.86 -48.35 -21.12
N GLN N 142 -55.10 -48.30 -20.71
CA GLN N 142 -55.55 -47.26 -19.82
C GLN N 142 -55.93 -47.94 -18.53
N ARG N 143 -55.36 -47.45 -17.44
CA ARG N 143 -55.45 -48.18 -16.18
C ARG N 143 -56.46 -47.51 -15.26
N THR N 144 -57.74 -47.65 -15.62
CA THR N 144 -58.79 -46.95 -14.89
C THR N 144 -59.24 -47.81 -13.73
N ARG N 145 -59.46 -49.10 -14.02
CA ARG N 145 -59.94 -50.06 -13.02
C ARG N 145 -59.19 -49.90 -11.69
N ALA N 146 -57.88 -49.71 -11.81
CA ALA N 146 -57.02 -49.58 -10.66
C ALA N 146 -57.09 -48.24 -9.98
N LEU N 147 -57.27 -47.16 -10.76
CA LEU N 147 -57.26 -45.80 -10.17
C LEU N 147 -58.45 -45.59 -9.22
N VAL N 148 -59.60 -46.04 -9.70
CA VAL N 148 -60.88 -45.87 -9.03
C VAL N 148 -60.92 -46.75 -7.77
N ARG N 149 -60.58 -48.03 -7.97
CA ARG N 149 -60.48 -48.97 -6.87
C ARG N 149 -59.50 -48.46 -5.80
N THR N 150 -58.54 -47.62 -6.20
CA THR N 150 -57.68 -46.91 -5.24
C THR N 150 -58.37 -45.66 -4.68
N GLY N 151 -59.20 -45.01 -5.49
CA GLY N 151 -59.94 -43.86 -4.98
C GLY N 151 -59.33 -42.60 -5.57
N MET N 152 -58.85 -42.77 -6.80
CA MET N 152 -58.26 -41.71 -7.65
C MET N 152 -59.21 -41.46 -8.81
N ASP N 153 -59.28 -40.23 -9.29
CA ASP N 153 -60.20 -39.98 -10.38
C ASP N 153 -59.67 -40.55 -11.72
N PRO N 154 -60.50 -41.34 -12.45
CA PRO N 154 -60.09 -41.98 -13.72
C PRO N 154 -59.52 -41.00 -14.71
N ARG N 155 -59.98 -39.77 -14.63
CA ARG N 155 -59.41 -38.72 -15.44
C ARG N 155 -58.02 -38.27 -15.03
N MET N 156 -57.34 -39.04 -14.18
CA MET N 156 -55.97 -38.69 -13.77
C MET N 156 -54.93 -39.53 -14.50
N CYS N 157 -55.29 -39.95 -15.72
CA CYS N 157 -54.40 -40.66 -16.65
C CYS N 157 -52.99 -40.11 -16.79
N SER N 158 -52.89 -38.81 -17.09
CA SER N 158 -51.59 -38.13 -17.32
C SER N 158 -50.61 -38.08 -16.14
N LEU N 159 -50.98 -38.73 -15.05
CA LEU N 159 -50.23 -38.72 -13.83
C LEU N 159 -49.85 -40.15 -13.51
N MET N 160 -50.34 -41.13 -14.25
CA MET N 160 -49.98 -42.52 -13.96
C MET N 160 -48.81 -43.10 -14.79
N GLN N 161 -47.82 -42.27 -15.12
CA GLN N 161 -46.68 -42.72 -15.85
C GLN N 161 -45.75 -43.72 -15.12
N GLY N 162 -45.85 -44.98 -15.47
CA GLY N 162 -45.00 -45.96 -14.87
C GLY N 162 -45.77 -46.68 -13.76
N SER N 163 -47.09 -46.61 -13.77
CA SER N 163 -47.80 -47.38 -12.78
C SER N 163 -47.52 -48.90 -12.95
N THR N 164 -47.05 -49.35 -14.11
CA THR N 164 -46.89 -50.79 -14.36
C THR N 164 -45.49 -51.24 -13.96
N LEU N 165 -44.68 -50.24 -13.70
CA LEU N 165 -43.27 -50.47 -13.57
C LEU N 165 -42.96 -51.10 -12.23
N PRO N 166 -42.59 -52.39 -12.24
CA PRO N 166 -42.30 -53.08 -10.96
C PRO N 166 -41.44 -52.23 -10.00
N ARG N 167 -41.81 -52.27 -8.72
CA ARG N 167 -41.02 -51.63 -7.65
C ARG N 167 -39.53 -51.97 -7.70
N ARG N 168 -39.21 -53.21 -8.12
CA ARG N 168 -37.83 -53.63 -8.36
C ARG N 168 -37.04 -52.61 -9.23
N SER N 169 -37.75 -51.82 -10.04
CA SER N 169 -37.09 -50.81 -10.85
C SER N 169 -36.09 -50.04 -10.02
N GLY N 170 -35.05 -49.56 -10.67
CA GLY N 170 -34.02 -48.85 -9.95
C GLY N 170 -34.34 -47.45 -9.52
N ALA N 171 -33.32 -46.76 -9.05
CA ALA N 171 -33.49 -45.41 -8.59
C ALA N 171 -33.83 -44.45 -9.76
N ALA N 172 -33.29 -44.74 -10.95
CA ALA N 172 -33.44 -43.85 -12.11
C ALA N 172 -34.64 -44.43 -12.87
N GLY N 173 -35.14 -45.54 -12.32
CA GLY N 173 -36.40 -46.14 -12.74
C GLY N 173 -37.63 -45.45 -12.17
N ALA N 174 -37.55 -44.94 -10.94
CA ALA N 174 -38.68 -44.30 -10.34
C ALA N 174 -38.74 -42.87 -10.83
N ALA N 175 -37.61 -42.24 -11.13
CA ALA N 175 -37.64 -40.83 -11.62
C ALA N 175 -38.55 -40.61 -12.85
N VAL N 176 -38.89 -41.71 -13.51
CA VAL N 176 -39.67 -41.65 -14.73
C VAL N 176 -41.12 -41.62 -14.32
N LYS N 177 -41.41 -42.04 -13.08
CA LYS N 177 -42.80 -42.09 -12.55
C LYS N 177 -43.59 -40.77 -12.45
N GLY N 178 -44.86 -40.81 -12.85
CA GLY N 178 -45.70 -39.63 -12.69
C GLY N 178 -46.16 -39.46 -11.24
N VAL N 179 -46.51 -38.22 -10.88
CA VAL N 179 -46.94 -37.87 -9.52
C VAL N 179 -48.07 -38.81 -9.05
N GLY N 180 -49.06 -38.95 -9.92
CA GLY N 180 -50.15 -39.85 -9.70
C GLY N 180 -49.68 -41.25 -9.47
N THR N 181 -48.51 -41.61 -9.98
CA THR N 181 -48.11 -43.03 -9.87
C THR N 181 -47.80 -43.33 -8.41
N MET N 182 -47.19 -42.35 -7.78
CA MET N 182 -46.69 -42.55 -6.46
C MET N 182 -47.84 -42.69 -5.50
N VAL N 183 -48.78 -41.75 -5.62
CA VAL N 183 -50.02 -41.74 -4.86
C VAL N 183 -50.78 -43.09 -4.85
N MET N 184 -50.93 -43.75 -5.99
CA MET N 184 -51.64 -45.01 -6.02
C MET N 184 -51.01 -46.06 -5.10
N GLU N 185 -49.70 -45.89 -4.87
CA GLU N 185 -48.89 -46.82 -4.06
C GLU N 185 -49.08 -46.59 -2.57
N LEU N 186 -48.58 -45.44 -2.11
CA LEU N 186 -48.80 -44.99 -0.77
C LEU N 186 -50.25 -45.24 -0.32
N ILE N 187 -51.23 -44.76 -1.09
CA ILE N 187 -52.64 -45.01 -0.81
C ILE N 187 -52.96 -46.51 -0.60
N ARG N 188 -52.27 -47.41 -1.29
CA ARG N 188 -52.61 -48.81 -1.07
C ARG N 188 -51.82 -49.34 0.11
N MET N 189 -50.58 -48.85 0.20
CA MET N 189 -49.69 -49.23 1.30
C MET N 189 -50.40 -48.77 2.58
N ILE N 190 -50.77 -47.48 2.62
CA ILE N 190 -51.60 -46.91 3.70
C ILE N 190 -52.97 -47.58 3.85
N LYS N 191 -53.75 -47.72 2.76
CA LYS N 191 -55.12 -48.26 2.88
C LYS N 191 -55.19 -49.63 3.55
N ARG N 192 -54.32 -50.56 3.19
CA ARG N 192 -54.38 -51.85 3.87
C ARG N 192 -53.89 -51.83 5.34
N GLY N 193 -52.82 -51.06 5.59
CA GLY N 193 -52.23 -50.83 6.94
C GLY N 193 -53.21 -50.12 7.85
N ILE N 194 -53.54 -48.87 7.50
CA ILE N 194 -54.54 -48.11 8.24
C ILE N 194 -55.86 -48.84 8.19
N ASN N 195 -56.11 -49.72 7.40
CA ASN N 195 -57.34 -50.52 7.48
C ASN N 195 -57.04 -51.63 8.49
N ARG N 206 -42.71 -53.31 9.88
CA ARG N 206 -41.77 -52.60 10.76
C ARG N 206 -40.90 -51.60 10.01
N ARG N 207 -40.02 -52.15 9.18
CA ARG N 207 -39.09 -51.40 8.36
C ARG N 207 -39.85 -50.64 7.28
N THR N 208 -41.11 -51.03 7.07
CA THR N 208 -42.03 -50.40 6.12
C THR N 208 -42.07 -48.88 6.20
N ARG N 209 -41.58 -48.32 7.29
CA ARG N 209 -41.57 -46.85 7.51
C ARG N 209 -40.59 -46.03 6.64
N ILE N 210 -39.32 -46.44 6.60
CA ILE N 210 -38.31 -45.76 5.78
C ILE N 210 -38.77 -45.63 4.33
N ALA N 211 -39.51 -46.66 3.85
CA ALA N 211 -40.16 -46.65 2.54
C ALA N 211 -41.06 -45.45 2.46
N TYR N 212 -42.08 -45.41 3.31
CA TYR N 212 -43.12 -44.39 3.26
C TYR N 212 -42.53 -42.99 3.19
N GLU N 213 -41.57 -42.67 4.06
CA GLU N 213 -40.97 -41.33 4.09
C GLU N 213 -40.26 -41.03 2.80
N ARG N 214 -39.42 -41.97 2.37
CA ARG N 214 -38.73 -41.81 1.10
C ARG N 214 -39.70 -41.69 -0.07
N MET N 215 -40.64 -42.65 -0.15
CA MET N 215 -41.64 -42.64 -1.18
C MET N 215 -42.24 -41.28 -1.24
N CYS N 216 -42.29 -40.57 -0.11
CA CYS N 216 -42.84 -39.20 -0.14
C CYS N 216 -41.78 -38.21 -0.59
N ASN N 217 -40.52 -38.48 -0.25
CA ASN N 217 -39.46 -37.51 -0.54
C ASN N 217 -39.31 -37.40 -2.02
N ILE N 218 -39.37 -38.58 -2.65
CA ILE N 218 -39.44 -38.73 -4.10
C ILE N 218 -40.66 -37.98 -4.59
N LEU N 219 -41.80 -38.34 -4.00
CA LEU N 219 -43.06 -37.71 -4.29
C LEU N 219 -42.79 -36.22 -4.28
N LYS N 220 -42.20 -35.73 -3.19
CA LYS N 220 -42.06 -34.27 -3.00
C LYS N 220 -41.11 -33.71 -4.04
N GLY N 221 -40.16 -34.55 -4.44
CA GLY N 221 -39.15 -34.09 -5.37
C GLY N 221 -39.71 -33.98 -6.77
N LYS N 222 -40.98 -34.42 -6.93
CA LYS N 222 -41.68 -34.25 -8.19
C LYS N 222 -42.18 -32.82 -8.28
N PHE N 223 -42.76 -32.32 -7.18
CA PHE N 223 -43.24 -30.95 -7.11
C PHE N 223 -42.10 -29.97 -7.29
N GLN N 224 -42.43 -28.86 -7.92
CA GLN N 224 -41.49 -27.76 -8.18
C GLN N 224 -42.06 -26.40 -7.79
N THR N 225 -42.81 -26.35 -6.68
CA THR N 225 -43.32 -25.09 -6.12
C THR N 225 -43.37 -25.15 -4.61
N ALA N 226 -43.09 -24.01 -3.96
CA ALA N 226 -43.13 -23.88 -2.50
C ALA N 226 -44.18 -24.81 -1.84
N ALA N 227 -45.45 -24.38 -1.87
CA ALA N 227 -46.57 -25.04 -1.20
C ALA N 227 -46.63 -26.54 -1.49
N GLN N 228 -46.56 -26.83 -2.79
CA GLN N 228 -46.56 -28.20 -3.27
C GLN N 228 -45.56 -28.94 -2.42
N ARG N 229 -44.33 -28.43 -2.43
CA ARG N 229 -43.24 -29.03 -1.70
C ARG N 229 -43.61 -29.11 -0.21
N THR N 230 -44.07 -28.00 0.36
CA THR N 230 -44.34 -27.95 1.80
C THR N 230 -45.46 -28.90 2.23
N MET N 231 -46.48 -29.02 1.38
CA MET N 231 -47.68 -29.78 1.77
C MET N 231 -47.45 -31.29 1.85
N VAL N 232 -46.38 -31.69 1.20
CA VAL N 232 -46.01 -33.08 1.09
C VAL N 232 -45.48 -33.49 2.42
N ASP N 233 -44.71 -32.55 3.02
CA ASP N 233 -44.18 -32.71 4.37
C ASP N 233 -45.31 -32.85 5.40
N GLN N 234 -46.29 -31.95 5.32
CA GLN N 234 -47.43 -32.00 6.21
C GLN N 234 -48.11 -33.37 6.16
N VAL N 235 -47.93 -34.08 5.04
CA VAL N 235 -48.45 -35.43 4.86
C VAL N 235 -47.55 -36.51 5.47
N ARG N 236 -46.25 -36.36 5.24
CA ARG N 236 -45.25 -37.27 5.76
C ARG N 236 -45.10 -37.23 7.29
N GLU N 237 -45.88 -36.39 7.97
CA GLU N 237 -45.78 -36.24 9.41
C GLU N 237 -46.41 -37.39 10.21
N SER N 238 -47.45 -38.02 9.68
CA SER N 238 -48.19 -39.03 10.43
C SER N 238 -47.68 -40.48 10.28
N ARG N 239 -47.46 -41.15 11.42
CA ARG N 239 -46.98 -42.53 11.41
C ARG N 239 -48.04 -43.43 10.84
N ASN N 240 -49.27 -43.24 11.30
CA ASN N 240 -50.38 -44.03 10.81
C ASN N 240 -51.30 -43.08 10.06
N PRO N 241 -50.87 -42.57 8.88
CA PRO N 241 -51.62 -41.54 8.16
C PRO N 241 -52.96 -42.08 7.66
N GLY N 242 -54.07 -41.61 8.22
CA GLY N 242 -55.36 -42.17 7.82
C GLY N 242 -55.96 -41.34 6.72
N ASN N 243 -57.29 -41.46 6.54
CA ASN N 243 -58.04 -40.61 5.61
C ASN N 243 -57.65 -39.14 5.58
N ALA N 244 -57.06 -38.66 6.68
CA ALA N 244 -56.49 -37.30 6.75
C ALA N 244 -55.54 -37.08 5.56
N GLU N 245 -54.61 -38.04 5.43
CA GLU N 245 -53.62 -38.05 4.35
C GLU N 245 -54.33 -38.53 3.06
N PHE N 246 -54.92 -39.74 3.14
CA PHE N 246 -55.69 -40.34 2.03
C PHE N 246 -56.41 -39.26 1.21
N GLU N 247 -57.19 -38.43 1.89
CA GLU N 247 -57.82 -37.32 1.21
C GLU N 247 -56.82 -36.21 0.77
N ASP N 248 -55.77 -35.92 1.53
CA ASP N 248 -54.92 -34.78 1.14
C ASP N 248 -54.02 -34.97 -0.11
N LEU N 249 -53.46 -36.18 -0.28
CA LEU N 249 -52.51 -36.45 -1.35
C LEU N 249 -53.30 -36.43 -2.65
N ILE N 250 -54.50 -36.98 -2.60
CA ILE N 250 -55.42 -36.99 -3.73
C ILE N 250 -55.56 -35.58 -4.24
N PHE N 251 -55.66 -34.63 -3.30
CA PHE N 251 -55.68 -33.19 -3.61
C PHE N 251 -54.42 -32.78 -4.48
N LEU N 252 -53.26 -32.98 -3.84
CA LEU N 252 -51.94 -32.74 -4.42
C LEU N 252 -51.84 -33.48 -5.78
N ALA N 253 -52.44 -34.67 -5.87
CA ALA N 253 -52.51 -35.38 -7.16
C ALA N 253 -53.15 -34.46 -8.24
N ARG N 254 -54.28 -33.88 -7.86
CA ARG N 254 -54.98 -32.98 -8.72
C ARG N 254 -54.25 -31.66 -8.92
N SER N 255 -53.40 -31.27 -7.99
CA SER N 255 -52.68 -30.00 -8.14
C SER N 255 -51.68 -30.08 -9.30
N ALA N 256 -51.23 -31.29 -9.58
CA ALA N 256 -50.19 -31.57 -10.55
C ALA N 256 -50.71 -31.51 -11.96
N LEU N 257 -52.05 -31.59 -12.06
CA LEU N 257 -52.83 -31.47 -13.29
C LEU N 257 -52.72 -30.07 -13.76
N ILE N 258 -52.30 -29.16 -12.88
CA ILE N 258 -52.23 -27.78 -13.25
C ILE N 258 -50.80 -27.29 -13.03
N LEU N 259 -50.25 -27.59 -11.85
CA LEU N 259 -48.87 -27.25 -11.49
C LEU N 259 -48.17 -28.59 -11.50
N ARG N 260 -47.65 -28.92 -12.68
CA ARG N 260 -47.16 -30.26 -12.91
C ARG N 260 -45.86 -30.35 -12.12
N GLY N 261 -45.33 -31.57 -12.00
CA GLY N 261 -44.01 -31.79 -11.44
C GLY N 261 -42.93 -32.16 -12.45
N SER N 262 -41.76 -32.48 -11.91
CA SER N 262 -40.66 -32.92 -12.72
C SER N 262 -40.73 -34.44 -12.84
N VAL N 263 -41.00 -34.90 -14.04
CA VAL N 263 -40.92 -36.33 -14.34
C VAL N 263 -40.11 -36.56 -15.59
N ALA N 264 -38.96 -37.20 -15.39
CA ALA N 264 -38.11 -37.68 -16.47
C ALA N 264 -38.80 -38.66 -17.44
N HIS N 265 -38.46 -38.51 -18.73
CA HIS N 265 -38.90 -39.42 -19.80
C HIS N 265 -37.66 -40.07 -20.42
N LYS N 266 -37.70 -41.39 -20.58
CA LYS N 266 -36.58 -42.18 -21.08
C LYS N 266 -36.97 -42.91 -22.38
N SER N 267 -36.25 -42.64 -23.48
CA SER N 267 -36.53 -43.27 -24.76
C SER N 267 -35.96 -44.68 -24.77
N CYS N 268 -36.75 -45.65 -24.41
CA CYS N 268 -36.20 -47.01 -24.30
C CYS N 268 -36.68 -47.89 -25.39
N LEU N 269 -35.81 -48.28 -26.34
CA LEU N 269 -36.22 -49.06 -27.51
C LEU N 269 -36.19 -50.53 -27.22
N PRO N 270 -36.90 -51.39 -27.99
CA PRO N 270 -36.97 -52.85 -27.85
C PRO N 270 -35.61 -53.47 -27.96
N ALA N 271 -35.42 -54.63 -27.34
CA ALA N 271 -34.12 -55.29 -27.39
C ALA N 271 -33.58 -55.48 -28.83
N CYS N 272 -34.49 -55.74 -29.76
CA CYS N 272 -34.09 -56.07 -31.08
C CYS N 272 -33.35 -54.89 -31.73
N VAL N 273 -33.80 -53.71 -31.38
CA VAL N 273 -33.29 -52.52 -31.99
C VAL N 273 -31.85 -52.37 -31.58
N TYR N 274 -31.55 -52.47 -30.29
CA TYR N 274 -30.19 -52.47 -29.77
C TYR N 274 -29.40 -53.68 -30.27
N GLY N 275 -29.96 -54.89 -30.19
CA GLY N 275 -29.27 -56.09 -30.78
C GLY N 275 -28.86 -55.87 -32.22
N SER N 276 -29.77 -55.41 -33.03
CA SER N 276 -29.47 -55.19 -34.42
C SER N 276 -28.34 -54.17 -34.59
N ALA N 277 -28.38 -53.09 -33.82
CA ALA N 277 -27.42 -52.02 -33.84
C ALA N 277 -26.04 -52.49 -33.45
N VAL N 278 -25.98 -53.30 -32.40
CA VAL N 278 -24.73 -53.84 -31.90
C VAL N 278 -24.11 -54.71 -32.97
N ALA N 279 -24.94 -55.51 -33.60
CA ALA N 279 -24.55 -56.43 -34.65
C ALA N 279 -24.05 -55.70 -35.88
N SER N 280 -24.59 -54.52 -36.13
CA SER N 280 -24.19 -53.67 -37.23
C SER N 280 -22.91 -52.92 -36.96
N GLY N 281 -22.22 -53.28 -35.90
CA GLY N 281 -21.01 -52.61 -35.68
C GLY N 281 -21.08 -51.55 -34.62
N TYR N 282 -22.23 -50.91 -34.38
CA TYR N 282 -22.25 -49.79 -33.42
C TYR N 282 -21.77 -50.22 -32.12
N ASP N 283 -20.75 -49.53 -31.64
CA ASP N 283 -20.09 -49.88 -30.41
C ASP N 283 -20.31 -48.75 -29.40
N PHE N 284 -21.52 -48.70 -28.83
CA PHE N 284 -22.01 -47.55 -28.08
C PHE N 284 -21.18 -47.10 -26.92
N GLU N 285 -20.75 -48.02 -26.06
CA GLU N 285 -19.79 -47.61 -25.00
C GLU N 285 -18.62 -46.74 -25.49
N ARG N 286 -18.20 -46.89 -26.72
CA ARG N 286 -17.12 -46.10 -27.26
C ARG N 286 -17.65 -44.88 -27.92
N GLU N 287 -18.75 -45.00 -28.65
CA GLU N 287 -19.33 -43.86 -29.38
C GLU N 287 -20.38 -43.12 -28.56
N GLY N 288 -20.71 -43.58 -27.37
CA GLY N 288 -21.64 -42.83 -26.57
C GLY N 288 -23.08 -43.01 -27.03
N TYR N 289 -23.99 -42.94 -26.06
CA TYR N 289 -25.41 -43.07 -26.33
C TYR N 289 -26.24 -42.31 -25.25
N SER N 290 -27.47 -41.86 -25.58
CA SER N 290 -28.37 -41.22 -24.58
C SER N 290 -29.75 -41.81 -24.65
N LEU N 291 -30.55 -41.52 -23.62
CA LEU N 291 -31.96 -41.90 -23.61
C LEU N 291 -32.83 -40.64 -23.65
N VAL N 292 -32.20 -39.45 -23.65
CA VAL N 292 -33.00 -38.21 -23.64
C VAL N 292 -32.39 -37.23 -24.67
N GLY N 293 -31.46 -37.75 -25.48
CA GLY N 293 -30.91 -36.92 -26.55
C GLY N 293 -31.36 -37.27 -27.93
N ILE N 294 -30.47 -37.03 -28.89
CA ILE N 294 -30.74 -37.37 -30.30
C ILE N 294 -30.43 -38.85 -30.61
N ASP N 295 -29.72 -39.50 -29.69
CA ASP N 295 -29.22 -40.84 -29.94
C ASP N 295 -30.40 -41.78 -30.27
N PRO N 296 -31.39 -41.79 -29.39
CA PRO N 296 -32.47 -42.76 -29.58
C PRO N 296 -33.21 -42.46 -30.86
N PHE N 297 -33.59 -41.22 -31.11
CA PHE N 297 -34.24 -40.98 -32.40
C PHE N 297 -33.37 -41.44 -33.57
N ARG N 298 -32.10 -41.09 -33.56
CA ARG N 298 -31.24 -41.44 -34.70
C ARG N 298 -31.19 -42.95 -34.93
N LEU N 299 -31.04 -43.70 -33.84
CA LEU N 299 -31.05 -45.12 -33.93
C LEU N 299 -32.34 -45.59 -34.59
N LEU N 300 -33.50 -45.08 -34.15
CA LEU N 300 -34.76 -45.49 -34.74
C LEU N 300 -34.91 -44.98 -36.17
N GLN N 301 -33.96 -44.21 -36.69
CA GLN N 301 -34.11 -43.70 -38.05
C GLN N 301 -33.66 -44.74 -39.06
N ASN N 302 -33.09 -45.84 -38.54
CA ASN N 302 -32.56 -46.92 -39.39
C ASN N 302 -32.98 -48.31 -38.97
N SER N 303 -33.85 -48.37 -37.97
CA SER N 303 -34.25 -49.62 -37.41
C SER N 303 -35.17 -50.33 -38.39
N GLN N 304 -35.07 -51.64 -38.47
CA GLN N 304 -35.91 -52.40 -39.38
C GLN N 304 -36.77 -53.30 -38.49
N VAL N 305 -37.71 -52.73 -37.78
CA VAL N 305 -38.49 -53.55 -36.89
C VAL N 305 -39.78 -54.00 -37.52
N TYR N 306 -40.04 -55.31 -37.42
CA TYR N 306 -41.29 -55.85 -37.90
C TYR N 306 -42.24 -56.26 -36.79
N SER N 307 -43.53 -56.26 -37.10
CA SER N 307 -44.54 -56.62 -36.11
C SER N 307 -45.69 -57.46 -36.59
N LEU N 308 -46.15 -58.40 -35.78
CA LEU N 308 -47.34 -59.19 -36.12
C LEU N 308 -48.53 -58.30 -36.06
N ILE N 309 -49.42 -58.51 -37.02
CA ILE N 309 -50.57 -57.63 -37.19
C ILE N 309 -51.82 -58.41 -37.53
N ARG N 310 -52.83 -58.28 -36.68
CA ARG N 310 -54.13 -58.94 -36.90
C ARG N 310 -54.84 -58.50 -38.19
N PRO N 311 -55.69 -59.40 -38.79
CA PRO N 311 -56.33 -59.24 -40.12
C PRO N 311 -57.00 -57.89 -40.38
N ASN N 312 -57.78 -57.43 -39.42
CA ASN N 312 -58.40 -56.14 -39.63
C ASN N 312 -57.69 -54.89 -39.12
N GLU N 313 -56.45 -55.02 -38.63
CA GLU N 313 -55.78 -53.90 -37.99
C GLU N 313 -55.06 -53.03 -39.00
N ASN N 314 -54.83 -51.77 -38.62
CA ASN N 314 -54.24 -50.83 -39.50
C ASN N 314 -52.77 -50.72 -39.21
N PRO N 315 -51.91 -51.07 -40.17
CA PRO N 315 -50.45 -50.99 -39.98
C PRO N 315 -49.98 -49.60 -39.46
N ALA N 316 -50.48 -48.57 -40.11
CA ALA N 316 -50.02 -47.22 -39.84
C ALA N 316 -50.31 -46.90 -38.40
N HIS N 317 -51.39 -47.54 -37.92
CA HIS N 317 -51.91 -47.30 -36.60
C HIS N 317 -51.03 -48.08 -35.64
N LYS N 318 -50.56 -49.25 -36.09
CA LYS N 318 -49.70 -50.09 -35.25
C LYS N 318 -48.37 -49.39 -34.96
N SER N 319 -47.72 -48.92 -36.04
CA SER N 319 -46.48 -48.19 -35.92
C SER N 319 -46.62 -47.03 -34.94
N GLN N 320 -47.74 -46.30 -35.03
CA GLN N 320 -47.93 -45.17 -34.18
C GLN N 320 -47.70 -45.60 -32.74
N LEU N 321 -48.44 -46.62 -32.33
CA LEU N 321 -48.39 -47.17 -30.95
C LEU N 321 -46.96 -47.36 -30.47
N VAL N 322 -46.28 -48.36 -31.05
CA VAL N 322 -44.82 -48.54 -30.78
C VAL N 322 -43.99 -47.27 -30.72
N TRP N 323 -44.19 -46.37 -31.68
CA TRP N 323 -43.47 -45.11 -31.68
C TRP N 323 -43.71 -44.33 -30.40
N MET N 324 -44.91 -44.42 -29.84
CA MET N 324 -45.22 -43.59 -28.67
C MET N 324 -44.64 -44.24 -27.44
N ALA N 325 -44.50 -45.58 -27.48
CA ALA N 325 -43.82 -46.29 -26.42
C ALA N 325 -42.31 -46.10 -26.49
N CYS N 326 -41.78 -45.81 -27.67
CA CYS N 326 -40.36 -45.57 -27.70
C CYS N 326 -39.89 -44.25 -27.05
N HIS N 327 -40.84 -43.34 -26.86
CA HIS N 327 -40.47 -42.13 -26.17
C HIS N 327 -41.32 -41.72 -24.92
N SER N 328 -42.23 -42.56 -24.45
CA SER N 328 -43.02 -42.18 -23.27
C SER N 328 -43.86 -40.95 -23.68
N ALA N 329 -44.54 -41.08 -24.84
CA ALA N 329 -45.34 -40.00 -25.38
C ALA N 329 -46.77 -40.44 -25.28
N ALA N 330 -47.11 -41.20 -24.24
CA ALA N 330 -48.51 -41.70 -24.13
C ALA N 330 -49.37 -40.68 -23.48
N PHE N 331 -48.79 -39.60 -22.95
CA PHE N 331 -49.61 -38.64 -22.24
C PHE N 331 -49.13 -37.31 -22.74
N GLU N 332 -48.52 -37.30 -23.92
CA GLU N 332 -48.01 -36.04 -24.44
C GLU N 332 -49.16 -35.36 -25.21
N ASP N 333 -49.02 -34.08 -25.52
CA ASP N 333 -50.04 -33.39 -26.27
C ASP N 333 -50.02 -33.89 -27.71
N LEU N 334 -51.10 -34.54 -28.19
CA LEU N 334 -51.10 -35.17 -29.51
C LEU N 334 -50.56 -34.21 -30.53
N ARG N 335 -50.88 -32.91 -30.35
CA ARG N 335 -50.44 -31.88 -31.30
C ARG N 335 -48.97 -31.92 -31.51
N VAL N 336 -48.23 -31.89 -30.41
CA VAL N 336 -46.77 -31.89 -30.46
C VAL N 336 -46.23 -33.25 -30.94
N SER N 337 -46.77 -34.36 -30.40
CA SER N 337 -46.40 -35.69 -30.85
C SER N 337 -46.47 -35.77 -32.36
N SER N 338 -47.56 -35.29 -32.97
CA SER N 338 -47.69 -35.36 -34.42
C SER N 338 -46.73 -34.43 -35.10
N PHE N 339 -46.37 -33.37 -34.39
CA PHE N 339 -45.57 -32.34 -35.00
C PHE N 339 -44.21 -32.94 -35.21
N ILE N 340 -43.67 -33.50 -34.14
CA ILE N 340 -42.35 -34.10 -34.14
C ILE N 340 -42.33 -35.41 -34.96
N ARG N 341 -43.41 -36.18 -34.81
CA ARG N 341 -43.59 -37.43 -35.49
C ARG N 341 -43.46 -37.27 -36.98
N GLY N 342 -44.12 -36.25 -37.52
CA GLY N 342 -44.01 -36.06 -38.93
C GLY N 342 -45.31 -36.35 -39.62
N THR N 343 -46.17 -37.10 -38.91
CA THR N 343 -47.48 -37.54 -39.41
C THR N 343 -48.55 -37.59 -38.32
N LYS N 344 -49.80 -37.67 -38.74
CA LYS N 344 -50.86 -37.75 -37.71
C LYS N 344 -50.60 -38.74 -36.55
N VAL N 345 -50.83 -38.26 -35.34
CA VAL N 345 -50.73 -39.09 -34.18
C VAL N 345 -52.15 -39.21 -33.64
N VAL N 346 -52.81 -40.23 -34.14
CA VAL N 346 -54.21 -40.39 -33.83
C VAL N 346 -54.46 -40.83 -32.38
N PRO N 347 -55.54 -40.35 -31.75
CA PRO N 347 -55.96 -40.70 -30.38
C PRO N 347 -56.22 -42.15 -30.19
N ARG N 348 -56.22 -42.58 -28.92
CA ARG N 348 -56.30 -43.99 -28.58
C ARG N 348 -57.57 -44.57 -29.11
N GLY N 349 -58.70 -43.93 -28.83
CA GLY N 349 -59.97 -44.48 -29.31
C GLY N 349 -60.01 -44.80 -30.80
N LYS N 350 -59.54 -43.87 -31.61
CA LYS N 350 -59.55 -44.01 -33.03
C LYS N 350 -58.45 -44.90 -33.51
N LEU N 351 -57.66 -45.43 -32.58
CA LEU N 351 -56.57 -46.30 -32.96
C LEU N 351 -57.02 -47.71 -33.18
N SER N 352 -56.65 -48.23 -34.34
CA SER N 352 -56.98 -49.61 -34.69
C SER N 352 -55.99 -50.68 -34.25
N THR N 353 -56.07 -51.08 -32.99
CA THR N 353 -55.22 -52.14 -32.49
C THR N 353 -55.54 -52.39 -31.01
N ARG N 354 -55.26 -53.63 -30.60
CA ARG N 354 -55.70 -54.10 -29.29
C ARG N 354 -54.44 -54.33 -28.44
N GLY N 355 -53.30 -54.46 -29.09
CA GLY N 355 -52.13 -54.74 -28.33
C GLY N 355 -51.13 -55.42 -29.20
N VAL N 356 -49.87 -55.21 -28.87
CA VAL N 356 -48.81 -55.66 -29.73
C VAL N 356 -48.52 -57.14 -29.54
N GLN N 357 -48.70 -57.63 -28.30
CA GLN N 357 -48.47 -59.04 -28.00
C GLN N 357 -49.66 -59.82 -28.48
N ILE N 358 -49.37 -61.03 -28.89
CA ILE N 358 -50.40 -61.90 -29.41
C ILE N 358 -50.82 -62.88 -28.32
N ALA N 359 -52.14 -62.93 -28.07
CA ALA N 359 -52.68 -63.80 -27.06
C ALA N 359 -52.80 -65.23 -27.55
N SER N 360 -52.74 -66.18 -26.61
CA SER N 360 -52.88 -67.65 -26.89
C SER N 360 -54.21 -68.03 -27.56
N ASN N 361 -55.15 -67.11 -27.46
CA ASN N 361 -56.48 -67.29 -27.94
C ASN N 361 -56.48 -67.30 -29.45
N GLU N 362 -55.69 -66.39 -30.04
CA GLU N 362 -55.79 -66.09 -31.46
C GLU N 362 -55.24 -67.19 -32.26
N ASN N 363 -55.40 -67.15 -33.57
CA ASN N 363 -54.84 -68.21 -34.37
C ASN N 363 -53.88 -67.61 -35.31
N MET N 364 -53.00 -68.42 -35.85
CA MET N 364 -52.01 -67.94 -36.78
C MET N 364 -52.45 -67.93 -38.25
N GLU N 365 -53.53 -68.66 -38.54
CA GLU N 365 -53.90 -68.83 -39.93
C GLU N 365 -54.17 -67.44 -40.45
N THR N 366 -54.97 -66.68 -39.71
CA THR N 366 -55.37 -65.36 -40.15
C THR N 366 -54.47 -64.32 -39.55
N MET N 367 -53.17 -64.49 -39.70
CA MET N 367 -52.22 -63.58 -39.08
C MET N 367 -51.14 -63.23 -40.09
N GLU N 368 -50.74 -61.97 -40.13
CA GLU N 368 -49.68 -61.53 -41.02
C GLU N 368 -48.87 -60.44 -40.30
N SER N 369 -47.86 -59.89 -40.98
CA SER N 369 -46.92 -59.01 -40.29
C SER N 369 -46.53 -57.81 -41.13
N SER N 370 -46.40 -56.64 -40.52
CA SER N 370 -46.00 -55.44 -41.25
C SER N 370 -44.72 -54.82 -40.72
N THR N 371 -44.16 -53.89 -41.49
CA THR N 371 -42.93 -53.23 -41.12
C THR N 371 -43.32 -51.91 -40.44
N LEU N 372 -42.81 -51.76 -39.21
CA LEU N 372 -43.21 -50.68 -38.34
C LEU N 372 -42.54 -49.40 -38.76
N GLU N 373 -43.31 -48.33 -38.90
CA GLU N 373 -42.77 -47.02 -39.23
C GLU N 373 -42.38 -46.28 -37.94
N LEU N 374 -41.08 -46.28 -37.63
CA LEU N 374 -40.60 -45.64 -36.38
C LEU N 374 -39.81 -44.35 -36.54
N ARG N 375 -39.52 -43.99 -37.81
CA ARG N 375 -38.85 -42.76 -38.13
C ARG N 375 -39.68 -41.56 -37.65
N SER N 376 -39.02 -40.44 -37.32
CA SER N 376 -39.71 -39.23 -36.93
C SER N 376 -39.19 -38.05 -37.74
N ARG N 377 -39.94 -36.96 -37.71
CA ARG N 377 -39.57 -35.79 -38.50
C ARG N 377 -38.43 -35.07 -37.79
N TYR N 378 -38.70 -34.54 -36.62
CA TYR N 378 -37.68 -33.89 -35.83
C TYR N 378 -37.46 -34.70 -34.56
N TRP N 379 -36.70 -34.14 -33.64
CA TRP N 379 -36.49 -34.68 -32.30
C TRP N 379 -36.48 -33.59 -31.29
N ALA N 380 -36.65 -33.98 -30.03
CA ALA N 380 -36.73 -33.03 -28.95
C ALA N 380 -36.13 -33.50 -27.62
N ILE N 381 -35.53 -32.60 -26.87
CA ILE N 381 -34.89 -33.07 -25.67
C ILE N 381 -35.94 -33.67 -24.71
N ARG N 382 -36.06 -34.98 -24.59
CA ARG N 382 -37.10 -35.49 -23.66
C ARG N 382 -36.82 -34.81 -22.32
N THR N 383 -37.77 -33.98 -21.81
CA THR N 383 -37.56 -33.25 -20.52
C THR N 383 -38.05 -33.98 -19.28
N ARG N 384 -37.88 -33.30 -18.15
CA ARG N 384 -38.32 -33.80 -16.85
C ARG N 384 -39.29 -32.81 -16.20
N SER N 385 -38.98 -31.54 -16.36
CA SER N 385 -39.81 -30.42 -15.94
C SER N 385 -41.30 -30.45 -16.33
N GLY N 386 -42.19 -30.11 -15.41
CA GLY N 386 -43.60 -29.91 -15.74
C GLY N 386 -44.01 -28.50 -16.18
N GLY N 387 -43.05 -27.56 -16.42
CA GLY N 387 -43.38 -26.12 -16.66
C GLY N 387 -43.95 -25.34 -15.46
N ASN N 388 -43.73 -24.02 -15.41
CA ASN N 388 -44.41 -23.16 -14.42
C ASN N 388 -44.50 -21.66 -14.82
N THR N 389 -45.53 -20.95 -14.32
CA THR N 389 -45.63 -19.49 -14.53
C THR N 389 -45.61 -18.70 -13.19
N GLN N 398 -47.06 -8.23 27.53
CA GLN N 398 -45.68 -7.90 27.21
C GLN N 398 -45.54 -6.68 26.27
N ILE N 399 -44.30 -6.17 26.08
CA ILE N 399 -44.01 -4.98 25.26
C ILE N 399 -42.64 -5.11 24.55
N SER N 400 -41.83 -5.99 25.08
CA SER N 400 -40.53 -6.29 24.52
C SER N 400 -40.27 -7.78 24.67
N ILE N 401 -39.34 -8.29 23.87
CA ILE N 401 -38.92 -9.66 23.94
C ILE N 401 -37.53 -9.80 24.54
N GLN N 402 -37.41 -10.61 25.60
CA GLN N 402 -36.09 -10.97 26.21
C GLN N 402 -35.42 -12.07 25.38
N PRO N 403 -34.24 -11.83 24.85
CA PRO N 403 -33.70 -12.87 23.95
C PRO N 403 -33.05 -14.05 24.69
N THR N 404 -33.38 -15.28 24.27
CA THR N 404 -32.85 -16.44 24.97
C THR N 404 -31.85 -17.12 24.10
N PHE N 405 -31.83 -16.88 22.81
CA PHE N 405 -30.85 -17.57 21.98
C PHE N 405 -30.05 -16.65 21.08
N SER N 406 -28.97 -17.19 20.53
CA SER N 406 -28.11 -16.39 19.71
C SER N 406 -28.49 -16.65 18.24
N VAL N 407 -29.36 -15.80 17.70
CA VAL N 407 -29.71 -15.92 16.28
C VAL N 407 -30.00 -14.57 15.64
N GLN N 408 -29.95 -14.51 14.32
CA GLN N 408 -30.33 -13.31 13.59
C GLN N 408 -31.83 -13.01 13.71
N ARG N 409 -32.13 -12.13 14.65
CA ARG N 409 -33.52 -11.81 14.98
C ARG N 409 -33.78 -10.36 15.33
N ASN N 410 -34.67 -9.76 14.54
CA ASN N 410 -35.17 -8.43 14.87
C ASN N 410 -35.77 -8.48 16.26
N LEU N 411 -35.25 -7.71 17.21
CA LEU N 411 -35.82 -7.85 18.51
C LEU N 411 -37.03 -6.95 18.74
N PRO N 412 -38.24 -7.53 18.91
CA PRO N 412 -39.49 -6.76 19.13
C PRO N 412 -39.68 -5.99 20.41
N SER N 431 -51.94 -21.10 6.91
CA SER N 431 -53.33 -21.51 7.22
C SER N 431 -53.55 -22.96 6.79
N ASP N 432 -54.30 -23.15 5.69
CA ASP N 432 -54.39 -24.48 5.07
C ASP N 432 -53.47 -24.40 3.87
N MET N 433 -52.44 -25.24 3.81
CA MET N 433 -51.52 -25.17 2.66
C MET N 433 -52.28 -25.46 1.34
N ARG N 434 -53.45 -26.10 1.48
CA ARG N 434 -54.36 -26.31 0.36
C ARG N 434 -54.65 -25.00 -0.31
N THR N 435 -55.10 -24.05 0.49
CA THR N 435 -55.43 -22.70 0.04
C THR N 435 -54.33 -22.13 -0.84
N GLU N 436 -53.10 -22.21 -0.35
CA GLU N 436 -51.98 -21.68 -1.07
C GLU N 436 -52.03 -22.21 -2.52
N ILE N 437 -52.16 -23.52 -2.66
CA ILE N 437 -52.17 -24.20 -3.95
C ILE N 437 -53.39 -23.82 -4.76
N ILE N 438 -54.55 -23.98 -4.14
CA ILE N 438 -55.81 -23.64 -4.80
C ILE N 438 -55.73 -22.24 -5.40
N ARG N 439 -55.05 -21.35 -4.69
CA ARG N 439 -54.85 -19.99 -5.13
C ARG N 439 -53.88 -19.97 -6.32
N LEU N 440 -52.94 -20.92 -6.35
CA LEU N 440 -51.97 -20.96 -7.43
C LEU N 440 -52.63 -21.62 -8.61
N MET N 441 -53.11 -22.87 -8.40
CA MET N 441 -54.07 -23.49 -9.36
C MET N 441 -54.89 -22.46 -10.22
N GLU N 442 -55.68 -21.61 -9.55
CA GLU N 442 -56.46 -20.54 -10.17
C GLU N 442 -55.79 -19.69 -11.24
N SER N 443 -54.68 -19.02 -10.90
CA SER N 443 -54.11 -18.06 -11.83
C SER N 443 -53.60 -18.73 -13.09
N ALA N 444 -53.66 -20.06 -13.07
CA ALA N 444 -53.13 -20.88 -14.15
C ALA N 444 -54.10 -21.05 -15.32
N ARG N 445 -53.64 -20.65 -16.52
CA ARG N 445 -54.41 -20.85 -17.76
C ARG N 445 -53.81 -21.92 -18.69
N PRO N 446 -54.70 -22.72 -19.31
CA PRO N 446 -54.23 -23.82 -20.12
C PRO N 446 -53.37 -23.29 -21.21
N GLU N 447 -53.64 -22.06 -21.63
CA GLU N 447 -52.85 -21.39 -22.69
C GLU N 447 -51.46 -20.95 -22.25
N ASP N 448 -51.19 -21.05 -20.95
CA ASP N 448 -49.90 -20.66 -20.36
C ASP N 448 -48.72 -21.37 -20.96
N VAL N 449 -47.89 -20.62 -21.68
CA VAL N 449 -46.78 -21.17 -22.43
C VAL N 449 -45.74 -21.75 -21.50
N SER N 450 -45.30 -23.00 -21.72
CA SER N 450 -44.13 -23.60 -21.00
C SER N 450 -42.86 -23.83 -21.87
N PHE N 451 -41.73 -24.14 -21.22
CA PHE N 451 -40.48 -24.38 -21.94
C PHE N 451 -40.22 -23.23 -22.92
N GLN N 452 -40.37 -22.01 -22.41
CA GLN N 452 -40.21 -20.79 -23.22
C GLN N 452 -38.85 -20.84 -23.96
N GLY N 453 -38.83 -20.56 -25.25
CA GLY N 453 -37.57 -20.65 -25.98
C GLY N 453 -37.08 -22.04 -26.46
N ARG N 454 -37.43 -23.12 -25.71
CA ARG N 454 -37.11 -24.51 -26.08
C ARG N 454 -37.82 -24.86 -27.35
N GLY N 455 -37.16 -25.61 -28.23
CA GLY N 455 -37.75 -25.99 -29.52
C GLY N 455 -37.45 -27.42 -29.94
N VAL N 456 -37.54 -27.66 -31.24
CA VAL N 456 -37.38 -29.02 -31.77
C VAL N 456 -36.16 -29.00 -32.62
N PHE N 457 -35.51 -30.15 -32.76
CA PHE N 457 -34.30 -30.14 -33.56
C PHE N 457 -34.43 -31.03 -34.76
N GLU N 458 -33.82 -30.59 -35.85
CA GLU N 458 -33.71 -31.41 -37.04
C GLU N 458 -32.88 -32.65 -36.68
N LEU N 459 -33.04 -33.69 -37.50
CA LEU N 459 -32.32 -34.92 -37.25
C LEU N 459 -30.88 -34.81 -37.72
N SER N 460 -30.54 -33.76 -38.50
CA SER N 460 -29.17 -33.48 -38.85
C SER N 460 -28.45 -32.77 -37.67
N ASP N 461 -29.20 -31.99 -36.90
CA ASP N 461 -28.64 -31.15 -35.85
C ASP N 461 -28.21 -31.98 -34.68
N GLU N 462 -27.03 -32.54 -34.82
CA GLU N 462 -26.54 -33.52 -33.85
C GLU N 462 -26.36 -32.90 -32.49
N LYS N 463 -25.66 -31.79 -32.53
CA LYS N 463 -25.44 -30.90 -31.40
C LYS N 463 -26.79 -30.24 -31.12
N ALA N 464 -26.95 -29.67 -29.94
CA ALA N 464 -28.22 -28.98 -29.71
C ALA N 464 -28.23 -27.54 -30.25
N THR N 465 -27.42 -27.30 -31.26
CA THR N 465 -27.19 -26.00 -31.81
C THR N 465 -28.41 -25.18 -32.09
N SER N 466 -29.05 -25.38 -33.24
CA SER N 466 -30.21 -24.56 -33.62
C SER N 466 -31.59 -25.15 -33.36
N PRO N 467 -32.37 -24.49 -32.51
CA PRO N 467 -33.73 -24.93 -32.06
C PRO N 467 -34.79 -24.43 -33.02
N ILE N 468 -35.97 -25.08 -33.03
CA ILE N 468 -37.04 -24.69 -33.93
C ILE N 468 -38.28 -24.58 -33.14
N VAL N 469 -38.96 -23.46 -33.26
CA VAL N 469 -40.17 -23.23 -32.51
C VAL N 469 -41.43 -23.56 -33.32
N PRO N 470 -42.27 -24.46 -32.82
CA PRO N 470 -43.49 -24.84 -33.49
C PRO N 470 -44.63 -23.90 -33.24
N SER N 471 -45.40 -23.68 -34.29
CA SER N 471 -46.54 -22.79 -34.21
C SER N 471 -47.72 -23.70 -34.47
N PHE N 472 -48.60 -23.85 -33.48
CA PHE N 472 -49.76 -24.75 -33.61
C PHE N 472 -51.05 -24.20 -34.27
N ASP N 473 -51.00 -22.97 -34.79
CA ASP N 473 -52.14 -22.44 -35.53
C ASP N 473 -52.29 -23.46 -36.65
N MET N 474 -53.32 -24.29 -36.58
CA MET N 474 -53.40 -25.45 -37.50
C MET N 474 -54.64 -26.31 -37.30
N SER N 475 -55.03 -27.10 -38.29
CA SER N 475 -56.19 -27.96 -38.10
C SER N 475 -55.65 -29.18 -37.46
N ASN N 476 -55.65 -29.19 -36.13
CA ASN N 476 -55.07 -30.28 -35.34
C ASN N 476 -56.07 -31.42 -35.22
N GLU N 477 -55.83 -32.34 -34.30
CA GLU N 477 -56.72 -33.49 -34.12
C GLU N 477 -56.85 -33.86 -32.62
N GLY N 478 -56.94 -32.86 -31.73
CA GLY N 478 -56.97 -33.18 -30.30
C GLY N 478 -55.64 -32.97 -29.58
N SER N 479 -55.69 -33.19 -28.26
CA SER N 479 -54.49 -33.10 -27.46
C SER N 479 -54.39 -34.26 -26.47
N TYR N 480 -55.47 -34.94 -26.19
CA TYR N 480 -55.49 -35.99 -25.21
C TYR N 480 -55.51 -37.40 -25.82
N PHE N 481 -54.35 -38.04 -25.97
CA PHE N 481 -54.33 -39.42 -26.43
C PHE N 481 -55.43 -40.28 -25.82
N PHE N 482 -55.85 -39.98 -24.59
CA PHE N 482 -56.90 -40.77 -23.95
C PHE N 482 -58.23 -40.01 -23.72
N ASN O 14 -13.93 -1.87 -49.77
CA ASN O 14 -14.23 -2.11 -51.23
C ASN O 14 -13.05 -2.71 -52.01
N ALA O 15 -13.07 -4.04 -52.00
CA ALA O 15 -12.09 -4.88 -52.65
C ALA O 15 -12.42 -5.13 -54.13
N THR O 16 -13.28 -4.32 -54.72
CA THR O 16 -13.65 -4.58 -56.10
C THR O 16 -12.77 -3.80 -57.05
N GLU O 17 -12.92 -2.48 -57.04
CA GLU O 17 -12.15 -1.64 -57.94
C GLU O 17 -10.69 -1.74 -57.55
N ILE O 18 -10.37 -1.16 -56.39
CA ILE O 18 -8.99 -1.07 -55.90
C ILE O 18 -8.21 -2.39 -56.04
N ARG O 19 -8.77 -3.52 -55.63
CA ARG O 19 -8.00 -4.76 -55.68
C ARG O 19 -7.93 -5.39 -57.07
N ALA O 20 -8.94 -5.14 -57.87
CA ALA O 20 -9.04 -5.82 -59.14
C ALA O 20 -8.59 -4.91 -60.29
N SER O 21 -8.77 -3.61 -60.12
CA SER O 21 -8.34 -2.67 -61.13
C SER O 21 -6.81 -2.58 -61.19
N VAL O 22 -6.19 -2.91 -60.06
CA VAL O 22 -4.76 -2.76 -59.99
C VAL O 22 -4.18 -4.09 -60.46
N GLY O 23 -5.02 -5.12 -60.32
CA GLY O 23 -4.71 -6.40 -60.88
C GLY O 23 -4.65 -6.35 -62.40
N LYS O 24 -5.51 -5.51 -62.95
CA LYS O 24 -5.60 -5.40 -64.36
C LYS O 24 -4.40 -4.65 -64.85
N MET O 25 -3.86 -3.80 -64.00
CA MET O 25 -2.70 -3.06 -64.46
C MET O 25 -1.48 -3.95 -64.35
N ILE O 26 -1.55 -4.94 -63.45
CA ILE O 26 -0.45 -5.84 -63.27
C ILE O 26 -0.43 -6.86 -64.41
N ASP O 27 -1.62 -7.34 -64.83
CA ASP O 27 -1.79 -8.24 -65.98
C ASP O 27 -1.15 -7.61 -67.19
N GLY O 28 -1.29 -6.30 -67.33
CA GLY O 28 -0.78 -5.71 -68.54
C GLY O 28 0.72 -5.87 -68.60
N ILE O 29 1.37 -5.57 -67.48
CA ILE O 29 2.81 -5.56 -67.45
C ILE O 29 3.25 -6.98 -67.76
N GLY O 30 2.57 -7.94 -67.13
CA GLY O 30 2.88 -9.36 -67.32
C GLY O 30 2.81 -9.71 -68.80
N ARG O 31 1.58 -9.82 -69.31
CA ARG O 31 1.31 -10.02 -70.73
C ARG O 31 2.35 -9.31 -71.61
N PHE O 32 2.54 -8.01 -71.42
CA PHE O 32 3.51 -7.32 -72.24
C PHE O 32 4.95 -7.98 -72.17
N TYR O 33 5.48 -8.09 -70.95
CA TYR O 33 6.74 -8.73 -70.76
C TYR O 33 6.84 -10.07 -71.47
N ILE O 34 5.77 -10.85 -71.44
CA ILE O 34 5.76 -12.12 -72.13
C ILE O 34 5.89 -11.90 -73.65
N GLN O 35 5.10 -10.99 -74.19
CA GLN O 35 5.12 -10.68 -75.64
C GLN O 35 6.48 -10.24 -76.07
N MET O 36 6.98 -9.29 -75.32
CA MET O 36 8.29 -8.76 -75.57
C MET O 36 9.38 -9.81 -75.42
N CYS O 37 9.23 -10.73 -74.48
CA CYS O 37 10.20 -11.80 -74.47
C CYS O 37 10.06 -12.65 -75.72
N THR O 38 8.84 -12.90 -76.13
CA THR O 38 8.64 -13.72 -77.31
C THR O 38 9.27 -13.09 -78.60
N GLU O 39 9.42 -11.77 -78.63
CA GLU O 39 10.04 -11.12 -79.76
C GLU O 39 11.53 -11.37 -79.72
N LEU O 40 12.11 -11.00 -78.60
CA LEU O 40 13.54 -11.18 -78.47
C LEU O 40 13.94 -12.65 -78.56
N LYS O 41 12.95 -13.52 -78.62
CA LYS O 41 13.22 -14.95 -78.71
C LYS O 41 14.12 -15.37 -77.57
N LEU O 42 14.01 -14.74 -76.38
CA LEU O 42 14.71 -15.24 -75.17
C LEU O 42 14.19 -16.57 -74.59
N SER O 43 15.02 -17.20 -73.77
CA SER O 43 14.66 -18.45 -73.12
C SER O 43 13.98 -18.17 -71.77
N ASP O 44 13.58 -19.26 -71.09
CA ASP O 44 12.99 -19.10 -69.77
C ASP O 44 14.01 -18.54 -68.81
N TYR O 45 15.19 -19.14 -68.77
CA TYR O 45 16.20 -18.63 -67.88
C TYR O 45 16.56 -17.22 -68.27
N GLU O 46 16.48 -16.94 -69.55
CA GLU O 46 16.90 -15.63 -70.03
C GLU O 46 15.80 -14.58 -69.92
N GLY O 47 14.60 -14.99 -69.51
CA GLY O 47 13.53 -14.05 -69.33
C GLY O 47 13.42 -13.73 -67.86
N ARG O 48 14.12 -14.54 -67.06
CA ARG O 48 14.06 -14.35 -65.62
C ARG O 48 15.25 -13.54 -65.10
N LEU O 49 16.03 -13.04 -66.07
CA LEU O 49 17.22 -12.31 -65.76
C LEU O 49 16.90 -10.85 -65.49
N ILE O 50 16.83 -10.50 -64.22
CA ILE O 50 16.48 -9.15 -63.89
C ILE O 50 17.12 -8.14 -64.76
N GLN O 51 18.31 -8.44 -65.26
CA GLN O 51 19.04 -7.58 -66.19
C GLN O 51 18.17 -7.32 -67.43
N ASN O 52 17.94 -8.37 -68.22
CA ASN O 52 17.09 -8.20 -69.38
C ASN O 52 15.78 -7.58 -69.02
N SER O 53 15.16 -7.97 -67.92
CA SER O 53 13.86 -7.39 -67.60
C SER O 53 14.00 -5.87 -67.56
N LEU O 54 14.97 -5.38 -66.81
CA LEU O 54 15.18 -3.95 -66.71
C LEU O 54 15.25 -3.24 -68.05
N THR O 55 16.12 -3.74 -68.89
CA THR O 55 16.29 -3.17 -70.20
C THR O 55 14.94 -3.02 -70.86
N ILE O 56 14.16 -4.10 -70.85
CA ILE O 56 12.85 -4.03 -71.46
C ILE O 56 11.97 -2.94 -70.84
N GLU O 57 11.98 -2.85 -69.52
CA GLU O 57 11.11 -1.91 -68.86
C GLU O 57 11.45 -0.50 -69.28
N ARG O 58 12.75 -0.23 -69.43
CA ARG O 58 13.16 1.11 -69.75
C ARG O 58 12.89 1.45 -71.23
N MET O 59 13.12 0.49 -72.15
CA MET O 59 12.70 0.57 -73.57
C MET O 59 11.30 1.06 -73.72
N VAL O 60 10.50 0.83 -72.70
CA VAL O 60 9.11 1.10 -72.89
C VAL O 60 8.82 2.44 -72.34
N LEU O 61 9.32 2.73 -71.15
CA LEU O 61 9.06 4.00 -70.54
C LEU O 61 9.65 5.12 -71.41
N SER O 62 10.78 4.83 -72.08
CA SER O 62 11.41 5.75 -73.00
C SER O 62 10.45 6.00 -74.17
N ALA O 63 9.95 4.90 -74.74
CA ALA O 63 9.11 5.03 -75.92
C ALA O 63 7.80 5.74 -75.60
N PHE O 64 7.34 5.68 -74.37
CA PHE O 64 6.10 6.34 -74.05
C PHE O 64 6.37 7.70 -73.41
N ASP O 65 7.56 8.26 -73.67
CA ASP O 65 8.00 9.54 -73.06
C ASP O 65 9.39 10.01 -73.53
N THR O 85 13.87 2.98 -79.50
CA THR O 85 14.93 2.90 -78.50
C THR O 85 15.46 1.52 -78.45
N GLY O 86 16.57 1.34 -77.73
CA GLY O 86 17.27 0.06 -77.70
C GLY O 86 17.76 -0.17 -76.29
N GLY O 87 18.62 -1.16 -76.11
CA GLY O 87 19.15 -1.44 -74.80
C GLY O 87 19.99 -2.71 -74.76
N PRO O 88 20.62 -2.97 -73.59
CA PRO O 88 21.52 -4.08 -73.36
C PRO O 88 20.73 -5.38 -73.12
N ILE O 89 21.01 -6.39 -73.91
CA ILE O 89 20.29 -7.65 -73.75
C ILE O 89 21.23 -8.84 -73.66
N TYR O 90 21.25 -9.48 -72.49
CA TYR O 90 22.17 -10.58 -72.27
C TYR O 90 21.64 -11.97 -72.65
N ARG O 91 22.50 -12.71 -73.32
CA ARG O 91 22.12 -14.00 -73.88
C ARG O 91 22.99 -15.09 -73.27
N ARG O 92 22.49 -16.32 -73.29
CA ARG O 92 23.23 -17.43 -72.67
C ARG O 92 23.72 -18.43 -73.71
N VAL O 93 25.03 -18.49 -73.92
CA VAL O 93 25.60 -19.53 -74.80
C VAL O 93 26.41 -20.54 -73.96
N ASP O 94 26.60 -21.75 -74.49
CA ASP O 94 27.40 -22.78 -73.80
C ASP O 94 28.41 -22.12 -72.86
N GLY O 95 28.15 -22.14 -71.55
CA GLY O 95 29.13 -21.63 -70.60
C GLY O 95 29.02 -20.19 -70.20
N LYS O 96 29.15 -19.27 -71.17
CA LYS O 96 29.31 -17.82 -70.90
C LYS O 96 28.19 -16.92 -71.34
N TRP O 97 28.15 -15.69 -70.86
CA TRP O 97 27.02 -14.81 -71.16
C TRP O 97 27.36 -13.79 -72.22
N ARG O 98 26.51 -13.68 -73.24
CA ARG O 98 26.78 -12.77 -74.32
C ARG O 98 25.84 -11.57 -74.27
N ARG O 99 26.42 -10.37 -74.22
CA ARG O 99 25.64 -9.13 -74.19
C ARG O 99 25.31 -8.66 -75.60
N GLU O 100 24.04 -8.55 -75.95
CA GLU O 100 23.64 -7.96 -77.24
C GLU O 100 23.16 -6.52 -77.15
N LEU O 101 23.66 -5.67 -78.02
CA LEU O 101 23.21 -4.30 -78.02
C LEU O 101 22.15 -4.20 -79.08
N ILE O 102 20.88 -3.98 -78.72
CA ILE O 102 19.81 -3.97 -79.74
C ILE O 102 18.94 -2.75 -79.72
N LEU O 103 18.22 -2.56 -80.83
CA LEU O 103 17.33 -1.40 -80.99
C LEU O 103 15.95 -1.82 -81.52
N TYR O 104 14.89 -1.16 -81.07
CA TYR O 104 13.52 -1.49 -81.50
C TYR O 104 12.71 -0.25 -81.96
N ASP O 105 11.78 -0.44 -82.88
CA ASP O 105 10.97 0.67 -83.32
C ASP O 105 10.27 1.31 -82.14
N LYS O 106 10.71 2.51 -81.77
CA LYS O 106 10.04 3.17 -80.62
C LYS O 106 8.53 3.01 -80.66
N GLU O 107 7.95 2.88 -81.86
CA GLU O 107 6.49 2.83 -81.97
C GLU O 107 6.04 1.41 -81.86
N GLU O 108 6.82 0.53 -82.49
CA GLU O 108 6.51 -0.86 -82.32
C GLU O 108 6.30 -1.17 -80.84
N ILE O 109 7.18 -0.61 -79.98
CA ILE O 109 7.12 -0.88 -78.53
C ILE O 109 5.82 -0.39 -78.01
N ARG O 110 5.45 0.81 -78.43
CA ARG O 110 4.21 1.41 -77.98
C ARG O 110 3.02 0.59 -78.47
N ARG O 111 3.21 -0.05 -79.62
CA ARG O 111 2.14 -0.84 -80.18
C ARG O 111 1.91 -2.12 -79.35
N ILE O 112 3.01 -2.82 -79.11
CA ILE O 112 2.96 -4.06 -78.36
C ILE O 112 2.42 -3.83 -76.97
N TRP O 113 2.81 -2.71 -76.36
CA TRP O 113 2.34 -2.34 -75.03
C TRP O 113 0.82 -2.32 -75.02
N ARG O 114 0.18 -1.51 -75.89
CA ARG O 114 -1.28 -1.34 -75.82
C ARG O 114 -1.95 -2.68 -76.12
N GLN O 115 -1.42 -3.38 -77.12
CA GLN O 115 -1.93 -4.68 -77.40
C GLN O 115 -2.16 -5.45 -76.11
N ALA O 116 -1.19 -5.36 -75.18
CA ALA O 116 -1.28 -6.13 -73.93
C ALA O 116 -2.33 -5.52 -73.04
N ASN O 117 -2.37 -4.21 -72.93
CA ASN O 117 -3.44 -3.54 -72.14
C ASN O 117 -4.77 -3.25 -72.84
N ASN O 118 -5.16 -4.10 -73.79
CA ASN O 118 -6.40 -3.84 -74.52
C ASN O 118 -6.43 -2.53 -75.32
N GLY O 119 -5.29 -2.11 -75.83
CA GLY O 119 -5.28 -0.86 -76.57
C GLY O 119 -5.43 0.33 -75.68
N ASP O 120 -5.37 0.10 -74.36
CA ASP O 120 -5.37 1.19 -73.41
C ASP O 120 -3.99 1.78 -73.22
N ASP O 121 -3.92 2.85 -72.45
CA ASP O 121 -2.63 3.49 -72.23
C ASP O 121 -2.00 2.93 -70.96
N ALA O 122 -2.88 2.68 -70.01
CA ALA O 122 -2.55 2.15 -68.71
C ALA O 122 -1.37 2.94 -68.21
N THR O 123 -1.54 4.24 -67.97
CA THR O 123 -0.42 5.06 -67.48
C THR O 123 0.02 4.47 -66.16
N ALA O 124 -0.95 4.03 -65.38
CA ALA O 124 -0.63 3.35 -64.15
C ALA O 124 0.50 2.33 -64.36
N GLY O 125 0.31 1.49 -65.35
CA GLY O 125 1.29 0.46 -65.64
C GLY O 125 2.71 0.97 -65.87
N LEU O 126 2.87 2.04 -66.64
CA LEU O 126 4.17 2.56 -66.96
C LEU O 126 4.72 3.20 -65.69
N THR O 127 3.81 3.84 -64.96
CA THR O 127 4.14 4.53 -63.76
C THR O 127 4.62 3.51 -62.77
N HIS O 128 4.08 2.28 -62.85
CA HIS O 128 4.44 1.23 -61.90
C HIS O 128 5.91 0.85 -62.06
N MET O 129 6.36 0.72 -63.29
CA MET O 129 7.72 0.32 -63.54
C MET O 129 8.51 1.56 -63.37
N MET O 130 7.82 2.71 -63.37
CA MET O 130 8.47 4.00 -63.18
C MET O 130 8.92 3.98 -61.74
N ILE O 131 8.17 3.35 -60.87
CA ILE O 131 8.53 3.29 -59.45
C ILE O 131 9.52 2.17 -59.11
N TRP O 132 9.34 1.05 -59.79
CA TRP O 132 10.17 -0.07 -59.48
C TRP O 132 11.58 0.43 -59.71
N HIS O 133 11.74 1.26 -60.72
CA HIS O 133 13.04 1.76 -61.03
C HIS O 133 13.41 2.69 -59.91
N SER O 134 12.46 3.52 -59.51
CA SER O 134 12.74 4.48 -58.44
C SER O 134 13.27 3.76 -57.18
N ASN O 135 12.50 2.81 -56.71
CA ASN O 135 12.79 2.19 -55.47
C ASN O 135 14.12 1.43 -55.47
N LEU O 136 14.54 1.01 -56.68
CA LEU O 136 15.81 0.40 -56.92
C LEU O 136 16.89 1.45 -56.89
N ASN O 137 16.58 2.67 -57.25
CA ASN O 137 17.62 3.65 -57.35
C ASN O 137 17.82 4.30 -55.99
N ASP O 138 16.76 4.38 -55.24
CA ASP O 138 16.83 4.95 -53.95
C ASP O 138 17.59 4.00 -53.00
N ALA O 139 17.84 2.78 -53.45
CA ALA O 139 18.57 1.81 -52.64
C ALA O 139 19.95 1.49 -53.18
N THR O 140 20.13 1.57 -54.49
CA THR O 140 21.42 1.27 -55.09
C THR O 140 22.33 2.46 -54.87
N TYR O 141 21.75 3.68 -54.92
CA TYR O 141 22.55 4.92 -54.85
C TYR O 141 22.21 5.93 -53.77
N GLN O 142 23.19 6.73 -53.42
CA GLN O 142 23.00 7.77 -52.46
C GLN O 142 23.18 9.08 -53.19
N ARG O 143 22.19 9.95 -53.08
CA ARG O 143 22.16 11.13 -53.95
C ARG O 143 22.58 12.36 -53.16
N THR O 144 23.88 12.44 -52.87
CA THR O 144 24.39 13.50 -52.02
C THR O 144 24.76 14.69 -52.88
N ARG O 145 25.44 14.40 -54.00
CA ARG O 145 25.91 15.45 -54.92
C ARG O 145 24.79 16.47 -55.19
N ALA O 146 23.59 15.94 -55.39
CA ALA O 146 22.44 16.75 -55.70
C ALA O 146 21.87 17.50 -54.51
N LEU O 147 21.91 16.90 -53.32
CA LEU O 147 21.27 17.52 -52.14
C LEU O 147 22.01 18.83 -51.74
N VAL O 148 23.33 18.72 -51.76
CA VAL O 148 24.23 19.77 -51.34
C VAL O 148 24.20 20.92 -52.36
N ARG O 149 24.36 20.54 -53.64
CA ARG O 149 24.26 21.49 -54.73
C ARG O 149 22.90 22.22 -54.70
N THR O 150 21.88 21.59 -54.14
CA THR O 150 20.60 22.25 -53.86
C THR O 150 20.65 23.08 -52.57
N GLY O 151 21.42 22.63 -51.59
CA GLY O 151 21.57 23.41 -50.36
C GLY O 151 20.78 22.74 -49.26
N MET O 152 20.75 21.40 -49.36
CA MET O 152 20.12 20.49 -48.40
C MET O 152 21.23 19.71 -47.70
N ASP O 153 21.03 19.36 -46.44
CA ASP O 153 22.08 18.63 -45.77
C ASP O 153 22.19 17.17 -46.24
N PRO O 154 23.41 16.70 -46.63
CA PRO O 154 23.60 15.33 -47.15
C PRO O 154 23.05 14.27 -46.23
N ARG O 155 23.06 14.57 -44.95
CA ARG O 155 22.43 13.69 -43.99
C ARG O 155 20.91 13.65 -44.03
N MET O 156 20.31 14.19 -45.09
CA MET O 156 18.84 14.15 -45.23
C MET O 156 18.39 13.09 -46.20
N CYS O 157 19.20 12.02 -46.30
CA CYS O 157 18.89 10.80 -47.08
C CYS O 157 17.50 10.25 -46.94
N SER O 158 17.06 10.01 -45.70
CA SER O 158 15.74 9.41 -45.40
C SER O 158 14.50 10.22 -45.82
N LEU O 159 14.73 11.33 -46.51
CA LEU O 159 13.69 12.23 -46.91
C LEU O 159 13.73 12.32 -48.42
N MET O 160 14.70 11.72 -49.09
CA MET O 160 14.75 11.79 -50.54
C MET O 160 14.13 10.59 -51.30
N GLN O 161 13.06 10.01 -50.74
CA GLN O 161 12.39 8.93 -51.39
C GLN O 161 11.66 9.26 -52.72
N GLY O 162 12.27 8.87 -53.81
CA GLY O 162 11.65 9.11 -55.09
C GLY O 162 12.25 10.36 -55.71
N SER O 163 13.43 10.78 -55.28
CA SER O 163 14.03 11.88 -55.95
C SER O 163 14.32 11.55 -57.43
N THR O 164 14.39 10.28 -57.81
CA THR O 164 14.77 9.91 -59.19
C THR O 164 13.55 9.81 -60.08
N LEU O 165 12.42 9.85 -59.40
CA LEU O 165 11.19 9.50 -60.05
C LEU O 165 10.73 10.62 -60.96
N PRO O 166 10.82 10.41 -62.29
CA PRO O 166 10.41 11.48 -63.22
C PRO O 166 9.09 12.17 -62.82
N ARG O 167 9.05 13.48 -62.95
CA ARG O 167 7.83 14.28 -62.75
C ARG O 167 6.62 13.73 -63.50
N ARG O 168 6.85 13.14 -64.70
CA ARG O 168 5.81 12.45 -65.45
C ARG O 168 5.02 11.44 -64.58
N SER O 169 5.63 10.96 -63.49
CA SER O 169 4.95 10.03 -62.61
C SER O 169 3.55 10.55 -62.30
N GLY O 170 2.65 9.63 -62.04
CA GLY O 170 1.28 10.01 -61.79
C GLY O 170 1.00 10.60 -60.44
N ALA O 171 -0.28 10.76 -60.16
CA ALA O 171 -0.70 11.35 -58.92
C ALA O 171 -0.37 10.41 -57.73
N ALA O 172 -0.43 9.09 -57.96
CA ALA O 172 -0.25 8.09 -56.90
C ALA O 172 1.24 7.73 -56.96
N GLY O 173 1.89 8.35 -57.96
CA GLY O 173 3.34 8.32 -58.09
C GLY O 173 4.07 9.30 -57.18
N ALA O 174 3.47 10.46 -56.92
CA ALA O 174 4.11 11.43 -56.09
C ALA O 174 3.84 11.08 -54.64
N ALA O 175 2.70 10.47 -54.33
CA ALA O 175 2.41 10.10 -52.91
C ALA O 175 3.52 9.26 -52.24
N VAL O 176 4.37 8.66 -53.07
CA VAL O 176 5.41 7.78 -52.58
C VAL O 176 6.58 8.63 -52.21
N LYS O 177 6.62 9.88 -52.72
CA LYS O 177 7.75 10.82 -52.45
C LYS O 177 7.98 11.24 -50.99
N GLY O 178 9.26 11.30 -50.59
CA GLY O 178 9.59 11.79 -49.27
C GLY O 178 9.52 13.31 -49.20
N VAL O 179 9.34 13.85 -47.99
CA VAL O 179 9.21 15.29 -47.76
C VAL O 179 10.40 16.04 -48.39
N GLY O 180 11.60 15.52 -48.10
CA GLY O 180 12.80 16.03 -48.66
C GLY O 180 12.77 16.01 -50.16
N THR O 181 11.99 15.13 -50.75
CA THR O 181 12.06 15.01 -52.23
C THR O 181 11.45 16.27 -52.84
N MET O 182 10.40 16.73 -52.19
CA MET O 182 9.63 17.80 -52.74
C MET O 182 10.44 19.08 -52.69
N VAL O 183 11.02 19.32 -51.51
CA VAL O 183 11.90 20.45 -51.27
C VAL O 183 13.03 20.61 -52.33
N MET O 184 13.70 19.56 -52.72
CA MET O 184 14.77 19.68 -53.69
C MET O 184 14.28 20.27 -55.02
N GLU O 185 12.97 20.08 -55.26
CA GLU O 185 12.32 20.52 -56.52
C GLU O 185 11.99 22.01 -56.48
N LEU O 186 11.03 22.34 -55.62
CA LEU O 186 10.69 23.71 -55.34
C LEU O 186 11.95 24.58 -55.23
N ILE O 187 12.89 24.20 -54.37
CA ILE O 187 14.17 24.91 -54.25
C ILE O 187 14.87 25.13 -55.60
N ARG O 188 14.75 24.19 -56.54
CA ARG O 188 15.45 24.42 -57.80
C ARG O 188 14.58 25.25 -58.70
N MET O 189 13.28 24.97 -58.63
CA MET O 189 12.28 25.70 -59.42
C MET O 189 12.40 27.16 -58.98
N ILE O 190 12.30 27.40 -57.66
CA ILE O 190 12.55 28.72 -57.06
C ILE O 190 13.97 29.26 -57.32
N LYS O 191 15.01 28.49 -57.05
CA LYS O 191 16.39 28.99 -57.18
C LYS O 191 16.72 29.57 -58.57
N ARG O 192 16.34 28.90 -59.63
CA ARG O 192 16.61 29.47 -60.94
C ARG O 192 15.74 30.71 -61.31
N GLY O 193 14.45 30.63 -60.92
CA GLY O 193 13.46 31.74 -61.11
C GLY O 193 13.84 32.96 -60.29
N ILE O 194 13.84 32.81 -58.97
CA ILE O 194 14.28 33.88 -58.07
C ILE O 194 15.71 34.22 -58.37
N ASN O 195 16.46 33.49 -59.01
CA ASN O 195 17.80 33.92 -59.42
C ASN O 195 17.61 34.71 -60.70
N ARG O 206 4.84 31.27 -66.67
CA ARG O 206 3.53 31.84 -66.43
C ARG O 206 2.64 30.92 -65.60
N ARG O 207 2.25 29.81 -66.25
CA ARG O 207 1.40 28.78 -65.67
C ARG O 207 2.16 28.05 -64.57
N THR O 208 3.48 28.24 -64.54
CA THR O 208 4.38 27.69 -63.53
C THR O 208 3.89 27.87 -62.08
N ARG O 209 2.95 28.78 -61.88
CA ARG O 209 2.40 29.05 -60.53
C ARG O 209 1.50 27.97 -59.90
N ILE O 210 0.50 27.50 -60.64
CA ILE O 210 -0.39 26.44 -60.17
C ILE O 210 0.41 25.22 -59.68
N ALA O 211 1.53 24.96 -60.35
CA ALA O 211 2.49 23.93 -59.95
C ALA O 211 2.94 24.21 -58.54
N TYR O 212 3.60 25.36 -58.35
CA TYR O 212 4.21 25.71 -57.08
C TYR O 212 3.25 25.53 -55.91
N GLU O 213 2.03 26.07 -56.03
CA GLU O 213 1.05 25.98 -54.94
C GLU O 213 0.68 24.55 -54.67
N ARG O 214 0.36 23.82 -55.71
CA ARG O 214 0.05 22.41 -55.57
C ARG O 214 1.23 21.62 -54.99
N MET O 215 2.39 21.80 -55.60
CA MET O 215 3.60 21.14 -55.14
C MET O 215 3.70 21.37 -53.66
N CYS O 216 3.20 22.50 -53.16
CA CYS O 216 3.24 22.72 -51.71
C CYS O 216 2.10 22.01 -51.01
N ASN O 217 0.97 21.91 -51.69
CA ASN O 217 -0.21 21.36 -51.03
C ASN O 217 0.03 19.92 -50.74
N ILE O 218 0.65 19.28 -51.72
CA ILE O 218 1.18 17.92 -51.62
C ILE O 218 2.18 17.89 -50.47
N LEU O 219 3.15 18.80 -50.58
CA LEU O 219 4.15 18.98 -49.57
C LEU O 219 3.43 18.99 -48.25
N LYS O 220 2.42 19.85 -48.13
CA LYS O 220 1.77 20.07 -46.83
C LYS O 220 1.03 18.83 -46.41
N GLY O 221 0.57 18.09 -47.40
CA GLY O 221 -0.23 16.91 -47.12
C GLY O 221 0.65 15.77 -46.62
N LYS O 222 1.97 16.00 -46.64
CA LYS O 222 2.92 15.05 -46.08
C LYS O 222 2.92 15.22 -44.56
N PHE O 223 2.97 16.48 -44.11
CA PHE O 223 2.93 16.78 -42.69
C PHE O 223 1.64 16.32 -42.06
N GLN O 224 1.75 15.88 -40.82
CA GLN O 224 0.63 15.40 -40.02
C GLN O 224 0.58 16.04 -38.63
N THR O 225 0.92 17.33 -38.55
CA THR O 225 0.82 18.11 -37.30
C THR O 225 0.44 19.54 -37.59
N ALA O 226 -0.38 20.13 -36.69
CA ALA O 226 -0.80 21.54 -36.80
C ALA O 226 0.27 22.45 -37.47
N ALA O 227 1.27 22.85 -36.70
CA ALA O 227 2.30 23.81 -37.10
C ALA O 227 2.92 23.46 -38.45
N GLN O 228 3.34 22.19 -38.53
CA GLN O 228 3.92 21.66 -39.75
C GLN O 228 3.01 22.08 -40.88
N ARG O 229 1.74 21.71 -40.75
CA ARG O 229 0.74 22.01 -41.75
C ARG O 229 0.68 23.53 -41.97
N THR O 230 0.57 24.29 -40.87
CA THR O 230 0.38 25.75 -40.99
C THR O 230 1.57 26.44 -41.62
N MET O 231 2.78 25.97 -41.29
CA MET O 231 3.99 26.68 -41.73
C MET O 231 4.26 26.59 -43.22
N VAL O 232 3.61 25.60 -43.82
CA VAL O 232 3.76 25.29 -45.22
C VAL O 232 3.03 26.36 -45.97
N ASP O 233 1.87 26.73 -45.41
CA ASP O 233 1.04 27.82 -45.93
C ASP O 233 1.81 29.15 -45.90
N GLN O 234 2.43 29.44 -44.75
CA GLN O 234 3.21 30.65 -44.61
C GLN O 234 4.28 30.73 -45.70
N VAL O 235 4.68 29.58 -46.24
CA VAL O 235 5.64 29.50 -47.34
C VAL O 235 5.00 29.72 -48.72
N ARG O 236 3.86 29.09 -48.91
CA ARG O 236 3.10 29.19 -50.13
C ARG O 236 2.51 30.60 -50.40
N GLU O 237 2.75 31.53 -49.48
CA GLU O 237 2.18 32.88 -49.61
C GLU O 237 2.90 33.76 -50.64
N SER O 238 4.20 33.56 -50.84
CA SER O 238 4.98 34.45 -51.70
C SER O 238 5.04 34.06 -53.19
N ARG O 239 4.72 35.01 -54.08
CA ARG O 239 4.74 34.76 -55.52
C ARG O 239 6.16 34.51 -55.97
N ASN O 240 7.06 35.37 -55.50
CA ASN O 240 8.46 35.21 -55.85
C ASN O 240 9.20 34.85 -54.56
N PRO O 241 8.98 33.64 -54.03
CA PRO O 241 9.54 33.25 -52.71
C PRO O 241 11.06 33.19 -52.74
N GLY O 242 11.75 34.11 -52.08
CA GLY O 242 13.20 34.12 -52.16
C GLY O 242 13.79 33.33 -51.02
N ASN O 243 15.07 33.58 -50.72
CA ASN O 243 15.74 33.01 -49.56
C ASN O 243 14.91 32.94 -48.28
N ALA O 244 13.92 33.82 -48.17
CA ALA O 244 12.94 33.77 -47.08
C ALA O 244 12.36 32.36 -46.95
N GLU O 245 11.87 31.86 -48.10
CA GLU O 245 11.30 30.54 -48.22
C GLU O 245 12.45 29.52 -48.27
N PHE O 246 13.36 29.71 -49.25
CA PHE O 246 14.58 28.88 -49.41
C PHE O 246 15.10 28.41 -48.05
N GLU O 247 15.35 29.34 -47.14
CA GLU O 247 15.74 28.98 -45.81
C GLU O 247 14.61 28.30 -44.98
N ASP O 248 13.35 28.70 -45.14
CA ASP O 248 12.32 28.12 -44.24
C ASP O 248 11.94 26.64 -44.49
N LEU O 249 11.87 26.23 -45.75
CA LEU O 249 11.42 24.89 -46.11
C LEU O 249 12.48 23.91 -45.65
N ILE O 250 13.74 24.32 -45.84
CA ILE O 250 14.89 23.56 -45.41
C ILE O 250 14.71 23.20 -43.94
N PHE O 251 14.22 24.18 -43.18
CA PHE O 251 13.85 23.98 -41.76
C PHE O 251 12.83 22.79 -41.59
N LEU O 252 11.67 22.99 -42.22
CA LEU O 252 10.58 22.04 -42.30
C LEU O 252 11.13 20.68 -42.79
N ALA O 253 12.07 20.71 -43.73
CA ALA O 253 12.75 19.48 -44.17
C ALA O 253 13.33 18.71 -42.94
N ARG O 254 14.05 19.49 -42.13
CA ARG O 254 14.63 18.94 -40.94
C ARG O 254 13.60 18.60 -39.87
N SER O 255 12.44 19.24 -39.90
CA SER O 255 11.42 18.94 -38.88
C SER O 255 10.88 17.52 -39.07
N ALA O 256 10.95 17.02 -40.30
CA ALA O 256 10.38 15.75 -40.70
C ALA O 256 11.24 14.59 -40.27
N LEU O 257 12.51 14.94 -39.94
CA LEU O 257 13.52 14.04 -39.40
C LEU O 257 13.09 13.64 -38.03
N ILE O 258 12.18 14.39 -37.45
CA ILE O 258 11.76 14.10 -36.11
C ILE O 258 10.26 13.87 -36.09
N LEU O 259 9.52 14.79 -36.72
CA LEU O 259 8.05 14.70 -36.87
C LEU O 259 7.87 14.38 -38.33
N ARG O 260 7.85 13.08 -38.60
CA ARG O 260 7.91 12.62 -39.97
C ARG O 260 6.55 12.94 -40.55
N GLY O 261 6.43 12.81 -41.88
CA GLY O 261 5.15 12.89 -42.56
C GLY O 261 4.59 11.58 -43.05
N SER O 262 3.49 11.68 -43.79
CA SER O 262 2.87 10.54 -44.39
C SER O 262 3.46 10.34 -45.78
N VAL O 263 4.21 9.27 -45.95
CA VAL O 263 4.68 8.88 -47.27
C VAL O 263 4.38 7.42 -47.52
N ALA O 264 3.51 7.19 -48.49
CA ALA O 264 3.20 5.87 -49.02
C ALA O 264 4.43 5.12 -49.58
N HIS O 265 4.44 3.80 -49.34
CA HIS O 265 5.43 2.88 -49.89
C HIS O 265 4.72 1.85 -50.77
N LYS O 266 5.23 1.63 -51.97
CA LYS O 266 4.62 0.74 -52.96
C LYS O 266 5.60 -0.41 -53.33
N SER O 267 5.17 -1.65 -53.10
CA SER O 267 5.99 -2.81 -53.42
C SER O 267 5.94 -3.09 -54.91
N CYS O 268 6.88 -2.55 -55.65
CA CYS O 268 6.79 -2.71 -57.12
C CYS O 268 7.82 -3.64 -57.63
N LEU O 269 7.43 -4.84 -58.09
CA LEU O 269 8.40 -5.87 -58.52
C LEU O 269 8.76 -5.69 -59.96
N PRO O 270 9.91 -6.24 -60.44
CA PRO O 270 10.41 -6.17 -61.83
C PRO O 270 9.41 -6.76 -62.79
N ALA O 271 9.44 -6.31 -64.03
CA ALA O 271 8.50 -6.82 -65.03
C ALA O 271 8.49 -8.36 -65.14
N CYS O 272 9.66 -8.96 -64.97
CA CYS O 272 9.79 -10.36 -65.18
C CYS O 272 8.93 -11.13 -64.17
N VAL O 273 8.85 -10.58 -62.98
CA VAL O 273 8.18 -11.26 -61.91
C VAL O 273 6.71 -11.33 -62.24
N TYR O 274 6.09 -10.21 -62.64
CA TYR O 274 4.73 -10.16 -63.12
C TYR O 274 4.55 -10.96 -64.42
N GLY O 275 5.43 -10.77 -65.42
CA GLY O 275 5.38 -11.64 -66.64
C GLY O 275 5.35 -13.12 -66.32
N SER O 276 6.25 -13.56 -65.49
CA SER O 276 6.30 -14.95 -65.15
C SER O 276 5.00 -15.42 -64.48
N ALA O 277 4.47 -14.61 -63.58
CA ALA O 277 3.26 -14.87 -62.84
C ALA O 277 2.05 -14.98 -63.76
N VAL O 278 1.96 -14.05 -64.71
CA VAL O 278 0.87 -14.03 -65.66
C VAL O 278 0.90 -15.30 -66.48
N ALA O 279 2.10 -15.67 -66.88
CA ALA O 279 2.35 -16.84 -67.71
C ALA O 279 2.01 -18.12 -66.98
N SER O 280 2.19 -18.11 -65.65
CA SER O 280 1.86 -19.23 -64.79
C SER O 280 0.39 -19.33 -64.50
N GLY O 281 -0.42 -18.58 -65.21
CA GLY O 281 -1.78 -18.74 -64.97
C GLY O 281 -2.38 -17.64 -64.11
N TYR O 282 -1.62 -17.00 -63.22
CA TYR O 282 -2.24 -16.02 -62.30
C TYR O 282 -2.91 -14.98 -63.06
N ASP O 283 -4.18 -14.81 -62.78
CA ASP O 283 -5.03 -13.87 -63.50
C ASP O 283 -5.48 -12.79 -62.54
N PHE O 284 -4.58 -11.86 -62.23
CA PHE O 284 -4.73 -10.91 -61.13
C PHE O 284 -5.96 -10.06 -61.14
N GLU O 285 -6.28 -9.45 -62.26
CA GLU O 285 -7.59 -8.73 -62.34
C GLU O 285 -8.79 -9.52 -61.77
N ARG O 286 -8.76 -10.83 -61.83
CA ARG O 286 -9.84 -11.64 -61.32
C ARG O 286 -9.57 -12.01 -59.89
N GLU O 287 -8.33 -12.36 -59.58
CA GLU O 287 -7.97 -12.79 -58.20
C GLU O 287 -7.50 -11.63 -57.34
N GLY O 288 -7.40 -10.43 -57.87
CA GLY O 288 -7.03 -9.32 -57.02
C GLY O 288 -5.55 -9.30 -56.70
N TYR O 289 -5.03 -8.09 -56.52
CA TYR O 289 -3.64 -7.89 -56.20
C TYR O 289 -3.44 -6.55 -55.41
N SER O 290 -2.39 -6.43 -54.57
CA SER O 290 -2.08 -5.17 -53.87
C SER O 290 -0.62 -4.82 -54.03
N LEU O 291 -0.29 -3.57 -53.69
CA LEU O 291 1.10 -3.12 -53.63
C LEU O 291 1.48 -2.80 -52.18
N VAL O 292 0.53 -2.93 -51.24
CA VAL O 292 0.84 -2.59 -49.84
C VAL O 292 0.28 -3.69 -48.93
N GLY O 293 -0.16 -4.80 -49.55
CA GLY O 293 -0.63 -5.94 -48.76
C GLY O 293 0.29 -7.11 -48.74
N ILE O 294 -0.31 -8.29 -48.62
CA ILE O 294 0.46 -9.55 -48.63
C ILE O 294 0.74 -10.04 -50.06
N ASP O 295 0.05 -9.44 -51.04
CA ASP O 295 0.11 -9.92 -52.41
C ASP O 295 1.57 -9.91 -52.89
N PRO O 296 2.22 -8.76 -52.77
CA PRO O 296 3.56 -8.65 -53.32
C PRO O 296 4.49 -9.60 -52.62
N PHE O 297 4.50 -9.64 -51.31
CA PHE O 297 5.39 -10.62 -50.68
C PHE O 297 5.09 -12.03 -51.17
N ARG O 298 3.83 -12.43 -51.22
CA ARG O 298 3.50 -13.80 -51.61
C ARG O 298 4.01 -14.13 -53.02
N LEU O 299 3.81 -13.18 -53.94
CA LEU O 299 4.30 -13.35 -55.27
C LEU O 299 5.81 -13.59 -55.23
N LEU O 300 6.55 -12.77 -54.49
CA LEU O 300 8.00 -12.94 -54.41
C LEU O 300 8.39 -14.21 -53.66
N GLN O 301 7.43 -14.97 -53.12
CA GLN O 301 7.79 -16.17 -52.37
C GLN O 301 8.02 -17.33 -53.33
N ASN O 302 7.70 -17.09 -54.61
CA ASN O 302 7.82 -18.13 -55.65
C ASN O 302 8.54 -17.69 -56.91
N SER O 303 9.05 -16.47 -56.87
CA SER O 303 9.66 -15.88 -58.02
C SER O 303 11.00 -16.55 -58.27
N GLN O 304 11.36 -16.74 -59.52
CA GLN O 304 12.63 -17.37 -59.85
C GLN O 304 13.43 -16.32 -60.59
N VAL O 305 13.89 -15.29 -59.90
CA VAL O 305 14.59 -14.26 -60.58
C VAL O 305 16.10 -14.47 -60.54
N TYR O 306 16.73 -14.36 -61.70
CA TYR O 306 18.17 -14.44 -61.78
C TYR O 306 18.84 -13.10 -62.07
N SER O 307 20.08 -12.98 -61.64
CA SER O 307 20.83 -11.75 -61.85
C SER O 307 22.27 -11.88 -62.24
N LEU O 308 22.76 -11.02 -63.12
CA LEU O 308 24.20 -11.01 -63.47
C LEU O 308 24.95 -10.50 -62.29
N ILE O 309 26.09 -11.14 -62.08
CA ILE O 309 26.90 -10.87 -60.89
C ILE O 309 28.38 -10.85 -61.20
N ARG O 310 28.99 -9.70 -60.92
CA ARG O 310 30.43 -9.53 -61.14
C ARG O 310 31.31 -10.48 -60.31
N PRO O 311 32.54 -10.84 -60.81
CA PRO O 311 33.46 -11.87 -60.26
C PRO O 311 33.68 -11.82 -58.76
N ASN O 312 33.97 -10.62 -58.25
CA ASN O 312 34.17 -10.54 -56.81
C ASN O 312 32.97 -10.22 -55.92
N GLU O 313 31.76 -10.17 -56.49
CA GLU O 313 30.60 -9.70 -55.73
C GLU O 313 29.97 -10.84 -54.95
N ASN O 314 29.24 -10.48 -53.89
CA ASN O 314 28.65 -11.45 -53.03
C ASN O 314 27.22 -11.64 -53.40
N PRO O 315 26.82 -12.86 -53.83
CA PRO O 315 25.42 -13.13 -54.21
C PRO O 315 24.40 -12.71 -53.12
N ALA O 316 24.70 -13.11 -51.89
CA ALA O 316 23.77 -12.92 -50.80
C ALA O 316 23.52 -11.43 -50.64
N HIS O 317 24.56 -10.68 -51.01
CA HIS O 317 24.57 -9.23 -50.85
C HIS O 317 23.75 -8.67 -52.00
N LYS O 318 23.85 -9.32 -53.15
CA LYS O 318 23.09 -8.86 -54.34
C LYS O 318 21.59 -8.98 -54.11
N SER O 319 21.16 -10.18 -53.69
CA SER O 319 19.77 -10.42 -53.37
C SER O 319 19.24 -9.38 -52.39
N GLN O 320 20.03 -9.06 -51.38
CA GLN O 320 19.59 -8.12 -50.39
C GLN O 320 19.11 -6.86 -51.08
N LEU O 321 20.00 -6.30 -51.90
CA LEU O 321 19.72 -5.04 -52.65
C LEU O 321 18.36 -5.08 -53.32
N VAL O 322 18.24 -5.89 -54.38
CA VAL O 322 16.91 -6.13 -55.00
C VAL O 322 15.73 -6.26 -54.06
N TRP O 323 15.89 -7.04 -52.99
CA TRP O 323 14.84 -7.20 -52.02
C TRP O 323 14.43 -5.87 -51.43
N MET O 324 15.38 -4.96 -51.24
CA MET O 324 15.05 -3.70 -50.57
C MET O 324 14.38 -2.77 -51.54
N ALA O 325 14.71 -2.93 -52.83
CA ALA O 325 14.03 -2.20 -53.88
C ALA O 325 12.63 -2.75 -54.13
N CYS O 326 12.40 -4.01 -53.82
CA CYS O 326 11.03 -4.48 -54.00
C CYS O 326 10.00 -3.95 -52.99
N HIS O 327 10.50 -3.40 -51.89
CA HIS O 327 9.57 -2.79 -50.97
C HIS O 327 9.84 -1.31 -50.53
N SER O 328 10.81 -0.63 -51.14
CA SER O 328 11.05 0.76 -50.75
C SER O 328 11.53 0.72 -49.27
N ALA O 329 12.52 -0.16 -49.01
CA ALA O 329 13.04 -0.33 -47.67
C ALA O 329 14.45 0.20 -47.69
N ALA O 330 14.70 1.25 -48.47
CA ALA O 330 16.09 1.77 -48.55
C ALA O 330 16.34 2.73 -47.45
N PHE O 331 15.32 3.10 -46.69
CA PHE O 331 15.54 4.09 -45.65
C PHE O 331 14.82 3.55 -44.46
N GLU O 332 14.60 2.23 -44.44
CA GLU O 332 13.89 1.66 -43.32
C GLU O 332 14.92 1.35 -42.22
N ASP O 333 14.46 1.10 -41.00
CA ASP O 333 15.37 0.76 -39.93
C ASP O 333 15.93 -0.64 -40.19
N LEU O 334 17.26 -0.79 -40.40
CA LEU O 334 17.84 -2.06 -40.78
C LEU O 334 17.34 -3.16 -39.86
N ARG O 335 17.15 -2.80 -38.59
CA ARG O 335 16.70 -3.77 -37.58
C ARG O 335 15.44 -4.45 -38.00
N VAL O 336 14.45 -3.64 -38.37
CA VAL O 336 13.16 -4.18 -38.79
C VAL O 336 13.25 -4.88 -40.15
N SER O 337 13.93 -4.26 -41.13
CA SER O 337 14.15 -4.90 -42.41
C SER O 337 14.70 -6.30 -42.23
N SER O 338 15.69 -6.49 -41.37
CA SER O 338 16.26 -7.82 -41.16
C SER O 338 15.28 -8.72 -40.45
N PHE O 339 14.40 -8.11 -39.66
CA PHE O 339 13.52 -8.87 -38.82
C PHE O 339 12.56 -9.54 -39.76
N ILE O 340 11.95 -8.75 -40.61
CA ILE O 340 10.95 -9.21 -41.56
C ILE O 340 11.59 -10.07 -42.68
N ARG O 341 12.78 -9.62 -43.11
CA ARG O 341 13.54 -10.29 -44.13
C ARG O 341 13.80 -11.73 -43.76
N GLY O 342 14.20 -11.96 -42.53
CA GLY O 342 14.46 -13.32 -42.16
C GLY O 342 15.92 -13.56 -41.95
N THR O 343 16.74 -12.67 -42.51
CA THR O 343 18.21 -12.74 -42.47
C THR O 343 18.88 -11.36 -42.37
N LYS O 344 20.14 -11.35 -42.03
CA LYS O 344 20.82 -10.04 -41.96
C LYS O 344 20.58 -9.09 -43.15
N VAL O 345 20.28 -7.85 -42.84
CA VAL O 345 20.14 -6.83 -43.83
C VAL O 345 21.30 -5.88 -43.61
N VAL O 346 22.36 -6.19 -44.31
CA VAL O 346 23.59 -5.45 -44.11
C VAL O 346 23.54 -4.04 -44.69
N PRO O 347 24.18 -3.06 -44.02
CA PRO O 347 24.28 -1.65 -44.44
C PRO O 347 24.92 -1.48 -45.78
N ARG O 348 24.70 -0.31 -46.38
CA ARG O 348 25.12 -0.05 -47.74
C ARG O 348 26.62 -0.17 -47.84
N GLY O 349 27.34 0.50 -46.95
CA GLY O 349 28.81 0.43 -47.02
C GLY O 349 29.38 -0.99 -47.07
N LYS O 350 28.87 -1.85 -46.20
CA LYS O 350 29.35 -3.20 -46.11
C LYS O 350 28.78 -4.06 -47.17
N LEU O 351 27.97 -3.48 -48.06
CA LEU O 351 27.39 -4.23 -49.14
C LEU O 351 28.32 -4.39 -50.29
N SER O 352 28.49 -5.63 -50.71
CA SER O 352 29.33 -5.94 -51.85
C SER O 352 28.67 -5.91 -53.23
N THR O 353 28.51 -4.72 -53.79
CA THR O 353 27.94 -4.59 -55.12
C THR O 353 27.89 -3.11 -55.50
N ARG O 354 27.92 -2.89 -56.81
CA ARG O 354 28.09 -1.54 -57.34
C ARG O 354 26.79 -1.15 -58.06
N GLY O 355 25.99 -2.15 -58.41
CA GLY O 355 24.80 -1.83 -59.13
C GLY O 355 24.38 -3.01 -59.93
N VAL O 356 23.08 -3.11 -60.13
CA VAL O 356 22.52 -4.27 -60.74
C VAL O 356 22.69 -4.29 -62.25
N GLN O 357 22.66 -3.09 -62.86
CA GLN O 357 22.83 -2.96 -64.31
C GLN O 357 24.28 -3.07 -64.62
N ILE O 358 24.54 -3.64 -65.78
CA ILE O 358 25.89 -3.85 -66.21
C ILE O 358 26.29 -2.74 -67.19
N ALA O 359 27.41 -2.09 -66.90
CA ALA O 359 27.89 -1.00 -67.73
C ALA O 359 28.61 -1.52 -68.96
N SER O 360 28.59 -0.72 -70.03
CA SER O 360 29.27 -1.03 -71.33
C SER O 360 30.79 -1.24 -71.19
N ASN O 361 31.31 -0.78 -70.06
CA ASN O 361 32.70 -0.82 -69.78
C ASN O 361 33.14 -2.25 -69.54
N GLU O 362 32.31 -3.00 -68.82
CA GLU O 362 32.71 -4.29 -68.28
C GLU O 362 32.80 -5.29 -69.34
N ASN O 363 33.30 -6.48 -69.04
CA ASN O 363 33.38 -7.47 -70.08
C ASN O 363 32.60 -8.65 -69.65
N MET O 364 32.21 -9.49 -70.58
CA MET O 364 31.44 -10.66 -70.26
C MET O 364 32.26 -11.90 -69.88
N GLU O 365 33.55 -11.87 -70.21
CA GLU O 365 34.33 -13.07 -70.05
C GLU O 365 34.27 -13.39 -68.57
N THR O 366 34.54 -12.38 -67.74
CA THR O 366 34.60 -12.58 -66.31
C THR O 366 33.27 -12.25 -65.68
N MET O 367 32.19 -12.83 -66.20
CA MET O 367 30.87 -12.49 -65.71
C MET O 367 30.06 -13.77 -65.54
N GLU O 368 29.31 -13.86 -64.46
CA GLU O 368 28.47 -15.03 -64.20
C GLU O 368 27.18 -14.54 -63.53
N SER O 369 26.29 -15.47 -63.19
CA SER O 369 24.95 -15.06 -62.75
C SER O 369 24.46 -15.91 -61.60
N SER O 370 23.77 -15.31 -60.62
CA SER O 370 23.24 -16.05 -59.49
C SER O 370 21.72 -15.93 -59.36
N THR O 371 21.14 -16.77 -58.53
CA THR O 371 19.72 -16.79 -58.32
C THR O 371 19.43 -15.95 -57.06
N LEU O 372 18.58 -14.93 -57.27
CA LEU O 372 18.34 -13.91 -56.28
C LEU O 372 17.44 -14.46 -55.19
N GLU O 373 17.82 -14.27 -53.94
CA GLU O 373 17.00 -14.67 -52.80
C GLU O 373 16.05 -13.53 -52.43
N LEU O 374 14.78 -13.67 -52.85
CA LEU O 374 13.77 -12.61 -52.60
C LEU O 374 12.69 -12.94 -51.58
N ARG O 375 12.69 -14.20 -51.12
CA ARG O 375 11.77 -14.65 -50.10
C ARG O 375 11.98 -13.84 -48.81
N SER O 376 10.93 -13.68 -48.00
CA SER O 376 11.05 -13.02 -46.71
C SER O 376 10.44 -13.87 -45.63
N ARG O 377 10.75 -13.54 -44.38
CA ARG O 377 10.26 -14.32 -43.26
C ARG O 377 8.79 -13.99 -43.01
N TYR O 378 8.52 -12.76 -42.64
CA TYR O 378 7.16 -12.30 -42.45
C TYR O 378 6.87 -11.23 -43.48
N TRP O 379 5.73 -10.57 -43.32
CA TRP O 379 5.33 -9.42 -44.11
C TRP O 379 4.67 -8.39 -43.24
N ALA O 380 4.60 -7.17 -43.76
CA ALA O 380 4.04 -6.07 -43.01
C ALA O 380 3.28 -5.04 -43.85
N ILE O 381 2.22 -4.47 -43.29
CA ILE O 381 1.45 -3.57 -44.12
C ILE O 381 2.31 -2.36 -44.53
N ARG O 382 2.83 -2.28 -45.76
CA ARG O 382 3.65 -1.11 -46.09
C ARG O 382 2.79 0.11 -45.73
N THR O 383 3.23 0.95 -44.76
CA THR O 383 2.44 2.13 -44.34
C THR O 383 2.76 3.43 -45.09
N ARG O 384 2.05 4.49 -44.68
CA ARG O 384 2.24 5.82 -45.24
C ARG O 384 2.60 6.81 -44.13
N SER O 385 1.96 6.63 -43.00
CA SER O 385 2.23 7.37 -41.76
C SER O 385 3.69 7.48 -41.30
N GLY O 386 4.10 8.67 -40.87
CA GLY O 386 5.40 8.82 -40.22
C GLY O 386 5.44 8.63 -38.70
N GLY O 387 4.34 8.15 -38.05
CA GLY O 387 4.24 8.12 -36.55
C GLY O 387 4.16 9.49 -35.84
N ASN O 388 3.51 9.53 -34.68
CA ASN O 388 3.56 10.74 -33.83
C ASN O 388 3.27 10.49 -32.31
N THR O 389 3.81 11.34 -31.43
CA THR O 389 3.49 11.27 -29.99
C THR O 389 2.83 12.56 -29.47
N GLN O 398 -11.01 52.11 -25.73
CA GLN O 398 -12.28 51.39 -25.77
C GLN O 398 -12.53 50.53 -24.51
N ILE O 399 -13.75 49.98 -24.36
CA ILE O 399 -14.16 49.19 -23.18
C ILE O 399 -15.15 48.07 -23.59
N SER O 400 -15.74 48.25 -24.75
CA SER O 400 -16.66 47.27 -25.31
C SER O 400 -16.45 47.24 -26.81
N ILE O 401 -16.89 46.16 -27.43
CA ILE O 401 -16.84 46.01 -28.86
C ILE O 401 -18.22 46.11 -29.49
N GLN O 402 -18.37 47.02 -30.47
CA GLN O 402 -19.61 47.13 -31.28
C GLN O 402 -19.62 46.09 -32.38
N PRO O 403 -20.61 45.21 -32.42
CA PRO O 403 -20.49 44.12 -33.41
C PRO O 403 -20.91 44.54 -34.83
N THR O 404 -20.10 44.17 -35.82
CA THR O 404 -20.39 44.58 -37.18
C THR O 404 -20.83 43.40 -37.97
N PHE O 405 -20.53 42.20 -37.55
CA PHE O 405 -20.96 41.05 -38.35
C PHE O 405 -21.73 39.99 -37.56
N SER O 406 -22.36 39.09 -38.29
CA SER O 406 -23.16 38.09 -37.66
C SER O 406 -22.31 36.82 -37.56
N VAL O 407 -21.65 36.63 -36.43
CA VAL O 407 -20.89 35.40 -36.20
C VAL O 407 -20.88 34.97 -34.74
N GLN O 408 -20.56 33.71 -34.49
CA GLN O 408 -20.40 33.22 -33.12
C GLN O 408 -19.18 33.84 -32.43
N ARG O 409 -19.47 34.88 -31.67
CA ARG O 409 -18.42 35.65 -31.02
C ARG O 409 -18.76 36.16 -29.63
N ASN O 410 -17.92 35.75 -28.67
CA ASN O 410 -18.00 36.30 -27.33
C ASN O 410 -17.86 37.81 -27.43
N LEU O 411 -18.84 38.58 -27.01
CA LEU O 411 -18.66 39.99 -27.17
C LEU O 411 -17.92 40.65 -26.02
N PRO O 412 -16.70 41.17 -26.24
CA PRO O 412 -15.88 41.82 -25.19
C PRO O 412 -16.34 43.14 -24.60
N SER O 431 3.53 33.44 -33.14
CA SER O 431 4.81 34.17 -33.17
C SER O 431 5.61 33.74 -34.40
N ASP O 432 6.67 32.94 -34.18
CA ASP O 432 7.36 32.30 -35.31
C ASP O 432 6.84 30.88 -35.31
N MET O 433 6.21 30.43 -36.39
CA MET O 433 5.70 29.05 -36.41
C MET O 433 6.85 28.03 -36.25
N ARG O 434 8.07 28.51 -36.52
CA ARG O 434 9.28 27.74 -36.29
C ARG O 434 9.31 27.27 -34.87
N THR O 435 9.18 28.23 -33.97
CA THR O 435 9.17 28.00 -32.52
C THR O 435 8.23 26.85 -32.16
N GLU O 436 7.02 26.91 -32.66
CA GLU O 436 6.04 25.90 -32.38
C GLU O 436 6.68 24.51 -32.64
N ILE O 437 7.26 24.34 -33.82
CA ILE O 437 7.85 23.08 -34.24
C ILE O 437 9.08 22.74 -33.40
N ILE O 438 9.99 23.68 -33.31
CA ILE O 438 11.21 23.49 -32.53
C ILE O 438 10.84 22.99 -31.13
N ARG O 439 9.74 23.49 -30.60
CA ARG O 439 9.24 23.09 -29.30
C ARG O 439 8.71 21.65 -29.37
N LEU O 440 8.18 21.27 -30.53
CA LEU O 440 7.64 19.94 -30.68
C LEU O 440 8.77 18.99 -30.92
N MET O 441 9.56 19.27 -32.00
CA MET O 441 10.89 18.63 -32.15
C MET O 441 11.57 18.15 -30.80
N GLU O 442 11.79 19.09 -29.88
CA GLU O 442 12.33 18.83 -28.55
C GLU O 442 11.76 17.64 -27.76
N SER O 443 10.45 17.65 -27.51
CA SER O 443 9.87 16.66 -26.62
C SER O 443 10.01 15.26 -27.19
N ALA O 444 10.48 15.22 -28.43
CA ALA O 444 10.58 13.97 -29.18
C ALA O 444 11.85 13.16 -28.87
N ARG O 445 11.65 11.91 -28.44
CA ARG O 445 12.76 10.98 -28.21
C ARG O 445 12.84 9.84 -29.25
N PRO O 446 14.08 9.48 -29.64
CA PRO O 446 14.25 8.50 -30.68
C PRO O 446 13.62 7.23 -30.26
N GLU O 447 13.58 7.00 -28.94
CA GLU O 447 12.96 5.78 -28.37
C GLU O 447 11.45 5.77 -28.43
N ASP O 448 10.86 6.91 -28.81
CA ASP O 448 9.40 7.07 -28.91
C ASP O 448 8.74 6.08 -29.82
N VAL O 449 7.96 5.17 -29.25
CA VAL O 449 7.35 4.07 -29.97
C VAL O 449 6.33 4.58 -30.96
N SER O 450 6.41 4.15 -32.24
CA SER O 450 5.34 4.42 -33.26
C SER O 450 4.53 3.17 -33.71
N PHE O 451 3.43 3.40 -34.43
CA PHE O 451 2.58 2.30 -34.89
C PHE O 451 2.25 1.36 -33.74
N GLN O 452 1.85 1.96 -32.62
CA GLN O 452 1.54 1.22 -31.40
C GLN O 452 0.54 0.08 -31.71
N GLY O 453 0.80 -1.13 -31.25
CA GLY O 453 -0.09 -2.24 -31.58
C GLY O 453 0.06 -2.93 -32.95
N ARG O 454 0.50 -2.17 -33.99
CA ARG O 454 0.78 -2.71 -35.34
C ARG O 454 1.90 -3.71 -35.25
N GLY O 455 1.80 -4.79 -36.01
CA GLY O 455 2.83 -5.84 -35.99
C GLY O 455 3.14 -6.42 -37.36
N VAL O 456 3.68 -7.64 -37.35
CA VAL O 456 4.14 -8.27 -38.59
C VAL O 456 3.27 -9.47 -38.78
N PHE O 457 3.10 -9.89 -40.04
CA PHE O 457 2.24 -11.03 -40.26
C PHE O 457 3.00 -12.18 -40.85
N GLU O 458 2.62 -13.38 -40.45
CA GLU O 458 3.13 -14.59 -41.06
C GLU O 458 2.68 -14.59 -42.52
N LEU O 459 3.40 -15.37 -43.34
CA LEU O 459 3.08 -15.45 -44.74
C LEU O 459 1.89 -16.35 -44.98
N SER O 460 1.46 -17.13 -43.97
CA SER O 460 0.23 -17.89 -44.04
C SER O 460 -0.98 -16.98 -43.77
N ASP O 461 -0.79 -15.96 -42.95
CA ASP O 461 -1.86 -15.10 -42.49
C ASP O 461 -2.33 -14.17 -43.57
N GLU O 462 -3.15 -14.73 -44.43
CA GLU O 462 -3.55 -14.03 -45.65
C GLU O 462 -4.32 -12.77 -45.35
N LYS O 463 -5.30 -12.97 -44.48
CA LYS O 463 -6.11 -11.91 -43.88
C LYS O 463 -5.19 -11.17 -42.92
N ALA O 464 -5.57 -9.97 -42.53
CA ALA O 464 -4.72 -9.29 -41.55
C ALA O 464 -5.03 -9.72 -40.09
N THR O 465 -5.54 -10.92 -39.94
CA THR O 465 -6.01 -11.43 -38.68
C THR O 465 -5.09 -11.25 -37.52
N SER O 466 -4.12 -12.14 -37.34
CA SER O 466 -3.26 -12.07 -36.17
C SER O 466 -1.88 -11.42 -36.37
N PRO O 467 -1.63 -10.31 -35.65
CA PRO O 467 -0.40 -9.49 -35.75
C PRO O 467 0.68 -10.00 -34.82
N ILE O 468 1.94 -9.67 -35.09
CA ILE O 468 3.03 -10.15 -34.26
C ILE O 468 3.90 -9.00 -33.93
N VAL O 469 4.18 -8.83 -32.65
CA VAL O 469 4.98 -7.70 -32.20
C VAL O 469 6.44 -8.09 -32.01
N PRO O 470 7.35 -7.39 -32.70
CA PRO O 470 8.77 -7.66 -32.60
C PRO O 470 9.42 -6.99 -31.42
N SER O 471 10.34 -7.73 -30.82
CA SER O 471 11.06 -7.23 -29.66
C SER O 471 12.49 -7.15 -30.14
N PHE O 472 13.04 -5.93 -30.19
CA PHE O 472 14.42 -5.74 -30.67
C PHE O 472 15.59 -5.90 -29.69
N ASP O 473 15.30 -6.33 -28.45
CA ASP O 473 16.36 -6.63 -27.50
C ASP O 473 17.15 -7.70 -28.24
N MET O 474 18.34 -7.35 -28.74
CA MET O 474 19.05 -8.27 -29.66
C MET O 474 20.38 -7.72 -30.14
N SER O 475 21.27 -8.59 -30.62
CA SER O 475 22.54 -8.07 -31.11
C SER O 475 22.27 -7.73 -32.53
N ASN O 476 21.91 -6.47 -32.75
CA ASN O 476 21.51 -5.98 -34.07
C ASN O 476 22.75 -5.61 -34.88
N GLU O 477 22.56 -4.88 -35.97
CA GLU O 477 23.68 -4.49 -36.82
C GLU O 477 23.49 -3.05 -37.37
N GLY O 478 22.99 -2.13 -36.54
CA GLY O 478 22.70 -0.79 -37.08
C GLY O 478 21.22 -0.52 -37.37
N SER O 479 20.96 0.71 -37.79
CA SER O 479 19.63 1.10 -38.17
C SER O 479 19.63 1.92 -39.46
N TYR O 480 20.74 2.50 -39.83
CA TYR O 480 20.82 3.36 -40.98
C TYR O 480 21.47 2.71 -42.20
N PHE O 481 20.68 2.15 -43.12
CA PHE O 481 21.25 1.62 -44.35
C PHE O 481 22.34 2.51 -44.94
N PHE O 482 22.27 3.82 -44.73
CA PHE O 482 23.28 4.71 -45.27
C PHE O 482 24.17 5.41 -44.22
N ASN P 14 -26.00 -4.67 -56.55
CA ASN P 14 -24.68 -5.12 -57.13
C ASN P 14 -24.71 -5.31 -58.65
N ALA P 15 -24.38 -4.18 -59.29
CA ALA P 15 -24.33 -4.06 -60.74
C ALA P 15 -22.96 -4.50 -61.32
N THR P 16 -22.19 -5.26 -60.56
CA THR P 16 -20.87 -5.63 -61.07
C THR P 16 -20.95 -6.98 -61.76
N GLU P 17 -21.19 -8.03 -61.00
CA GLU P 17 -21.23 -9.37 -61.56
C GLU P 17 -22.43 -9.46 -62.49
N ILE P 18 -23.62 -9.44 -61.90
CA ILE P 18 -24.87 -9.60 -62.63
C ILE P 18 -24.94 -8.77 -63.92
N ARG P 19 -24.60 -7.48 -63.88
CA ARG P 19 -24.76 -6.68 -65.08
C ARG P 19 -23.63 -6.86 -66.09
N ALA P 20 -22.46 -7.22 -65.61
CA ALA P 20 -21.31 -7.26 -66.48
C ALA P 20 -20.98 -8.70 -66.88
N SER P 21 -21.31 -9.65 -66.04
CA SER P 21 -21.07 -11.04 -66.36
C SER P 21 -22.04 -11.52 -67.44
N VAL P 22 -23.16 -10.84 -67.54
CA VAL P 22 -24.17 -11.29 -68.48
C VAL P 22 -23.86 -10.55 -69.77
N GLY P 23 -23.17 -9.43 -69.60
CA GLY P 23 -22.64 -8.71 -70.74
C GLY P 23 -21.59 -9.53 -71.47
N LYS P 24 -20.85 -10.29 -70.68
CA LYS P 24 -19.79 -11.06 -71.22
C LYS P 24 -20.39 -12.23 -71.96
N MET P 25 -21.56 -12.65 -71.52
CA MET P 25 -22.14 -13.77 -72.22
C MET P 25 -22.79 -13.28 -73.51
N ILE P 26 -23.15 -11.99 -73.53
CA ILE P 26 -23.77 -11.41 -74.69
C ILE P 26 -22.69 -11.15 -75.75
N ASP P 27 -21.52 -10.66 -75.31
CA ASP P 27 -20.34 -10.44 -76.17
C ASP P 27 -20.02 -11.72 -76.89
N GLY P 28 -20.15 -12.85 -76.20
CA GLY P 28 -19.73 -14.08 -76.85
C GLY P 28 -20.61 -14.34 -78.05
N ILE P 29 -21.93 -14.20 -77.86
CA ILE P 29 -22.86 -14.54 -78.90
C ILE P 29 -22.57 -13.62 -80.06
N GLY P 30 -22.35 -12.34 -79.75
CA GLY P 30 -22.06 -11.33 -80.78
C GLY P 30 -20.85 -11.76 -81.59
N ARG P 31 -19.67 -11.62 -80.99
CA ARG P 31 -18.42 -12.10 -81.55
C ARG P 31 -18.61 -13.37 -82.37
N PHE P 32 -19.19 -14.42 -81.78
CA PHE P 32 -19.38 -15.64 -82.52
C PHE P 32 -20.19 -15.40 -83.86
N TYR P 33 -21.39 -14.85 -83.73
CA TYR P 33 -22.17 -14.51 -84.89
C TYR P 33 -21.39 -13.79 -85.96
N ILE P 34 -20.54 -12.86 -85.55
CA ILE P 34 -19.72 -12.15 -86.50
C ILE P 34 -18.74 -13.12 -87.20
N GLN P 35 -18.07 -13.95 -86.42
CA GLN P 35 -17.09 -14.94 -86.97
C GLN P 35 -17.77 -15.85 -87.94
N MET P 36 -18.85 -16.39 -87.48
CA MET P 36 -19.64 -17.28 -88.30
C MET P 36 -20.19 -16.60 -89.53
N CYS P 37 -20.54 -15.34 -89.45
CA CYS P 37 -20.90 -14.69 -90.68
C CYS P 37 -19.71 -14.55 -91.59
N THR P 38 -18.57 -14.26 -91.01
CA THR P 38 -17.36 -14.10 -91.83
C THR P 38 -16.98 -15.41 -92.57
N GLU P 39 -17.39 -16.57 -92.04
CA GLU P 39 -17.11 -17.83 -92.70
C GLU P 39 -18.04 -17.97 -93.89
N LEU P 40 -19.33 -17.87 -93.61
CA LEU P 40 -20.28 -18.01 -94.68
C LEU P 40 -20.10 -16.94 -95.75
N LYS P 41 -19.21 -15.99 -95.50
CA LYS P 41 -18.97 -14.92 -96.44
C LYS P 41 -20.27 -14.22 -96.77
N LEU P 42 -21.21 -14.12 -95.82
CA LEU P 42 -22.43 -13.28 -96.00
C LEU P 42 -22.18 -11.76 -96.01
N SER P 43 -23.16 -11.03 -96.55
CA SER P 43 -23.10 -9.57 -96.61
C SER P 43 -23.72 -8.96 -95.34
N ASP P 44 -23.69 -7.63 -95.27
CA ASP P 44 -24.31 -6.95 -94.14
C ASP P 44 -25.80 -7.19 -94.16
N TYR P 45 -26.44 -6.96 -95.30
CA TYR P 45 -27.86 -7.20 -95.36
C TYR P 45 -28.15 -8.65 -95.11
N GLU P 46 -27.24 -9.50 -95.50
CA GLU P 46 -27.49 -10.93 -95.39
C GLU P 46 -27.12 -11.47 -94.02
N GLY P 47 -26.56 -10.64 -93.15
CA GLY P 47 -26.23 -11.08 -91.82
C GLY P 47 -27.30 -10.57 -90.89
N ARG P 48 -28.13 -9.68 -91.42
CA ARG P 48 -29.21 -9.11 -90.61
C ARG P 48 -30.53 -9.81 -90.83
N LEU P 49 -30.45 -10.90 -91.60
CA LEU P 49 -31.63 -11.65 -91.97
C LEU P 49 -31.97 -12.65 -90.88
N ILE P 50 -32.93 -12.29 -90.06
CA ILE P 50 -33.29 -13.15 -88.98
C ILE P 50 -33.31 -14.60 -89.35
N GLN P 51 -33.62 -14.89 -90.60
CA GLN P 51 -33.63 -16.25 -91.14
C GLN P 51 -32.23 -16.86 -90.96
N ASN P 52 -31.25 -16.34 -91.68
CA ASN P 52 -29.91 -16.83 -91.53
C ASN P 52 -29.49 -16.85 -90.09
N SER P 53 -29.80 -15.83 -89.31
CA SER P 53 -29.35 -15.83 -87.93
C SER P 53 -29.84 -17.10 -87.26
N LEU P 54 -31.13 -17.36 -87.36
CA LEU P 54 -31.69 -18.58 -86.75
C LEU P 54 -30.94 -19.83 -87.09
N THR P 55 -30.76 -20.06 -88.36
CA THR P 55 -30.05 -21.23 -88.83
C THR P 55 -28.73 -21.35 -88.07
N ILE P 56 -27.98 -20.25 -88.02
CA ILE P 56 -26.72 -20.30 -87.32
C ILE P 56 -26.88 -20.67 -85.86
N GLU P 57 -27.87 -20.09 -85.20
CA GLU P 57 -28.03 -20.33 -83.79
C GLU P 57 -28.30 -21.79 -83.53
N ARG P 58 -29.07 -22.41 -84.41
CA ARG P 58 -29.44 -23.80 -84.20
C ARG P 58 -28.27 -24.75 -84.52
N MET P 59 -27.51 -24.46 -85.60
CA MET P 59 -26.23 -25.13 -85.93
C MET P 59 -25.34 -25.27 -84.72
N VAL P 60 -25.52 -24.37 -83.78
CA VAL P 60 -24.56 -24.34 -82.71
C VAL P 60 -25.10 -25.11 -81.58
N LEU P 61 -26.36 -24.88 -81.24
CA LEU P 61 -26.96 -25.57 -80.13
C LEU P 61 -26.99 -27.08 -80.42
N SER P 62 -27.14 -27.45 -81.70
CA SER P 62 -27.10 -28.84 -82.13
C SER P 62 -25.69 -29.38 -81.86
N ALA P 63 -24.69 -28.64 -82.32
CA ALA P 63 -23.33 -29.12 -82.19
C ALA P 63 -22.90 -29.22 -80.73
N PHE P 64 -23.48 -28.45 -79.84
CA PHE P 64 -23.09 -28.54 -78.46
C PHE P 64 -24.05 -29.41 -77.68
N ASP P 65 -24.77 -30.30 -78.39
CA ASP P 65 -25.82 -31.16 -77.79
C ASP P 65 -26.48 -32.13 -78.79
N THR P 85 -23.23 -30.38 -88.36
CA THR P 85 -24.62 -30.08 -88.70
C THR P 85 -24.66 -29.03 -89.75
N GLY P 86 -25.85 -28.80 -90.31
CA GLY P 86 -26.00 -27.90 -91.45
C GLY P 86 -27.28 -27.12 -91.25
N GLY P 87 -27.71 -26.41 -92.29
CA GLY P 87 -28.94 -25.66 -92.20
C GLY P 87 -29.19 -24.79 -93.42
N PRO P 88 -30.39 -24.15 -93.46
CA PRO P 88 -30.84 -23.34 -94.58
C PRO P 88 -30.20 -21.94 -94.53
N ILE P 89 -29.55 -21.56 -95.61
CA ILE P 89 -28.90 -20.26 -95.63
C ILE P 89 -29.28 -19.46 -96.87
N TYR P 90 -29.97 -18.34 -96.66
CA TYR P 90 -30.46 -17.55 -97.77
C TYR P 90 -29.50 -16.46 -98.25
N ARG P 91 -29.36 -16.38 -99.57
CA ARG P 91 -28.41 -15.50 -100.18
C ARG P 91 -29.13 -14.51 -101.08
N ARG P 92 -28.49 -13.37 -101.34
CA ARG P 92 -29.14 -12.32 -102.14
C ARG P 92 -28.45 -12.13 -103.48
N VAL P 93 -29.11 -12.51 -104.57
CA VAL P 93 -28.58 -12.22 -105.92
C VAL P 93 -29.45 -11.16 -106.61
N ASP P 94 -28.90 -10.46 -107.60
CA ASP P 94 -29.66 -9.46 -108.38
C ASP P 94 -31.14 -9.79 -108.35
N GLY P 95 -31.93 -9.07 -107.56
CA GLY P 95 -33.38 -9.26 -107.57
C GLY P 95 -33.95 -10.24 -106.58
N LYS P 96 -33.55 -11.51 -106.67
CA LYS P 96 -34.23 -12.62 -105.94
C LYS P 96 -33.39 -13.31 -104.88
N TRP P 97 -34.04 -14.08 -104.02
CA TRP P 97 -33.31 -14.67 -102.90
C TRP P 97 -33.01 -16.13 -103.12
N ARG P 98 -31.75 -16.53 -102.94
CA ARG P 98 -31.36 -17.90 -103.19
C ARG P 98 -31.10 -18.63 -101.87
N ARG P 99 -31.79 -19.75 -101.68
CA ARG P 99 -31.63 -20.56 -100.48
C ARG P 99 -30.50 -21.59 -100.67
N GLU P 100 -29.47 -21.54 -99.84
CA GLU P 100 -28.42 -22.57 -99.87
C GLU P 100 -28.53 -23.60 -98.75
N LEU P 101 -28.43 -24.86 -99.11
CA LEU P 101 -28.47 -25.89 -98.09
C LEU P 101 -27.05 -26.25 -97.77
N ILE P 102 -26.56 -25.93 -96.57
CA ILE P 102 -25.14 -26.18 -96.27
C ILE P 102 -24.90 -26.97 -95.01
N LEU P 103 -23.68 -27.50 -94.91
CA LEU P 103 -23.27 -28.33 -93.76
C LEU P 103 -21.90 -27.91 -93.21
N TYR P 104 -21.72 -27.96 -91.90
CA TYR P 104 -20.44 -27.57 -91.26
C TYR P 104 -19.91 -28.63 -90.28
N ASP P 105 -18.60 -28.69 -90.11
CA ASP P 105 -18.04 -29.63 -89.19
C ASP P 105 -18.60 -29.42 -87.80
N LYS P 106 -19.45 -30.33 -87.34
CA LYS P 106 -20.03 -30.14 -86.00
C LYS P 106 -18.99 -29.66 -84.99
N GLU P 107 -17.71 -30.00 -85.19
CA GLU P 107 -16.70 -29.65 -84.20
C GLU P 107 -16.13 -28.32 -84.54
N GLU P 108 -15.96 -28.08 -85.83
CA GLU P 108 -15.54 -26.78 -86.22
C GLU P 108 -16.41 -25.71 -85.52
N ILE P 109 -17.73 -25.98 -85.50
CA ILE P 109 -18.68 -25.01 -84.90
C ILE P 109 -18.36 -24.85 -83.46
N ARG P 110 -18.11 -25.96 -82.79
CA ARG P 110 -17.80 -25.92 -81.38
C ARG P 110 -16.48 -25.20 -81.16
N ARG P 111 -15.59 -25.28 -82.14
CA ARG P 111 -14.31 -24.64 -82.03
C ARG P 111 -14.46 -23.11 -82.10
N ILE P 112 -15.17 -22.68 -83.14
CA ILE P 112 -15.37 -21.26 -83.37
C ILE P 112 -16.09 -20.62 -82.20
N TRP P 113 -17.07 -21.34 -81.65
CA TRP P 113 -17.83 -20.88 -80.51
C TRP P 113 -16.87 -20.51 -79.37
N ARG P 114 -16.04 -21.46 -78.91
CA ARG P 114 -15.19 -21.21 -77.73
C ARG P 114 -14.22 -20.08 -78.05
N GLN P 115 -13.65 -20.13 -79.25
CA GLN P 115 -12.80 -19.06 -79.66
C GLN P 115 -13.40 -17.73 -79.27
N ALA P 116 -14.72 -17.57 -79.49
CA ALA P 116 -15.39 -16.29 -79.23
C ALA P 116 -15.52 -16.08 -77.75
N ASN P 117 -15.89 -17.11 -77.00
CA ASN P 117 -15.95 -17.01 -75.52
C ASN P 117 -14.66 -17.26 -74.74
N ASN P 118 -13.51 -16.95 -75.32
CA ASN P 118 -12.26 -17.21 -74.63
C ASN P 118 -11.97 -18.70 -74.33
N GLY P 119 -12.43 -19.58 -75.19
CA GLY P 119 -12.22 -20.98 -74.93
C GLY P 119 -13.07 -21.51 -73.80
N ASP P 120 -14.00 -20.66 -73.33
CA ASP P 120 -14.97 -21.10 -72.35
C ASP P 120 -16.13 -21.84 -72.98
N ASP P 121 -17.01 -22.36 -72.14
CA ASP P 121 -18.15 -23.10 -72.65
C ASP P 121 -19.33 -22.16 -72.81
N ALA P 122 -19.40 -21.25 -71.83
CA ALA P 122 -20.43 -20.26 -71.73
C ALA P 122 -21.75 -20.94 -71.97
N THR P 123 -22.13 -21.88 -71.08
CA THR P 123 -23.41 -22.58 -71.26
C THR P 123 -24.50 -21.55 -71.25
N ALA P 124 -24.35 -20.55 -70.40
CA ALA P 124 -25.28 -19.45 -70.39
C ALA P 124 -25.60 -18.98 -71.82
N GLY P 125 -24.54 -18.73 -72.58
CA GLY P 125 -24.70 -18.27 -73.93
C GLY P 125 -25.56 -19.16 -74.82
N LEU P 126 -25.37 -20.46 -74.76
CA LEU P 126 -26.10 -21.38 -75.61
C LEU P 126 -27.52 -21.43 -75.09
N THR P 127 -27.64 -21.36 -73.77
CA THR P 127 -28.90 -21.42 -73.10
C THR P 127 -29.67 -20.20 -73.50
N HIS P 128 -28.97 -19.09 -73.75
CA HIS P 128 -29.63 -17.82 -74.09
C HIS P 128 -30.36 -17.94 -75.42
N MET P 129 -29.72 -18.57 -76.40
CA MET P 129 -30.30 -18.71 -77.71
C MET P 129 -31.24 -19.84 -77.58
N MET P 130 -31.08 -20.62 -76.52
CA MET P 130 -31.95 -21.77 -76.25
C MET P 130 -33.29 -21.14 -75.91
N ILE P 131 -33.28 -19.99 -75.27
CA ILE P 131 -34.54 -19.33 -74.90
C ILE P 131 -35.14 -18.47 -76.03
N TRP P 132 -34.25 -17.83 -76.76
CA TRP P 132 -34.73 -16.95 -77.78
C TRP P 132 -35.59 -17.83 -78.67
N HIS P 133 -35.15 -19.06 -78.86
CA HIS P 133 -35.88 -19.96 -79.69
C HIS P 133 -37.17 -20.26 -78.98
N SER P 134 -37.06 -20.51 -77.68
CA SER P 134 -38.25 -20.86 -76.91
C SER P 134 -39.33 -19.76 -77.06
N ASN P 135 -38.95 -18.55 -76.74
CA ASN P 135 -39.87 -17.49 -76.69
C ASN P 135 -40.54 -17.18 -78.04
N LEU P 136 -39.83 -17.54 -79.12
CA LEU P 136 -40.30 -17.46 -80.46
C LEU P 136 -41.28 -18.58 -80.72
N ASN P 137 -41.12 -19.70 -80.05
CA ASN P 137 -41.96 -20.82 -80.37
C ASN P 137 -43.23 -20.74 -79.56
N ASP P 138 -43.12 -20.17 -78.39
CA ASP P 138 -44.24 -20.02 -77.55
C ASP P 138 -45.20 -18.93 -78.12
N ALA P 139 -44.72 -18.22 -79.12
CA ALA P 139 -45.54 -17.19 -79.77
C ALA P 139 -45.95 -17.53 -81.18
N THR P 140 -45.12 -18.30 -81.89
CA THR P 140 -45.44 -18.66 -83.26
C THR P 140 -46.47 -19.76 -83.23
N TYR P 141 -46.37 -20.65 -82.24
CA TYR P 141 -47.24 -21.86 -82.16
C TYR P 141 -48.05 -22.08 -80.91
N GLN P 142 -49.13 -22.80 -81.06
CA GLN P 142 -49.97 -23.15 -79.95
C GLN P 142 -49.88 -24.64 -79.78
N ARG P 143 -49.55 -25.06 -78.57
CA ARG P 143 -49.18 -26.47 -78.36
C ARG P 143 -50.33 -27.21 -77.68
N THR P 144 -51.39 -27.44 -78.47
CA THR P 144 -52.60 -28.03 -77.90
C THR P 144 -52.49 -29.54 -77.98
N ARG P 145 -52.05 -30.03 -79.16
CA ARG P 145 -51.93 -31.48 -79.39
C ARG P 145 -51.27 -32.18 -78.20
N ALA P 146 -50.23 -31.54 -77.69
CA ALA P 146 -49.47 -32.09 -76.59
C ALA P 146 -50.16 -31.99 -75.25
N LEU P 147 -50.90 -30.89 -75.01
CA LEU P 147 -51.52 -30.67 -73.69
C LEU P 147 -52.60 -31.73 -73.38
N VAL P 148 -53.40 -31.98 -74.42
CA VAL P 148 -54.55 -32.87 -74.33
C VAL P 148 -54.06 -34.32 -74.23
N ARG P 149 -53.14 -34.69 -75.14
CA ARG P 149 -52.51 -36.00 -75.11
C ARG P 149 -51.85 -36.25 -73.74
N THR P 150 -51.45 -35.19 -73.04
CA THR P 150 -51.00 -35.29 -71.64
C THR P 150 -52.18 -35.35 -70.66
N GLY P 151 -53.28 -34.67 -70.99
CA GLY P 151 -54.45 -34.75 -70.13
C GLY P 151 -54.59 -33.45 -69.37
N MET P 152 -54.17 -32.39 -70.07
CA MET P 152 -54.24 -30.99 -69.60
C MET P 152 -55.27 -30.27 -70.48
N ASP P 153 -55.97 -29.30 -69.92
CA ASP P 153 -56.96 -28.62 -70.74
C ASP P 153 -56.32 -27.66 -71.76
N PRO P 154 -56.69 -27.76 -73.06
CA PRO P 154 -56.10 -26.93 -74.13
C PRO P 154 -56.16 -25.46 -73.82
N ARG P 155 -57.17 -25.07 -73.08
CA ARG P 155 -57.25 -23.71 -72.61
C ARG P 155 -56.24 -23.33 -71.54
N MET P 156 -55.22 -24.15 -71.33
CA MET P 156 -54.17 -23.82 -70.34
C MET P 156 -52.91 -23.31 -71.00
N CYS P 157 -53.09 -22.66 -72.18
CA CYS P 157 -52.02 -21.97 -72.93
C CYS P 157 -51.10 -21.10 -72.11
N SER P 158 -51.67 -20.17 -71.33
CA SER P 158 -50.90 -19.20 -70.52
C SER P 158 -49.99 -19.77 -69.41
N LEU P 159 -49.92 -21.10 -69.35
CA LEU P 159 -49.18 -21.79 -68.34
C LEU P 159 -48.13 -22.63 -69.02
N MET P 160 -48.11 -22.70 -70.35
CA MET P 160 -47.11 -23.50 -71.03
C MET P 160 -45.85 -22.71 -71.53
N GLN P 161 -45.44 -21.70 -70.77
CA GLN P 161 -44.27 -20.95 -71.12
C GLN P 161 -42.92 -21.71 -71.05
N GLY P 162 -42.40 -22.08 -72.21
CA GLY P 162 -41.15 -22.76 -72.24
C GLY P 162 -41.38 -24.27 -72.35
N SER P 163 -42.55 -24.68 -72.79
CA SER P 163 -42.72 -26.09 -72.98
C SER P 163 -41.75 -26.62 -74.06
N THR P 164 -41.20 -25.77 -74.92
CA THR P 164 -40.34 -26.24 -76.04
C THR P 164 -38.90 -26.30 -75.61
N LEU P 165 -38.67 -25.72 -74.45
CA LEU P 165 -37.33 -25.45 -74.03
C LEU P 165 -36.65 -26.72 -73.56
N PRO P 166 -35.69 -27.22 -74.35
CA PRO P 166 -35.01 -28.48 -73.97
C PRO P 166 -34.62 -28.52 -72.47
N ARG P 167 -34.83 -29.68 -71.86
CA ARG P 167 -34.40 -29.94 -70.47
C ARG P 167 -32.94 -29.55 -70.20
N ARG P 168 -32.08 -29.72 -71.23
CA ARG P 168 -30.69 -29.25 -71.17
C ARG P 168 -30.57 -27.79 -70.69
N SER P 169 -31.63 -27.00 -70.87
CA SER P 169 -31.61 -25.62 -70.41
C SER P 169 -31.08 -25.54 -69.00
N GLY P 170 -30.46 -24.44 -68.67
CA GLY P 170 -29.86 -24.29 -67.37
C GLY P 170 -30.81 -24.03 -66.23
N ALA P 171 -30.24 -23.72 -65.09
CA ALA P 171 -31.03 -23.48 -63.91
C ALA P 171 -31.88 -22.18 -64.06
N ALA P 172 -31.35 -21.19 -64.79
CA ALA P 172 -31.99 -19.88 -64.91
C ALA P 172 -32.79 -19.98 -66.21
N GLY P 173 -32.64 -21.15 -66.84
CA GLY P 173 -33.47 -21.55 -67.98
C GLY P 173 -34.84 -22.10 -67.58
N ALA P 174 -34.93 -22.77 -66.45
CA ALA P 174 -36.19 -23.33 -66.04
C ALA P 174 -36.98 -22.25 -65.35
N ALA P 175 -36.33 -21.30 -64.67
CA ALA P 175 -37.09 -20.22 -63.97
C ALA P 175 -38.08 -19.45 -64.89
N VAL P 176 -37.86 -19.59 -66.20
CA VAL P 176 -38.66 -18.87 -67.16
C VAL P 176 -39.90 -19.68 -67.43
N LYS P 177 -39.86 -20.98 -67.07
CA LYS P 177 -41.00 -21.91 -67.29
C LYS P 177 -42.33 -21.60 -66.57
N GLY P 178 -43.44 -21.74 -67.29
CA GLY P 178 -44.75 -21.58 -66.67
C GLY P 178 -45.12 -22.80 -65.84
N VAL P 179 -46.02 -22.59 -64.86
CA VAL P 179 -46.47 -23.65 -63.94
C VAL P 179 -46.95 -24.88 -64.74
N GLY P 180 -47.80 -24.61 -65.72
CA GLY P 180 -48.28 -25.60 -66.61
C GLY P 180 -47.16 -26.33 -67.30
N THR P 181 -46.01 -25.70 -67.45
CA THR P 181 -44.95 -26.36 -68.25
C THR P 181 -44.43 -27.55 -67.47
N MET P 182 -44.35 -27.35 -66.16
CA MET P 182 -43.72 -28.31 -65.34
C MET P 182 -44.59 -29.55 -65.27
N VAL P 183 -45.88 -29.32 -65.01
CA VAL P 183 -46.91 -30.35 -64.98
C VAL P 183 -46.89 -31.29 -66.21
N MET P 184 -46.77 -30.78 -67.42
CA MET P 184 -46.77 -31.63 -68.59
C MET P 184 -45.64 -32.66 -68.56
N GLU P 185 -44.57 -32.30 -67.83
CA GLU P 185 -43.35 -33.12 -67.72
C GLU P 185 -43.53 -34.26 -66.71
N LEU P 186 -43.64 -33.88 -65.44
CA LEU P 186 -43.96 -34.79 -64.38
C LEU P 186 -45.06 -35.78 -64.82
N ILE P 187 -46.20 -35.25 -65.29
CA ILE P 187 -47.28 -36.10 -65.81
C ILE P 187 -46.80 -37.13 -66.86
N ARG P 188 -45.80 -36.79 -67.67
CA ARG P 188 -45.38 -37.78 -68.65
C ARG P 188 -44.37 -38.72 -68.03
N MET P 189 -43.52 -38.11 -67.19
CA MET P 189 -42.49 -38.86 -66.47
C MET P 189 -43.25 -39.90 -65.62
N ILE P 190 -44.20 -39.41 -64.81
CA ILE P 190 -45.13 -40.27 -64.05
C ILE P 190 -45.98 -41.19 -64.93
N LYS P 191 -46.66 -40.67 -65.97
CA LYS P 191 -47.56 -41.51 -66.77
C LYS P 191 -46.90 -42.76 -67.37
N ARG P 192 -45.72 -42.64 -67.93
CA ARG P 192 -45.07 -43.83 -68.47
C ARG P 192 -44.56 -44.83 -67.38
N GLY P 193 -44.00 -44.26 -66.30
CA GLY P 193 -43.51 -45.02 -65.12
C GLY P 193 -44.65 -45.72 -64.40
N ILE P 194 -45.58 -44.94 -63.85
CA ILE P 194 -46.77 -45.49 -63.21
C ILE P 194 -47.56 -46.28 -64.24
N ASN P 195 -47.39 -46.18 -65.44
CA ASN P 195 -48.05 -47.06 -66.40
C ASN P 195 -47.18 -48.31 -66.47
N ARG P 206 -33.84 -45.27 -61.67
CA ARG P 206 -33.32 -45.29 -60.31
C ARG P 206 -33.12 -43.89 -59.73
N ARG P 207 -32.14 -43.21 -60.31
CA ARG P 207 -31.76 -41.86 -59.93
C ARG P 207 -32.86 -40.89 -60.32
N THR P 208 -33.78 -41.35 -61.18
CA THR P 208 -34.95 -40.61 -61.63
C THR P 208 -35.73 -39.92 -60.51
N ARG P 209 -35.52 -40.34 -59.28
CA ARG P 209 -36.22 -39.77 -58.10
C ARG P 209 -35.83 -38.33 -57.70
N ILE P 210 -34.53 -38.06 -57.55
CA ILE P 210 -34.05 -36.73 -57.21
C ILE P 210 -34.61 -35.67 -58.16
N ALA P 211 -34.77 -36.06 -59.44
CA ALA P 211 -35.43 -35.24 -60.46
C ALA P 211 -36.81 -34.89 -59.98
N TYR P 212 -37.65 -35.91 -59.80
CA TYR P 212 -39.07 -35.71 -59.48
C TYR P 212 -39.25 -34.75 -58.31
N GLU P 213 -38.51 -34.96 -57.22
CA GLU P 213 -38.66 -34.10 -56.03
C GLU P 213 -38.28 -32.68 -56.35
N ARG P 214 -37.13 -32.52 -56.97
CA ARG P 214 -36.68 -31.20 -57.38
C ARG P 214 -37.66 -30.54 -58.35
N MET P 215 -38.01 -31.27 -59.41
CA MET P 215 -38.95 -30.80 -60.40
C MET P 215 -40.15 -30.28 -59.67
N CYS P 216 -40.47 -30.84 -58.51
CA CYS P 216 -41.62 -30.32 -57.74
C CYS P 216 -41.23 -29.10 -56.93
N ASN P 217 -39.98 -29.07 -56.47
CA ASN P 217 -39.56 -28.00 -55.58
C ASN P 217 -39.58 -26.71 -56.34
N ILE P 218 -39.10 -26.82 -57.57
CA ILE P 218 -39.19 -25.77 -58.59
C ILE P 218 -40.64 -25.43 -58.79
N LEU P 219 -41.41 -26.47 -59.09
CA LEU P 219 -42.83 -26.36 -59.27
C LEU P 219 -43.34 -25.54 -58.11
N LYS P 220 -43.00 -25.95 -56.89
CA LYS P 220 -43.58 -25.33 -55.69
C LYS P 220 -43.10 -23.89 -55.57
N GLY P 221 -41.90 -23.67 -56.08
CA GLY P 221 -41.32 -22.34 -55.95
C GLY P 221 -41.95 -21.37 -56.92
N LYS P 222 -42.84 -21.90 -57.79
CA LYS P 222 -43.62 -21.07 -58.68
C LYS P 222 -44.77 -20.46 -57.89
N PHE P 223 -45.43 -21.27 -57.09
CA PHE P 223 -46.53 -20.82 -56.24
C PHE P 223 -46.04 -19.80 -55.24
N GLN P 224 -46.91 -18.84 -54.95
CA GLN P 224 -46.66 -17.77 -53.99
C GLN P 224 -47.81 -17.59 -52.99
N THR P 225 -48.41 -18.71 -52.55
CA THR P 225 -49.43 -18.70 -51.51
C THR P 225 -49.34 -19.95 -50.65
N ALA P 226 -49.62 -19.80 -49.35
CA ALA P 226 -49.63 -20.91 -48.40
C ALA P 226 -50.03 -22.26 -49.03
N ALA P 227 -51.34 -22.47 -49.20
CA ALA P 227 -51.94 -23.72 -49.66
C ALA P 227 -51.27 -24.25 -50.92
N GLN P 228 -51.15 -23.34 -51.89
CA GLN P 228 -50.50 -23.64 -53.15
C GLN P 228 -49.21 -24.34 -52.81
N ARG P 229 -48.40 -23.65 -52.01
CA ARG P 229 -47.10 -24.15 -51.59
C ARG P 229 -47.29 -25.51 -50.90
N THR P 230 -48.20 -25.57 -49.92
CA THR P 230 -48.36 -26.78 -49.11
C THR P 230 -48.83 -27.98 -49.94
N MET P 231 -49.72 -27.71 -50.90
CA MET P 231 -50.35 -28.82 -51.64
C MET P 231 -49.41 -29.57 -52.57
N VAL P 232 -48.31 -28.87 -52.87
CA VAL P 232 -47.32 -29.35 -53.80
C VAL P 232 -46.57 -30.43 -53.08
N ASP P 233 -46.32 -30.17 -51.79
CA ASP P 233 -45.68 -31.13 -50.88
C ASP P 233 -46.53 -32.42 -50.77
N GLN P 234 -47.83 -32.24 -50.54
CA GLN P 234 -48.74 -33.37 -50.43
C GLN P 234 -48.65 -34.24 -51.69
N VAL P 235 -48.22 -33.64 -52.80
CA VAL P 235 -48.01 -34.37 -54.07
C VAL P 235 -46.65 -35.08 -54.14
N ARG P 236 -45.62 -34.37 -53.71
CA ARG P 236 -44.27 -34.88 -53.67
C ARG P 236 -44.05 -36.03 -52.67
N GLU P 237 -45.10 -36.41 -51.94
CA GLU P 237 -44.98 -37.45 -50.93
C GLU P 237 -44.90 -38.88 -51.49
N SER P 238 -45.53 -39.14 -52.63
CA SER P 238 -45.63 -40.50 -53.16
C SER P 238 -44.47 -40.92 -54.10
N ARG P 239 -43.87 -42.08 -53.80
CA ARG P 239 -42.77 -42.59 -54.62
C ARG P 239 -43.28 -42.97 -55.99
N ASN P 240 -44.42 -43.65 -56.01
CA ASN P 240 -45.01 -44.06 -57.27
C ASN P 240 -46.34 -43.30 -57.38
N PRO P 241 -46.29 -41.96 -57.58
CA PRO P 241 -47.50 -41.13 -57.56
C PRO P 241 -48.43 -41.47 -58.72
N GLY P 242 -49.58 -42.07 -58.44
CA GLY P 242 -50.46 -42.48 -59.54
C GLY P 242 -51.46 -41.40 -59.84
N ASN P 243 -52.56 -41.79 -60.50
CA ASN P 243 -53.70 -40.88 -60.73
C ASN P 243 -54.09 -40.00 -59.57
N ALA P 244 -53.75 -40.42 -58.34
CA ALA P 244 -53.92 -39.59 -57.13
C ALA P 244 -53.28 -38.21 -57.36
N GLU P 245 -52.01 -38.25 -57.79
CA GLU P 245 -51.22 -37.07 -58.08
C GLU P 245 -51.69 -36.54 -59.46
N PHE P 246 -51.59 -37.40 -60.49
CA PHE P 246 -52.04 -37.10 -61.86
C PHE P 246 -53.25 -36.15 -61.85
N GLU P 247 -54.30 -36.54 -61.12
CA GLU P 247 -55.43 -35.67 -60.98
C GLU P 247 -55.15 -34.41 -60.09
N ASP P 248 -54.32 -34.51 -59.05
CA ASP P 248 -54.19 -33.34 -58.17
C ASP P 248 -53.40 -32.13 -58.74
N LEU P 249 -52.33 -32.41 -59.49
CA LEU P 249 -51.44 -31.36 -59.99
C LEU P 249 -52.22 -30.58 -61.06
N ILE P 250 -52.99 -31.32 -61.85
CA ILE P 250 -53.86 -30.75 -62.86
C ILE P 250 -54.72 -29.68 -62.22
N PHE P 251 -55.20 -30.00 -61.02
CA PHE P 251 -55.95 -29.03 -60.19
C PHE P 251 -55.13 -27.71 -59.95
N LEU P 252 -53.97 -27.91 -59.31
CA LEU P 252 -52.99 -26.87 -59.02
C LEU P 252 -52.64 -26.13 -60.32
N ALA P 253 -52.57 -26.86 -61.44
CA ALA P 253 -52.37 -26.22 -62.75
C ALA P 253 -53.45 -25.11 -62.98
N ARG P 254 -54.69 -25.52 -62.74
CA ARG P 254 -55.80 -24.64 -62.88
C ARG P 254 -55.84 -23.56 -61.80
N SER P 255 -55.23 -23.81 -60.65
CA SER P 255 -55.25 -22.81 -59.57
C SER P 255 -54.42 -21.58 -59.97
N ALA P 256 -53.45 -21.80 -60.85
CA ALA P 256 -52.47 -20.81 -61.26
C ALA P 256 -53.06 -19.84 -62.26
N LEU P 257 -54.18 -20.28 -62.85
CA LEU P 257 -55.00 -19.51 -63.79
C LEU P 257 -55.63 -18.40 -63.04
N ILE P 258 -55.66 -18.50 -61.72
CA ILE P 258 -56.30 -17.49 -60.93
C ILE P 258 -55.29 -16.92 -59.93
N LEU P 259 -54.59 -17.81 -59.24
CA LEU P 259 -53.53 -17.45 -58.28
C LEU P 259 -52.26 -17.86 -58.99
N ARG P 260 -51.73 -16.91 -59.75
CA ARG P 260 -50.66 -17.23 -60.66
C ARG P 260 -49.43 -17.44 -59.78
N GLY P 261 -48.36 -17.97 -60.39
CA GLY P 261 -47.07 -18.06 -59.73
C GLY P 261 -46.03 -17.07 -60.21
N SER P 262 -44.82 -17.26 -59.69
CA SER P 262 -43.70 -16.45 -60.10
C SER P 262 -43.01 -17.14 -61.28
N VAL P 263 -43.10 -16.51 -62.44
CA VAL P 263 -42.35 -16.95 -63.59
C VAL P 263 -41.61 -15.80 -64.23
N ALA P 264 -40.29 -15.87 -64.15
CA ALA P 264 -39.39 -14.96 -64.84
C ALA P 264 -39.57 -14.92 -66.37
N HIS P 265 -39.43 -13.71 -66.92
CA HIS P 265 -39.44 -13.46 -68.37
C HIS P 265 -38.08 -12.86 -68.77
N LYS P 266 -37.48 -13.41 -69.81
CA LYS P 266 -36.14 -13.01 -70.27
C LYS P 266 -36.21 -12.48 -71.73
N SER P 267 -35.81 -11.23 -71.93
CA SER P 267 -35.81 -10.63 -73.25
C SER P 267 -34.62 -11.12 -74.06
N CYS P 268 -34.81 -12.18 -74.82
CA CYS P 268 -33.65 -12.74 -75.52
C CYS P 268 -33.70 -12.49 -76.98
N LEU P 269 -32.82 -11.62 -77.51
CA LEU P 269 -32.87 -11.22 -78.92
C LEU P 269 -32.09 -12.18 -79.78
N PRO P 270 -32.34 -12.24 -81.11
CA PRO P 270 -31.65 -13.11 -82.09
C PRO P 270 -30.18 -12.85 -82.12
N ALA P 271 -29.40 -13.85 -82.49
CA ALA P 271 -27.95 -13.69 -82.53
C ALA P 271 -27.48 -12.46 -83.33
N CYS P 272 -28.21 -12.18 -84.41
CA CYS P 272 -27.79 -11.14 -85.30
C CYS P 272 -27.78 -9.79 -84.59
N VAL P 273 -28.73 -9.63 -83.69
CA VAL P 273 -28.91 -8.38 -83.04
C VAL P 273 -27.72 -8.12 -82.16
N TYR P 274 -27.31 -9.10 -81.36
CA TYR P 274 -26.10 -9.04 -80.55
C TYR P 274 -24.85 -8.98 -81.43
N GLY P 275 -24.73 -9.84 -82.44
CA GLY P 275 -23.59 -9.72 -83.41
C GLY P 275 -23.43 -8.32 -83.96
N SER P 276 -24.51 -7.77 -84.45
CA SER P 276 -24.45 -6.46 -85.03
C SER P 276 -23.98 -5.40 -84.01
N ALA P 277 -24.51 -5.50 -82.79
CA ALA P 277 -24.21 -4.62 -81.70
C ALA P 277 -22.75 -4.69 -81.30
N VAL P 278 -22.23 -5.91 -81.21
CA VAL P 278 -20.84 -6.12 -80.84
C VAL P 278 -19.94 -5.49 -81.89
N ALA P 279 -20.32 -5.68 -83.14
CA ALA P 279 -19.58 -5.18 -84.29
C ALA P 279 -19.60 -3.66 -84.34
N SER P 280 -20.68 -3.06 -83.83
CA SER P 280 -20.82 -1.62 -83.75
C SER P 280 -20.07 -1.03 -82.60
N GLY P 281 -19.22 -1.80 -81.96
CA GLY P 281 -18.48 -1.23 -80.93
C GLY P 281 -19.01 -1.56 -79.55
N TYR P 282 -20.30 -1.83 -79.36
CA TYR P 282 -20.80 -2.04 -78.00
C TYR P 282 -20.09 -3.12 -77.35
N ASP P 283 -19.52 -2.79 -76.20
CA ASP P 283 -18.69 -3.73 -75.45
C ASP P 283 -19.37 -4.04 -74.13
N PHE P 284 -20.39 -4.88 -74.18
CA PHE P 284 -21.35 -5.08 -73.08
C PHE P 284 -20.76 -5.49 -71.77
N GLU P 285 -19.89 -6.48 -71.75
CA GLU P 285 -19.18 -6.79 -70.48
C GLU P 285 -18.63 -5.55 -69.73
N ARG P 286 -18.28 -4.50 -70.43
CA ARG P 286 -17.77 -3.31 -69.81
C ARG P 286 -18.88 -2.35 -69.52
N GLU P 287 -19.83 -2.22 -70.45
CA GLU P 287 -20.94 -1.27 -70.29
C GLU P 287 -22.16 -1.92 -69.64
N GLY P 288 -22.14 -3.21 -69.37
CA GLY P 288 -23.26 -3.79 -68.68
C GLY P 288 -24.44 -4.01 -69.61
N TYR P 289 -25.20 -5.07 -69.31
CA TYR P 289 -26.39 -5.41 -70.07
C TYR P 289 -27.41 -6.17 -69.18
N SER P 290 -28.72 -6.12 -69.49
CA SER P 290 -29.75 -6.90 -68.76
C SER P 290 -30.65 -7.62 -69.72
N LEU P 291 -31.42 -8.57 -69.18
CA LEU P 291 -32.46 -9.26 -69.95
C LEU P 291 -33.84 -8.90 -69.38
N VAL P 292 -33.89 -8.10 -68.32
CA VAL P 292 -35.18 -7.76 -67.71
C VAL P 292 -35.22 -6.25 -67.42
N GLY P 293 -34.20 -5.53 -67.95
CA GLY P 293 -34.22 -4.07 -67.80
C GLY P 293 -34.52 -3.31 -69.05
N ILE P 294 -33.94 -2.13 -69.14
CA ILE P 294 -34.10 -1.27 -70.33
C ILE P 294 -33.12 -1.65 -71.45
N ASP P 295 -32.12 -2.46 -71.11
CA ASP P 295 -31.04 -2.75 -72.04
C ASP P 295 -31.61 -3.37 -73.32
N PRO P 296 -32.41 -4.43 -73.16
CA PRO P 296 -32.88 -5.12 -74.35
C PRO P 296 -33.75 -4.22 -75.17
N PHE P 297 -34.71 -3.54 -74.59
CA PHE P 297 -35.48 -2.62 -75.43
C PHE P 297 -34.59 -1.62 -76.14
N ARG P 298 -33.66 -1.01 -75.43
CA ARG P 298 -32.81 0.03 -76.07
C ARG P 298 -32.04 -0.54 -77.26
N LEU P 299 -31.47 -1.72 -77.08
CA LEU P 299 -30.78 -2.37 -78.14
C LEU P 299 -31.70 -2.53 -79.34
N LEU P 300 -32.93 -3.02 -79.13
CA LEU P 300 -33.86 -3.20 -80.23
C LEU P 300 -34.34 -1.86 -80.79
N GLN P 301 -33.94 -0.73 -80.21
CA GLN P 301 -34.41 0.56 -80.73
C GLN P 301 -33.57 0.98 -81.91
N ASN P 302 -32.50 0.23 -82.17
CA ASN P 302 -31.56 0.54 -83.27
C ASN P 302 -31.21 -0.62 -84.15
N SER P 303 -31.86 -1.75 -83.91
CA SER P 303 -31.55 -2.96 -84.60
C SER P 303 -32.07 -2.85 -86.03
N GLN P 304 -31.33 -3.41 -86.97
CA GLN P 304 -31.75 -3.37 -88.36
C GLN P 304 -31.98 -4.81 -88.78
N VAL P 305 -33.04 -5.43 -88.27
CA VAL P 305 -33.24 -6.81 -88.60
C VAL P 305 -34.17 -6.98 -89.77
N TYR P 306 -33.75 -7.80 -90.73
CA TYR P 306 -34.60 -8.13 -91.86
C TYR P 306 -35.14 -9.55 -91.82
N SER P 307 -36.28 -9.74 -92.46
CA SER P 307 -36.91 -11.06 -92.48
C SER P 307 -37.52 -11.50 -93.79
N LEU P 308 -37.40 -12.78 -94.13
CA LEU P 308 -38.06 -13.31 -95.33
C LEU P 308 -39.53 -13.33 -95.08
N ILE P 309 -40.26 -12.98 -96.13
CA ILE P 309 -41.70 -12.81 -96.03
C ILE P 309 -42.42 -13.36 -97.24
N ARG P 310 -43.30 -14.32 -96.99
CA ARG P 310 -44.11 -14.92 -98.06
C ARG P 310 -45.03 -13.93 -98.79
N PRO P 311 -45.37 -14.20 -100.09
CA PRO P 311 -46.08 -13.29 -101.01
C PRO P 311 -47.35 -12.64 -100.45
N ASN P 312 -48.20 -13.45 -99.82
CA ASN P 312 -49.39 -12.85 -99.25
C ASN P 312 -49.35 -12.38 -97.80
N GLU P 313 -48.19 -12.41 -97.16
CA GLU P 313 -48.12 -12.12 -95.72
C GLU P 313 -47.99 -10.64 -95.46
N ASN P 314 -48.39 -10.23 -94.25
CA ASN P 314 -48.40 -8.84 -93.91
C ASN P 314 -47.17 -8.53 -93.12
N PRO P 315 -46.32 -7.63 -93.65
CA PRO P 315 -45.08 -7.24 -92.95
C PRO P 315 -45.32 -6.79 -91.48
N ALA P 316 -46.31 -5.94 -91.32
CA ALA P 316 -46.56 -5.32 -90.04
C ALA P 316 -46.88 -6.41 -89.03
N HIS P 317 -47.46 -7.48 -89.59
CA HIS P 317 -47.94 -8.60 -88.80
C HIS P 317 -46.73 -9.43 -88.46
N LYS P 318 -45.78 -9.50 -89.39
CA LYS P 318 -44.55 -10.28 -89.18
C LYS P 318 -43.73 -9.69 -88.03
N SER P 319 -43.47 -8.39 -88.11
CA SER P 319 -42.75 -7.69 -87.08
C SER P 319 -43.38 -7.93 -85.70
N GLN P 320 -44.71 -7.89 -85.66
CA GLN P 320 -45.37 -8.07 -84.40
C GLN P 320 -44.87 -9.34 -83.75
N LEU P 321 -44.98 -10.44 -84.49
CA LEU P 321 -44.58 -11.78 -84.03
C LEU P 321 -43.21 -11.75 -83.37
N VAL P 322 -42.16 -11.57 -84.18
CA VAL P 322 -40.79 -11.36 -83.62
C VAL P 322 -40.70 -10.48 -82.38
N TRP P 323 -41.38 -9.35 -82.39
CA TRP P 323 -41.38 -8.47 -81.24
C TRP P 323 -41.89 -9.17 -79.99
N MET P 324 -42.85 -10.08 -80.15
CA MET P 324 -43.44 -10.70 -78.97
C MET P 324 -42.54 -11.80 -78.48
N ALA P 325 -41.76 -12.39 -79.41
CA ALA P 325 -40.74 -13.35 -79.02
C ALA P 325 -39.54 -12.67 -78.39
N CYS P 326 -39.30 -11.41 -78.71
CA CYS P 326 -38.19 -10.77 -78.04
C CYS P 326 -38.40 -10.46 -76.55
N HIS P 327 -39.65 -10.48 -76.12
CA HIS P 327 -39.88 -10.31 -74.72
C HIS P 327 -40.74 -11.38 -73.97
N SER P 328 -41.08 -12.50 -74.62
CA SER P 328 -41.87 -13.52 -73.92
C SER P 328 -43.24 -12.86 -73.59
N ALA P 329 -43.84 -12.25 -74.63
CA ALA P 329 -45.11 -11.56 -74.47
C ALA P 329 -46.12 -12.36 -75.25
N ALA P 330 -45.97 -13.69 -75.27
CA ALA P 330 -46.93 -14.50 -76.06
C ALA P 330 -48.12 -14.81 -75.26
N PHE P 331 -48.13 -14.50 -73.96
CA PHE P 331 -49.26 -14.85 -73.14
C PHE P 331 -49.54 -13.63 -72.33
N GLU P 332 -49.10 -12.48 -72.81
CA GLU P 332 -49.31 -11.27 -72.05
C GLU P 332 -50.70 -10.71 -72.45
N ASP P 333 -51.23 -9.77 -71.66
CA ASP P 333 -52.52 -9.20 -71.99
C ASP P 333 -52.34 -8.29 -73.22
N LEU P 334 -52.99 -8.61 -74.36
CA LEU P 334 -52.77 -7.88 -75.60
C LEU P 334 -52.85 -6.40 -75.35
N ARG P 335 -53.75 -6.01 -74.44
CA ARG P 335 -53.95 -4.59 -74.11
C ARG P 335 -52.66 -3.92 -73.74
N VAL P 336 -51.97 -4.53 -72.79
CA VAL P 336 -50.70 -3.98 -72.30
C VAL P 336 -49.60 -4.08 -73.36
N SER P 337 -49.47 -5.26 -74.01
CA SER P 337 -48.53 -5.43 -75.09
C SER P 337 -48.66 -4.31 -76.09
N SER P 338 -49.88 -3.97 -76.51
CA SER P 338 -50.05 -2.89 -77.48
C SER P 338 -49.73 -1.55 -76.89
N PHE P 339 -49.89 -1.45 -75.58
CA PHE P 339 -49.75 -0.18 -74.93
C PHE P 339 -48.29 0.15 -74.99
N ILE P 340 -47.48 -0.79 -74.55
CA ILE P 340 -46.04 -0.62 -74.49
C ILE P 340 -45.42 -0.62 -75.92
N ARG P 341 -45.97 -1.50 -76.76
CA ARG P 341 -45.54 -1.64 -78.13
C ARG P 341 -45.61 -0.34 -78.86
N GLY P 342 -46.73 0.37 -78.70
CA GLY P 342 -46.82 1.62 -79.39
C GLY P 342 -47.85 1.56 -80.48
N THR P 343 -48.19 0.34 -80.89
CA THR P 343 -49.13 0.05 -81.97
C THR P 343 -49.96 -1.20 -81.73
N LYS P 344 -51.03 -1.35 -82.49
CA LYS P 344 -51.84 -2.58 -82.31
C LYS P 344 -51.05 -3.90 -82.21
N VAL P 345 -51.40 -4.70 -81.23
CA VAL P 345 -50.83 -6.00 -81.08
C VAL P 345 -51.96 -6.97 -81.35
N VAL P 346 -52.06 -7.32 -82.61
CA VAL P 346 -53.17 -8.14 -83.04
C VAL P 346 -53.07 -9.59 -82.57
N PRO P 347 -54.20 -10.23 -82.24
CA PRO P 347 -54.30 -11.63 -81.80
C PRO P 347 -53.79 -12.60 -82.82
N ARG P 348 -53.49 -13.82 -82.36
CA ARG P 348 -52.83 -14.82 -83.19
C ARG P 348 -53.69 -15.13 -84.37
N GLY P 349 -54.97 -15.43 -84.15
CA GLY P 349 -55.83 -15.78 -85.29
C GLY P 349 -55.80 -14.76 -86.43
N LYS P 350 -55.91 -13.49 -86.09
CA LYS P 350 -55.94 -12.43 -87.06
C LYS P 350 -54.58 -12.11 -87.58
N LEU P 351 -53.57 -12.83 -87.11
CA LEU P 351 -52.23 -12.60 -87.57
C LEU P 351 -51.93 -13.28 -88.86
N SER P 352 -51.43 -12.50 -89.80
CA SER P 352 -51.05 -13.02 -91.11
C SER P 352 -49.64 -13.56 -91.25
N THR P 353 -49.43 -14.79 -90.81
CA THR P 353 -48.12 -15.41 -90.96
C THR P 353 -48.18 -16.82 -90.35
N ARG P 354 -47.29 -17.68 -90.89
CA ARG P 354 -47.35 -19.09 -90.58
C ARG P 354 -46.09 -19.45 -89.78
N GLY P 355 -45.08 -18.61 -89.87
CA GLY P 355 -43.88 -18.94 -89.17
C GLY P 355 -42.74 -18.24 -89.83
N VAL P 356 -41.73 -17.96 -89.02
CA VAL P 356 -40.65 -17.14 -89.48
C VAL P 356 -39.65 -17.92 -90.32
N GLN P 357 -39.48 -19.21 -89.98
CA GLN P 357 -38.56 -20.09 -90.72
C GLN P 357 -39.24 -20.51 -91.99
N ILE P 358 -38.41 -20.68 -93.00
CA ILE P 358 -38.91 -21.05 -94.29
C ILE P 358 -38.72 -22.56 -94.48
N ALA P 359 -39.82 -23.23 -94.84
CA ALA P 359 -39.78 -24.66 -95.04
C ALA P 359 -39.22 -25.02 -96.41
N SER P 360 -38.62 -26.22 -96.49
CA SER P 360 -38.03 -26.78 -97.75
C SER P 360 -39.05 -26.91 -98.90
N ASN P 361 -40.31 -26.86 -98.53
CA ASN P 361 -41.40 -27.03 -99.42
C ASN P 361 -41.51 -25.83 -100.34
N GLU P 362 -41.31 -24.64 -99.77
CA GLU P 362 -41.64 -23.40 -100.45
C GLU P 362 -40.67 -23.11 -101.52
N ASN P 363 -40.92 -22.11 -102.34
CA ASN P 363 -39.96 -21.81 -103.38
C ASN P 363 -39.49 -20.43 -103.18
N MET P 364 -38.36 -20.11 -103.76
CA MET P 364 -37.81 -18.78 -103.63
C MET P 364 -38.30 -17.76 -104.66
N GLU P 365 -38.89 -18.26 -105.75
CA GLU P 365 -39.22 -17.38 -106.85
C GLU P 365 -40.18 -16.37 -106.26
N THR P 366 -41.20 -16.86 -105.57
CA THR P 366 -42.23 -15.99 -105.03
C THR P 366 -41.93 -15.63 -103.61
N MET P 367 -40.72 -15.14 -103.35
CA MET P 367 -40.31 -14.85 -101.99
C MET P 367 -39.61 -13.50 -101.96
N GLU P 368 -39.90 -12.69 -100.94
CA GLU P 368 -39.26 -11.40 -100.79
C GLU P 368 -39.05 -11.15 -99.30
N SER P 369 -38.49 -9.99 -98.95
CA SER P 369 -38.07 -9.77 -97.56
C SER P 369 -38.38 -8.37 -97.08
N SER P 370 -38.80 -8.21 -95.83
CA SER P 370 -39.10 -6.91 -95.28
C SER P 370 -38.27 -6.57 -94.06
N THR P 371 -38.29 -5.30 -93.66
CA THR P 371 -37.54 -4.84 -92.53
C THR P 371 -38.48 -4.85 -91.31
N LEU P 372 -38.03 -5.58 -90.28
CA LEU P 372 -38.85 -5.87 -89.13
C LEU P 372 -38.93 -4.66 -88.24
N GLU P 373 -40.14 -4.29 -87.84
CA GLU P 373 -40.34 -3.18 -86.91
C GLU P 373 -40.29 -3.70 -85.46
N LEU P 374 -39.13 -3.50 -84.82
CA LEU P 374 -38.95 -3.99 -83.43
C LEU P 374 -38.92 -2.95 -82.32
N ARG P 375 -38.94 -1.67 -82.73
CA ARG P 375 -38.98 -0.56 -81.81
C ARG P 375 -40.25 -0.64 -80.96
N SER P 376 -40.22 -0.11 -79.74
CA SER P 376 -41.40 -0.06 -78.88
C SER P 376 -41.59 1.34 -78.35
N ARG P 377 -42.78 1.62 -77.83
CA ARG P 377 -43.09 2.95 -77.33
C ARG P 377 -42.41 3.16 -75.99
N TYR P 378 -42.83 2.38 -74.99
CA TYR P 378 -42.20 2.44 -73.70
C TYR P 378 -41.53 1.10 -73.43
N TRP P 379 -41.09 0.91 -72.19
CA TRP P 379 -40.55 -0.33 -71.70
C TRP P 379 -41.01 -0.58 -70.30
N ALA P 380 -40.88 -1.84 -69.88
CA ALA P 380 -41.34 -2.26 -68.58
C ALA P 380 -40.50 -3.34 -67.91
N ILE P 381 -40.38 -3.27 -66.59
CA ILE P 381 -39.51 -4.24 -65.96
C ILE P 381 -40.06 -5.66 -66.18
N ARG P 382 -39.50 -6.47 -67.09
CA ARG P 382 -40.08 -7.81 -67.27
C ARG P 382 -40.10 -8.44 -65.86
N THR P 383 -41.29 -8.76 -65.32
CA THR P 383 -41.38 -9.34 -63.95
C THR P 383 -41.36 -10.86 -63.88
N ARG P 384 -41.47 -11.37 -62.66
CA ARG P 384 -41.52 -12.80 -62.39
C ARG P 384 -42.80 -13.16 -61.64
N SER P 385 -43.17 -12.28 -60.73
CA SER P 385 -44.43 -12.35 -59.97
C SER P 385 -45.72 -12.57 -60.77
N GLY P 386 -46.60 -13.44 -60.28
CA GLY P 386 -47.94 -13.58 -60.85
C GLY P 386 -49.02 -12.66 -60.25
N GLY P 387 -48.68 -11.68 -59.39
CA GLY P 387 -49.69 -10.88 -58.63
C GLY P 387 -50.49 -11.64 -57.55
N ASN P 388 -50.95 -10.94 -56.51
CA ASN P 388 -51.90 -11.53 -55.54
C ASN P 388 -52.75 -10.50 -54.74
N THR P 389 -53.96 -10.90 -54.31
CA THR P 389 -54.78 -10.04 -53.44
C THR P 389 -55.06 -10.70 -52.06
N GLN P 398 -58.74 -38.29 -20.52
CA GLN P 398 -57.74 -37.39 -19.98
C GLN P 398 -58.28 -35.99 -19.63
N ILE P 399 -57.46 -35.17 -18.95
CA ILE P 399 -57.87 -33.82 -18.48
C ILE P 399 -56.67 -32.84 -18.51
N SER P 400 -55.49 -33.42 -18.53
CA SER P 400 -54.25 -32.67 -18.61
C SER P 400 -53.28 -33.44 -19.48
N ILE P 401 -52.28 -32.73 -19.99
CA ILE P 401 -51.24 -33.34 -20.78
C ILE P 401 -49.92 -33.40 -20.02
N GLN P 402 -49.33 -34.60 -19.92
CA GLN P 402 -47.98 -34.79 -19.33
C GLN P 402 -46.91 -34.46 -20.36
N PRO P 403 -46.04 -33.52 -20.10
CA PRO P 403 -45.12 -33.12 -21.18
C PRO P 403 -43.93 -34.08 -21.34
N THR P 404 -43.62 -34.46 -22.58
CA THR P 404 -42.54 -35.43 -22.80
C THR P 404 -41.39 -34.73 -23.45
N PHE P 405 -41.59 -33.57 -24.05
CA PHE P 405 -40.45 -32.91 -24.69
C PHE P 405 -40.28 -31.46 -24.29
N SER P 406 -39.12 -30.92 -24.62
CA SER P 406 -38.81 -29.57 -24.24
C SER P 406 -39.13 -28.68 -25.44
N VAL P 407 -40.33 -28.12 -25.49
CA VAL P 407 -40.66 -27.17 -26.56
C VAL P 407 -41.64 -26.09 -26.09
N GLN P 408 -41.71 -25.00 -26.83
CA GLN P 408 -42.69 -23.95 -26.55
C GLN P 408 -44.12 -24.41 -26.80
N ARG P 409 -44.75 -24.83 -25.72
CA ARG P 409 -46.09 -25.41 -25.79
C ARG P 409 -47.01 -25.06 -24.64
N ASN P 410 -48.14 -24.44 -25.01
CA ASN P 410 -49.21 -24.21 -24.05
C ASN P 410 -49.61 -25.56 -23.45
N LEU P 411 -49.47 -25.74 -22.15
CA LEU P 411 -49.81 -27.04 -21.66
C LEU P 411 -51.29 -27.21 -21.32
N PRO P 412 -52.04 -28.04 -22.06
CA PRO P 412 -53.48 -28.26 -21.84
C PRO P 412 -53.94 -28.95 -20.58
N SER P 431 -57.99 -30.05 -43.89
CA SER P 431 -58.97 -30.99 -44.50
C SER P 431 -58.47 -31.44 -45.86
N ASP P 432 -59.10 -30.93 -46.93
CA ASP P 432 -58.57 -31.12 -48.28
C ASP P 432 -57.89 -29.82 -48.62
N MET P 433 -56.58 -29.83 -48.89
CA MET P 433 -55.90 -28.57 -49.20
C MET P 433 -56.51 -27.93 -50.48
N ARG P 434 -57.19 -28.77 -51.26
CA ARG P 434 -57.96 -28.30 -52.42
C ARG P 434 -58.90 -27.21 -52.00
N THR P 435 -59.70 -27.53 -51.00
CA THR P 435 -60.70 -26.61 -50.43
C THR P 435 -60.08 -25.25 -50.16
N GLU P 436 -58.95 -25.25 -49.47
CA GLU P 436 -58.28 -24.03 -49.14
C GLU P 436 -58.15 -23.16 -50.41
N ILE P 437 -57.62 -23.75 -51.48
CA ILE P 437 -57.39 -23.06 -52.74
C ILE P 437 -58.69 -22.66 -53.41
N ILE P 438 -59.58 -23.63 -53.55
CA ILE P 438 -60.88 -23.37 -54.17
C ILE P 438 -61.54 -22.17 -53.50
N ARG P 439 -61.35 -22.05 -52.19
CA ARG P 439 -61.88 -20.95 -51.42
C ARG P 439 -61.12 -19.65 -51.78
N LEU P 440 -59.85 -19.78 -52.13
CA LEU P 440 -59.06 -18.61 -52.46
C LEU P 440 -59.38 -18.24 -53.89
N MET P 441 -59.17 -19.19 -54.82
CA MET P 441 -59.76 -19.07 -56.18
C MET P 441 -61.04 -18.16 -56.28
N GLU P 442 -62.09 -18.54 -55.55
CA GLU P 442 -63.34 -17.80 -55.44
C GLU P 442 -63.26 -16.28 -55.25
N SER P 443 -62.61 -15.83 -54.17
CA SER P 443 -62.65 -14.41 -53.82
C SER P 443 -61.96 -13.58 -54.89
N ALA P 444 -61.36 -14.28 -55.84
CA ALA P 444 -60.57 -13.64 -56.88
C ALA P 444 -61.39 -13.12 -58.07
N ARG P 445 -61.28 -11.82 -58.33
CA ARG P 445 -61.93 -11.21 -59.51
C ARG P 445 -60.94 -10.80 -60.63
N PRO P 446 -61.36 -11.01 -61.89
CA PRO P 446 -60.46 -10.75 -62.99
C PRO P 446 -60.05 -9.33 -62.97
N GLU P 447 -60.93 -8.46 -62.43
CA GLU P 447 -60.64 -7.02 -62.32
C GLU P 447 -59.63 -6.67 -61.24
N ASP P 448 -59.26 -7.66 -60.42
CA ASP P 448 -58.30 -7.48 -59.32
C ASP P 448 -56.96 -6.95 -59.78
N VAL P 449 -56.67 -5.71 -59.38
CA VAL P 449 -55.48 -5.00 -59.82
C VAL P 449 -54.23 -5.67 -59.29
N SER P 450 -53.24 -5.97 -60.15
CA SER P 450 -51.89 -6.44 -59.73
C SER P 450 -50.74 -5.42 -59.96
N PHE P 451 -49.56 -5.70 -59.39
CA PHE P 451 -48.40 -4.80 -59.54
C PHE P 451 -48.81 -3.36 -59.22
N GLN P 452 -49.51 -3.21 -58.10
CA GLN P 452 -50.03 -1.91 -57.67
C GLN P 452 -48.88 -0.88 -57.66
N GLY P 453 -49.08 0.31 -58.24
CA GLY P 453 -48.00 1.28 -58.29
C GLY P 453 -46.92 1.13 -59.39
N ARG P 454 -46.63 -0.13 -59.82
CA ARG P 454 -45.69 -0.41 -60.93
C ARG P 454 -46.22 0.17 -62.20
N GLY P 455 -45.34 0.72 -63.03
CA GLY P 455 -45.76 1.35 -64.29
C GLY P 455 -44.81 1.08 -65.45
N VAL P 456 -44.86 1.97 -66.44
CA VAL P 456 -44.09 1.75 -67.67
C VAL P 456 -43.09 2.87 -67.73
N PHE P 457 -41.97 2.63 -68.40
CA PHE P 457 -40.98 3.69 -68.44
C PHE P 457 -40.75 4.15 -69.84
N GLU P 458 -40.50 5.44 -69.97
CA GLU P 458 -40.08 6.02 -71.23
C GLU P 458 -38.73 5.41 -71.59
N LEU P 459 -38.40 5.48 -72.90
CA LEU P 459 -37.15 4.92 -73.35
C LEU P 459 -35.99 5.84 -73.05
N SER P 460 -36.27 7.11 -72.65
CA SER P 460 -35.24 8.00 -72.16
C SER P 460 -34.89 7.67 -70.70
N ASP P 461 -35.88 7.19 -69.94
CA ASP P 461 -35.73 6.97 -68.51
C ASP P 461 -34.88 5.78 -68.23
N GLU P 462 -33.58 6.01 -68.30
CA GLU P 462 -32.61 4.92 -68.24
C GLU P 462 -32.67 4.23 -66.91
N LYS P 463 -32.61 5.06 -65.89
CA LYS P 463 -32.79 4.67 -64.49
C LYS P 463 -34.26 4.32 -64.34
N ALA P 464 -34.60 3.61 -63.27
CA ALA P 464 -36.03 3.32 -63.10
C ALA P 464 -36.79 4.47 -62.40
N THR P 465 -36.27 5.67 -62.56
CA THR P 465 -36.77 6.84 -61.88
C THR P 465 -38.24 7.05 -61.91
N SER P 466 -38.78 7.64 -62.97
CA SER P 466 -40.21 7.95 -63.03
C SER P 466 -41.09 6.97 -63.81
N PRO P 467 -42.04 6.34 -63.09
CA PRO P 467 -42.97 5.30 -63.63
C PRO P 467 -44.20 5.94 -64.23
N ILE P 468 -44.91 5.21 -65.12
CA ILE P 468 -46.09 5.75 -65.77
C ILE P 468 -47.15 4.75 -65.67
N VAL P 469 -48.31 5.17 -65.18
CA VAL P 469 -49.42 4.25 -65.00
C VAL P 469 -50.40 4.30 -66.18
N PRO P 470 -50.65 3.17 -66.81
CA PRO P 470 -51.56 3.09 -67.94
C PRO P 470 -53.01 2.96 -67.52
N SER P 471 -53.85 3.63 -68.27
CA SER P 471 -55.26 3.62 -68.01
C SER P 471 -55.86 2.95 -69.23
N PHE P 472 -56.48 1.79 -69.06
CA PHE P 472 -57.05 1.04 -70.20
C PHE P 472 -58.48 1.39 -70.67
N ASP P 473 -59.08 2.43 -70.09
CA ASP P 473 -60.38 2.89 -70.57
C ASP P 473 -60.08 3.22 -72.02
N MET P 474 -60.56 2.39 -72.95
CA MET P 474 -60.12 2.52 -74.35
C MET P 474 -60.75 1.49 -75.28
N SER P 475 -60.76 1.75 -76.58
CA SER P 475 -61.33 0.77 -77.49
C SER P 475 -60.21 -0.17 -77.79
N ASN P 476 -60.12 -1.22 -76.99
CA ASN P 476 -59.03 -2.19 -77.08
C ASN P 476 -59.32 -3.21 -78.18
N GLU P 477 -58.59 -4.31 -78.19
CA GLU P 477 -58.78 -5.34 -79.22
C GLU P 477 -58.61 -6.76 -78.61
N GLY P 478 -59.12 -6.99 -77.40
CA GLY P 478 -58.89 -8.30 -76.79
C GLY P 478 -57.80 -8.31 -75.71
N SER P 479 -57.63 -9.47 -75.09
CA SER P 479 -56.59 -9.65 -74.11
C SER P 479 -55.86 -10.98 -74.30
N TYR P 480 -56.43 -11.92 -75.01
CA TYR P 480 -55.87 -13.23 -75.17
C TYR P 480 -55.23 -13.46 -76.55
N PHE P 481 -53.92 -13.26 -76.68
CA PHE P 481 -53.24 -13.56 -77.93
C PHE P 481 -53.73 -14.86 -78.56
N PHE P 482 -54.17 -15.84 -77.75
CA PHE P 482 -54.64 -17.10 -78.31
C PHE P 482 -56.15 -17.37 -78.10
N ASN Q 14 -38.31 39.25 -50.68
CA ASN Q 14 -38.55 40.18 -51.84
C ASN Q 14 -37.29 40.92 -52.32
N ALA Q 15 -36.64 40.24 -53.27
CA ALA Q 15 -35.42 40.68 -53.90
C ALA Q 15 -35.69 41.60 -55.11
N THR Q 16 -36.88 42.18 -55.19
CA THR Q 16 -37.16 43.01 -56.35
C THR Q 16 -36.85 44.47 -56.04
N GLU Q 17 -37.63 45.07 -55.15
CA GLU Q 17 -37.45 46.47 -54.83
C GLU Q 17 -36.11 46.62 -54.13
N ILE Q 18 -36.04 46.10 -52.90
CA ILE Q 18 -34.85 46.24 -52.04
C ILE Q 18 -33.54 45.97 -52.79
N ARG Q 19 -33.44 44.87 -53.55
CA ARG Q 19 -32.15 44.57 -54.18
C ARG Q 19 -31.88 45.38 -55.45
N ALA Q 20 -32.93 45.80 -56.11
CA ALA Q 20 -32.76 46.42 -57.40
C ALA Q 20 -32.91 47.94 -57.30
N SER Q 21 -33.70 48.39 -56.33
CA SER Q 21 -33.86 49.82 -56.13
C SER Q 21 -32.60 50.44 -55.54
N VAL Q 22 -31.81 49.60 -54.88
CA VAL Q 22 -30.64 50.13 -54.21
C VAL Q 22 -29.51 50.03 -55.22
N GLY Q 23 -29.73 49.12 -56.17
CA GLY Q 23 -28.85 49.03 -57.32
C GLY Q 23 -28.93 50.28 -58.18
N LYS Q 24 -30.12 50.83 -58.22
CA LYS Q 24 -30.36 51.98 -59.04
C LYS Q 24 -29.73 53.16 -58.36
N MET Q 25 -29.64 53.10 -57.05
CA MET Q 25 -29.02 54.24 -56.39
C MET Q 25 -27.51 54.14 -56.52
N ILE Q 26 -27.01 52.90 -56.70
CA ILE Q 26 -25.61 52.69 -56.83
C ILE Q 26 -25.17 53.10 -58.25
N ASP Q 27 -25.99 52.77 -59.26
CA ASP Q 27 -25.77 53.17 -60.66
C ASP Q 27 -25.61 54.66 -60.71
N GLY Q 28 -26.39 55.39 -59.92
CA GLY Q 28 -26.34 56.83 -60.06
C GLY Q 28 -24.96 57.31 -59.65
N ILE Q 29 -24.46 56.81 -58.54
CA ILE Q 29 -23.21 57.30 -58.00
C ILE Q 29 -22.15 56.97 -59.03
N GLY Q 30 -22.21 55.76 -59.59
CA GLY Q 30 -21.26 55.31 -60.59
C GLY Q 30 -21.25 56.29 -61.77
N ARG Q 31 -22.29 56.22 -62.59
CA ARG Q 31 -22.52 57.14 -63.68
C ARG Q 31 -22.05 58.55 -63.34
N PHE Q 32 -22.51 59.12 -62.23
CA PHE Q 32 -22.07 60.46 -61.89
C PHE Q 32 -20.49 60.57 -61.81
N TYR Q 33 -19.90 59.75 -60.95
CA TYR Q 33 -18.47 59.70 -60.84
C TYR Q 33 -17.78 59.64 -62.19
N ILE Q 34 -18.30 58.85 -63.10
CA ILE Q 34 -17.73 58.76 -64.42
C ILE Q 34 -17.84 60.12 -65.14
N GLN Q 35 -19.01 60.73 -65.11
CA GLN Q 35 -19.25 62.04 -65.76
C GLN Q 35 -18.31 63.07 -65.21
N MET Q 36 -18.30 63.13 -63.92
CA MET Q 36 -17.45 64.05 -63.23
C MET Q 36 -15.98 63.78 -63.48
N CYS Q 37 -15.58 62.54 -63.63
CA CYS Q 37 -14.22 62.34 -64.02
C CYS Q 37 -13.99 62.84 -65.42
N THR Q 38 -14.96 62.63 -66.29
CA THR Q 38 -14.81 63.08 -67.68
C THR Q 38 -14.66 64.62 -67.78
N GLU Q 39 -15.19 65.36 -66.80
CA GLU Q 39 -15.07 66.80 -66.81
C GLU Q 39 -13.65 67.17 -66.41
N LEU Q 40 -13.24 66.67 -65.26
CA LEU Q 40 -11.91 66.98 -64.80
C LEU Q 40 -10.84 66.46 -65.76
N LYS Q 41 -11.26 65.72 -66.77
CA LYS Q 41 -10.34 65.18 -67.74
C LYS Q 41 -9.26 64.38 -67.03
N LEU Q 42 -9.59 63.72 -65.91
CA LEU Q 42 -8.66 62.74 -65.27
C LEU Q 42 -8.41 61.44 -66.05
N SER Q 43 -7.31 60.76 -65.70
CA SER Q 43 -6.96 59.49 -66.32
C SER Q 43 -7.59 58.33 -65.56
N ASP Q 44 -7.34 57.11 -66.05
CA ASP Q 44 -7.84 55.93 -65.36
C ASP Q 44 -7.17 55.81 -64.02
N TYR Q 45 -5.85 55.89 -63.99
CA TYR Q 45 -5.17 55.80 -62.72
C TYR Q 45 -5.59 56.93 -61.84
N GLU Q 46 -5.89 58.06 -62.43
CA GLU Q 46 -6.20 59.24 -61.64
C GLU Q 46 -7.67 59.29 -61.23
N GLY Q 47 -8.47 58.34 -61.70
CA GLY Q 47 -9.87 58.31 -61.30
C GLY Q 47 -10.00 57.26 -60.24
N ARG Q 48 -8.95 56.46 -60.07
CA ARG Q 48 -8.99 55.40 -59.08
C ARG Q 48 -8.33 55.81 -57.77
N LEU Q 49 -7.97 57.09 -57.72
CA LEU Q 49 -7.28 57.63 -56.58
C LEU Q 49 -8.26 58.03 -55.51
N ILE Q 50 -8.42 57.17 -54.52
CA ILE Q 50 -9.36 57.46 -53.48
C ILE Q 50 -9.38 58.88 -53.06
N GLN Q 51 -8.23 59.55 -53.15
CA GLN Q 51 -8.09 60.97 -52.83
C GLN Q 51 -9.06 61.78 -53.72
N ASN Q 52 -8.79 61.80 -55.02
CA ASN Q 52 -9.68 62.50 -55.91
C ASN Q 52 -11.10 62.07 -55.72
N SER Q 53 -11.38 60.77 -55.55
CA SER Q 53 -12.77 60.37 -55.42
C SER Q 53 -13.39 61.14 -54.27
N LEU Q 54 -12.75 61.12 -53.12
CA LEU Q 54 -13.27 61.84 -51.95
C LEU Q 54 -13.66 63.28 -52.24
N THR Q 55 -12.71 64.00 -52.79
CA THR Q 55 -12.93 65.38 -53.12
C THR Q 55 -14.22 65.51 -53.91
N ILE Q 56 -14.37 64.68 -54.94
CA ILE Q 56 -15.58 64.75 -55.73
C ILE Q 56 -16.84 64.50 -54.90
N GLU Q 57 -16.77 63.49 -54.03
CA GLU Q 57 -17.95 63.13 -53.28
C GLU Q 57 -18.39 64.28 -52.41
N ARG Q 58 -17.41 64.99 -51.84
CA ARG Q 58 -17.73 66.07 -50.93
C ARG Q 58 -18.25 67.32 -51.69
N MET Q 59 -17.63 67.65 -52.85
CA MET Q 59 -18.13 68.67 -53.80
C MET Q 59 -19.61 68.53 -54.04
N VAL Q 60 -20.11 67.34 -53.87
CA VAL Q 60 -21.46 67.13 -54.30
C VAL Q 60 -22.33 67.26 -53.12
N LEU Q 61 -21.97 66.64 -52.02
CA LEU Q 61 -22.78 66.70 -50.83
C LEU Q 61 -22.88 68.16 -50.35
N SER Q 62 -21.81 68.93 -50.56
CA SER Q 62 -21.79 70.35 -50.24
C SER Q 62 -22.81 71.06 -51.11
N ALA Q 63 -22.74 70.80 -52.41
CA ALA Q 63 -23.61 71.49 -53.34
C ALA Q 63 -25.07 71.14 -53.11
N PHE Q 64 -25.38 69.97 -52.58
CA PHE Q 64 -26.75 69.62 -52.36
C PHE Q 64 -27.15 69.88 -50.92
N ASP Q 65 -26.41 70.77 -50.25
CA ASP Q 65 -26.61 71.08 -48.81
C ASP Q 65 -25.68 72.18 -48.26
N THR Q 85 -18.73 74.99 -55.26
CA THR Q 85 -17.71 74.52 -54.32
C THR Q 85 -16.56 73.97 -55.09
N GLY Q 86 -15.46 73.70 -54.38
CA GLY Q 86 -14.22 73.28 -55.02
C GLY Q 86 -13.59 72.22 -54.15
N GLY Q 87 -12.34 71.88 -54.44
CA GLY Q 87 -11.64 70.89 -53.65
C GLY Q 87 -10.28 70.52 -54.22
N PRO Q 88 -9.53 69.68 -53.47
CA PRO Q 88 -8.18 69.27 -53.81
C PRO Q 88 -8.20 68.14 -54.86
N ILE Q 89 -7.51 68.37 -55.96
CA ILE Q 89 -7.50 67.36 -57.01
C ILE Q 89 -6.09 67.02 -57.46
N TYR Q 90 -5.66 65.78 -57.22
CA TYR Q 90 -4.31 65.38 -57.52
C TYR Q 90 -4.10 64.80 -58.93
N ARG Q 91 -3.04 65.27 -59.56
CA ARG Q 91 -2.77 64.93 -60.93
C ARG Q 91 -1.43 64.21 -61.03
N ARG Q 92 -1.25 63.44 -62.10
CA ARG Q 92 -0.02 62.65 -62.25
C ARG Q 92 0.83 63.15 -63.40
N VAL Q 93 1.98 63.75 -63.12
CA VAL Q 93 2.93 64.12 -64.19
C VAL Q 93 4.19 63.25 -64.09
N ASP Q 94 4.92 63.12 -65.21
CA ASP Q 94 6.16 62.34 -65.24
C ASP Q 94 6.78 62.29 -63.83
N GLY Q 95 6.66 61.15 -63.15
CA GLY Q 95 7.32 60.99 -61.85
C GLY Q 95 6.53 61.35 -60.63
N LYS Q 96 6.12 62.63 -60.52
CA LYS Q 96 5.56 63.18 -59.26
C LYS Q 96 4.10 63.59 -59.30
N TRP Q 97 3.50 63.81 -58.14
CA TRP Q 97 2.07 64.08 -58.12
C TRP Q 97 1.77 65.56 -57.91
N ARG Q 98 0.92 66.12 -58.76
CA ARG Q 98 0.63 67.54 -58.66
C ARG Q 98 -0.79 67.76 -58.12
N ARG Q 99 -0.88 68.52 -57.03
CA ARG Q 99 -2.16 68.84 -56.41
C ARG Q 99 -2.78 70.09 -57.06
N GLU Q 100 -3.97 69.98 -57.63
CA GLU Q 100 -4.69 71.15 -58.14
C GLU Q 100 -5.81 71.62 -57.24
N LEU Q 101 -5.86 72.91 -56.99
CA LEU Q 101 -6.94 73.44 -56.18
C LEU Q 101 -7.98 73.97 -57.13
N ILE Q 102 -9.16 73.34 -57.21
CA ILE Q 102 -10.15 73.77 -58.21
C ILE Q 102 -11.51 74.07 -57.63
N LEU Q 103 -12.31 74.78 -58.43
CA LEU Q 103 -13.68 75.18 -58.03
C LEU Q 103 -14.69 74.91 -59.14
N TYR Q 104 -15.90 74.51 -58.78
CA TYR Q 104 -16.96 74.22 -59.77
C TYR Q 104 -18.30 74.91 -59.45
N ASP Q 105 -19.07 75.21 -60.49
CA ASP Q 105 -20.35 75.83 -60.25
C ASP Q 105 -21.20 74.98 -59.34
N LYS Q 106 -21.40 75.42 -58.10
CA LYS Q 106 -22.21 74.62 -57.18
C LYS Q 106 -23.45 74.04 -57.85
N GLU Q 107 -23.97 74.72 -58.88
CA GLU Q 107 -25.21 74.27 -59.50
C GLU Q 107 -24.89 73.33 -60.62
N GLU Q 108 -23.83 73.65 -61.33
CA GLU Q 108 -23.39 72.72 -62.33
C GLU Q 108 -23.31 71.31 -61.74
N ILE Q 109 -22.76 71.23 -60.50
CA ILE Q 109 -22.59 69.92 -59.84
C ILE Q 109 -23.93 69.30 -59.64
N ARG Q 110 -24.86 70.11 -59.18
CA ARG Q 110 -26.19 69.60 -58.93
C ARG Q 110 -26.86 69.18 -60.23
N ARG Q 111 -26.46 69.83 -61.32
CA ARG Q 111 -27.02 69.50 -62.60
C ARG Q 111 -26.53 68.12 -63.08
N ILE Q 112 -25.22 67.98 -63.04
CA ILE Q 112 -24.59 66.74 -63.49
C ILE Q 112 -25.07 65.56 -62.68
N TRP Q 113 -25.26 65.77 -61.37
CA TRP Q 113 -25.76 64.75 -60.47
C TRP Q 113 -27.08 64.21 -61.00
N ARG Q 114 -28.09 65.07 -61.17
CA ARG Q 114 -29.43 64.60 -61.54
C ARG Q 114 -29.37 63.94 -62.91
N GLN Q 115 -28.64 64.56 -63.82
CA GLN Q 115 -28.45 63.95 -65.11
C GLN Q 115 -28.18 62.47 -64.94
N ALA Q 116 -27.31 62.11 -63.98
CA ALA Q 116 -26.92 60.71 -63.80
C ALA Q 116 -28.07 59.94 -63.21
N ASN Q 117 -28.75 60.49 -62.22
CA ASN Q 117 -29.95 59.82 -61.64
C ASN Q 117 -31.30 60.05 -62.35
N ASN Q 118 -31.28 60.26 -63.66
CA ASN Q 118 -32.53 60.52 -64.36
C ASN Q 118 -33.27 61.80 -63.93
N GLY Q 119 -32.53 62.82 -63.53
CA GLY Q 119 -33.17 64.02 -63.09
C GLY Q 119 -33.85 63.87 -61.75
N ASP Q 120 -33.59 62.73 -61.10
CA ASP Q 120 -34.07 62.52 -59.75
C ASP Q 120 -33.15 63.15 -58.73
N ASP Q 121 -33.57 63.10 -57.48
CA ASP Q 121 -32.76 63.68 -56.42
C ASP Q 121 -31.84 62.63 -55.82
N ALA Q 122 -32.42 61.44 -55.75
CA ALA Q 122 -31.77 60.27 -55.21
C ALA Q 122 -31.10 60.67 -53.92
N THR Q 123 -31.88 61.07 -52.92
CA THR Q 123 -31.29 61.47 -51.64
C THR Q 123 -30.53 60.30 -51.10
N ALA Q 124 -31.10 59.12 -51.28
CA ALA Q 124 -30.40 57.91 -50.90
C ALA Q 124 -28.93 57.95 -51.35
N GLY Q 125 -28.74 58.27 -52.62
CA GLY Q 125 -27.40 58.33 -53.17
C GLY Q 125 -26.45 59.26 -52.45
N LEU Q 126 -26.89 60.45 -52.09
CA LEU Q 126 -26.04 61.42 -51.45
C LEU Q 126 -25.80 60.93 -50.03
N THR Q 127 -26.85 60.36 -49.46
CA THR Q 127 -26.83 59.87 -48.12
C THR Q 127 -25.83 58.74 -48.07
N HIS Q 128 -25.70 58.01 -49.19
CA HIS Q 128 -24.80 56.85 -49.23
C HIS Q 128 -23.35 57.29 -49.06
N MET Q 129 -22.98 58.37 -49.74
CA MET Q 129 -21.62 58.85 -49.68
C MET Q 129 -21.55 59.60 -48.41
N MET Q 130 -22.71 59.93 -47.86
CA MET Q 130 -22.77 60.66 -46.59
C MET Q 130 -22.28 59.67 -45.57
N ILE Q 131 -22.56 58.40 -45.76
CA ILE Q 131 -22.12 57.37 -44.81
C ILE Q 131 -20.68 56.89 -45.05
N TRP Q 132 -20.32 56.80 -46.32
CA TRP Q 132 -19.03 56.28 -46.63
C TRP Q 132 -18.06 57.21 -45.91
N HIS Q 133 -18.41 58.48 -45.88
CA HIS Q 133 -17.56 59.43 -45.24
C HIS Q 133 -17.63 59.14 -43.76
N SER Q 134 -18.83 58.90 -43.28
CA SER Q 134 -18.99 58.63 -41.85
C SER Q 134 -18.09 57.46 -41.41
N ASN Q 135 -18.26 56.36 -42.06
CA ASN Q 135 -17.61 55.16 -41.66
C ASN Q 135 -16.08 55.24 -41.71
N LEU Q 136 -15.59 56.14 -42.59
CA LEU Q 136 -14.21 56.48 -42.72
C LEU Q 136 -13.79 57.34 -41.57
N ASN Q 137 -14.69 58.13 -41.03
CA ASN Q 137 -14.28 59.07 -40.01
C ASN Q 137 -14.34 58.39 -38.67
N ASP Q 138 -15.25 57.45 -38.53
CA ASP Q 138 -15.38 56.74 -37.33
C ASP Q 138 -14.19 55.77 -37.15
N ALA Q 139 -13.40 55.61 -38.20
CA ALA Q 139 -12.22 54.75 -38.13
C ALA Q 139 -10.91 55.50 -38.19
N THR Q 140 -10.89 56.64 -38.85
CA THR Q 140 -9.66 57.41 -38.97
C THR Q 140 -9.44 58.15 -37.67
N TYR Q 141 -10.55 58.60 -37.04
CA TYR Q 141 -10.47 59.44 -35.83
C TYR Q 141 -11.20 58.98 -34.58
N GLN Q 142 -10.72 59.44 -33.45
CA GLN Q 142 -11.35 59.13 -32.20
C GLN Q 142 -11.88 60.42 -31.65
N ARG Q 143 -13.16 60.43 -31.32
CA ARG Q 143 -13.84 61.69 -31.02
C ARG Q 143 -14.04 61.83 -29.51
N THR Q 144 -12.92 62.09 -28.82
CA THR Q 144 -12.94 62.12 -27.36
C THR Q 144 -13.29 63.53 -26.91
N ARG Q 145 -12.62 64.51 -27.54
CA ARG Q 145 -12.81 65.92 -27.19
C ARG Q 145 -14.30 66.26 -27.04
N ALA Q 146 -15.09 65.73 -27.96
CA ALA Q 146 -16.52 65.98 -27.99
C ALA Q 146 -17.30 65.22 -26.94
N LEU Q 147 -16.88 63.99 -26.63
CA LEU Q 147 -17.66 63.14 -25.69
C LEU Q 147 -17.64 63.73 -24.27
N VAL Q 148 -16.45 64.15 -23.89
CA VAL Q 148 -16.17 64.65 -22.56
C VAL Q 148 -16.83 66.03 -22.37
N ARG Q 149 -16.60 66.91 -23.35
CA ARG Q 149 -17.23 68.22 -23.38
C ARG Q 149 -18.76 68.08 -23.34
N THR Q 150 -19.29 66.95 -23.80
CA THR Q 150 -20.71 66.63 -23.62
C THR Q 150 -20.98 66.04 -22.24
N GLY Q 151 -20.03 65.30 -21.69
CA GLY Q 151 -20.20 64.77 -20.34
C GLY Q 151 -20.48 63.29 -20.42
N MET Q 152 -19.84 62.69 -21.45
CA MET Q 152 -19.86 61.24 -21.75
C MET Q 152 -18.47 60.70 -21.47
N ASP Q 153 -18.39 59.46 -21.04
CA ASP Q 153 -17.07 58.93 -20.76
C ASP Q 153 -16.28 58.61 -22.04
N PRO Q 154 -15.02 59.10 -22.18
CA PRO Q 154 -14.21 58.90 -23.40
C PRO Q 154 -14.09 57.45 -23.79
N ARG Q 155 -14.15 56.59 -22.80
CA ARG Q 155 -14.19 55.17 -23.07
C ARG Q 155 -15.48 54.65 -23.67
N MET Q 156 -16.35 55.54 -24.14
CA MET Q 156 -17.61 55.12 -24.78
C MET Q 156 -17.53 55.20 -26.30
N CYS Q 157 -16.30 55.03 -26.82
CA CYS Q 157 -16.02 54.94 -28.27
C CYS Q 157 -16.95 54.06 -29.08
N SER Q 158 -17.12 52.81 -28.66
CA SER Q 158 -17.95 51.80 -29.36
C SER Q 158 -19.45 52.11 -29.50
N LEU Q 159 -19.84 53.29 -29.04
CA LEU Q 159 -21.22 53.69 -29.02
C LEU Q 159 -21.34 54.95 -29.85
N MET Q 160 -20.25 55.52 -30.34
CA MET Q 160 -20.34 56.72 -31.15
C MET Q 160 -20.33 56.50 -32.69
N GLN Q 161 -20.93 55.41 -33.14
CA GLN Q 161 -21.02 55.14 -34.55
C GLN Q 161 -21.90 56.10 -35.37
N GLY Q 162 -21.26 57.00 -36.09
CA GLY Q 162 -22.01 57.91 -36.91
C GLY Q 162 -22.15 59.24 -36.20
N SER Q 163 -21.32 59.51 -35.21
CA SER Q 163 -21.39 60.81 -34.61
C SER Q 163 -21.07 61.92 -35.65
N THR Q 164 -20.41 61.61 -36.76
CA THR Q 164 -19.98 62.65 -37.71
C THR Q 164 -21.06 62.87 -38.76
N LEU Q 165 -22.00 61.97 -38.73
CA LEU Q 165 -22.94 61.88 -39.81
C LEU Q 165 -23.97 62.99 -39.73
N PRO Q 166 -23.88 63.97 -40.65
CA PRO Q 166 -24.82 65.11 -40.61
C PRO Q 166 -26.28 64.67 -40.35
N ARG Q 167 -26.97 65.41 -39.51
CA ARG Q 167 -28.41 65.22 -39.26
C ARG Q 167 -29.24 65.12 -40.54
N ARG Q 168 -28.83 65.85 -41.60
CA ARG Q 168 -29.43 65.74 -42.92
C ARG Q 168 -29.55 64.27 -43.39
N SER Q 169 -28.71 63.39 -42.86
CA SER Q 169 -28.78 61.98 -43.23
C SER Q 169 -30.23 61.50 -43.18
N GLY Q 170 -30.53 60.53 -44.00
CA GLY Q 170 -31.88 60.04 -44.07
C GLY Q 170 -32.33 59.16 -42.93
N ALA Q 171 -33.50 58.58 -43.10
CA ALA Q 171 -34.07 57.73 -42.09
C ALA Q 171 -33.23 56.43 -41.92
N ALA Q 172 -32.64 55.94 -43.01
CA ALA Q 172 -31.92 54.67 -43.01
C ALA Q 172 -30.46 55.06 -42.78
N GLY Q 173 -30.27 56.38 -42.70
CA GLY Q 173 -29.00 56.98 -42.28
C GLY Q 173 -28.80 57.00 -40.76
N ALA Q 174 -29.88 57.15 -40.00
CA ALA Q 174 -29.75 57.22 -38.58
C ALA Q 174 -29.71 55.79 -38.05
N ALA Q 175 -30.37 54.85 -38.71
CA ALA Q 175 -30.34 53.44 -38.22
C ALA Q 175 -28.91 52.87 -38.01
N VAL Q 176 -27.94 53.53 -38.63
CA VAL Q 176 -26.58 53.06 -38.59
C VAL Q 176 -25.95 53.61 -37.33
N LYS Q 177 -26.57 54.65 -36.75
CA LYS Q 177 -26.06 55.30 -35.51
C LYS Q 177 -25.95 54.44 -34.23
N GLY Q 178 -24.85 54.59 -33.51
CA GLY Q 178 -24.71 53.90 -32.23
C GLY Q 178 -25.53 54.59 -31.14
N VAL Q 179 -25.87 53.83 -30.09
CA VAL Q 179 -26.68 54.32 -28.97
C VAL Q 179 -26.06 55.62 -28.39
N GLY Q 180 -24.75 55.55 -28.14
CA GLY Q 180 -24.00 56.66 -27.69
C GLY Q 180 -24.12 57.84 -28.63
N THR Q 181 -24.41 57.59 -29.90
CA THR Q 181 -24.39 58.73 -30.85
C THR Q 181 -25.58 59.63 -30.54
N MET Q 182 -26.68 58.98 -30.20
CA MET Q 182 -27.90 59.66 -30.05
C MET Q 182 -27.83 60.55 -28.82
N VAL Q 183 -27.38 59.94 -27.72
CA VAL Q 183 -27.16 60.62 -26.46
C VAL Q 183 -26.34 61.94 -26.59
N MET Q 184 -25.26 61.96 -27.33
CA MET Q 184 -24.47 63.17 -27.45
C MET Q 184 -25.27 64.34 -28.00
N GLU Q 185 -26.32 63.99 -28.75
CA GLU Q 185 -27.19 64.97 -29.44
C GLU Q 185 -28.21 65.56 -28.48
N LEU Q 186 -29.16 64.71 -28.07
CA LEU Q 186 -30.11 65.06 -27.06
C LEU Q 186 -29.44 65.85 -25.91
N ILE Q 187 -28.38 65.31 -25.32
CA ILE Q 187 -27.62 66.00 -24.28
C ILE Q 187 -27.21 67.43 -24.70
N ARG Q 188 -26.91 67.67 -25.97
CA ARG Q 188 -26.51 69.03 -26.32
C ARG Q 188 -27.75 69.85 -26.59
N MET Q 189 -28.73 69.19 -27.22
CA MET Q 189 -30.00 69.83 -27.53
C MET Q 189 -30.60 70.27 -26.19
N ILE Q 190 -30.72 69.30 -25.26
CA ILE Q 190 -31.11 69.56 -23.87
C ILE Q 190 -30.17 70.53 -23.13
N LYS Q 191 -28.86 70.31 -23.14
CA LYS Q 191 -27.93 71.15 -22.37
C LYS Q 191 -28.03 72.65 -22.67
N ARG Q 192 -28.10 73.02 -23.93
CA ARG Q 192 -28.24 74.44 -24.23
C ARG Q 192 -29.63 75.05 -23.88
N GLY Q 193 -30.69 74.25 -24.16
CA GLY Q 193 -32.10 74.60 -23.84
C GLY Q 193 -32.32 74.70 -22.35
N ILE Q 194 -32.16 73.57 -21.64
CA ILE Q 194 -32.24 73.55 -20.19
C ILE Q 194 -31.19 74.46 -19.62
N ASN Q 195 -30.24 74.87 -20.25
CA ASN Q 195 -29.32 75.87 -19.71
C ASN Q 195 -29.97 77.22 -20.00
N ARG Q 206 -39.71 75.76 -30.64
CA ARG Q 206 -41.12 75.39 -30.57
C ARG Q 206 -41.37 73.96 -31.05
N ARG Q 207 -41.19 73.79 -32.35
CA ARG Q 207 -41.38 72.52 -33.04
C ARG Q 207 -40.28 71.54 -32.62
N THR Q 208 -39.24 72.08 -31.99
CA THR Q 208 -38.12 71.32 -31.45
C THR Q 208 -38.53 70.09 -30.63
N ARG Q 209 -39.77 70.05 -30.19
CA ARG Q 209 -40.29 68.94 -29.37
C ARG Q 209 -40.49 67.58 -30.08
N ILE Q 210 -41.18 67.57 -31.23
CA ILE Q 210 -41.39 66.37 -32.02
C ILE Q 210 -40.06 65.65 -32.30
N ALA Q 211 -38.99 66.45 -32.49
CA ALA Q 211 -37.63 65.95 -32.63
C ALA Q 211 -37.29 65.13 -31.41
N TYR Q 212 -37.27 65.78 -30.25
CA TYR Q 212 -36.83 65.16 -29.00
C TYR Q 212 -37.49 63.81 -28.77
N GLU Q 213 -38.82 63.75 -28.90
CA GLU Q 213 -39.55 62.49 -28.65
C GLU Q 213 -39.13 61.43 -29.64
N ARG Q 214 -39.13 61.80 -30.91
CA ARG Q 214 -38.69 60.86 -31.94
C ARG Q 214 -37.23 60.42 -31.72
N MET Q 215 -36.35 61.40 -31.55
CA MET Q 215 -34.95 61.13 -31.30
C MET Q 215 -34.87 60.11 -30.21
N CYS Q 216 -35.83 60.10 -29.29
CA CYS Q 216 -35.81 59.08 -28.23
C CYS Q 216 -36.39 57.77 -28.71
N ASN Q 217 -37.38 57.85 -29.61
CA ASN Q 217 -38.07 56.65 -30.03
C ASN Q 217 -37.12 55.78 -30.78
N ILE Q 218 -36.34 56.46 -31.61
CA ILE Q 218 -35.19 55.89 -32.33
C ILE Q 218 -34.24 55.32 -31.29
N LEU Q 219 -33.86 56.19 -30.36
CA LEU Q 219 -33.00 55.83 -29.26
C LEU Q 219 -33.54 54.54 -28.72
N LYS Q 220 -34.85 54.52 -28.39
CA LYS Q 220 -35.43 53.37 -27.69
C LYS Q 220 -35.42 52.15 -28.58
N GLY Q 221 -35.52 52.41 -29.87
CA GLY Q 221 -35.60 51.32 -30.82
C GLY Q 221 -34.24 50.67 -31.01
N LYS Q 222 -33.22 51.26 -30.39
CA LYS Q 222 -31.88 50.67 -30.38
C LYS Q 222 -31.86 49.55 -29.34
N PHE Q 223 -32.42 49.84 -28.16
CA PHE Q 223 -32.50 48.85 -27.10
C PHE Q 223 -33.34 47.67 -27.51
N GLN Q 224 -32.94 46.51 -27.02
CA GLN Q 224 -33.63 45.24 -27.28
C GLN Q 224 -33.88 44.45 -26.01
N THR Q 225 -34.22 45.14 -24.91
CA THR Q 225 -34.61 44.50 -23.64
C THR Q 225 -35.68 45.32 -22.93
N ALA Q 226 -36.60 44.61 -22.27
CA ALA Q 226 -37.67 45.25 -21.49
C ALA Q 226 -37.25 46.61 -20.87
N ALA Q 227 -36.53 46.55 -19.75
CA ALA Q 227 -36.16 47.71 -18.94
C ALA Q 227 -35.53 48.82 -19.79
N GLN Q 228 -34.55 48.40 -20.59
CA GLN Q 228 -33.86 49.30 -21.50
C GLN Q 228 -34.94 50.09 -22.20
N ARG Q 229 -35.85 49.35 -22.85
CA ARG Q 229 -36.93 49.95 -23.60
C ARG Q 229 -37.75 50.85 -22.67
N THR Q 230 -38.15 50.34 -21.51
CA THR Q 230 -39.04 51.07 -20.62
C THR Q 230 -38.39 52.35 -20.07
N MET Q 231 -37.10 52.27 -19.78
CA MET Q 231 -36.43 53.40 -19.11
C MET Q 231 -36.26 54.63 -19.97
N VAL Q 232 -36.37 54.39 -21.28
CA VAL Q 232 -36.18 55.39 -22.28
C VAL Q 232 -37.40 56.27 -22.25
N ASP Q 233 -38.55 55.59 -22.06
CA ASP Q 233 -39.84 56.26 -21.90
C ASP Q 233 -39.84 57.18 -20.66
N GLN Q 234 -39.38 56.63 -19.53
CA GLN Q 234 -39.29 57.39 -18.30
C GLN Q 234 -38.47 58.67 -18.51
N VAL Q 235 -37.59 58.65 -19.53
CA VAL Q 235 -36.79 59.83 -19.91
C VAL Q 235 -37.55 60.81 -20.81
N ARG Q 236 -38.25 60.25 -21.79
CA ARG Q 236 -39.04 61.01 -22.73
C ARG Q 236 -40.27 61.70 -22.11
N GLU Q 237 -40.46 61.53 -20.80
CA GLU Q 237 -41.62 62.10 -20.13
C GLU Q 237 -41.52 63.61 -19.87
N SER Q 238 -40.32 64.13 -19.66
CA SER Q 238 -40.14 65.52 -19.27
C SER Q 238 -40.00 66.53 -20.44
N ARG Q 239 -40.80 67.60 -20.40
CA ARG Q 239 -40.76 68.63 -21.45
C ARG Q 239 -39.44 69.36 -21.39
N ASN Q 240 -39.05 69.72 -20.18
CA ASN Q 240 -37.79 70.41 -19.99
C ASN Q 240 -36.88 69.47 -19.19
N PRO Q 241 -36.43 68.37 -19.81
CA PRO Q 241 -35.67 67.33 -19.09
C PRO Q 241 -34.32 67.86 -18.62
N GLY Q 242 -34.14 68.02 -17.31
CA GLY Q 242 -32.90 68.61 -16.83
C GLY Q 242 -31.90 67.52 -16.49
N ASN Q 243 -30.90 67.85 -15.67
CA ASN Q 243 -29.96 66.88 -15.14
C ASN Q 243 -30.54 65.54 -14.71
N ALA Q 244 -31.84 65.55 -14.37
CA ALA Q 244 -32.59 64.31 -14.09
C ALA Q 244 -32.38 63.30 -15.23
N GLU Q 245 -32.63 63.80 -16.44
CA GLU Q 245 -32.48 63.03 -17.68
C GLU Q 245 -30.98 62.96 -18.00
N PHE Q 246 -30.35 64.16 -18.14
CA PHE Q 246 -28.91 64.29 -18.39
C PHE Q 246 -28.12 63.16 -17.71
N GLU Q 247 -28.31 63.00 -16.41
CA GLU Q 247 -27.70 61.90 -15.73
C GLU Q 247 -28.28 60.50 -16.11
N ASP Q 248 -29.58 60.39 -16.38
CA ASP Q 248 -30.12 59.03 -16.61
C ASP Q 248 -29.73 58.34 -17.94
N LEU Q 249 -29.68 59.13 -19.03
CA LEU Q 249 -29.43 58.58 -20.36
C LEU Q 249 -27.98 58.11 -20.40
N ILE Q 250 -27.11 58.89 -19.77
CA ILE Q 250 -25.71 58.57 -19.63
C ILE Q 250 -25.59 57.16 -19.06
N PHE Q 251 -26.45 56.89 -18.08
CA PHE Q 251 -26.57 55.53 -17.50
C PHE Q 251 -26.84 54.45 -18.61
N LEU Q 252 -27.99 54.65 -19.25
CA LEU Q 252 -28.47 53.84 -20.38
C LEU Q 252 -27.35 53.75 -21.45
N ALA Q 253 -26.61 54.84 -21.65
CA ALA Q 253 -25.45 54.80 -22.55
C ALA Q 253 -24.48 53.67 -22.14
N ARG Q 254 -24.19 53.65 -20.84
CA ARG Q 254 -23.33 52.65 -20.29
C ARG Q 254 -23.98 51.27 -20.26
N SER Q 255 -25.30 51.19 -20.25
CA SER Q 255 -25.96 49.88 -20.21
C SER Q 255 -25.73 49.12 -21.53
N ALA Q 256 -25.51 49.88 -22.58
CA ALA Q 256 -25.41 49.38 -23.94
C ALA Q 256 -24.05 48.75 -24.20
N LEU Q 257 -23.11 49.10 -23.30
CA LEU Q 257 -21.75 48.58 -23.25
C LEU Q 257 -21.82 47.15 -22.86
N ILE Q 258 -22.95 46.74 -22.29
CA ILE Q 258 -23.07 45.39 -21.83
C ILE Q 258 -24.26 44.73 -22.53
N LEU Q 259 -25.40 45.43 -22.52
CA LEU Q 259 -26.63 44.99 -23.20
C LEU Q 259 -26.74 45.92 -24.38
N ARG Q 260 -26.12 45.49 -25.47
CA ARG Q 260 -25.94 46.36 -26.61
C ARG Q 260 -27.32 46.51 -27.23
N GLY Q 261 -27.44 47.45 -28.17
CA GLY Q 261 -28.64 47.58 -28.98
C GLY Q 261 -28.50 47.12 -30.42
N SER Q 262 -29.56 47.37 -31.17
CA SER Q 262 -29.56 47.06 -32.58
C SER Q 262 -29.06 48.28 -33.34
N VAL Q 263 -27.88 48.14 -33.94
CA VAL Q 263 -27.38 49.15 -34.85
C VAL Q 263 -26.93 48.52 -36.15
N ALA Q 264 -27.64 48.87 -37.21
CA ALA Q 264 -27.28 48.52 -38.57
C ALA Q 264 -25.89 49.02 -39.01
N HIS Q 265 -25.20 48.17 -39.79
CA HIS Q 265 -23.92 48.50 -40.43
C HIS Q 265 -24.09 48.43 -41.94
N LYS Q 266 -23.63 49.46 -42.65
CA LYS Q 266 -23.78 49.59 -44.10
C LYS Q 266 -22.40 49.64 -44.78
N SER Q 267 -22.12 48.69 -45.68
CA SER Q 267 -20.87 48.65 -46.40
C SER Q 267 -20.86 49.68 -47.52
N CYS Q 268 -20.38 50.86 -47.25
CA CYS Q 268 -20.48 51.91 -48.28
C CYS Q 268 -19.16 52.22 -48.88
N LEU Q 269 -18.93 51.85 -50.15
CA LEU Q 269 -17.61 52.01 -50.80
C LEU Q 269 -17.49 53.38 -51.42
N PRO Q 270 -16.25 53.88 -51.69
CA PRO Q 270 -15.96 55.19 -52.30
C PRO Q 270 -16.58 55.31 -53.66
N ALA Q 271 -16.88 56.53 -54.08
CA ALA Q 271 -17.50 56.73 -55.38
C ALA Q 271 -16.76 56.04 -56.54
N CYS Q 272 -15.43 56.02 -56.44
CA CYS Q 272 -14.64 55.54 -57.52
C CYS Q 272 -14.93 54.05 -57.77
N VAL Q 273 -15.20 53.35 -56.68
CA VAL Q 273 -15.36 51.93 -56.76
C VAL Q 273 -16.62 51.66 -57.54
N TYR Q 274 -17.73 52.31 -57.21
CA TYR Q 274 -18.97 52.24 -57.96
C TYR Q 274 -18.82 52.81 -59.37
N GLY Q 275 -18.22 53.99 -59.52
CA GLY Q 275 -17.92 54.51 -60.90
C GLY Q 275 -17.20 53.51 -61.77
N SER Q 276 -16.14 52.95 -61.25
CA SER Q 276 -15.38 52.00 -62.01
C SER Q 276 -16.22 50.78 -62.41
N ALA Q 277 -17.02 50.28 -61.49
CA ALA Q 277 -17.88 49.15 -61.66
C ALA Q 277 -18.94 49.40 -62.72
N VAL Q 278 -19.54 50.58 -62.66
CA VAL Q 278 -20.57 50.96 -63.63
C VAL Q 278 -19.97 51.00 -65.01
N ALA Q 279 -18.77 51.55 -65.09
CA ALA Q 279 -18.04 51.71 -66.33
C ALA Q 279 -17.64 50.36 -66.91
N SER Q 280 -17.39 49.38 -66.04
CA SER Q 280 -17.06 48.03 -66.43
C SER Q 280 -18.26 47.23 -66.86
N GLY Q 281 -19.39 47.88 -67.04
CA GLY Q 281 -20.49 47.15 -67.50
C GLY Q 281 -21.48 46.79 -66.41
N TYR Q 282 -21.07 46.67 -65.14
CA TYR Q 282 -22.03 46.23 -64.12
C TYR Q 282 -23.18 47.11 -64.08
N ASP Q 283 -24.34 46.51 -64.25
CA ASP Q 283 -25.60 47.27 -64.32
C ASP Q 283 -26.46 46.88 -63.13
N PHE Q 284 -26.13 47.42 -61.96
CA PHE Q 284 -26.64 46.97 -60.67
C PHE Q 284 -28.13 46.96 -60.52
N GLU Q 285 -28.80 48.05 -60.87
CA GLU Q 285 -30.29 48.01 -60.89
C GLU Q 285 -30.89 46.74 -61.54
N ARG Q 286 -30.23 46.15 -62.49
CA ARG Q 286 -30.72 44.96 -63.15
C ARG Q 286 -30.21 43.75 -62.45
N GLU Q 287 -28.94 43.76 -62.05
CA GLU Q 287 -28.31 42.59 -61.40
C GLU Q 287 -28.42 42.64 -59.88
N GLY Q 288 -28.97 43.69 -59.31
CA GLY Q 288 -29.14 43.70 -57.89
C GLY Q 288 -27.84 43.97 -57.14
N TYR Q 289 -27.98 44.63 -55.99
CA TYR Q 289 -26.85 44.95 -55.15
C TYR Q 289 -27.30 45.06 -53.67
N SER Q 290 -26.39 44.83 -52.68
CA SER Q 290 -26.70 45.01 -51.25
C SER Q 290 -25.62 45.81 -50.57
N LEU Q 291 -25.93 46.28 -49.36
CA LEU Q 291 -24.96 46.95 -48.51
C LEU Q 291 -24.68 46.10 -47.26
N VAL Q 292 -25.38 44.96 -47.12
CA VAL Q 292 -25.18 44.13 -45.93
C VAL Q 292 -25.05 42.65 -46.36
N GLY Q 293 -24.93 42.44 -47.69
CA GLY Q 293 -24.71 41.08 -48.17
C GLY Q 293 -23.34 40.80 -48.67
N ILE Q 294 -23.26 39.92 -49.65
CA ILE Q 294 -21.97 39.56 -50.28
C ILE Q 294 -21.58 40.55 -51.39
N ASP Q 295 -22.53 41.37 -51.80
CA ASP Q 295 -22.34 42.24 -52.96
C ASP Q 295 -21.12 43.14 -52.71
N PRO Q 296 -21.13 43.85 -51.58
CA PRO Q 296 -20.06 44.81 -51.37
C PRO Q 296 -18.73 44.12 -51.28
N PHE Q 297 -18.60 43.06 -50.51
CA PHE Q 297 -17.31 42.37 -50.50
C PHE Q 297 -16.90 41.96 -51.92
N ARG Q 298 -17.80 41.36 -52.67
CA ARG Q 298 -17.44 40.87 -54.01
C ARG Q 298 -16.92 42.00 -54.91
N LEU Q 299 -17.63 43.13 -54.86
CA LEU Q 299 -17.20 44.27 -55.61
C LEU Q 299 -15.79 44.65 -55.22
N LEU Q 300 -15.49 44.73 -53.93
CA LEU Q 300 -14.16 45.09 -53.48
C LEU Q 300 -13.14 43.99 -53.78
N GLN Q 301 -13.55 42.86 -54.34
CA GLN Q 301 -12.60 41.79 -54.61
C GLN Q 301 -11.89 42.05 -55.93
N ASN Q 302 -12.37 43.07 -56.65
CA ASN Q 302 -11.81 43.41 -57.98
C ASN Q 302 -11.51 44.89 -58.16
N SER Q 303 -11.66 45.64 -57.09
CA SER Q 303 -11.51 47.07 -57.16
C SER Q 303 -10.04 47.40 -57.30
N GLN Q 304 -9.73 48.42 -58.06
CA GLN Q 304 -8.34 48.81 -58.25
C GLN Q 304 -8.21 50.20 -57.67
N VAL Q 305 -8.27 50.33 -56.35
CA VAL Q 305 -8.22 51.64 -55.78
C VAL Q 305 -6.83 52.02 -55.36
N TYR Q 306 -6.41 53.22 -55.76
CA TYR Q 306 -5.12 53.74 -55.35
C TYR Q 306 -5.24 54.87 -54.34
N SER Q 307 -4.18 55.03 -53.54
CA SER Q 307 -4.17 56.07 -52.53
C SER Q 307 -2.88 56.82 -52.34
N LEU Q 308 -2.95 58.12 -52.08
CA LEU Q 308 -1.74 58.90 -51.77
C LEU Q 308 -1.24 58.49 -50.43
N ILE Q 309 0.07 58.40 -50.34
CA ILE Q 309 0.71 57.87 -49.14
C ILE Q 309 1.96 58.65 -48.78
N ARG Q 310 1.94 59.22 -47.57
CA ARG Q 310 3.09 59.98 -47.06
C ARG Q 310 4.38 59.16 -46.93
N PRO Q 311 5.59 59.81 -47.04
CA PRO Q 311 6.92 59.17 -47.12
C PRO Q 311 7.20 58.09 -46.07
N ASN Q 312 6.88 58.38 -44.82
CA ASN Q 312 7.12 57.34 -43.82
C ASN Q 312 5.98 56.39 -43.49
N GLU Q 313 4.87 56.44 -44.23
CA GLU Q 313 3.69 55.66 -43.85
C GLU Q 313 3.76 54.25 -44.41
N ASN Q 314 3.02 53.34 -43.78
CA ASN Q 314 3.06 51.97 -44.16
C ASN Q 314 1.88 51.66 -45.04
N PRO Q 315 2.12 51.26 -46.30
CA PRO Q 315 1.03 50.93 -47.22
C PRO Q 315 0.00 49.92 -46.64
N ALA Q 316 0.55 48.86 -46.06
CA ALA Q 316 -0.27 47.76 -45.60
C ALA Q 316 -1.22 48.29 -44.55
N HIS Q 317 -0.72 49.32 -43.86
CA HIS Q 317 -1.41 49.91 -42.74
C HIS Q 317 -2.49 50.81 -43.32
N LYS Q 318 -2.16 51.45 -44.45
CA LYS Q 318 -3.12 52.35 -45.12
C LYS Q 318 -4.35 51.58 -45.59
N SER Q 319 -4.10 50.50 -46.35
CA SER Q 319 -5.16 49.65 -46.83
C SER Q 319 -6.07 49.20 -45.69
N GLN Q 320 -5.46 48.84 -44.56
CA GLN Q 320 -6.25 48.37 -43.46
C GLN Q 320 -7.34 49.37 -43.15
N LEU Q 321 -6.91 50.62 -42.92
CA LEU Q 321 -7.82 51.74 -42.59
C LEU Q 321 -9.03 51.78 -43.51
N VAL Q 322 -8.80 52.16 -44.77
CA VAL Q 322 -9.87 52.08 -45.79
C VAL Q 322 -10.76 50.85 -45.75
N TRP Q 323 -10.16 49.68 -45.59
CA TRP Q 323 -10.93 48.45 -45.49
C TRP Q 323 -11.91 48.50 -44.33
N MET Q 324 -11.52 49.14 -43.24
CA MET Q 324 -12.39 49.12 -42.05
C MET Q 324 -13.50 50.12 -42.22
N ALA Q 325 -13.21 51.18 -43.01
CA ALA Q 325 -14.26 52.13 -43.36
C ALA Q 325 -15.20 51.57 -44.40
N CYS Q 326 -14.76 50.62 -45.19
CA CYS Q 326 -15.71 50.04 -46.13
C CYS Q 326 -16.79 49.15 -45.51
N HIS Q 327 -16.56 48.72 -44.28
CA HIS Q 327 -17.60 47.98 -43.63
C HIS Q 327 -18.07 48.46 -42.21
N SER Q 328 -17.62 49.62 -41.74
CA SER Q 328 -18.08 50.10 -40.43
C SER Q 328 -17.53 49.07 -39.39
N ALA Q 329 -16.24 48.76 -39.50
CA ALA Q 329 -15.59 47.80 -38.63
C ALA Q 329 -14.64 48.57 -37.76
N ALA Q 330 -15.01 49.81 -37.39
CA ALA Q 330 -14.06 50.61 -36.58
C ALA Q 330 -14.25 50.32 -35.14
N PHE Q 331 -15.26 49.54 -34.77
CA PHE Q 331 -15.50 49.28 -33.38
C PHE Q 331 -15.76 47.82 -33.29
N GLU Q 332 -15.29 47.07 -34.29
CA GLU Q 332 -15.55 45.64 -34.27
C GLU Q 332 -14.44 44.98 -33.46
N ASP Q 333 -14.61 43.71 -33.07
CA ASP Q 333 -13.58 43.02 -32.32
C ASP Q 333 -12.42 42.72 -33.27
N LEU Q 334 -11.22 43.28 -33.03
CA LEU Q 334 -10.10 43.16 -33.95
C LEU Q 334 -9.93 41.71 -34.36
N ARG Q 335 -10.19 40.81 -33.40
CA ARG Q 335 -10.03 39.37 -33.65
C ARG Q 335 -10.80 38.93 -34.85
N VAL Q 336 -12.08 39.26 -34.85
CA VAL Q 336 -12.97 38.89 -35.94
C VAL Q 336 -12.64 39.64 -37.24
N SER Q 337 -12.42 40.96 -37.14
CA SER Q 337 -12.00 41.75 -38.28
C SER Q 337 -10.82 41.09 -38.98
N SER Q 338 -9.81 40.66 -38.24
CA SER Q 338 -8.65 40.03 -38.85
C SER Q 338 -8.99 38.67 -39.40
N PHE Q 339 -10.00 38.05 -38.81
CA PHE Q 339 -10.31 36.70 -39.16
C PHE Q 339 -10.88 36.76 -40.55
N ILE Q 340 -11.87 37.62 -40.73
CA ILE Q 340 -12.57 37.79 -41.98
C ILE Q 340 -11.66 38.47 -43.03
N ARG Q 341 -10.89 39.45 -42.55
CA ARG Q 341 -9.97 40.20 -43.38
C ARG Q 341 -9.01 39.28 -44.09
N GLY Q 342 -8.45 38.34 -43.35
CA GLY Q 342 -7.53 37.45 -43.99
C GLY Q 342 -6.13 37.67 -43.52
N THR Q 343 -5.90 38.86 -42.92
CA THR Q 343 -4.60 39.30 -42.42
C THR Q 343 -4.71 40.14 -41.15
N LYS Q 344 -3.58 40.31 -40.48
CA LYS Q 344 -3.64 41.15 -39.28
C LYS Q 344 -4.40 42.49 -39.41
N VAL Q 345 -5.26 42.75 -38.43
CA VAL Q 345 -5.96 44.00 -38.37
C VAL Q 345 -5.41 44.71 -37.15
N VAL Q 346 -4.39 45.48 -37.41
CA VAL Q 346 -3.68 46.11 -36.32
C VAL Q 346 -4.46 47.25 -35.68
N PRO Q 347 -4.36 47.45 -34.35
CA PRO Q 347 -4.99 48.51 -33.57
C PRO Q 347 -4.62 49.89 -34.02
N ARG Q 348 -5.44 50.87 -33.65
CA ARG Q 348 -5.28 52.23 -34.14
C ARG Q 348 -3.94 52.77 -33.73
N GLY Q 349 -3.58 52.65 -32.46
CA GLY Q 349 -2.29 53.19 -32.03
C GLY Q 349 -1.09 52.72 -32.86
N LYS Q 350 -1.04 51.43 -33.13
CA LYS Q 350 0.05 50.85 -33.86
C LYS Q 350 -0.09 51.06 -35.33
N LEU Q 351 -1.14 51.77 -35.73
CA LEU Q 351 -1.34 52.05 -37.13
C LEU Q 351 -0.55 53.21 -37.61
N SER Q 352 0.19 52.98 -38.68
CA SER Q 352 0.99 54.03 -39.29
C SER Q 352 0.30 54.89 -40.34
N THR Q 353 -0.46 55.88 -39.89
CA THR Q 353 -1.11 56.80 -40.81
C THR Q 353 -1.91 57.82 -40.00
N ARG Q 354 -2.09 58.99 -40.64
CA ARG Q 354 -2.65 60.14 -39.94
C ARG Q 354 -4.01 60.44 -40.56
N GLY Q 355 -4.23 59.95 -41.77
CA GLY Q 355 -5.48 60.26 -42.41
C GLY Q 355 -5.31 60.16 -43.88
N VAL Q 356 -6.40 59.82 -44.54
CA VAL Q 356 -6.34 59.51 -45.94
C VAL Q 356 -6.30 60.77 -46.81
N GLN Q 357 -6.96 61.83 -46.34
CA GLN Q 357 -6.98 63.11 -47.06
C GLN Q 357 -5.69 63.81 -46.80
N ILE Q 358 -5.27 64.54 -47.81
CA ILE Q 358 -4.01 65.24 -47.74
C ILE Q 358 -4.30 66.71 -47.40
N ALA Q 359 -3.64 67.20 -46.36
CA ALA Q 359 -3.81 68.56 -45.92
C ALA Q 359 -3.01 69.54 -46.78
N SER Q 360 -3.50 70.78 -46.86
CA SER Q 360 -2.85 71.89 -47.62
C SER Q 360 -1.43 72.20 -47.14
N ASN Q 361 -1.12 71.73 -45.95
CA ASN Q 361 0.12 71.96 -45.30
C ASN Q 361 1.22 71.21 -46.01
N GLU Q 362 0.93 69.98 -46.41
CA GLU Q 362 1.96 69.05 -46.85
C GLU Q 362 2.46 69.42 -48.19
N ASN Q 363 3.50 68.77 -48.65
CA ASN Q 363 4.00 69.13 -49.96
C ASN Q 363 3.93 67.92 -50.81
N MET Q 364 3.95 68.11 -52.11
CA MET Q 364 3.88 67.00 -53.04
C MET Q 364 5.23 66.37 -53.38
N GLU Q 365 6.32 67.09 -53.11
CA GLU Q 365 7.61 66.64 -53.57
C GLU Q 365 7.81 65.29 -52.93
N THR Q 366 7.60 65.23 -51.62
CA THR Q 366 7.84 64.01 -50.87
C THR Q 366 6.58 63.22 -50.73
N MET Q 367 5.90 62.97 -51.84
CA MET Q 367 4.62 62.28 -51.78
C MET Q 367 4.57 61.23 -52.88
N GLU Q 368 4.03 60.05 -52.55
CA GLU Q 368 3.91 58.98 -53.53
C GLU Q 368 2.60 58.23 -53.24
N SER Q 369 2.31 57.19 -54.02
CA SER Q 369 0.98 56.57 -53.93
C SER Q 369 1.05 55.06 -54.01
N SER Q 370 0.23 54.35 -53.25
CA SER Q 370 0.22 52.90 -53.28
C SER Q 370 -1.13 52.33 -53.66
N THR Q 371 -1.17 51.04 -53.96
CA THR Q 371 -2.38 50.36 -54.36
C THR Q 371 -2.96 49.70 -53.11
N LEU Q 372 -4.21 50.07 -52.81
CA LEU Q 372 -4.87 49.71 -51.58
C LEU Q 372 -5.29 48.26 -51.64
N GLU Q 373 -4.96 47.49 -50.60
CA GLU Q 373 -5.40 46.10 -50.49
C GLU Q 373 -6.77 46.03 -49.80
N LEU Q 374 -7.82 45.87 -50.61
CA LEU Q 374 -9.20 45.83 -50.06
C LEU Q 374 -9.91 44.49 -50.07
N ARG Q 375 -9.25 43.49 -50.69
CA ARG Q 375 -9.76 42.14 -50.72
C ARG Q 375 -9.87 41.59 -49.30
N SER Q 376 -10.81 40.66 -49.07
CA SER Q 376 -10.95 40.02 -47.78
C SER Q 376 -10.98 38.51 -47.94
N ARG Q 377 -10.80 37.80 -46.84
CA ARG Q 377 -10.75 36.34 -46.89
C ARG Q 377 -12.16 35.81 -47.04
N TYR Q 378 -12.98 36.03 -46.03
CA TYR Q 378 -14.37 35.63 -46.08
C TYR Q 378 -15.23 36.89 -46.05
N TRP Q 379 -16.53 36.68 -45.89
CA TRP Q 379 -17.50 37.74 -45.69
C TRP Q 379 -18.52 37.33 -44.68
N ALA Q 380 -19.23 38.32 -44.15
CA ALA Q 380 -20.21 38.09 -43.11
C ALA Q 380 -21.44 39.00 -43.16
N ILE Q 381 -22.60 38.48 -42.80
CA ILE Q 381 -23.76 39.32 -42.94
C ILE Q 381 -23.65 40.54 -42.02
N ARG Q 382 -23.33 41.73 -42.53
CA ARG Q 382 -23.22 42.87 -41.61
C ARG Q 382 -24.53 42.90 -40.83
N THR Q 383 -24.51 42.70 -39.49
CA THR Q 383 -25.76 42.68 -38.67
C THR Q 383 -26.18 44.03 -38.09
N ARG Q 384 -27.28 43.99 -37.35
CA ARG Q 384 -27.82 45.15 -36.67
C ARG Q 384 -27.93 44.90 -35.16
N SER Q 385 -28.31 43.68 -34.83
CA SER Q 385 -28.37 43.17 -33.46
C SER Q 385 -27.13 43.37 -32.59
N GLY Q 386 -27.33 43.76 -31.34
CA GLY Q 386 -26.24 43.79 -30.37
C GLY Q 386 -26.00 42.50 -29.56
N GLY Q 387 -26.66 41.36 -29.91
CA GLY Q 387 -26.64 40.13 -29.05
C GLY Q 387 -27.34 40.21 -27.69
N ASN Q 388 -27.85 39.08 -27.17
CA ASN Q 388 -28.34 39.04 -25.78
C ASN Q 388 -28.37 37.60 -25.15
N THR Q 389 -28.25 37.52 -23.82
CA THR Q 389 -28.39 36.23 -23.12
C THR Q 389 -29.58 36.23 -22.12
N GLN Q 398 -60.94 48.16 3.25
CA GLN Q 398 -61.68 47.38 2.27
C GLN Q 398 -61.38 45.87 2.32
N ILE Q 399 -62.15 45.05 1.59
CA ILE Q 399 -62.04 43.57 1.58
C ILE Q 399 -62.36 43.00 0.19
N SER Q 400 -63.05 43.79 -0.59
CA SER Q 400 -63.39 43.43 -1.95
C SER Q 400 -63.30 44.67 -2.81
N ILE Q 401 -63.18 44.47 -4.12
CA ILE Q 401 -63.16 45.55 -5.07
C ILE Q 401 -64.45 45.62 -5.87
N GLN Q 402 -65.10 46.79 -5.87
CA GLN Q 402 -66.30 47.06 -6.73
C GLN Q 402 -65.86 47.40 -8.15
N PRO Q 403 -66.28 46.65 -9.15
CA PRO Q 403 -65.71 46.93 -10.47
C PRO Q 403 -66.36 48.12 -11.18
N THR Q 404 -65.55 49.01 -11.76
CA THR Q 404 -66.11 50.19 -12.40
C THR Q 404 -65.95 50.08 -13.87
N PHE Q 405 -65.08 49.23 -14.36
CA PHE Q 405 -64.93 49.15 -15.82
C PHE Q 405 -65.01 47.73 -16.37
N SER Q 406 -65.15 47.65 -17.67
CA SER Q 406 -65.31 46.36 -18.30
C SER Q 406 -63.94 45.94 -18.84
N VAL Q 407 -63.19 45.18 -18.04
CA VAL Q 407 -61.90 44.66 -18.51
C VAL Q 407 -61.58 43.29 -17.92
N GLN Q 408 -60.67 42.57 -18.55
CA GLN Q 408 -60.19 41.31 -18.01
C GLN Q 408 -59.40 41.49 -16.72
N ARG Q 409 -60.10 41.30 -15.61
CA ARG Q 409 -59.54 41.54 -14.29
C ARG Q 409 -59.98 40.57 -13.22
N ASN Q 410 -58.99 39.90 -12.64
CA ASN Q 410 -59.24 39.08 -11.46
C ASN Q 410 -59.87 39.96 -10.39
N LEU Q 411 -61.08 39.67 -9.95
CA LEU Q 411 -61.63 40.57 -8.98
C LEU Q 411 -61.25 40.24 -7.54
N PRO Q 412 -60.46 41.10 -6.87
CA PRO Q 412 -60.00 40.88 -5.48
C PRO Q 412 -61.02 40.92 -4.36
N SER Q 431 -39.61 49.80 -9.26
CA SER Q 431 -38.85 50.64 -8.31
C SER Q 431 -38.04 51.68 -9.07
N ASP Q 432 -36.71 51.48 -9.13
CA ASP Q 432 -35.87 52.29 -10.03
C ASP Q 432 -35.61 51.41 -11.22
N MET Q 433 -36.01 51.82 -12.42
CA MET Q 433 -35.76 50.96 -13.59
C MET Q 433 -34.25 50.74 -13.80
N ARG Q 434 -33.45 51.62 -13.20
CA ARG Q 434 -32.01 51.46 -13.16
C ARG Q 434 -31.65 50.11 -12.62
N THR Q 435 -32.18 49.84 -11.43
CA THR Q 435 -31.97 48.57 -10.73
C THR Q 435 -32.18 47.39 -11.67
N GLU Q 436 -33.30 47.39 -12.37
CA GLU Q 436 -33.62 46.31 -13.27
C GLU Q 436 -32.40 46.05 -14.18
N ILE Q 437 -31.90 47.11 -14.81
CA ILE Q 437 -30.79 47.02 -15.74
C ILE Q 437 -29.50 46.61 -15.04
N ILE Q 438 -29.17 47.34 -13.98
CA ILE Q 438 -27.97 47.03 -13.20
C ILE Q 438 -27.93 45.56 -12.85
N ARG Q 439 -29.10 45.00 -12.56
CA ARG Q 439 -29.25 43.59 -12.24
C ARG Q 439 -29.00 42.75 -13.50
N LEU Q 440 -29.35 43.29 -14.66
CA LEU Q 440 -29.17 42.55 -15.89
C LEU Q 440 -27.73 42.68 -16.30
N MET Q 441 -27.26 43.94 -16.47
CA MET Q 441 -25.80 44.20 -16.53
C MET Q 441 -24.89 43.13 -15.83
N GLU Q 442 -25.09 42.95 -14.51
CA GLU Q 442 -24.41 41.95 -13.69
C GLU Q 442 -24.25 40.54 -14.27
N SER Q 443 -25.38 39.88 -14.58
CA SER Q 443 -25.31 38.47 -14.96
C SER Q 443 -24.55 38.29 -16.24
N ALA Q 444 -24.20 39.41 -16.85
CA ALA Q 444 -23.54 39.41 -18.16
C ALA Q 444 -22.03 39.22 -18.09
N ARG Q 445 -21.55 38.18 -18.79
CA ARG Q 445 -20.11 37.92 -18.91
C ARG Q 445 -19.54 38.21 -20.32
N PRO Q 446 -18.33 38.78 -20.37
CA PRO Q 446 -17.76 39.17 -21.64
C PRO Q 446 -17.64 37.98 -22.50
N GLU Q 447 -17.46 36.80 -21.89
CA GLU Q 447 -17.37 35.52 -22.62
C GLU Q 447 -18.67 35.04 -23.22
N ASP Q 448 -19.78 35.70 -22.85
CA ASP Q 448 -21.13 35.34 -23.32
C ASP Q 448 -21.26 35.35 -24.82
N VAL Q 449 -21.45 34.17 -25.39
CA VAL Q 449 -21.49 33.97 -26.83
C VAL Q 449 -22.68 34.66 -27.44
N SER Q 450 -22.50 35.48 -28.48
CA SER Q 450 -23.61 36.05 -29.30
C SER Q 450 -23.73 35.49 -30.74
N PHE Q 451 -24.85 35.79 -31.42
CA PHE Q 451 -25.06 35.32 -32.78
C PHE Q 451 -24.80 33.81 -32.87
N GLN Q 452 -25.38 33.09 -31.91
CA GLN Q 452 -25.19 31.65 -31.81
C GLN Q 452 -25.50 30.98 -33.16
N GLY Q 453 -24.64 30.10 -33.65
CA GLY Q 453 -24.89 29.50 -34.96
C GLY Q 453 -24.51 30.29 -36.22
N ARG Q 454 -24.58 31.64 -36.16
CA ARG Q 454 -24.17 32.54 -37.26
C ARG Q 454 -22.69 32.37 -37.51
N GLY Q 455 -22.29 32.40 -38.78
CA GLY Q 455 -20.88 32.22 -39.14
C GLY Q 455 -20.41 33.12 -40.26
N VAL Q 456 -19.34 32.69 -40.93
CA VAL Q 456 -18.72 33.53 -41.97
C VAL Q 456 -18.88 32.78 -43.25
N PHE Q 457 -18.92 33.50 -44.36
CA PHE Q 457 -19.11 32.80 -45.61
C PHE Q 457 -17.92 32.97 -46.52
N GLU Q 458 -17.63 31.92 -47.26
CA GLU Q 458 -16.63 31.99 -48.31
C GLU Q 458 -17.12 32.98 -49.36
N LEU Q 459 -16.16 33.49 -50.15
CA LEU Q 459 -16.51 34.45 -51.17
C LEU Q 459 -17.10 33.77 -52.38
N SER Q 460 -17.00 32.42 -52.47
CA SER Q 460 -17.70 31.67 -53.51
C SER Q 460 -19.18 31.49 -53.12
N ASP Q 461 -19.47 31.42 -51.83
CA ASP Q 461 -20.78 31.10 -51.33
C ASP Q 461 -21.72 32.26 -51.49
N GLU Q 462 -22.23 32.37 -52.71
CA GLU Q 462 -23.01 33.56 -53.09
C GLU Q 462 -24.26 33.67 -52.29
N LYS Q 463 -24.97 32.54 -52.26
CA LYS Q 463 -26.15 32.31 -51.44
C LYS Q 463 -25.66 32.24 -50.00
N ALA Q 464 -26.55 32.39 -49.04
CA ALA Q 464 -26.08 32.25 -47.66
C ALA Q 464 -26.04 30.78 -47.19
N THR Q 465 -25.87 29.88 -48.15
CA THR Q 465 -25.94 28.47 -47.92
C THR Q 465 -25.16 27.95 -46.75
N SER Q 466 -23.87 27.71 -46.92
CA SER Q 466 -23.06 27.12 -45.85
C SER Q 466 -22.21 28.09 -45.02
N PRO Q 467 -22.50 28.15 -43.71
CA PRO Q 467 -21.85 29.07 -42.73
C PRO Q 467 -20.59 28.46 -42.15
N ILE Q 468 -19.68 29.27 -41.63
CA ILE Q 468 -18.44 28.76 -41.08
C ILE Q 468 -18.25 29.37 -39.75
N VAL Q 469 -18.01 28.55 -38.75
CA VAL Q 469 -17.83 29.04 -37.40
C VAL Q 469 -16.36 29.21 -37.02
N PRO Q 470 -15.97 30.41 -36.63
CA PRO Q 470 -14.60 30.70 -36.24
C PRO Q 470 -14.29 30.32 -34.82
N SER Q 471 -13.09 29.80 -34.64
CA SER Q 471 -12.63 29.39 -33.33
C SER Q 471 -11.47 30.32 -33.05
N PHE Q 472 -11.59 31.15 -32.01
CA PHE Q 472 -10.53 32.12 -31.68
C PHE Q 472 -9.37 31.66 -30.78
N ASP Q 473 -9.33 30.36 -30.44
CA ASP Q 473 -8.20 29.84 -29.69
C ASP Q 473 -7.02 30.16 -30.62
N MET Q 474 -6.21 31.14 -30.25
CA MET Q 474 -5.21 31.66 -31.19
C MET Q 474 -4.36 32.79 -30.62
N SER Q 475 -3.19 33.05 -31.20
CA SER Q 475 -2.37 34.13 -30.69
C SER Q 475 -2.89 35.34 -31.39
N ASN Q 476 -3.84 36.01 -30.77
CA ASN Q 476 -4.52 37.16 -31.37
C ASN Q 476 -3.70 38.43 -31.14
N GLU Q 477 -4.28 39.59 -31.35
CA GLU Q 477 -3.57 40.85 -31.19
C GLU Q 477 -4.49 41.94 -30.56
N GLY Q 478 -5.33 41.57 -29.60
CA GLY Q 478 -6.27 42.55 -29.07
C GLY Q 478 -7.70 42.41 -29.58
N SER Q 479 -8.58 43.26 -29.05
CA SER Q 479 -9.94 43.28 -29.50
C SER Q 479 -10.44 44.73 -29.69
N TYR Q 480 -9.79 45.70 -29.10
CA TYR Q 480 -10.23 47.06 -29.16
C TYR Q 480 -9.43 47.94 -30.13
N PHE Q 481 -9.90 48.10 -31.36
CA PHE Q 481 -9.24 49.02 -32.28
C PHE Q 481 -8.77 50.30 -31.61
N PHE Q 482 -9.47 50.78 -30.58
CA PHE Q 482 -9.08 52.01 -29.91
C PHE Q 482 -8.58 51.82 -28.45
N ASN R 14 -47.97 37.54 -61.25
CA ASN R 14 -46.65 38.22 -61.44
C ASN R 14 -46.69 39.34 -62.50
N ALA R 15 -46.99 40.52 -61.99
CA ALA R 15 -47.12 41.75 -62.75
C ALA R 15 -45.76 42.46 -62.92
N THR R 16 -44.66 41.76 -62.72
CA THR R 16 -43.37 42.43 -62.82
C THR R 16 -42.82 42.28 -64.23
N GLU R 17 -42.45 41.06 -64.60
CA GLU R 17 -41.85 40.83 -65.91
C GLU R 17 -42.92 41.11 -66.96
N ILE R 18 -43.92 40.23 -67.01
CA ILE R 18 -44.97 40.29 -68.02
C ILE R 18 -45.53 41.71 -68.24
N ARG R 19 -45.87 42.43 -67.17
CA ARG R 19 -46.48 43.75 -67.38
C ARG R 19 -45.48 44.85 -67.73
N ALA R 20 -44.26 44.69 -67.26
CA ALA R 20 -43.30 45.76 -67.40
C ALA R 20 -42.33 45.47 -68.56
N SER R 21 -42.09 44.21 -68.84
CA SER R 21 -41.22 43.85 -69.93
C SER R 21 -41.89 44.13 -71.28
N VAL R 22 -43.21 44.16 -71.25
CA VAL R 22 -43.92 44.33 -72.51
C VAL R 22 -44.11 45.83 -72.66
N GLY R 23 -44.06 46.50 -71.51
CA GLY R 23 -44.04 47.95 -71.50
C GLY R 23 -42.76 48.49 -72.13
N LYS R 24 -41.69 47.73 -71.94
CA LYS R 24 -40.43 48.15 -72.43
C LYS R 24 -40.42 47.94 -73.92
N MET R 25 -41.20 46.97 -74.37
CA MET R 25 -41.19 46.77 -75.81
C MET R 25 -42.08 47.82 -76.47
N ILE R 26 -43.04 48.35 -75.69
CA ILE R 26 -43.93 49.34 -76.21
C ILE R 26 -43.21 50.69 -76.27
N ASP R 27 -42.40 51.00 -75.24
CA ASP R 27 -41.55 52.19 -75.18
C ASP R 27 -40.69 52.24 -76.41
N GLY R 28 -40.19 51.09 -76.84
CA GLY R 28 -39.26 51.13 -77.96
C GLY R 28 -39.98 51.65 -79.19
N ILE R 29 -41.17 51.11 -79.43
CA ILE R 29 -41.89 51.43 -80.64
C ILE R 29 -42.16 52.93 -80.59
N GLY R 30 -42.59 53.39 -79.41
CA GLY R 30 -42.91 54.80 -79.21
C GLY R 30 -41.70 55.67 -79.57
N ARG R 31 -40.71 55.66 -78.69
CA ARG R 31 -39.43 56.31 -78.93
C ARG R 31 -39.01 56.26 -80.39
N PHE R 32 -38.96 55.06 -80.98
CA PHE R 32 -38.57 54.97 -82.37
C PHE R 32 -39.48 55.87 -83.30
N TYR R 33 -40.78 55.64 -83.26
CA TYR R 33 -41.71 56.44 -84.00
C TYR R 33 -41.46 57.93 -83.85
N ILE R 34 -41.15 58.37 -82.65
CA ILE R 34 -40.86 59.76 -82.41
C ILE R 34 -39.58 60.17 -83.18
N GLN R 35 -38.53 59.37 -83.06
CA GLN R 35 -37.24 59.64 -83.73
C GLN R 35 -37.44 59.73 -85.22
N MET R 36 -38.08 58.72 -85.71
CA MET R 36 -38.37 58.65 -87.12
C MET R 36 -39.27 59.78 -87.57
N CYS R 37 -40.20 60.22 -86.75
CA CYS R 37 -40.92 61.39 -87.17
C CYS R 37 -40.01 62.59 -87.20
N THR R 38 -39.13 62.68 -86.22
CA THR R 38 -38.21 63.83 -86.17
C THR R 38 -37.29 63.90 -87.42
N GLU R 39 -37.04 62.76 -88.07
CA GLU R 39 -36.21 62.75 -89.27
C GLU R 39 -37.03 63.30 -90.42
N LEU R 40 -38.18 62.69 -90.64
CA LEU R 40 -39.00 63.13 -91.73
C LEU R 40 -39.45 64.57 -91.54
N LYS R 41 -39.14 65.16 -90.40
CA LYS R 41 -39.52 66.53 -90.11
C LYS R 41 -41.01 66.69 -90.29
N LEU R 42 -41.81 65.64 -89.99
CA LEU R 42 -43.30 65.80 -89.93
C LEU R 42 -43.84 66.64 -88.77
N SER R 43 -45.08 67.09 -88.93
CA SER R 43 -45.76 67.89 -87.91
C SER R 43 -46.50 66.98 -86.94
N ASP R 44 -47.14 67.59 -85.93
CA ASP R 44 -47.93 66.82 -84.99
C ASP R 44 -49.11 66.19 -85.71
N TYR R 45 -49.85 66.99 -86.46
CA TYR R 45 -50.96 66.42 -87.18
C TYR R 45 -50.48 65.40 -88.16
N GLU R 46 -49.30 65.61 -88.68
CA GLU R 46 -48.80 64.72 -89.72
C GLU R 46 -48.12 63.49 -89.13
N GLY R 47 -47.99 63.41 -87.82
CA GLY R 47 -47.40 62.24 -87.20
C GLY R 47 -48.51 61.39 -86.67
N ARG R 48 -49.71 61.96 -86.65
CA ARG R 48 -50.87 61.24 -86.14
C ARG R 48 -51.68 60.60 -87.26
N LEU R 49 -51.12 60.70 -88.47
CA LEU R 49 -51.79 60.21 -89.64
C LEU R 49 -51.53 58.72 -89.82
N ILE R 50 -52.48 57.92 -89.41
CA ILE R 50 -52.29 56.50 -89.50
C ILE R 50 -51.62 56.07 -90.76
N GLN R 51 -51.82 56.81 -91.84
CA GLN R 51 -51.20 56.56 -93.13
C GLN R 51 -49.67 56.59 -92.96
N ASN R 52 -49.13 57.77 -92.66
CA ASN R 52 -47.71 57.87 -92.44
C ASN R 52 -47.24 56.87 -91.44
N SER R 53 -47.96 56.65 -90.35
CA SER R 53 -47.48 55.71 -89.35
C SER R 53 -47.23 54.37 -90.03
N LEU R 54 -48.22 53.87 -90.74
CA LEU R 54 -48.06 52.59 -91.44
C LEU R 54 -46.81 52.49 -92.26
N THR R 55 -46.63 53.45 -93.14
CA THR R 55 -45.47 53.48 -93.99
C THR R 55 -44.22 53.29 -93.14
N ILE R 56 -44.11 54.05 -92.06
CA ILE R 56 -42.95 53.91 -91.21
C ILE R 56 -42.80 52.50 -90.66
N GLU R 57 -43.90 51.92 -90.20
CA GLU R 57 -43.82 50.63 -89.58
C GLU R 57 -43.31 49.61 -90.56
N ARG R 58 -43.74 49.73 -91.80
CA ARG R 58 -43.36 48.74 -92.79
C ARG R 58 -41.89 48.93 -93.25
N MET R 59 -41.44 50.19 -93.42
CA MET R 59 -40.03 50.56 -93.62
C MET R 59 -39.11 49.84 -92.68
N VAL R 60 -39.65 49.48 -91.54
CA VAL R 60 -38.76 48.98 -90.53
C VAL R 60 -38.77 47.51 -90.59
N LEU R 61 -39.95 46.92 -90.68
CA LEU R 61 -40.05 45.49 -90.71
C LEU R 61 -39.35 44.95 -91.96
N SER R 62 -39.38 45.73 -93.06
CA SER R 62 -38.69 45.40 -94.28
C SER R 62 -37.18 45.40 -94.01
N ALA R 63 -36.72 46.48 -93.39
CA ALA R 63 -35.29 46.61 -93.17
C ALA R 63 -34.77 45.54 -92.21
N PHE R 64 -35.59 45.02 -91.33
CA PHE R 64 -35.11 44.02 -90.42
C PHE R 64 -35.47 42.63 -90.91
N ASP R 65 -35.70 42.51 -92.23
CA ASP R 65 -36.14 41.23 -92.86
C ASP R 65 -36.30 41.31 -94.39
N THR R 85 -35.00 50.91 -97.76
CA THR R 85 -36.38 50.84 -98.25
C THR R 85 -37.00 52.19 -98.14
N GLY R 86 -38.18 52.34 -98.75
CA GLY R 86 -38.83 53.64 -98.85
C GLY R 86 -40.32 53.43 -98.64
N GLY R 87 -41.11 54.46 -98.93
CA GLY R 87 -42.55 54.33 -98.78
C GLY R 87 -43.27 55.65 -98.99
N PRO R 88 -44.63 55.58 -98.99
CA PRO R 88 -45.51 56.71 -99.25
C PRO R 88 -45.64 57.59 -98.00
N ILE R 89 -45.34 58.87 -98.14
CA ILE R 89 -45.42 59.76 -97.00
C ILE R 89 -46.23 61.02 -97.31
N TYR R 90 -47.36 61.16 -96.64
CA TYR R 90 -48.25 62.28 -96.92
C TYR R 90 -48.00 63.53 -96.09
N ARG R 91 -48.01 64.66 -96.78
CA ARG R 91 -47.65 65.92 -96.19
C ARG R 91 -48.83 66.88 -96.29
N ARG R 92 -48.87 67.88 -95.41
CA ARG R 92 -50.00 68.81 -95.37
C ARG R 92 -49.59 70.21 -95.81
N VAL R 93 -50.05 70.65 -96.97
CA VAL R 93 -49.82 72.06 -97.38
C VAL R 93 -51.15 72.82 -97.37
N ASP R 94 -51.08 74.16 -97.27
CA ASP R 94 -52.28 75.01 -97.30
C ASP R 94 -53.41 74.29 -98.05
N GLY R 95 -54.40 73.76 -97.34
CA GLY R 95 -55.55 73.17 -98.01
C GLY R 95 -55.50 71.70 -98.30
N LYS R 96 -54.53 71.28 -99.12
CA LYS R 96 -54.52 69.91 -99.71
C LYS R 96 -53.38 69.01 -99.26
N TRP R 97 -53.50 67.72 -99.52
CA TRP R 97 -52.49 66.79 -99.00
C TRP R 97 -51.52 66.34 -100.06
N ARG R 98 -50.23 66.43 -99.78
CA ARG R 98 -49.23 66.08 -100.77
C ARG R 98 -48.55 64.77 -100.41
N ARG R 99 -48.59 63.81 -101.33
CA ARG R 99 -47.96 62.51 -101.12
C ARG R 99 -46.49 62.55 -101.56
N GLU R 100 -45.55 62.27 -100.66
CA GLU R 100 -44.14 62.14 -101.03
C GLU R 100 -43.66 60.70 -101.13
N LEU R 101 -42.96 60.40 -102.20
CA LEU R 101 -42.42 59.06 -102.34
C LEU R 101 -40.99 59.12 -101.88
N ILE R 102 -40.64 58.49 -100.75
CA ILE R 102 -39.27 58.62 -100.24
C ILE R 102 -38.59 57.32 -99.95
N LEU R 103 -37.26 57.39 -99.83
CA LEU R 103 -36.42 56.20 -99.58
C LEU R 103 -35.41 56.46 -98.46
N TYR R 104 -35.13 55.45 -97.64
CA TYR R 104 -34.18 55.59 -96.52
C TYR R 104 -33.12 54.46 -96.48
N ASP R 105 -31.94 54.76 -95.96
CA ASP R 105 -30.93 53.75 -95.87
C ASP R 105 -31.43 52.56 -95.07
N LYS R 106 -31.69 51.45 -95.75
CA LYS R 106 -32.19 50.28 -95.01
C LYS R 106 -31.46 50.07 -93.69
N GLU R 107 -30.20 50.51 -93.59
CA GLU R 107 -29.43 50.24 -92.38
C GLU R 107 -29.61 51.38 -91.42
N GLU R 108 -29.66 52.58 -91.98
CA GLU R 108 -29.98 53.69 -91.14
C GLU R 108 -31.21 53.36 -90.28
N ILE R 109 -32.22 52.75 -90.92
CA ILE R 109 -33.48 52.43 -90.22
C ILE R 109 -33.19 51.48 -89.11
N ARG R 110 -32.38 50.48 -89.41
CA ARG R 110 -32.03 49.49 -88.42
C ARG R 110 -31.23 50.13 -87.29
N ARG R 111 -30.49 51.18 -87.63
CA ARG R 111 -29.69 51.85 -86.64
C ARG R 111 -30.58 52.63 -85.65
N ILE R 112 -31.48 53.42 -86.23
CA ILE R 112 -32.37 54.24 -85.43
C ILE R 112 -33.24 53.38 -84.53
N TRP R 113 -33.68 52.23 -85.07
CA TRP R 113 -34.49 51.30 -84.32
C TRP R 113 -33.77 50.91 -83.03
N ARG R 114 -32.55 50.37 -83.13
CA ARG R 114 -31.87 49.85 -81.93
C ARG R 114 -31.60 51.01 -80.96
N GLN R 115 -31.17 52.13 -81.52
CA GLN R 115 -30.99 53.28 -80.70
C GLN R 115 -32.14 53.43 -79.73
N ALA R 116 -33.38 53.24 -80.23
CA ALA R 116 -34.57 53.42 -79.41
C ALA R 116 -34.68 52.31 -78.41
N ASN R 117 -34.44 51.07 -78.82
CA ASN R 117 -34.45 49.93 -77.88
C ASN R 117 -33.16 49.62 -77.12
N ASN R 118 -32.35 50.64 -76.83
CA ASN R 118 -31.09 50.40 -76.16
C ASN R 118 -30.09 49.52 -76.93
N GLY R 119 -30.10 49.60 -78.24
CA GLY R 119 -29.21 48.78 -79.01
C GLY R 119 -29.61 47.33 -79.00
N ASP R 120 -30.80 47.04 -78.46
CA ASP R 120 -31.35 45.71 -78.52
C ASP R 120 -32.04 45.44 -79.84
N ASP R 121 -32.47 44.20 -80.01
CA ASP R 121 -33.14 43.85 -81.26
C ASP R 121 -34.64 44.03 -81.11
N ALA R 122 -35.08 43.67 -79.91
CA ALA R 122 -36.46 43.74 -79.51
C ALA R 122 -37.28 43.12 -80.61
N THR R 123 -37.09 41.83 -80.87
CA THR R 123 -37.86 41.17 -81.94
C THR R 123 -39.32 41.30 -81.60
N ALA R 124 -39.62 41.17 -80.32
CA ALA R 124 -40.97 41.39 -79.86
C ALA R 124 -41.57 42.65 -80.51
N GLY R 125 -40.83 43.74 -80.41
CA GLY R 125 -41.29 44.99 -80.96
C GLY R 125 -41.66 44.96 -82.43
N LEU R 126 -40.85 44.33 -83.26
CA LEU R 126 -41.08 44.28 -84.69
C LEU R 126 -42.26 43.36 -84.92
N THR R 127 -42.29 42.30 -84.11
CA THR R 127 -43.30 41.30 -84.21
C THR R 127 -44.61 41.96 -83.85
N HIS R 128 -44.58 42.95 -82.96
CA HIS R 128 -45.79 43.64 -82.51
C HIS R 128 -46.45 44.37 -83.66
N MET R 129 -45.65 45.06 -84.47
CA MET R 129 -46.18 45.83 -85.56
C MET R 129 -46.42 44.84 -86.63
N MET R 130 -45.83 43.66 -86.48
CA MET R 130 -46.00 42.57 -87.45
C MET R 130 -47.44 42.15 -87.29
N ILE R 131 -47.96 42.22 -86.08
CA ILE R 131 -49.35 41.82 -85.84
C ILE R 131 -50.37 42.93 -86.12
N TRP R 132 -49.97 44.15 -85.79
CA TRP R 132 -50.89 45.22 -85.95
C TRP R 132 -51.26 45.20 -87.43
N HIS R 133 -50.29 44.87 -88.25
CA HIS R 133 -50.53 44.83 -89.66
C HIS R 133 -51.45 43.67 -89.90
N SER R 134 -51.14 42.55 -89.26
CA SER R 134 -51.95 41.36 -89.46
C SER R 134 -53.43 41.65 -89.17
N ASN R 135 -53.68 42.14 -87.98
CA ASN R 135 -55.01 42.30 -87.52
C ASN R 135 -55.82 43.29 -88.36
N LEU R 136 -55.11 44.22 -89.01
CA LEU R 136 -55.65 45.16 -89.94
C LEU R 136 -55.96 44.46 -91.24
N ASN R 137 -55.22 43.42 -91.57
CA ASN R 137 -55.41 42.83 -92.87
C ASN R 137 -56.50 41.78 -92.77
N ASP R 138 -56.61 41.17 -91.62
CA ASP R 138 -57.60 40.19 -91.41
C ASP R 138 -59.00 40.86 -91.33
N ALA R 139 -59.01 42.18 -91.26
CA ALA R 139 -60.28 42.91 -91.21
C ALA R 139 -60.55 43.73 -92.45
N THR R 140 -59.50 44.19 -93.13
CA THR R 140 -59.70 44.99 -94.33
C THR R 140 -60.04 44.06 -95.46
N TYR R 141 -59.44 42.86 -95.46
CA TYR R 141 -59.59 41.90 -96.58
C TYR R 141 -60.10 40.51 -96.27
N GLN R 142 -60.68 39.89 -97.27
CA GLN R 142 -61.16 38.55 -97.15
C GLN R 142 -60.34 37.70 -98.07
N ARG R 143 -59.75 36.64 -97.52
CA ARG R 143 -58.73 35.90 -98.26
C ARG R 143 -59.31 34.60 -98.79
N THR R 144 -60.17 34.73 -99.80
CA THR R 144 -60.89 33.57 -100.33
C THR R 144 -60.05 32.92 -101.41
N ARG R 145 -59.51 33.76 -102.30
CA ARG R 145 -58.71 33.27 -103.43
C ARG R 145 -57.70 32.21 -102.97
N ALA R 146 -57.09 32.47 -101.83
CA ALA R 146 -56.08 31.59 -101.28
C ALA R 146 -56.63 30.34 -100.65
N LEU R 147 -57.80 30.45 -100.00
CA LEU R 147 -58.36 29.28 -99.26
C LEU R 147 -58.75 28.14 -100.22
N VAL R 148 -59.39 28.55 -101.31
CA VAL R 148 -59.93 27.66 -102.30
C VAL R 148 -58.79 27.00 -103.10
N ARG R 149 -57.86 27.87 -103.58
CA ARG R 149 -56.68 27.41 -104.26
C ARG R 149 -55.87 26.42 -103.37
N THR R 150 -56.02 26.54 -102.05
CA THR R 150 -55.48 25.54 -101.13
C THR R 150 -56.40 24.32 -101.00
N GLY R 151 -57.72 24.54 -101.11
CA GLY R 151 -58.63 23.41 -101.07
C GLY R 151 -59.35 23.41 -99.73
N MET R 152 -59.55 24.63 -99.25
CA MET R 152 -60.28 24.94 -97.99
C MET R 152 -61.59 25.64 -98.38
N ASP R 153 -62.64 25.43 -97.60
CA ASP R 153 -63.89 26.08 -97.97
C ASP R 153 -63.87 27.59 -97.68
N PRO R 154 -64.23 28.44 -98.68
CA PRO R 154 -64.21 29.92 -98.52
C PRO R 154 -64.97 30.38 -97.32
N ARG R 155 -65.98 29.63 -96.95
CA ARG R 155 -66.70 29.91 -95.72
C ARG R 155 -65.94 29.61 -94.44
N MET R 156 -64.63 29.39 -94.53
CA MET R 156 -63.82 29.13 -93.33
C MET R 156 -63.02 30.35 -92.91
N CYS R 157 -63.58 31.53 -93.23
CA CYS R 157 -63.05 32.85 -92.80
C CYS R 157 -62.62 32.96 -91.36
N SER R 158 -63.52 32.60 -90.43
CA SER R 158 -63.30 32.71 -88.97
C SER R 158 -62.14 31.86 -88.39
N LEU R 159 -61.42 31.18 -89.26
CA LEU R 159 -60.37 30.28 -88.87
C LEU R 159 -59.09 30.78 -89.51
N MET R 160 -59.13 31.80 -90.35
CA MET R 160 -57.91 32.29 -90.97
C MET R 160 -57.24 33.51 -90.26
N GLN R 161 -57.34 33.56 -88.94
CA GLN R 161 -56.72 34.63 -88.20
C GLN R 161 -55.17 34.66 -88.21
N GLY R 162 -54.62 35.57 -88.99
CA GLY R 162 -53.20 35.69 -89.04
C GLY R 162 -52.66 34.96 -90.25
N SER R 163 -53.49 34.68 -91.24
CA SER R 163 -52.96 34.07 -92.42
C SER R 163 -51.92 35.00 -93.11
N THR R 164 -51.93 36.30 -92.81
CA THR R 164 -51.04 37.24 -93.52
C THR R 164 -49.72 37.39 -92.78
N LEU R 165 -49.73 36.83 -91.59
CA LEU R 165 -48.68 37.10 -90.66
C LEU R 165 -47.43 36.33 -91.03
N PRO R 166 -46.40 37.04 -91.53
CA PRO R 166 -45.16 36.34 -91.94
C PRO R 166 -44.71 35.27 -90.93
N ARG R 167 -44.28 34.13 -91.45
CA ARG R 167 -43.68 33.05 -90.65
C ARG R 167 -42.59 33.54 -89.68
N ARG R 168 -41.82 34.57 -90.11
CA ARG R 168 -40.85 35.24 -89.25
C ARG R 168 -41.44 35.63 -87.88
N SER R 169 -42.76 35.80 -87.80
CA SER R 169 -43.40 36.12 -86.53
C SER R 169 -42.88 35.23 -85.44
N GLY R 170 -42.87 35.74 -84.24
CA GLY R 170 -42.33 34.98 -83.13
C GLY R 170 -43.21 33.88 -82.59
N ALA R 171 -42.79 33.33 -81.47
CA ALA R 171 -43.51 32.24 -80.87
C ALA R 171 -44.90 32.71 -80.35
N ALA R 172 -44.98 33.97 -79.89
CA ALA R 172 -46.20 34.50 -79.27
C ALA R 172 -46.93 35.20 -80.41
N GLY R 173 -46.26 35.17 -81.57
CA GLY R 173 -46.86 35.59 -82.83
C GLY R 173 -47.74 34.52 -83.49
N ALA R 174 -47.42 33.25 -83.31
CA ALA R 174 -48.19 32.21 -83.92
C ALA R 174 -49.38 31.92 -83.01
N ALA R 175 -49.23 32.09 -81.70
CA ALA R 175 -50.38 31.81 -80.78
C ALA R 175 -51.67 32.57 -81.14
N VAL R 176 -51.51 33.62 -81.95
CA VAL R 176 -52.62 34.47 -82.31
C VAL R 176 -53.31 33.84 -83.49
N LYS R 177 -52.61 32.93 -84.19
CA LYS R 177 -53.16 32.24 -85.39
C LYS R 177 -54.41 31.37 -85.21
N GLY R 178 -55.35 31.48 -86.15
CA GLY R 178 -56.52 30.61 -86.12
C GLY R 178 -56.18 29.20 -86.61
N VAL R 179 -56.99 28.22 -86.21
CA VAL R 179 -56.80 26.81 -86.56
C VAL R 179 -56.66 26.66 -88.09
N GLY R 180 -57.60 27.29 -88.80
CA GLY R 180 -57.58 27.32 -90.22
C GLY R 180 -56.31 27.90 -90.74
N THR R 181 -55.63 28.73 -89.97
CA THR R 181 -54.44 29.41 -90.55
C THR R 181 -53.35 28.37 -90.73
N MET R 182 -53.28 27.47 -89.78
CA MET R 182 -52.20 26.54 -89.74
C MET R 182 -52.34 25.57 -90.89
N VAL R 183 -53.55 25.03 -91.03
CA VAL R 183 -53.93 24.14 -92.11
C VAL R 183 -53.53 24.66 -93.52
N MET R 184 -53.77 25.91 -93.84
CA MET R 184 -53.42 26.41 -95.16
C MET R 184 -51.93 26.27 -95.46
N GLU R 185 -51.14 26.23 -94.39
CA GLU R 185 -49.66 26.17 -94.46
C GLU R 185 -49.19 24.73 -94.73
N LEU R 186 -49.38 23.88 -93.73
CA LEU R 186 -49.14 22.48 -93.85
C LEU R 186 -49.63 21.94 -95.21
N ILE R 187 -50.90 22.19 -95.54
CA ILE R 187 -51.45 21.79 -96.84
C ILE R 187 -50.61 22.28 -98.02
N ARG R 188 -49.96 23.44 -97.92
CA ARG R 188 -49.18 23.88 -99.07
C ARG R 188 -47.79 23.27 -98.99
N MET R 189 -47.30 23.19 -97.76
CA MET R 189 -45.99 22.60 -97.47
C MET R 189 -46.07 21.16 -97.97
N ILE R 190 -47.09 20.43 -97.48
CA ILE R 190 -47.41 19.08 -97.96
C ILE R 190 -47.74 19.01 -99.47
N LYS R 191 -48.66 19.86 -99.97
CA LYS R 191 -49.09 19.76 -101.36
C LYS R 191 -47.94 19.85 -102.38
N ARG R 192 -47.01 20.77 -102.20
CA ARG R 192 -45.90 20.81 -103.15
C ARG R 192 -44.89 19.64 -103.02
N GLY R 193 -44.61 19.25 -101.76
CA GLY R 193 -43.73 18.11 -101.40
C GLY R 193 -44.32 16.80 -101.88
N ILE R 194 -45.47 16.43 -101.33
CA ILE R 194 -46.19 15.23 -101.76
C ILE R 194 -46.56 15.37 -103.22
N ASN R 195 -46.54 16.44 -103.82
CA ASN R 195 -46.73 16.53 -105.26
C ASN R 195 -45.37 16.26 -105.88
N ARG R 206 -35.00 18.61 -96.03
CA ARG R 206 -34.44 17.69 -95.03
C ARG R 206 -34.93 18.01 -93.62
N ARG R 207 -34.45 19.14 -93.13
CA ARG R 207 -34.77 19.66 -91.80
C ARG R 207 -36.23 20.07 -91.74
N THR R 208 -36.85 20.20 -92.92
CA THR R 208 -38.26 20.52 -93.09
C THR R 208 -39.21 19.70 -92.21
N ARG R 209 -38.73 18.59 -91.68
CA ARG R 209 -39.54 17.70 -90.81
C ARG R 209 -39.89 18.23 -89.40
N ILE R 210 -38.89 18.70 -88.65
CA ILE R 210 -39.11 19.26 -87.32
C ILE R 210 -40.18 20.35 -87.36
N ALA R 211 -40.22 21.10 -88.47
CA ALA R 211 -41.26 22.10 -88.74
C ALA R 211 -42.60 21.41 -88.69
N TYR R 212 -42.81 20.47 -89.61
CA TYR R 212 -44.11 19.82 -89.78
C TYR R 212 -44.67 19.31 -88.46
N GLU R 213 -43.86 18.60 -87.68
CA GLU R 213 -44.33 18.03 -86.41
C GLU R 213 -44.72 19.12 -85.45
N ARG R 214 -43.84 20.11 -85.30
CA ARG R 214 -44.14 21.24 -84.44
C ARG R 214 -45.38 22.00 -84.92
N MET R 215 -45.39 22.35 -86.21
CA MET R 215 -46.51 23.04 -86.80
C MET R 215 -47.75 22.30 -86.43
N CYS R 216 -47.67 20.99 -86.24
CA CYS R 216 -48.87 20.25 -85.82
C CYS R 216 -49.08 20.35 -84.32
N ASN R 217 -47.98 20.43 -83.57
CA ASN R 217 -48.10 20.40 -82.11
C ASN R 217 -48.80 21.63 -81.67
N ILE R 218 -48.42 22.73 -82.32
CA ILE R 218 -49.08 24.04 -82.22
C ILE R 218 -50.52 23.86 -82.63
N LEU R 219 -50.69 23.31 -83.83
CA LEU R 219 -51.99 23.01 -84.37
C LEU R 219 -52.75 22.33 -83.26
N LYS R 220 -52.17 21.28 -82.69
CA LYS R 220 -52.91 20.43 -81.74
C LYS R 220 -53.21 21.22 -80.47
N GLY R 221 -52.31 22.15 -80.18
CA GLY R 221 -52.44 22.91 -78.95
C GLY R 221 -53.54 23.95 -79.08
N LYS R 222 -54.11 24.06 -80.29
CA LYS R 222 -55.25 24.92 -80.52
C LYS R 222 -56.50 24.19 -80.02
N PHE R 223 -56.62 22.91 -80.36
CA PHE R 223 -57.73 22.09 -79.91
C PHE R 223 -57.75 21.98 -78.41
N GLN R 224 -58.96 21.92 -77.87
CA GLN R 224 -59.20 21.79 -76.44
C GLN R 224 -60.21 20.68 -76.13
N THR R 225 -60.15 19.57 -76.87
CA THR R 225 -60.98 18.37 -76.59
C THR R 225 -60.22 17.11 -76.93
N ALA R 226 -60.45 16.05 -76.14
CA ALA R 226 -59.84 14.74 -76.35
C ALA R 226 -59.56 14.43 -77.84
N ALA R 227 -60.61 14.00 -78.56
CA ALA R 227 -60.54 13.53 -79.95
C ALA R 227 -59.77 14.51 -80.84
N GLN R 228 -60.19 15.77 -80.74
CA GLN R 228 -59.58 16.85 -81.49
C GLN R 228 -58.08 16.67 -81.31
N ARG R 229 -57.67 16.67 -80.04
CA ARG R 229 -56.26 16.54 -79.69
C ARG R 229 -55.71 15.24 -80.30
N THR R 230 -56.40 14.12 -80.08
CA THR R 230 -55.88 12.82 -80.51
C THR R 230 -55.75 12.71 -82.03
N MET R 231 -56.72 13.30 -82.74
CA MET R 231 -56.77 13.11 -84.20
C MET R 231 -55.64 13.82 -84.96
N VAL R 232 -55.06 14.77 -84.26
CA VAL R 232 -54.02 15.62 -84.79
C VAL R 232 -52.79 14.78 -84.86
N ASP R 233 -52.62 13.97 -83.80
CA ASP R 233 -51.53 12.98 -83.71
C ASP R 233 -51.61 11.96 -84.86
N GLN R 234 -52.82 11.41 -85.06
CA GLN R 234 -53.03 10.45 -86.12
C GLN R 234 -52.61 11.04 -87.47
N VAL R 235 -52.61 12.37 -87.57
CA VAL R 235 -52.16 13.09 -88.76
C VAL R 235 -50.64 13.26 -88.83
N ARG R 236 -50.06 13.63 -87.69
CA ARG R 236 -48.64 13.83 -87.56
C ARG R 236 -47.81 12.53 -87.68
N GLU R 237 -48.48 11.39 -87.89
CA GLU R 237 -47.80 10.11 -87.97
C GLU R 237 -47.05 9.87 -89.30
N SER R 238 -47.55 10.43 -90.40
CA SER R 238 -47.00 10.14 -91.73
C SER R 238 -45.85 11.07 -92.17
N ARG R 239 -44.73 10.48 -92.61
CA ARG R 239 -43.58 11.25 -93.07
C ARG R 239 -43.93 11.96 -94.35
N ASN R 240 -44.57 11.25 -95.26
CA ASN R 240 -44.98 11.84 -96.51
C ASN R 240 -46.51 11.84 -96.52
N PRO R 241 -47.15 12.68 -95.67
CA PRO R 241 -48.60 12.65 -95.51
C PRO R 241 -49.32 13.09 -96.78
N GLY R 242 -50.00 12.18 -97.45
CA GLY R 242 -50.63 12.53 -98.72
C GLY R 242 -52.05 12.96 -98.50
N ASN R 243 -52.86 12.91 -99.56
CA ASN R 243 -54.30 13.14 -99.48
C ASN R 243 -55.01 12.53 -98.27
N ALA R 244 -54.42 11.46 -97.72
CA ALA R 244 -54.89 10.86 -96.46
C ALA R 244 -55.04 11.95 -95.39
N GLU R 245 -53.95 12.71 -95.22
CA GLU R 245 -53.87 13.82 -94.27
C GLU R 245 -54.63 15.01 -94.89
N PHE R 246 -54.19 15.42 -96.09
CA PHE R 246 -54.82 16.51 -96.87
C PHE R 246 -56.34 16.55 -96.62
N GLU R 247 -57.00 15.42 -96.84
CA GLU R 247 -58.41 15.34 -96.53
C GLU R 247 -58.73 15.37 -95.01
N ASP R 248 -57.89 14.77 -94.16
CA ASP R 248 -58.29 14.72 -92.73
C ASP R 248 -58.25 16.04 -91.94
N LEU R 249 -57.24 16.88 -92.21
CA LEU R 249 -57.03 18.10 -91.45
C LEU R 249 -58.15 19.06 -91.81
N ILE R 250 -58.51 19.05 -93.09
CA ILE R 250 -59.61 19.84 -93.61
C ILE R 250 -60.84 19.56 -92.78
N PHE R 251 -61.02 18.28 -92.45
CA PHE R 251 -62.09 17.85 -91.53
C PHE R 251 -62.02 18.61 -90.15
N LEU R 252 -60.88 18.39 -89.49
CA LEU R 252 -60.52 19.02 -88.23
C LEU R 252 -60.67 20.56 -88.36
N ALA R 253 -60.33 21.10 -89.52
CA ALA R 253 -60.56 22.54 -89.79
C ALA R 253 -62.06 22.89 -89.54
N ARG R 254 -62.91 22.06 -90.13
CA ARG R 254 -64.32 22.23 -89.98
C ARG R 254 -64.82 21.89 -88.57
N SER R 255 -64.08 21.06 -87.84
CA SER R 255 -64.53 20.71 -86.48
C SER R 255 -64.44 21.92 -85.55
N ALA R 256 -63.55 22.84 -85.89
CA ALA R 256 -63.22 24.01 -85.08
C ALA R 256 -64.28 25.08 -85.21
N LEU R 257 -65.08 24.95 -86.28
CA LEU R 257 -66.23 25.79 -86.59
C LEU R 257 -67.28 25.53 -85.57
N ILE R 258 -67.16 24.42 -84.86
CA ILE R 258 -68.16 24.08 -83.90
C ILE R 258 -67.50 23.93 -82.53
N LEU R 259 -66.40 23.17 -82.49
CA LEU R 259 -65.61 22.95 -81.27
C LEU R 259 -64.35 23.75 -81.54
N ARG R 260 -64.41 25.02 -81.14
CA ARG R 260 -63.39 25.95 -81.52
C ARG R 260 -62.16 25.57 -80.72
N GLY R 261 -61.01 26.17 -81.07
CA GLY R 261 -59.80 26.05 -80.27
C GLY R 261 -59.43 27.28 -79.48
N SER R 262 -58.25 27.21 -78.86
CA SER R 262 -57.71 28.32 -78.13
C SER R 262 -56.86 29.15 -79.08
N VAL R 263 -57.32 30.35 -79.37
CA VAL R 263 -56.52 31.31 -80.12
C VAL R 263 -56.51 32.65 -79.41
N ALA R 264 -55.32 33.01 -78.94
CA ALA R 264 -55.03 34.33 -78.39
C ALA R 264 -55.31 35.50 -79.35
N HIS R 265 -55.83 36.59 -78.77
CA HIS R 265 -56.06 37.85 -79.47
C HIS R 265 -55.21 38.94 -78.80
N LYS R 266 -54.48 39.71 -79.60
CA LYS R 266 -53.56 40.74 -79.12
C LYS R 266 -53.98 42.13 -79.64
N SER R 267 -54.25 43.06 -78.74
CA SER R 267 -54.65 44.42 -79.10
C SER R 267 -53.43 45.21 -79.52
N CYS R 268 -53.12 45.23 -80.79
CA CYS R 268 -51.89 45.90 -81.20
C CYS R 268 -52.16 47.17 -81.92
N LEU R 269 -51.86 48.33 -81.31
CA LEU R 269 -52.19 49.64 -81.90
C LEU R 269 -51.11 50.11 -82.82
N PRO R 270 -51.38 51.05 -83.75
CA PRO R 270 -50.43 51.63 -84.72
C PRO R 270 -49.28 52.29 -84.03
N ALA R 271 -48.13 52.36 -84.68
CA ALA R 271 -46.96 52.97 -84.07
C ALA R 271 -47.22 54.39 -83.52
N CYS R 272 -48.06 55.14 -84.21
CA CYS R 272 -48.27 56.50 -83.87
C CYS R 272 -48.88 56.61 -82.47
N VAL R 273 -49.73 55.65 -82.17
CA VAL R 273 -50.46 55.70 -80.94
C VAL R 273 -49.49 55.55 -79.80
N TYR R 274 -48.60 54.55 -79.86
CA TYR R 274 -47.53 54.37 -78.89
C TYR R 274 -46.54 55.53 -78.94
N GLY R 275 -46.08 55.94 -80.12
CA GLY R 275 -45.21 57.17 -80.21
C GLY R 275 -45.80 58.37 -79.50
N SER R 276 -47.04 58.65 -79.78
CA SER R 276 -47.68 59.79 -79.18
C SER R 276 -47.73 59.65 -77.64
N ALA R 277 -48.05 58.47 -77.17
CA ALA R 277 -48.16 58.14 -75.76
C ALA R 277 -46.83 58.29 -75.05
N VAL R 278 -45.77 57.81 -75.68
CA VAL R 278 -44.44 57.88 -75.11
C VAL R 278 -44.04 59.34 -74.98
N ALA R 279 -44.36 60.11 -76.00
CA ALA R 279 -44.05 61.53 -76.07
C ALA R 279 -44.82 62.32 -75.04
N SER R 280 -46.01 61.85 -74.68
CA SER R 280 -46.85 62.45 -73.66
C SER R 280 -46.41 62.09 -72.26
N GLY R 281 -45.25 61.49 -72.13
CA GLY R 281 -44.83 61.22 -70.83
C GLY R 281 -45.02 59.77 -70.42
N TYR R 282 -45.99 59.04 -70.98
CA TYR R 282 -46.24 57.67 -70.47
C TYR R 282 -45.04 56.87 -70.59
N ASP R 283 -44.63 56.32 -69.46
CA ASP R 283 -43.39 55.56 -69.38
C ASP R 283 -43.74 54.11 -69.05
N PHE R 284 -44.21 53.37 -70.04
CA PHE R 284 -44.86 52.08 -69.87
C PHE R 284 -44.07 51.03 -69.15
N GLU R 285 -42.82 50.82 -69.53
CA GLU R 285 -41.97 49.90 -68.72
C GLU R 285 -42.05 50.12 -67.19
N ARG R 286 -42.32 51.32 -66.74
CA ARG R 286 -42.42 51.61 -65.34
C ARG R 286 -43.84 51.46 -64.89
N GLU R 287 -44.79 51.94 -65.69
CA GLU R 287 -46.21 51.89 -65.32
C GLU R 287 -46.91 50.64 -65.84
N GLY R 288 -46.23 49.78 -66.56
CA GLY R 288 -46.86 48.57 -66.97
C GLY R 288 -47.84 48.76 -68.12
N TYR R 289 -47.96 47.74 -68.95
CA TYR R 289 -48.87 47.76 -70.08
C TYR R 289 -49.31 46.32 -70.45
N SER R 290 -50.49 46.14 -71.08
CA SER R 290 -50.94 44.81 -71.56
C SER R 290 -51.44 44.90 -72.98
N LEU R 291 -51.59 43.73 -73.60
CA LEU R 291 -52.20 43.63 -74.93
C LEU R 291 -53.54 42.88 -74.84
N VAL R 292 -53.90 42.42 -73.63
CA VAL R 292 -55.15 41.66 -73.48
C VAL R 292 -55.92 42.18 -72.25
N GLY R 293 -55.43 43.29 -71.69
CA GLY R 293 -56.15 43.91 -70.58
C GLY R 293 -56.88 45.16 -70.90
N ILE R 294 -56.96 46.03 -69.91
CA ILE R 294 -57.61 47.35 -70.07
C ILE R 294 -56.65 48.39 -70.67
N ASP R 295 -55.36 48.07 -70.68
CA ASP R 295 -54.34 49.03 -71.06
C ASP R 295 -54.62 49.53 -72.48
N PRO R 296 -54.77 48.62 -73.41
CA PRO R 296 -54.91 49.04 -74.80
C PRO R 296 -56.17 49.85 -74.97
N PHE R 297 -57.31 49.39 -74.48
CA PHE R 297 -58.48 50.24 -74.62
C PHE R 297 -58.25 51.61 -74.01
N ARG R 298 -57.70 51.69 -72.82
CA ARG R 298 -57.53 52.99 -72.16
C ARG R 298 -56.66 53.94 -73.00
N LEU R 299 -55.56 53.40 -73.53
CA LEU R 299 -54.72 54.16 -74.38
C LEU R 299 -55.52 54.71 -75.55
N LEU R 300 -56.33 53.88 -76.21
CA LEU R 300 -57.12 54.33 -77.33
C LEU R 300 -58.24 55.28 -76.90
N GLN R 301 -58.40 55.53 -75.60
CA GLN R 301 -59.49 56.41 -75.17
C GLN R 301 -59.05 57.86 -75.28
N ASN R 302 -57.77 58.06 -75.59
CA ASN R 302 -57.19 59.41 -75.69
C ASN R 302 -56.36 59.66 -76.93
N SER R 303 -56.36 58.67 -77.82
CA SER R 303 -55.53 58.73 -78.98
C SER R 303 -56.13 59.72 -79.95
N GLN R 304 -55.28 60.45 -80.65
CA GLN R 304 -55.76 61.44 -81.62
C GLN R 304 -55.28 60.96 -82.98
N VAL R 305 -55.85 59.89 -83.49
CA VAL R 305 -55.36 59.38 -84.74
C VAL R 305 -56.16 59.90 -85.91
N TYR R 306 -55.45 60.40 -86.92
CA TYR R 306 -56.10 60.83 -88.14
C TYR R 306 -55.87 59.91 -89.31
N SER R 307 -56.80 59.94 -90.26
CA SER R 307 -56.69 59.07 -91.44
C SER R 307 -57.09 59.68 -92.75
N LEU R 308 -56.38 59.35 -93.82
CA LEU R 308 -56.77 59.81 -95.17
C LEU R 308 -58.02 59.10 -95.56
N ILE R 309 -58.89 59.85 -96.21
CA ILE R 309 -60.22 59.35 -96.54
C ILE R 309 -60.65 59.79 -97.92
N ARG R 310 -60.93 58.79 -98.77
CA ARG R 310 -61.40 59.07 -100.14
C ARG R 310 -62.74 59.81 -100.20
N PRO R 311 -62.98 60.61 -101.30
CA PRO R 311 -64.11 61.54 -101.47
C PRO R 311 -65.50 60.97 -101.12
N ASN R 312 -65.78 59.78 -101.63
CA ASN R 312 -67.08 59.21 -101.28
C ASN R 312 -67.18 58.30 -100.06
N GLU R 313 -66.11 58.19 -99.27
CA GLU R 313 -66.10 57.22 -98.18
C GLU R 313 -66.71 57.78 -96.92
N ASN R 314 -67.17 56.89 -96.04
CA ASN R 314 -67.84 57.31 -94.85
C ASN R 314 -66.88 57.28 -93.71
N PRO R 315 -66.62 58.44 -93.08
CA PRO R 315 -65.70 58.50 -91.93
C PRO R 315 -66.02 57.48 -90.82
N ALA R 316 -67.30 57.43 -90.46
CA ALA R 316 -67.74 56.64 -89.33
C ALA R 316 -67.40 55.19 -89.63
N HIS R 317 -67.41 54.89 -90.92
CA HIS R 317 -67.22 53.55 -91.43
C HIS R 317 -65.73 53.27 -91.37
N LYS R 318 -64.94 54.32 -91.64
CA LYS R 318 -63.47 54.18 -91.63
C LYS R 318 -62.98 53.85 -90.22
N SER R 319 -63.40 54.65 -89.25
CA SER R 319 -63.05 54.44 -87.87
C SER R 319 -63.39 53.01 -87.44
N GLN R 320 -64.56 52.53 -87.85
CA GLN R 320 -64.96 51.20 -87.46
C GLN R 320 -63.85 50.23 -87.79
N LEU R 321 -63.46 50.24 -89.06
CA LEU R 321 -62.40 49.33 -89.59
C LEU R 321 -61.19 49.30 -88.67
N VAL R 322 -60.43 50.40 -88.66
CA VAL R 322 -59.32 50.54 -87.68
C VAL R 322 -59.58 50.03 -86.28
N TRP R 323 -60.74 50.36 -85.72
CA TRP R 323 -61.09 49.89 -84.40
C TRP R 323 -61.10 48.37 -84.33
N MET R 324 -61.49 47.71 -85.41
CA MET R 324 -61.62 46.25 -85.36
C MET R 324 -60.25 45.63 -85.52
N ALA R 325 -59.35 46.35 -86.21
CA ALA R 325 -57.97 45.92 -86.30
C ALA R 325 -57.21 46.17 -85.01
N CYS R 326 -57.66 47.13 -84.22
CA CYS R 326 -56.97 47.31 -82.95
C CYS R 326 -57.20 46.21 -81.90
N HIS R 327 -58.24 45.42 -82.12
CA HIS R 327 -58.44 44.32 -81.22
C HIS R 327 -58.60 42.89 -81.85
N SER R 328 -58.39 42.73 -83.15
CA SER R 328 -58.52 41.38 -83.74
C SER R 328 -60.00 40.97 -83.57
N ALA R 329 -60.90 41.90 -83.98
CA ALA R 329 -62.33 41.67 -83.85
C ALA R 329 -62.86 41.53 -85.25
N ALA R 330 -62.07 40.94 -86.15
CA ALA R 330 -62.55 40.84 -87.55
C ALA R 330 -63.38 39.62 -87.72
N PHE R 331 -63.45 38.76 -86.71
CA PHE R 331 -64.20 37.53 -86.88
C PHE R 331 -64.99 37.40 -85.62
N GLU R 332 -65.21 38.51 -84.93
CA GLU R 332 -65.95 38.44 -83.69
C GLU R 332 -67.45 38.54 -84.03
N ASP R 333 -68.32 38.21 -83.08
CA ASP R 333 -69.74 38.31 -83.33
C ASP R 333 -70.12 39.80 -83.37
N LEU R 334 -70.61 40.31 -84.52
CA LEU R 334 -70.86 41.74 -84.67
C LEU R 334 -71.65 42.26 -83.48
N ARG R 335 -72.56 41.41 -82.98
CA ARG R 335 -73.41 41.80 -81.84
C ARG R 335 -72.61 42.28 -80.69
N VAL R 336 -71.64 41.47 -80.29
CA VAL R 336 -70.78 41.79 -79.15
C VAL R 336 -69.84 42.96 -79.47
N SER R 337 -69.20 42.93 -80.65
CA SER R 337 -68.36 44.04 -81.09
C SER R 337 -69.10 45.35 -80.95
N SER R 338 -70.36 45.43 -81.39
CA SER R 338 -71.11 46.68 -81.28
C SER R 338 -71.45 46.99 -79.85
N PHE R 339 -71.55 45.93 -79.05
CA PHE R 339 -72.02 46.10 -77.71
C PHE R 339 -70.92 46.83 -76.98
N ILE R 340 -69.72 46.29 -77.08
CA ILE R 340 -68.55 46.83 -76.42
C ILE R 340 -68.12 48.18 -77.06
N ARG R 341 -68.21 48.21 -78.39
CA ARG R 341 -67.87 49.37 -79.16
C ARG R 341 -68.63 50.59 -78.71
N GLY R 342 -69.93 50.42 -78.51
CA GLY R 342 -70.68 51.55 -78.06
C GLY R 342 -71.62 52.03 -79.12
N THR R 343 -71.32 51.64 -80.37
CA THR R 343 -72.07 52.03 -81.57
C THR R 343 -72.15 50.92 -82.62
N LYS R 344 -73.06 51.08 -83.56
CA LYS R 344 -73.14 50.04 -84.61
C LYS R 344 -71.79 49.58 -85.22
N VAL R 345 -71.64 48.28 -85.31
CA VAL R 345 -70.48 47.71 -85.95
C VAL R 345 -70.99 47.04 -87.21
N VAL R 346 -71.00 47.84 -88.26
CA VAL R 346 -71.58 47.38 -89.49
C VAL R 346 -70.75 46.32 -90.20
N PRO R 347 -71.38 45.34 -90.87
CA PRO R 347 -70.75 44.26 -91.63
C PRO R 347 -69.89 44.77 -92.76
N ARG R 348 -69.00 43.89 -93.23
CA ARG R 348 -67.99 44.28 -94.20
C ARG R 348 -68.66 44.76 -95.46
N GLY R 349 -69.60 44.00 -95.99
CA GLY R 349 -70.25 44.43 -97.24
C GLY R 349 -70.81 45.85 -97.19
N LYS R 350 -71.52 46.19 -96.12
CA LYS R 350 -72.13 47.47 -95.97
C LYS R 350 -71.16 48.51 -95.56
N LEU R 351 -69.88 48.13 -95.43
CA LEU R 351 -68.86 49.08 -95.06
C LEU R 351 -68.36 49.87 -96.22
N SER R 352 -68.38 51.18 -96.05
CA SER R 352 -67.88 52.09 -97.08
C SER R 352 -66.40 52.42 -97.04
N THR R 353 -65.57 51.53 -97.57
CA THR R 353 -64.14 51.79 -97.63
C THR R 353 -63.46 50.59 -98.30
N ARG R 354 -62.30 50.89 -98.90
CA ARG R 354 -61.63 49.92 -99.75
C ARG R 354 -60.31 49.54 -99.07
N GLY R 355 -59.86 50.39 -98.14
CA GLY R 355 -58.61 50.08 -97.53
C GLY R 355 -58.01 51.35 -97.03
N VAL R 356 -57.22 51.21 -95.98
CA VAL R 356 -56.72 52.36 -95.28
C VAL R 356 -55.52 52.98 -95.99
N GLN R 357 -54.72 52.13 -96.64
CA GLN R 357 -53.54 52.60 -97.37
C GLN R 357 -54.00 53.16 -98.69
N ILE R 358 -53.27 54.15 -99.13
CA ILE R 358 -53.60 54.83 -100.35
C ILE R 358 -52.71 54.29 -101.47
N ALA R 359 -53.34 53.87 -102.55
CA ALA R 359 -52.62 53.32 -103.68
C ALA R 359 -52.05 54.41 -104.55
N SER R 360 -50.94 54.09 -105.25
CA SER R 360 -50.24 55.01 -106.20
C SER R 360 -51.14 55.51 -107.35
N ASN R 361 -52.23 54.80 -107.54
CA ASN R 361 -53.15 55.05 -108.59
C ASN R 361 -53.89 56.34 -108.33
N GLU R 362 -54.28 56.55 -107.07
CA GLU R 362 -55.22 57.59 -106.73
C GLU R 362 -54.60 58.92 -106.82
N ASN R 363 -55.37 59.99 -106.68
CA ASN R 363 -54.76 61.29 -106.76
C ASN R 363 -55.02 61.99 -105.49
N MET R 364 -54.24 63.00 -105.21
CA MET R 364 -54.41 63.76 -103.97
C MET R 364 -55.41 64.91 -104.06
N GLU R 365 -55.74 65.31 -105.29
CA GLU R 365 -56.54 66.51 -105.44
C GLU R 365 -57.83 66.22 -104.71
N THR R 366 -58.43 65.07 -105.00
CA THR R 366 -59.71 64.73 -104.44
C THR R 366 -59.53 63.88 -103.21
N MET R 367 -58.71 64.34 -102.28
CA MET R 367 -58.41 63.54 -101.10
C MET R 367 -58.47 64.44 -99.87
N GLU R 368 -59.04 63.93 -98.78
CA GLU R 368 -59.12 64.69 -97.55
C GLU R 368 -58.97 63.69 -96.38
N SER R 369 -59.04 64.19 -95.15
CA SER R 369 -58.68 63.35 -94.01
C SER R 369 -59.61 63.56 -92.83
N SER R 370 -59.98 62.49 -92.11
CA SER R 370 -60.84 62.61 -90.97
C SER R 370 -60.21 62.10 -89.68
N THR R 371 -60.83 62.40 -88.55
CA THR R 371 -60.33 62.00 -87.26
C THR R 371 -61.05 60.70 -86.88
N LEU R 372 -60.23 59.67 -86.61
CA LEU R 372 -60.72 58.32 -86.42
C LEU R 372 -61.33 58.20 -85.04
N GLU R 373 -62.53 57.64 -84.98
CA GLU R 373 -63.20 57.38 -83.70
C GLU R 373 -62.79 56.00 -83.17
N LEU R 374 -61.85 55.99 -82.22
CA LEU R 374 -61.35 54.70 -81.67
C LEU R 374 -61.76 54.36 -80.25
N ARG R 375 -62.44 55.32 -79.59
CA ARG R 375 -62.97 55.12 -78.26
C ARG R 375 -63.97 53.96 -78.26
N SER R 376 -64.12 53.27 -77.13
CA SER R 376 -65.11 52.21 -77.00
C SER R 376 -65.94 52.41 -75.75
N ARG R 377 -67.07 51.73 -75.67
CA ARG R 377 -67.96 51.89 -74.53
C ARG R 377 -67.38 51.16 -73.33
N TYR R 378 -67.29 49.85 -73.43
CA TYR R 378 -66.70 49.05 -72.38
C TYR R 378 -65.43 48.41 -72.93
N TRP R 379 -64.87 47.49 -72.15
CA TRP R 379 -63.75 46.66 -72.55
C TRP R 379 -63.94 45.27 -72.05
N ALA R 380 -63.17 44.35 -72.64
CA ALA R 380 -63.28 42.95 -72.32
C ALA R 380 -61.96 42.17 -72.38
N ILE R 381 -61.80 41.20 -71.49
CA ILE R 381 -60.53 40.52 -71.49
C ILE R 381 -60.31 39.79 -72.83
N ARG R 382 -59.49 40.32 -73.75
CA ARG R 382 -59.34 39.58 -75.02
C ARG R 382 -58.95 38.15 -74.63
N THR R 383 -59.78 37.13 -74.96
CA THR R 383 -59.48 35.72 -74.57
C THR R 383 -58.71 34.93 -75.61
N ARG R 384 -58.47 33.66 -75.26
CA ARG R 384 -57.78 32.72 -76.13
C ARG R 384 -58.66 31.49 -76.40
N SER R 385 -59.36 31.07 -75.36
CA SER R 385 -60.36 30.01 -75.40
C SER R 385 -61.43 30.08 -76.50
N GLY R 386 -61.73 28.95 -77.14
CA GLY R 386 -62.85 28.87 -78.06
C GLY R 386 -64.20 28.48 -77.45
N GLY R 387 -64.34 28.41 -76.09
CA GLY R 387 -65.56 27.84 -75.44
C GLY R 387 -65.80 26.33 -75.61
N ASN R 388 -66.48 25.70 -74.64
CA ASN R 388 -66.93 24.30 -74.83
C ASN R 388 -68.13 23.89 -73.91
N THR R 389 -68.94 22.93 -74.37
CA THR R 389 -70.02 22.38 -73.52
C THR R 389 -69.85 20.86 -73.27
N GLN R 398 -57.23 -19.22 -75.14
CA GLN R 398 -56.76 -18.86 -73.81
C GLN R 398 -57.90 -18.62 -72.80
N ILE R 399 -57.56 -18.47 -71.50
CA ILE R 399 -58.55 -18.31 -70.42
C ILE R 399 -57.99 -17.38 -69.30
N SER R 400 -56.69 -17.25 -69.30
CA SER R 400 -55.99 -16.37 -68.37
C SER R 400 -54.83 -15.73 -69.10
N ILE R 401 -54.35 -14.63 -68.55
CA ILE R 401 -53.20 -13.93 -69.07
C ILE R 401 -51.98 -14.11 -68.17
N GLN R 402 -50.87 -14.60 -68.77
CA GLN R 402 -49.56 -14.69 -68.05
C GLN R 402 -48.87 -13.32 -68.06
N PRO R 403 -48.56 -12.76 -66.92
CA PRO R 403 -48.04 -11.38 -66.97
C PRO R 403 -46.54 -11.32 -67.32
N THR R 404 -46.17 -10.42 -68.23
CA THR R 404 -44.78 -10.35 -68.65
C THR R 404 -44.17 -9.09 -68.14
N PHE R 405 -44.95 -8.11 -67.75
CA PHE R 405 -44.34 -6.88 -67.26
C PHE R 405 -44.88 -6.41 -65.92
N SER R 406 -44.17 -5.47 -65.32
CA SER R 406 -44.54 -5.00 -64.02
C SER R 406 -45.34 -3.70 -64.23
N VAL R 407 -46.66 -3.80 -64.29
CA VAL R 407 -47.49 -2.61 -64.38
C VAL R 407 -48.84 -2.77 -63.68
N GLN R 408 -49.49 -1.66 -63.38
CA GLN R 408 -50.84 -1.71 -62.82
C GLN R 408 -51.86 -2.23 -63.82
N ARG R 409 -52.14 -3.53 -63.68
CA ARG R 409 -53.01 -4.22 -64.62
C ARG R 409 -53.91 -5.27 -64.01
N ASN R 410 -55.22 -5.07 -64.19
CA ASN R 410 -56.18 -6.09 -63.83
C ASN R 410 -55.82 -7.37 -64.57
N LEU R 411 -55.53 -8.44 -63.87
CA LEU R 411 -55.14 -9.60 -64.62
C LEU R 411 -56.32 -10.47 -65.06
N PRO R 412 -56.60 -10.56 -66.37
CA PRO R 412 -57.73 -11.35 -66.92
C PRO R 412 -57.70 -12.85 -66.80
N SER R 431 -62.25 3.70 -83.13
CA SER R 431 -62.67 3.37 -84.52
C SER R 431 -62.11 4.40 -85.49
N ASP R 432 -62.97 5.28 -86.00
CA ASP R 432 -62.51 6.44 -86.76
C ASP R 432 -62.59 7.59 -85.80
N MET R 433 -61.47 8.25 -85.49
CA MET R 433 -61.54 9.38 -84.54
C MET R 433 -62.46 10.50 -85.07
N ARG R 434 -62.69 10.46 -86.39
CA ARG R 434 -63.66 11.35 -87.03
C ARG R 434 -64.99 11.23 -86.34
N THR R 435 -65.46 10.01 -86.26
CA THR R 435 -66.73 9.67 -85.62
C THR R 435 -66.86 10.34 -84.26
N GLU R 436 -65.83 10.20 -83.44
CA GLU R 436 -65.84 10.76 -82.13
C GLU R 436 -66.25 12.25 -82.23
N ILE R 437 -65.57 12.99 -83.11
CA ILE R 437 -65.79 14.41 -83.29
C ILE R 437 -67.16 14.70 -83.88
N ILE R 438 -67.46 14.02 -84.98
CA ILE R 438 -68.76 14.19 -85.63
C ILE R 438 -69.88 14.02 -84.62
N ARG R 439 -69.68 13.11 -83.67
CA ARG R 439 -70.64 12.86 -82.61
C ARG R 439 -70.65 14.05 -81.64
N LEU R 440 -69.50 14.71 -81.49
CA LEU R 440 -69.43 15.83 -80.57
C LEU R 440 -69.98 17.04 -81.28
N MET R 441 -69.39 17.38 -82.44
CA MET R 441 -70.05 18.31 -83.39
C MET R 441 -71.61 18.41 -83.27
N GLU R 442 -72.29 17.26 -83.47
CA GLU R 442 -73.74 17.12 -83.32
C GLU R 442 -74.40 17.75 -82.10
N SER R 443 -73.99 17.35 -80.91
CA SER R 443 -74.70 17.76 -79.70
C SER R 443 -74.60 19.26 -79.49
N ALA R 444 -73.78 19.88 -80.35
CA ALA R 444 -73.49 21.30 -80.25
C ALA R 444 -74.54 22.21 -80.90
N ARG R 445 -75.11 23.11 -80.09
CA ARG R 445 -76.05 24.12 -80.60
C ARG R 445 -75.48 25.56 -80.62
N PRO R 446 -75.81 26.32 -81.69
CA PRO R 446 -75.24 27.62 -81.84
C PRO R 446 -75.60 28.46 -80.67
N GLU R 447 -76.74 28.16 -80.06
CA GLU R 447 -77.21 28.89 -78.85
C GLU R 447 -76.43 28.58 -77.58
N ASP R 448 -75.56 27.56 -77.66
CA ASP R 448 -74.74 27.11 -76.52
C ASP R 448 -73.88 28.19 -75.94
N VAL R 449 -74.21 28.59 -74.72
CA VAL R 449 -73.56 29.72 -74.05
C VAL R 449 -72.11 29.39 -73.77
N SER R 450 -71.16 30.28 -74.14
CA SER R 450 -69.74 30.17 -73.73
C SER R 450 -69.26 31.27 -72.73
N PHE R 451 -68.06 31.08 -72.15
CA PHE R 451 -67.51 32.05 -71.20
C PHE R 451 -68.56 32.37 -70.13
N GLN R 452 -69.17 31.32 -69.60
CA GLN R 452 -70.22 31.45 -68.60
C GLN R 452 -69.75 32.35 -67.44
N GLY R 453 -70.54 33.33 -67.03
CA GLY R 453 -70.10 34.23 -65.98
C GLY R 453 -69.16 35.41 -66.36
N ARG R 454 -68.32 35.22 -67.40
CA ARG R 454 -67.44 36.28 -67.95
C ARG R 454 -68.27 37.40 -68.49
N GLY R 455 -67.84 38.65 -68.27
CA GLY R 455 -68.59 39.81 -68.74
C GLY R 455 -67.72 40.93 -69.30
N VAL R 456 -68.27 42.14 -69.29
CA VAL R 456 -67.58 43.27 -69.91
C VAL R 456 -67.27 44.23 -68.79
N PHE R 457 -66.23 45.02 -68.96
CA PHE R 457 -65.90 45.92 -67.88
C PHE R 457 -66.02 47.36 -68.31
N GLU R 458 -66.45 48.20 -67.38
CA GLU R 458 -66.46 49.63 -67.59
C GLU R 458 -65.01 50.09 -67.75
N LEU R 459 -64.85 51.26 -68.38
CA LEU R 459 -63.52 51.78 -68.60
C LEU R 459 -62.96 52.40 -67.33
N SER R 460 -63.80 52.62 -66.30
CA SER R 460 -63.31 53.04 -65.00
C SER R 460 -62.75 51.84 -64.22
N ASP R 461 -63.31 50.66 -64.46
CA ASP R 461 -62.98 49.46 -63.70
C ASP R 461 -61.63 48.93 -64.07
N GLU R 462 -60.63 49.56 -63.48
CA GLU R 462 -59.25 49.30 -63.87
C GLU R 462 -58.85 47.87 -63.59
N LYS R 463 -59.16 47.50 -62.35
CA LYS R 463 -59.03 46.14 -61.85
C LYS R 463 -60.11 45.33 -62.53
N ALA R 464 -59.98 44.01 -62.52
CA ALA R 464 -61.07 43.24 -63.13
C ALA R 464 -62.25 42.99 -62.16
N THR R 465 -62.41 43.90 -61.22
CA THR R 465 -63.36 43.77 -60.16
C THR R 465 -64.75 43.38 -60.56
N SER R 466 -65.57 44.33 -60.98
CA SER R 466 -66.97 44.04 -61.30
C SER R 466 -67.31 43.85 -62.78
N PRO R 467 -67.76 42.65 -63.14
CA PRO R 467 -68.09 42.23 -64.53
C PRO R 467 -69.51 42.59 -64.90
N ILE R 468 -69.82 42.69 -66.20
CA ILE R 468 -71.16 43.07 -66.63
C ILE R 468 -71.58 42.12 -67.67
N VAL R 469 -72.75 41.54 -67.48
CA VAL R 469 -73.25 40.56 -68.43
C VAL R 469 -74.21 41.17 -69.45
N PRO R 470 -73.90 41.01 -70.74
CA PRO R 470 -74.73 41.55 -71.80
C PRO R 470 -75.89 40.66 -72.16
N SER R 471 -77.00 41.30 -72.44
CA SER R 471 -78.21 40.59 -72.79
C SER R 471 -78.47 41.04 -74.22
N PHE R 472 -78.43 40.09 -75.17
CA PHE R 472 -78.62 40.42 -76.60
C PHE R 472 -80.06 40.47 -77.14
N ASP R 473 -81.07 40.32 -76.27
CA ASP R 473 -82.44 40.48 -76.70
C ASP R 473 -82.45 41.90 -77.24
N MET R 474 -82.51 42.05 -78.56
CA MET R 474 -82.29 43.39 -79.16
C MET R 474 -82.38 43.39 -80.68
N SER R 475 -82.62 44.55 -81.29
CA SER R 475 -82.68 44.59 -82.74
C SER R 475 -81.28 44.74 -83.18
N ASN R 476 -80.63 43.62 -83.42
CA ASN R 476 -79.20 43.59 -83.77
C ASN R 476 -79.02 43.85 -85.26
N GLU R 477 -77.85 43.55 -85.79
CA GLU R 477 -77.57 43.79 -87.20
C GLU R 477 -76.68 42.66 -87.79
N GLY R 478 -76.93 41.42 -87.41
CA GLY R 478 -76.04 40.35 -87.87
C GLY R 478 -75.01 39.87 -86.84
N SER R 479 -74.25 38.86 -87.23
CA SER R 479 -73.19 38.35 -86.39
C SER R 479 -71.92 38.09 -87.19
N TYR R 480 -71.99 37.98 -88.50
CA TYR R 480 -70.86 37.66 -89.32
C TYR R 480 -70.29 38.86 -90.09
N PHE R 481 -69.27 39.52 -89.55
CA PHE R 481 -68.62 40.58 -90.28
C PHE R 481 -68.44 40.27 -91.76
N PHE R 482 -68.28 39.00 -92.12
CA PHE R 482 -68.09 38.64 -93.53
C PHE R 482 -69.26 37.81 -94.14
N ASN S 14 -79.89 51.96 -30.80
CA ASN S 14 -80.65 53.25 -30.93
C ASN S 14 -79.96 54.44 -30.24
N ALA S 15 -79.12 55.08 -31.06
CA ALA S 15 -78.32 56.23 -30.70
C ALA S 15 -79.09 57.56 -30.87
N THR S 16 -80.42 57.50 -30.94
CA THR S 16 -81.16 58.73 -31.14
C THR S 16 -81.59 59.32 -29.82
N GLU S 17 -82.50 58.64 -29.14
CA GLU S 17 -83.02 59.15 -27.87
C GLU S 17 -81.89 59.13 -26.86
N ILE S 18 -81.49 57.93 -26.47
CA ILE S 18 -80.48 57.74 -25.43
C ILE S 18 -79.25 58.66 -25.59
N ARG S 19 -78.67 58.75 -26.80
CA ARG S 19 -77.45 59.55 -26.93
C ARG S 19 -77.71 61.04 -27.02
N ALA S 20 -78.87 61.40 -27.52
CA ALA S 20 -79.13 62.80 -27.78
C ALA S 20 -80.00 63.43 -26.70
N SER S 21 -80.84 62.62 -26.07
CA SER S 21 -81.67 63.10 -25.00
C SER S 21 -80.84 63.40 -23.74
N VAL S 22 -79.71 62.72 -23.65
CA VAL S 22 -78.92 62.86 -22.46
C VAL S 22 -77.95 64.02 -22.74
N GLY S 23 -77.76 64.24 -24.04
CA GLY S 23 -77.04 65.41 -24.48
C GLY S 23 -77.78 66.68 -24.14
N LYS S 24 -79.10 66.57 -24.20
CA LYS S 24 -79.92 67.71 -23.97
C LYS S 24 -79.92 67.99 -22.49
N MET S 25 -79.71 66.95 -21.70
CA MET S 25 -79.71 67.21 -20.28
C MET S 25 -78.36 67.79 -19.89
N ILE S 26 -77.32 67.49 -20.69
CA ILE S 26 -76.01 67.98 -20.42
C ILE S 26 -75.93 69.46 -20.82
N ASP S 27 -76.54 69.81 -21.97
CA ASP S 27 -76.66 71.20 -22.45
C ASP S 27 -77.26 72.05 -21.36
N GLY S 28 -78.24 71.50 -20.66
CA GLY S 28 -78.92 72.35 -19.69
C GLY S 28 -77.95 72.76 -18.62
N ILE S 29 -77.18 71.79 -18.12
CA ILE S 29 -76.31 72.05 -17.01
C ILE S 29 -75.31 73.08 -17.47
N GLY S 30 -74.79 72.89 -18.68
CA GLY S 30 -73.82 73.80 -19.27
C GLY S 30 -74.37 75.22 -19.29
N ARG S 31 -75.29 75.47 -20.22
CA ARG S 31 -76.03 76.72 -20.30
C ARG S 31 -76.28 77.32 -18.93
N PHE S 32 -76.91 76.57 -18.01
CA PHE S 32 -77.17 77.11 -16.70
C PHE S 32 -75.85 77.65 -16.00
N TYR S 33 -74.87 76.77 -15.86
CA TYR S 33 -73.60 77.16 -15.31
C TYR S 33 -73.06 78.44 -15.91
N ILE S 34 -73.19 78.59 -17.22
CA ILE S 34 -72.74 79.79 -17.88
C ILE S 34 -73.55 81.01 -17.39
N GLN S 35 -74.87 80.86 -17.36
CA GLN S 35 -75.77 81.95 -16.90
C GLN S 35 -75.44 82.36 -15.50
N MET S 36 -75.37 81.36 -14.68
CA MET S 36 -75.05 81.57 -13.29
C MET S 36 -73.66 82.16 -13.12
N CYS S 37 -72.70 81.80 -13.94
CA CYS S 37 -71.45 82.49 -13.84
C CYS S 37 -71.61 83.93 -14.24
N THR S 38 -72.39 84.17 -15.27
CA THR S 38 -72.58 85.55 -15.73
C THR S 38 -73.23 86.45 -14.65
N GLU S 39 -73.98 85.85 -13.72
CA GLU S 39 -74.59 86.63 -12.65
C GLU S 39 -73.52 87.00 -11.65
N LEU S 40 -72.84 85.98 -11.16
CA LEU S 40 -71.81 86.23 -10.17
C LEU S 40 -70.71 87.11 -10.74
N LYS S 41 -70.77 87.39 -12.03
CA LYS S 41 -69.76 88.21 -12.67
C LYS S 41 -68.39 87.63 -12.42
N LEU S 42 -68.25 86.29 -12.33
CA LEU S 42 -66.94 85.62 -12.30
C LEU S 42 -66.12 85.68 -13.61
N SER S 43 -64.82 85.44 -13.49
CA SER S 43 -63.92 85.43 -14.64
C SER S 43 -63.84 84.03 -15.23
N ASP S 44 -63.05 83.89 -16.30
CA ASP S 44 -62.85 82.58 -16.90
C ASP S 44 -62.11 81.69 -15.92
N TYR S 45 -61.01 82.18 -15.37
CA TYR S 45 -60.29 81.36 -14.44
C TYR S 45 -61.15 81.08 -13.24
N GLU S 46 -62.02 82.01 -12.91
CA GLU S 46 -62.81 81.86 -11.71
C GLU S 46 -64.08 81.04 -11.95
N GLY S 47 -64.33 80.66 -13.20
CA GLY S 47 -65.50 79.85 -13.49
C GLY S 47 -65.02 78.43 -13.64
N ARG S 48 -63.71 78.26 -13.72
CA ARG S 48 -63.14 76.94 -13.89
C ARG S 48 -62.68 76.34 -12.57
N LEU S 49 -63.00 77.05 -11.50
CA LEU S 49 -62.59 76.67 -10.18
C LEU S 49 -63.57 75.66 -9.60
N ILE S 50 -63.21 74.41 -9.66
CA ILE S 50 -64.10 73.39 -9.16
C ILE S 50 -64.78 73.77 -7.90
N GLN S 51 -64.13 74.57 -7.08
CA GLN S 51 -64.70 75.09 -5.83
C GLN S 51 -65.99 75.85 -6.14
N ASN S 52 -65.87 76.99 -6.81
CA ASN S 52 -67.05 77.73 -7.17
C ASN S 52 -68.05 76.86 -7.87
N SER S 53 -67.63 75.99 -8.79
CA SER S 53 -68.62 75.20 -9.50
C SER S 53 -69.46 74.45 -8.48
N LEU S 54 -68.82 73.75 -7.56
CA LEU S 54 -69.56 73.01 -6.53
C LEU S 54 -70.60 73.82 -5.83
N THR S 55 -70.19 74.94 -5.30
CA THR S 55 -71.09 75.81 -4.60
C THR S 55 -72.32 76.05 -5.46
N ILE S 56 -72.12 76.41 -6.72
CA ILE S 56 -73.25 76.64 -7.59
C ILE S 56 -74.16 75.41 -7.72
N GLU S 57 -73.55 74.25 -7.87
CA GLU S 57 -74.33 73.06 -8.10
C GLU S 57 -75.22 72.79 -6.91
N ARG S 58 -74.69 73.03 -5.72
CA ARG S 58 -75.44 72.74 -4.52
C ARG S 58 -76.56 73.78 -4.28
N MET S 59 -76.27 75.07 -4.52
CA MET S 59 -77.27 76.17 -4.55
C MET S 59 -78.50 75.79 -5.32
N VAL S 60 -78.33 74.87 -6.25
CA VAL S 60 -79.42 74.63 -7.15
C VAL S 60 -80.17 73.46 -6.65
N LEU S 61 -79.46 72.40 -6.28
CA LEU S 61 -80.11 71.21 -5.82
C LEU S 61 -80.89 71.52 -4.54
N SER S 62 -80.36 72.45 -3.73
CA SER S 62 -81.02 72.90 -2.52
C SER S 62 -82.33 73.60 -2.91
N ALA S 63 -82.22 74.52 -3.86
CA ALA S 63 -83.38 75.30 -4.24
C ALA S 63 -84.46 74.43 -4.88
N PHE S 64 -84.10 73.32 -5.49
CA PHE S 64 -85.10 72.49 -6.11
C PHE S 64 -85.48 71.34 -5.19
N ASP S 65 -85.24 71.51 -3.88
CA ASP S 65 -85.47 70.44 -2.86
C ASP S 65 -85.17 70.89 -1.42
N THR S 85 -81.04 80.27 -1.17
CA THR S 85 -79.86 79.65 -0.56
C THR S 85 -78.63 80.39 -1.00
N GLY S 86 -77.51 80.08 -0.37
CA GLY S 86 -76.26 80.82 -0.60
C GLY S 86 -75.13 79.81 -0.61
N GLY S 87 -73.90 80.31 -0.58
CA GLY S 87 -72.76 79.44 -0.55
C GLY S 87 -71.43 80.19 -0.68
N PRO S 88 -70.32 79.43 -0.55
CA PRO S 88 -68.96 79.96 -0.56
C PRO S 88 -68.50 80.23 -2.00
N ILE S 89 -68.09 81.45 -2.26
CA ILE S 89 -67.65 81.80 -3.60
C ILE S 89 -66.29 82.47 -3.61
N TYR S 90 -65.29 81.81 -4.18
CA TYR S 90 -63.94 82.32 -4.18
C TYR S 90 -63.57 83.22 -5.36
N ARG S 91 -62.94 84.33 -5.03
CA ARG S 91 -62.62 85.34 -6.01
C ARG S 91 -61.12 85.53 -6.09
N ARG S 92 -60.65 86.06 -7.23
CA ARG S 92 -59.21 86.21 -7.43
C ARG S 92 -58.79 87.68 -7.47
N VAL S 93 -58.08 88.14 -6.46
CA VAL S 93 -57.52 89.52 -6.50
C VAL S 93 -55.99 89.44 -6.62
N ASP S 94 -55.37 90.51 -7.12
CA ASP S 94 -53.91 90.59 -7.24
C ASP S 94 -53.24 89.67 -6.21
N GLY S 95 -52.75 88.51 -6.65
CA GLY S 95 -52.00 87.64 -5.74
C GLY S 95 -52.78 86.57 -5.02
N LYS S 96 -53.75 86.99 -4.19
CA LYS S 96 -54.44 86.06 -3.24
C LYS S 96 -55.90 85.79 -3.50
N TRP S 97 -56.45 84.76 -2.85
CA TRP S 97 -57.82 84.38 -3.16
C TRP S 97 -58.79 84.85 -2.10
N ARG S 98 -59.88 85.50 -2.52
CA ARG S 98 -60.83 86.03 -1.56
C ARG S 98 -62.12 85.21 -1.58
N ARG S 99 -62.50 84.70 -0.41
CA ARG S 99 -63.72 83.92 -0.28
C ARG S 99 -64.93 84.83 0.00
N GLU S 100 -65.94 84.83 -0.86
CA GLU S 100 -67.18 85.56 -0.59
C GLU S 100 -68.32 84.68 -0.12
N LEU S 101 -68.99 85.11 0.94
CA LEU S 101 -70.12 84.36 1.42
C LEU S 101 -71.35 85.01 0.84
N ILE S 102 -72.06 84.34 -0.08
CA ILE S 102 -73.21 85.00 -0.73
C ILE S 102 -74.50 84.22 -0.66
N LEU S 103 -75.59 84.93 -0.93
CA LEU S 103 -76.94 84.33 -0.88
C LEU S 103 -77.77 84.73 -2.11
N TYR S 104 -78.60 83.81 -2.61
CA TYR S 104 -79.43 84.08 -3.81
C TYR S 104 -80.91 83.71 -3.61
N ASP S 105 -81.81 84.40 -4.30
CA ASP S 105 -83.20 84.08 -4.17
C ASP S 105 -83.45 82.63 -4.53
N LYS S 106 -83.75 81.81 -3.53
CA LYS S 106 -83.99 80.39 -3.84
C LYS S 106 -84.82 80.21 -5.10
N GLU S 107 -85.68 81.18 -5.44
CA GLU S 107 -86.58 81.00 -6.58
C GLU S 107 -85.91 81.53 -7.80
N GLU S 108 -85.20 82.64 -7.63
CA GLU S 108 -84.43 83.11 -8.73
C GLU S 108 -83.61 81.97 -9.34
N ILE S 109 -83.01 81.14 -8.46
CA ILE S 109 -82.16 80.03 -8.93
C ILE S 109 -82.99 79.08 -9.72
N ARG S 110 -84.18 78.79 -9.21
CA ARG S 110 -85.07 77.88 -9.89
C ARG S 110 -85.52 78.47 -11.22
N ARG S 111 -85.58 79.79 -11.28
CA ARG S 111 -86.00 80.45 -12.48
C ARG S 111 -84.92 80.32 -13.58
N ILE S 112 -83.70 80.66 -13.19
CA ILE S 112 -82.57 80.62 -14.11
C ILE S 112 -82.35 79.22 -14.63
N TRP S 113 -82.52 78.23 -13.75
CA TRP S 113 -82.38 76.83 -14.11
C TRP S 113 -83.30 76.52 -15.29
N ARG S 114 -84.61 76.73 -15.14
CA ARG S 114 -85.56 76.31 -16.19
C ARG S 114 -85.28 77.10 -17.47
N GLN S 115 -85.01 78.39 -17.32
CA GLN S 115 -84.64 79.16 -18.45
C GLN S 115 -83.66 78.40 -19.31
N ALA S 116 -82.66 77.76 -18.67
CA ALA S 116 -81.62 77.05 -19.41
C ALA S 116 -82.19 75.79 -20.02
N ASN S 117 -82.98 75.05 -19.28
CA ASN S 117 -83.65 73.83 -19.83
C ASN S 117 -84.98 74.03 -20.58
N ASN S 118 -85.15 75.18 -21.22
CA ASN S 118 -86.42 75.44 -21.90
C ASN S 118 -87.66 75.48 -21.00
N GLY S 119 -87.49 75.93 -19.77
CA GLY S 119 -88.63 75.95 -18.88
C GLY S 119 -89.04 74.57 -18.42
N ASP S 120 -88.20 73.58 -18.74
CA ASP S 120 -88.41 72.23 -18.25
C ASP S 120 -87.86 72.06 -16.85
N ASP S 121 -88.11 70.90 -16.28
CA ASP S 121 -87.63 70.64 -14.92
C ASP S 121 -86.28 69.96 -14.99
N ALA S 122 -86.17 69.10 -15.99
CA ALA S 122 -85.00 68.32 -16.27
C ALA S 122 -84.52 67.73 -14.96
N THR S 123 -85.33 66.86 -14.36
CA THR S 123 -84.94 66.26 -13.07
C THR S 123 -83.65 65.51 -13.32
N ALA S 124 -83.57 64.87 -14.46
CA ALA S 124 -82.33 64.21 -14.84
C ALA S 124 -81.12 65.11 -14.56
N GLY S 125 -81.20 66.33 -15.03
CA GLY S 125 -80.11 67.27 -14.84
C GLY S 125 -79.70 67.48 -13.39
N LEU S 126 -80.65 67.65 -12.50
CA LEU S 126 -80.36 67.92 -11.11
C LEU S 126 -79.80 66.64 -10.51
N THR S 127 -80.38 65.53 -10.96
CA THR S 127 -80.03 64.23 -10.48
C THR S 127 -78.61 63.98 -10.90
N HIS S 128 -78.20 64.53 -12.05
CA HIS S 128 -76.84 64.32 -12.57
C HIS S 128 -75.81 64.92 -11.63
N MET S 129 -76.07 66.12 -11.14
CA MET S 129 -75.13 66.79 -10.28
C MET S 129 -75.35 66.19 -8.95
N MET S 130 -76.48 65.49 -8.80
CA MET S 130 -76.81 64.83 -7.53
C MET S 130 -75.82 63.70 -7.45
N ILE S 131 -75.43 63.12 -8.57
CA ILE S 131 -74.48 62.01 -8.56
C ILE S 131 -73.01 62.46 -8.53
N TRP S 132 -72.76 63.55 -9.24
CA TRP S 132 -71.40 64.00 -9.32
C TRP S 132 -70.98 64.22 -7.89
N HIS S 133 -71.91 64.70 -7.08
CA HIS S 133 -71.59 64.97 -5.71
C HIS S 133 -71.41 63.64 -5.06
N SER S 134 -72.30 62.70 -5.36
CA SER S 134 -72.19 61.38 -4.74
C SER S 134 -70.81 60.77 -4.98
N ASN S 135 -70.45 60.68 -6.24
CA ASN S 135 -69.26 60.00 -6.60
C ASN S 135 -67.99 60.61 -6.03
N LEU S 136 -68.07 61.92 -5.75
CA LEU S 136 -67.05 62.68 -5.09
C LEU S 136 -67.03 62.34 -3.62
N ASN S 137 -68.18 61.99 -3.07
CA ASN S 137 -68.21 61.80 -1.64
C ASN S 137 -67.83 60.37 -1.32
N ASP S 138 -68.14 59.48 -2.24
CA ASP S 138 -67.83 58.12 -2.05
C ASP S 138 -66.30 57.91 -2.20
N ALA S 139 -65.61 58.95 -2.66
CA ALA S 139 -64.15 58.87 -2.82
C ALA S 139 -63.40 59.75 -1.86
N THR S 140 -64.00 60.86 -1.43
CA THR S 140 -63.33 61.77 -0.52
C THR S 140 -63.41 61.18 0.87
N TYR S 141 -64.55 60.52 1.17
CA TYR S 141 -64.82 60.01 2.53
C TYR S 141 -65.13 58.53 2.69
N GLN S 142 -64.86 58.03 3.88
CA GLN S 142 -65.17 56.67 4.20
C GLN S 142 -66.23 56.69 5.26
N ARG S 143 -67.32 55.97 5.00
CA ARG S 143 -68.51 56.13 5.83
C ARG S 143 -68.64 54.94 6.77
N THR S 144 -67.76 54.91 7.78
CA THR S 144 -67.70 53.77 8.68
C THR S 144 -68.67 53.99 9.83
N ARG S 145 -68.62 55.21 10.38
CA ARG S 145 -69.46 55.57 11.52
C ARG S 145 -70.90 55.10 11.32
N ALA S 146 -71.39 55.29 10.10
CA ALA S 146 -72.75 54.93 9.75
C ALA S 146 -72.97 53.45 9.57
N LEU S 147 -71.98 52.74 9.02
CA LEU S 147 -72.17 51.30 8.71
C LEU S 147 -72.34 50.47 10.01
N VAL S 148 -71.49 50.80 10.97
CA VAL S 148 -71.42 50.09 12.23
C VAL S 148 -72.66 50.39 13.08
N ARG S 149 -72.96 51.70 13.19
CA ARG S 149 -74.15 52.15 13.88
C ARG S 149 -75.41 51.50 13.25
N THR S 150 -75.34 51.13 11.98
CA THR S 150 -76.40 50.33 11.35
C THR S 150 -76.24 48.83 11.67
N GLY S 151 -75.01 48.37 11.82
CA GLY S 151 -74.81 46.97 12.20
C GLY S 151 -74.31 46.21 10.99
N MET S 152 -73.54 46.94 10.18
CA MET S 152 -72.86 46.45 8.97
C MET S 152 -71.37 46.45 9.24
N ASP S 153 -70.64 45.51 8.66
CA ASP S 153 -69.21 45.49 8.93
C ASP S 153 -68.47 46.63 8.20
N PRO S 154 -67.64 47.42 8.93
CA PRO S 154 -66.92 48.57 8.34
C PRO S 154 -66.13 48.20 7.12
N ARG S 155 -65.67 46.96 7.08
CA ARG S 155 -65.02 46.46 5.89
C ARG S 155 -65.93 46.22 4.69
N MET S 156 -67.15 46.74 4.73
CA MET S 156 -68.07 46.59 3.60
C MET S 156 -68.15 47.86 2.76
N CYS S 157 -67.05 48.62 2.76
CA CYS S 157 -66.86 49.83 1.92
C CYS S 157 -67.28 49.70 0.48
N SER S 158 -66.78 48.67 -0.22
CA SER S 158 -67.03 48.45 -1.66
C SER S 158 -68.50 48.18 -2.06
N LEU S 159 -69.40 48.27 -1.09
CA LEU S 159 -70.78 47.97 -1.28
C LEU S 159 -71.58 49.22 -0.94
N MET S 160 -70.93 50.27 -0.44
CA MET S 160 -71.68 51.48 -0.10
C MET S 160 -71.66 52.59 -1.19
N GLN S 161 -71.67 52.19 -2.46
CA GLN S 161 -71.71 53.14 -3.54
C GLN S 161 -73.01 53.97 -3.67
N GLY S 162 -72.95 55.22 -3.24
CA GLY S 162 -74.10 56.06 -3.36
C GLY S 162 -74.84 56.11 -2.03
N SER S 163 -74.18 55.75 -0.94
CA SER S 163 -74.85 55.89 0.32
C SER S 163 -75.20 57.38 0.59
N THR S 164 -74.55 58.34 -0.06
CA THR S 164 -74.76 59.76 0.26
C THR S 164 -75.88 60.33 -0.61
N LEU S 165 -76.25 59.52 -1.58
CA LEU S 165 -77.09 60.01 -2.64
C LEU S 165 -78.52 60.15 -2.16
N PRO S 166 -78.99 61.39 -1.99
CA PRO S 166 -80.37 61.60 -1.49
C PRO S 166 -81.40 60.66 -2.18
N ARG S 167 -82.31 60.13 -1.38
CA ARG S 167 -83.45 59.32 -1.88
C ARG S 167 -84.19 60.00 -3.04
N ARG S 168 -84.28 61.34 -3.00
CA ARG S 168 -84.84 62.13 -4.10
C ARG S 168 -84.24 61.73 -5.48
N SER S 169 -83.04 61.16 -5.48
CA SER S 169 -82.43 60.72 -6.73
C SER S 169 -83.43 59.94 -7.55
N GLY S 170 -83.27 60.00 -8.85
CA GLY S 170 -84.20 59.33 -9.73
C GLY S 170 -84.08 57.83 -9.82
N ALA S 171 -84.81 57.28 -10.76
CA ALA S 171 -84.81 55.85 -10.95
C ALA S 171 -83.43 55.35 -11.46
N ALA S 172 -82.75 56.19 -12.27
CA ALA S 172 -81.49 55.80 -12.92
C ALA S 172 -80.40 56.33 -11.96
N GLY S 173 -80.90 57.00 -10.91
CA GLY S 173 -80.07 57.40 -9.78
C GLY S 173 -79.80 56.29 -8.77
N ALA S 174 -80.76 55.37 -8.59
CA ALA S 174 -80.58 54.33 -7.64
C ALA S 174 -79.80 53.21 -8.31
N ALA S 175 -79.95 53.03 -9.62
CA ALA S 175 -79.19 51.94 -10.32
C ALA S 175 -77.65 52.00 -10.09
N VAL S 176 -77.18 53.16 -9.63
CA VAL S 176 -75.77 53.38 -9.45
C VAL S 176 -75.42 52.86 -8.07
N LYS S 177 -76.43 52.70 -7.20
CA LYS S 177 -76.21 52.22 -5.82
C LYS S 177 -75.61 50.82 -5.62
N GLY S 178 -74.68 50.70 -4.67
CA GLY S 178 -74.13 49.40 -4.34
C GLY S 178 -75.10 48.59 -3.48
N VAL S 179 -74.95 47.27 -3.50
CA VAL S 179 -75.81 46.33 -2.77
C VAL S 179 -75.89 46.74 -1.28
N GLY S 180 -74.70 46.97 -0.71
CA GLY S 180 -74.57 47.44 0.64
C GLY S 180 -75.33 48.72 0.85
N THR S 181 -75.54 49.51 -0.20
CA THR S 181 -76.15 50.82 0.04
C THR S 181 -77.61 50.61 0.43
N MET S 182 -78.21 49.63 -0.21
CA MET S 182 -79.60 49.43 -0.07
C MET S 182 -79.89 48.93 1.32
N VAL S 183 -79.12 47.91 1.72
CA VAL S 183 -79.18 47.32 3.05
C VAL S 183 -79.14 48.37 4.21
N MET S 184 -78.26 49.35 4.16
CA MET S 184 -78.19 50.31 5.22
C MET S 184 -79.51 51.07 5.43
N GLU S 185 -80.29 51.12 4.35
CA GLU S 185 -81.58 51.85 4.32
C GLU S 185 -82.70 51.02 4.95
N LEU S 186 -83.06 49.93 4.26
CA LEU S 186 -83.98 48.97 4.78
C LEU S 186 -83.72 48.69 6.27
N ILE S 187 -82.49 48.32 6.62
CA ILE S 187 -82.12 48.12 8.03
C ILE S 187 -82.49 49.30 8.93
N ARG S 188 -82.44 50.53 8.44
CA ARG S 188 -82.80 51.63 9.33
C ARG S 188 -84.29 51.82 9.31
N MET S 189 -84.85 51.66 8.12
CA MET S 189 -86.30 51.77 7.92
C MET S 189 -86.93 50.71 8.83
N ILE S 190 -86.49 49.46 8.66
CA ILE S 190 -86.87 48.35 9.55
C ILE S 190 -86.49 48.58 11.03
N LYS S 191 -85.24 48.94 11.33
CA LYS S 191 -84.80 49.05 12.73
C LYS S 191 -85.66 50.01 13.57
N ARG S 192 -85.99 51.18 13.04
CA ARG S 192 -86.84 52.07 13.83
C ARG S 192 -88.31 51.61 13.96
N GLY S 193 -88.85 51.07 12.85
CA GLY S 193 -90.22 50.49 12.79
C GLY S 193 -90.36 49.28 13.68
N ILE S 194 -89.61 48.22 13.36
CA ILE S 194 -89.58 47.02 14.20
C ILE S 194 -89.08 47.39 15.57
N ASN S 195 -88.49 48.42 15.82
CA ASN S 195 -88.16 48.83 17.19
C ASN S 195 -89.41 49.50 17.74
N ARG S 206 -97.85 53.79 6.76
CA ARG S 206 -98.88 53.05 6.04
C ARG S 206 -98.42 52.64 4.64
N ARG S 207 -98.28 53.64 3.79
CA ARG S 207 -97.86 53.50 2.40
C ARG S 207 -96.40 53.05 2.35
N THR S 208 -95.71 53.20 3.50
CA THR S 208 -94.32 52.78 3.68
C THR S 208 -94.02 51.36 3.17
N ARG S 209 -95.04 50.56 2.96
CA ARG S 209 -94.88 49.18 2.47
C ARG S 209 -94.42 49.00 1.00
N ILE S 210 -95.09 49.67 0.06
CA ILE S 210 -94.73 49.61 -1.35
C ILE S 210 -93.24 49.94 -1.55
N ALA S 211 -92.74 50.86 -0.72
CA ALA S 211 -91.32 51.20 -0.67
C ALA S 211 -90.53 49.95 -0.39
N TYR S 212 -90.76 49.35 0.78
CA TYR S 212 -89.97 48.21 1.25
C TYR S 212 -89.87 47.13 0.20
N GLU S 213 -90.99 46.74 -0.41
CA GLU S 213 -90.99 45.67 -1.40
C GLU S 213 -90.17 46.05 -2.60
N ARG S 214 -90.42 47.25 -3.12
CA ARG S 214 -89.66 47.75 -4.24
C ARG S 214 -88.17 47.86 -3.90
N MET S 215 -87.88 48.52 -2.78
CA MET S 215 -86.52 48.69 -2.32
C MET S 215 -85.87 47.34 -2.36
N CYS S 216 -86.63 46.27 -2.15
CA CYS S 216 -86.03 44.92 -2.22
C CYS S 216 -85.91 44.46 -3.66
N ASN S 217 -86.87 44.86 -4.50
CA ASN S 217 -86.90 44.34 -5.85
C ASN S 217 -85.70 44.84 -6.58
N ILE S 218 -85.41 46.11 -6.32
CA ILE S 218 -84.19 46.80 -6.75
C ILE S 218 -83.01 46.03 -6.18
N LEU S 219 -83.05 45.85 -4.86
CA LEU S 219 -82.06 45.11 -4.15
C LEU S 219 -81.85 43.84 -4.93
N LYS S 220 -82.94 43.12 -5.22
CA LYS S 220 -82.82 41.78 -5.81
C LYS S 220 -82.27 41.88 -7.21
N GLY S 221 -82.58 43.00 -7.85
CA GLY S 221 -82.17 43.18 -9.23
C GLY S 221 -80.69 43.49 -9.32
N LYS S 222 -80.05 43.65 -8.14
CA LYS S 222 -78.61 43.82 -8.08
C LYS S 222 -77.95 42.44 -8.23
N PHE S 223 -78.49 41.45 -7.53
CA PHE S 223 -78.00 40.08 -7.61
C PHE S 223 -78.17 39.53 -9.00
N GLN S 224 -77.21 38.71 -9.39
CA GLN S 224 -77.18 38.04 -10.69
C GLN S 224 -76.93 36.54 -10.58
N THR S 225 -77.50 35.90 -9.55
CA THR S 225 -77.42 34.44 -9.38
C THR S 225 -78.70 33.91 -8.74
N ALA S 226 -79.11 32.70 -9.18
CA ALA S 226 -80.29 32.03 -8.63
C ALA S 226 -80.57 32.37 -7.14
N ALA S 227 -79.83 31.70 -6.25
CA ALA S 227 -80.03 31.77 -4.79
C ALA S 227 -80.10 33.21 -4.29
N GLN S 228 -79.10 33.99 -4.73
CA GLN S 228 -79.01 35.39 -4.40
C GLN S 228 -80.39 35.97 -4.65
N ARG S 229 -80.85 35.80 -5.88
CA ARG S 229 -82.14 36.31 -6.30
C ARG S 229 -83.23 35.74 -5.40
N THR S 230 -83.24 34.41 -5.21
CA THR S 230 -84.32 33.76 -4.46
C THR S 230 -84.36 34.19 -3.00
N MET S 231 -83.18 34.38 -2.40
CA MET S 231 -83.11 34.64 -0.96
C MET S 231 -83.64 36.01 -0.54
N VAL S 232 -83.70 36.88 -1.55
CA VAL S 232 -84.10 38.24 -1.37
C VAL S 232 -85.59 38.22 -1.17
N ASP S 233 -86.23 37.34 -1.94
CA ASP S 233 -87.68 37.09 -1.84
C ASP S 233 -88.04 36.56 -0.44
N GLN S 234 -87.28 35.56 0.02
CA GLN S 234 -87.51 35.00 1.34
C GLN S 234 -87.46 36.10 2.40
N VAL S 235 -86.76 37.19 2.10
CA VAL S 235 -86.68 38.36 2.99
C VAL S 235 -87.88 39.30 2.87
N ARG S 236 -88.27 39.55 1.63
CA ARG S 236 -89.40 40.40 1.32
C ARG S 236 -90.76 39.82 1.74
N GLU S 237 -90.75 38.63 2.34
CA GLU S 237 -91.99 37.98 2.74
C GLU S 237 -92.64 38.56 4.01
N SER S 238 -91.84 39.07 4.93
CA SER S 238 -92.35 39.53 6.22
C SER S 238 -92.81 41.00 6.28
N ARG S 239 -94.04 41.23 6.77
CA ARG S 239 -94.58 42.58 6.88
C ARG S 239 -93.80 43.36 7.92
N ASN S 240 -93.56 42.72 9.05
CA ASN S 240 -92.80 43.36 10.11
C ASN S 240 -91.49 42.57 10.24
N PRO S 241 -90.59 42.67 9.24
CA PRO S 241 -89.37 41.85 9.22
C PRO S 241 -88.43 42.21 10.36
N GLY S 242 -88.26 41.32 11.34
CA GLY S 242 -87.45 41.67 12.49
C GLY S 242 -86.02 41.21 12.27
N ASN S 243 -85.27 41.06 13.38
CA ASN S 243 -83.93 40.48 13.35
C ASN S 243 -83.75 39.27 12.45
N ALA S 244 -84.84 38.56 12.18
CA ALA S 244 -84.86 37.46 11.21
C ALA S 244 -84.26 37.93 9.88
N GLU S 245 -84.81 39.05 9.41
CA GLU S 245 -84.37 39.70 8.17
C GLU S 245 -83.07 40.45 8.46
N PHE S 246 -83.13 41.37 9.45
CA PHE S 246 -81.96 42.15 9.92
C PHE S 246 -80.67 41.32 9.80
N GLU S 247 -80.67 40.14 10.41
CA GLU S 247 -79.54 39.26 10.26
C GLU S 247 -79.38 38.66 8.83
N ASP S 248 -80.47 38.36 8.12
CA ASP S 248 -80.28 37.68 6.82
C ASP S 248 -79.69 38.54 5.67
N LEU S 249 -80.10 39.81 5.58
CA LEU S 249 -79.71 40.67 4.48
C LEU S 249 -78.23 40.98 4.63
N ILE S 250 -77.83 41.17 5.89
CA ILE S 250 -76.43 41.39 6.25
C ILE S 250 -75.60 40.29 5.64
N PHE S 251 -76.13 39.06 5.73
CA PHE S 251 -75.52 37.89 5.07
C PHE S 251 -75.30 38.13 3.53
N LEU S 252 -76.44 38.34 2.87
CA LEU S 252 -76.52 38.66 1.45
C LEU S 252 -75.59 39.85 1.14
N ALA S 253 -75.50 40.82 2.06
CA ALA S 253 -74.55 41.92 1.90
C ALA S 253 -73.12 41.36 1.68
N ARG S 254 -72.76 40.43 2.58
CA ARG S 254 -71.48 39.79 2.50
C ARG S 254 -71.36 38.85 1.30
N SER S 255 -72.47 38.35 0.79
CA SER S 255 -72.38 37.43 -0.35
C SER S 255 -71.90 38.18 -1.61
N ALA S 256 -72.16 39.47 -1.63
CA ALA S 256 -71.91 40.33 -2.78
C ALA S 256 -70.45 40.70 -2.89
N LEU S 257 -69.74 40.49 -1.76
CA LEU S 257 -68.30 40.66 -1.61
C LEU S 257 -67.62 39.62 -2.41
N ILE S 258 -68.36 38.57 -2.77
CA ILE S 258 -67.76 37.49 -3.50
C ILE S 258 -68.51 37.29 -4.81
N LEU S 259 -69.84 37.24 -4.71
CA LEU S 259 -70.73 37.12 -5.88
C LEU S 259 -71.37 38.49 -5.98
N ARG S 260 -70.70 39.36 -6.72
CA ARG S 260 -71.06 40.75 -6.73
C ARG S 260 -72.36 40.84 -7.50
N GLY S 261 -73.01 42.00 -7.44
CA GLY S 261 -74.17 42.29 -8.27
C GLY S 261 -73.91 43.26 -9.41
N SER S 262 -75.01 43.61 -10.08
CA SER S 262 -74.95 44.56 -11.15
C SER S 262 -75.17 45.96 -10.56
N VAL S 263 -74.13 46.77 -10.61
CA VAL S 263 -74.26 48.17 -10.25
C VAL S 263 -73.65 49.05 -11.32
N ALA S 264 -74.50 49.81 -11.98
CA ALA S 264 -74.11 50.85 -12.93
C ALA S 264 -73.19 51.93 -12.33
N HIS S 265 -72.23 52.37 -13.16
CA HIS S 265 -71.33 53.48 -12.85
C HIS S 265 -71.55 54.60 -13.88
N LYS S 266 -71.71 55.82 -13.41
CA LYS S 266 -72.01 56.99 -14.25
C LYS S 266 -70.88 58.03 -14.13
N SER S 267 -70.24 58.37 -15.25
CA SER S 267 -69.18 59.36 -15.27
C SER S 267 -69.77 60.76 -15.22
N CYS S 268 -69.92 61.31 -14.03
CA CYS S 268 -70.59 62.62 -13.95
C CYS S 268 -69.65 63.71 -13.63
N LEU S 269 -69.35 64.61 -14.57
CA LEU S 269 -68.34 65.66 -14.38
C LEU S 269 -68.95 66.88 -13.73
N PRO S 270 -68.16 67.77 -13.10
CA PRO S 270 -68.59 69.02 -12.43
C PRO S 270 -69.28 69.93 -13.39
N ALA S 271 -70.17 70.77 -12.88
CA ALA S 271 -70.91 71.69 -13.76
C ALA S 271 -70.00 72.53 -14.67
N CYS S 272 -68.83 72.90 -14.16
CA CYS S 272 -67.98 73.79 -14.88
C CYS S 272 -67.52 73.15 -16.18
N VAL S 273 -67.32 71.84 -16.11
CA VAL S 273 -66.77 71.15 -17.23
C VAL S 273 -67.77 71.18 -18.35
N TYR S 274 -69.03 70.85 -18.08
CA TYR S 274 -70.12 70.98 -19.04
C TYR S 274 -70.37 72.43 -19.43
N GLY S 275 -70.45 73.36 -18.47
CA GLY S 275 -70.55 74.80 -18.83
C GLY S 275 -69.48 75.25 -19.81
N SER S 276 -68.26 74.93 -19.50
CA SER S 276 -67.18 75.33 -20.37
C SER S 276 -67.32 74.75 -21.78
N ALA S 277 -67.71 73.48 -21.86
CA ALA S 277 -67.90 72.75 -23.08
C ALA S 277 -69.01 73.34 -23.92
N VAL S 278 -70.12 73.68 -23.28
CA VAL S 278 -71.27 74.27 -23.95
C VAL S 278 -70.86 75.60 -24.56
N ALA S 279 -70.11 76.35 -23.77
CA ALA S 279 -69.63 77.68 -24.15
C ALA S 279 -68.65 77.60 -25.31
N SER S 280 -67.91 76.51 -25.40
CA SER S 280 -66.96 76.26 -26.47
C SER S 280 -67.64 75.78 -27.72
N GLY S 281 -68.95 75.86 -27.78
CA GLY S 281 -69.56 75.47 -28.98
C GLY S 281 -70.17 74.08 -28.92
N TYR S 282 -69.67 73.16 -28.09
CA TYR S 282 -70.21 71.79 -28.14
C TYR S 282 -71.64 71.79 -27.89
N ASP S 283 -72.37 71.23 -28.84
CA ASP S 283 -73.83 71.23 -28.80
C ASP S 283 -74.30 69.79 -28.67
N PHE S 284 -74.20 69.24 -27.45
CA PHE S 284 -74.33 67.82 -27.18
C PHE S 284 -75.61 67.17 -27.62
N GLU S 285 -76.75 67.76 -27.31
CA GLU S 285 -78.01 67.22 -27.88
C GLU S 285 -77.95 66.89 -29.38
N ARG S 286 -77.15 67.59 -30.15
CA ARG S 286 -77.03 67.34 -31.57
C ARG S 286 -75.94 66.36 -31.82
N GLU S 287 -74.81 66.50 -31.13
CA GLU S 287 -73.64 65.61 -31.34
C GLU S 287 -73.66 64.40 -30.41
N GLY S 288 -74.62 64.28 -29.52
CA GLY S 288 -74.68 63.10 -28.71
C GLY S 288 -73.63 63.10 -27.60
N TYR S 289 -74.00 62.47 -26.49
CA TYR S 289 -73.13 62.35 -25.34
C TYR S 289 -73.47 61.07 -24.52
N SER S 290 -72.49 60.50 -23.78
CA SER S 290 -72.75 59.34 -22.87
C SER S 290 -72.17 59.58 -21.51
N LEU S 291 -72.58 58.75 -20.56
CA LEU S 291 -72.02 58.75 -19.22
C LEU S 291 -71.26 57.43 -18.97
N VAL S 292 -71.29 56.52 -19.94
CA VAL S 292 -70.63 55.22 -19.74
C VAL S 292 -69.81 54.88 -21.01
N GLY S 293 -69.69 55.85 -21.91
CA GLY S 293 -68.87 55.65 -23.10
C GLY S 293 -67.57 56.38 -23.10
N ILE S 294 -67.13 56.74 -24.30
CA ILE S 294 -65.88 57.51 -24.47
C ILE S 294 -66.12 59.02 -24.30
N ASP S 295 -67.38 59.42 -24.30
CA ASP S 295 -67.72 60.84 -24.32
C ASP S 295 -67.11 61.53 -23.08
N PRO S 296 -67.37 60.98 -21.91
CA PRO S 296 -66.92 61.66 -20.71
C PRO S 296 -65.41 61.71 -20.67
N PHE S 297 -64.72 60.62 -20.91
CA PHE S 297 -63.27 60.73 -20.93
C PHE S 297 -62.80 61.78 -21.93
N ARG S 298 -63.34 61.77 -23.15
CA ARG S 298 -62.86 62.71 -24.17
C ARG S 298 -63.06 64.16 -23.72
N LEU S 299 -64.21 64.45 -23.15
CA LEU S 299 -64.48 65.76 -22.64
C LEU S 299 -63.42 66.13 -21.63
N LEU S 300 -63.11 65.25 -20.68
CA LEU S 300 -62.09 65.54 -19.67
C LEU S 300 -60.69 65.59 -20.27
N GLN S 301 -60.53 65.32 -21.56
CA GLN S 301 -59.19 65.34 -22.14
C GLN S 301 -58.80 66.76 -22.50
N ASN S 302 -59.76 67.68 -22.38
CA ASN S 302 -59.56 69.09 -22.74
C ASN S 302 -60.03 70.08 -21.70
N SER S 303 -60.47 69.56 -20.56
CA SER S 303 -61.04 70.37 -19.54
C SER S 303 -59.94 71.17 -18.87
N GLN S 304 -60.23 72.39 -18.49
CA GLN S 304 -59.23 73.22 -17.82
C GLN S 304 -59.78 73.50 -16.43
N VAL S 305 -59.81 72.50 -15.58
CA VAL S 305 -60.38 72.71 -14.28
C VAL S 305 -59.33 73.05 -13.25
N TYR S 306 -59.60 74.13 -12.51
CA TYR S 306 -58.71 74.51 -11.41
C TYR S 306 -59.29 74.23 -10.04
N SER S 307 -58.41 74.04 -9.07
CA SER S 307 -58.85 73.77 -7.71
C SER S 307 -58.09 74.44 -6.60
N LEU S 308 -58.78 74.87 -5.55
CA LEU S 308 -58.09 75.44 -4.37
C LEU S 308 -57.37 74.33 -3.67
N ILE S 309 -56.18 74.68 -3.21
CA ILE S 309 -55.29 73.69 -2.63
C ILE S 309 -54.57 74.23 -1.40
N ARG S 310 -54.78 73.56 -0.28
CA ARG S 310 -54.14 73.93 0.98
C ARG S 310 -52.60 73.86 0.94
N PRO S 311 -51.89 74.70 1.78
CA PRO S 311 -50.42 74.91 1.76
C PRO S 311 -49.57 73.65 1.72
N ASN S 312 -49.90 72.69 2.57
CA ASN S 312 -49.11 71.45 2.53
C ASN S 312 -49.59 70.32 1.64
N GLU S 313 -50.63 70.54 0.84
CA GLU S 313 -51.23 69.43 0.07
C GLU S 313 -50.53 69.20 -1.24
N ASN S 314 -50.66 67.99 -1.76
CA ASN S 314 -49.98 67.62 -2.96
C ASN S 314 -50.90 67.75 -4.13
N PRO S 315 -50.58 68.63 -5.08
CA PRO S 315 -51.43 68.82 -6.28
C PRO S 315 -51.78 67.50 -7.01
N ALA S 316 -50.73 66.69 -7.22
CA ALA S 316 -50.87 65.49 -8.01
C ALA S 316 -51.87 64.59 -7.35
N HIS S 317 -51.91 64.73 -6.01
CA HIS S 317 -52.72 63.89 -5.16
C HIS S 317 -54.14 64.44 -5.26
N LYS S 318 -54.25 65.76 -5.37
CA LYS S 318 -55.58 66.40 -5.48
C LYS S 318 -56.29 65.97 -6.76
N SER S 319 -55.59 66.11 -7.89
CA SER S 319 -56.11 65.70 -9.17
C SER S 319 -56.60 64.25 -9.13
N GLN S 320 -55.82 63.38 -8.49
CA GLN S 320 -56.19 62.00 -8.43
C GLN S 320 -57.61 61.89 -7.92
N LEU S 321 -57.84 62.47 -6.74
CA LEU S 321 -59.16 62.45 -6.08
C LEU S 321 -60.29 62.77 -7.04
N VAL S 322 -60.38 64.04 -7.44
CA VAL S 322 -61.33 64.44 -8.51
C VAL S 322 -61.49 63.47 -9.68
N TRP S 323 -60.37 62.98 -10.20
CA TRP S 323 -60.42 62.03 -11.29
C TRP S 323 -61.21 60.78 -10.90
N MET S 324 -61.13 60.37 -9.64
CA MET S 324 -61.77 59.11 -9.25
C MET S 324 -63.24 59.36 -9.04
N ALA S 325 -63.58 60.61 -8.66
CA ALA S 325 -64.98 61.01 -8.57
C ALA S 325 -65.59 61.21 -9.94
N CYS S 326 -64.78 61.53 -10.94
CA CYS S 326 -65.39 61.64 -12.26
C CYS S 326 -65.84 60.33 -12.91
N HIS S 327 -65.34 59.22 -12.38
CA HIS S 327 -65.83 57.97 -12.89
C HIS S 327 -66.37 56.93 -11.86
N SER S 328 -66.53 57.30 -10.59
CA SER S 328 -67.07 56.32 -9.63
C SER S 328 -66.01 55.17 -9.53
N ALA S 329 -64.75 55.58 -9.34
CA ALA S 329 -63.65 54.62 -9.27
C ALA S 329 -63.16 54.65 -7.86
N ALA S 330 -64.06 54.85 -6.88
CA ALA S 330 -63.59 54.94 -5.47
C ALA S 330 -63.50 53.59 -4.89
N PHE S 331 -63.97 52.55 -5.58
CA PHE S 331 -63.94 51.23 -5.00
C PHE S 331 -63.45 50.34 -6.08
N GLU S 332 -62.73 50.92 -7.05
CA GLU S 332 -62.25 50.10 -8.15
C GLU S 332 -60.89 49.52 -7.72
N ASP S 333 -60.39 48.51 -8.45
CA ASP S 333 -59.10 47.95 -8.12
C ASP S 333 -58.02 48.95 -8.49
N LEU S 334 -57.24 49.46 -7.52
CA LEU S 334 -56.27 50.53 -7.76
C LEU S 334 -55.43 50.18 -8.97
N ARG S 335 -55.14 48.89 -9.12
CA ARG S 335 -54.30 48.41 -10.24
C ARG S 335 -54.84 48.87 -11.55
N VAL S 336 -56.12 48.59 -11.78
CA VAL S 336 -56.77 48.96 -13.03
C VAL S 336 -56.94 50.48 -13.15
N SER S 337 -57.41 51.15 -12.08
CA SER S 337 -57.52 52.59 -12.06
C SER S 337 -56.22 53.22 -12.53
N SER S 338 -55.08 52.78 -12.01
CA SER S 338 -53.80 53.34 -12.42
C SER S 338 -53.46 53.00 -13.85
N PHE S 339 -53.99 51.86 -14.29
CA PHE S 339 -53.62 51.35 -15.57
C PHE S 339 -54.23 52.28 -16.58
N ILE S 340 -55.53 52.51 -16.43
CA ILE S 340 -56.30 53.34 -17.32
C ILE S 340 -55.92 54.84 -17.14
N ARG S 341 -55.71 55.22 -15.88
CA ARG S 341 -55.35 56.56 -15.52
C ARG S 341 -54.11 57.00 -16.25
N GLY S 342 -53.10 56.14 -16.28
CA GLY S 342 -51.91 56.53 -16.97
C GLY S 342 -50.77 56.76 -16.02
N THR S 343 -51.13 56.96 -14.74
CA THR S 343 -50.19 57.24 -13.66
C THR S 343 -50.60 56.62 -12.32
N LYS S 344 -49.68 56.56 -11.38
CA LYS S 344 -50.06 56.00 -10.09
C LYS S 344 -51.39 56.50 -9.49
N VAL S 345 -52.19 55.57 -9.02
CA VAL S 345 -53.41 55.89 -8.35
C VAL S 345 -53.21 55.47 -6.91
N VAL S 346 -52.72 56.42 -6.15
CA VAL S 346 -52.35 56.12 -4.78
C VAL S 346 -53.56 55.91 -3.87
N PRO S 347 -53.46 54.99 -2.89
CA PRO S 347 -54.49 54.68 -1.89
C PRO S 347 -54.87 55.86 -1.05
N ARG S 348 -56.05 55.76 -0.42
CA ARG S 348 -56.63 56.88 0.30
C ARG S 348 -55.70 57.30 1.41
N GLY S 349 -55.25 56.35 2.22
CA GLY S 349 -54.37 56.74 3.34
C GLY S 349 -53.16 57.58 2.92
N LYS S 350 -52.48 57.17 1.86
CA LYS S 350 -51.31 57.84 1.40
C LYS S 350 -51.64 59.06 0.62
N LEU S 351 -52.92 59.37 0.50
CA LEU S 351 -53.34 60.54 -0.22
C LEU S 351 -53.26 61.78 0.59
N SER S 352 -52.59 62.78 0.04
CA SER S 352 -52.45 64.06 0.70
C SER S 352 -53.55 65.09 0.44
N THR S 353 -54.66 64.96 1.14
CA THR S 353 -55.75 65.92 1.00
C THR S 353 -56.90 65.51 1.93
N ARG S 354 -57.68 66.52 2.31
CA ARG S 354 -58.68 66.35 3.34
C ARG S 354 -60.06 66.52 2.70
N GLY S 355 -60.08 67.15 1.53
CA GLY S 355 -61.35 67.38 0.92
C GLY S 355 -61.26 68.55 0.03
N VAL S 356 -62.08 68.52 -1.00
CA VAL S 356 -61.98 69.50 -2.05
C VAL S 356 -62.62 70.83 -1.67
N GLN S 357 -63.69 70.75 -0.87
CA GLN S 357 -64.39 71.95 -0.41
C GLN S 357 -63.61 72.56 0.71
N ILE S 358 -63.68 73.87 0.77
CA ILE S 358 -62.94 74.61 1.76
C ILE S 358 -63.89 74.96 2.91
N ALA S 359 -63.48 74.61 4.12
CA ALA S 359 -64.28 74.88 5.29
C ALA S 359 -64.13 76.32 5.75
N SER S 360 -65.19 76.85 6.40
CA SER S 360 -65.23 78.23 6.97
C SER S 360 -64.11 78.51 8.00
N ASN S 361 -63.54 77.43 8.49
CA ASN S 361 -62.54 77.47 9.49
C ASN S 361 -61.26 78.05 8.93
N GLU S 362 -60.92 77.64 7.70
CA GLU S 362 -59.60 77.89 7.15
C GLU S 362 -59.45 79.30 6.78
N ASN S 363 -58.25 79.72 6.40
CA ASN S 363 -58.09 81.11 6.04
C ASN S 363 -57.61 81.16 4.66
N MET S 364 -57.78 82.29 4.00
CA MET S 364 -57.34 82.44 2.63
C MET S 364 -55.89 82.88 2.46
N GLU S 365 -55.29 83.39 3.53
CA GLU S 365 -53.98 83.99 3.40
C GLU S 365 -53.10 82.88 2.90
N THR S 366 -53.16 81.74 3.57
CA THR S 366 -52.28 80.63 3.24
C THR S 366 -52.98 79.67 2.31
N MET S 367 -53.51 80.19 1.22
CA MET S 367 -54.28 79.35 0.31
C MET S 367 -53.88 79.67 -1.12
N GLU S 368 -53.73 78.65 -1.96
CA GLU S 368 -53.38 78.85 -3.35
C GLU S 368 -54.12 77.79 -4.17
N SER S 369 -53.91 77.77 -5.48
CA SER S 369 -54.74 76.94 -6.35
C SER S 369 -53.93 76.27 -7.45
N SER S 370 -54.23 75.03 -7.78
CA SER S 370 -53.53 74.33 -8.84
C SER S 370 -54.44 73.86 -9.97
N THR S 371 -53.86 73.45 -11.08
CA THR S 371 -54.59 73.00 -12.22
C THR S 371 -54.67 71.48 -12.15
N LEU S 372 -55.92 70.99 -12.16
CA LEU S 372 -56.22 69.60 -11.91
C LEU S 372 -55.87 68.78 -13.12
N GLU S 373 -55.14 67.68 -12.91
CA GLU S 373 -54.82 66.75 -14.00
C GLU S 373 -55.92 65.70 -14.13
N LEU S 374 -56.80 65.89 -15.10
CA LEU S 374 -57.94 64.95 -15.29
C LEU S 374 -57.88 64.03 -16.51
N ARG S 375 -56.87 64.26 -17.35
CA ARG S 375 -56.63 63.43 -18.51
C ARG S 375 -56.37 61.98 -18.07
N SER S 376 -56.69 61.01 -18.94
CA SER S 376 -56.40 59.61 -18.66
C SER S 376 -55.70 58.98 -19.85
N ARG S 377 -55.10 57.82 -19.61
CA ARG S 377 -54.35 57.15 -20.66
C ARG S 377 -55.31 56.50 -21.64
N TYR S 378 -56.06 55.53 -21.16
CA TYR S 378 -57.07 54.88 -21.99
C TYR S 378 -58.43 55.18 -21.38
N TRP S 379 -59.45 54.51 -21.89
CA TRP S 379 -60.80 54.53 -21.37
C TRP S 379 -61.40 53.16 -21.41
N ALA S 380 -62.48 53.00 -20.65
CA ALA S 380 -63.14 51.72 -20.53
C ALA S 380 -64.65 51.79 -20.36
N ILE S 381 -65.38 50.82 -20.93
CA ILE S 381 -66.81 50.95 -20.84
C ILE S 381 -67.25 50.87 -19.37
N ARG S 382 -67.60 51.98 -18.72
CA ARG S 382 -68.01 51.85 -17.31
C ARG S 382 -69.11 50.78 -17.29
N THR S 383 -68.90 49.64 -16.61
CA THR S 383 -69.92 48.54 -16.59
C THR S 383 -70.90 48.61 -15.43
N ARG S 384 -71.78 47.61 -15.40
CA ARG S 384 -72.79 47.46 -14.35
C ARG S 384 -72.64 46.11 -13.66
N SER S 385 -72.35 45.10 -14.47
CA SER S 385 -72.05 43.74 -14.02
C SER S 385 -71.01 43.57 -12.90
N GLY S 386 -71.29 42.71 -11.93
CA GLY S 386 -70.29 42.34 -10.94
C GLY S 386 -69.39 41.15 -11.29
N GLY S 387 -69.43 40.61 -12.54
CA GLY S 387 -68.73 39.33 -12.89
C GLY S 387 -69.29 38.05 -12.25
N ASN S 388 -69.12 36.91 -12.92
CA ASN S 388 -69.44 35.60 -12.29
C ASN S 388 -68.70 34.38 -12.94
N THR S 389 -68.47 33.32 -12.15
CA THR S 389 -67.89 32.07 -12.69
C THR S 389 -68.86 30.87 -12.51
N GLN S 398 -100.14 5.72 0.06
CA GLN S 398 -100.47 5.86 -1.36
C GLN S 398 -99.46 5.16 -2.30
N ILE S 399 -99.78 5.07 -3.59
CA ILE S 399 -98.94 4.37 -4.60
C ILE S 399 -99.02 5.07 -5.98
N SER S 400 -100.08 5.84 -6.13
CA SER S 400 -100.29 6.62 -7.34
C SER S 400 -100.88 7.96 -6.93
N ILE S 401 -100.77 8.93 -7.83
CA ILE S 401 -101.36 10.24 -7.64
C ILE S 401 -102.57 10.46 -8.54
N GLN S 402 -103.71 10.82 -7.93
CA GLN S 402 -104.93 11.21 -8.69
C GLN S 402 -104.82 12.65 -9.15
N PRO S 403 -104.88 12.93 -10.44
CA PRO S 403 -104.62 14.32 -10.84
C PRO S 403 -105.83 15.25 -10.67
N THR S 404 -105.61 16.43 -10.10
CA THR S 404 -106.72 17.33 -9.83
C THR S 404 -106.63 18.50 -10.75
N PHE S 405 -105.49 18.78 -11.34
CA PHE S 405 -105.42 19.94 -12.22
C PHE S 405 -104.83 19.63 -13.59
N SER S 406 -105.00 20.58 -14.50
CA SER S 406 -104.54 20.38 -15.84
C SER S 406 -103.18 21.07 -15.96
N VAL S 407 -102.10 20.32 -15.76
CA VAL S 407 -100.76 20.88 -15.96
C VAL S 407 -99.75 19.85 -16.45
N GLN S 408 -98.65 20.31 -17.02
CA GLN S 408 -97.57 19.41 -17.42
C GLN S 408 -96.88 18.77 -16.22
N ARG S 409 -97.33 17.54 -15.94
CA ARG S 409 -96.87 16.81 -14.77
C ARG S 409 -96.70 15.32 -14.96
N ASN S 410 -95.46 14.87 -14.73
CA ASN S 410 -95.19 13.44 -14.68
C ASN S 410 -96.10 12.82 -13.64
N LEU S 411 -96.96 11.90 -14.02
CA LEU S 411 -97.83 11.39 -12.98
C LEU S 411 -97.24 10.22 -12.21
N PRO S 412 -96.94 10.39 -10.91
CA PRO S 412 -96.33 9.33 -10.05
C PRO S 412 -97.14 8.11 -9.71
N SER S 431 -83.38 23.93 1.30
CA SER S 431 -83.07 23.86 2.75
C SER S 431 -82.94 25.27 3.32
N ASP S 432 -81.71 25.68 3.62
CA ASP S 432 -81.44 27.08 3.96
C ASP S 432 -80.86 27.69 2.70
N MET S 433 -81.50 28.70 2.12
CA MET S 433 -80.94 29.28 0.90
C MET S 433 -79.53 29.86 1.15
N ARG S 434 -79.23 30.11 2.43
CA ARG S 434 -77.90 30.52 2.87
C ARG S 434 -76.89 29.53 2.36
N THR S 435 -77.13 28.28 2.69
CA THR S 435 -76.27 27.16 2.30
C THR S 435 -75.92 27.23 0.81
N GLU S 436 -76.95 27.40 -0.02
CA GLU S 436 -76.76 27.47 -1.44
C GLU S 436 -75.64 28.48 -1.74
N ILE S 437 -75.76 29.68 -1.19
CA ILE S 437 -74.81 30.76 -1.42
C ILE S 437 -73.45 30.46 -0.82
N ILE S 438 -73.46 30.09 0.45
CA ILE S 438 -72.22 29.75 1.14
C ILE S 438 -71.43 28.74 0.32
N ARG S 439 -72.14 27.82 -0.32
CA ARG S 439 -71.54 26.82 -1.18
C ARG S 439 -71.00 27.48 -2.45
N LEU S 440 -71.65 28.55 -2.90
CA LEU S 440 -71.21 29.23 -4.10
C LEU S 440 -70.05 30.11 -3.75
N MET S 441 -70.29 31.04 -2.78
CA MET S 441 -69.16 31.74 -2.10
C MET S 441 -67.79 30.97 -2.11
N GLU S 442 -67.79 29.76 -1.52
CA GLU S 442 -66.65 28.85 -1.49
C GLU S 442 -65.85 28.66 -2.78
N SER S 443 -66.52 28.19 -3.84
CA SER S 443 -65.79 27.80 -5.05
C SER S 443 -65.12 28.99 -5.68
N ALA S 444 -65.42 30.16 -5.13
CA ALA S 444 -64.95 31.43 -5.68
C ALA S 444 -63.53 31.81 -5.24
N ARG S 445 -62.65 32.00 -6.23
CA ARG S 445 -61.29 32.48 -5.96
C ARG S 445 -61.03 33.93 -6.41
N PRO S 446 -60.27 34.68 -5.59
CA PRO S 446 -60.06 36.08 -5.88
C PRO S 446 -59.42 36.22 -7.21
N GLU S 447 -58.65 35.21 -7.61
CA GLU S 447 -57.98 35.19 -8.94
C GLU S 447 -58.91 34.96 -10.10
N ASP S 448 -60.17 34.61 -9.80
CA ASP S 448 -61.19 34.33 -10.83
C ASP S 448 -61.41 35.47 -11.78
N VAL S 449 -61.03 35.27 -13.03
CA VAL S 449 -61.05 36.30 -14.06
C VAL S 449 -62.49 36.71 -14.36
N SER S 450 -62.80 38.02 -14.35
CA SER S 450 -64.11 38.56 -14.84
C SER S 450 -64.03 39.38 -16.15
N PHE S 451 -65.19 39.67 -16.75
CA PHE S 451 -65.24 40.45 -17.99
C PHE S 451 -64.27 39.85 -19.02
N GLN S 452 -64.34 38.53 -19.15
CA GLN S 452 -63.45 37.79 -20.05
C GLN S 452 -63.49 38.42 -21.45
N GLY S 453 -62.34 38.67 -22.07
CA GLY S 453 -62.34 39.32 -23.37
C GLY S 453 -62.50 40.86 -23.45
N ARG S 454 -63.23 41.45 -22.47
CA ARG S 454 -63.39 42.91 -22.35
C ARG S 454 -62.06 43.55 -22.09
N GLY S 455 -61.80 44.71 -22.70
CA GLY S 455 -60.52 45.40 -22.53
C GLY S 455 -60.64 46.91 -22.41
N VAL S 456 -59.55 47.60 -22.74
CA VAL S 456 -59.50 49.06 -22.55
C VAL S 456 -59.36 49.64 -23.92
N PHE S 457 -59.82 50.87 -24.08
CA PHE S 457 -59.73 51.44 -25.40
C PHE S 457 -58.85 52.66 -25.41
N GLU S 458 -58.12 52.83 -26.50
CA GLU S 458 -57.36 54.04 -26.73
C GLU S 458 -58.35 55.21 -26.83
N LEU S 459 -57.83 56.42 -26.61
CA LEU S 459 -58.68 57.58 -26.67
C LEU S 459 -58.93 58.00 -28.10
N SER S 460 -58.19 57.43 -29.08
CA SER S 460 -58.49 57.63 -30.49
C SER S 460 -59.66 56.72 -30.92
N ASP S 461 -59.77 55.56 -30.29
CA ASP S 461 -60.74 54.54 -30.69
C ASP S 461 -62.13 54.92 -30.29
N GLU S 462 -62.71 55.77 -31.12
CA GLU S 462 -64.00 56.38 -30.81
C GLU S 462 -65.09 55.35 -30.69
N LYS S 463 -65.13 54.53 -31.72
CA LYS S 463 -65.97 53.36 -31.81
C LYS S 463 -65.41 52.35 -30.82
N ALA S 464 -66.21 51.36 -30.45
CA ALA S 464 -65.63 50.35 -29.55
C ALA S 464 -64.83 49.26 -30.29
N THR S 465 -64.31 49.62 -31.45
CA THR S 465 -63.64 48.71 -32.33
C THR S 465 -62.63 47.80 -31.71
N SER S 466 -61.40 48.27 -31.52
CA SER S 466 -60.33 47.41 -31.01
C SER S 466 -60.02 47.54 -29.51
N PRO S 467 -60.22 46.43 -28.77
CA PRO S 467 -60.05 46.34 -27.30
C PRO S 467 -58.61 46.02 -26.93
N ILE S 468 -58.19 46.32 -25.70
CA ILE S 468 -56.82 46.06 -25.29
C ILE S 468 -56.88 45.39 -23.98
N VAL S 469 -56.18 44.26 -23.88
CA VAL S 469 -56.19 43.49 -22.65
C VAL S 469 -54.97 43.81 -21.77
N PRO S 470 -55.21 44.22 -20.53
CA PRO S 470 -54.13 44.55 -19.60
C PRO S 470 -53.58 43.34 -18.90
N SER S 471 -52.27 43.36 -18.73
CA SER S 471 -51.58 42.28 -18.07
C SER S 471 -51.02 42.92 -16.82
N PHE S 472 -51.46 42.47 -15.65
CA PHE S 472 -51.01 43.06 -14.37
C PHE S 472 -49.70 42.53 -13.74
N ASP S 473 -49.00 41.62 -14.43
CA ASP S 473 -47.71 41.16 -13.95
C ASP S 473 -46.92 42.47 -13.87
N MET S 474 -46.68 42.95 -12.65
CA MET S 474 -46.13 44.31 -12.49
C MET S 474 -45.92 44.72 -11.04
N SER S 475 -45.08 45.71 -10.79
CA SER S 475 -44.88 46.15 -9.41
C SER S 475 -45.96 47.12 -9.16
N ASN S 476 -47.09 46.62 -8.66
CA ASN S 476 -48.28 47.44 -8.44
C ASN S 476 -48.18 48.18 -7.11
N GLU S 477 -49.30 48.71 -6.62
CA GLU S 477 -49.29 49.47 -5.37
C GLU S 477 -50.58 49.20 -4.56
N GLY S 478 -51.04 47.95 -4.53
CA GLY S 478 -52.33 47.69 -3.85
C GLY S 478 -53.53 47.53 -4.78
N SER S 479 -54.67 47.22 -4.18
CA SER S 479 -55.89 47.11 -4.91
C SER S 479 -57.05 47.80 -4.18
N TYR S 480 -56.94 48.05 -2.91
CA TYR S 480 -58.00 48.62 -2.13
C TYR S 480 -57.80 50.11 -1.81
N PHE S 481 -58.38 51.01 -2.61
CA PHE S 481 -58.31 52.43 -2.28
C PHE S 481 -58.51 52.71 -0.79
N PHE S 482 -59.28 51.87 -0.08
CA PHE S 482 -59.51 52.10 1.34
C PHE S 482 -58.88 51.02 2.27
N ASN T 14 -88.23 54.69 -41.98
CA ASN T 14 -87.44 55.65 -41.13
C ASN T 14 -88.09 57.04 -41.00
N ALA T 15 -88.91 57.10 -39.95
CA ALA T 15 -89.67 58.28 -39.58
C ALA T 15 -88.87 59.24 -38.69
N THR T 16 -87.55 59.11 -38.67
CA THR T 16 -86.77 59.98 -37.80
C THR T 16 -86.32 61.21 -38.55
N GLU T 17 -85.42 61.03 -39.51
CA GLU T 17 -84.88 62.16 -40.25
C GLU T 17 -86.00 62.76 -41.07
N ILE T 18 -86.45 62.02 -42.09
CA ILE T 18 -87.45 62.48 -43.04
C ILE T 18 -88.65 63.17 -42.36
N ARG T 19 -89.24 62.57 -41.33
CA ARG T 19 -90.43 63.17 -40.74
C ARG T 19 -90.14 64.34 -39.81
N ALA T 20 -88.97 64.33 -39.20
CA ALA T 20 -88.68 65.30 -38.18
C ALA T 20 -87.78 66.41 -38.72
N SER T 21 -86.96 66.09 -39.70
CA SER T 21 -86.10 67.09 -40.31
C SER T 21 -86.91 68.07 -41.16
N VAL T 22 -88.07 67.59 -41.61
CA VAL T 22 -88.85 68.42 -42.49
C VAL T 22 -89.77 69.23 -41.59
N GLY T 23 -89.98 68.67 -40.39
CA GLY T 23 -90.68 69.39 -39.36
C GLY T 23 -89.89 70.61 -38.91
N LYS T 24 -88.58 70.44 -38.93
CA LYS T 24 -87.72 71.48 -38.47
C LYS T 24 -87.71 72.56 -39.52
N MET T 25 -87.94 72.17 -40.76
CA MET T 25 -87.92 73.22 -41.77
C MET T 25 -89.26 73.95 -41.75
N ILE T 26 -90.30 73.27 -41.25
CA ILE T 26 -91.60 73.85 -41.17
C ILE T 26 -91.64 74.83 -39.99
N ASP T 27 -91.02 74.45 -38.86
CA ASP T 27 -90.88 75.30 -37.67
C ASP T 27 -90.23 76.60 -38.07
N GLY T 28 -89.26 76.54 -38.98
CA GLY T 28 -88.56 77.76 -39.29
C GLY T 28 -89.52 78.75 -39.92
N ILE T 29 -90.31 78.27 -40.87
CA ILE T 29 -91.16 79.14 -41.63
C ILE T 29 -92.14 79.74 -40.64
N GLY T 30 -92.67 78.89 -39.76
CA GLY T 30 -93.62 79.32 -38.74
C GLY T 30 -93.03 80.46 -37.91
N ARG T 31 -92.11 80.11 -37.02
CA ARG T 31 -91.34 81.06 -36.25
C ARG T 31 -91.05 82.33 -37.02
N PHE T 32 -90.45 82.24 -38.21
CA PHE T 32 -90.17 83.43 -38.97
C PHE T 32 -91.46 84.30 -39.22
N TYR T 33 -92.47 83.70 -39.82
CA TYR T 33 -93.72 84.37 -40.04
C TYR T 33 -94.23 85.07 -38.81
N ILE T 34 -94.11 84.44 -37.65
CA ILE T 34 -94.53 85.05 -36.42
C ILE T 34 -93.66 86.31 -36.13
N GLN T 35 -92.36 86.17 -36.24
CA GLN T 35 -91.42 87.30 -36.00
C GLN T 35 -91.74 88.45 -36.90
N MET T 36 -91.82 88.11 -38.15
CA MET T 36 -92.14 89.10 -39.16
C MET T 36 -93.50 89.72 -38.95
N CYS T 37 -94.48 88.96 -38.47
CA CYS T 37 -95.70 89.62 -38.15
C CYS T 37 -95.51 90.56 -36.98
N THR T 38 -94.73 90.14 -36.02
CA THR T 38 -94.50 91.00 -34.84
C THR T 38 -93.82 92.34 -35.22
N GLU T 39 -93.08 92.37 -36.33
CA GLU T 39 -92.44 93.60 -36.77
C GLU T 39 -93.49 94.51 -37.36
N LEU T 40 -94.20 93.98 -38.34
CA LEU T 40 -95.22 94.77 -38.98
C LEU T 40 -96.31 95.20 -38.01
N LYS T 41 -96.24 94.68 -36.79
CA LYS T 41 -97.23 95.00 -35.78
C LYS T 41 -98.61 94.70 -36.31
N LEU T 42 -98.78 93.67 -37.15
CA LEU T 42 -100.13 93.18 -37.55
C LEU T 42 -100.94 92.50 -36.43
N SER T 43 -102.25 92.42 -36.66
CA SER T 43 -103.16 91.76 -35.72
C SER T 43 -103.29 90.28 -36.05
N ASP T 44 -104.08 89.57 -35.24
CA ASP T 44 -104.32 88.16 -35.50
C ASP T 44 -105.08 88.01 -36.79
N TYR T 45 -106.16 88.75 -36.96
CA TYR T 45 -106.89 88.64 -38.19
C TYR T 45 -106.04 89.08 -39.34
N GLU T 46 -105.15 90.01 -39.08
CA GLU T 46 -104.35 90.56 -40.16
C GLU T 46 -103.11 89.72 -40.44
N GLY T 47 -102.87 88.69 -39.64
CA GLY T 47 -101.74 87.82 -39.89
C GLY T 47 -102.24 86.59 -40.58
N ARG T 48 -103.56 86.44 -40.60
CA ARG T 48 -104.17 85.28 -41.22
C ARG T 48 -104.64 85.55 -42.63
N LEU T 49 -104.29 86.76 -43.10
CA LEU T 49 -104.70 87.22 -44.40
C LEU T 49 -103.75 86.70 -45.47
N ILE T 50 -104.15 85.65 -46.13
CA ILE T 50 -103.28 85.09 -47.12
C ILE T 50 -102.57 86.10 -47.95
N GLN T 51 -103.20 87.25 -48.16
CA GLN T 51 -102.61 88.37 -48.89
C GLN T 51 -101.30 88.78 -48.21
N ASN T 52 -101.39 89.32 -47.00
CA ASN T 52 -100.19 89.69 -46.29
C ASN T 52 -99.23 88.55 -46.22
N SER T 53 -99.67 87.32 -45.98
CA SER T 53 -98.71 86.24 -45.88
C SER T 53 -97.88 86.20 -47.14
N LEU T 54 -98.54 86.17 -48.28
CA LEU T 54 -97.82 86.14 -49.55
C LEU T 54 -96.74 87.18 -49.68
N THR T 55 -97.13 88.41 -49.45
CA THR T 55 -96.19 89.50 -49.54
C THR T 55 -94.95 89.17 -48.72
N ILE T 56 -95.16 88.73 -47.47
CA ILE T 56 -94.03 88.39 -46.65
C ILE T 56 -93.16 87.30 -47.26
N GLU T 57 -93.80 86.27 -47.79
CA GLU T 57 -93.06 85.15 -48.30
C GLU T 57 -92.17 85.60 -49.43
N ARG T 58 -92.68 86.49 -50.26
CA ARG T 58 -91.93 86.92 -51.42
C ARG T 58 -90.78 87.89 -51.03
N MET T 59 -91.03 88.81 -50.08
CA MET T 59 -90.00 89.65 -49.43
C MET T 59 -88.79 88.87 -49.05
N VAL T 60 -89.00 87.59 -48.80
CA VAL T 60 -87.92 86.85 -48.23
C VAL T 60 -87.20 86.16 -49.32
N LEU T 61 -87.93 85.53 -50.22
CA LEU T 61 -87.31 84.80 -51.28
C LEU T 61 -86.52 85.77 -52.17
N SER T 62 -87.02 87.01 -52.29
CA SER T 62 -86.33 88.05 -53.03
C SER T 62 -85.01 88.37 -52.32
N ALA T 63 -85.10 88.58 -51.01
CA ALA T 63 -83.91 88.96 -50.26
C ALA T 63 -82.87 87.85 -50.25
N PHE T 64 -83.27 86.60 -50.39
CA PHE T 64 -82.29 85.55 -50.38
C PHE T 64 -81.94 85.13 -51.80
N ASP T 65 -82.17 86.02 -52.76
CA ASP T 65 -81.96 85.73 -54.20
C ASP T 65 -82.24 86.94 -55.13
N THR T 85 -86.10 94.86 -49.88
CA THR T 85 -87.31 94.73 -50.72
C THR T 85 -88.50 95.11 -49.92
N GLY T 86 -89.63 95.25 -50.60
CA GLY T 86 -90.85 95.75 -49.98
C GLY T 86 -92.02 94.96 -50.53
N GLY T 87 -93.23 95.43 -50.26
CA GLY T 87 -94.41 94.75 -50.79
C GLY T 87 -95.70 95.32 -50.23
N PRO T 88 -96.84 94.81 -50.76
CA PRO T 88 -98.18 95.28 -50.43
C PRO T 88 -98.65 94.68 -49.10
N ILE T 89 -99.02 95.54 -48.17
CA ILE T 89 -99.46 95.05 -46.86
C ILE T 89 -100.80 95.63 -46.46
N TYR T 90 -101.81 94.79 -46.36
CA TYR T 90 -103.16 95.26 -46.05
C TYR T 90 -103.50 95.31 -44.57
N ARG T 91 -104.11 96.42 -44.19
CA ARG T 91 -104.40 96.71 -42.80
C ARG T 91 -105.89 96.85 -42.61
N ARG T 92 -106.36 96.63 -41.38
CA ARG T 92 -107.80 96.68 -41.11
C ARG T 92 -108.17 97.86 -40.22
N VAL T 93 -108.86 98.85 -40.78
CA VAL T 93 -109.39 99.95 -39.94
C VAL T 93 -110.91 99.87 -39.87
N ASP T 94 -111.51 100.48 -38.84
CA ASP T 94 -112.98 100.51 -38.68
C ASP T 94 -113.65 100.36 -40.04
N GLY T 95 -114.19 99.18 -40.36
CA GLY T 95 -114.95 99.01 -41.59
C GLY T 95 -114.20 98.53 -42.79
N LYS T 96 -113.21 99.31 -43.25
CA LYS T 96 -112.54 99.09 -44.56
C LYS T 96 -111.09 98.69 -44.52
N TRP T 97 -110.57 98.20 -45.65
CA TRP T 97 -109.20 97.68 -45.63
C TRP T 97 -108.21 98.64 -46.24
N ARG T 98 -107.12 98.91 -45.54
CA ARG T 98 -106.15 99.87 -46.02
C ARG T 98 -104.88 99.16 -46.50
N ARG T 99 -104.51 99.41 -47.75
CA ARG T 99 -103.30 98.81 -48.32
C ARG T 99 -102.07 99.68 -48.03
N GLU T 100 -101.07 99.16 -47.35
CA GLU T 100 -99.81 99.88 -47.15
C GLU T 100 -98.68 99.40 -48.06
N LEU T 101 -98.00 100.35 -48.68
CA LEU T 101 -96.88 99.98 -49.52
C LEU T 101 -95.64 100.14 -48.69
N ILE T 102 -94.95 99.05 -48.33
CA ILE T 102 -93.79 99.18 -47.43
C ILE T 102 -92.53 98.55 -47.94
N LEU T 103 -91.41 98.95 -47.33
CA LEU T 103 -90.08 98.45 -47.72
C LEU T 103 -89.25 98.03 -46.50
N TYR T 104 -88.46 96.98 -46.62
CA TYR T 104 -87.62 96.49 -45.51
C TYR T 104 -86.15 96.26 -45.91
N ASP T 105 -85.24 96.41 -44.95
CA ASP T 105 -83.86 96.18 -45.26
C ASP T 105 -83.65 94.79 -45.80
N LYS T 106 -83.36 94.68 -47.10
CA LYS T 106 -83.17 93.33 -47.66
C LYS T 106 -82.34 92.43 -46.74
N GLU T 107 -81.46 93.01 -45.92
CA GLU T 107 -80.58 92.19 -45.09
C GLU T 107 -81.24 91.93 -43.78
N GLU T 108 -81.92 92.95 -43.28
CA GLU T 108 -82.68 92.73 -42.10
C GLU T 108 -83.54 91.46 -42.26
N ILE T 109 -84.15 91.31 -43.43
CA ILE T 109 -85.03 90.15 -43.69
C ILE T 109 -84.23 88.90 -43.60
N ARG T 110 -83.05 88.93 -44.20
CA ARG T 110 -82.20 87.77 -44.18
C ARG T 110 -81.74 87.47 -42.75
N ARG T 111 -81.64 88.52 -41.95
CA ARG T 111 -81.22 88.35 -40.58
C ARG T 111 -82.31 87.63 -39.75
N ILE T 112 -83.51 88.18 -39.87
CA ILE T 112 -84.64 87.64 -39.12
C ILE T 112 -84.90 86.20 -39.49
N TRP T 113 -84.76 85.89 -40.79
CA TRP T 113 -84.94 84.55 -41.29
C TRP T 113 -84.04 83.59 -40.53
N ARG T 114 -82.72 83.82 -40.54
CA ARG T 114 -81.79 82.85 -39.94
C ARG T 114 -82.06 82.76 -38.43
N GLN T 115 -82.29 83.91 -37.82
CA GLN T 115 -82.65 83.89 -36.44
C GLN T 115 -83.65 82.79 -36.16
N ALA T 116 -84.66 82.67 -37.05
CA ALA T 116 -85.73 81.69 -36.84
C ALA T 116 -85.20 80.31 -37.07
N ASN T 117 -84.42 80.10 -38.11
CA ASN T 117 -83.79 78.77 -38.36
C ASN T 117 -82.47 78.47 -37.66
N ASN T 118 -82.26 79.04 -36.47
CA ASN T 118 -81.00 78.82 -35.78
C ASN T 118 -79.75 79.33 -36.51
N GLY T 119 -79.89 80.41 -37.25
CA GLY T 119 -78.75 80.92 -37.98
C GLY T 119 -78.38 80.04 -39.15
N ASP T 120 -79.25 79.06 -39.45
CA ASP T 120 -79.06 78.26 -40.64
C ASP T 120 -79.61 78.94 -41.87
N ASP T 121 -79.39 78.30 -43.01
CA ASP T 121 -79.87 78.88 -44.26
C ASP T 121 -81.25 78.33 -44.58
N ALA T 122 -81.38 77.05 -44.26
CA ALA T 122 -82.57 76.28 -44.47
C ALA T 122 -83.06 76.57 -45.87
N THR T 123 -82.27 76.19 -46.87
CA THR T 123 -82.68 76.44 -48.27
C THR T 123 -83.98 75.73 -48.50
N ALA T 124 -84.09 74.55 -47.92
CA ALA T 124 -85.35 73.83 -47.98
C ALA T 124 -86.53 74.75 -47.69
N GLY T 125 -86.42 75.47 -46.58
CA GLY T 125 -87.48 76.38 -46.20
C GLY T 125 -87.88 77.40 -47.24
N LEU T 126 -86.92 78.02 -47.89
CA LEU T 126 -87.20 79.06 -48.87
C LEU T 126 -87.77 78.37 -50.09
N THR T 127 -87.23 77.19 -50.37
CA THR T 127 -87.61 76.41 -51.51
C THR T 127 -89.05 76.00 -51.29
N HIS T 128 -89.45 75.81 -50.03
CA HIS T 128 -90.81 75.36 -49.72
C HIS T 128 -91.82 76.42 -50.12
N MET T 129 -91.53 77.68 -49.83
CA MET T 129 -92.44 78.75 -50.13
C MET T 129 -92.23 79.02 -51.58
N MET T 130 -91.12 78.52 -52.11
CA MET T 130 -90.80 78.69 -53.53
C MET T 130 -91.83 77.84 -54.25
N ILE T 131 -92.23 76.74 -53.65
CA ILE T 131 -93.22 75.86 -54.29
C ILE T 131 -94.67 76.29 -54.04
N TRP T 132 -94.90 76.77 -52.84
CA TRP T 132 -96.25 77.12 -52.50
C TRP T 132 -96.65 78.14 -53.53
N HIS T 133 -95.71 78.97 -53.92
CA HIS T 133 -95.99 79.99 -54.88
C HIS T 133 -96.22 79.28 -56.19
N SER T 134 -95.36 78.32 -56.48
CA SER T 134 -95.49 77.61 -57.75
C SER T 134 -96.90 77.01 -57.89
N ASN T 135 -97.27 76.22 -56.91
CA ASN T 135 -98.47 75.48 -57.00
C ASN T 135 -99.72 76.35 -57.10
N LEU T 136 -99.60 77.58 -56.58
CA LEU T 136 -100.60 78.60 -56.67
C LEU T 136 -100.61 79.17 -58.06
N ASN T 137 -99.49 79.18 -58.72
CA ASN T 137 -99.44 79.84 -60.00
C ASN T 137 -99.86 78.86 -61.08
N ASP T 138 -99.57 77.61 -60.85
CA ASP T 138 -99.93 76.61 -61.78
C ASP T 138 -101.47 76.39 -61.77
N ALA T 139 -102.13 76.99 -60.78
CA ALA T 139 -103.58 76.88 -60.69
C ALA T 139 -104.31 78.17 -60.95
N THR T 140 -103.68 79.31 -60.66
CA THR T 140 -104.32 80.59 -60.89
C THR T 140 -104.24 80.91 -62.35
N TYR T 141 -103.12 80.51 -63.00
CA TYR T 141 -102.85 80.87 -64.41
C TYR T 141 -102.59 79.75 -65.39
N GLN T 142 -102.85 80.04 -66.65
CA GLN T 142 -102.59 79.10 -67.70
C GLN T 142 -101.52 79.69 -68.57
N ARG T 143 -100.46 78.93 -68.77
CA ARG T 143 -99.25 79.51 -69.38
C ARG T 143 -99.15 79.08 -70.83
N THR T 144 -100.02 79.65 -71.66
CA THR T 144 -100.11 79.24 -73.06
C THR T 144 -99.13 80.06 -73.88
N ARG T 145 -99.14 81.37 -73.62
CA ARG T 145 -98.28 82.31 -74.37
C ARG T 145 -96.85 81.76 -74.48
N ALA T 146 -96.36 81.20 -73.38
CA ALA T 146 -95.03 80.68 -73.31
C ALA T 146 -94.84 79.35 -74.02
N LEU T 147 -95.86 78.49 -73.97
CA LEU T 147 -95.72 77.13 -74.56
C LEU T 147 -95.55 77.19 -76.09
N VAL T 148 -96.39 78.03 -76.68
CA VAL T 148 -96.48 78.19 -78.12
C VAL T 148 -95.22 78.89 -78.65
N ARG T 149 -94.88 80.01 -77.99
CA ARG T 149 -93.67 80.74 -78.31
C ARG T 149 -92.43 79.83 -78.18
N THR T 150 -92.52 78.79 -77.36
CA THR T 150 -91.50 77.74 -77.32
C THR T 150 -91.68 76.72 -78.43
N GLY T 151 -92.94 76.45 -78.82
CA GLY T 151 -93.17 75.53 -79.93
C GLY T 151 -93.70 74.22 -79.38
N MET T 152 -94.45 74.38 -78.29
CA MET T 152 -95.15 73.29 -77.57
C MET T 152 -96.65 73.49 -77.78
N ASP T 153 -97.40 72.41 -77.83
CA ASP T 153 -98.83 72.58 -78.05
C ASP T 153 -99.54 73.11 -76.79
N PRO T 154 -100.35 74.20 -76.91
CA PRO T 154 -101.04 74.82 -75.76
C PRO T 154 -101.85 73.83 -74.98
N ARG T 155 -102.34 72.81 -75.65
CA ARG T 155 -103.01 71.73 -74.96
C ARG T 155 -102.11 70.82 -74.14
N MET T 156 -100.88 71.24 -73.88
CA MET T 156 -99.96 70.44 -73.05
C MET T 156 -99.86 70.99 -71.64
N CYS T 157 -100.95 71.64 -71.18
CA CYS T 157 -101.11 72.14 -69.80
C CYS T 157 -100.70 71.20 -68.70
N SER T 158 -101.24 69.98 -68.71
CA SER T 158 -101.00 68.95 -67.67
C SER T 158 -99.53 68.47 -67.51
N LEU T 159 -98.63 69.08 -68.26
CA LEU T 159 -97.26 68.68 -68.30
C LEU T 159 -96.43 69.88 -67.86
N MET T 160 -97.03 71.04 -67.66
CA MET T 160 -96.25 72.21 -67.24
C MET T 160 -96.24 72.48 -65.71
N GLN T 161 -96.25 71.43 -64.91
CA GLN T 161 -96.20 71.58 -63.48
C GLN T 161 -94.87 72.15 -62.91
N GLY T 162 -94.89 73.42 -62.54
CA GLY T 162 -93.73 74.00 -61.97
C GLY T 162 -92.98 74.79 -63.03
N SER T 163 -93.63 75.15 -64.13
CA SER T 163 -92.96 75.97 -65.07
C SER T 163 -92.56 77.34 -64.45
N THR T 164 -93.19 77.75 -63.35
CA THR T 164 -92.93 79.09 -62.79
C THR T 164 -91.82 79.03 -61.78
N LEU T 165 -91.47 77.80 -61.45
CA LEU T 165 -90.62 77.57 -60.32
C LEU T 165 -89.19 77.92 -60.65
N PRO T 166 -88.68 79.02 -60.07
CA PRO T 166 -87.29 79.44 -60.37
C PRO T 166 -86.30 78.24 -60.36
N ARG T 167 -85.39 78.24 -61.33
CA ARG T 167 -84.29 77.27 -61.40
C ARG T 167 -83.52 77.14 -60.07
N ARG T 168 -83.40 78.25 -59.32
CA ARG T 168 -82.83 78.25 -57.98
C ARG T 168 -83.45 77.14 -57.09
N SER T 169 -84.66 76.71 -57.40
CA SER T 169 -85.29 75.64 -56.63
C SER T 169 -84.32 74.51 -56.41
N GLY T 170 -84.49 73.82 -55.31
CA GLY T 170 -83.57 72.74 -54.99
C GLY T 170 -83.74 71.46 -55.77
N ALA T 171 -83.03 70.45 -55.34
CA ALA T 171 -83.08 69.17 -56.00
C ALA T 171 -84.48 68.51 -55.85
N ALA T 172 -85.14 68.75 -54.71
CA ALA T 172 -86.41 68.10 -54.39
C ALA T 172 -87.47 69.10 -54.85
N GLY T 173 -86.96 70.24 -55.33
CA GLY T 173 -87.76 71.24 -56.02
C GLY T 173 -88.05 70.92 -57.48
N ALA T 174 -87.12 70.26 -58.16
CA ALA T 174 -87.33 69.94 -59.55
C ALA T 174 -88.14 68.67 -59.63
N ALA T 175 -88.01 67.76 -58.66
CA ALA T 175 -88.81 66.50 -58.71
C ALA T 175 -90.33 66.71 -58.85
N VAL T 176 -90.76 67.93 -58.55
CA VAL T 176 -92.17 68.26 -58.56
C VAL T 176 -92.54 68.64 -59.97
N LYS T 177 -91.52 68.98 -60.79
CA LYS T 177 -91.74 69.40 -62.19
C LYS T 177 -92.38 68.39 -63.16
N GLY T 178 -93.31 68.87 -63.99
CA GLY T 178 -93.88 68.00 -65.01
C GLY T 178 -92.94 67.81 -66.19
N VAL T 179 -93.13 66.72 -66.93
CA VAL T 179 -92.28 66.35 -68.08
C VAL T 179 -92.19 67.55 -69.06
N GLY T 180 -93.36 68.10 -69.38
CA GLY T 180 -93.46 69.24 -70.20
C GLY T 180 -92.68 70.40 -69.65
N THR T 181 -92.45 70.43 -68.35
CA THR T 181 -91.80 71.63 -67.79
C THR T 181 -90.35 71.65 -68.26
N MET T 182 -89.78 70.46 -68.29
CA MET T 182 -88.39 70.34 -68.54
C MET T 182 -88.10 70.72 -69.97
N VAL T 183 -88.89 70.14 -70.87
CA VAL T 183 -88.85 70.43 -72.30
C VAL T 183 -88.86 71.95 -72.64
N MET T 184 -89.71 72.75 -72.02
CA MET T 184 -89.75 74.15 -72.34
C MET T 184 -88.40 74.84 -72.10
N GLU T 185 -87.62 74.24 -71.18
CA GLU T 185 -86.32 74.78 -70.75
C GLU T 185 -85.22 74.45 -71.75
N LEU T 186 -84.89 73.15 -71.82
CA LEU T 186 -84.00 72.65 -72.81
C LEU T 186 -84.25 73.28 -74.20
N ILE T 187 -85.49 73.22 -74.68
CA ILE T 187 -85.87 73.86 -75.94
C ILE T 187 -85.46 75.35 -76.00
N ARG T 188 -85.47 76.07 -74.88
CA ARG T 188 -85.07 77.48 -74.98
C ARG T 188 -83.57 77.58 -74.87
N MET T 189 -83.03 76.73 -74.00
CA MET T 189 -81.57 76.68 -73.79
C MET T 189 -80.97 76.32 -75.14
N ILE T 190 -81.45 75.21 -75.73
CA ILE T 190 -81.09 74.80 -77.10
C ILE T 190 -81.45 75.85 -78.17
N LYS T 191 -82.69 76.35 -78.19
CA LYS T 191 -83.12 77.27 -79.27
C LYS T 191 -82.23 78.52 -79.41
N ARG T 192 -81.88 79.16 -78.31
CA ARG T 192 -81.00 80.32 -78.45
C ARG T 192 -79.53 79.98 -78.85
N GLY T 193 -79.02 78.88 -78.25
CA GLY T 193 -77.66 78.33 -78.54
C GLY T 193 -77.56 77.85 -79.97
N ILE T 194 -78.33 76.83 -80.32
CA ILE T 194 -78.39 76.33 -81.69
C ILE T 194 -78.87 77.44 -82.60
N ASN T 195 -79.43 78.44 -82.19
CA ASN T 195 -79.74 79.57 -83.08
C ASN T 195 -78.47 80.40 -83.15
N ARG T 206 -69.98 77.36 -71.79
CA ARG T 206 -68.98 76.31 -71.65
C ARG T 206 -69.45 75.17 -70.74
N ARG T 207 -69.58 75.51 -69.46
CA ARG T 207 -70.01 74.61 -68.41
C ARG T 207 -71.48 74.26 -68.61
N THR T 208 -72.16 75.04 -69.45
CA THR T 208 -73.56 74.84 -69.83
C THR T 208 -73.91 73.41 -70.22
N ARG T 209 -72.91 72.60 -70.52
CA ARG T 209 -73.11 71.19 -70.92
C ARG T 209 -73.58 70.21 -69.82
N ILE T 210 -72.89 70.20 -68.68
CA ILE T 210 -73.27 69.34 -67.55
C ILE T 210 -74.74 69.54 -67.18
N ALA T 211 -75.23 70.78 -67.32
CA ALA T 211 -76.64 71.13 -67.15
C ALA T 211 -77.46 70.29 -68.09
N TYR T 212 -77.24 70.48 -69.40
CA TYR T 212 -78.05 69.84 -70.44
C TYR T 212 -78.19 68.34 -70.20
N GLU T 213 -77.08 67.65 -69.95
CA GLU T 213 -77.12 66.18 -69.74
C GLU T 213 -77.94 65.84 -68.53
N ARG T 214 -77.65 66.52 -67.42
CA ARG T 214 -78.42 66.29 -66.21
C ARG T 214 -79.89 66.62 -66.41
N MET T 215 -80.17 67.82 -66.93
CA MET T 215 -81.52 68.25 -67.20
C MET T 215 -82.21 67.15 -67.95
N CYS T 216 -81.47 66.37 -68.74
CA CYS T 216 -82.12 65.25 -69.45
C CYS T 216 -82.25 64.03 -68.54
N ASN T 217 -81.28 63.87 -67.64
CA ASN T 217 -81.27 62.65 -66.82
C ASN T 217 -82.46 62.67 -65.92
N ILE T 218 -82.71 63.88 -65.39
CA ILE T 218 -83.93 64.21 -64.65
C ILE T 218 -85.12 63.94 -65.54
N LEU T 219 -85.07 64.56 -66.72
CA LEU T 219 -86.09 64.40 -67.72
C LEU T 219 -86.34 62.91 -67.81
N LYS T 220 -85.27 62.13 -68.01
CA LYS T 220 -85.43 60.70 -68.29
C LYS T 220 -85.98 59.99 -67.09
N GLY T 221 -85.65 60.53 -65.91
CA GLY T 221 -86.06 59.89 -64.69
C GLY T 221 -87.53 60.13 -64.42
N LYS T 222 -88.16 60.95 -65.28
CA LYS T 222 -89.59 61.16 -65.22
C LYS T 222 -90.28 59.96 -65.88
N PHE T 223 -89.77 59.55 -67.03
CA PHE T 223 -90.30 58.40 -67.75
C PHE T 223 -90.16 57.14 -66.93
N GLN T 224 -91.14 56.27 -67.08
CA GLN T 224 -91.19 54.98 -66.40
C GLN T 224 -91.49 53.83 -67.36
N THR T 225 -90.94 53.88 -68.57
CA THR T 225 -91.04 52.78 -69.55
C THR T 225 -89.78 52.69 -70.38
N ALA T 226 -89.41 51.44 -70.74
CA ALA T 226 -88.24 51.17 -71.57
C ALA T 226 -87.94 52.30 -72.60
N ALA T 227 -88.69 52.29 -73.71
CA ALA T 227 -88.49 53.18 -74.86
C ALA T 227 -88.38 54.64 -74.44
N GLN T 228 -89.35 55.05 -73.63
CA GLN T 228 -89.40 56.40 -73.10
C GLN T 228 -88.02 56.69 -72.57
N ARG T 229 -87.56 55.82 -71.66
CA ARG T 229 -86.27 55.97 -71.03
C ARG T 229 -85.18 55.99 -72.12
N THR T 230 -85.21 55.02 -73.03
CA THR T 230 -84.15 54.89 -74.03
C THR T 230 -84.08 56.08 -74.99
N MET T 231 -85.25 56.61 -75.34
CA MET T 231 -85.30 57.65 -76.37
C MET T 231 -84.73 59.00 -75.93
N VAL T 232 -84.65 59.12 -74.61
CA VAL T 232 -84.21 60.32 -73.97
C VAL T 232 -82.73 60.39 -74.16
N ASP T 233 -82.11 59.21 -74.04
CA ASP T 233 -80.68 59.03 -74.29
C ASP T 233 -80.32 59.39 -75.74
N GLN T 234 -81.10 58.86 -76.69
CA GLN T 234 -80.88 59.16 -78.09
C GLN T 234 -80.90 60.66 -78.34
N VAL T 235 -81.57 61.41 -77.44
CA VAL T 235 -81.61 62.87 -77.50
C VAL T 235 -80.38 63.54 -76.87
N ARG T 236 -79.99 63.02 -75.71
CA ARG T 236 -78.85 63.50 -74.98
C ARG T 236 -77.49 63.24 -75.68
N GLU T 237 -77.53 62.62 -76.85
CA GLU T 237 -76.30 62.28 -77.57
C GLU T 237 -75.63 63.47 -78.27
N SER T 238 -76.41 64.44 -78.72
CA SER T 238 -75.89 65.54 -79.53
C SER T 238 -75.38 66.77 -78.73
N ARG T 239 -74.15 67.20 -79.01
CA ARG T 239 -73.57 68.35 -78.32
C ARG T 239 -74.32 69.60 -78.71
N ASN T 240 -74.57 69.75 -80.01
CA ASN T 240 -75.30 70.89 -80.49
C ASN T 240 -76.63 70.36 -81.04
N PRO T 241 -77.54 69.89 -80.16
CA PRO T 241 -78.78 69.24 -80.61
C PRO T 241 -79.70 70.21 -81.32
N GLY T 242 -79.88 70.06 -82.62
CA GLY T 242 -80.69 71.04 -83.36
C GLY T 242 -82.12 70.56 -83.44
N ASN T 243 -82.87 71.11 -84.40
CA ASN T 243 -84.23 70.66 -84.70
C ASN T 243 -84.45 69.15 -84.67
N ALA T 244 -83.38 68.38 -84.87
CA ALA T 244 -83.40 66.92 -84.72
C ALA T 244 -84.00 66.55 -83.34
N GLU T 245 -83.41 67.19 -82.31
CA GLU T 245 -83.83 67.01 -80.93
C GLU T 245 -85.12 67.83 -80.72
N PHE T 246 -85.02 69.15 -81.00
CA PHE T 246 -86.17 70.08 -80.92
C PHE T 246 -87.48 69.38 -81.28
N GLU T 247 -87.51 68.76 -82.47
CA GLU T 247 -88.67 67.99 -82.84
C GLU T 247 -88.85 66.68 -82.01
N ASP T 248 -87.78 66.00 -81.62
CA ASP T 248 -88.00 64.70 -80.95
C ASP T 248 -88.57 64.75 -79.50
N LEU T 249 -88.12 65.73 -78.71
CA LEU T 249 -88.50 65.81 -77.31
C LEU T 249 -89.97 66.18 -77.25
N ILE T 250 -90.36 67.08 -78.15
CA ILE T 250 -91.74 67.50 -78.30
C ILE T 250 -92.61 66.28 -78.43
N PHE T 251 -92.11 65.31 -79.21
CA PHE T 251 -92.76 63.98 -79.35
C PHE T 251 -92.98 63.30 -77.95
N LEU T 252 -91.84 63.06 -77.30
CA LEU T 252 -91.76 62.50 -75.95
C LEU T 252 -92.66 63.32 -75.00
N ALA T 253 -92.71 64.64 -75.19
CA ALA T 253 -93.63 65.47 -74.42
C ALA T 253 -95.09 64.94 -74.55
N ARG T 254 -95.46 64.69 -75.81
CA ARG T 254 -96.76 64.17 -76.10
C ARG T 254 -96.92 62.71 -75.67
N SER T 255 -95.83 61.97 -75.55
CA SER T 255 -95.95 60.57 -75.14
C SER T 255 -96.41 60.47 -73.68
N ALA T 256 -96.12 61.51 -72.91
CA ALA T 256 -96.36 61.55 -71.48
C ALA T 256 -97.80 61.83 -71.17
N LEU T 257 -98.51 62.32 -72.21
CA LEU T 257 -99.94 62.59 -72.21
C LEU T 257 -100.66 61.29 -72.15
N ILE T 258 -99.95 60.21 -72.47
CA ILE T 258 -100.58 58.93 -72.50
C ILE T 258 -99.85 58.00 -71.54
N LEU T 259 -98.52 57.97 -71.66
CA LEU T 259 -97.64 57.18 -70.78
C LEU T 259 -96.96 58.21 -69.93
N ARG T 260 -97.62 58.51 -68.80
CA ARG T 260 -97.22 59.64 -68.01
C ARG T 260 -95.91 59.24 -67.34
N GLY T 261 -95.24 60.20 -66.72
CA GLY T 261 -94.08 59.93 -65.89
C GLY T 261 -94.31 60.06 -64.40
N SER T 262 -93.21 59.94 -63.66
CA SER T 262 -93.25 60.10 -62.24
C SER T 262 -92.98 61.57 -61.92
N VAL T 263 -94.00 62.24 -61.40
CA VAL T 263 -93.83 63.59 -60.88
C VAL T 263 -94.43 63.69 -59.50
N ALA T 264 -93.55 63.93 -58.53
CA ALA T 264 -93.92 64.24 -57.16
C ALA T 264 -94.81 65.48 -57.01
N HIS T 265 -95.76 65.38 -56.07
CA HIS T 265 -96.63 66.51 -55.67
C HIS T 265 -96.39 66.81 -54.19
N LYS T 266 -96.19 68.08 -53.87
CA LYS T 266 -95.87 68.53 -52.51
C LYS T 266 -96.96 69.49 -51.99
N SER T 267 -97.60 69.14 -50.87
CA SER T 267 -98.64 69.97 -50.29
C SER T 267 -98.00 71.13 -49.52
N CYS T 268 -97.83 72.25 -50.17
CA CYS T 268 -97.13 73.34 -49.49
C CYS T 268 -98.03 74.46 -49.13
N LEU T 269 -98.31 74.65 -47.82
CA LEU T 269 -99.29 75.65 -47.37
C LEU T 269 -98.64 76.99 -47.20
N PRO T 270 -99.41 78.11 -47.19
CA PRO T 270 -98.94 79.50 -47.03
C PRO T 270 -98.22 79.67 -45.73
N ALA T 271 -97.30 80.63 -45.66
CA ALA T 271 -96.55 80.86 -44.44
C ALA T 271 -97.44 81.03 -43.19
N CYS T 272 -98.59 81.67 -43.38
CA CYS T 272 -99.42 82.01 -42.27
C CYS T 272 -99.91 80.74 -41.58
N VAL T 273 -100.15 79.72 -42.38
CA VAL T 273 -100.72 78.52 -41.87
C VAL T 273 -99.73 77.88 -40.94
N TYR T 274 -98.48 77.73 -41.35
CA TYR T 274 -97.39 77.25 -40.52
C TYR T 274 -97.11 78.21 -39.36
N GLY T 275 -96.99 79.51 -39.61
CA GLY T 275 -96.85 80.49 -38.49
C GLY T 275 -97.91 80.32 -37.42
N SER T 276 -99.14 80.26 -37.84
CA SER T 276 -100.22 80.13 -36.89
C SER T 276 -100.10 78.83 -36.07
N ALA T 277 -99.75 77.74 -36.75
CA ALA T 277 -99.59 76.43 -36.17
C ALA T 277 -98.46 76.40 -35.16
N VAL T 278 -97.35 77.02 -35.50
CA VAL T 278 -96.19 77.08 -34.62
C VAL T 278 -96.56 77.83 -33.35
N ALA T 279 -97.28 78.92 -33.55
CA ALA T 279 -97.73 79.79 -32.47
C ALA T 279 -98.71 79.10 -31.56
N SER T 280 -99.49 78.17 -32.11
CA SER T 280 -100.44 77.37 -31.37
C SER T 280 -99.80 76.23 -30.62
N GLY T 281 -98.48 76.24 -30.55
CA GLY T 281 -97.89 75.21 -29.80
C GLY T 281 -97.32 74.10 -30.65
N TYR T 282 -97.83 73.83 -31.86
CA TYR T 282 -97.34 72.66 -32.61
C TYR T 282 -95.91 72.77 -32.82
N ASP T 283 -95.20 71.75 -32.38
CA ASP T 283 -93.74 71.73 -32.44
C ASP T 283 -93.31 70.62 -33.39
N PHE T 284 -93.42 70.88 -34.68
CA PHE T 284 -93.33 69.86 -35.73
C PHE T 284 -92.08 69.05 -35.75
N GLU T 285 -90.91 69.69 -35.68
CA GLU T 285 -89.67 68.88 -35.54
C GLU T 285 -89.74 67.75 -34.50
N ARG T 286 -90.54 67.90 -33.47
CA ARG T 286 -90.67 66.88 -32.45
C ARG T 286 -91.80 65.97 -32.79
N GLU T 287 -92.91 66.51 -33.27
CA GLU T 287 -94.10 65.69 -33.59
C GLU T 287 -94.12 65.24 -35.05
N GLY T 288 -93.15 65.63 -35.86
CA GLY T 288 -93.12 65.12 -37.21
C GLY T 288 -94.15 65.79 -38.09
N TYR T 289 -93.80 65.90 -39.38
CA TYR T 289 -94.67 66.49 -40.37
C TYR T 289 -94.36 65.92 -41.78
N SER T 290 -95.35 65.90 -42.71
CA SER T 290 -95.11 65.47 -44.11
C SER T 290 -95.68 66.47 -45.08
N LEU T 291 -95.27 66.33 -46.35
CA LEU T 291 -95.84 67.11 -47.43
C LEU T 291 -96.63 66.20 -48.39
N VAL T 292 -96.63 64.89 -48.12
CA VAL T 292 -97.32 63.97 -49.03
C VAL T 292 -98.16 62.98 -48.18
N GLY T 293 -98.25 63.26 -46.88
CA GLY T 293 -99.10 62.43 -46.03
C GLY T 293 -100.38 63.06 -45.59
N ILE T 294 -100.81 62.67 -44.40
CA ILE T 294 -102.04 63.24 -43.80
C ILE T 294 -101.76 64.56 -43.07
N ASP T 295 -100.48 64.86 -42.84
CA ASP T 295 -100.11 66.00 -42.02
C ASP T 295 -100.70 67.28 -42.63
N PRO T 296 -100.43 67.51 -43.90
CA PRO T 296 -100.86 68.78 -44.48
C PRO T 296 -102.37 68.87 -44.47
N PHE T 297 -103.09 67.86 -44.90
CA PHE T 297 -104.53 67.98 -44.81
C PHE T 297 -104.98 68.28 -43.37
N ARG T 298 -104.46 67.55 -42.40
CA ARG T 298 -104.91 67.74 -41.01
C ARG T 298 -104.67 69.18 -40.54
N LEU T 299 -103.50 69.71 -40.85
CA LEU T 299 -103.20 71.07 -40.52
C LEU T 299 -104.25 71.98 -41.13
N LEU T 300 -104.58 71.82 -42.41
CA LEU T 300 -105.57 72.66 -43.04
C LEU T 300 -106.97 72.39 -42.52
N GLN T 301 -107.15 71.44 -41.62
CA GLN T 301 -108.50 71.16 -41.12
C GLN T 301 -108.85 72.12 -40.00
N ASN T 302 -107.86 72.91 -39.58
CA ASN T 302 -108.03 73.86 -38.46
C ASN T 302 -107.52 75.26 -38.75
N SER T 303 -107.09 75.47 -39.98
CA SER T 303 -106.48 76.71 -40.35
C SER T 303 -107.56 77.78 -40.44
N GLN T 304 -107.24 78.99 -40.04
CA GLN T 304 -108.20 80.08 -40.10
C GLN T 304 -107.64 81.09 -41.08
N VAL T 305 -107.64 80.77 -42.36
CA VAL T 305 -107.05 81.66 -43.30
C VAL T 305 -108.08 82.58 -43.93
N TYR T 306 -107.78 83.88 -43.93
CA TYR T 306 -108.64 84.83 -44.59
C TYR T 306 -108.06 85.39 -45.88
N SER T 307 -108.94 85.82 -46.77
CA SER T 307 -108.51 86.36 -48.05
C SER T 307 -109.24 87.57 -48.56
N LEU T 308 -108.53 88.51 -49.18
CA LEU T 308 -109.19 89.67 -49.81
C LEU T 308 -109.94 89.19 -51.00
N ILE T 309 -111.12 89.77 -51.17
CA ILE T 309 -112.04 89.33 -52.20
C ILE T 309 -112.72 90.49 -52.89
N ARG T 310 -112.53 90.58 -54.20
CA ARG T 310 -113.16 91.63 -55.00
C ARG T 310 -114.70 91.59 -54.99
N PRO T 311 -115.38 92.77 -55.18
CA PRO T 311 -116.84 92.98 -55.04
C PRO T 311 -117.72 91.94 -55.72
N ASN T 312 -117.42 91.64 -56.97
CA ASN T 312 -118.23 90.64 -57.64
C ASN T 312 -117.79 89.18 -57.58
N GLU T 313 -116.75 88.87 -56.80
CA GLU T 313 -116.19 87.51 -56.82
C GLU T 313 -116.91 86.59 -55.87
N ASN T 314 -116.81 85.29 -56.14
CA ASN T 314 -117.51 84.32 -55.38
C ASN T 314 -116.59 83.73 -54.36
N PRO T 315 -116.89 83.90 -53.06
CA PRO T 315 -116.05 83.35 -51.99
C PRO T 315 -115.75 81.83 -52.15
N ALA T 316 -116.81 81.09 -52.43
CA ALA T 316 -116.72 79.64 -52.48
C ALA T 316 -115.73 79.27 -53.56
N HIS T 317 -115.68 80.15 -54.56
CA HIS T 317 -114.89 79.94 -55.75
C HIS T 317 -113.46 80.28 -55.38
N LYS T 318 -113.30 81.29 -54.52
CA LYS T 318 -111.97 81.72 -54.08
C LYS T 318 -111.27 80.61 -53.29
N SER T 319 -111.98 80.10 -52.28
CA SER T 319 -111.48 79.01 -51.47
C SER T 319 -111.02 77.84 -52.35
N GLN T 320 -111.83 77.52 -53.36
CA GLN T 320 -111.50 76.41 -54.21
C GLN T 320 -110.08 76.57 -54.70
N LEU T 321 -109.82 77.72 -55.33
CA LEU T 321 -108.50 78.05 -55.91
C LEU T 321 -107.37 77.73 -54.95
N VAL T 322 -107.25 78.53 -53.88
CA VAL T 322 -106.30 78.22 -52.79
C VAL T 322 -106.17 76.75 -52.40
N TRP T 323 -107.30 76.07 -52.24
CA TRP T 323 -107.29 74.66 -51.90
C TRP T 323 -106.53 73.85 -52.94
N MET T 324 -106.62 74.25 -54.21
CA MET T 324 -106.00 73.43 -55.26
C MET T 324 -104.53 73.72 -55.30
N ALA T 325 -104.15 74.95 -54.89
CA ALA T 325 -102.74 75.28 -54.76
C ALA T 325 -102.13 74.64 -53.53
N CYS T 326 -102.93 74.34 -52.52
CA CYS T 326 -102.34 73.66 -51.39
C CYS T 326 -101.92 72.21 -51.62
N HIS T 327 -102.45 71.62 -52.68
CA HIS T 327 -102.01 70.29 -52.99
C HIS T 327 -101.48 70.02 -54.45
N SER T 328 -101.31 71.05 -55.27
CA SER T 328 -100.79 70.80 -56.63
C SER T 328 -101.87 69.94 -57.35
N ALA T 329 -103.13 70.40 -57.27
CA ALA T 329 -104.25 69.70 -57.85
C ALA T 329 -104.73 70.56 -58.99
N ALA T 330 -103.82 71.26 -59.67
CA ALA T 330 -104.28 72.15 -60.77
C ALA T 330 -104.41 71.38 -62.03
N PHE T 331 -103.97 70.13 -62.06
CA PHE T 331 -104.02 69.38 -63.31
C PHE T 331 -104.55 68.04 -62.93
N GLU T 332 -105.26 67.98 -61.79
CA GLU T 332 -105.78 66.69 -61.36
C GLU T 332 -107.14 66.50 -62.03
N ASP T 333 -107.67 65.28 -62.02
CA ASP T 333 -108.97 65.03 -62.59
C ASP T 333 -110.04 65.67 -61.70
N LEU T 334 -110.80 66.67 -62.20
CA LEU T 334 -111.73 67.42 -61.37
C LEU T 334 -112.58 66.46 -60.57
N ARG T 335 -112.92 65.32 -61.19
CA ARG T 335 -113.77 64.32 -60.54
C ARG T 335 -113.24 63.92 -59.21
N VAL T 336 -111.97 63.53 -59.20
CA VAL T 336 -111.31 63.09 -57.98
C VAL T 336 -111.10 64.25 -57.00
N SER T 337 -110.61 65.40 -57.50
CA SER T 337 -110.45 66.60 -56.68
C SER T 337 -111.74 66.88 -55.92
N SER T 338 -112.90 66.83 -56.59
CA SER T 338 -114.15 67.11 -55.91
C SER T 338 -114.51 66.00 -54.94
N PHE T 339 -114.02 64.81 -55.25
CA PHE T 339 -114.41 63.66 -54.48
C PHE T 339 -113.77 63.83 -53.13
N ILE T 340 -112.48 64.07 -53.14
CA ILE T 340 -111.69 64.21 -51.93
C ILE T 340 -112.02 65.55 -51.21
N ARG T 341 -112.21 66.58 -52.03
CA ARG T 341 -112.54 67.90 -51.54
C ARG T 341 -113.78 67.88 -50.67
N GLY T 342 -114.80 67.19 -51.13
CA GLY T 342 -115.98 67.14 -50.34
C GLY T 342 -117.10 67.90 -50.97
N THR T 343 -116.74 68.78 -51.90
CA THR T 343 -117.66 69.68 -52.62
C THR T 343 -117.25 69.92 -54.07
N LYS T 344 -118.18 70.44 -54.86
CA LYS T 344 -117.81 70.73 -56.25
C LYS T 344 -116.46 71.44 -56.47
N VAL T 345 -115.68 70.92 -57.39
CA VAL T 345 -114.44 71.54 -57.76
C VAL T 345 -114.64 72.03 -59.19
N VAL T 346 -115.11 73.26 -59.26
CA VAL T 346 -115.47 73.81 -60.53
C VAL T 346 -114.27 74.14 -61.42
N PRO T 347 -114.38 73.95 -62.75
CA PRO T 347 -113.35 74.25 -63.75
C PRO T 347 -112.94 75.68 -63.76
N ARG T 348 -111.76 75.94 -64.35
CA ARG T 348 -111.15 77.25 -64.30
C ARG T 348 -112.05 78.27 -64.95
N GLY T 349 -112.53 77.97 -66.16
CA GLY T 349 -113.39 78.94 -66.84
C GLY T 349 -114.57 79.43 -66.00
N LYS T 350 -115.27 78.50 -65.37
CA LYS T 350 -116.43 78.80 -64.59
C LYS T 350 -116.07 79.35 -63.26
N LEU T 351 -114.78 79.49 -62.98
CA LEU T 351 -114.33 80.03 -61.72
C LEU T 351 -114.37 81.51 -61.68
N SER T 352 -115.03 82.02 -60.65
CA SER T 352 -115.12 83.46 -60.44
C SER T 352 -113.99 84.11 -59.65
N THR T 353 -112.87 84.38 -60.32
CA THR T 353 -111.76 85.06 -59.65
C THR T 353 -110.62 85.23 -60.66
N ARG T 354 -109.82 86.26 -60.39
CA ARG T 354 -108.81 86.68 -61.35
C ARG T 354 -107.44 86.41 -60.74
N GLY T 355 -107.40 86.26 -59.42
CA GLY T 355 -106.13 86.06 -58.81
C GLY T 355 -106.19 86.50 -57.39
N VAL T 356 -105.38 85.86 -56.58
CA VAL T 356 -105.46 86.06 -55.16
C VAL T 356 -104.78 87.35 -54.71
N GLN T 357 -103.70 87.72 -55.42
CA GLN T 357 -102.96 88.95 -55.11
C GLN T 357 -103.73 90.11 -55.67
N ILE T 358 -103.62 91.21 -54.96
CA ILE T 358 -104.33 92.39 -55.34
C ILE T 358 -103.36 93.33 -56.08
N ALA T 359 -103.77 93.75 -57.27
CA ALA T 359 -102.96 94.62 -58.08
C ALA T 359 -103.06 96.07 -57.62
N SER T 360 -101.99 96.84 -57.87
CA SER T 360 -101.91 98.30 -57.54
C SER T 360 -103.01 99.15 -58.20
N ASN T 361 -103.61 98.57 -59.22
CA ASN T 361 -104.61 99.20 -60.00
C ASN T 361 -105.87 99.38 -59.20
N GLU T 362 -106.22 98.36 -58.43
CA GLU T 362 -107.54 98.27 -57.82
C GLU T 362 -107.66 99.23 -56.71
N ASN T 363 -108.84 99.38 -56.14
CA ASN T 363 -108.96 100.31 -55.05
C ASN T 363 -109.46 99.57 -53.87
N MET T 364 -109.26 100.11 -52.69
CA MET T 364 -109.69 99.45 -51.48
C MET T 364 -111.14 99.74 -51.07
N GLU T 365 -111.72 100.81 -51.64
CA GLU T 365 -113.01 101.25 -51.17
C GLU T 365 -113.94 100.08 -51.40
N THR T 366 -113.90 99.52 -52.61
CA THR T 366 -114.80 98.45 -52.98
C THR T 366 -114.14 97.12 -52.77
N MET T 367 -113.60 96.90 -51.59
CA MET T 367 -112.86 95.67 -51.33
C MET T 367 -113.27 95.12 -49.96
N GLU T 368 -113.44 93.80 -49.88
CA GLU T 368 -113.80 93.17 -48.63
C GLU T 368 -113.10 91.80 -48.57
N SER T 369 -113.32 91.05 -47.50
CA SER T 369 -112.51 89.85 -47.28
C SER T 369 -113.35 88.69 -46.75
N SER T 370 -113.08 87.47 -47.21
CA SER T 370 -113.82 86.31 -46.74
C SER T 370 -112.92 85.26 -46.10
N THR T 371 -113.54 84.30 -45.43
CA THR T 371 -112.82 83.24 -44.75
C THR T 371 -112.78 82.04 -45.70
N LEU T 372 -111.54 81.60 -45.98
CA LEU T 372 -111.28 80.61 -46.99
C LEU T 372 -111.65 79.25 -46.47
N GLU T 373 -112.41 78.49 -47.26
CA GLU T 373 -112.78 77.12 -46.91
C GLU T 373 -111.70 76.15 -47.43
N LEU T 374 -110.82 75.72 -46.52
CA LEU T 374 -109.71 74.82 -46.92
C LEU T 374 -109.80 73.37 -46.46
N ARG T 375 -110.82 73.10 -45.62
CA ARG T 375 -111.08 71.76 -45.15
C ARG T 375 -111.38 70.82 -46.34
N SER T 376 -111.10 69.53 -46.19
CA SER T 376 -111.42 68.55 -47.22
C SER T 376 -112.15 67.38 -46.62
N ARG T 377 -112.77 66.58 -47.47
CA ARG T 377 -113.56 65.44 -46.98
C ARG T 377 -112.61 64.34 -46.57
N TYR T 378 -111.89 63.78 -47.53
CA TYR T 378 -110.91 62.76 -47.25
C TYR T 378 -109.53 63.32 -47.58
N TRP T 379 -108.54 62.44 -47.56
CA TRP T 379 -107.19 62.73 -47.99
C TRP T 379 -106.62 61.57 -48.75
N ALA T 380 -105.54 61.85 -49.48
CA ALA T 380 -104.92 60.85 -50.32
C ALA T 380 -103.40 60.97 -50.44
N ILE T 381 -102.72 59.83 -50.54
CA ILE T 381 -101.28 59.94 -50.55
C ILE T 381 -100.82 60.72 -51.81
N ARG T 382 -100.44 62.00 -51.70
CA ARG T 382 -100.03 62.68 -52.94
C ARG T 382 -98.95 61.80 -53.57
N THR T 383 -99.20 61.25 -54.79
CA THR T 383 -98.21 60.35 -55.46
C THR T 383 -97.21 61.04 -56.37
N ARG T 384 -96.36 60.22 -56.98
CA ARG T 384 -95.35 60.68 -57.93
C ARG T 384 -95.52 59.98 -59.27
N SER T 385 -95.86 58.70 -59.19
CA SER T 385 -96.19 57.86 -60.33
C SER T 385 -97.22 58.39 -61.34
N GLY T 386 -96.97 58.24 -62.64
CA GLY T 386 -97.97 58.54 -63.65
C GLY T 386 -98.90 57.39 -64.04
N GLY T 387 -98.89 56.22 -63.32
CA GLY T 387 -99.62 54.99 -63.76
C GLY T 387 -99.09 54.30 -65.03
N ASN T 388 -99.30 52.97 -65.14
CA ASN T 388 -99.02 52.27 -66.41
C ASN T 388 -99.79 50.92 -66.58
N THR T 389 -100.05 50.52 -67.83
CA THR T 389 -100.65 49.19 -68.10
C THR T 389 -99.73 48.29 -68.96
N GLN T 398 -69.07 34.17 -94.06
CA GLN T 398 -68.76 33.46 -92.83
C GLN T 398 -69.79 32.37 -92.45
N ILE T 399 -69.48 31.53 -91.45
CA ILE T 399 -70.35 30.41 -91.02
C ILE T 399 -70.25 30.19 -89.49
N SER T 400 -69.18 30.71 -88.92
CA SER T 400 -68.95 30.64 -87.50
C SER T 400 -68.32 31.95 -87.06
N ILE T 401 -68.41 32.23 -85.76
CA ILE T 401 -67.79 33.39 -85.18
C ILE T 401 -66.58 33.02 -84.33
N GLN T 402 -65.43 33.63 -84.62
CA GLN T 402 -64.19 33.48 -83.79
C GLN T 402 -64.27 34.40 -82.59
N PRO T 403 -64.21 33.88 -81.38
CA PRO T 403 -64.44 34.79 -80.24
C PRO T 403 -63.20 35.61 -79.87
N THR T 404 -63.39 36.92 -79.64
CA THR T 404 -62.24 37.78 -79.35
C THR T 404 -62.31 38.21 -77.93
N PHE T 405 -63.44 38.13 -77.27
CA PHE T 405 -63.49 38.56 -75.88
C PHE T 405 -64.10 37.54 -74.93
N SER T 406 -63.90 37.77 -73.65
CA SER T 406 -64.38 36.85 -72.67
C SER T 406 -65.73 37.39 -72.15
N VAL T 407 -66.82 36.93 -72.74
CA VAL T 407 -68.14 37.31 -72.24
C VAL T 407 -69.18 36.20 -72.42
N GLN T 408 -70.27 36.28 -71.68
CA GLN T 408 -71.38 35.35 -71.85
C GLN T 408 -72.08 35.52 -73.20
N ARG T 409 -71.67 34.68 -74.14
CA ARG T 409 -72.14 34.77 -75.51
C ARG T 409 -72.35 33.45 -76.21
N ASN T 410 -73.60 33.25 -76.65
CA ASN T 410 -73.91 32.11 -77.50
C ASN T 410 -73.01 32.18 -78.73
N LEU T 411 -72.18 31.19 -78.96
CA LEU T 411 -71.32 31.35 -80.10
C LEU T 411 -71.94 30.85 -81.41
N PRO T 412 -72.23 31.75 -82.37
CA PRO T 412 -72.85 31.39 -83.67
C PRO T 412 -72.07 30.56 -84.66
N SER T 431 -85.32 50.21 -84.39
CA SER T 431 -85.62 50.99 -85.62
C SER T 431 -85.70 52.47 -85.27
N ASP T 432 -86.92 53.01 -85.27
CA ASP T 432 -87.15 54.36 -84.73
C ASP T 432 -87.73 54.14 -83.36
N MET T 433 -87.06 54.62 -82.30
CA MET T 433 -87.60 54.41 -80.96
C MET T 433 -89.00 55.07 -80.81
N ARG T 434 -89.28 56.01 -81.71
CA ARG T 434 -90.60 56.62 -81.82
C ARG T 434 -91.64 55.56 -81.97
N THR T 435 -91.43 54.72 -82.96
CA THR T 435 -92.33 53.59 -83.27
C THR T 435 -92.68 52.82 -82.01
N GLU T 436 -91.66 52.44 -81.25
CA GLU T 436 -91.86 51.69 -80.05
C GLU T 436 -92.95 52.38 -79.20
N ILE T 437 -92.79 53.66 -78.97
CA ILE T 437 -93.71 54.44 -78.14
C ILE T 437 -95.07 54.58 -78.80
N ILE T 438 -95.07 55.01 -80.05
CA ILE T 438 -96.32 55.16 -80.79
C ILE T 438 -97.13 53.88 -80.69
N ARG T 439 -96.45 52.75 -80.70
CA ARG T 439 -97.08 51.45 -80.58
C ARG T 439 -97.62 51.27 -79.14
N LEU T 440 -96.94 51.87 -78.18
CA LEU T 440 -97.37 51.74 -76.79
C LEU T 440 -98.50 52.70 -76.56
N MET T 441 -98.23 54.01 -76.82
CA MET T 441 -99.33 55.00 -76.97
C MET T 441 -100.72 54.40 -77.39
N GLU T 442 -100.76 53.75 -78.56
CA GLU T 442 -101.92 53.06 -79.10
C GLU T 442 -102.73 52.17 -78.15
N SER T 443 -102.10 51.17 -77.56
CA SER T 443 -102.84 50.17 -76.79
C SER T 443 -103.47 50.79 -75.57
N ALA T 444 -103.14 52.07 -75.35
CA ALA T 444 -103.58 52.79 -74.17
C ALA T 444 -104.98 53.39 -74.30
N ARG T 445 -105.87 53.01 -73.37
CA ARG T 445 -107.21 53.58 -73.30
C ARG T 445 -107.43 54.52 -72.09
N PRO T 446 -108.17 55.62 -72.31
CA PRO T 446 -108.34 56.60 -71.27
C PRO T 446 -108.98 55.97 -70.10
N GLU T 447 -109.78 54.93 -70.35
CA GLU T 447 -110.46 54.18 -69.27
C GLU T 447 -109.54 53.29 -68.46
N ASP T 448 -108.29 53.15 -68.91
CA ASP T 448 -107.29 52.30 -68.25
C ASP T 448 -107.04 52.68 -66.81
N VAL T 449 -107.44 51.80 -65.90
CA VAL T 449 -107.39 52.04 -64.48
C VAL T 449 -105.96 52.17 -64.00
N SER T 450 -105.59 53.24 -63.26
CA SER T 450 -104.28 53.36 -62.58
C SER T 450 -104.34 53.27 -61.02
N PHE T 451 -103.17 53.14 -60.38
CA PHE T 451 -103.11 53.05 -58.92
C PHE T 451 -104.11 52.01 -58.41
N GLN T 452 -104.07 50.85 -59.07
CA GLN T 452 -104.99 49.74 -58.75
C GLN T 452 -104.94 49.45 -57.23
N GLY T 453 -106.09 49.33 -56.57
CA GLY T 453 -106.08 49.11 -55.14
C GLY T 453 -105.87 50.31 -54.19
N ARG T 454 -105.13 51.35 -54.66
CA ARG T 454 -104.92 52.61 -53.91
C ARG T 454 -106.24 53.31 -53.74
N GLY T 455 -106.47 53.91 -52.57
CA GLY T 455 -107.73 54.60 -52.30
C GLY T 455 -107.56 55.90 -51.52
N VAL T 456 -108.63 56.31 -50.86
CA VAL T 456 -108.64 57.60 -50.17
C VAL T 456 -108.77 57.30 -48.72
N PHE T 457 -108.28 58.21 -47.87
CA PHE T 457 -108.36 57.91 -46.46
C PHE T 457 -109.21 58.91 -45.75
N GLU T 458 -109.94 58.45 -44.75
CA GLU T 458 -110.66 59.32 -43.85
C GLU T 458 -109.65 60.19 -43.11
N LEU T 459 -110.13 61.33 -42.60
CA LEU T 459 -109.26 62.22 -41.88
C LEU T 459 -108.99 61.73 -40.47
N SER T 460 -109.75 60.72 -39.99
CA SER T 460 -109.46 60.07 -38.74
C SER T 460 -108.32 59.04 -38.92
N ASP T 461 -108.23 58.45 -40.11
CA ASP T 461 -107.30 57.37 -40.38
C ASP T 461 -105.90 57.87 -40.48
N GLU T 462 -105.30 58.06 -39.33
CA GLU T 462 -104.00 58.72 -39.25
C GLU T 462 -102.94 57.92 -39.95
N LYS T 463 -102.93 56.64 -39.58
CA LYS T 463 -102.11 55.61 -40.19
C LYS T 463 -102.69 55.37 -41.58
N ALA T 464 -101.94 54.76 -42.46
CA ALA T 464 -102.52 54.47 -43.77
C ALA T 464 -103.36 53.17 -43.78
N THR T 465 -103.88 52.81 -42.62
CA THR T 465 -104.58 51.58 -42.42
C THR T 465 -105.61 51.22 -43.44
N SER T 466 -106.82 51.75 -43.31
CA SER T 466 -107.91 51.37 -44.21
C SER T 466 -108.21 52.33 -45.37
N PRO T 467 -108.04 51.86 -46.60
CA PRO T 467 -108.20 52.64 -47.86
C PRO T 467 -109.64 52.62 -48.33
N ILE T 468 -110.05 53.59 -49.15
CA ILE T 468 -111.42 53.66 -49.62
C ILE T 468 -111.38 53.86 -51.08
N VAL T 469 -112.10 53.02 -51.80
CA VAL T 469 -112.11 53.10 -53.25
C VAL T 469 -113.31 53.89 -53.78
N PRO T 470 -113.06 54.94 -54.56
CA PRO T 470 -114.11 55.76 -55.12
C PRO T 470 -114.69 55.20 -56.38
N SER T 471 -116.00 55.35 -56.49
CA SER T 471 -116.71 54.86 -57.65
C SER T 471 -117.26 56.13 -58.29
N PHE T 472 -116.82 56.42 -59.52
CA PHE T 472 -117.25 57.66 -60.21
C PHE T 472 -118.55 57.61 -61.03
N ASP T 473 -119.29 56.50 -60.96
CA ASP T 473 -120.59 56.43 -61.61
C ASP T 473 -121.34 57.57 -60.93
N MET T 474 -121.56 58.68 -61.64
CA MET T 474 -122.07 59.89 -60.98
C MET T 474 -122.25 61.06 -61.93
N SER T 475 -123.07 62.04 -61.56
CA SER T 475 -123.25 63.19 -62.43
C SER T 475 -122.14 64.10 -62.08
N ASN T 476 -121.03 63.97 -62.79
CA ASN T 476 -119.81 64.72 -62.52
C ASN T 476 -119.87 66.10 -63.16
N GLU T 477 -118.75 66.78 -63.27
CA GLU T 477 -118.72 68.12 -63.85
C GLU T 477 -117.44 68.33 -64.69
N GLY T 478 -117.00 67.32 -65.44
CA GLY T 478 -115.73 67.46 -66.16
C GLY T 478 -114.54 66.76 -65.51
N SER T 479 -113.41 66.83 -66.19
CA SER T 479 -112.18 66.28 -65.67
C SER T 479 -111.00 67.24 -65.87
N TYR T 480 -111.10 68.19 -66.77
CA TYR T 480 -110.02 69.06 -67.09
C TYR T 480 -110.17 70.47 -66.49
N PHE T 481 -109.58 70.73 -65.33
CA PHE T 481 -109.60 72.07 -64.77
C PHE T 481 -109.38 73.16 -65.84
N PHE T 482 -108.63 72.87 -66.90
CA PHE T 482 -108.39 73.86 -67.94
C PHE T 482 -109.04 73.54 -69.31
N ASN U 14 -120.80 27.97 -24.68
CA ASN U 14 -122.11 28.46 -24.11
C ASN U 14 -122.05 28.75 -22.59
N ALA U 15 -121.70 30.01 -22.35
CA ALA U 15 -121.56 30.57 -21.01
C ALA U 15 -122.90 31.10 -20.46
N THR U 16 -124.02 30.66 -21.01
CA THR U 16 -125.28 31.18 -20.54
C THR U 16 -125.86 30.27 -19.47
N GLU U 17 -126.27 29.08 -19.87
CA GLU U 17 -126.87 28.15 -18.92
C GLU U 17 -125.82 27.73 -17.91
N ILE U 18 -124.85 26.96 -18.38
CA ILE U 18 -123.79 26.40 -17.53
C ILE U 18 -123.21 27.41 -16.54
N ARG U 19 -122.84 28.61 -17.00
CA ARG U 19 -122.19 29.54 -16.07
C ARG U 19 -123.17 30.27 -15.16
N ALA U 20 -124.38 30.44 -15.61
CA ALA U 20 -125.32 31.26 -14.88
C ALA U 20 -126.31 30.40 -14.09
N SER U 21 -126.58 29.21 -14.59
CA SER U 21 -127.48 28.31 -13.89
C SER U 21 -126.82 27.75 -12.63
N VAL U 22 -125.49 27.74 -12.64
CA VAL U 22 -124.79 27.15 -11.52
C VAL U 22 -124.56 28.28 -10.54
N GLY U 23 -124.58 29.49 -11.09
CA GLY U 23 -124.57 30.67 -10.27
C GLY U 23 -125.82 30.78 -9.43
N LYS U 24 -126.91 30.31 -10.01
CA LYS U 24 -128.18 30.41 -9.36
C LYS U 24 -128.21 29.37 -8.27
N MET U 25 -127.46 28.31 -8.46
CA MET U 25 -127.49 27.31 -7.41
C MET U 25 -126.58 27.76 -6.27
N ILE U 26 -125.60 28.61 -6.60
CA ILE U 26 -124.69 29.10 -5.61
C ILE U 26 -125.38 30.19 -4.78
N ASP U 27 -126.16 31.06 -5.45
CA ASP U 27 -126.98 32.09 -4.80
C ASP U 27 -127.85 31.44 -3.76
N GLY U 28 -128.38 30.26 -4.07
CA GLY U 28 -129.32 29.69 -3.12
C GLY U 28 -128.60 29.37 -1.83
N ILE U 29 -127.43 28.76 -1.94
CA ILE U 29 -126.72 28.31 -0.77
C ILE U 29 -126.40 29.55 0.05
N GLY U 30 -125.94 30.60 -0.65
CA GLY U 30 -125.59 31.86 0.00
C GLY U 30 -126.78 32.38 0.79
N ARG U 31 -127.76 32.92 0.08
CA ARG U 31 -129.03 33.35 0.65
C ARG U 31 -129.46 32.48 1.82
N PHE U 32 -129.55 31.16 1.61
CA PHE U 32 -129.96 30.30 2.70
C PHE U 32 -129.04 30.47 3.98
N TYR U 33 -127.74 30.27 3.80
CA TYR U 33 -126.80 30.47 4.87
C TYR U 33 -127.02 31.77 5.60
N ILE U 34 -127.29 32.84 4.87
CA ILE U 34 -127.54 34.13 5.48
C ILE U 34 -128.82 34.05 6.35
N GLN U 35 -129.89 33.50 5.80
CA GLN U 35 -131.18 33.36 6.52
C GLN U 35 -131.00 32.57 7.77
N MET U 36 -130.39 31.44 7.59
CA MET U 36 -130.10 30.57 8.69
C MET U 36 -129.18 31.20 9.72
N CYS U 37 -128.23 32.01 9.30
CA CYS U 37 -127.49 32.71 10.31
C CYS U 37 -128.37 33.70 11.03
N THR U 38 -129.24 34.36 10.30
CA THR U 38 -130.12 35.34 10.92
C THR U 38 -131.05 34.71 11.99
N GLU U 39 -131.35 33.41 11.86
CA GLU U 39 -132.18 32.74 12.83
C GLU U 39 -131.37 32.50 14.09
N LEU U 40 -130.24 31.84 13.91
CA LEU U 40 -129.41 31.56 15.04
C LEU U 40 -128.92 32.83 15.73
N LYS U 41 -129.21 33.97 15.12
CA LYS U 41 -128.79 35.24 15.68
C LYS U 41 -127.29 35.23 15.91
N LEU U 42 -126.51 34.53 15.06
CA LEU U 42 -125.04 34.64 15.09
C LEU U 42 -124.45 35.99 14.63
N SER U 43 -123.19 36.24 15.00
CA SER U 43 -122.50 37.46 14.62
C SER U 43 -121.76 37.25 13.29
N ASP U 44 -121.10 38.31 12.83
CA ASP U 44 -120.31 38.20 11.61
C ASP U 44 -119.16 37.25 11.83
N TYR U 45 -118.41 37.44 12.90
CA TYR U 45 -117.32 36.54 13.15
C TYR U 45 -117.84 35.14 13.36
N GLU U 46 -119.03 35.05 13.92
CA GLU U 46 -119.56 33.74 14.25
C GLU U 46 -120.27 33.08 13.07
N GLY U 47 -120.38 33.79 11.96
CA GLY U 47 -121.00 33.20 10.78
C GLY U 47 -119.89 32.78 9.85
N ARG U 48 -118.68 33.23 10.16
CA ARG U 48 -117.54 32.89 9.32
C ARG U 48 -116.76 31.71 9.86
N LEU U 49 -117.32 31.11 10.90
CA LEU U 49 -116.69 30.01 11.57
C LEU U 49 -116.99 28.71 10.87
N ILE U 50 -116.05 28.26 10.06
CA ILE U 50 -116.29 27.06 9.32
C ILE U 50 -116.98 25.99 10.11
N GLN U 51 -116.75 25.97 11.41
CA GLN U 51 -117.41 25.04 12.33
C GLN U 51 -118.93 25.21 12.22
N ASN U 52 -119.44 26.36 12.65
CA ASN U 52 -120.85 26.60 12.55
C ASN U 52 -121.34 26.38 11.15
N SER U 53 -120.61 26.81 10.12
CA SER U 53 -121.11 26.63 8.77
C SER U 53 -121.41 25.15 8.56
N LEU U 54 -120.44 24.30 8.84
CA LEU U 54 -120.63 22.86 8.68
C LEU U 54 -121.90 22.34 9.30
N THR U 55 -122.05 22.62 10.57
CA THR U 55 -123.23 22.19 11.29
C THR U 55 -124.47 22.56 10.50
N ILE U 56 -124.55 23.80 10.05
CA ILE U 56 -125.70 24.21 9.29
C ILE U 56 -125.89 23.39 8.02
N GLU U 57 -124.80 23.15 7.31
CA GLU U 57 -124.90 22.45 6.06
C GLU U 57 -125.45 21.07 6.26
N ARG U 58 -125.04 20.43 7.35
CA ARG U 58 -125.45 19.06 7.60
C ARG U 58 -126.92 19.01 8.08
N MET U 59 -127.33 19.95 8.96
CA MET U 59 -128.74 20.16 9.35
C MET U 59 -129.66 20.15 8.17
N VAL U 60 -129.13 20.50 7.02
CA VAL U 60 -130.02 20.70 5.92
C VAL U 60 -130.04 19.46 5.12
N LEU U 61 -128.88 18.89 4.84
CA LEU U 61 -128.82 17.71 4.04
C LEU U 61 -129.56 16.56 4.76
N SER U 62 -129.50 16.57 6.10
CA SER U 62 -130.22 15.61 6.91
C SER U 62 -131.72 15.80 6.71
N ALA U 63 -132.16 17.06 6.82
CA ALA U 63 -133.58 17.34 6.73
C ALA U 63 -134.12 17.04 5.33
N PHE U 64 -133.30 17.10 4.31
CA PHE U 64 -133.79 16.81 2.99
C PHE U 64 -133.48 15.39 2.58
N ASP U 65 -133.27 14.51 3.59
CA ASP U 65 -132.87 13.10 3.36
C ASP U 65 -132.73 12.27 4.67
N THR U 85 -133.80 18.20 12.96
CA THR U 85 -132.43 17.83 13.31
C THR U 85 -131.77 18.98 14.01
N GLY U 86 -130.60 18.71 14.57
CA GLY U 86 -129.91 19.70 15.40
C GLY U 86 -128.42 19.61 15.10
N GLY U 87 -127.61 20.26 15.91
CA GLY U 87 -126.18 20.21 15.72
C GLY U 87 -125.41 21.14 16.65
N PRO U 88 -124.06 21.04 16.59
CA PRO U 88 -123.17 21.80 17.45
C PRO U 88 -122.99 23.24 16.94
N ILE U 89 -123.26 24.20 17.79
CA ILE U 89 -123.14 25.59 17.37
C ILE U 89 -122.31 26.41 18.33
N TYR U 90 -121.16 26.88 17.87
CA TYR U 90 -120.24 27.60 18.74
C TYR U 90 -120.45 29.12 18.79
N ARG U 91 -120.43 29.64 20.01
CA ARG U 91 -120.74 31.02 20.25
C ARG U 91 -119.53 31.72 20.87
N ARG U 92 -119.46 33.03 20.73
CA ARG U 92 -118.31 33.79 21.23
C ARG U 92 -118.68 34.69 22.39
N VAL U 93 -118.23 34.37 23.59
CA VAL U 93 -118.42 35.28 24.75
C VAL U 93 -117.08 35.88 25.17
N ASP U 94 -117.10 37.03 25.86
CA ASP U 94 -115.88 37.67 26.36
C ASP U 94 -114.78 36.62 26.56
N GLY U 95 -113.80 36.57 25.66
CA GLY U 95 -112.67 35.68 25.86
C GLY U 95 -112.76 34.30 25.25
N LYS U 96 -113.75 33.52 25.69
CA LYS U 96 -113.81 32.05 25.37
C LYS U 96 -114.96 31.62 24.50
N TRP U 97 -114.88 30.40 23.96
CA TRP U 97 -115.91 29.97 23.01
C TRP U 97 -116.90 29.02 23.64
N ARG U 98 -118.19 29.30 23.46
CA ARG U 98 -119.21 28.47 24.07
C ARG U 98 -119.92 27.62 23.02
N ARG U 99 -119.92 26.31 23.23
CA ARG U 99 -120.58 25.38 22.32
C ARG U 99 -122.05 25.20 22.70
N GLU U 100 -122.98 25.52 21.81
CA GLU U 100 -124.41 25.24 22.04
C GLU U 100 -124.92 24.02 21.29
N LEU U 101 -125.65 23.17 22.00
CA LEU U 101 -126.22 22.02 21.35
C LEU U 101 -127.64 22.37 21.02
N ILE U 102 -127.98 22.52 19.74
CA ILE U 102 -129.35 22.96 19.39
C ILE U 102 -130.07 22.07 18.43
N LEU U 103 -131.40 22.25 18.38
CA LEU U 103 -132.26 21.45 17.49
C LEU U 103 -133.26 22.33 16.72
N TYR U 104 -133.56 21.98 15.48
CA TYR U 104 -134.49 22.77 14.64
C TYR U 104 -135.57 21.90 13.96
N ASP U 105 -136.73 22.48 13.72
CA ASP U 105 -137.78 21.73 13.08
C ASP U 105 -137.30 21.20 11.74
N LYS U 106 -137.08 19.90 11.65
CA LYS U 106 -136.61 19.35 10.36
C LYS U 106 -137.31 19.97 9.17
N GLU U 107 -138.56 20.42 9.35
CA GLU U 107 -139.34 20.92 8.21
C GLU U 107 -139.10 22.39 8.09
N GLU U 108 -139.02 23.05 9.24
CA GLU U 108 -138.68 24.44 9.18
C GLU U 108 -137.44 24.63 8.29
N ILE U 109 -136.45 23.74 8.45
CA ILE U 109 -135.20 23.84 7.68
C ILE U 109 -135.50 23.71 6.23
N ARG U 110 -136.34 22.74 5.91
CA ARG U 110 -136.71 22.52 4.53
C ARG U 110 -137.48 23.71 3.98
N ARG U 111 -138.19 24.40 4.86
CA ARG U 111 -138.96 25.53 4.45
C ARG U 111 -138.04 26.71 4.08
N ILE U 112 -137.13 27.00 5.01
CA ILE U 112 -136.21 28.11 4.82
C ILE U 112 -135.35 27.90 3.59
N TRP U 113 -134.94 26.64 3.36
CA TRP U 113 -134.15 26.29 2.20
C TRP U 113 -134.87 26.74 0.93
N ARG U 114 -136.10 26.27 0.70
CA ARG U 114 -136.79 26.55 -0.57
C ARG U 114 -137.02 28.06 -0.69
N GLN U 115 -137.42 28.68 0.42
CA GLN U 115 -137.57 30.09 0.41
C GLN U 115 -136.40 30.74 -0.30
N ALA U 116 -135.18 30.26 -0.02
CA ALA U 116 -133.97 30.86 -0.59
C ALA U 116 -133.87 30.51 -2.05
N ASN U 117 -134.15 29.27 -2.42
CA ASN U 117 -134.16 28.88 -3.85
C ASN U 117 -135.46 29.11 -4.64
N ASN U 118 -136.23 30.13 -4.27
CA ASN U 118 -137.49 30.35 -4.96
C ASN U 118 -138.52 29.22 -4.84
N GLY U 119 -138.52 28.52 -3.71
CA GLY U 119 -139.45 27.44 -3.56
C GLY U 119 -139.09 26.24 -4.40
N ASP U 120 -137.90 26.29 -5.02
CA ASP U 120 -137.38 25.16 -5.73
C ASP U 120 -136.71 24.16 -4.82
N ASP U 121 -136.32 23.03 -5.39
CA ASP U 121 -135.68 22.00 -4.59
C ASP U 121 -134.17 22.19 -4.61
N ALA U 122 -133.72 22.59 -5.80
CA ALA U 122 -132.33 22.83 -6.10
C ALA U 122 -131.55 21.67 -5.56
N THR U 123 -131.77 20.47 -6.09
CA THR U 123 -131.03 19.29 -5.59
C THR U 123 -129.57 19.56 -5.82
N ALA U 124 -129.26 20.18 -6.94
CA ALA U 124 -127.89 20.58 -7.19
C ALA U 124 -127.27 21.23 -5.94
N GLY U 125 -127.98 22.19 -5.39
CA GLY U 125 -127.48 22.88 -4.22
C GLY U 125 -127.13 22.00 -3.04
N LEU U 126 -127.98 21.03 -2.73
CA LEU U 126 -127.77 20.16 -1.58
C LEU U 126 -126.61 19.24 -1.94
N THR U 127 -126.59 18.83 -3.20
CA THR U 127 -125.61 17.94 -3.71
C THR U 127 -124.28 18.64 -3.63
N HIS U 128 -124.28 19.97 -3.78
CA HIS U 128 -123.03 20.76 -3.76
C HIS U 128 -122.37 20.67 -2.40
N MET U 129 -123.16 20.80 -1.35
CA MET U 129 -122.63 20.77 -0.01
C MET U 129 -122.42 19.35 0.29
N MET U 130 -123.05 18.49 -0.51
CA MET U 130 -122.92 17.03 -0.34
C MET U 130 -121.49 16.75 -0.73
N ILE U 131 -120.95 17.49 -1.69
CA ILE U 131 -119.57 17.26 -2.13
C ILE U 131 -118.53 17.97 -1.26
N TRP U 132 -118.89 19.16 -0.82
CA TRP U 132 -117.94 19.93 -0.07
C TRP U 132 -117.59 19.05 1.12
N HIS U 133 -118.58 18.33 1.60
CA HIS U 133 -118.34 17.49 2.73
C HIS U 133 -117.47 16.36 2.26
N SER U 134 -117.80 15.83 1.08
CA SER U 134 -117.02 14.72 0.56
C SER U 134 -115.54 15.08 0.48
N ASN U 135 -115.26 16.15 -0.21
CA ASN U 135 -113.92 16.52 -0.50
C ASN U 135 -113.09 16.82 0.75
N LEU U 136 -113.79 17.22 1.82
CA LEU U 136 -113.23 17.44 3.12
C LEU U 136 -112.95 16.12 3.78
N ASN U 137 -113.72 15.10 3.45
CA ASN U 137 -113.56 13.86 4.17
C ASN U 137 -112.50 13.02 3.48
N ASP U 138 -112.39 13.19 2.18
CA ASP U 138 -111.43 12.49 1.44
C ASP U 138 -110.01 13.03 1.76
N ALA U 139 -109.96 14.16 2.46
CA ALA U 139 -108.68 14.76 2.83
C ALA U 139 -108.40 14.69 4.31
N THR U 140 -109.43 14.70 5.14
CA THR U 140 -109.24 14.67 6.58
C THR U 140 -108.93 13.23 6.97
N TYR U 141 -109.56 12.27 6.27
CA TYR U 141 -109.44 10.84 6.64
C TYR U 141 -108.96 9.87 5.58
N GLN U 142 -108.41 8.78 6.05
CA GLN U 142 -107.97 7.73 5.17
C GLN U 142 -108.84 6.53 5.42
N ARG U 143 -109.43 6.00 4.37
CA ARG U 143 -110.48 5.00 4.56
C ARG U 143 -109.94 3.62 4.23
N THR U 144 -109.10 3.11 5.14
CA THR U 144 -108.41 1.85 4.90
C THR U 144 -109.28 0.72 5.41
N ARG U 145 -109.81 0.91 6.62
CA ARG U 145 -110.64 -0.12 7.26
C ARG U 145 -111.67 -0.70 6.29
N ALA U 146 -112.26 0.18 5.51
CA ALA U 146 -113.28 -0.19 4.56
C ALA U 146 -112.75 -0.86 3.32
N LEU U 147 -111.58 -0.44 2.84
CA LEU U 147 -111.05 -0.97 1.57
C LEU U 147 -110.70 -2.47 1.69
N VAL U 148 -110.06 -2.78 2.81
CA VAL U 148 -109.55 -4.10 3.10
C VAL U 148 -110.72 -5.05 3.38
N ARG U 149 -111.62 -4.60 4.28
CA ARG U 149 -112.83 -5.34 4.58
C ARG U 149 -113.65 -5.61 3.29
N THR U 150 -113.49 -4.76 2.28
CA THR U 150 -114.05 -5.03 0.95
C THR U 150 -113.15 -5.98 0.14
N GLY U 151 -111.83 -5.90 0.34
CA GLY U 151 -110.94 -6.83 -0.35
C GLY U 151 -110.21 -6.08 -1.44
N MET U 152 -109.96 -4.80 -1.13
CA MET U 152 -109.22 -3.84 -1.98
C MET U 152 -107.91 -3.53 -1.27
N ASP U 153 -106.85 -3.28 -2.03
CA ASP U 153 -105.60 -3.00 -1.37
C ASP U 153 -105.57 -1.60 -0.74
N PRO U 154 -105.19 -1.49 0.57
CA PRO U 154 -105.17 -0.19 1.29
C PRO U 154 -104.38 0.86 0.56
N ARG U 155 -103.39 0.44 -0.18
CA ARG U 155 -102.66 1.35 -1.01
C ARG U 155 -103.40 1.86 -2.24
N MET U 156 -104.72 1.66 -2.28
CA MET U 156 -105.52 2.17 -3.42
C MET U 156 -106.28 3.43 -3.04
N CYS U 157 -105.70 4.21 -2.11
CA CYS U 157 -106.18 5.53 -1.69
C CYS U 157 -106.59 6.47 -2.80
N SER U 158 -105.70 6.68 -3.78
CA SER U 158 -105.91 7.62 -4.90
C SER U 158 -107.07 7.30 -5.86
N LEU U 159 -107.82 6.26 -5.53
CA LEU U 159 -108.90 5.77 -6.35
C LEU U 159 -110.17 5.85 -5.55
N MET U 160 -110.11 6.20 -4.27
CA MET U 160 -111.33 6.28 -3.47
C MET U 160 -111.94 7.70 -3.34
N GLN U 161 -111.84 8.50 -4.39
CA GLN U 161 -112.42 9.82 -4.38
C GLN U 161 -113.97 9.88 -4.34
N GLY U 162 -114.51 10.18 -3.18
CA GLY U 162 -115.93 10.29 -3.07
C GLY U 162 -116.49 9.00 -2.49
N SER U 163 -115.67 8.19 -1.84
CA SER U 163 -116.23 7.04 -1.23
C SER U 163 -117.26 7.43 -0.13
N THR U 164 -117.22 8.66 0.39
CA THR U 164 -118.09 9.05 1.51
C THR U 164 -119.40 9.63 1.00
N LEU U 165 -119.38 9.85 -0.30
CA LEU U 165 -120.42 10.64 -0.89
C LEU U 165 -121.69 9.83 -1.02
N PRO U 166 -122.71 10.16 -0.20
CA PRO U 166 -123.97 9.38 -0.26
C PRO U 166 -124.44 9.10 -1.70
N ARG U 167 -124.91 7.88 -1.93
CA ARG U 167 -125.52 7.48 -3.20
C ARG U 167 -126.59 8.47 -3.70
N ARG U 168 -127.34 9.09 -2.75
CA ARG U 168 -128.28 10.15 -3.07
C ARG U 168 -127.66 11.25 -3.97
N SER U 169 -126.34 11.39 -3.95
CA SER U 169 -125.68 12.37 -4.79
C SER U 169 -126.22 12.29 -6.20
N GLY U 170 -126.19 13.40 -6.89
CA GLY U 170 -126.73 13.44 -8.22
C GLY U 170 -125.89 12.80 -9.30
N ALA U 171 -126.30 13.02 -10.53
CA ALA U 171 -125.61 12.46 -11.66
C ALA U 171 -124.21 13.10 -11.83
N ALA U 172 -124.08 14.39 -11.48
CA ALA U 172 -122.85 15.15 -11.69
C ALA U 172 -122.11 15.04 -10.35
N GLY U 173 -122.79 14.37 -9.42
CA GLY U 173 -122.20 13.96 -8.15
C GLY U 173 -121.34 12.70 -8.24
N ALA U 174 -121.71 11.77 -9.11
CA ALA U 174 -120.97 10.55 -9.22
C ALA U 174 -119.78 10.80 -10.13
N ALA U 175 -119.90 11.70 -11.11
CA ALA U 175 -118.76 11.97 -12.03
C ALA U 175 -117.44 12.35 -11.29
N VAL U 176 -117.59 12.74 -10.03
CA VAL U 176 -116.45 13.19 -9.26
C VAL U 176 -115.79 11.98 -8.66
N LYS U 177 -116.52 10.86 -8.62
CA LYS U 177 -116.02 9.59 -8.03
C LYS U 177 -114.78 8.94 -8.70
N GLY U 178 -113.85 8.46 -7.86
CA GLY U 178 -112.71 7.73 -8.39
C GLY U 178 -113.08 6.31 -8.80
N VAL U 179 -112.29 5.73 -9.70
CA VAL U 179 -112.53 4.38 -10.23
C VAL U 179 -112.69 3.37 -9.06
N GLY U 180 -111.74 3.45 -8.13
CA GLY U 180 -111.77 2.66 -6.95
C GLY U 180 -113.04 2.87 -6.17
N THR U 181 -113.69 4.01 -6.31
CA THR U 181 -114.86 4.27 -5.46
C THR U 181 -115.98 3.34 -5.89
N MET U 182 -116.07 3.15 -7.20
CA MET U 182 -117.16 2.45 -7.75
C MET U 182 -117.06 0.99 -7.37
N VAL U 183 -115.87 0.44 -7.58
CA VAL U 183 -115.54 -0.93 -7.21
C VAL U 183 -115.94 -1.31 -5.76
N MET U 184 -115.67 -0.47 -4.77
CA MET U 184 -116.00 -0.81 -3.41
C MET U 184 -117.50 -1.06 -3.23
N GLU U 185 -118.29 -0.45 -4.13
CA GLU U 185 -119.76 -0.51 -4.10
C GLU U 185 -120.28 -1.82 -4.70
N LEU U 186 -120.10 -1.93 -6.02
CA LEU U 186 -120.38 -3.16 -6.72
C LEU U 186 -119.92 -4.39 -5.92
N ILE U 187 -118.64 -4.41 -5.53
CA ILE U 187 -118.12 -5.50 -4.69
C ILE U 187 -118.96 -5.76 -3.43
N ARG U 188 -119.58 -4.74 -2.83
CA ARG U 188 -120.36 -5.02 -1.64
C ARG U 188 -121.75 -5.43 -2.05
N MET U 189 -122.24 -4.76 -3.11
CA MET U 189 -123.57 -5.06 -3.66
C MET U 189 -123.52 -6.52 -4.08
N ILE U 190 -122.53 -6.86 -4.92
CA ILE U 190 -122.24 -8.26 -5.31
C ILE U 190 -121.93 -9.18 -4.12
N LYS U 191 -121.00 -8.81 -3.23
CA LYS U 191 -120.58 -9.70 -2.14
C LYS U 191 -121.74 -10.19 -1.25
N ARG U 192 -122.64 -9.30 -0.87
CA ARG U 192 -123.76 -9.78 -0.06
C ARG U 192 -124.80 -10.64 -0.84
N GLY U 193 -125.08 -10.22 -2.09
CA GLY U 193 -125.98 -10.92 -3.03
C GLY U 193 -125.44 -12.29 -3.40
N ILE U 194 -124.29 -12.31 -4.07
CA ILE U 194 -123.60 -13.55 -4.41
C ILE U 194 -123.26 -14.28 -3.13
N ASN U 195 -123.25 -13.76 -2.04
CA ASN U 195 -123.06 -14.53 -0.80
C ASN U 195 -124.44 -15.06 -0.45
N ARG U 206 -134.64 -7.17 -7.08
CA ARG U 206 -135.22 -7.33 -8.41
C ARG U 206 -134.71 -6.28 -9.38
N ARG U 207 -135.15 -5.05 -9.13
CA ARG U 207 -134.80 -3.87 -9.93
C ARG U 207 -133.32 -3.55 -9.74
N THR U 208 -132.72 -4.14 -8.72
CA THR U 208 -131.30 -4.01 -8.40
C THR U 208 -130.37 -4.20 -9.59
N ARG U 209 -130.87 -4.79 -10.66
CA ARG U 209 -130.07 -5.04 -11.88
C ARG U 209 -129.69 -3.80 -12.74
N ILE U 210 -130.68 -2.96 -13.08
CA ILE U 210 -130.43 -1.74 -13.85
C ILE U 210 -129.32 -0.90 -13.19
N ALA U 211 -129.28 -0.92 -11.85
CA ALA U 211 -128.21 -0.29 -11.07
C ALA U 211 -126.89 -0.86 -11.51
N TYR U 212 -126.72 -2.17 -11.30
CA TYR U 212 -125.44 -2.84 -11.54
C TYR U 212 -124.87 -2.51 -12.92
N GLU U 213 -125.69 -2.62 -13.96
CA GLU U 213 -125.22 -2.36 -15.33
C GLU U 213 -124.80 -0.93 -15.48
N ARG U 214 -125.65 -0.01 -15.03
CA ARG U 214 -125.31 1.40 -15.09
C ARG U 214 -124.06 1.71 -14.26
N MET U 215 -124.05 1.26 -13.01
CA MET U 215 -122.92 1.45 -12.14
C MET U 215 -121.69 1.02 -12.88
N CYS U 216 -121.81 0.06 -13.78
CA CYS U 216 -120.63 -0.34 -14.57
C CYS U 216 -120.39 0.61 -15.73
N ASN U 217 -121.48 1.13 -16.29
CA ASN U 217 -121.35 1.94 -17.49
C ASN U 217 -120.61 3.19 -17.16
N ILE U 218 -120.97 3.72 -15.98
CA ILE U 218 -120.28 4.83 -15.32
C ILE U 218 -118.84 4.41 -15.10
N LEU U 219 -118.69 3.26 -14.44
CA LEU U 219 -117.42 2.67 -14.18
C LEU U 219 -116.66 2.73 -15.48
N LYS U 220 -117.26 2.22 -16.56
CA LYS U 220 -116.54 2.06 -17.82
C LYS U 220 -116.21 3.41 -18.40
N GLY U 221 -117.08 4.37 -18.10
CA GLY U 221 -116.90 5.69 -18.66
C GLY U 221 -115.78 6.44 -17.97
N LYS U 222 -115.23 5.81 -16.92
CA LYS U 222 -114.06 6.35 -16.24
C LYS U 222 -112.82 6.02 -17.08
N PHE U 223 -112.75 4.77 -17.54
CA PHE U 223 -111.65 4.33 -18.38
C PHE U 223 -111.62 5.09 -19.67
N GLN U 224 -110.41 5.33 -20.16
CA GLN U 224 -110.15 6.03 -21.41
C GLN U 224 -109.17 5.29 -22.31
N THR U 225 -109.26 3.95 -22.34
CA THR U 225 -108.47 3.11 -23.26
C THR U 225 -109.27 1.90 -23.71
N ALA U 226 -109.06 1.49 -24.97
CA ALA U 226 -109.71 0.31 -25.55
C ALA U 226 -110.01 -0.80 -24.50
N ALA U 227 -108.98 -1.58 -24.18
CA ALA U 227 -109.08 -2.77 -23.32
C ALA U 227 -109.83 -2.46 -22.01
N GLN U 228 -109.37 -1.39 -21.36
CA GLN U 228 -109.97 -0.92 -20.13
C GLN U 228 -111.47 -0.91 -20.36
N ARG U 229 -111.87 -0.17 -21.40
CA ARG U 229 -113.26 -0.04 -21.75
C ARG U 229 -113.86 -1.43 -22.01
N THR U 230 -113.20 -2.24 -22.83
CA THR U 230 -113.76 -3.54 -23.23
C THR U 230 -113.90 -4.50 -22.05
N MET U 231 -112.93 -4.46 -21.14
CA MET U 231 -112.90 -5.46 -20.05
C MET U 231 -114.02 -5.28 -19.02
N VAL U 232 -114.57 -4.08 -19.04
CA VAL U 232 -115.58 -3.67 -18.11
C VAL U 232 -116.84 -4.36 -18.53
N ASP U 233 -117.02 -4.42 -19.85
CA ASP U 233 -118.14 -5.13 -20.49
C ASP U 233 -118.09 -6.62 -20.15
N GLN U 234 -116.91 -7.24 -20.31
CA GLN U 234 -116.73 -8.64 -19.99
C GLN U 234 -117.15 -8.92 -18.54
N VAL U 235 -117.12 -7.88 -17.70
CA VAL U 235 -117.56 -7.98 -16.31
C VAL U 235 -119.08 -7.83 -16.14
N ARG U 236 -119.63 -6.86 -16.85
CA ARG U 236 -121.05 -6.58 -16.84
C ARG U 236 -121.91 -7.69 -17.48
N GLU U 237 -121.27 -8.75 -17.97
CA GLU U 237 -121.99 -9.83 -18.63
C GLU U 237 -122.75 -10.77 -17.69
N SER U 238 -122.25 -10.96 -16.48
CA SER U 238 -122.83 -11.95 -15.55
C SER U 238 -123.95 -11.42 -14.64
N ARG U 239 -125.10 -12.12 -14.62
CA ARG U 239 -126.23 -11.72 -13.79
C ARG U 239 -125.87 -11.88 -12.33
N ASN U 240 -125.26 -13.01 -12.01
CA ASN U 240 -124.85 -13.26 -10.65
C ASN U 240 -123.32 -13.30 -10.65
N PRO U 241 -122.66 -12.15 -10.86
CA PRO U 241 -121.20 -12.12 -11.02
C PRO U 241 -120.48 -12.52 -9.74
N GLY U 242 -119.83 -13.67 -9.72
CA GLY U 242 -119.22 -14.12 -8.48
C GLY U 242 -117.77 -13.68 -8.43
N ASN U 243 -116.98 -14.37 -7.58
CA ASN U 243 -115.53 -14.17 -7.53
C ASN U 243 -114.83 -13.99 -8.87
N ALA U 244 -115.44 -14.52 -9.93
CA ALA U 244 -114.98 -14.30 -11.32
C ALA U 244 -114.78 -12.80 -11.57
N GLU U 245 -115.84 -12.06 -11.26
CA GLU U 245 -115.88 -10.60 -11.40
C GLU U 245 -115.10 -10.00 -10.21
N PHE U 246 -115.54 -10.35 -8.98
CA PHE U 246 -114.89 -9.92 -7.72
C PHE U 246 -113.37 -9.79 -7.92
N GLU U 247 -112.74 -10.86 -8.39
CA GLU U 247 -111.34 -10.80 -8.70
C GLU U 247 -111.00 -9.90 -9.93
N ASP U 248 -111.84 -9.87 -10.96
CA ASP U 248 -111.43 -9.11 -12.17
C ASP U 248 -111.42 -7.56 -12.05
N LEU U 249 -112.42 -7.01 -11.34
CA LEU U 249 -112.58 -5.56 -11.26
C LEU U 249 -111.44 -5.02 -10.42
N ILE U 250 -111.10 -5.77 -9.37
CA ILE U 250 -109.99 -5.46 -8.49
C ILE U 250 -108.76 -5.24 -9.35
N PHE U 251 -108.60 -6.10 -10.36
CA PHE U 251 -107.53 -5.95 -11.37
C PHE U 251 -107.57 -4.54 -12.05
N LEU U 252 -108.71 -4.30 -12.72
CA LEU U 252 -109.04 -3.06 -13.38
C LEU U 252 -108.84 -1.88 -12.39
N ALA U 253 -109.18 -2.09 -11.11
CA ALA U 253 -108.93 -1.08 -10.08
C ALA U 253 -107.42 -0.69 -10.09
N ARG U 254 -106.58 -1.74 -10.09
CA ARG U 254 -105.17 -1.54 -10.12
C ARG U 254 -104.67 -1.03 -11.46
N SER U 255 -105.42 -1.26 -12.54
CA SER U 255 -104.96 -0.77 -13.85
C SER U 255 -105.01 0.76 -13.91
N ALA U 256 -105.88 1.34 -13.10
CA ALA U 256 -106.17 2.76 -13.09
C ALA U 256 -105.09 3.54 -12.37
N LEU U 257 -104.30 2.78 -11.58
CA LEU U 257 -103.13 3.25 -10.85
C LEU U 257 -102.08 3.60 -11.84
N ILE U 258 -102.22 3.11 -13.07
CA ILE U 258 -101.22 3.36 -14.05
C ILE U 258 -101.86 4.04 -15.26
N LEU U 259 -102.98 3.47 -15.71
CA LEU U 259 -103.78 4.03 -16.83
C LEU U 259 -105.01 4.56 -16.15
N ARG U 260 -104.92 5.83 -15.74
CA ARG U 260 -105.92 6.39 -14.88
C ARG U 260 -107.15 6.58 -15.75
N GLY U 261 -108.28 6.90 -15.12
CA GLY U 261 -109.48 7.29 -15.83
C GLY U 261 -109.82 8.76 -15.76
N SER U 262 -110.98 9.09 -16.29
CA SER U 262 -111.49 10.44 -16.25
C SER U 262 -112.33 10.59 -14.99
N VAL U 263 -111.83 11.40 -14.06
CA VAL U 263 -112.62 11.77 -12.90
C VAL U 263 -112.59 13.27 -12.71
N ALA U 264 -113.77 13.87 -12.87
CA ALA U 264 -114.02 15.27 -12.56
C ALA U 264 -113.71 15.67 -11.11
N HIS U 265 -113.15 16.87 -10.96
CA HIS U 265 -112.90 17.50 -9.65
C HIS U 265 -113.72 18.80 -9.57
N LYS U 266 -114.43 18.98 -8.46
CA LYS U 266 -115.33 20.13 -8.25
C LYS U 266 -114.87 20.94 -7.03
N SER U 267 -114.56 22.23 -7.24
CA SER U 267 -114.13 23.11 -6.16
C SER U 267 -115.34 23.55 -5.35
N CYS U 268 -115.65 22.84 -4.30
CA CYS U 268 -116.88 23.20 -3.57
C CYS U 268 -116.59 23.81 -2.24
N LEU U 269 -116.85 25.11 -2.08
CA LEU U 269 -116.48 25.83 -0.84
C LEU U 269 -117.57 25.72 0.19
N PRO U 270 -117.28 25.94 1.49
CA PRO U 270 -118.22 25.88 2.62
C PRO U 270 -119.34 26.85 2.43
N ALA U 271 -120.50 26.56 3.02
CA ALA U 271 -121.65 27.45 2.89
C ALA U 271 -121.35 28.92 3.25
N CYS U 272 -120.49 29.10 4.24
CA CYS U 272 -120.25 30.41 4.74
C CYS U 272 -119.61 31.29 3.66
N VAL U 273 -118.78 30.66 2.85
CA VAL U 273 -118.03 31.38 1.88
C VAL U 273 -119.00 31.93 0.86
N TYR U 274 -119.92 31.12 0.34
CA TYR U 274 -120.98 31.56 -0.54
C TYR U 274 -121.94 32.51 0.16
N GLY U 275 -122.41 32.18 1.38
CA GLY U 275 -123.24 33.16 2.16
C GLY U 275 -122.61 34.52 2.27
N SER U 276 -121.37 34.56 2.66
CA SER U 276 -120.70 35.82 2.81
C SER U 276 -120.63 36.60 1.48
N ALA U 277 -120.33 35.88 0.40
CA ALA U 277 -120.22 36.43 -0.93
C ALA U 277 -121.54 37.00 -1.42
N VAL U 278 -122.62 36.27 -1.18
CA VAL U 278 -123.95 36.70 -1.58
C VAL U 278 -124.30 37.98 -0.86
N ALA U 279 -123.97 38.00 0.42
CA ALA U 279 -124.23 39.13 1.30
C ALA U 279 -123.44 40.35 0.89
N SER U 280 -122.25 40.13 0.34
CA SER U 280 -121.39 41.19 -0.15
C SER U 280 -121.82 41.71 -1.50
N GLY U 281 -123.00 41.33 -1.95
CA GLY U 281 -123.42 41.87 -3.16
C GLY U 281 -123.25 40.92 -4.34
N TYR U 282 -122.31 39.98 -4.31
CA TYR U 282 -122.10 39.15 -5.51
C TYR U 282 -123.32 38.46 -5.87
N ASP U 283 -123.73 38.67 -7.10
CA ASP U 283 -124.98 38.13 -7.61
C ASP U 283 -124.67 37.13 -8.72
N PHE U 284 -124.23 35.93 -8.33
CA PHE U 284 -123.61 34.97 -9.23
C PHE U 284 -124.43 34.54 -10.42
N GLU U 285 -125.69 34.19 -10.21
CA GLU U 285 -126.55 33.93 -11.39
C GLU U 285 -126.45 34.99 -12.53
N ARG U 286 -126.15 36.22 -12.20
CA ARG U 286 -126.02 37.26 -13.19
C ARG U 286 -124.60 37.36 -13.65
N GLU U 287 -123.64 37.26 -12.72
CA GLU U 287 -122.22 37.40 -13.06
C GLU U 287 -121.56 36.06 -13.37
N GLY U 288 -122.27 34.96 -13.26
CA GLY U 288 -121.68 33.70 -13.63
C GLY U 288 -120.70 33.18 -12.58
N TYR U 289 -120.62 31.86 -12.49
CA TYR U 289 -119.73 31.20 -11.56
C TYR U 289 -119.33 29.79 -12.10
N SER U 290 -118.15 29.26 -11.70
CA SER U 290 -117.74 27.88 -12.07
C SER U 290 -117.27 27.12 -10.86
N LEU U 291 -117.15 25.80 -11.03
CA LEU U 291 -116.55 24.94 -10.01
C LEU U 291 -115.24 24.35 -10.53
N VAL U 292 -114.87 24.66 -11.78
CA VAL U 292 -113.64 24.08 -12.34
C VAL U 292 -112.85 25.19 -13.06
N GLY U 293 -113.30 26.44 -12.87
CA GLY U 293 -112.55 27.57 -13.43
C GLY U 293 -111.80 28.39 -12.44
N ILE U 294 -111.69 29.68 -12.75
CA ILE U 294 -110.99 30.63 -11.86
C ILE U 294 -111.94 31.17 -10.77
N ASP U 295 -113.24 30.93 -10.94
CA ASP U 295 -114.24 31.52 -10.07
C ASP U 295 -113.96 31.11 -8.62
N PRO U 296 -113.83 29.80 -8.39
CA PRO U 296 -113.70 29.36 -7.01
C PRO U 296 -112.42 29.88 -6.42
N PHE U 297 -111.30 29.77 -7.09
CA PHE U 297 -110.09 30.34 -6.49
C PHE U 297 -110.28 31.82 -6.18
N ARG U 298 -110.82 32.60 -7.12
CA ARG U 298 -110.95 34.04 -6.91
C ARG U 298 -111.81 34.35 -5.68
N LEU U 299 -112.92 33.63 -5.54
CA LEU U 299 -113.76 33.79 -4.40
C LEU U 299 -112.95 33.55 -3.13
N LEU U 300 -112.18 32.46 -3.08
CA LEU U 300 -111.38 32.16 -1.90
C LEU U 300 -110.23 33.15 -1.72
N GLN U 301 -110.05 34.10 -2.64
CA GLN U 301 -108.94 35.04 -2.49
C GLN U 301 -109.33 36.17 -1.56
N ASN U 302 -110.62 36.20 -1.19
CA ASN U 302 -111.16 37.26 -0.32
C ASN U 302 -111.99 36.76 0.84
N SER U 303 -112.03 35.44 1.00
CA SER U 303 -112.86 34.84 1.98
C SER U 303 -112.25 35.08 3.36
N GLN U 304 -113.09 35.29 4.35
CA GLN U 304 -112.60 35.53 5.70
C GLN U 304 -113.11 34.38 6.55
N VAL U 305 -112.57 33.19 6.34
CA VAL U 305 -113.08 32.07 7.08
C VAL U 305 -112.28 31.79 8.32
N TYR U 306 -112.99 31.64 9.44
CA TYR U 306 -112.33 31.27 10.69
C TYR U 306 -112.61 29.84 11.11
N SER U 307 -111.69 29.30 11.88
CA SER U 307 -111.83 27.92 12.35
C SER U 307 -111.43 27.64 13.77
N LEU U 308 -112.17 26.78 14.47
CA LEU U 308 -111.78 26.37 15.82
C LEU U 308 -110.55 25.51 15.73
N ILE U 309 -109.67 25.74 16.69
CA ILE U 309 -108.36 25.10 16.65
C ILE U 309 -107.92 24.65 18.04
N ARG U 310 -107.70 23.34 18.16
CA ARG U 310 -107.23 22.76 19.43
C ARG U 310 -105.87 23.30 19.90
N PRO U 311 -105.62 23.30 21.26
CA PRO U 311 -104.45 23.94 21.93
C PRO U 311 -103.09 23.64 21.31
N ASN U 312 -102.83 22.36 21.02
CA ASN U 312 -101.56 22.06 20.41
C ASN U 312 -101.47 22.02 18.89
N GLU U 313 -102.52 22.42 18.19
CA GLU U 313 -102.56 22.25 16.73
C GLU U 313 -101.91 23.43 16.03
N ASN U 314 -101.47 23.20 14.80
CA ASN U 314 -100.77 24.20 14.05
C ASN U 314 -101.72 24.86 13.11
N PRO U 315 -101.94 26.17 13.27
CA PRO U 315 -102.85 26.92 12.37
C PRO U 315 -102.55 26.72 10.87
N ALA U 316 -101.26 26.84 10.54
CA ALA U 316 -100.84 26.83 9.16
C ALA U 316 -101.21 25.49 8.56
N HIS U 317 -101.22 24.50 9.46
CA HIS U 317 -101.45 23.11 9.09
C HIS U 317 -102.95 22.97 8.90
N LYS U 318 -103.72 23.68 9.73
CA LYS U 318 -105.19 23.63 9.65
C LYS U 318 -105.68 24.17 8.31
N SER U 319 -105.22 25.38 7.97
CA SER U 319 -105.56 26.01 6.73
C SER U 319 -105.26 25.08 5.55
N GLN U 320 -104.10 24.41 5.60
CA GLN U 320 -103.73 23.55 4.51
C GLN U 320 -104.88 22.59 4.24
N LEU U 321 -105.28 21.88 5.28
CA LEU U 321 -106.36 20.87 5.20
C LEU U 321 -107.56 21.40 4.43
N VAL U 322 -108.30 22.33 5.06
CA VAL U 322 -109.40 23.03 4.35
C VAL U 322 -109.13 23.42 2.91
N TRP U 323 -107.97 23.99 2.64
CA TRP U 323 -107.60 24.34 1.28
C TRP U 323 -107.64 23.15 0.35
N MET U 324 -107.27 21.97 0.85
CA MET U 324 -107.19 20.81 -0.03
C MET U 324 -108.57 20.25 -0.25
N ALA U 325 -109.45 20.46 0.74
CA ALA U 325 -110.85 20.09 0.57
C ALA U 325 -111.58 21.07 -0.33
N CYS U 326 -111.11 22.30 -0.43
CA CYS U 326 -111.78 23.18 -1.36
C CYS U 326 -111.57 22.89 -2.85
N HIS U 327 -110.55 22.09 -3.14
CA HIS U 327 -110.38 21.69 -4.51
C HIS U 327 -110.26 20.17 -4.82
N SER U 328 -110.49 19.29 -3.85
CA SER U 328 -110.40 17.86 -4.15
C SER U 328 -108.91 17.57 -4.53
N ALA U 329 -108.01 18.07 -3.67
CA ALA U 329 -106.57 17.92 -3.91
C ALA U 329 -106.07 16.99 -2.85
N ALA U 330 -106.88 16.00 -2.44
CA ALA U 330 -106.42 15.09 -1.37
C ALA U 330 -105.62 13.99 -1.95
N PHE U 331 -105.56 13.86 -3.26
CA PHE U 331 -104.85 12.74 -3.84
C PHE U 331 -104.05 13.34 -4.94
N GLU U 332 -103.79 14.64 -4.87
CA GLU U 332 -103.05 15.27 -5.93
C GLU U 332 -101.55 15.12 -5.61
N ASP U 333 -100.67 15.36 -6.58
CA ASP U 333 -99.25 15.27 -6.33
C ASP U 333 -98.84 16.45 -5.44
N LEU U 334 -98.35 16.20 -4.21
CA LEU U 334 -98.06 17.26 -3.26
C LEU U 334 -97.24 18.35 -3.93
N ARG U 335 -96.36 17.92 -4.84
CA ARG U 335 -95.48 18.87 -5.55
C ARG U 335 -96.25 19.95 -6.21
N VAL U 336 -97.24 19.54 -7.00
CA VAL U 336 -98.08 20.49 -7.73
C VAL U 336 -98.99 21.29 -6.80
N SER U 337 -99.65 20.59 -5.85
CA SER U 337 -100.46 21.27 -4.84
C SER U 337 -99.68 22.41 -4.21
N SER U 338 -98.44 22.18 -3.80
CA SER U 338 -97.64 23.23 -3.18
C SER U 338 -97.27 24.31 -4.17
N PHE U 339 -97.20 23.91 -5.44
CA PHE U 339 -96.70 24.81 -6.45
C PHE U 339 -97.78 25.85 -6.61
N ILE U 340 -99.00 25.39 -6.82
CA ILE U 340 -100.14 26.24 -7.06
C ILE U 340 -100.54 26.99 -5.75
N ARG U 341 -100.46 26.24 -4.64
CA ARG U 341 -100.79 26.76 -3.34
C ARG U 341 -100.00 27.99 -3.01
N GLY U 342 -98.70 27.94 -3.28
CA GLY U 342 -97.91 29.10 -3.00
C GLY U 342 -96.97 28.85 -1.86
N THR U 343 -97.29 27.81 -1.06
CA THR U 343 -96.54 27.41 0.13
C THR U 343 -96.49 25.91 0.34
N LYS U 344 -95.60 25.46 1.21
CA LYS U 344 -95.56 24.02 1.46
C LYS U 344 -96.93 23.33 1.70
N VAL U 345 -97.12 22.21 1.03
CA VAL U 345 -98.29 21.41 1.22
C VAL U 345 -97.81 20.13 1.87
N VAL U 346 -97.80 20.17 3.18
CA VAL U 346 -97.24 19.07 3.93
C VAL U 346 -98.12 17.82 3.91
N PRO U 347 -97.51 16.63 3.88
CA PRO U 347 -98.18 15.31 3.89
C PRO U 347 -99.03 15.10 5.10
N ARG U 348 -99.96 14.14 4.99
CA ARG U 348 -100.96 13.92 6.02
C ARG U 348 -100.30 13.58 7.31
N GLY U 349 -99.38 12.62 7.30
CA GLY U 349 -98.73 12.23 8.56
C GLY U 349 -98.13 13.40 9.35
N LYS U 350 -97.41 14.27 8.65
CA LYS U 350 -96.75 15.39 9.27
C LYS U 350 -97.71 16.50 9.55
N LEU U 351 -98.99 16.31 9.23
CA LEU U 351 -99.97 17.32 9.47
C LEU U 351 -100.46 17.31 10.88
N SER U 352 -100.42 18.49 11.50
CA SER U 352 -100.89 18.65 12.86
C SER U 352 -102.37 18.98 13.03
N THR U 353 -103.22 17.97 12.96
CA THR U 353 -104.64 18.18 13.17
C THR U 353 -105.37 16.84 13.03
N ARG U 354 -106.53 16.77 13.70
CA ARG U 354 -107.23 15.51 13.84
C ARG U 354 -108.55 15.64 13.07
N GLY U 355 -108.97 16.86 12.82
CA GLY U 355 -110.22 17.00 12.14
C GLY U 355 -110.79 18.35 12.47
N VAL U 356 -111.56 18.86 11.53
CA VAL U 356 -112.02 20.21 11.62
C VAL U 356 -113.21 20.34 12.57
N GLN U 357 -114.05 19.30 12.62
CA GLN U 357 -115.22 19.29 13.50
C GLN U 357 -114.76 18.98 14.89
N ILE U 358 -115.47 19.56 15.83
CA ILE U 358 -115.13 19.40 17.21
C ILE U 358 -116.06 18.34 17.82
N ALA U 359 -115.44 17.34 18.45
CA ALA U 359 -116.19 16.27 19.06
C ALA U 359 -116.74 16.68 20.42
N SER U 360 -117.86 16.04 20.81
CA SER U 360 -118.55 16.27 22.12
C SER U 360 -117.65 15.99 23.34
N ASN U 361 -116.58 15.27 23.08
CA ASN U 361 -115.66 14.84 24.08
C ASN U 361 -114.89 16.03 24.60
N GLU U 362 -114.48 16.91 23.69
CA GLU U 362 -113.51 17.93 24.01
C GLU U 362 -114.10 18.99 24.85
N ASN U 363 -113.29 19.91 25.35
CA ASN U 363 -113.87 20.95 26.17
C ASN U 363 -113.58 22.24 25.54
N MET U 364 -114.32 23.26 25.89
CA MET U 364 -114.12 24.57 25.32
C MET U 364 -113.09 25.44 26.04
N GLU U 365 -112.76 25.06 27.27
CA GLU U 365 -111.93 25.92 28.09
C GLU U 365 -110.65 26.07 27.32
N THR U 366 -110.08 24.94 26.89
CA THR U 366 -108.80 24.95 26.22
C THR U 366 -108.99 24.97 24.73
N MET U 367 -109.79 25.91 24.24
CA MET U 367 -110.10 25.95 22.81
C MET U 367 -110.00 27.38 22.33
N GLU U 368 -109.43 27.59 21.15
CA GLU U 368 -109.32 28.92 20.56
C GLU U 368 -109.49 28.78 19.04
N SER U 369 -109.39 29.89 18.32
CA SER U 369 -109.76 29.87 16.91
C SER U 369 -108.80 30.69 16.06
N SER U 370 -108.46 30.22 14.86
CA SER U 370 -107.58 30.96 13.97
C SER U 370 -108.22 31.30 12.63
N THR U 371 -107.58 32.18 11.88
CA THR U 371 -108.08 32.61 10.60
C THR U 371 -107.38 31.75 9.53
N LEU U 372 -108.23 31.09 8.73
CA LEU U 372 -107.77 30.09 7.79
C LEU U 372 -107.15 30.76 6.60
N GLU U 373 -105.96 30.31 6.21
CA GLU U 373 -105.29 30.81 5.01
C GLU U 373 -105.73 30.00 3.79
N LEU U 374 -106.66 30.56 3.01
CA LEU U 374 -107.19 29.85 1.82
C LEU U 374 -106.77 30.37 0.47
N ARG U 375 -106.06 31.51 0.48
CA ARG U 375 -105.52 32.11 -0.74
C ARG U 375 -104.55 31.13 -1.40
N SER U 376 -104.40 31.21 -2.72
CA SER U 376 -103.45 30.40 -3.45
C SER U 376 -102.60 31.27 -4.36
N ARG U 377 -101.50 30.71 -4.83
CA ARG U 377 -100.58 31.48 -5.67
C ARG U 377 -101.16 31.60 -7.08
N TYR U 378 -101.29 30.46 -7.74
CA TYR U 378 -101.89 30.44 -9.06
C TYR U 378 -103.18 29.63 -8.97
N TRP U 379 -103.76 29.34 -10.13
CA TRP U 379 -104.90 28.47 -10.28
C TRP U 379 -104.75 27.61 -11.49
N ALA U 380 -105.54 26.54 -11.53
CA ALA U 380 -105.47 25.59 -12.60
C ALA U 380 -106.80 24.94 -13.00
N ILE U 381 -106.99 24.67 -14.28
CA ILE U 381 -108.28 24.15 -14.66
C ILE U 381 -108.53 22.80 -13.98
N ARG U 382 -109.33 22.71 -12.93
CA ARG U 382 -109.53 21.38 -12.31
C ARG U 382 -109.95 20.45 -13.46
N THR U 383 -109.14 19.42 -13.79
CA THR U 383 -109.49 18.49 -14.91
C THR U 383 -110.28 17.26 -14.51
N ARG U 384 -110.56 16.43 -15.53
CA ARG U 384 -111.28 15.18 -15.36
C ARG U 384 -110.43 14.01 -15.84
N SER U 385 -109.74 14.24 -16.94
CA SER U 385 -108.76 13.32 -17.53
C SER U 385 -107.71 12.71 -16.59
N GLY U 386 -107.46 11.41 -16.72
CA GLY U 386 -106.34 10.79 -16.03
C GLY U 386 -104.99 10.78 -16.76
N GLY U 387 -104.84 11.50 -17.91
CA GLY U 387 -103.63 11.38 -18.78
C GLY U 387 -103.43 10.04 -19.51
N ASN U 388 -102.76 10.06 -20.67
CA ASN U 388 -102.34 8.80 -21.32
C ASN U 388 -101.14 8.96 -22.32
N THR U 389 -100.36 7.88 -22.51
CA THR U 389 -99.28 7.89 -23.53
C THR U 389 -99.50 6.81 -24.61
N GLN U 398 -113.20 -26.66 -46.10
CA GLN U 398 -113.65 -25.58 -46.97
C GLN U 398 -112.49 -24.83 -47.67
N ILE U 399 -112.80 -23.96 -48.64
CA ILE U 399 -111.81 -23.22 -49.45
C ILE U 399 -112.32 -21.80 -49.81
N SER U 400 -113.63 -21.66 -49.72
CA SER U 400 -114.28 -20.39 -49.97
C SER U 400 -115.44 -20.26 -49.00
N ILE U 401 -115.89 -19.01 -48.81
CA ILE U 401 -117.03 -18.73 -47.99
C ILE U 401 -118.24 -18.32 -48.81
N GLN U 402 -119.37 -19.02 -48.59
CA GLN U 402 -120.67 -18.66 -49.22
C GLN U 402 -121.33 -17.53 -48.43
N PRO U 403 -121.60 -16.39 -49.03
CA PRO U 403 -122.10 -15.29 -48.20
C PRO U 403 -123.60 -15.39 -47.87
N THR U 404 -123.95 -15.18 -46.60
CA THR U 404 -125.34 -15.32 -46.20
C THR U 404 -125.90 -13.98 -45.89
N PHE U 405 -125.10 -12.97 -45.64
CA PHE U 405 -125.68 -11.67 -45.33
C PHE U 405 -125.11 -10.52 -46.16
N SER U 406 -125.79 -9.39 -46.11
CA SER U 406 -125.38 -8.28 -46.90
C SER U 406 -124.56 -7.35 -45.98
N VAL U 407 -123.24 -7.51 -46.00
CA VAL U 407 -122.38 -6.61 -45.25
C VAL U 407 -121.03 -6.38 -45.92
N GLN U 408 -120.35 -5.31 -45.54
CA GLN U 408 -119.00 -5.06 -46.03
C GLN U 408 -118.00 -6.09 -45.52
N ARG U 409 -117.76 -7.09 -46.37
CA ARG U 409 -116.91 -8.21 -46.02
C ARG U 409 -116.03 -8.75 -47.13
N ASN U 410 -114.73 -8.73 -46.87
CA ASN U 410 -113.77 -9.38 -47.76
C ASN U 410 -114.18 -10.84 -47.90
N LEU U 411 -114.49 -11.30 -49.09
CA LEU U 411 -114.92 -12.67 -49.14
C LEU U 411 -113.77 -13.67 -49.28
N PRO U 412 -113.51 -14.50 -48.26
CA PRO U 412 -112.40 -15.49 -48.28
C PRO U 412 -112.48 -16.67 -49.23
CA SER U 431 -107.26 -13.77 -25.45
C SER U 431 -107.81 -13.47 -24.06
N ASP U 432 -106.92 -13.06 -23.14
CA ASP U 432 -107.37 -12.53 -21.84
C ASP U 432 -107.24 -11.03 -21.96
N MET U 433 -108.35 -10.29 -21.82
CA MET U 433 -108.24 -8.83 -21.96
C MET U 433 -107.28 -8.25 -20.89
N ARG U 434 -107.07 -9.05 -19.83
CA ARG U 434 -106.09 -8.72 -18.80
C ARG U 434 -104.76 -8.45 -19.43
N THR U 435 -104.32 -9.42 -20.21
CA THR U 435 -103.05 -9.37 -20.95
C THR U 435 -102.89 -8.03 -21.66
N GLU U 436 -103.91 -7.66 -22.42
CA GLU U 436 -103.87 -6.42 -23.16
C GLU U 436 -103.43 -5.29 -22.21
N ILE U 437 -104.10 -5.17 -21.08
CA ILE U 437 -103.84 -4.12 -20.11
C ILE U 437 -102.47 -4.27 -19.47
N ILE U 438 -102.20 -5.46 -18.96
CA ILE U 438 -100.91 -5.74 -18.35
C ILE U 438 -99.78 -5.32 -19.27
N ARG U 439 -99.99 -5.51 -20.57
CA ARG U 439 -99.03 -5.13 -21.59
C ARG U 439 -98.98 -3.60 -21.69
N LEU U 440 -100.10 -2.94 -21.43
CA LEU U 440 -100.15 -1.49 -21.53
C LEU U 440 -99.56 -0.92 -20.26
N MET U 441 -100.16 -1.30 -19.11
CA MET U 441 -99.48 -1.11 -17.80
C MET U 441 -97.91 -1.01 -17.86
N GLU U 442 -97.27 -2.07 -18.36
CA GLU U 442 -95.82 -2.16 -18.56
C GLU U 442 -95.12 -0.95 -19.21
N SER U 443 -95.55 -0.58 -20.42
CA SER U 443 -94.81 0.44 -21.16
C SER U 443 -94.87 1.78 -20.46
N ALA U 444 -95.66 1.82 -19.41
CA ALA U 444 -95.93 3.05 -18.67
C ALA U 444 -94.86 3.38 -17.62
N ARG U 445 -94.26 4.57 -17.76
CA ARG U 445 -93.30 5.08 -16.78
C ARG U 445 -93.84 6.25 -15.93
N PRO U 446 -93.49 6.25 -14.62
CA PRO U 446 -94.03 7.24 -13.74
C PRO U 446 -93.64 8.59 -14.21
N GLU U 447 -92.49 8.67 -14.90
CA GLU U 447 -91.99 9.95 -15.46
C GLU U 447 -92.76 10.44 -16.67
N ASP U 448 -93.66 9.57 -17.19
CA ASP U 448 -94.48 9.89 -18.38
C ASP U 448 -95.30 11.14 -18.22
N VAL U 449 -94.95 12.17 -18.98
CA VAL U 449 -95.56 13.49 -18.89
C VAL U 449 -97.02 13.43 -19.29
N SER U 450 -97.95 13.96 -18.47
CA SER U 450 -99.38 14.16 -18.87
C SER U 450 -99.81 15.64 -19.03
N PHE U 451 -101.00 15.85 -19.61
CA PHE U 451 -101.51 17.21 -19.83
C PHE U 451 -100.45 18.06 -20.52
N GLN U 452 -99.87 17.49 -21.57
CA GLN U 452 -98.79 18.14 -22.32
C GLN U 452 -99.23 19.56 -22.73
N GLY U 453 -98.40 20.57 -22.52
CA GLY U 453 -98.82 21.93 -22.85
C GLY U 453 -99.73 22.69 -21.86
N ARG U 454 -100.59 21.96 -21.10
CA ARG U 454 -101.45 22.54 -20.05
C ARG U 454 -100.58 23.13 -18.96
N GLY U 455 -100.99 24.27 -18.43
CA GLY U 455 -100.21 24.93 -17.37
C GLY U 455 -101.05 25.55 -16.27
N VAL U 456 -100.47 26.53 -15.58
CA VAL U 456 -101.14 27.12 -14.41
C VAL U 456 -101.40 28.55 -14.78
N PHE U 457 -102.43 29.14 -14.17
CA PHE U 457 -102.73 30.50 -14.53
C PHE U 457 -102.57 31.42 -13.36
N GLU U 458 -102.10 32.62 -13.63
CA GLU U 458 -102.06 33.68 -12.64
C GLU U 458 -103.50 34.00 -12.24
N LEU U 459 -103.63 34.60 -11.05
CA LEU U 459 -104.95 34.94 -10.56
C LEU U 459 -105.49 36.18 -11.22
N SER U 460 -104.64 36.94 -11.95
CA SER U 460 -105.09 38.04 -12.77
C SER U 460 -105.67 37.52 -14.10
N ASP U 461 -105.15 36.40 -14.58
CA ASP U 461 -105.50 35.87 -15.89
C ASP U 461 -106.87 35.27 -15.88
N GLU U 462 -107.85 36.15 -16.00
CA GLU U 462 -109.24 35.76 -15.83
C GLU U 462 -109.67 34.76 -16.87
N LYS U 463 -109.37 35.16 -18.10
CA LYS U 463 -109.53 34.35 -19.29
C LYS U 463 -108.47 33.25 -19.21
N ALA U 464 -108.63 32.19 -19.98
CA ALA U 464 -107.58 31.17 -19.94
C ALA U 464 -106.39 31.50 -20.87
N THR U 465 -106.20 32.77 -21.12
CA THR U 465 -105.24 33.27 -22.07
C THR U 465 -103.87 32.67 -21.98
N SER U 466 -103.02 33.19 -21.09
CA SER U 466 -101.64 32.72 -21.00
C SER U 466 -101.32 31.70 -19.90
N PRO U 467 -100.89 30.50 -20.30
CA PRO U 467 -100.60 29.35 -19.42
C PRO U 467 -99.17 29.40 -18.91
N ILE U 468 -98.87 28.73 -17.80
CA ILE U 468 -97.53 28.74 -17.24
C ILE U 468 -97.14 27.35 -16.94
N VAL U 469 -95.99 26.95 -17.42
CA VAL U 469 -95.52 25.59 -17.23
C VAL U 469 -94.56 25.48 -16.05
N PRO U 470 -94.89 24.62 -15.08
CA PRO U 470 -94.05 24.41 -13.90
C PRO U 470 -92.94 23.45 -14.14
N SER U 471 -91.80 23.78 -13.55
CA SER U 471 -90.62 22.97 -13.67
C SER U 471 -90.35 22.49 -12.25
N PHE U 472 -90.44 21.18 -12.03
CA PHE U 472 -90.25 20.62 -10.67
C PHE U 472 -88.81 20.31 -10.19
N ASP U 473 -87.81 20.67 -11.01
CA ASP U 473 -86.44 20.51 -10.57
C ASP U 473 -86.39 21.36 -9.31
N MET U 474 -86.33 20.72 -8.15
CA MET U 474 -86.52 21.47 -6.89
C MET U 474 -86.45 20.59 -5.65
N SER U 475 -86.20 21.18 -4.48
CA SER U 475 -86.14 20.37 -3.27
C SER U 475 -87.54 20.28 -2.82
N ASN U 476 -88.23 19.25 -3.26
CA ASN U 476 -89.66 19.05 -2.99
C ASN U 476 -89.85 18.42 -1.62
N GLU U 477 -91.04 17.90 -1.35
CA GLU U 477 -91.33 17.29 -0.06
C GLU U 477 -92.25 16.06 -0.21
N GLY U 478 -92.04 15.25 -1.25
CA GLY U 478 -92.96 14.13 -1.48
C GLY U 478 -93.99 14.38 -2.60
N SER U 479 -94.78 13.33 -2.85
CA SER U 479 -95.83 13.43 -3.82
C SER U 479 -97.13 12.80 -3.31
N TYR U 480 -97.06 11.96 -2.30
CA TYR U 480 -98.22 11.25 -1.82
C TYR U 480 -98.77 11.81 -0.50
N PHE U 481 -99.77 12.68 -0.54
CA PHE U 481 -100.39 13.14 0.68
C PHE U 481 -100.59 12.04 1.72
N PHE U 482 -100.79 10.79 1.27
CA PHE U 482 -101.00 9.71 2.21
C PHE U 482 -99.87 8.64 2.24
N ASN V 14 -130.29 33.96 -32.61
CA ASN V 14 -130.02 34.03 -31.12
C ASN V 14 -131.27 34.40 -30.29
N ALA V 15 -131.93 33.31 -29.91
CA ALA V 15 -133.15 33.34 -29.12
C ALA V 15 -132.87 33.39 -27.61
N THR V 16 -131.67 33.78 -27.22
CA THR V 16 -131.36 33.79 -25.79
C THR V 16 -131.63 35.16 -25.21
N GLU V 17 -130.83 36.14 -25.59
CA GLU V 17 -130.97 37.48 -25.05
C GLU V 17 -132.29 38.04 -25.51
N ILE V 18 -132.38 38.32 -26.81
CA ILE V 18 -133.55 38.95 -27.42
C ILE V 18 -134.88 38.34 -26.95
N ARG V 19 -135.02 37.02 -26.96
CA ARG V 19 -136.31 36.45 -26.61
C ARG V 19 -136.58 36.39 -25.11
N ALA V 20 -135.51 36.30 -24.34
CA ALA V 20 -135.67 36.08 -22.92
C ALA V 20 -135.48 37.38 -22.13
N SER V 21 -134.68 38.29 -22.67
CA SER V 21 -134.47 39.57 -22.02
C SER V 21 -135.72 40.44 -22.13
N VAL V 22 -136.51 40.16 -23.15
CA VAL V 22 -137.67 41.00 -23.37
C VAL V 22 -138.80 40.37 -22.58
N GLY V 23 -138.62 39.07 -22.33
CA GLY V 23 -139.51 38.36 -21.45
C GLY V 23 -139.41 38.89 -20.02
N LYS V 24 -138.19 39.28 -19.68
CA LYS V 24 -137.93 39.73 -18.37
C LYS V 24 -138.52 41.11 -18.22
N MET V 25 -138.61 41.82 -19.33
CA MET V 25 -139.18 43.14 -19.20
C MET V 25 -140.70 43.03 -19.14
N ILE V 26 -141.23 41.93 -19.70
CA ILE V 26 -142.65 41.71 -19.69
C ILE V 26 -143.09 41.25 -18.30
N ASP V 27 -142.28 40.37 -17.67
CA ASP V 27 -142.50 39.90 -16.29
C ASP V 27 -142.61 41.10 -15.38
N GLY V 28 -141.80 42.11 -15.63
CA GLY V 28 -141.82 43.22 -14.69
C GLY V 28 -143.18 43.88 -14.71
N ILE V 29 -143.69 44.12 -15.92
CA ILE V 29 -144.90 44.87 -16.07
C ILE V 29 -146.00 44.05 -15.40
N GLY V 30 -145.97 42.73 -15.64
CA GLY V 30 -146.94 41.81 -15.06
C GLY V 30 -146.93 41.92 -13.55
N ARG V 31 -145.90 41.36 -12.93
CA ARG V 31 -145.65 41.49 -11.50
C ARG V 31 -146.09 42.84 -10.96
N PHE V 32 -145.60 43.94 -11.54
CA PHE V 32 -146.00 45.24 -11.04
C PHE V 32 -147.57 45.43 -11.04
N TYR V 33 -148.18 45.25 -12.20
CA TYR V 33 -149.61 45.32 -12.30
C TYR V 33 -150.32 44.52 -11.24
N ILE V 34 -149.82 43.33 -10.94
CA ILE V 34 -150.40 42.51 -9.91
C ILE V 34 -150.26 43.20 -8.53
N GLN V 35 -149.07 43.69 -8.23
CA GLN V 35 -148.80 44.37 -6.94
C GLN V 35 -149.70 45.56 -6.79
N MET V 36 -149.70 46.35 -7.81
CA MET V 36 -150.52 47.53 -7.84
C MET V 36 -152.00 47.20 -7.76
N CYS V 37 -152.43 46.11 -8.37
CA CYS V 37 -153.80 45.75 -8.14
C CYS V 37 -154.02 45.37 -6.70
N THR V 38 -153.07 44.66 -6.13
CA THR V 38 -153.22 44.24 -4.73
C THR V 38 -153.32 45.44 -3.75
N GLU V 39 -152.78 46.60 -4.14
CA GLU V 39 -152.86 47.78 -3.30
C GLU V 39 -154.26 48.33 -3.39
N LEU V 40 -154.68 48.60 -4.62
CA LEU V 40 -155.99 49.16 -4.80
C LEU V 40 -157.08 48.22 -4.30
N LYS V 41 -156.68 47.02 -3.91
CA LYS V 41 -157.63 46.03 -3.43
C LYS V 41 -158.72 45.82 -4.45
N LEU V 42 -158.41 45.91 -5.76
CA LEU V 42 -159.36 45.51 -6.83
C LEU V 42 -159.65 44.01 -6.94
N SER V 43 -160.76 43.69 -7.60
CA SER V 43 -161.16 42.30 -7.82
C SER V 43 -160.56 41.78 -9.12
N ASP V 44 -160.83 40.50 -9.42
CA ASP V 44 -160.36 39.93 -10.67
C ASP V 44 -161.03 40.62 -11.83
N TYR V 45 -162.34 40.74 -11.79
CA TYR V 45 -163.02 41.41 -12.88
C TYR V 45 -162.57 42.83 -12.95
N GLU V 46 -162.24 43.40 -11.82
CA GLU V 46 -161.89 44.81 -11.79
C GLU V 46 -160.42 45.05 -12.11
N GLY V 47 -159.65 43.99 -12.28
CA GLY V 47 -158.26 44.14 -12.64
C GLY V 47 -158.13 43.89 -14.12
N ARG V 48 -159.20 43.38 -14.70
CA ARG V 48 -159.19 43.07 -16.12
C ARG V 48 -159.83 44.18 -16.95
N LEU V 49 -160.15 45.27 -16.25
CA LEU V 49 -160.82 46.38 -16.86
C LEU V 49 -159.82 47.30 -17.52
N ILE V 50 -159.69 47.17 -18.82
CA ILE V 50 -158.73 47.98 -19.51
C ILE V 50 -158.68 49.38 -19.04
N GLN V 51 -159.80 49.91 -18.57
CA GLN V 51 -159.90 51.25 -18.00
C GLN V 51 -158.92 51.38 -16.82
N ASN V 52 -159.18 50.65 -15.74
CA ASN V 52 -158.28 50.68 -14.62
C ASN V 52 -156.88 50.40 -15.05
N SER V 53 -156.63 49.44 -15.93
CA SER V 53 -155.26 49.15 -16.29
C SER V 53 -154.61 50.42 -16.79
N LEU V 54 -155.24 51.09 -17.73
CA LEU V 54 -154.68 52.33 -18.28
C LEU V 54 -154.27 53.32 -17.22
N THR V 55 -155.20 53.63 -16.35
CA THR V 55 -154.94 54.56 -15.28
C THR V 55 -153.64 54.17 -14.58
N ILE V 56 -153.53 52.90 -14.21
CA ILE V 56 -152.32 52.47 -13.54
C ILE V 56 -151.07 52.71 -14.38
N GLU V 57 -151.15 52.39 -15.66
CA GLU V 57 -149.99 52.50 -16.50
C GLU V 57 -149.51 53.93 -16.55
N ARG V 58 -150.46 54.86 -16.60
CA ARG V 58 -150.10 56.26 -16.72
C ARG V 58 -149.56 56.82 -15.39
N MET V 59 -150.17 56.45 -14.25
CA MET V 59 -149.65 56.71 -12.89
C MET V 59 -148.18 56.43 -12.78
N VAL V 60 -147.71 55.53 -13.62
CA VAL V 60 -146.37 55.07 -13.41
C VAL V 60 -145.48 55.85 -14.29
N LEU V 61 -145.87 55.99 -15.55
CA LEU V 61 -145.04 56.69 -16.49
C LEU V 61 -144.89 58.16 -16.06
N SER V 62 -145.95 58.70 -15.42
CA SER V 62 -145.92 60.04 -14.88
C SER V 62 -144.88 60.09 -13.75
N ALA V 63 -144.97 59.13 -12.84
CA ALA V 63 -144.10 59.14 -11.69
C ALA V 63 -142.63 58.94 -12.10
N PHE V 64 -142.37 58.29 -13.21
CA PHE V 64 -141.00 58.10 -13.60
C PHE V 64 -140.58 59.12 -14.64
N ASP V 65 -141.29 60.26 -14.66
CA ASP V 65 -141.07 61.33 -15.66
C ASP V 65 -141.97 62.58 -15.48
N THR V 85 -148.88 61.02 -8.06
CA THR V 85 -149.92 61.20 -9.09
C THR V 85 -151.08 60.34 -8.76
N GLY V 86 -152.18 60.56 -9.48
CA GLY V 86 -153.44 59.89 -9.18
C GLY V 86 -154.10 59.53 -10.51
N GLY V 87 -155.36 59.12 -10.44
CA GLY V 87 -156.08 58.78 -11.66
C GLY V 87 -157.45 58.18 -11.39
N PRO V 88 -158.21 57.96 -12.48
CA PRO V 88 -159.58 57.46 -12.42
C PRO V 88 -159.60 55.94 -12.22
N ILE V 89 -160.29 55.50 -11.17
CA ILE V 89 -160.34 54.07 -10.90
C ILE V 89 -161.76 53.58 -10.72
N TYR V 90 -162.21 52.72 -11.62
CA TYR V 90 -163.58 52.24 -11.59
C TYR V 90 -163.81 50.97 -10.77
N ARG V 91 -164.87 51.02 -9.98
CA ARG V 91 -165.16 49.96 -9.04
C ARG V 91 -166.51 49.36 -9.37
N ARG V 92 -166.72 48.10 -8.94
CA ARG V 92 -167.98 47.42 -9.25
C ARG V 92 -168.82 47.17 -8.01
N VAL V 93 -169.95 47.86 -7.89
CA VAL V 93 -170.90 47.57 -6.79
C VAL V 93 -172.17 46.94 -7.36
N ASP V 94 -172.92 46.21 -6.52
CA ASP V 94 -174.19 45.60 -6.93
C ASP V 94 -174.79 46.38 -8.10
N GLY V 95 -174.70 45.85 -9.32
CA GLY V 95 -175.35 46.48 -10.45
C GLY V 95 -174.55 47.45 -11.26
N LYS V 96 -174.11 48.55 -10.62
CA LYS V 96 -173.51 49.72 -11.32
C LYS V 96 -172.06 49.99 -11.07
N TRP V 97 -171.44 50.82 -11.90
CA TRP V 97 -169.99 51.02 -11.78
C TRP V 97 -169.65 52.32 -11.11
N ARG V 98 -168.80 52.29 -10.10
CA ARG V 98 -168.46 53.49 -9.37
C ARG V 98 -167.05 53.95 -9.70
N ARG V 99 -166.93 55.20 -10.14
CA ARG V 99 -165.63 55.77 -10.47
C ARG V 99 -164.98 56.41 -9.25
N GLU V 100 -163.80 55.94 -8.85
CA GLU V 100 -163.05 56.59 -7.76
C GLU V 100 -161.90 57.47 -8.25
N LEU V 101 -161.82 58.67 -7.70
CA LEU V 101 -160.73 59.54 -8.07
C LEU V 101 -159.68 59.39 -7.00
N ILE V 102 -158.52 58.79 -7.32
CA ILE V 102 -157.52 58.56 -6.25
C ILE V 102 -156.14 59.08 -6.57
N LEU V 103 -155.33 59.19 -5.51
CA LEU V 103 -153.96 59.72 -5.63
C LEU V 103 -152.95 58.82 -4.89
N TYR V 104 -151.75 58.68 -5.42
CA TYR V 104 -150.71 57.83 -4.79
C TYR V 104 -149.35 58.54 -4.67
N ASP V 105 -148.57 58.18 -3.66
CA ASP V 105 -147.28 58.79 -3.51
C ASP V 105 -146.44 58.60 -4.76
N LYS V 106 -146.23 59.67 -5.51
CA LYS V 106 -145.43 59.52 -6.74
C LYS V 106 -144.21 58.62 -6.53
N GLU V 107 -143.68 58.56 -5.30
CA GLU V 107 -142.45 57.81 -5.08
C GLU V 107 -142.81 56.41 -4.70
N GLU V 108 -143.87 56.29 -3.92
CA GLU V 108 -144.33 54.97 -3.63
C GLU V 108 -144.46 54.17 -4.94
N ILE V 109 -144.99 54.81 -5.98
CA ILE V 109 -145.20 54.13 -7.27
C ILE V 109 -143.89 53.70 -7.82
N ARG V 110 -142.92 54.60 -7.74
CA ARG V 110 -141.60 54.31 -8.25
C ARG V 110 -140.96 53.19 -7.43
N ARG V 111 -141.35 53.10 -6.17
CA ARG V 111 -140.79 52.09 -5.31
C ARG V 111 -141.33 50.69 -5.70
N ILE V 112 -142.65 50.64 -5.82
CA ILE V 112 -143.31 49.38 -6.15
C ILE V 112 -142.85 48.87 -7.50
N TRP V 113 -142.66 49.80 -8.45
CA TRP V 113 -142.18 49.47 -9.77
C TRP V 113 -140.88 48.69 -9.67
N ARG V 114 -139.85 49.27 -9.04
CA ARG V 114 -138.52 48.63 -9.03
C ARG V 114 -138.61 47.30 -8.28
N GLN V 115 -139.33 47.30 -7.18
CA GLN V 115 -139.54 46.08 -6.48
C GLN V 115 -139.86 44.96 -7.45
N ALA V 116 -140.72 45.25 -8.44
CA ALA V 116 -141.15 44.22 -9.40
C ALA V 116 -140.02 43.89 -10.34
N ASN V 117 -139.31 44.90 -10.83
CA ASN V 117 -138.14 44.66 -11.70
C ASN V 117 -136.79 44.40 -11.01
N ASN V 118 -136.80 43.81 -9.82
CA ASN V 118 -135.55 43.59 -9.11
C ASN V 118 -134.77 44.87 -8.73
N GLY V 119 -135.49 45.94 -8.46
CA GLY V 119 -134.81 47.17 -8.13
C GLY V 119 -134.13 47.79 -9.33
N ASP V 120 -134.41 47.24 -10.51
CA ASP V 120 -133.93 47.84 -11.74
C ASP V 120 -134.82 48.96 -12.20
N ASP V 121 -134.41 49.64 -13.26
CA ASP V 121 -135.19 50.75 -13.78
C ASP V 121 -136.13 50.25 -14.86
N ALA V 122 -135.58 49.31 -15.62
CA ALA V 122 -136.25 48.68 -16.72
C ALA V 122 -136.91 49.77 -17.54
N THR V 123 -136.11 50.65 -18.13
CA THR V 123 -136.68 51.73 -18.94
C THR V 123 -137.47 51.10 -20.06
N ALA V 124 -136.94 50.02 -20.59
CA ALA V 124 -137.68 49.27 -21.58
C ALA V 124 -139.14 49.08 -21.18
N GLY V 125 -139.33 48.62 -19.96
CA GLY V 125 -140.67 48.39 -19.46
C GLY V 125 -141.60 49.59 -19.51
N LEU V 126 -141.12 50.76 -19.11
CA LEU V 126 -141.93 51.95 -19.07
C LEU V 126 -142.18 52.37 -20.50
N THR V 127 -141.13 52.20 -21.32
CA THR V 127 -141.16 52.57 -22.70
C THR V 127 -142.19 51.71 -23.37
N HIS V 128 -142.36 50.47 -22.89
CA HIS V 128 -143.29 49.52 -23.50
C HIS V 128 -144.72 50.02 -23.37
N MET V 129 -145.06 50.52 -22.19
CA MET V 129 -146.40 50.98 -21.94
C MET V 129 -146.46 52.33 -22.54
N MET V 130 -145.28 52.89 -22.83
CA MET V 130 -145.18 54.20 -23.44
C MET V 130 -145.70 53.99 -24.85
N ILE V 131 -145.47 52.84 -25.42
CA ILE V 131 -145.93 52.56 -26.79
C ILE V 131 -147.38 52.07 -26.85
N TRP V 132 -147.74 51.28 -25.86
CA TRP V 132 -149.06 50.71 -25.89
C TRP V 132 -149.98 51.91 -25.94
N HIS V 133 -149.60 52.95 -25.24
CA HIS V 133 -150.42 54.12 -25.20
C HIS V 133 -150.36 54.73 -26.58
N SER V 134 -149.15 54.79 -27.13
CA SER V 134 -149.00 55.39 -28.45
C SER V 134 -149.93 54.71 -29.47
N ASN V 135 -149.79 53.41 -29.57
CA ASN V 135 -150.47 52.70 -30.58
C ASN V 135 -152.00 52.77 -30.47
N LEU V 136 -152.46 53.01 -29.24
CA LEU V 136 -153.84 53.25 -28.93
C LEU V 136 -154.23 54.63 -29.36
N ASN V 137 -153.30 55.55 -29.36
CA ASN V 137 -153.68 56.91 -29.64
C ASN V 137 -153.63 57.14 -31.15
N ASP V 138 -152.75 56.43 -31.79
CA ASP V 138 -152.62 56.55 -33.19
C ASP V 138 -153.85 55.89 -33.88
N ALA V 139 -154.64 55.18 -33.11
CA ALA V 139 -155.85 54.54 -33.65
C ALA V 139 -157.13 55.15 -33.15
N THR V 140 -157.13 55.70 -31.95
CA THR V 140 -158.34 56.29 -31.40
C THR V 140 -158.52 57.65 -32.03
N TYR V 141 -157.40 58.35 -32.30
CA TYR V 141 -157.44 59.75 -32.80
C TYR V 141 -156.72 60.06 -34.10
N GLN V 142 -157.18 61.10 -34.75
CA GLN V 142 -156.57 61.56 -35.95
C GLN V 142 -155.99 62.92 -35.67
N ARG V 143 -154.70 63.08 -35.96
CA ARG V 143 -153.98 64.26 -35.48
C ARG V 143 -153.78 65.24 -36.63
N THR V 144 -154.88 65.88 -37.04
CA THR V 144 -154.85 66.75 -38.20
C THR V 144 -154.46 68.14 -37.76
N ARG V 145 -155.10 68.60 -36.68
CA ARG V 145 -154.87 69.96 -36.15
C ARG V 145 -153.37 70.28 -36.10
N ALA V 146 -152.60 69.29 -35.66
CA ALA V 146 -151.17 69.44 -35.51
C ALA V 146 -150.41 69.40 -36.81
N LEU V 147 -150.85 68.58 -37.77
CA LEU V 147 -150.10 68.41 -39.03
C LEU V 147 -150.08 69.72 -39.86
N VAL V 148 -151.27 70.31 -39.91
CA VAL V 148 -151.52 71.50 -40.71
C VAL V 148 -150.82 72.71 -40.08
N ARG V 149 -151.04 72.87 -38.76
CA ARG V 149 -150.37 73.90 -37.99
C ARG V 149 -148.84 73.78 -38.12
N THR V 150 -148.35 72.57 -38.39
CA THR V 150 -146.93 72.37 -38.75
C THR V 150 -146.66 72.68 -40.23
N GLY V 151 -147.64 72.42 -41.09
CA GLY V 151 -147.47 72.76 -42.49
C GLY V 151 -147.24 71.49 -43.28
N MET V 152 -147.89 70.43 -42.79
CA MET V 152 -147.91 69.08 -43.38
C MET V 152 -149.32 68.83 -43.90
N ASP V 153 -149.44 68.06 -44.97
CA ASP V 153 -150.78 67.83 -45.49
C ASP V 153 -151.57 66.85 -44.62
N PRO V 154 -152.82 67.21 -44.20
CA PRO V 154 -153.65 66.36 -43.32
C PRO V 154 -153.81 64.96 -43.84
N ARG V 155 -153.77 64.82 -45.14
CA ARG V 155 -153.77 63.51 -45.73
C ARG V 155 -152.49 62.70 -45.55
N MET V 156 -151.60 63.13 -44.66
CA MET V 156 -150.36 62.39 -44.40
C MET V 156 -150.45 61.59 -43.11
N CYS V 157 -151.68 61.18 -42.77
CA CYS V 157 -151.98 60.28 -41.64
C CYS V 157 -151.08 59.07 -41.49
N SER V 158 -150.94 58.29 -42.57
CA SER V 158 -150.14 57.03 -42.57
C SER V 158 -148.64 57.16 -42.29
N LEU V 159 -148.20 58.38 -42.00
CA LEU V 159 -146.83 58.69 -41.80
C LEU V 159 -146.67 59.23 -40.40
N MET V 160 -147.75 59.44 -39.66
CA MET V 160 -147.62 59.96 -38.30
C MET V 160 -147.65 58.89 -37.17
N GLN V 161 -147.09 57.72 -37.44
CA GLN V 161 -147.01 56.69 -36.46
C GLN V 161 -146.11 56.98 -35.22
N GLY V 162 -146.73 57.30 -34.12
CA GLY V 162 -145.97 57.55 -32.93
C GLY V 162 -145.79 59.05 -32.74
N SER V 163 -146.61 59.86 -33.39
CA SER V 163 -146.49 61.27 -33.13
C SER V 163 -146.78 61.60 -31.64
N THR V 164 -147.46 60.70 -30.91
CA THR V 164 -147.87 61.03 -29.53
C THR V 164 -146.79 60.57 -28.54
N LEU V 165 -145.86 59.82 -29.11
CA LEU V 165 -144.94 59.11 -28.28
C LEU V 165 -143.89 60.03 -27.72
N PRO V 166 -143.96 60.30 -26.40
CA PRO V 166 -142.98 61.23 -25.79
C PRO V 166 -141.53 60.97 -26.27
N ARG V 167 -140.81 62.06 -26.53
CA ARG V 167 -139.38 62.02 -26.87
C ARG V 167 -138.56 61.16 -25.88
N ARG V 168 -138.95 61.17 -24.60
CA ARG V 168 -138.37 60.30 -23.58
C ARG V 168 -138.30 58.82 -24.05
N SER V 169 -139.15 58.42 -24.99
CA SER V 169 -139.12 57.07 -25.50
C SER V 169 -137.69 56.66 -25.83
N GLY V 170 -137.42 55.39 -25.73
CA GLY V 170 -136.08 54.91 -25.96
C GLY V 170 -135.65 54.84 -27.40
N ALA V 171 -134.50 54.23 -27.61
CA ALA V 171 -133.95 54.11 -28.93
C ALA V 171 -134.82 53.17 -29.82
N ALA V 172 -135.44 52.15 -29.19
CA ALA V 172 -136.19 51.13 -29.92
C ALA V 172 -137.64 51.62 -29.87
N GLY V 173 -137.79 52.75 -29.16
CA GLY V 173 -139.04 53.52 -29.15
C GLY V 173 -139.22 54.41 -30.37
N ALA V 174 -138.14 54.96 -30.91
CA ALA V 174 -138.25 55.83 -32.05
C ALA V 174 -138.33 54.98 -33.30
N ALA V 175 -137.71 53.80 -33.31
CA ALA V 175 -137.77 52.93 -34.53
C ALA V 175 -139.20 52.63 -35.01
N VAL V 176 -140.17 52.83 -34.11
CA VAL V 176 -141.54 52.52 -34.40
C VAL V 176 -142.15 53.70 -35.11
N LYS V 177 -141.50 54.87 -34.99
CA LYS V 177 -141.98 56.13 -35.62
C LYS V 177 -142.10 56.16 -37.16
N GLY V 178 -143.20 56.74 -37.65
CA GLY V 178 -143.34 56.92 -39.09
C GLY V 178 -142.50 58.09 -39.60
N VAL V 179 -142.18 58.06 -40.89
CA VAL V 179 -141.35 59.08 -41.54
C VAL V 179 -141.92 60.49 -41.25
N GLY V 180 -143.23 60.61 -41.47
CA GLY V 180 -143.95 61.80 -41.19
C GLY V 180 -143.80 62.21 -39.76
N THR V 181 -143.53 61.27 -38.86
CA THR V 181 -143.52 61.67 -37.44
C THR V 181 -142.31 62.54 -37.18
N MET V 182 -141.23 62.17 -37.85
CA MET V 182 -139.98 62.79 -37.58
C MET V 182 -140.02 64.22 -38.07
N VAL V 183 -140.48 64.37 -39.32
CA VAL V 183 -140.68 65.66 -39.97
C VAL V 183 -141.45 66.68 -39.10
N MET V 184 -142.55 66.31 -38.46
CA MET V 184 -143.30 67.24 -37.66
C MET V 184 -142.47 67.86 -36.54
N GLU V 185 -141.43 67.10 -36.13
CA GLU V 185 -140.54 67.49 -35.02
C GLU V 185 -139.49 68.50 -35.47
N LEU V 186 -138.57 68.02 -36.31
CA LEU V 186 -137.61 68.86 -36.95
C LEU V 186 -138.24 70.19 -37.43
N ILE V 187 -139.31 70.11 -38.21
CA ILE V 187 -140.05 71.31 -38.64
C ILE V 187 -140.43 72.23 -37.48
N ARG V 188 -140.72 71.71 -36.29
CA ARG V 188 -141.08 72.62 -35.23
C ARG V 188 -139.82 73.11 -34.54
N MET V 189 -138.88 72.19 -34.41
CA MET V 189 -137.58 72.49 -33.80
C MET V 189 -136.97 73.60 -34.66
N ILE V 190 -136.87 73.35 -35.97
CA ILE V 190 -136.46 74.35 -36.96
C ILE V 190 -137.36 75.60 -36.99
N LYS V 191 -138.68 75.45 -37.10
CA LYS V 191 -139.58 76.60 -37.25
C LYS V 191 -139.44 77.64 -36.13
N ARG V 192 -139.37 77.22 -34.88
CA ARG V 192 -139.20 78.21 -33.83
C ARG V 192 -137.78 78.86 -33.79
N GLY V 193 -136.76 78.02 -34.01
CA GLY V 193 -135.33 78.45 -34.09
C GLY V 193 -135.09 79.39 -35.26
N ILE V 194 -135.28 78.88 -36.48
CA ILE V 194 -135.18 79.70 -37.68
C ILE V 194 -136.21 80.80 -37.62
N ASN V 195 -137.16 80.80 -36.86
CA ASN V 195 -138.05 81.95 -36.71
C ASN V 195 -137.36 82.86 -35.70
N ARG V 206 -127.74 75.28 -27.95
CA ARG V 206 -126.34 74.98 -28.25
C ARG V 206 -126.12 73.54 -28.68
N ARG V 207 -126.32 72.65 -27.70
CA ARG V 207 -126.17 71.21 -27.87
C ARG V 207 -127.28 70.69 -28.78
N THR V 208 -128.32 71.51 -28.97
CA THR V 208 -129.45 71.23 -29.84
C THR V 208 -129.07 70.70 -31.22
N ARG V 209 -127.83 70.88 -31.62
CA ARG V 209 -127.33 70.42 -32.93
C ARG V 209 -127.18 68.89 -33.13
N ILE V 210 -126.50 68.22 -32.20
CA ILE V 210 -126.33 66.76 -32.26
C ILE V 210 -127.67 66.06 -32.43
N ALA V 211 -128.72 66.63 -31.81
CA ALA V 211 -130.10 66.18 -31.96
C ALA V 211 -130.46 66.22 -33.43
N TYR V 212 -130.45 67.42 -34.01
CA TYR V 212 -130.91 67.64 -35.37
C TYR V 212 -130.27 66.66 -36.34
N GLU V 213 -128.95 66.49 -36.28
CA GLU V 213 -128.25 65.59 -37.22
C GLU V 213 -128.70 64.17 -37.02
N ARG V 214 -128.72 63.74 -35.77
CA ARG V 214 -129.18 62.39 -35.47
C ARG V 214 -130.64 62.20 -35.89
N MET V 215 -131.50 63.12 -35.45
CA MET V 215 -132.90 63.08 -35.80
C MET V 215 -133.00 62.88 -37.28
N CYS V 216 -132.04 63.38 -38.04
CA CYS V 216 -132.08 63.15 -39.50
C CYS V 216 -131.54 61.79 -39.86
N ASN V 217 -130.56 61.31 -39.09
CA ASN V 217 -129.89 60.07 -39.45
C ASN V 217 -130.87 58.95 -39.33
N ILE V 218 -131.65 59.04 -38.25
CA ILE V 218 -132.82 58.20 -37.99
C ILE V 218 -133.77 58.36 -39.15
N LEU V 219 -134.12 59.62 -39.40
CA LEU V 219 -134.98 59.98 -40.50
C LEU V 219 -134.47 59.21 -41.70
N LYS V 220 -133.17 59.36 -41.98
CA LYS V 220 -132.62 58.82 -43.23
C LYS V 220 -132.66 57.31 -43.20
N GLY V 221 -132.57 56.77 -41.99
CA GLY V 221 -132.52 55.33 -41.85
C GLY V 221 -133.90 54.72 -42.05
N LYS V 222 -134.91 55.60 -42.21
CA LYS V 222 -136.25 55.16 -42.54
C LYS V 222 -136.30 54.85 -44.04
N PHE V 223 -135.73 55.73 -44.84
CA PHE V 223 -135.67 55.54 -46.28
C PHE V 223 -134.86 54.31 -46.64
N GLN V 224 -135.29 53.65 -47.70
CA GLN V 224 -134.65 52.45 -48.22
C GLN V 224 -134.40 52.53 -49.73
N THR V 225 -134.04 53.72 -50.22
CA THR V 225 -133.65 53.91 -51.63
C THR V 225 -132.57 54.96 -51.75
N ALA V 226 -131.65 54.75 -52.71
CA ALA V 226 -130.56 55.69 -52.99
C ALA V 226 -130.93 57.17 -52.71
N ALA V 227 -131.65 57.78 -53.66
CA ALA V 227 -131.99 59.21 -53.65
C ALA V 227 -132.59 59.65 -52.31
N GLN V 228 -133.59 58.87 -51.88
CA GLN V 228 -134.26 59.09 -50.62
C GLN V 228 -133.17 59.31 -49.59
N ARG V 229 -132.28 58.32 -49.50
CA ARG V 229 -131.20 58.33 -48.55
C ARG V 229 -130.33 59.59 -48.80
N THR V 230 -129.94 59.82 -50.05
CA THR V 230 -129.02 60.92 -50.37
C THR V 230 -129.62 62.29 -50.07
N MET V 231 -130.93 62.43 -50.34
CA MET V 231 -131.55 63.75 -50.23
C MET V 231 -131.70 64.27 -48.80
N VAL V 232 -131.60 63.31 -47.89
CA VAL V 232 -131.77 63.55 -46.48
C VAL V 232 -130.53 64.26 -46.02
N ASP V 233 -129.40 63.79 -46.57
CA ASP V 233 -128.08 64.40 -46.33
C ASP V 233 -128.06 65.85 -46.81
N GLN V 234 -128.53 66.07 -48.06
CA GLN V 234 -128.59 67.40 -48.61
C GLN V 234 -129.37 68.34 -47.69
N VAL V 235 -130.25 67.78 -46.87
CA VAL V 235 -131.02 68.53 -45.88
C VAL V 235 -130.24 68.79 -44.58
N ARG V 236 -129.57 67.75 -44.11
CA ARG V 236 -128.76 67.81 -42.91
C ARG V 236 -127.51 68.70 -43.03
N GLU V 237 -127.31 69.31 -44.20
CA GLU V 237 -126.13 70.14 -44.44
C GLU V 237 -126.19 71.52 -43.78
N SER V 238 -127.38 72.09 -43.63
CA SER V 238 -127.52 73.47 -43.15
C SER V 238 -127.63 73.62 -41.61
N ARG V 239 -126.80 74.49 -41.04
CA ARG V 239 -126.82 74.73 -39.59
C ARG V 239 -128.12 75.39 -39.21
N ASN V 240 -128.50 76.40 -39.98
CA ASN V 240 -129.73 77.11 -39.72
C ASN V 240 -130.66 76.82 -40.90
N PRO V 241 -131.15 75.57 -41.04
CA PRO V 241 -131.93 75.16 -42.20
C PRO V 241 -133.26 75.90 -42.28
N GLY V 242 -133.43 76.80 -43.24
CA GLY V 242 -134.66 77.58 -43.28
C GLY V 242 -135.67 76.91 -44.18
N ASN V 243 -136.65 77.69 -44.65
CA ASN V 243 -137.63 77.22 -45.64
C ASN V 243 -137.07 76.37 -46.76
N ALA V 244 -135.78 76.53 -47.05
CA ALA V 244 -135.06 75.66 -48.00
C ALA V 244 -135.31 74.19 -47.64
N GLU V 245 -135.04 73.89 -46.37
CA GLU V 245 -135.22 72.55 -45.81
C GLU V 245 -136.74 72.35 -45.56
N PHE V 246 -137.32 73.26 -44.76
CA PHE V 246 -138.77 73.26 -44.45
C PHE V 246 -139.59 72.75 -45.64
N GLU V 247 -139.38 73.37 -46.81
CA GLU V 247 -140.03 72.88 -48.01
C GLU V 247 -139.48 71.50 -48.50
N ASP V 248 -138.19 71.22 -48.36
CA ASP V 248 -137.69 69.96 -48.96
C ASP V 248 -138.11 68.65 -48.25
N LEU V 249 -138.15 68.66 -46.92
CA LEU V 249 -138.41 67.45 -46.15
C LEU V 249 -139.88 67.08 -46.38
N ILE V 250 -140.72 68.11 -46.43
CA ILE V 250 -142.14 67.96 -46.71
C ILE V 250 -142.30 67.15 -47.98
N PHE V 251 -141.43 67.46 -48.96
CA PHE V 251 -141.35 66.68 -50.21
C PHE V 251 -141.11 65.15 -49.93
N LEU V 252 -139.96 64.91 -49.30
CA LEU V 252 -139.51 63.60 -48.86
C LEU V 252 -140.64 62.93 -48.02
N ALA V 253 -141.35 63.72 -47.22
CA ALA V 253 -142.51 63.21 -46.48
C ALA V 253 -143.52 62.54 -47.47
N ARG V 254 -143.80 63.28 -48.54
CA ARG V 254 -144.68 62.81 -49.55
C ARG V 254 -144.07 61.68 -50.39
N SER V 255 -142.75 61.59 -50.45
CA SER V 255 -142.13 60.53 -51.24
C SER V 255 -142.39 59.15 -50.60
N ALA V 256 -142.59 59.17 -49.30
CA ALA V 256 -142.72 57.97 -48.48
C ALA V 256 -144.09 57.36 -48.61
N LEU V 257 -145.02 58.19 -49.14
CA LEU V 257 -146.39 57.83 -49.46
C LEU V 257 -146.37 56.88 -50.61
N ILE V 258 -145.24 56.84 -51.32
CA ILE V 258 -145.16 56.00 -52.47
C ILE V 258 -143.99 55.03 -52.29
N LEU V 259 -142.83 55.58 -51.91
CA LEU V 259 -141.62 54.78 -51.63
C LEU V 259 -141.50 54.86 -50.12
N ARG V 260 -142.13 53.90 -49.47
CA ARG V 260 -142.29 53.95 -48.04
C ARG V 260 -140.91 53.68 -47.46
N GLY V 261 -140.77 53.91 -46.16
CA GLY V 261 -139.57 53.52 -45.43
C GLY V 261 -139.73 52.33 -44.53
N SER V 262 -138.67 52.05 -43.77
CA SER V 262 -138.69 50.99 -42.80
C SER V 262 -139.16 51.56 -41.47
N VAL V 263 -140.34 51.13 -41.05
CA VAL V 263 -140.83 51.45 -39.72
C VAL V 263 -141.31 50.21 -39.02
N ALA V 264 -140.59 49.85 -37.96
CA ALA V 264 -140.97 48.79 -37.04
C ALA V 264 -142.35 48.99 -36.38
N HIS V 265 -143.07 47.86 -36.22
CA HIS V 265 -144.34 47.79 -35.50
C HIS V 265 -144.18 46.86 -34.30
N LYS V 266 -144.62 47.31 -33.13
CA LYS V 266 -144.47 46.57 -31.87
C LYS V 266 -145.86 46.26 -31.27
N SER V 267 -146.16 44.97 -31.07
CA SER V 267 -147.44 44.55 -30.50
C SER V 267 -147.41 44.75 -28.99
N CYS V 268 -147.85 45.88 -28.52
CA CYS V 268 -147.74 46.14 -27.08
C CYS V 268 -149.06 46.08 -26.39
N LEU V 269 -149.30 45.05 -25.56
CA LEU V 269 -150.61 44.85 -24.93
C LEU V 269 -150.71 45.61 -23.64
N PRO V 270 -151.92 45.91 -23.12
CA PRO V 270 -152.19 46.63 -21.87
C PRO V 270 -151.57 45.93 -20.69
N ALA V 271 -151.25 46.68 -19.64
CA ALA V 271 -150.62 46.08 -18.47
C ALA V 271 -151.40 44.86 -17.90
N CYS V 272 -152.72 44.94 -17.99
CA CYS V 272 -153.54 43.94 -17.37
C CYS V 272 -153.28 42.58 -18.03
N VAL V 273 -153.04 42.62 -19.32
CA VAL V 273 -152.91 41.41 -20.08
C VAL V 273 -151.66 40.71 -19.62
N TYR V 274 -150.53 41.41 -19.52
CA TYR V 274 -149.30 40.87 -18.96
C TYR V 274 -149.45 40.53 -17.49
N GLY V 275 -150.01 41.42 -16.67
CA GLY V 275 -150.30 41.07 -15.24
C GLY V 275 -151.06 39.76 -15.10
N SER V 276 -152.13 39.64 -15.83
CA SER V 276 -152.93 38.44 -15.75
C SER V 276 -152.12 37.19 -16.13
N ALA V 277 -151.33 37.30 -17.19
CA ALA V 277 -150.50 36.25 -17.71
C ALA V 277 -149.45 35.82 -16.71
N VAL V 278 -148.81 36.79 -16.08
CA VAL V 278 -147.78 36.52 -15.09
C VAL V 278 -148.38 35.77 -13.93
N ALA V 279 -149.56 36.21 -13.54
CA ALA V 279 -150.30 35.63 -12.42
C ALA V 279 -150.75 34.22 -12.71
N SER V 280 -151.00 33.93 -13.99
CA SER V 280 -151.38 32.60 -14.46
C SER V 280 -150.21 31.67 -14.57
N GLY V 281 -149.06 32.08 -14.06
CA GLY V 281 -147.99 31.17 -14.13
C GLY V 281 -147.00 31.49 -15.22
N TYR V 282 -147.40 32.14 -16.32
CA TYR V 282 -146.44 32.33 -17.43
C TYR V 282 -145.27 33.04 -16.97
N ASP V 283 -144.12 32.42 -17.18
CA ASP V 283 -142.86 32.96 -16.70
C ASP V 283 -142.00 33.32 -17.90
N PHE V 284 -142.31 34.44 -18.55
CA PHE V 284 -141.79 34.80 -19.87
C PHE V 284 -140.31 34.85 -20.01
N GLU V 285 -139.61 35.51 -19.10
CA GLU V 285 -138.13 35.43 -19.14
C GLU V 285 -137.56 34.02 -19.34
N ARG V 286 -138.25 32.99 -18.89
CA ARG V 286 -137.80 31.63 -19.06
C ARG V 286 -138.34 31.05 -20.31
N GLU V 287 -139.61 31.32 -20.62
CA GLU V 287 -140.25 30.76 -21.82
C GLU V 287 -140.14 31.67 -23.03
N GLY V 288 -139.55 32.85 -22.89
CA GLY V 288 -139.37 33.67 -24.05
C GLY V 288 -140.65 34.36 -24.48
N TYR V 289 -140.49 35.55 -25.05
CA TYR V 289 -141.60 36.33 -25.55
C TYR V 289 -141.15 37.27 -26.70
N SER V 290 -142.05 37.66 -27.63
CA SER V 290 -141.73 38.64 -28.69
C SER V 290 -142.78 39.72 -28.78
N LEU V 291 -142.45 40.78 -29.49
CA LEU V 291 -143.40 41.84 -29.80
C LEU V 291 -143.70 41.87 -31.31
N VAL V 292 -143.03 41.00 -32.09
CA VAL V 292 -143.24 41.02 -33.54
C VAL V 292 -143.41 39.56 -34.03
N GLY V 293 -143.55 38.64 -33.07
CA GLY V 293 -143.81 37.25 -33.45
C GLY V 293 -145.20 36.77 -33.20
N ILE V 294 -145.31 35.48 -32.91
CA ILE V 294 -146.61 34.87 -32.58
C ILE V 294 -146.97 35.04 -31.10
N ASP V 295 -146.00 35.46 -30.29
CA ASP V 295 -146.18 35.51 -28.86
C ASP V 295 -147.37 36.42 -28.52
N PRO V 296 -147.34 37.64 -29.04
CA PRO V 296 -148.38 38.58 -28.64
C PRO V 296 -149.72 38.10 -29.11
N PHE V 297 -149.87 37.69 -30.34
CA PHE V 297 -151.18 37.16 -30.72
C PHE V 297 -151.62 36.02 -29.80
N ARG V 298 -150.74 35.07 -29.55
CA ARG V 298 -151.12 33.90 -28.74
C ARG V 298 -151.61 34.33 -27.33
N LEU V 299 -150.87 35.25 -26.73
CA LEU V 299 -151.26 35.77 -25.46
C LEU V 299 -152.67 36.34 -25.55
N LEU V 300 -152.95 37.16 -26.55
CA LEU V 300 -154.28 37.74 -26.70
C LEU V 300 -155.33 36.70 -27.07
N GLN V 301 -154.94 35.45 -27.28
CA GLN V 301 -155.94 34.44 -27.66
C GLN V 301 -156.64 33.91 -26.42
N ASN V 302 -156.15 34.31 -25.25
CA ASN V 302 -156.69 33.86 -23.96
C ASN V 302 -156.96 34.95 -22.95
N SER V 303 -156.78 36.19 -23.40
CA SER V 303 -156.89 37.31 -22.52
C SER V 303 -158.36 37.54 -22.20
N GLN V 304 -158.65 37.94 -20.99
CA GLN V 304 -160.04 38.19 -20.58
C GLN V 304 -160.11 39.67 -20.26
N VAL V 305 -160.04 40.53 -21.27
CA VAL V 305 -160.04 41.93 -20.98
C VAL V 305 -161.43 42.51 -21.09
N TYR V 306 -161.81 43.27 -20.06
CA TYR V 306 -163.08 43.98 -20.08
C TYR V 306 -162.93 45.47 -20.26
N SER V 307 -163.97 46.09 -20.81
CA SER V 307 -163.95 47.53 -21.03
C SER V 307 -165.22 48.28 -20.75
N LEU V 308 -165.12 49.49 -20.20
CA LEU V 308 -166.30 50.34 -20.00
C LEU V 308 -166.79 50.79 -21.32
N ILE V 309 -168.11 50.80 -21.44
CA ILE V 309 -168.76 51.08 -22.71
C ILE V 309 -169.97 51.97 -22.55
N ARG V 310 -169.94 53.12 -23.21
CA ARG V 310 -171.05 54.07 -23.17
C ARG V 310 -172.38 53.50 -23.74
N PRO V 311 -173.56 54.00 -23.26
CA PRO V 311 -174.92 53.48 -23.55
C PRO V 311 -175.22 53.20 -25.02
N ASN V 312 -174.89 54.15 -25.88
CA ASN V 312 -175.14 53.90 -27.28
C ASN V 312 -174.03 53.27 -28.13
N GLU V 313 -172.93 52.86 -27.51
CA GLU V 313 -171.77 52.41 -28.28
C GLU V 313 -171.87 50.94 -28.63
N ASN V 314 -171.16 50.54 -29.68
CA ASN V 314 -171.24 49.19 -30.16
C ASN V 314 -170.07 48.41 -29.64
N PRO V 315 -170.33 47.36 -28.83
CA PRO V 315 -169.26 46.53 -28.28
C PRO V 315 -168.26 46.01 -29.34
N ALA V 316 -168.82 45.49 -30.43
CA ALA V 316 -168.03 44.84 -31.44
C ALA V 316 -167.06 45.85 -32.01
N HIS V 317 -167.53 47.11 -31.97
CA HIS V 317 -166.81 48.22 -32.56
C HIS V 317 -165.72 48.59 -31.58
N LYS V 318 -166.03 48.47 -30.28
CA LYS V 318 -165.06 48.80 -29.22
C LYS V 318 -163.85 47.86 -29.29
N SER V 319 -164.13 46.55 -29.30
CA SER V 319 -163.11 45.55 -29.40
C SER V 319 -162.20 45.81 -30.61
N GLN V 320 -162.80 46.18 -31.74
CA GLN V 320 -162.03 46.41 -32.91
C GLN V 320 -160.91 47.39 -32.59
N LEU V 321 -161.30 48.53 -32.06
CA LEU V 321 -160.36 49.63 -31.69
C LEU V 321 -159.16 49.10 -30.93
N VAL V 322 -159.38 48.69 -29.68
CA VAL V 322 -158.32 48.00 -28.89
C VAL V 322 -157.46 47.00 -29.66
N TRP V 323 -158.09 46.15 -30.45
CA TRP V 323 -157.36 45.18 -31.24
C TRP V 323 -156.38 45.86 -32.18
N MET V 324 -156.73 47.03 -32.69
CA MET V 324 -155.86 47.68 -33.69
C MET V 324 -154.73 48.37 -32.98
N ALA V 325 -154.98 48.78 -31.73
CA ALA V 325 -153.92 49.33 -30.90
C ALA V 325 -152.99 48.24 -30.39
N CYS V 326 -153.47 47.02 -30.29
CA CYS V 326 -152.54 45.99 -29.87
C CYS V 326 -151.48 45.59 -30.89
N HIS V 327 -151.71 45.96 -32.15
CA HIS V 327 -150.69 45.70 -33.12
C HIS V 327 -150.20 46.89 -34.01
N SER V 328 -150.62 48.12 -33.71
CA SER V 328 -150.14 49.25 -34.52
C SER V 328 -150.70 49.03 -35.95
N ALA V 329 -152.02 48.75 -36.01
CA ALA V 329 -152.67 48.48 -37.28
C ALA V 329 -153.59 49.64 -37.54
N ALA V 330 -153.20 50.85 -37.13
CA ALA V 330 -154.11 52.00 -37.32
C ALA V 330 -153.92 52.58 -38.67
N PHE V 331 -152.93 52.13 -39.42
CA PHE V 331 -152.69 52.73 -40.72
C PHE V 331 -152.46 51.57 -41.63
N GLU V 332 -152.96 50.40 -41.25
CA GLU V 332 -152.74 49.23 -42.08
C GLU V 332 -153.88 49.19 -43.13
N ASP V 333 -153.73 48.38 -44.17
CA ASP V 333 -154.77 48.26 -45.17
C ASP V 333 -155.95 47.50 -44.55
N LEU V 334 -157.13 48.14 -44.42
CA LEU V 334 -158.26 47.53 -43.72
C LEU V 334 -158.47 46.12 -44.22
N ARG V 335 -158.24 45.93 -45.53
CA ARG V 335 -158.44 44.61 -46.15
C ARG V 335 -157.68 43.55 -45.44
N VAL V 336 -156.39 43.79 -45.25
CA VAL V 336 -155.52 42.83 -44.59
C VAL V 336 -155.85 42.70 -43.09
N SER V 337 -156.03 43.85 -42.40
CA SER V 337 -156.43 43.84 -41.01
C SER V 337 -157.63 42.93 -40.81
N SER V 338 -158.66 43.04 -41.66
CA SER V 338 -159.83 42.19 -41.51
C SER V 338 -159.53 40.76 -41.84
N PHE V 339 -158.53 40.56 -42.69
CA PHE V 339 -158.25 39.25 -43.19
C PHE V 339 -157.69 38.48 -42.03
N ILE V 340 -156.69 39.06 -41.40
CA ILE V 340 -155.99 38.46 -40.28
C ILE V 340 -156.89 38.42 -39.01
N ARG V 341 -157.63 39.52 -38.84
CA ARG V 341 -158.53 39.69 -37.72
C ARG V 341 -159.52 38.56 -37.65
N GLY V 342 -160.11 38.23 -38.80
CA GLY V 342 -161.05 37.15 -38.78
C GLY V 342 -162.45 37.64 -39.02
N THR V 343 -162.63 38.96 -38.82
CA THR V 343 -163.92 39.64 -38.96
C THR V 343 -163.79 41.06 -39.51
N LYS V 344 -164.90 41.62 -39.95
CA LYS V 344 -164.81 43.00 -40.46
C LYS V 344 -164.01 43.99 -39.60
N VAL V 345 -163.14 44.74 -40.24
CA VAL V 345 -162.40 45.78 -39.58
C VAL V 345 -162.92 47.09 -40.16
N VAL V 346 -163.94 47.59 -39.50
CA VAL V 346 -164.61 48.76 -40.01
C VAL V 346 -163.79 50.04 -39.88
N PRO V 347 -163.88 50.96 -40.86
CA PRO V 347 -163.21 52.26 -40.89
C PRO V 347 -163.56 53.13 -39.72
N ARG V 348 -162.70 54.13 -39.48
CA ARG V 348 -162.83 54.97 -38.29
C ARG V 348 -164.14 55.67 -38.29
N GLY V 349 -164.50 56.32 -39.39
CA GLY V 349 -165.78 57.04 -39.42
C GLY V 349 -166.99 56.21 -39.00
N LYS V 350 -167.08 55.00 -39.54
CA LYS V 350 -168.19 54.13 -39.26
C LYS V 350 -168.06 53.46 -37.94
N LEU V 351 -166.99 53.78 -37.20
CA LEU V 351 -166.78 53.20 -35.90
C LEU V 351 -167.55 53.89 -34.83
N SER V 352 -168.30 53.10 -34.08
CA SER V 352 -169.08 53.63 -32.97
C SER V 352 -168.38 53.71 -31.62
N THR V 353 -167.58 54.75 -31.43
CA THR V 353 -166.92 54.96 -30.16
C THR V 353 -166.07 56.23 -30.23
N ARG V 354 -165.87 56.82 -29.04
CA ARG V 354 -165.27 58.15 -28.97
C ARG V 354 -163.91 58.00 -28.30
N GLY V 355 -163.71 56.89 -27.59
CA GLY V 355 -162.46 56.75 -26.91
C GLY V 355 -162.65 55.83 -25.76
N VAL V 356 -161.57 55.13 -25.43
CA VAL V 356 -161.64 54.08 -24.46
C VAL V 356 -161.66 54.61 -23.03
N GLN V 357 -160.96 55.73 -22.81
CA GLN V 357 -160.91 56.36 -21.48
C GLN V 357 -162.18 57.11 -21.27
N ILE V 358 -162.59 57.14 -20.02
CA ILE V 358 -163.81 57.79 -19.66
C ILE V 358 -163.49 59.17 -19.09
N ALA V 359 -164.14 60.19 -19.66
CA ALA V 359 -163.92 61.55 -19.23
C ALA V 359 -164.69 61.87 -17.97
N SER V 360 -164.16 62.83 -17.19
CA SER V 360 -164.79 63.32 -15.92
C SER V 360 -166.22 63.88 -16.11
N ASN V 361 -166.51 64.19 -17.36
CA ASN V 361 -167.74 64.79 -17.74
C ASN V 361 -168.87 63.80 -17.57
N GLU V 362 -168.62 62.55 -17.96
CA GLU V 362 -169.67 61.57 -18.13
C GLU V 362 -170.18 61.12 -16.82
N ASN V 363 -171.24 60.34 -16.80
CA ASN V 363 -171.73 59.89 -15.52
C ASN V 363 -171.71 58.41 -15.52
N MET V 364 -171.73 57.82 -14.34
CA MET V 364 -171.69 56.38 -14.24
C MET V 364 -173.06 55.70 -14.30
N GLU V 365 -174.13 56.47 -14.10
CA GLU V 365 -175.44 55.87 -13.96
C GLU V 365 -175.67 55.15 -15.26
N THR V 366 -175.45 55.85 -16.38
CA THR V 366 -175.73 55.29 -17.68
C THR V 366 -174.48 54.69 -18.27
N MET V 367 -173.82 53.82 -17.52
CA MET V 367 -172.55 53.26 -17.97
C MET V 367 -172.54 51.77 -17.69
N GLU V 368 -172.04 50.98 -18.63
CA GLU V 368 -171.95 49.54 -18.45
C GLU V 368 -170.66 49.07 -19.13
N SER V 369 -170.40 47.76 -19.11
CA SER V 369 -169.10 47.26 -19.54
C SER V 369 -169.20 45.99 -20.35
N SER V 370 -168.41 45.83 -21.39
CA SER V 370 -168.43 44.62 -22.19
C SER V 370 -167.09 43.90 -22.23
N THR V 371 -167.10 42.67 -22.73
CA THR V 371 -165.91 41.86 -22.81
C THR V 371 -165.34 42.03 -24.22
N LEU V 372 -164.08 42.46 -24.26
CA LEU V 372 -163.43 42.85 -25.49
C LEU V 372 -163.04 41.63 -26.28
N GLU V 373 -163.38 41.62 -27.56
CA GLU V 373 -162.99 40.53 -28.46
C GLU V 373 -161.61 40.83 -29.07
N LEU V 374 -160.57 40.20 -28.51
CA LEU V 374 -159.19 40.46 -29.00
C LEU V 374 -158.52 39.34 -29.78
N ARG V 375 -159.21 38.18 -29.84
CA ARG V 375 -158.75 37.05 -30.61
C ARG V 375 -158.63 37.42 -32.08
N SER V 376 -157.73 36.77 -32.81
CA SER V 376 -157.59 36.98 -34.25
C SER V 376 -157.60 35.66 -34.98
N ARG V 377 -157.80 35.71 -36.28
CA ARG V 377 -157.89 34.49 -37.08
C ARG V 377 -156.49 33.93 -37.28
N TYR V 378 -155.66 34.68 -37.99
CA TYR V 378 -154.28 34.28 -38.19
C TYR V 378 -153.39 35.30 -37.51
N TRP V 379 -152.09 35.19 -37.77
CA TRP V 379 -151.09 36.15 -37.34
C TRP V 379 -150.08 36.36 -38.41
N ALA V 380 -149.34 37.47 -38.27
CA ALA V 380 -148.36 37.84 -39.26
C ALA V 380 -147.11 38.53 -38.70
N ILE V 381 -145.96 38.28 -39.32
CA ILE V 381 -144.77 38.85 -38.74
C ILE V 381 -144.85 40.39 -38.78
N ARG V 382 -145.13 41.07 -37.68
CA ARG V 382 -145.21 42.55 -37.78
C ARG V 382 -143.88 42.98 -38.41
N THR V 383 -143.91 43.59 -39.61
CA THR V 383 -142.65 44.01 -40.30
C THR V 383 -142.19 45.43 -40.01
N ARG V 384 -141.08 45.80 -40.66
CA ARG V 384 -140.51 47.13 -40.54
C ARG V 384 -140.40 47.79 -41.91
N SER V 385 -140.04 46.97 -42.89
CA SER V 385 -139.99 47.33 -44.31
C SER V 385 -141.22 48.05 -44.90
N GLY V 386 -141.01 49.08 -45.71
CA GLY V 386 -142.09 49.69 -46.47
C GLY V 386 -142.36 49.10 -47.86
N GLY V 387 -141.72 47.96 -48.24
CA GLY V 387 -141.78 47.44 -49.65
C GLY V 387 -141.07 48.28 -50.72
N ASN V 388 -140.60 47.63 -51.80
CA ASN V 388 -140.09 48.38 -52.97
C ASN V 388 -140.10 47.57 -54.31
N THR V 389 -140.21 48.28 -55.44
CA THR V 389 -140.09 47.63 -56.76
C THR V 389 -138.91 48.17 -57.59
N GLN V 398 -107.06 71.72 -71.79
CA GLN V 398 -106.36 70.49 -71.43
C GLN V 398 -106.68 69.29 -72.34
N ILE V 399 -105.94 68.18 -72.23
CA ILE V 399 -106.10 66.98 -73.08
C ILE V 399 -105.80 65.69 -72.27
N SER V 400 -105.09 65.87 -71.17
CA SER V 400 -104.77 64.78 -70.28
C SER V 400 -104.84 65.31 -68.86
N ILE V 401 -104.97 64.39 -67.91
CA ILE V 401 -104.96 64.72 -66.52
C ILE V 401 -103.68 64.28 -65.82
N GLN V 402 -103.00 65.22 -65.15
CA GLN V 402 -101.80 64.92 -64.31
C GLN V 402 -102.24 64.39 -62.96
N PRO V 403 -101.85 63.19 -62.58
CA PRO V 403 -102.42 62.66 -61.33
C PRO V 403 -101.73 63.21 -60.07
N THR V 404 -102.52 63.62 -59.07
CA THR V 404 -101.94 64.21 -57.88
C THR V 404 -102.11 63.27 -56.73
N PHE V 405 -103.01 62.33 -56.81
CA PHE V 405 -103.17 61.42 -55.67
C PHE V 405 -103.13 59.95 -56.04
N SER V 406 -102.99 59.11 -55.02
CA SER V 406 -102.88 57.71 -55.26
C SER V 406 -104.26 57.10 -55.05
N VAL V 407 -105.04 56.95 -56.12
CA VAL V 407 -106.33 56.29 -56.03
C VAL V 407 -106.69 55.52 -57.30
N GLN V 408 -107.63 54.59 -57.19
CA GLN V 408 -108.14 53.87 -58.35
C GLN V 408 -108.92 54.79 -59.29
N ARG V 409 -108.21 55.25 -60.32
CA ARG V 409 -108.76 56.22 -61.24
C ARG V 409 -108.33 56.05 -62.69
N ASN V 410 -109.35 55.86 -63.54
CA ASN V 410 -109.11 55.87 -64.98
C ASN V 410 -108.45 57.19 -65.35
N LEU V 411 -107.25 57.17 -65.89
CA LEU V 411 -106.66 58.44 -66.17
C LEU V 411 -107.05 59.02 -67.53
N PRO V 412 -107.81 60.13 -67.57
CA PRO V 412 -108.25 60.76 -68.84
C PRO V 412 -107.23 61.42 -69.75
N SER V 431 -128.42 66.40 -60.38
CA SER V 431 -129.15 67.66 -60.68
C SER V 431 -129.94 68.09 -59.44
N ASP V 432 -131.27 67.93 -59.49
CA ASP V 432 -132.09 68.10 -58.29
C ASP V 432 -132.39 66.70 -57.82
N MET V 433 -131.98 66.33 -56.61
CA MET V 433 -132.25 64.96 -56.13
C MET V 433 -133.77 64.70 -56.08
N ARG V 434 -134.54 65.79 -56.06
CA ARG V 434 -136.00 65.73 -56.16
C ARG V 434 -136.39 64.94 -57.37
N THR V 435 -135.86 65.38 -58.50
CA THR V 435 -136.09 64.76 -59.81
C THR V 435 -135.93 63.24 -59.74
N GLU V 436 -134.81 62.82 -59.16
CA GLU V 436 -134.52 61.42 -59.06
C GLU V 436 -135.76 60.71 -58.45
N ILE V 437 -136.24 61.22 -57.33
CA ILE V 437 -137.36 60.64 -56.60
C ILE V 437 -138.65 60.74 -57.40
N ILE V 438 -138.95 61.95 -57.84
CA ILE V 438 -140.16 62.18 -58.64
C ILE V 438 -140.22 61.18 -59.77
N ARG V 439 -139.07 60.86 -60.34
CA ARG V 439 -138.97 59.90 -61.42
C ARG V 439 -139.25 58.48 -60.88
N LEU V 440 -138.89 58.26 -59.61
CA LEU V 440 -139.10 56.94 -59.03
C LEU V 440 -140.54 56.84 -58.61
N MET V 441 -140.97 57.79 -57.74
CA MET V 441 -142.42 58.01 -57.52
C MET V 441 -143.36 57.57 -58.70
N GLU V 442 -143.15 58.17 -59.88
CA GLU V 442 -143.86 57.84 -61.12
C GLU V 442 -144.06 56.36 -61.47
N SER V 443 -142.96 55.62 -61.59
CA SER V 443 -143.06 54.26 -62.11
C SER V 443 -143.84 53.37 -61.15
N ALA V 444 -144.16 53.96 -60.00
CA ALA V 444 -144.82 53.22 -58.93
C ALA V 444 -146.34 53.14 -59.08
N ARG V 445 -146.86 51.90 -59.11
CA ARG V 445 -148.30 51.66 -59.14
C ARG V 445 -148.87 51.09 -57.82
N PRO V 446 -150.08 51.57 -57.44
CA PRO V 446 -150.63 51.17 -56.17
C PRO V 446 -150.79 49.70 -56.15
N GLU V 447 -150.99 49.11 -57.33
CA GLU V 447 -151.14 47.64 -57.45
C GLU V 447 -149.85 46.85 -57.26
N ASP V 448 -148.72 47.59 -57.19
CA ASP V 448 -147.39 46.99 -57.04
C ASP V 448 -147.26 46.12 -55.80
N VAL V 449 -147.11 44.82 -56.02
CA VAL V 449 -147.09 43.84 -54.96
C VAL V 449 -145.88 44.02 -54.08
N SER V 450 -146.06 44.09 -52.74
CA SER V 450 -144.92 44.05 -51.77
C SER V 450 -144.83 42.76 -50.91
N PHE V 451 -143.71 42.59 -50.19
CA PHE V 451 -143.51 41.41 -49.35
C PHE V 451 -143.82 40.14 -50.15
N GLN V 452 -143.26 40.09 -51.35
CA GLN V 452 -143.49 38.97 -52.27
C GLN V 452 -143.20 37.63 -51.54
N GLY V 453 -144.09 36.65 -51.64
CA GLY V 453 -143.87 35.40 -50.94
C GLY V 453 -144.22 35.33 -49.43
N ARG V 454 -144.13 36.47 -48.71
CA ARG V 454 -144.52 36.58 -47.29
C ARG V 454 -146.00 36.34 -47.16
N GLY V 455 -146.41 35.64 -46.11
CA GLY V 455 -147.83 35.33 -45.90
C GLY V 455 -148.27 35.42 -44.46
N VAL V 456 -149.36 34.72 -44.15
CA VAL V 456 -149.96 34.82 -42.81
C VAL V 456 -149.83 33.46 -42.20
N PHE V 457 -149.79 33.41 -40.87
CA PHE V 457 -149.62 32.12 -40.26
C PHE V 457 -150.80 31.76 -39.40
N GLU V 458 -151.14 30.48 -39.40
CA GLU V 458 -152.14 29.96 -38.50
C GLU V 458 -151.63 30.15 -37.07
N LEU V 459 -152.58 30.14 -36.13
CA LEU V 459 -152.22 30.33 -34.74
C LEU V 459 -151.65 29.06 -34.14
N SER V 460 -151.78 27.91 -34.85
CA SER V 460 -151.11 26.68 -34.44
C SER V 460 -149.63 26.71 -34.88
N ASP V 461 -149.35 27.39 -35.98
CA ASP V 461 -148.02 27.39 -36.58
C ASP V 461 -147.06 28.21 -35.79
N GLU V 462 -146.56 27.60 -34.74
CA GLU V 462 -145.75 28.31 -33.76
C GLU V 462 -144.49 28.84 -34.36
N LYS V 463 -143.82 27.91 -35.04
CA LYS V 463 -142.64 28.17 -35.85
C LYS V 463 -143.13 28.95 -37.06
N ALA V 464 -142.22 29.61 -37.77
CA ALA V 464 -142.68 30.30 -38.97
C ALA V 464 -142.76 29.37 -40.20
N THR V 465 -142.96 28.10 -39.95
CA THR V 465 -142.93 27.06 -40.95
C THR V 465 -143.72 27.34 -42.19
N SER V 466 -145.02 27.08 -42.18
CA SER V 466 -145.84 27.23 -43.38
C SER V 466 -146.65 28.52 -43.50
N PRO V 467 -146.35 29.32 -44.53
CA PRO V 467 -146.97 30.66 -44.78
C PRO V 467 -148.24 30.51 -45.60
N ILE V 468 -149.12 31.52 -45.56
CA ILE V 468 -150.38 31.45 -46.29
C ILE V 468 -150.54 32.72 -47.01
N VAL V 469 -150.80 32.63 -48.30
CA VAL V 469 -150.95 33.81 -49.12
C VAL V 469 -152.41 34.20 -49.32
N PRO V 470 -152.77 35.43 -48.95
CA PRO V 470 -154.12 35.93 -49.07
C PRO V 470 -154.43 36.45 -50.45
N SER V 471 -155.65 36.15 -50.88
CA SER V 471 -156.10 36.58 -52.18
C SER V 471 -157.24 37.53 -51.88
N PHE V 472 -157.09 38.81 -52.24
CA PHE V 472 -158.12 39.82 -51.95
C PHE V 472 -159.29 39.99 -52.93
N ASP V 473 -159.37 39.13 -53.95
CA ASP V 473 -160.51 39.15 -54.86
C ASP V 473 -161.67 38.92 -53.91
N MET V 474 -162.46 39.96 -53.63
CA MET V 474 -163.46 39.86 -52.55
C MET V 474 -164.26 41.14 -52.35
N SER V 475 -165.43 41.05 -51.73
CA SER V 475 -166.22 42.25 -51.51
C SER V 475 -165.67 42.82 -50.25
N ASN V 476 -164.70 43.70 -50.37
CA ASN V 476 -164.00 44.28 -49.23
C ASN V 476 -164.78 45.46 -48.67
N GLU V 477 -164.16 46.28 -47.84
CA GLU V 477 -164.83 47.42 -47.24
C GLU V 477 -163.88 48.64 -47.13
N GLY V 478 -163.05 48.88 -48.14
CA GLY V 478 -162.08 49.96 -48.02
C GLY V 478 -160.65 49.51 -47.69
N SER V 479 -159.75 50.48 -47.65
CA SER V 479 -158.38 50.21 -47.29
C SER V 479 -157.84 51.26 -46.31
N TYR V 480 -158.46 52.41 -46.21
CA TYR V 480 -157.99 53.48 -45.39
C TYR V 480 -158.76 53.66 -44.08
N PHE V 481 -158.31 53.08 -42.98
CA PHE V 481 -158.95 53.30 -41.69
C PHE V 481 -159.37 54.75 -41.49
N PHE V 482 -158.65 55.71 -42.08
CA PHE V 482 -159.01 57.12 -41.91
C PHE V 482 -159.50 57.82 -43.20
N ASN W 14 -143.83 -3.18 -52.70
CA ASN W 14 -145.17 -3.84 -52.47
C ASN W 14 -145.16 -4.88 -51.33
N ALA W 15 -145.46 -4.33 -50.16
CA ALA W 15 -145.53 -5.05 -48.91
C ALA W 15 -146.91 -5.70 -48.68
N THR W 16 -147.71 -5.86 -49.72
CA THR W 16 -149.03 -6.43 -49.53
C THR W 16 -149.00 -7.93 -49.73
N GLU W 17 -148.78 -8.36 -50.97
CA GLU W 17 -148.78 -9.77 -51.27
C GLU W 17 -147.60 -10.42 -50.58
N ILE W 18 -146.40 -10.08 -51.06
CA ILE W 18 -145.15 -10.68 -50.57
C ILE W 18 -145.08 -10.75 -49.03
N ARG W 19 -145.39 -9.66 -48.32
CA ARG W 19 -145.23 -9.70 -46.86
C ARG W 19 -146.36 -10.41 -46.14
N ALA W 20 -147.53 -10.38 -46.74
CA ALA W 20 -148.70 -10.88 -46.05
C ALA W 20 -149.07 -12.29 -46.54
N SER W 21 -148.76 -12.58 -47.78
CA SER W 21 -149.03 -13.89 -48.33
C SER W 21 -148.09 -14.95 -47.72
N VAL W 22 -146.95 -14.47 -47.26
CA VAL W 22 -145.97 -15.41 -46.76
C VAL W 22 -146.27 -15.55 -45.26
N GLY W 23 -146.92 -14.52 -44.75
CA GLY W 23 -147.44 -14.57 -43.41
C GLY W 23 -148.53 -15.62 -43.27
N LYS W 24 -149.28 -15.77 -44.35
CA LYS W 24 -150.36 -16.68 -44.35
C LYS W 24 -149.81 -18.07 -44.43
N MET W 25 -148.65 -18.20 -45.03
CA MET W 25 -148.09 -19.55 -45.11
C MET W 25 -147.46 -19.90 -43.78
N ILE W 26 -147.05 -18.86 -43.02
CA ILE W 26 -146.45 -19.08 -41.75
C ILE W 26 -147.52 -19.44 -40.72
N ASP W 27 -148.68 -18.76 -40.79
CA ASP W 27 -149.85 -19.04 -39.95
C ASP W 27 -150.21 -20.50 -40.10
N GLY W 28 -150.10 -21.04 -41.31
CA GLY W 28 -150.57 -22.39 -41.49
C GLY W 28 -149.70 -23.32 -40.66
N ILE W 29 -148.40 -23.13 -40.75
CA ILE W 29 -147.48 -24.04 -40.11
C ILE W 29 -147.75 -23.94 -38.62
N GLY W 30 -147.93 -22.72 -38.13
CA GLY W 30 -148.21 -22.48 -36.72
C GLY W 30 -149.44 -23.25 -36.29
N ARG W 31 -150.60 -22.77 -36.69
CA ARG W 31 -151.87 -23.45 -36.50
C ARG W 31 -151.73 -24.96 -36.57
N PHE W 32 -151.17 -25.50 -37.65
CA PHE W 32 -151.02 -26.92 -37.75
C PHE W 32 -150.22 -27.52 -36.52
N TYR W 33 -149.01 -27.03 -36.32
CA TYR W 33 -148.22 -27.46 -35.19
C TYR W 33 -149.00 -27.46 -33.90
N ILE W 34 -149.82 -26.45 -33.68
CA ILE W 34 -150.63 -26.38 -32.49
C ILE W 34 -151.64 -27.54 -32.47
N GLN W 35 -152.33 -27.76 -33.58
CA GLN W 35 -153.33 -28.85 -33.71
C GLN W 35 -152.70 -30.17 -33.43
N MET W 36 -151.62 -30.39 -34.13
CA MET W 36 -150.86 -31.59 -33.98
C MET W 36 -150.32 -31.77 -32.59
N CYS W 37 -149.93 -30.70 -31.92
CA CYS W 37 -149.56 -30.89 -30.54
C CYS W 37 -150.76 -31.28 -29.72
N THR W 38 -151.89 -30.67 -30.02
CA THR W 38 -153.09 -30.97 -29.25
C THR W 38 -153.51 -32.47 -29.39
N GLU W 39 -153.14 -33.12 -30.49
CA GLU W 39 -153.45 -34.53 -30.68
C GLU W 39 -152.55 -35.35 -29.80
N LEU W 40 -151.25 -35.14 -29.97
CA LEU W 40 -150.32 -35.90 -29.18
C LEU W 40 -150.48 -35.62 -27.70
N LYS W 41 -151.33 -34.68 -27.35
CA LYS W 41 -151.56 -34.34 -25.97
C LYS W 41 -150.25 -34.00 -25.30
N LEU W 42 -149.29 -33.40 -26.03
CA LEU W 42 -148.06 -32.85 -25.39
C LEU W 42 -148.26 -31.61 -24.51
N SER W 43 -147.26 -31.35 -23.66
CA SER W 43 -147.29 -30.19 -22.77
C SER W 43 -146.65 -28.99 -23.46
N ASP W 44 -146.63 -27.85 -22.75
CA ASP W 44 -145.98 -26.67 -23.28
C ASP W 44 -144.50 -26.91 -23.41
N TYR W 45 -143.87 -27.40 -22.36
CA TYR W 45 -142.46 -27.68 -22.46
C TYR W 45 -142.20 -28.71 -23.50
N GLU W 46 -143.14 -29.62 -23.66
CA GLU W 46 -142.93 -30.72 -24.58
C GLU W 46 -143.30 -30.36 -26.02
N GLY W 47 -143.83 -29.17 -26.23
CA GLY W 47 -144.15 -28.75 -27.57
C GLY W 47 -143.06 -27.83 -28.05
N ARG W 48 -142.20 -27.43 -27.11
CA ARG W 48 -141.11 -26.53 -27.44
C ARG W 48 -139.80 -27.27 -27.68
N LEU W 49 -139.93 -28.60 -27.67
CA LEU W 49 -138.78 -29.45 -27.82
C LEU W 49 -138.44 -29.65 -29.28
N ILE W 50 -137.47 -28.91 -29.74
CA ILE W 50 -137.12 -29.01 -31.14
C ILE W 50 -137.14 -30.40 -31.67
N GLN W 51 -136.84 -31.37 -30.81
CA GLN W 51 -136.88 -32.79 -31.15
C GLN W 51 -138.29 -33.15 -31.64
N ASN W 52 -139.27 -33.11 -30.75
CA ASN W 52 -140.62 -33.39 -31.14
C ASN W 52 -141.03 -32.56 -32.32
N SER W 53 -140.69 -31.27 -32.38
CA SER W 53 -141.12 -30.48 -33.51
C SER W 53 -140.65 -31.14 -34.78
N LEU W 54 -139.38 -31.46 -34.87
CA LEU W 54 -138.84 -32.11 -36.06
C LEU W 54 -139.63 -33.30 -36.51
N THR W 55 -139.83 -34.22 -35.60
CA THR W 55 -140.57 -35.42 -35.89
C THR W 55 -141.88 -35.04 -36.56
N ILE W 56 -142.61 -34.11 -35.97
CA ILE W 56 -143.86 -33.69 -36.56
C ILE W 56 -143.70 -33.16 -37.98
N GLU W 57 -142.68 -32.35 -38.18
CA GLU W 57 -142.51 -31.72 -39.48
C GLU W 57 -142.29 -32.78 -40.52
N ARG W 58 -141.53 -33.80 -40.17
CA ARG W 58 -141.20 -34.84 -41.15
C ARG W 58 -142.41 -35.77 -41.42
N MET W 59 -143.16 -36.13 -40.37
CA MET W 59 -144.46 -36.83 -40.49
C MET W 59 -145.35 -36.22 -41.54
N VAL W 60 -145.13 -34.95 -41.80
CA VAL W 60 -146.08 -34.29 -42.64
C VAL W 60 -145.54 -34.28 -44.02
N LEU W 61 -144.27 -33.94 -44.17
CA LEU W 61 -143.68 -33.88 -45.47
C LEU W 61 -143.70 -35.27 -46.12
N SER W 62 -143.57 -36.31 -45.28
CA SER W 62 -143.66 -37.69 -45.73
C SER W 62 -145.07 -37.95 -46.25
N ALA W 63 -146.06 -37.57 -45.45
CA ALA W 63 -147.43 -37.85 -45.81
C ALA W 63 -147.84 -37.08 -47.07
N PHE W 64 -147.23 -35.95 -47.36
CA PHE W 64 -147.61 -35.22 -48.53
C PHE W 64 -146.66 -35.51 -49.68
N ASP W 65 -145.97 -36.67 -49.61
CA ASP W 65 -144.94 -37.05 -50.61
C ASP W 65 -144.33 -38.45 -50.36
N THR W 85 -147.62 -42.44 -41.50
CA THR W 85 -146.22 -42.42 -41.07
C THR W 85 -146.17 -42.17 -39.60
N GLY W 86 -145.00 -42.33 -39.02
CA GLY W 86 -144.83 -42.26 -37.57
C GLY W 86 -143.52 -41.55 -37.28
N GLY W 87 -143.08 -41.58 -36.04
CA GLY W 87 -141.83 -40.96 -35.68
C GLY W 87 -141.57 -40.95 -34.18
N PRO W 88 -140.36 -40.49 -33.79
CA PRO W 88 -139.90 -40.48 -32.41
C PRO W 88 -140.49 -39.29 -31.64
N ILE W 89 -141.16 -39.58 -30.54
CA ILE W 89 -141.77 -38.52 -29.76
C ILE W 89 -141.38 -38.58 -28.30
N TYR W 90 -140.66 -37.57 -27.83
CA TYR W 90 -140.16 -37.58 -26.46
C TYR W 90 -141.10 -36.94 -25.44
N ARG W 91 -141.24 -37.64 -24.32
CA ARG W 91 -142.18 -37.24 -23.29
C ARG W 91 -141.44 -36.97 -22.01
N ARG W 92 -142.05 -36.17 -21.12
CA ARG W 92 -141.39 -35.78 -19.87
C ARG W 92 -142.08 -36.39 -18.66
N VAL W 93 -141.44 -37.35 -17.99
CA VAL W 93 -141.99 -37.88 -16.72
C VAL W 93 -141.09 -37.43 -15.55
N ASP W 94 -141.63 -37.42 -14.33
CA ASP W 94 -140.87 -37.07 -13.13
C ASP W 94 -139.38 -37.37 -13.36
N GLY W 95 -138.56 -36.33 -13.59
CA GLY W 95 -137.13 -36.54 -13.71
C GLY W 95 -136.56 -36.78 -15.07
N LYS W 96 -137.00 -37.87 -15.72
CA LYS W 96 -136.36 -38.37 -16.98
C LYS W 96 -137.19 -38.30 -18.24
N TRP W 97 -136.55 -38.44 -19.39
CA TRP W 97 -137.29 -38.27 -20.63
C TRP W 97 -137.64 -39.59 -21.30
N ARG W 98 -138.90 -39.76 -21.66
CA ARG W 98 -139.33 -41.01 -22.24
C ARG W 98 -139.60 -40.86 -23.74
N ARG W 99 -138.93 -41.67 -24.55
CA ARG W 99 -139.10 -41.63 -25.99
C ARG W 99 -140.26 -42.55 -26.42
N GLU W 100 -141.28 -42.01 -27.07
CA GLU W 100 -142.36 -42.83 -27.63
C GLU W 100 -142.25 -43.04 -29.14
N LEU W 101 -142.41 -44.27 -29.57
CA LEU W 101 -142.37 -44.53 -30.99
C LEU W 101 -143.80 -44.59 -31.45
N ILE W 102 -144.27 -43.62 -32.25
CA ILE W 102 -145.69 -43.61 -32.63
C ILE W 102 -145.94 -43.53 -34.11
N LEU W 103 -147.17 -43.86 -34.49
CA LEU W 103 -147.59 -43.87 -35.91
C LEU W 103 -148.94 -43.17 -36.11
N TYR W 104 -149.11 -42.46 -37.22
CA TYR W 104 -150.37 -41.74 -37.50
C TYR W 104 -150.92 -42.01 -38.91
N ASP W 105 -152.23 -41.93 -39.06
CA ASP W 105 -152.81 -42.16 -40.37
C ASP W 105 -152.22 -41.19 -41.37
N LYS W 106 -151.39 -41.70 -42.28
CA LYS W 106 -150.80 -40.79 -43.27
C LYS W 106 -151.80 -39.79 -43.81
N GLU W 107 -153.10 -40.14 -43.84
CA GLU W 107 -154.09 -39.26 -44.44
C GLU W 107 -154.63 -38.34 -43.39
N GLU W 108 -154.81 -38.90 -42.20
CA GLU W 108 -155.20 -38.04 -41.13
C GLU W 108 -154.28 -36.81 -41.09
N ILE W 109 -152.97 -37.03 -41.27
CA ILE W 109 -151.99 -35.93 -41.20
C ILE W 109 -152.30 -34.94 -42.29
N ARG W 110 -152.57 -35.48 -43.47
CA ARG W 110 -152.86 -34.62 -44.59
C ARG W 110 -154.16 -33.86 -44.36
N ARG W 111 -155.05 -34.47 -43.60
CA ARG W 111 -156.32 -33.85 -43.32
C ARG W 111 -156.13 -32.64 -42.37
N ILE W 112 -155.42 -32.92 -41.28
CA ILE W 112 -155.18 -31.89 -40.27
C ILE W 112 -154.43 -30.71 -40.86
N TRP W 113 -153.47 -31.01 -41.74
CA TRP W 113 -152.69 -30.00 -42.41
C TRP W 113 -153.63 -29.02 -43.12
N ARG W 114 -154.48 -29.50 -44.03
CA ARG W 114 -155.29 -28.59 -44.85
C ARG W 114 -156.25 -27.83 -43.93
N GLN W 115 -156.83 -28.54 -42.96
CA GLN W 115 -157.66 -27.88 -42.02
C GLN W 115 -157.02 -26.58 -41.58
N ALA W 116 -155.70 -26.62 -41.30
CA ALA W 116 -154.99 -25.44 -40.79
C ALA W 116 -154.84 -24.42 -41.89
N ASN W 117 -154.48 -24.85 -43.09
CA ASN W 117 -154.40 -23.90 -44.24
C ASN W 117 -155.69 -23.63 -45.02
N ASN W 118 -156.84 -23.68 -44.36
CA ASN W 118 -158.10 -23.46 -45.06
C ASN W 118 -158.41 -24.49 -46.17
N GLY W 119 -157.99 -25.73 -45.97
CA GLY W 119 -158.24 -26.72 -46.98
C GLY W 119 -157.40 -26.51 -48.22
N ASP W 120 -156.43 -25.59 -48.12
CA ASP W 120 -155.47 -25.40 -49.18
C ASP W 120 -154.33 -26.40 -49.10
N ASP W 121 -153.47 -26.36 -50.10
CA ASP W 121 -152.35 -27.30 -50.11
C ASP W 121 -151.14 -26.65 -49.45
N ALA W 122 -151.03 -25.35 -49.72
CA ALA W 122 -149.97 -24.50 -49.24
C ALA W 122 -148.67 -25.25 -49.45
N THR W 123 -148.32 -25.50 -50.71
CA THR W 123 -147.06 -26.21 -50.98
C THR W 123 -145.94 -25.40 -50.40
N ALA W 124 -146.06 -24.09 -50.52
CA ALA W 124 -145.09 -23.22 -49.90
C ALA W 124 -144.78 -23.66 -48.47
N GLY W 125 -145.84 -23.86 -47.70
CA GLY W 125 -145.67 -24.27 -46.33
C GLY W 125 -144.84 -25.53 -46.11
N LEU W 126 -145.08 -26.56 -46.92
CA LEU W 126 -144.38 -27.82 -46.75
C LEU W 126 -142.95 -27.59 -47.21
N THR W 127 -142.83 -26.79 -48.26
CA THR W 127 -141.56 -26.48 -48.85
C THR W 127 -140.75 -25.73 -47.82
N HIS W 128 -141.43 -24.95 -46.97
CA HIS W 128 -140.74 -24.14 -45.96
C HIS W 128 -140.03 -25.02 -44.96
N MET W 129 -140.70 -26.08 -44.51
CA MET W 129 -140.13 -26.97 -43.52
C MET W 129 -139.22 -27.84 -44.29
N MET W 130 -139.39 -27.85 -45.61
CA MET W 130 -138.55 -28.67 -46.49
C MET W 130 -137.19 -28.00 -46.41
N ILE W 131 -137.17 -26.69 -46.27
CA ILE W 131 -135.89 -25.97 -46.20
C ILE W 131 -135.28 -25.94 -44.79
N TRP W 132 -136.15 -25.81 -43.81
CA TRP W 132 -135.67 -25.69 -42.48
C TRP W 132 -134.84 -26.94 -42.26
N HIS W 133 -135.30 -28.05 -42.82
CA HIS W 133 -134.61 -29.28 -42.66
C HIS W 133 -133.33 -29.15 -43.43
N SER W 134 -133.43 -28.61 -44.63
CA SER W 134 -132.23 -28.47 -45.46
C SER W 134 -131.13 -27.70 -44.71
N ASN W 135 -131.47 -26.52 -44.27
CA ASN W 135 -130.52 -25.65 -43.70
C ASN W 135 -129.85 -26.19 -42.45
N LEU W 136 -130.60 -27.08 -41.76
CA LEU W 136 -130.13 -27.81 -40.62
C LEU W 136 -129.19 -28.89 -41.06
N ASN W 137 -129.37 -29.42 -42.26
CA ASN W 137 -128.56 -30.55 -42.65
C ASN W 137 -127.28 -30.04 -43.27
N ASP W 138 -127.36 -28.90 -43.91
CA ASP W 138 -126.22 -28.33 -44.50
C ASP W 138 -125.25 -27.81 -43.42
N ALA W 139 -125.72 -27.78 -42.18
CA ALA W 139 -124.88 -27.33 -41.07
C ALA W 139 -124.51 -28.44 -40.12
N THR W 140 -125.35 -29.45 -39.97
CA THR W 140 -125.06 -30.54 -39.06
C THR W 140 -124.06 -31.46 -39.72
N TYR W 141 -124.17 -31.61 -41.05
CA TYR W 141 -123.33 -32.57 -41.81
C TYR W 141 -122.51 -32.05 -42.98
N GLN W 142 -121.46 -32.77 -43.27
CA GLN W 142 -120.62 -32.43 -44.39
C GLN W 142 -120.75 -33.55 -45.38
N ARG W 143 -121.07 -33.19 -46.62
CA ARG W 143 -121.48 -34.20 -47.59
C ARG W 143 -120.34 -34.45 -48.57
N THR W 144 -119.29 -35.12 -48.08
CA THR W 144 -118.10 -35.31 -48.88
C THR W 144 -118.24 -36.59 -49.69
N ARG W 145 -118.71 -37.65 -49.01
CA ARG W 145 -118.87 -38.96 -49.64
C ARG W 145 -119.54 -38.83 -51.02
N ALA W 146 -120.55 -37.98 -51.07
CA ALA W 146 -121.32 -37.77 -52.29
C ALA W 146 -120.61 -36.94 -53.32
N LEU W 147 -119.84 -35.94 -52.88
CA LEU W 147 -119.20 -35.01 -53.85
C LEU W 147 -118.14 -35.73 -54.71
N VAL W 148 -117.36 -36.55 -54.02
CA VAL W 148 -116.24 -37.26 -54.61
C VAL W 148 -116.77 -38.37 -55.53
N ARG W 149 -117.70 -39.17 -54.98
CA ARG W 149 -118.36 -40.20 -55.77
C ARG W 149 -119.02 -39.59 -57.03
N THR W 150 -119.38 -38.31 -56.98
CA THR W 150 -119.82 -37.59 -58.17
C THR W 150 -118.63 -37.11 -59.01
N GLY W 151 -117.52 -36.76 -58.36
CA GLY W 151 -116.33 -36.37 -59.12
C GLY W 151 -116.16 -34.87 -59.00
N MET W 152 -116.56 -34.39 -57.81
CA MET W 152 -116.44 -32.98 -57.38
C MET W 152 -115.41 -32.93 -56.26
N ASP W 153 -114.67 -31.84 -56.16
CA ASP W 153 -113.68 -31.78 -55.11
C ASP W 153 -114.30 -31.57 -53.72
N PRO W 154 -113.95 -32.41 -52.72
CA PRO W 154 -114.53 -32.34 -51.36
C PRO W 154 -114.42 -30.96 -50.76
N ARG W 155 -113.40 -30.24 -51.16
CA ARG W 155 -113.28 -28.86 -50.75
C ARG W 155 -114.26 -27.90 -51.40
N MET W 156 -115.31 -28.42 -52.04
CA MET W 156 -116.32 -27.56 -52.65
C MET W 156 -117.59 -27.49 -51.80
N CYS W 157 -117.40 -27.63 -50.48
CA CYS W 157 -118.46 -27.48 -49.46
C CYS W 157 -119.34 -26.26 -49.61
N SER W 158 -118.75 -25.08 -49.72
CA SER W 158 -119.48 -23.79 -49.82
C SER W 158 -120.39 -23.60 -51.05
N LEU W 159 -120.49 -24.64 -51.86
CA LEU W 159 -121.24 -24.60 -53.09
C LEU W 159 -122.32 -25.66 -53.01
N MET W 160 -122.36 -26.47 -51.96
CA MET W 160 -123.39 -27.49 -51.85
C MET W 160 -124.63 -27.10 -50.99
N GLN W 161 -125.00 -25.83 -51.02
CA GLN W 161 -126.17 -25.39 -50.28
C GLN W 161 -127.52 -25.93 -50.78
N GLY W 162 -128.05 -26.89 -50.05
CA GLY W 162 -129.34 -27.42 -50.40
C GLY W 162 -129.15 -28.72 -51.17
N SER W 163 -127.99 -29.35 -51.07
CA SER W 163 -127.86 -30.61 -51.72
C SER W 163 -128.87 -31.65 -51.14
N THR W 164 -129.40 -31.43 -49.94
CA THR W 164 -130.27 -32.43 -49.30
C THR W 164 -131.72 -32.19 -49.67
N LEU W 165 -131.91 -31.04 -50.28
CA LEU W 165 -133.25 -30.54 -50.46
C LEU W 165 -133.96 -31.29 -51.57
N PRO W 166 -134.94 -32.14 -51.21
CA PRO W 166 -135.64 -32.92 -52.24
C PRO W 166 -136.01 -32.07 -53.49
N ARG W 167 -135.83 -32.67 -54.67
CA ARG W 167 -136.25 -32.08 -55.95
C ARG W 167 -137.70 -31.56 -55.92
N ARG W 168 -138.58 -32.27 -55.17
CA ARG W 168 -139.95 -31.82 -54.94
C ARG W 168 -140.03 -30.34 -54.49
N SER W 169 -138.95 -29.83 -53.91
CA SER W 169 -138.93 -28.44 -53.48
C SER W 169 -139.45 -27.55 -54.59
N GLY W 170 -140.03 -26.44 -54.21
CA GLY W 170 -140.61 -25.55 -55.18
C GLY W 170 -139.64 -24.71 -55.98
N ALA W 171 -140.18 -23.78 -56.73
CA ALA W 171 -139.39 -22.92 -57.55
C ALA W 171 -138.51 -21.98 -56.69
N ALA W 172 -139.01 -21.57 -55.52
CA ALA W 172 -138.35 -20.59 -54.67
C ALA W 172 -137.55 -21.44 -53.67
N GLY W 173 -137.74 -22.77 -53.82
CA GLY W 173 -136.95 -23.77 -53.14
C GLY W 173 -135.58 -24.02 -53.78
N ALA W 174 -135.48 -23.92 -55.10
CA ALA W 174 -134.26 -24.18 -55.76
C ALA W 174 -133.41 -22.91 -55.71
N ALA W 175 -134.04 -21.74 -55.72
CA ALA W 175 -133.24 -20.47 -55.66
C ALA W 175 -132.24 -20.40 -54.48
N VAL W 176 -132.47 -21.26 -53.49
CA VAL W 176 -131.67 -21.25 -52.29
C VAL W 176 -130.45 -22.10 -52.56
N LYS W 177 -130.53 -22.96 -53.59
CA LYS W 177 -129.41 -23.87 -53.95
C LYS W 177 -128.07 -23.23 -54.36
N GLY W 178 -126.97 -23.81 -53.87
CA GLY W 178 -125.65 -23.35 -54.30
C GLY W 178 -125.30 -23.87 -55.69
N VAL W 179 -124.39 -23.17 -56.36
CA VAL W 179 -123.96 -23.51 -57.73
C VAL W 179 -123.52 -24.99 -57.80
N GLY W 180 -122.67 -25.36 -56.83
CA GLY W 180 -122.22 -26.70 -56.68
C GLY W 180 -123.37 -27.65 -56.52
N THR W 181 -124.52 -27.20 -56.03
CA THR W 181 -125.59 -28.16 -55.76
C THR W 181 -126.13 -28.67 -57.08
N MET W 182 -126.20 -27.76 -58.03
CA MET W 182 -126.84 -28.05 -59.26
C MET W 182 -126.01 -29.05 -60.03
N VAL W 183 -124.71 -28.73 -60.12
CA VAL W 183 -123.71 -29.59 -60.74
C VAL W 183 -123.77 -31.08 -60.28
N MET W 184 -123.88 -31.35 -58.99
CA MET W 184 -123.92 -32.71 -58.53
C MET W 184 -125.08 -33.51 -59.14
N GLU W 185 -126.12 -32.77 -59.52
CA GLU W 185 -127.37 -33.34 -60.08
C GLU W 185 -127.20 -33.70 -61.56
N LEU W 186 -127.07 -32.64 -62.38
CA LEU W 186 -126.77 -32.80 -63.77
C LEU W 186 -125.70 -33.88 -63.99
N ILE W 187 -124.55 -33.76 -63.32
CA ILE W 187 -123.50 -34.78 -63.40
C ILE W 187 -124.03 -36.21 -63.11
N ARG W 188 -125.01 -36.38 -62.25
CA ARG W 188 -125.47 -37.74 -62.02
C ARG W 188 -126.50 -38.11 -63.05
N MET W 189 -127.33 -37.11 -63.39
CA MET W 189 -128.36 -37.28 -64.41
C MET W 189 -127.63 -37.66 -65.70
N ILE W 190 -126.65 -36.82 -66.09
CA ILE W 190 -125.74 -37.11 -67.20
C ILE W 190 -124.92 -38.40 -67.03
N LYS W 191 -124.25 -38.59 -65.89
CA LYS W 191 -123.37 -39.76 -65.71
C LYS W 191 -124.07 -41.12 -65.94
N ARG W 192 -125.25 -41.30 -65.40
CA ARG W 192 -125.93 -42.56 -65.66
C ARG W 192 -126.47 -42.74 -67.11
N GLY W 193 -127.00 -41.63 -67.67
CA GLY W 193 -127.49 -41.56 -69.06
C GLY W 193 -126.37 -41.76 -70.07
N ILE W 194 -125.41 -40.82 -70.07
CA ILE W 194 -124.22 -40.94 -70.91
C ILE W 194 -123.47 -42.20 -70.53
N ASN W 195 -123.65 -42.80 -69.50
CA ASN W 195 -123.03 -44.10 -69.22
C ASN W 195 -123.92 -45.13 -69.89
N ARG W 206 -137.14 -39.51 -71.96
CA ARG W 206 -137.64 -38.73 -73.09
C ARG W 206 -137.79 -37.26 -72.75
N ARG W 207 -138.76 -37.00 -71.88
CA ARG W 207 -139.11 -35.66 -71.40
C ARG W 207 -137.97 -35.12 -70.53
N THR W 208 -137.08 -36.02 -70.11
CA THR W 208 -135.90 -35.71 -69.32
C THR W 208 -135.08 -34.53 -69.84
N ARG W 209 -135.29 -34.15 -71.09
CA ARG W 209 -134.57 -33.02 -71.72
C ARG W 209 -134.91 -31.60 -71.22
N ILE W 210 -136.21 -31.26 -71.18
CA ILE W 210 -136.65 -29.96 -70.69
C ILE W 210 -136.07 -29.67 -69.30
N ALA W 211 -135.93 -30.73 -68.49
CA ALA W 211 -135.27 -30.67 -67.18
C ALA W 211 -133.86 -30.14 -67.38
N TYR W 212 -133.05 -30.89 -68.12
CA TYR W 212 -131.63 -30.59 -68.28
C TYR W 212 -131.41 -29.13 -68.68
N GLU W 213 -132.13 -28.64 -69.68
CA GLU W 213 -131.94 -27.26 -70.16
C GLU W 213 -132.30 -26.28 -69.08
N ARG W 214 -133.46 -26.47 -68.47
CA ARG W 214 -133.87 -25.62 -67.38
C ARG W 214 -132.88 -25.68 -66.21
N MET W 215 -132.57 -26.90 -65.77
CA MET W 215 -131.63 -27.10 -64.70
C MET W 215 -130.41 -26.29 -65.00
N CYS W 216 -130.08 -26.09 -66.27
CA CYS W 216 -128.92 -25.26 -66.61
C CYS W 216 -129.27 -23.78 -66.56
N ASN W 217 -130.51 -23.46 -66.91
CA ASN W 217 -130.88 -22.05 -67.02
C ASN W 217 -130.83 -21.43 -65.67
N ILE W 218 -131.34 -22.23 -64.71
CA ILE W 218 -131.24 -21.95 -63.28
C ILE W 218 -129.78 -21.84 -62.92
N LEU W 219 -129.03 -22.89 -63.29
CA LEU W 219 -127.61 -22.94 -63.09
C LEU W 219 -127.07 -21.61 -63.56
N LYS W 220 -127.41 -21.23 -64.80
CA LYS W 220 -126.80 -20.05 -65.41
C LYS W 220 -127.23 -18.80 -64.68
N GLY W 221 -128.44 -18.87 -64.14
CA GLY W 221 -128.98 -17.70 -63.47
C GLY W 221 -128.34 -17.48 -62.12
N LYS W 222 -127.47 -18.43 -61.73
CA LYS W 222 -126.68 -18.29 -60.52
C LYS W 222 -125.50 -17.36 -60.81
N PHE W 223 -124.85 -17.59 -61.95
CA PHE W 223 -123.74 -16.76 -62.39
C PHE W 223 -124.18 -15.33 -62.62
N GLN W 224 -123.28 -14.42 -62.31
CA GLN W 224 -123.50 -12.99 -62.46
C GLN W 224 -122.35 -12.29 -63.20
N THR W 225 -121.76 -12.97 -64.20
CA THR W 225 -120.72 -12.39 -65.06
C THR W 225 -120.84 -12.92 -66.48
N ALA W 226 -120.54 -12.04 -67.46
CA ALA W 226 -120.56 -12.40 -68.87
C ALA W 226 -120.20 -13.89 -69.14
N ALA W 227 -118.89 -14.19 -69.12
CA ALA W 227 -118.34 -15.49 -69.48
C ALA W 227 -119.04 -16.63 -68.75
N GLN W 228 -119.14 -16.44 -67.43
CA GLN W 228 -119.80 -17.40 -66.57
C GLN W 228 -121.11 -17.74 -67.24
N ARG W 229 -121.90 -16.69 -67.49
CA ARG W 229 -123.19 -16.83 -68.11
C ARG W 229 -123.05 -17.54 -69.47
N THR W 230 -122.12 -17.05 -70.30
CA THR W 230 -121.99 -17.58 -71.66
C THR W 230 -121.56 -19.04 -71.69
N MET W 231 -120.68 -19.40 -70.75
CA MET W 231 -120.08 -20.76 -70.79
C MET W 231 -121.06 -21.88 -70.45
N VAL W 232 -122.13 -21.46 -69.79
CA VAL W 232 -123.15 -22.34 -69.31
C VAL W 232 -123.92 -22.79 -70.50
N ASP W 233 -124.14 -21.83 -71.42
CA ASP W 233 -124.80 -22.08 -72.70
C ASP W 233 -123.99 -23.09 -73.54
N GLN W 234 -122.68 -22.85 -73.64
CA GLN W 234 -121.80 -23.73 -74.38
C GLN W 234 -121.93 -25.16 -73.86
N VAL W 235 -122.35 -25.31 -72.61
CA VAL W 235 -122.60 -26.61 -71.99
C VAL W 235 -123.97 -27.20 -72.33
N ARG W 236 -124.98 -26.34 -72.26
CA ARG W 236 -126.35 -26.70 -72.57
C ARG W 236 -126.58 -27.06 -74.07
N GLU W 237 -125.53 -26.98 -74.88
CA GLU W 237 -125.66 -27.24 -76.30
C GLU W 237 -125.79 -28.73 -76.67
N SER W 238 -125.18 -29.61 -75.89
CA SER W 238 -125.13 -31.04 -76.24
C SER W 238 -126.30 -31.90 -75.72
N ARG W 239 -126.93 -32.65 -76.62
CA ARG W 239 -128.05 -33.51 -76.24
C ARG W 239 -127.57 -34.62 -75.33
N ASN W 240 -126.45 -35.23 -75.73
CA ASN W 240 -125.88 -36.29 -74.94
C ASN W 240 -124.54 -35.77 -74.41
N PRO W 241 -124.55 -34.80 -73.49
CA PRO W 241 -123.31 -34.14 -73.03
C PRO W 241 -122.41 -35.11 -72.28
N GLY W 242 -121.27 -35.48 -72.86
CA GLY W 242 -120.43 -36.47 -72.20
C GLY W 242 -119.39 -35.78 -71.34
N ASN W 243 -118.31 -36.51 -71.04
CA ASN W 243 -117.15 -35.94 -70.34
C ASN W 243 -116.73 -34.55 -70.77
N ALA W 244 -117.07 -34.18 -72.01
CA ALA W 244 -116.86 -32.82 -72.53
C ALA W 244 -117.46 -31.80 -71.55
N GLU W 245 -118.73 -32.05 -71.21
CA GLU W 245 -119.49 -31.24 -70.27
C GLU W 245 -119.03 -31.60 -68.85
N PHE W 246 -119.16 -32.90 -68.51
CA PHE W 246 -118.72 -33.46 -67.21
C PHE W 246 -117.48 -32.71 -66.69
N GLU W 247 -116.44 -32.64 -67.51
CA GLU W 247 -115.28 -31.87 -67.14
C GLU W 247 -115.52 -30.33 -67.13
N ASP W 248 -116.34 -29.79 -68.04
CA ASP W 248 -116.44 -28.32 -68.08
C ASP W 248 -117.19 -27.63 -66.91
N LEU W 249 -118.28 -28.27 -66.45
CA LEU W 249 -119.14 -27.67 -65.43
C LEU W 249 -118.36 -27.66 -64.12
N ILE W 250 -117.62 -28.75 -63.90
CA ILE W 250 -116.75 -28.89 -62.75
C ILE W 250 -115.86 -27.68 -62.67
N PHE W 251 -115.36 -27.26 -63.84
CA PHE W 251 -114.58 -26.01 -63.96
C PHE W 251 -115.37 -24.77 -63.38
N LEU W 252 -116.51 -24.53 -64.03
CA LEU W 252 -117.47 -23.49 -63.66
C LEU W 252 -117.81 -23.63 -62.15
N ALA W 253 -117.91 -24.86 -61.66
CA ALA W 253 -118.11 -25.08 -60.22
C ALA W 253 -117.01 -24.35 -59.41
N ARG W 254 -115.77 -24.59 -59.85
CA ARG W 254 -114.64 -23.96 -59.22
C ARG W 254 -114.57 -22.47 -59.50
N SER W 255 -115.16 -21.99 -60.57
CA SER W 255 -115.10 -20.55 -60.86
C SER W 255 -115.91 -19.76 -59.83
N ALA W 256 -116.90 -20.42 -59.24
CA ALA W 256 -117.85 -19.81 -58.32
C ALA W 256 -117.26 -19.63 -56.95
N LEU W 257 -116.14 -20.35 -56.73
CA LEU W 257 -115.31 -20.28 -55.52
C LEU W 257 -114.65 -18.95 -55.50
N ILE W 258 -114.61 -18.29 -56.64
CA ILE W 258 -113.94 -17.02 -56.71
C ILE W 258 -114.92 -15.96 -57.18
N LEU W 259 -115.62 -16.26 -58.27
CA LEU W 259 -116.67 -15.38 -58.83
C LEU W 259 -117.96 -16.09 -58.48
N ARG W 260 -118.47 -15.75 -57.30
CA ARG W 260 -119.56 -16.50 -56.73
C ARG W 260 -120.78 -16.14 -57.57
N GLY W 261 -121.87 -16.88 -57.37
CA GLY W 261 -123.16 -16.54 -57.95
C GLY W 261 -124.18 -15.99 -56.98
N SER W 262 -125.38 -15.81 -57.50
CA SER W 262 -126.49 -15.34 -56.70
C SER W 262 -127.20 -16.57 -56.13
N VAL W 263 -127.11 -16.73 -54.82
CA VAL W 263 -127.90 -17.73 -54.13
C VAL W 263 -128.60 -17.13 -52.94
N ALA W 264 -129.93 -17.12 -53.03
CA ALA W 264 -130.82 -16.74 -51.94
C ALA W 264 -130.65 -17.60 -50.67
N HIS W 265 -130.76 -16.91 -49.52
CA HIS W 265 -130.76 -17.55 -48.19
C HIS W 265 -132.10 -17.25 -47.52
N LYS W 266 -132.74 -18.28 -46.97
CA LYS W 266 -134.07 -18.19 -46.36
C LYS W 266 -133.99 -18.59 -44.87
N SER W 267 -134.37 -17.67 -43.97
CA SER W 267 -134.37 -17.94 -42.54
C SER W 267 -135.58 -18.79 -42.16
N CYS W 268 -135.43 -20.08 -42.15
CA CYS W 268 -136.61 -20.93 -41.90
C CYS W 268 -136.56 -21.56 -40.55
N LEU W 269 -137.42 -21.13 -39.62
CA LEU W 269 -137.38 -21.62 -38.23
C LEU W 269 -138.20 -22.88 -38.08
N PRO W 270 -137.97 -23.69 -37.02
CA PRO W 270 -138.68 -24.96 -36.73
C PRO W 270 -140.14 -24.71 -36.54
N ALA W 271 -140.95 -25.72 -36.82
CA ALA W 271 -142.41 -25.58 -36.68
C ALA W 271 -142.85 -25.03 -35.31
N CYS W 272 -142.12 -25.43 -34.27
CA CYS W 272 -142.53 -25.09 -32.95
C CYS W 272 -142.49 -23.57 -32.74
N VAL W 273 -141.52 -22.96 -33.39
CA VAL W 273 -141.30 -21.56 -33.19
C VAL W 273 -142.48 -20.81 -33.76
N TYR W 274 -142.91 -21.13 -34.99
CA TYR W 274 -144.11 -20.58 -35.60
C TYR W 274 -145.36 -21.00 -34.84
N GLY W 275 -145.52 -22.29 -34.51
CA GLY W 275 -146.67 -22.71 -33.65
C GLY W 275 -146.79 -21.90 -32.38
N SER W 276 -145.70 -21.76 -31.67
CA SER W 276 -145.74 -21.01 -30.44
C SER W 276 -146.16 -19.55 -30.67
N ALA W 277 -145.63 -18.94 -31.72
CA ALA W 277 -145.89 -17.58 -32.11
C ALA W 277 -147.35 -17.37 -32.47
N VAL W 278 -147.91 -18.30 -33.23
CA VAL W 278 -149.29 -18.22 -33.65
C VAL W 278 -150.18 -18.28 -32.42
N ALA W 279 -149.83 -19.18 -31.52
CA ALA W 279 -150.55 -19.40 -30.28
C ALA W 279 -150.50 -18.20 -29.37
N SER W 280 -149.40 -17.44 -29.43
CA SER W 280 -149.22 -16.22 -28.67
C SER W 280 -149.94 -15.05 -29.27
N GLY W 281 -150.81 -15.30 -30.23
CA GLY W 281 -151.52 -14.21 -30.74
C GLY W 281 -150.98 -13.69 -32.06
N TYR W 282 -149.70 -13.85 -32.38
CA TYR W 282 -149.19 -13.25 -33.62
C TYR W 282 -149.92 -13.74 -34.77
N ASP W 283 -150.47 -12.79 -35.51
CA ASP W 283 -151.32 -13.11 -36.65
C ASP W 283 -150.63 -12.62 -37.91
N PHE W 284 -149.62 -13.36 -38.37
CA PHE W 284 -148.67 -12.92 -39.39
C PHE W 284 -149.26 -12.47 -40.70
N GLU W 285 -150.16 -13.25 -41.28
CA GLU W 285 -150.85 -12.74 -42.48
C GLU W 285 -151.37 -11.29 -42.39
N ARG W 286 -151.70 -10.83 -41.21
CA ARG W 286 -152.17 -9.48 -41.02
C ARG W 286 -151.02 -8.57 -40.72
N GLU W 287 -150.09 -9.02 -39.88
CA GLU W 287 -148.95 -8.18 -39.47
C GLU W 287 -147.73 -8.38 -40.38
N GLY W 288 -147.79 -9.27 -41.35
CA GLY W 288 -146.68 -9.39 -42.25
C GLY W 288 -145.51 -10.13 -41.64
N TYR W 289 -144.77 -10.84 -42.49
CA TYR W 289 -143.61 -11.58 -42.08
C TYR W 289 -142.61 -11.73 -43.26
N SER W 290 -141.29 -11.90 -42.97
CA SER W 290 -140.28 -12.15 -44.03
C SER W 290 -139.40 -13.32 -43.67
N LEU W 291 -138.65 -13.80 -44.66
CA LEU W 291 -137.65 -14.83 -44.45
C LEU W 291 -136.24 -14.25 -44.70
N VAL W 292 -136.16 -12.99 -45.11
CA VAL W 292 -134.85 -12.39 -45.41
C VAL W 292 -134.78 -10.98 -44.77
N GLY W 293 -135.77 -10.68 -43.93
CA GLY W 293 -135.73 -9.41 -43.21
C GLY W 293 -135.41 -9.51 -41.76
N ILE W 294 -135.97 -8.58 -41.00
CA ILE W 294 -135.79 -8.58 -39.53
C ILE W 294 -136.80 -9.50 -38.82
N ASP W 295 -137.81 -9.95 -39.56
CA ASP W 295 -138.92 -10.69 -38.96
C ASP W 295 -138.37 -11.94 -38.28
N PRO W 296 -137.59 -12.73 -39.02
CA PRO W 296 -137.17 -14.00 -38.46
C PRO W 296 -136.27 -13.76 -37.27
N PHE W 297 -135.29 -12.89 -37.35
CA PHE W 297 -134.50 -12.66 -36.16
C PHE W 297 -135.38 -12.23 -34.98
N ARG W 298 -136.28 -11.29 -35.20
CA ARG W 298 -137.11 -10.78 -34.09
C ARG W 298 -137.91 -11.91 -33.43
N LEU W 299 -138.50 -12.77 -34.26
CA LEU W 299 -139.23 -13.89 -33.76
C LEU W 299 -138.32 -14.72 -32.87
N LEU W 300 -137.11 -15.04 -33.33
CA LEU W 300 -136.19 -15.85 -32.55
C LEU W 300 -135.68 -15.09 -31.33
N GLN W 301 -136.05 -13.83 -31.13
CA GLN W 301 -135.55 -13.08 -29.98
C GLN W 301 -136.39 -13.39 -28.75
N ASN W 302 -137.49 -14.13 -28.97
CA ASN W 302 -138.43 -14.47 -27.89
C ASN W 302 -138.82 -15.94 -27.85
N SER W 303 -138.18 -16.73 -28.69
CA SER W 303 -138.54 -18.10 -28.82
C SER W 303 -138.04 -18.85 -27.61
N GLN W 304 -138.80 -19.83 -27.15
CA GLN W 304 -138.39 -20.61 -25.98
C GLN W 304 -138.21 -22.04 -26.48
N VAL W 305 -137.16 -22.28 -27.25
CA VAL W 305 -137.00 -23.60 -27.79
C VAL W 305 -136.08 -24.45 -26.94
N TYR W 306 -136.54 -25.66 -26.62
CA TYR W 306 -135.71 -26.60 -25.89
C TYR W 306 -135.20 -27.74 -26.76
N SER W 307 -134.08 -28.31 -26.34
CA SER W 307 -133.49 -29.41 -27.09
C SER W 307 -132.90 -30.55 -26.28
N LEU W 308 -133.06 -31.78 -26.74
CA LEU W 308 -132.43 -32.93 -26.06
C LEU W 308 -130.96 -32.85 -26.29
N ILE W 309 -130.23 -33.18 -25.24
CA ILE W 309 -128.78 -33.02 -25.23
C ILE W 309 -128.09 -34.19 -24.56
N ARG W 310 -127.23 -34.85 -25.33
CA ARG W 310 -126.45 -35.98 -24.81
C ARG W 310 -125.51 -35.61 -23.64
N PRO W 311 -125.20 -36.60 -22.73
CA PRO W 311 -124.46 -36.41 -21.46
C PRO W 311 -123.17 -35.60 -21.56
N ASN W 312 -122.34 -35.91 -22.54
CA ASN W 312 -121.13 -35.13 -22.67
C ASN W 312 -121.13 -33.91 -23.58
N GLU W 313 -122.29 -33.53 -24.12
CA GLU W 313 -122.35 -32.47 -25.13
C GLU W 313 -122.42 -31.09 -24.48
N ASN W 314 -122.00 -30.08 -25.24
CA ASN W 314 -121.95 -28.75 -24.72
C ASN W 314 -123.17 -28.00 -25.17
N PRO W 315 -124.00 -27.55 -24.21
CA PRO W 315 -125.23 -26.79 -24.56
C PRO W 315 -124.96 -25.59 -25.51
N ALA W 316 -123.93 -24.81 -25.15
CA ALA W 316 -123.66 -23.58 -25.84
C ALA W 316 -123.36 -23.91 -27.29
N HIS W 317 -122.81 -25.12 -27.45
CA HIS W 317 -122.35 -25.59 -28.74
C HIS W 317 -123.58 -26.04 -29.50
N LYS W 318 -124.54 -26.61 -28.77
CA LYS W 318 -125.79 -27.08 -29.38
C LYS W 318 -126.58 -25.92 -29.98
N SER W 319 -126.81 -24.90 -29.16
CA SER W 319 -127.51 -23.71 -29.60
C SER W 319 -126.86 -23.13 -30.86
N GLN W 320 -125.53 -23.11 -30.89
CA GLN W 320 -124.85 -22.55 -32.02
C GLN W 320 -125.39 -23.20 -33.28
N LEU W 321 -125.31 -24.53 -33.31
CA LEU W 321 -125.75 -25.34 -34.46
C LEU W 321 -127.10 -24.90 -34.98
N VAL W 322 -128.16 -25.19 -34.21
CA VAL W 322 -129.51 -24.66 -34.52
C VAL W 322 -129.57 -23.23 -35.04
N TRP W 323 -128.85 -22.32 -34.37
CA TRP W 323 -128.83 -20.94 -34.81
C TRP W 323 -128.33 -20.82 -36.24
N MET W 324 -127.39 -21.67 -36.64
CA MET W 324 -126.80 -21.52 -37.97
C MET W 324 -127.73 -22.10 -39.00
N ALA W 325 -128.52 -23.10 -38.57
CA ALA W 325 -129.57 -23.63 -39.43
C ALA W 325 -130.74 -22.69 -39.55
N CYS W 326 -130.95 -21.84 -38.56
CA CYS W 326 -132.04 -20.89 -38.73
C CYS W 326 -131.81 -19.78 -39.77
N HIS W 327 -130.56 -19.60 -40.14
CA HIS W 327 -130.30 -18.64 -41.19
C HIS W 327 -129.46 -19.12 -42.42
N SER W 328 -129.16 -20.41 -42.54
CA SER W 328 -128.39 -20.86 -43.71
C SER W 328 -127.00 -20.18 -43.60
N ALA W 329 -126.40 -20.28 -42.41
CA ALA W 329 -125.10 -19.68 -42.14
C ALA W 329 -124.13 -20.80 -41.99
N ALA W 330 -124.31 -21.89 -42.73
CA ALA W 330 -123.38 -23.04 -42.55
C ALA W 330 -122.19 -22.86 -43.40
N PHE W 331 -122.17 -21.86 -44.27
CA PHE W 331 -121.03 -21.71 -45.16
C PHE W 331 -120.71 -20.25 -45.12
N GLU W 332 -121.13 -19.58 -44.05
CA GLU W 332 -120.87 -18.15 -43.98
C GLU W 332 -119.48 -17.97 -43.35
N ASP W 333 -118.91 -16.77 -43.45
CA ASP W 333 -117.61 -16.52 -42.86
C ASP W 333 -117.79 -16.48 -41.33
N LEU W 334 -117.15 -17.42 -40.60
CA LEU W 334 -117.36 -17.54 -39.16
C LEU W 334 -117.24 -16.17 -38.50
N ARG W 335 -116.32 -15.35 -39.03
CA ARG W 335 -116.08 -14.02 -38.48
C ARG W 335 -117.34 -13.23 -38.39
N VAL W 336 -118.04 -13.15 -39.51
CA VAL W 336 -119.28 -12.39 -39.59
C VAL W 336 -120.41 -13.05 -38.78
N SER W 337 -120.58 -14.38 -38.93
CA SER W 337 -121.54 -15.12 -38.13
C SER W 337 -121.38 -14.78 -36.67
N SER W 338 -120.16 -14.78 -36.13
CA SER W 338 -119.96 -14.47 -34.72
C SER W 338 -120.25 -13.02 -34.43
N PHE W 339 -120.08 -12.19 -35.45
CA PHE W 339 -120.16 -10.78 -35.25
C PHE W 339 -121.62 -10.49 -35.00
N ILE W 340 -122.46 -10.98 -35.89
CA ILE W 340 -123.89 -10.78 -35.83
C ILE W 340 -124.52 -11.58 -34.66
N ARG W 341 -124.00 -12.80 -34.48
CA ARG W 341 -124.44 -13.69 -33.44
C ARG W 341 -124.35 -13.05 -32.09
N GLY W 342 -123.22 -12.41 -31.83
CA GLY W 342 -123.10 -11.78 -30.54
C GLY W 342 -122.07 -12.48 -29.69
N THR W 343 -121.79 -13.74 -30.07
CA THR W 343 -120.86 -14.62 -29.35
C THR W 343 -120.05 -15.53 -30.28
N LYS W 344 -119.00 -16.12 -29.75
CA LYS W 344 -118.23 -17.04 -30.61
C LYS W 344 -119.05 -18.04 -31.44
N VAL W 345 -118.71 -18.13 -32.71
CA VAL W 345 -119.31 -19.10 -33.58
C VAL W 345 -118.21 -20.08 -33.93
N VAL W 346 -118.13 -21.10 -33.10
CA VAL W 346 -117.05 -22.04 -33.22
C VAL W 346 -117.19 -22.95 -34.45
N PRO W 347 -116.07 -23.32 -35.10
CA PRO W 347 -115.99 -24.22 -36.26
C PRO W 347 -116.55 -25.58 -35.98
N ARG W 348 -116.87 -26.30 -37.06
CA ARG W 348 -117.57 -27.57 -36.96
C ARG W 348 -116.74 -28.55 -36.17
N GLY W 349 -115.47 -28.68 -36.54
CA GLY W 349 -114.62 -29.65 -35.81
C GLY W 349 -114.62 -29.48 -34.29
N LYS W 350 -114.49 -28.24 -33.84
CA LYS W 350 -114.44 -27.95 -32.44
C LYS W 350 -115.80 -27.94 -31.81
N LEU W 351 -116.82 -28.23 -32.60
CA LEU W 351 -118.16 -28.27 -32.09
C LEU W 351 -118.49 -29.56 -31.42
N SER W 352 -118.98 -29.45 -30.20
CA SER W 352 -119.38 -30.61 -29.43
C SER W 352 -120.81 -31.10 -29.61
N THR W 353 -121.05 -31.84 -30.69
CA THR W 353 -122.37 -32.41 -30.92
C THR W 353 -122.34 -33.21 -32.23
N ARG W 354 -123.27 -34.18 -32.28
CA ARG W 354 -123.25 -35.17 -33.34
C ARG W 354 -124.50 -34.97 -34.19
N GLY W 355 -125.48 -34.30 -33.63
CA GLY W 355 -126.68 -34.13 -34.38
C GLY W 355 -127.82 -33.92 -33.45
N VAL W 356 -128.80 -33.19 -33.92
CA VAL W 356 -129.87 -32.76 -33.06
C VAL W 356 -130.90 -33.85 -32.83
N GLN W 357 -131.10 -34.70 -33.85
CA GLN W 357 -132.05 -35.82 -33.74
C GLN W 357 -131.40 -36.91 -32.95
N ILE W 358 -132.24 -37.61 -32.22
CA ILE W 358 -131.77 -38.67 -31.38
C ILE W 358 -132.00 -40.00 -32.09
N ALA W 359 -130.93 -40.80 -32.20
CA ALA W 359 -131.00 -42.07 -32.86
C ALA W 359 -131.58 -43.14 -31.94
N SER W 360 -132.21 -44.16 -32.56
CA SER W 360 -132.84 -45.32 -31.85
C SER W 360 -131.83 -46.11 -30.99
N ASN W 361 -130.56 -45.90 -31.28
CA ASN W 361 -129.49 -46.58 -30.64
C ASN W 361 -129.37 -46.14 -29.21
N GLU W 362 -129.52 -44.82 -28.99
CA GLU W 362 -129.16 -44.22 -27.72
C GLU W 362 -130.14 -44.57 -26.68
N ASN W 363 -129.87 -44.23 -25.43
CA ASN W 363 -130.83 -44.56 -24.40
C ASN W 363 -131.26 -43.31 -23.76
N MET W 364 -132.40 -43.34 -23.10
CA MET W 364 -132.91 -42.16 -22.43
C MET W 364 -132.40 -41.95 -21.01
N GLU W 365 -131.83 -43.00 -20.41
CA GLU W 365 -131.50 -42.92 -19.01
C GLU W 365 -130.51 -41.79 -18.91
N THR W 366 -129.49 -41.81 -19.77
CA THR W 366 -128.42 -40.83 -19.71
C THR W 366 -128.72 -39.69 -20.66
N MET W 367 -129.90 -39.12 -20.57
CA MET W 367 -130.28 -38.09 -21.53
C MET W 367 -130.95 -36.94 -20.77
N GLU W 368 -130.63 -35.71 -21.14
CA GLU W 368 -131.24 -34.55 -20.51
C GLU W 368 -131.42 -33.47 -21.58
N SER W 369 -131.95 -32.31 -21.20
CA SER W 369 -132.35 -31.33 -22.19
C SER W 369 -131.99 -29.91 -21.79
N SER W 370 -131.55 -29.08 -22.72
CA SER W 370 -131.22 -27.70 -22.42
C SER W 370 -132.03 -26.69 -23.22
N THR W 371 -131.96 -25.43 -22.82
CA THR W 371 -132.70 -24.37 -23.47
C THR W 371 -131.74 -23.71 -24.47
N LEU W 372 -132.19 -23.70 -25.74
CA LEU W 372 -131.37 -23.30 -26.85
C LEU W 372 -131.25 -21.80 -26.88
N GLU W 373 -130.02 -21.30 -27.00
CA GLU W 373 -129.77 -19.86 -27.13
C GLU W 373 -129.83 -19.46 -28.60
N LEU W 374 -130.97 -18.87 -29.00
CA LEU W 374 -131.16 -18.48 -30.42
C LEU W 374 -131.15 -16.99 -30.73
N ARG W 375 -131.10 -16.19 -29.65
CA ARG W 375 -131.02 -14.75 -29.77
C ARG W 375 -129.74 -14.36 -30.51
N SER W 376 -129.74 -13.22 -31.21
CA SER W 376 -128.56 -12.72 -31.88
C SER W 376 -128.32 -11.26 -31.51
N ARG W 377 -127.13 -10.78 -31.80
CA ARG W 377 -126.77 -9.41 -31.43
C ARG W 377 -127.43 -8.45 -32.41
N TYR W 378 -127.03 -8.52 -33.67
CA TYR W 378 -127.63 -7.71 -34.69
C TYR W 378 -128.34 -8.63 -35.68
N TRP W 379 -128.78 -8.06 -36.79
CA TRP W 379 -129.34 -8.77 -37.91
C TRP W 379 -128.86 -8.19 -39.20
N ALA W 380 -129.02 -8.97 -40.27
CA ALA W 380 -128.56 -8.57 -41.57
C ALA W 380 -129.42 -9.04 -42.75
N ILE W 381 -129.53 -8.22 -43.78
CA ILE W 381 -130.42 -8.63 -44.84
C ILE W 381 -129.92 -9.94 -45.49
N ARG W 382 -130.49 -11.10 -45.20
CA ARG W 382 -129.96 -12.32 -45.84
C ARG W 382 -129.94 -12.02 -47.35
N THR W 383 -128.76 -12.00 -47.98
CA THR W 383 -128.66 -11.69 -49.45
C THR W 383 -128.72 -12.90 -50.37
N ARG W 384 -128.61 -12.61 -51.67
CA ARG W 384 -128.61 -13.62 -52.71
C ARG W 384 -127.32 -13.52 -53.54
N SER W 385 -126.91 -12.29 -53.79
CA SER W 385 -125.65 -11.95 -54.44
C SER W 385 -124.38 -12.61 -53.94
N GLY W 386 -123.52 -13.07 -54.84
CA GLY W 386 -122.19 -13.54 -54.46
C GLY W 386 -121.07 -12.49 -54.43
N GLY W 387 -121.39 -11.17 -54.56
CA GLY W 387 -120.33 -10.12 -54.73
C GLY W 387 -119.55 -10.14 -56.06
N ASN W 388 -119.06 -8.97 -56.51
CA ASN W 388 -118.11 -8.94 -57.64
C ASN W 388 -117.22 -7.65 -57.70
N THR W 389 -116.03 -7.76 -58.30
CA THR W 389 -115.17 -6.57 -58.53
C THR W 389 -114.90 -6.33 -60.03
N SER W 431 -112.39 -17.50 -77.88
CA SER W 431 -111.45 -18.65 -77.94
C SER W 431 -111.97 -19.80 -77.07
N ASP W 432 -111.34 -20.01 -75.91
CA ASP W 432 -111.89 -20.93 -74.92
C ASP W 432 -112.55 -20.04 -73.88
N MET W 433 -113.85 -20.17 -73.67
CA MET W 433 -114.49 -19.30 -72.66
C MET W 433 -113.89 -19.52 -71.26
N ARG W 434 -113.23 -20.68 -71.11
CA ARG W 434 -112.48 -20.99 -69.90
C ARG W 434 -111.50 -19.89 -69.62
N THR W 435 -110.69 -19.60 -70.63
CA THR W 435 -109.66 -18.55 -70.56
C THR W 435 -110.24 -17.25 -70.00
N GLU W 436 -111.37 -16.83 -70.55
CA GLU W 436 -112.00 -15.61 -70.12
C GLU W 436 -112.12 -15.64 -68.57
N ILE W 437 -112.67 -16.72 -68.05
CA ILE W 437 -112.91 -16.87 -66.63
C ILE W 437 -111.60 -16.97 -65.85
N ILE W 438 -110.74 -17.87 -66.29
CA ILE W 438 -109.44 -18.06 -65.65
C ILE W 438 -108.75 -16.71 -65.51
N ARG W 439 -108.91 -15.85 -66.50
CA ARG W 439 -108.34 -14.52 -66.50
C ARG W 439 -109.07 -13.65 -65.45
N LEU W 440 -110.34 -13.93 -65.24
CA LEU W 440 -111.11 -13.14 -64.28
C LEU W 440 -110.80 -13.66 -62.91
N MET W 441 -111.05 -14.98 -62.69
CA MET W 441 -110.46 -15.67 -61.52
C MET W 441 -109.16 -15.02 -60.93
N GLU W 442 -108.11 -14.94 -61.75
CA GLU W 442 -106.84 -14.30 -61.41
C GLU W 442 -106.88 -12.95 -60.70
N SER W 443 -107.51 -11.95 -61.32
CA SER W 443 -107.43 -10.60 -60.77
C SER W 443 -108.09 -10.50 -59.42
N ALA W 444 -108.74 -11.60 -59.05
CA ALA W 444 -109.52 -11.67 -57.82
C ALA W 444 -108.69 -11.95 -56.56
N ARG W 445 -108.78 -11.04 -55.58
CA ARG W 445 -108.13 -11.23 -54.28
C ARG W 445 -109.12 -11.51 -53.13
N PRO W 446 -108.72 -12.42 -52.22
CA PRO W 446 -109.62 -12.81 -51.17
C PRO W 446 -109.98 -11.63 -50.36
N GLU W 447 -109.08 -10.65 -50.30
CA GLU W 447 -109.32 -9.39 -49.56
C GLU W 447 -110.32 -8.45 -50.23
N ASP W 448 -110.70 -8.78 -51.47
CA ASP W 448 -111.65 -7.97 -52.26
C ASP W 448 -112.97 -7.76 -51.57
N VAL W 449 -113.23 -6.52 -51.18
CA VAL W 449 -114.41 -6.16 -50.41
C VAL W 449 -115.67 -6.37 -51.21
N SER W 450 -116.67 -7.09 -50.67
CA SER W 450 -118.04 -7.18 -51.28
C SER W 450 -119.17 -6.45 -50.50
N PHE W 451 -120.34 -6.31 -51.12
CA PHE W 451 -121.47 -5.64 -50.47
C PHE W 451 -121.02 -4.29 -49.91
N GLN W 452 -120.31 -3.54 -50.74
CA GLN W 452 -119.76 -2.25 -50.35
C GLN W 452 -120.88 -1.36 -49.74
N GLY W 453 -120.64 -0.74 -48.60
CA GLY W 453 -121.70 0.06 -47.98
C GLY W 453 -122.80 -0.66 -47.16
N ARG W 454 -123.12 -1.93 -47.53
CA ARG W 454 -124.09 -2.78 -46.80
C ARG W 454 -123.56 -3.05 -45.42
N GLY W 455 -124.43 -3.05 -44.42
CA GLY W 455 -124.01 -3.27 -43.03
C GLY W 455 -124.97 -4.14 -42.23
N VAL W 456 -124.91 -4.00 -40.91
CA VAL W 456 -125.70 -4.85 -40.02
C VAL W 456 -126.67 -3.95 -39.32
N PHE W 457 -127.79 -4.49 -38.91
CA PHE W 457 -128.76 -3.63 -38.26
C PHE W 457 -129.00 -4.04 -36.84
N GLU W 458 -129.21 -3.07 -35.99
CA GLU W 458 -129.63 -3.31 -34.62
C GLU W 458 -131.00 -3.98 -34.67
N LEU W 459 -131.35 -4.66 -33.57
CA LEU W 459 -132.62 -5.34 -33.51
C LEU W 459 -133.75 -4.38 -33.21
N SER W 460 -133.42 -3.13 -32.82
CA SER W 460 -134.43 -2.08 -32.69
C SER W 460 -134.76 -1.50 -34.07
N ASP W 461 -133.79 -1.48 -34.97
CA ASP W 461 -133.92 -0.84 -36.27
C ASP W 461 -134.81 -1.63 -37.19
N GLU W 462 -136.09 -1.44 -36.99
CA GLU W 462 -137.10 -2.27 -37.66
C GLU W 462 -137.05 -2.08 -39.15
N LYS W 463 -137.07 -0.80 -39.51
CA LYS W 463 -136.88 -0.32 -40.86
C LYS W 463 -135.42 -0.56 -41.20
N ALA W 464 -135.08 -0.54 -42.49
CA ALA W 464 -133.66 -0.70 -42.80
C ALA W 464 -132.86 0.61 -42.71
N THR W 465 -133.36 1.52 -41.89
CA THR W 465 -132.83 2.85 -41.77
C THR W 465 -131.34 2.97 -41.64
N SER W 466 -130.80 2.81 -40.43
CA SER W 466 -129.37 2.99 -40.21
C SER W 466 -128.51 1.72 -40.15
N PRO W 467 -127.58 1.60 -41.10
CA PRO W 467 -126.68 0.42 -41.27
C PRO W 467 -125.44 0.54 -40.42
N ILE W 468 -124.77 -0.57 -40.12
CA ILE W 468 -123.58 -0.54 -39.29
C ILE W 468 -122.53 -1.33 -39.96
N VAL W 469 -121.36 -0.74 -40.11
CA VAL W 469 -120.28 -1.42 -40.79
C VAL W 469 -119.30 -2.08 -39.81
N PRO W 470 -119.09 -3.38 -39.95
CA PRO W 470 -118.20 -4.12 -39.09
C PRO W 470 -116.76 -4.02 -39.51
N SER W 471 -115.90 -3.93 -38.51
CA SER W 471 -114.48 -3.82 -38.74
C SER W 471 -113.93 -5.10 -38.12
N PHE W 472 -113.33 -5.96 -38.95
CA PHE W 472 -112.79 -7.25 -38.45
C PHE W 472 -111.36 -7.28 -37.88
N ASP W 473 -110.72 -6.11 -37.76
CA ASP W 473 -109.42 -6.04 -37.11
C ASP W 473 -109.72 -6.61 -35.72
N MET W 474 -109.28 -7.83 -35.46
CA MET W 474 -109.73 -8.52 -34.23
C MET W 474 -109.14 -9.92 -34.06
N SER W 475 -109.13 -10.46 -32.85
CA SER W 475 -108.59 -11.80 -32.68
C SER W 475 -109.74 -12.68 -32.97
N ASN W 476 -109.85 -13.10 -34.23
CA ASN W 476 -110.97 -13.91 -34.71
C ASN W 476 -110.72 -15.38 -34.39
N GLU W 477 -111.47 -16.27 -35.01
CA GLU W 477 -111.33 -17.71 -34.77
C GLU W 477 -111.52 -18.52 -36.08
N GLY W 478 -111.01 -18.02 -37.21
CA GLY W 478 -111.27 -18.72 -38.46
C GLY W 478 -112.36 -18.08 -39.35
N SER W 479 -112.54 -18.66 -40.52
CA SER W 479 -113.57 -18.22 -41.42
C SER W 479 -114.34 -19.40 -42.02
N TYR W 480 -113.80 -20.58 -41.99
CA TYR W 480 -114.41 -21.73 -42.61
C TYR W 480 -115.07 -22.70 -41.61
N PHE W 481 -116.37 -22.57 -41.38
CA PHE W 481 -117.06 -23.52 -40.53
C PHE W 481 -116.61 -24.96 -40.76
N PHE W 482 -116.20 -25.31 -41.99
CA PHE W 482 -115.77 -26.67 -42.27
C PHE W 482 -114.27 -26.82 -42.60
N ASN X 14 -155.80 1.54 -56.79
CA ASN X 14 -155.51 0.50 -55.74
C ASN X 14 -156.70 -0.41 -55.43
N ALA X 15 -156.72 -1.50 -56.21
CA ALA X 15 -157.74 -2.53 -56.15
C ALA X 15 -157.42 -3.60 -55.10
N THR X 16 -156.54 -3.30 -54.15
CA THR X 16 -156.18 -4.32 -53.17
C THR X 16 -157.06 -4.20 -51.93
N GLU X 17 -156.87 -3.12 -51.20
CA GLU X 17 -157.62 -2.94 -49.96
C GLU X 17 -159.08 -2.75 -50.31
N ILE X 18 -159.37 -1.60 -50.93
CA ILE X 18 -160.75 -1.21 -51.27
C ILE X 18 -161.57 -2.35 -51.90
N ARG X 19 -161.03 -3.05 -52.90
CA ARG X 19 -161.84 -4.07 -53.56
C ARG X 19 -161.94 -5.38 -52.79
N ALA X 20 -160.92 -5.66 -52.00
CA ALA X 20 -160.86 -6.95 -51.36
C ALA X 20 -161.28 -6.87 -49.89
N SER X 21 -161.07 -5.71 -49.28
CA SER X 21 -161.48 -5.51 -47.90
C SER X 21 -163.01 -5.43 -47.79
N VAL X 22 -163.62 -5.03 -48.89
CA VAL X 22 -165.05 -4.84 -48.85
C VAL X 22 -165.67 -6.17 -49.23
N GLY X 23 -164.85 -6.96 -49.94
CA GLY X 23 -165.20 -8.32 -50.22
C GLY X 23 -165.27 -9.15 -48.95
N LYS X 24 -164.41 -8.80 -48.03
CA LYS X 24 -164.31 -9.54 -46.81
C LYS X 24 -165.50 -9.17 -45.96
N MET X 25 -166.00 -7.96 -46.16
CA MET X 25 -167.14 -7.60 -45.34
C MET X 25 -168.40 -8.23 -45.94
N ILE X 26 -168.35 -8.52 -47.25
CA ILE X 26 -169.47 -9.13 -47.91
C ILE X 26 -169.52 -10.62 -47.56
N ASP X 27 -168.35 -11.28 -47.51
CA ASP X 27 -168.21 -12.69 -47.09
C ASP X 27 -168.84 -12.85 -45.73
N GLY X 28 -168.66 -11.86 -44.86
CA GLY X 28 -169.16 -12.06 -43.51
C GLY X 28 -170.67 -12.19 -43.55
N ILE X 29 -171.31 -11.29 -44.28
CA ILE X 29 -172.75 -11.23 -44.28
C ILE X 29 -173.23 -12.55 -44.86
N GLY X 30 -172.58 -12.99 -45.93
CA GLY X 30 -172.92 -14.25 -46.58
C GLY X 30 -172.87 -15.40 -45.58
N ARG X 31 -171.65 -15.81 -45.24
CA ARG X 31 -171.40 -16.79 -44.19
C ARG X 31 -172.42 -16.70 -43.06
N PHE X 32 -172.57 -15.52 -42.46
CA PHE X 32 -173.53 -15.40 -41.38
C PHE X 32 -174.98 -15.86 -41.81
N TYR X 33 -175.51 -15.23 -42.85
CA TYR X 33 -176.79 -15.62 -43.37
C TYR X 33 -176.93 -17.11 -43.56
N ILE X 34 -175.89 -17.77 -44.05
CA ILE X 34 -175.92 -19.20 -44.22
C ILE X 34 -176.04 -19.89 -42.85
N GLN X 35 -175.23 -19.48 -41.88
CA GLN X 35 -175.25 -20.06 -40.52
C GLN X 35 -176.61 -19.91 -39.91
N MET X 36 -177.06 -18.69 -39.96
CA MET X 36 -178.37 -18.37 -39.44
C MET X 36 -179.48 -19.11 -40.16
N CYS X 37 -179.35 -19.33 -41.45
CA CYS X 37 -180.35 -20.17 -42.06
C CYS X 37 -180.25 -21.58 -41.54
N THR X 38 -179.04 -22.06 -41.36
CA THR X 38 -178.86 -23.43 -40.87
C THR X 38 -179.47 -23.63 -39.46
N GLU X 39 -179.60 -22.56 -38.67
CA GLU X 39 -180.20 -22.67 -37.36
C GLU X 39 -181.70 -22.80 -37.53
N LEU X 40 -182.28 -21.84 -38.22
CA LEU X 40 -183.70 -21.87 -38.41
C LEU X 40 -184.15 -23.12 -39.17
N LYS X 41 -183.18 -23.90 -39.64
CA LYS X 41 -183.48 -25.10 -40.39
C LYS X 41 -184.39 -24.77 -41.55
N LEU X 42 -184.26 -23.57 -42.16
CA LEU X 42 -184.96 -23.26 -43.43
C LEU X 42 -184.46 -24.02 -44.68
N SER X 43 -185.31 -24.04 -45.70
CA SER X 43 -184.98 -24.69 -46.97
C SER X 43 -184.29 -23.72 -47.91
N ASP X 44 -183.92 -24.21 -49.10
CA ASP X 44 -183.31 -23.34 -50.09
C ASP X 44 -184.31 -22.32 -50.54
N TYR X 45 -185.51 -22.75 -50.90
CA TYR X 45 -186.50 -21.78 -51.33
C TYR X 45 -186.82 -20.85 -50.19
N GLU X 46 -186.74 -21.36 -48.98
CA GLU X 46 -187.13 -20.55 -47.84
C GLU X 46 -186.00 -19.67 -47.34
N GLY X 47 -184.81 -19.80 -47.93
CA GLY X 47 -183.71 -18.94 -47.52
C GLY X 47 -183.58 -17.86 -48.55
N ARG X 48 -184.29 -18.03 -49.66
CA ARG X 48 -184.23 -17.04 -50.73
C ARG X 48 -185.39 -16.05 -50.67
N LEU X 49 -186.16 -16.18 -49.59
CA LEU X 49 -187.33 -15.37 -49.41
C LEU X 49 -186.96 -14.04 -48.80
N ILE X 50 -186.87 -13.02 -49.63
CA ILE X 50 -186.49 -11.74 -49.13
C ILE X 50 -187.11 -11.40 -47.81
N GLN X 51 -188.31 -11.90 -47.57
CA GLN X 51 -189.02 -11.72 -46.30
C GLN X 51 -188.15 -12.24 -45.15
N ASN X 52 -187.95 -13.56 -45.11
CA ASN X 52 -187.11 -14.12 -44.09
C ASN X 52 -185.78 -13.43 -44.04
N SER X 53 -185.15 -13.13 -45.16
CA SER X 53 -183.85 -12.51 -45.09
C SER X 53 -183.94 -11.25 -44.26
N LEU X 54 -184.88 -10.38 -44.59
CA LEU X 54 -185.06 -9.14 -43.82
C LEU X 54 -185.12 -9.35 -42.33
N THR X 55 -186.02 -10.21 -41.93
CA THR X 55 -186.18 -10.49 -40.52
C THR X 55 -184.82 -10.80 -39.91
N ILE X 56 -184.06 -11.68 -40.55
CA ILE X 56 -182.76 -12.01 -40.02
C ILE X 56 -181.85 -10.79 -39.91
N GLU X 57 -181.85 -9.96 -40.93
CA GLU X 57 -180.95 -8.84 -40.94
C GLU X 57 -181.26 -7.91 -39.79
N ARG X 58 -182.54 -7.74 -39.50
CA ARG X 58 -182.92 -6.82 -38.45
C ARG X 58 -182.65 -7.41 -37.04
N MET X 59 -182.92 -8.71 -36.85
CA MET X 59 -182.51 -9.48 -35.65
C MET X 59 -181.08 -9.20 -35.25
N VAL X 60 -180.29 -8.82 -36.23
CA VAL X 60 -178.89 -8.75 -35.95
C VAL X 60 -178.56 -7.35 -35.62
N LEU X 61 -179.05 -6.42 -36.41
CA LEU X 61 -178.74 -5.02 -36.18
C LEU X 61 -179.32 -4.60 -34.83
N SER X 62 -180.45 -5.19 -34.44
CA SER X 62 -181.06 -4.95 -33.14
C SER X 62 -180.11 -5.45 -32.05
N ALA X 63 -179.64 -6.69 -32.23
CA ALA X 63 -178.81 -7.29 -31.20
C ALA X 63 -177.48 -6.56 -31.07
N PHE X 64 -177.00 -5.91 -32.10
CA PHE X 64 -175.75 -5.22 -31.99
C PHE X 64 -175.96 -3.74 -31.73
N ASP X 65 -177.14 -3.39 -31.19
CA ASP X 65 -177.55 -1.98 -30.96
C ASP X 65 -178.93 -1.83 -30.28
N THR X 85 -183.64 -10.90 -29.39
CA THR X 85 -184.70 -10.35 -30.25
C THR X 85 -185.26 -11.44 -31.09
N GLY X 86 -186.37 -11.14 -31.76
CA GLY X 86 -187.11 -12.15 -32.51
C GLY X 86 -187.59 -11.51 -33.80
N GLY X 87 -188.48 -12.20 -34.51
CA GLY X 87 -189.01 -11.66 -35.73
C GLY X 87 -189.88 -12.65 -36.49
N PRO X 88 -190.51 -12.17 -37.59
CA PRO X 88 -191.45 -12.93 -38.40
C PRO X 88 -190.69 -13.86 -39.36
N ILE X 89 -191.00 -15.14 -39.30
CA ILE X 89 -190.32 -16.09 -40.16
C ILE X 89 -191.29 -16.98 -40.92
N TYR X 90 -191.31 -16.85 -42.23
CA TYR X 90 -192.27 -17.59 -43.05
C TYR X 90 -191.78 -18.94 -43.54
N ARG X 91 -192.66 -19.93 -43.40
CA ARG X 91 -192.32 -21.30 -43.70
C ARG X 91 -193.22 -21.82 -44.80
N ARG X 92 -192.76 -22.85 -45.51
CA ARG X 92 -193.51 -23.38 -46.65
C ARG X 92 -194.04 -24.78 -46.37
N VAL X 93 -195.36 -24.92 -46.21
CA VAL X 93 -195.97 -26.27 -46.09
C VAL X 93 -196.79 -26.58 -47.34
N ASP X 94 -197.03 -27.87 -47.61
CA ASP X 94 -197.85 -28.29 -48.77
C ASP X 94 -198.83 -27.18 -49.13
N GLY X 95 -198.57 -26.45 -50.22
CA GLY X 95 -199.53 -25.46 -50.68
C GLY X 95 -199.37 -24.06 -50.19
N LYS X 96 -199.49 -23.86 -48.87
CA LYS X 96 -199.60 -22.51 -48.25
C LYS X 96 -198.45 -22.07 -47.38
N TRP X 97 -198.39 -20.78 -47.07
CA TRP X 97 -197.22 -20.27 -46.34
C TRP X 97 -197.54 -20.04 -44.88
N ARG X 98 -196.70 -20.56 -43.99
CA ARG X 98 -196.96 -20.44 -42.57
C ARG X 98 -195.98 -19.45 -41.94
N ARG X 99 -196.53 -18.42 -41.28
CA ARG X 99 -195.71 -17.42 -40.60
C ARG X 99 -195.38 -17.86 -39.17
N GLU X 100 -194.10 -17.99 -38.84
CA GLU X 100 -193.70 -18.26 -37.45
C GLU X 100 -193.17 -17.05 -36.71
N LEU X 101 -193.66 -16.85 -35.50
CA LEU X 101 -193.17 -15.75 -34.71
C LEU X 101 -192.11 -16.30 -33.79
N ILE X 102 -190.84 -15.95 -33.98
CA ILE X 102 -189.78 -16.56 -33.16
C ILE X 102 -188.87 -15.57 -32.48
N LEU X 103 -188.15 -16.08 -31.47
CA LEU X 103 -187.23 -15.24 -30.67
C LEU X 103 -185.87 -15.92 -30.49
N TYR X 104 -184.79 -15.15 -30.49
CA TYR X 104 -183.42 -15.71 -30.34
C TYR X 104 -182.59 -14.98 -29.27
N ASP X 105 -181.67 -15.69 -28.64
CA ASP X 105 -180.84 -15.07 -27.65
C ASP X 105 -180.11 -13.88 -28.24
N LYS X 106 -180.51 -12.68 -27.86
CA LYS X 106 -179.82 -11.49 -28.42
C LYS X 106 -178.31 -11.68 -28.49
N GLU X 107 -177.73 -12.50 -27.60
CA GLU X 107 -176.28 -12.63 -27.56
C GLU X 107 -175.87 -13.75 -28.45
N GLU X 108 -176.68 -14.80 -28.45
CA GLU X 108 -176.41 -15.85 -29.38
C GLU X 108 -176.20 -15.26 -30.79
N ILE X 109 -177.06 -14.29 -31.15
CA ILE X 109 -176.99 -13.68 -32.49
C ILE X 109 -175.68 -13.00 -32.65
N ARG X 110 -175.28 -12.28 -31.62
CA ARG X 110 -174.02 -11.57 -31.66
C ARG X 110 -172.86 -12.55 -31.73
N ARG X 111 -173.07 -13.73 -31.16
CA ARG X 111 -172.03 -14.73 -31.17
C ARG X 111 -171.83 -15.29 -32.59
N ILE X 112 -172.95 -15.69 -33.17
CA ILE X 112 -172.92 -16.28 -34.50
C ILE X 112 -172.36 -15.30 -35.52
N TRP X 113 -172.72 -14.03 -35.37
CA TRP X 113 -172.24 -12.98 -36.24
C TRP X 113 -170.71 -12.99 -36.26
N ARG X 114 -170.06 -12.85 -35.09
CA ARG X 114 -168.59 -12.71 -35.06
C ARG X 114 -167.97 -13.99 -35.59
N GLN X 115 -168.52 -15.12 -35.18
CA GLN X 115 -168.05 -16.37 -35.70
C GLN X 115 -167.83 -16.25 -37.19
N ALA X 116 -168.79 -15.62 -37.90
CA ALA X 116 -168.72 -15.52 -39.37
C ALA X 116 -167.65 -14.55 -39.76
N ASN X 117 -167.56 -13.41 -39.08
CA ASN X 117 -166.47 -12.43 -39.37
C ASN X 117 -165.13 -12.64 -38.64
N ASN X 118 -164.78 -13.89 -38.35
CA ASN X 118 -163.54 -14.13 -37.62
C ASN X 118 -163.47 -13.52 -36.21
N GLY X 119 -164.60 -13.45 -35.54
CA GLY X 119 -164.60 -12.86 -34.22
C GLY X 119 -164.40 -11.37 -34.26
N ASP X 120 -164.45 -10.79 -35.47
CA ASP X 120 -164.41 -9.35 -35.62
C ASP X 120 -165.78 -8.73 -35.41
N ASP X 121 -165.82 -7.41 -35.42
CA ASP X 121 -167.09 -6.72 -35.23
C ASP X 121 -167.73 -6.44 -36.58
N ALA X 122 -166.84 -6.11 -37.51
CA ALA X 122 -167.18 -5.79 -38.86
C ALA X 122 -168.35 -4.83 -38.82
N THR X 123 -168.13 -3.64 -38.26
CA THR X 123 -169.22 -2.65 -38.18
C THR X 123 -169.67 -2.36 -39.59
N ALA X 124 -168.70 -2.29 -40.50
CA ALA X 124 -169.04 -2.13 -41.88
C ALA X 124 -170.19 -3.06 -42.30
N GLY X 125 -170.04 -4.32 -41.97
CA GLY X 125 -171.05 -5.30 -42.31
C GLY X 125 -172.45 -4.99 -41.82
N LEU X 126 -172.58 -4.54 -40.58
CA LEU X 126 -173.88 -4.28 -40.00
C LEU X 126 -174.39 -3.00 -40.65
N THR X 127 -173.46 -2.09 -40.89
CA THR X 127 -173.77 -0.81 -41.47
C THR X 127 -174.27 -1.07 -42.86
N HIS X 128 -173.77 -2.12 -43.51
CA HIS X 128 -174.15 -2.44 -44.90
C HIS X 128 -175.63 -2.79 -44.97
N MET X 129 -176.09 -3.60 -44.03
CA MET X 129 -177.47 -4.04 -44.03
C MET X 129 -178.22 -2.89 -43.45
N MET X 130 -177.50 -1.98 -42.81
CA MET X 130 -178.11 -0.80 -42.20
C MET X 130 -178.55 0.03 -43.39
N ILE X 131 -177.81 -0.01 -44.48
CA ILE X 131 -178.17 0.77 -45.66
C ILE X 131 -179.18 0.07 -46.58
N TRP X 132 -179.04 -1.24 -46.67
CA TRP X 132 -179.90 -1.95 -47.56
C TRP X 132 -181.30 -1.64 -47.07
N HIS X 133 -181.44 -1.54 -45.76
CA HIS X 133 -182.72 -1.26 -45.21
C HIS X 133 -183.06 0.15 -45.59
N SER X 134 -182.09 1.03 -45.45
CA SER X 134 -182.34 2.44 -45.76
C SER X 134 -182.88 2.58 -47.19
N ASN X 135 -182.12 2.07 -48.13
CA ASN X 135 -182.42 2.27 -49.50
C ASN X 135 -183.77 1.69 -49.92
N LEU X 136 -184.22 0.68 -49.17
CA LEU X 136 -185.50 0.06 -49.32
C LEU X 136 -186.56 0.96 -48.73
N ASN X 137 -186.21 1.75 -47.74
CA ASN X 137 -187.23 2.52 -47.07
C ASN X 137 -187.40 3.83 -47.81
N ASP X 138 -186.32 4.31 -48.39
CA ASP X 138 -186.37 5.51 -49.11
C ASP X 138 -187.16 5.31 -50.44
N ALA X 139 -187.44 4.06 -50.76
CA ALA X 139 -188.20 3.76 -51.97
C ALA X 139 -189.59 3.22 -51.70
N THR X 140 -189.78 2.54 -50.58
CA THR X 140 -191.07 1.98 -50.26
C THR X 140 -191.95 3.10 -49.74
N TYR X 141 -191.34 4.05 -49.01
CA TYR X 141 -192.10 5.13 -48.33
C TYR X 141 -191.73 6.56 -48.64
N GLN X 142 -192.69 7.44 -48.45
CA GLN X 142 -192.46 8.84 -48.63
C GLN X 142 -192.61 9.49 -47.29
N ARG X 143 -191.60 10.25 -46.88
CA ARG X 143 -191.53 10.71 -45.49
C ARG X 143 -191.91 12.18 -45.43
N THR X 144 -193.21 12.44 -45.61
CA THR X 144 -193.68 13.81 -45.68
C THR X 144 -194.01 14.29 -44.28
N ARG X 145 -194.73 13.44 -43.53
CA ARG X 145 -195.16 13.78 -42.17
C ARG X 145 -194.02 14.42 -41.37
N ALA X 146 -192.83 13.84 -41.53
CA ALA X 146 -191.67 14.30 -40.82
C ALA X 146 -191.07 15.58 -41.36
N LEU X 147 -191.11 15.77 -42.69
CA LEU X 147 -190.46 16.95 -43.30
C LEU X 147 -191.15 18.26 -42.87
N VAL X 148 -192.48 18.20 -42.89
CA VAL X 148 -193.34 19.33 -42.62
C VAL X 148 -193.29 19.68 -41.13
N ARG X 149 -193.47 18.63 -40.30
CA ARG X 149 -193.35 18.78 -38.86
C ARG X 149 -191.97 19.35 -38.49
N THR X 150 -190.96 19.13 -39.32
CA THR X 150 -189.66 19.80 -39.17
C THR X 150 -189.68 21.23 -39.74
N GLY X 151 -190.46 21.44 -40.81
CA GLY X 151 -190.57 22.78 -41.35
C GLY X 151 -189.80 22.85 -42.65
N MET X 152 -189.81 21.71 -43.33
CA MET X 152 -189.20 21.50 -44.66
C MET X 152 -190.33 21.30 -45.66
N ASP X 153 -190.12 21.73 -46.90
CA ASP X 153 -191.20 21.55 -47.86
C ASP X 153 -191.34 20.08 -48.31
N PRO X 154 -192.57 19.51 -48.25
CA PRO X 154 -192.82 18.10 -48.61
C PRO X 154 -192.29 17.75 -49.98
N ARG X 155 -192.27 18.73 -50.85
CA ARG X 155 -191.66 18.55 -52.15
C ARG X 155 -190.14 18.45 -52.16
N MET X 156 -189.54 18.26 -50.99
CA MET X 156 -188.07 18.11 -50.92
C MET X 156 -187.66 16.66 -50.74
N CYS X 157 -188.50 15.76 -51.27
CA CYS X 157 -188.24 14.31 -51.33
C CYS X 157 -186.85 13.90 -51.78
N SER X 158 -186.41 14.41 -52.94
CA SER X 158 -185.10 14.07 -53.54
C SER X 158 -183.84 14.44 -52.74
N LEU X 159 -184.06 14.96 -51.53
CA LEU X 159 -183.00 15.44 -50.70
C LEU X 159 -183.04 14.64 -49.41
N MET X 160 -184.03 13.78 -49.21
CA MET X 160 -184.08 13.01 -47.97
C MET X 160 -183.50 11.58 -48.06
N GLN X 161 -182.44 11.40 -48.86
CA GLN X 161 -181.81 10.13 -48.97
C GLN X 161 -181.08 9.61 -47.69
N GLY X 162 -181.71 8.68 -47.01
CA GLY X 162 -181.10 8.12 -45.84
C GLY X 162 -181.66 8.79 -44.60
N SER X 163 -182.82 9.42 -44.70
CA SER X 163 -183.40 9.96 -43.51
C SER X 163 -183.71 8.84 -42.48
N THR X 164 -183.81 7.59 -42.91
CA THR X 164 -184.22 6.50 -42.01
C THR X 164 -183.00 5.86 -41.34
N LEU X 165 -181.87 6.26 -41.87
CA LEU X 165 -180.65 5.57 -41.56
C LEU X 165 -180.16 5.95 -40.18
N PRO X 166 -180.27 5.01 -39.22
CA PRO X 166 -179.84 5.34 -37.84
C PRO X 166 -178.49 6.09 -37.78
N ARG X 167 -178.43 7.09 -36.91
CA ARG X 167 -177.18 7.83 -36.64
C ARG X 167 -175.99 6.91 -36.36
N ARG X 168 -176.24 5.75 -35.71
CA ARG X 168 -175.23 4.72 -35.52
C ARG X 168 -174.46 4.38 -36.81
N SER X 169 -175.08 4.62 -37.98
CA SER X 169 -174.41 4.36 -39.24
C SER X 169 -173.00 4.92 -39.21
N GLY X 170 -172.13 4.29 -39.95
CA GLY X 170 -170.74 4.71 -39.96
C GLY X 170 -170.43 5.97 -40.72
N ALA X 171 -169.15 6.23 -40.87
CA ALA X 171 -168.71 7.41 -41.55
C ALA X 171 -169.06 7.34 -43.07
N ALA X 172 -169.05 6.13 -43.63
CA ALA X 172 -169.24 5.93 -45.08
C ALA X 172 -170.73 5.64 -45.21
N GLY X 173 -171.38 5.58 -44.04
CA GLY X 173 -172.83 5.53 -43.93
C GLY X 173 -173.53 6.87 -44.10
N ALA X 174 -172.89 7.95 -43.66
CA ALA X 174 -173.49 9.25 -43.77
C ALA X 174 -173.23 9.79 -45.16
N ALA X 175 -172.10 9.43 -45.77
CA ALA X 175 -171.82 9.94 -47.15
C ALA X 175 -172.94 9.67 -48.18
N VAL X 176 -173.81 8.73 -47.82
CA VAL X 176 -174.87 8.31 -48.72
C VAL X 176 -176.02 9.26 -48.52
N LYS X 177 -176.03 9.98 -47.39
CA LYS X 177 -177.12 10.94 -47.06
C LYS X 177 -177.34 12.13 -48.00
N GLY X 178 -178.62 12.43 -48.28
CA GLY X 178 -178.93 13.61 -49.08
C GLY X 178 -178.81 14.88 -48.25
N VAL X 179 -178.60 16.01 -48.94
CA VAL X 179 -178.43 17.33 -48.30
C VAL X 179 -179.61 17.61 -47.33
N GLY X 180 -180.81 17.38 -47.85
CA GLY X 180 -182.01 17.51 -47.09
C GLY X 180 -181.99 16.63 -45.88
N THR X 181 -181.23 15.54 -45.91
CA THR X 181 -181.31 14.60 -44.77
C THR X 181 -180.68 15.27 -43.56
N MET X 182 -179.61 15.99 -43.82
CA MET X 182 -178.81 16.52 -42.78
C MET X 182 -179.59 17.61 -42.08
N VAL X 183 -180.15 18.51 -42.89
CA VAL X 183 -181.01 19.60 -42.43
C VAL X 183 -182.13 19.15 -41.45
N MET X 184 -182.84 18.07 -41.73
CA MET X 184 -183.90 17.64 -40.86
C MET X 184 -183.41 17.35 -39.44
N GLU X 185 -182.11 17.01 -39.36
CA GLU X 185 -181.45 16.63 -38.09
C GLU X 185 -181.07 17.86 -37.27
N LEU X 186 -180.10 18.61 -37.79
CA LEU X 186 -179.73 19.87 -37.23
C LEU X 186 -180.96 20.69 -36.80
N ILE X 187 -181.91 20.89 -37.72
CA ILE X 187 -183.17 21.58 -37.39
C ILE X 187 -183.87 20.99 -36.17
N ARG X 188 -183.78 19.68 -35.93
CA ARG X 188 -184.48 19.17 -34.76
C ARG X 188 -183.59 19.30 -33.55
N MET X 189 -182.30 19.07 -33.79
CA MET X 189 -181.29 19.19 -32.73
C MET X 189 -181.36 20.64 -32.24
N ILE X 190 -181.24 21.59 -33.18
CA ILE X 190 -181.45 23.02 -32.92
C ILE X 190 -182.86 23.35 -32.37
N LYS X 191 -183.93 22.90 -33.03
CA LYS X 191 -185.29 23.28 -32.62
C LYS X 191 -185.61 22.96 -31.15
N ARG X 192 -185.25 21.79 -30.67
CA ARG X 192 -185.52 21.51 -29.27
C ARG X 192 -184.62 22.29 -28.27
N GLY X 193 -183.33 22.41 -28.63
CA GLY X 193 -182.31 23.18 -27.86
C GLY X 193 -182.65 24.65 -27.81
N ILE X 194 -182.65 25.30 -28.99
CA ILE X 194 -183.04 26.71 -29.10
C ILE X 194 -184.48 26.85 -28.64
N ASN X 195 -185.25 25.91 -28.53
CA ASN X 195 -186.57 26.06 -27.94
C ASN X 195 -186.36 25.95 -26.44
N ARG X 206 -173.75 19.36 -23.67
CA ARG X 206 -172.41 19.94 -23.57
C ARG X 206 -171.54 19.63 -24.78
N ARG X 207 -171.20 18.35 -24.88
CA ARG X 207 -170.37 17.81 -25.96
C ARG X 207 -171.13 17.87 -27.28
N THR X 208 -172.45 18.09 -27.18
CA THR X 208 -173.36 18.24 -28.32
C THR X 208 -172.86 19.21 -29.39
N ARG X 209 -171.89 20.04 -29.06
CA ARG X 209 -171.33 21.03 -30.00
C ARG X 209 -170.45 20.49 -31.15
N ILE X 210 -169.47 19.65 -30.83
CA ILE X 210 -168.61 19.02 -31.83
C ILE X 210 -169.43 18.33 -32.92
N ALA X 211 -170.58 17.76 -32.51
CA ALA X 211 -171.56 17.17 -33.42
C ALA X 211 -171.99 18.23 -34.41
N TYR X 212 -172.61 19.30 -33.90
CA TYR X 212 -173.21 20.33 -34.74
C TYR X 212 -172.23 20.84 -35.79
N GLU X 213 -171.00 21.17 -35.40
CA GLU X 213 -170.02 21.70 -36.35
C GLU X 213 -169.70 20.68 -37.40
N ARG X 214 -169.41 19.47 -36.97
CA ARG X 214 -169.13 18.40 -37.90
C ARG X 214 -170.32 18.12 -38.82
N MET X 215 -171.49 17.94 -38.21
CA MET X 215 -172.71 17.70 -38.95
C MET X 215 -172.80 18.75 -40.03
N CYS X 216 -172.26 19.93 -39.79
CA CYS X 216 -172.29 20.96 -40.84
C CYS X 216 -171.16 20.76 -41.84
N ASN X 217 -170.03 20.25 -41.35
CA ASN X 217 -168.86 20.15 -42.22
C ASN X 217 -169.15 19.15 -43.29
N ILE X 218 -169.79 18.07 -42.85
CA ILE X 218 -170.37 17.03 -43.71
C ILE X 218 -171.35 17.70 -44.65
N LEU X 219 -172.30 18.41 -44.03
CA LEU X 219 -173.29 19.17 -44.75
C LEU X 219 -172.56 19.92 -45.82
N LYS X 220 -171.51 20.66 -45.43
CA LYS X 220 -170.85 21.57 -46.38
C LYS X 220 -170.14 20.78 -47.45
N GLY X 221 -169.72 19.59 -47.06
CA GLY X 221 -168.95 18.77 -47.98
C GLY X 221 -169.85 18.15 -49.03
N LYS X 222 -171.17 18.36 -48.87
CA LYS X 222 -172.14 17.94 -49.86
C LYS X 222 -172.13 18.95 -51.01
N PHE X 223 -172.13 20.24 -50.66
CA PHE X 223 -172.08 21.30 -51.65
C PHE X 223 -170.80 21.25 -52.43
N GLN X 224 -170.91 21.61 -53.71
CA GLN X 224 -169.80 21.66 -54.64
C GLN X 224 -169.73 22.97 -55.41
N THR X 225 -170.03 24.08 -54.74
CA THR X 225 -169.89 25.43 -55.31
C THR X 225 -169.48 26.44 -54.25
N ALA X 226 -168.64 27.41 -54.65
CA ALA X 226 -168.19 28.48 -53.76
C ALA X 226 -169.22 28.86 -52.67
N ALA X 227 -170.21 29.67 -53.06
CA ALA X 227 -171.22 30.25 -52.17
C ALA X 227 -171.86 29.20 -51.26
N GLN X 228 -172.31 28.12 -51.91
CA GLN X 228 -172.91 27.00 -51.23
C GLN X 228 -172.00 26.68 -50.07
N ARG X 229 -170.74 26.41 -50.40
CA ARG X 229 -169.74 26.06 -49.42
C ARG X 229 -169.64 27.17 -48.37
N THR X 230 -169.49 28.42 -48.82
CA THR X 230 -169.27 29.54 -47.90
C THR X 230 -170.45 29.78 -46.97
N MET X 231 -171.66 29.61 -47.49
CA MET X 231 -172.85 29.97 -46.71
C MET X 231 -173.14 29.04 -45.53
N VAL X 232 -172.52 27.87 -45.62
CA VAL X 232 -172.69 26.81 -44.66
C VAL X 232 -171.94 27.24 -43.44
N ASP X 233 -170.76 27.83 -43.71
CA ASP X 233 -169.90 28.40 -42.65
C ASP X 233 -170.63 29.52 -41.91
N GLN X 234 -171.24 30.44 -42.67
CA GLN X 234 -171.99 31.54 -42.08
C GLN X 234 -173.06 31.00 -41.13
N VAL X 235 -173.49 29.76 -41.35
CA VAL X 235 -174.47 29.08 -40.49
C VAL X 235 -173.83 28.45 -39.24
N ARG X 236 -172.70 27.79 -39.46
CA ARG X 236 -171.95 27.15 -38.40
C ARG X 236 -171.32 28.13 -37.38
N GLU X 237 -171.52 29.42 -37.59
CA GLU X 237 -170.93 30.44 -36.72
C GLU X 237 -171.62 30.58 -35.36
N SER X 238 -172.93 30.34 -35.29
CA SER X 238 -173.69 30.60 -34.08
C SER X 238 -173.76 29.41 -33.08
N ARG X 239 -173.44 29.68 -31.81
CA ARG X 239 -173.47 28.64 -30.78
C ARG X 239 -174.90 28.22 -30.54
N ASN X 240 -175.78 29.20 -30.42
CA ASN X 240 -177.18 28.92 -30.21
C ASN X 240 -177.92 29.39 -31.46
N PRO X 241 -177.74 28.70 -32.60
CA PRO X 241 -178.29 29.16 -33.89
C PRO X 241 -179.81 29.12 -33.88
N GLY X 242 -180.47 30.28 -33.89
CA GLY X 242 -181.93 30.27 -33.80
C GLY X 242 -182.53 30.29 -35.18
N ASN X 243 -183.80 30.71 -35.26
CA ASN X 243 -184.48 30.93 -36.54
C ASN X 243 -183.65 31.59 -37.63
N ALA X 244 -182.62 32.35 -37.23
CA ALA X 244 -181.64 32.92 -38.16
C ALA X 244 -181.09 31.82 -39.09
N GLU X 245 -180.63 30.75 -38.43
CA GLU X 245 -180.09 29.57 -39.10
C GLU X 245 -181.28 28.75 -39.64
N PHE X 246 -182.19 28.36 -38.72
CA PHE X 246 -183.43 27.62 -39.05
C PHE X 246 -183.96 28.03 -40.43
N GLU X 247 -184.17 29.32 -40.62
CA GLU X 247 -184.56 29.80 -41.93
C GLU X 247 -183.44 29.71 -43.01
N ASP X 248 -182.18 29.89 -42.65
CA ASP X 248 -181.16 29.92 -43.73
C ASP X 248 -180.82 28.56 -44.40
N LEU X 249 -180.77 27.49 -43.60
CA LEU X 249 -180.35 26.18 -44.08
C LEU X 249 -181.46 25.66 -45.00
N ILE X 250 -182.69 25.93 -44.61
CA ILE X 250 -183.87 25.59 -45.40
C ILE X 250 -183.68 26.14 -46.80
N PHE X 251 -183.16 27.37 -46.86
CA PHE X 251 -182.79 28.00 -48.14
C PHE X 251 -181.80 27.10 -48.97
N LEU X 252 -180.64 26.88 -48.35
CA LEU X 252 -179.58 26.03 -48.85
C LEU X 252 -180.16 24.64 -49.23
N ALA X 253 -181.12 24.15 -48.43
CA ALA X 253 -181.82 22.90 -48.77
C ALA X 253 -182.42 23.01 -50.21
N ARG X 254 -183.11 24.13 -50.42
CA ARG X 254 -183.71 24.39 -51.69
C ARG X 254 -182.68 24.70 -52.78
N SER X 255 -181.50 25.17 -52.40
CA SER X 255 -180.49 25.48 -53.42
C SER X 255 -179.98 24.20 -54.10
N ALA X 256 -180.08 23.09 -53.37
CA ALA X 256 -179.54 21.81 -53.78
C ALA X 256 -180.43 21.13 -54.78
N LEU X 257 -181.68 21.64 -54.85
CA LEU X 257 -182.72 21.23 -55.80
C LEU X 257 -182.30 21.69 -57.15
N ILE X 258 -181.36 22.62 -57.21
CA ILE X 258 -180.94 23.14 -58.47
C ILE X 258 -179.44 22.93 -58.64
N LEU X 259 -178.69 23.29 -57.59
CA LEU X 259 -177.22 23.10 -57.55
C LEU X 259 -177.05 21.99 -56.54
N ARG X 260 -177.08 20.77 -57.06
CA ARG X 260 -177.15 19.61 -56.21
C ARG X 260 -175.78 19.49 -55.56
N GLY X 261 -175.68 18.62 -54.56
CA GLY X 261 -174.41 18.25 -53.97
C GLY X 261 -173.89 16.89 -54.33
N SER X 262 -172.79 16.52 -53.68
CA SER X 262 -172.20 15.22 -53.86
C SER X 262 -172.81 14.28 -52.82
N VAL X 263 -173.59 13.32 -53.30
CA VAL X 263 -174.08 12.26 -52.44
C VAL X 263 -173.83 10.91 -53.08
N ALA X 264 -172.96 10.14 -52.42
CA ALA X 264 -172.70 8.75 -52.76
C ALA X 264 -173.95 7.84 -52.72
N HIS X 265 -174.00 6.91 -53.68
CA HIS X 265 -175.02 5.86 -53.75
C HIS X 265 -174.34 4.50 -53.63
N LYS X 266 -174.86 3.64 -52.77
CA LYS X 266 -174.28 2.32 -52.47
C LYS X 266 -175.29 1.20 -52.83
N SER X 267 -174.91 0.31 -53.74
CA SER X 267 -175.76 -0.80 -54.14
C SER X 267 -175.72 -1.88 -53.08
N CYS X 268 -176.64 -1.85 -52.15
CA CYS X 268 -176.58 -2.83 -51.06
C CYS X 268 -177.64 -3.86 -51.15
N LEU X 269 -177.29 -5.12 -51.47
CA LEU X 269 -178.28 -6.18 -51.70
C LEU X 269 -178.65 -6.85 -50.42
N PRO X 270 -179.81 -7.55 -50.34
CA PRO X 270 -180.32 -8.28 -49.16
C PRO X 270 -179.35 -9.33 -48.72
N ALA X 271 -179.37 -9.69 -47.44
CA ALA X 271 -178.45 -10.70 -46.94
C ALA X 271 -178.48 -12.02 -47.73
N CYS X 272 -179.68 -12.38 -48.20
CA CYS X 272 -179.84 -13.64 -48.84
C CYS X 272 -179.00 -13.71 -50.12
N VAL X 273 -178.89 -12.58 -50.77
CA VAL X 273 -178.23 -12.54 -52.04
C VAL X 273 -176.77 -12.83 -51.82
N TYR X 274 -176.14 -12.16 -50.86
CA TYR X 274 -174.76 -12.44 -50.45
C TYR X 274 -174.62 -13.84 -49.86
N GLY X 275 -175.50 -14.23 -48.94
CA GLY X 275 -175.47 -15.65 -48.43
C GLY X 275 -175.48 -16.68 -49.54
N SER X 276 -176.39 -16.52 -50.45
CA SER X 276 -176.49 -17.47 -51.55
C SER X 276 -175.19 -17.50 -52.37
N ALA X 277 -174.63 -16.34 -52.66
CA ALA X 277 -173.42 -16.16 -53.42
C ALA X 277 -172.24 -16.80 -52.74
N VAL X 278 -172.12 -16.60 -51.44
CA VAL X 278 -171.03 -17.16 -50.66
C VAL X 278 -171.10 -18.67 -50.71
N ALA X 279 -172.31 -19.17 -50.58
CA ALA X 279 -172.60 -20.60 -50.59
C ALA X 279 -172.30 -21.22 -51.93
N SER X 280 -172.46 -20.45 -53.00
CA SER X 280 -172.16 -20.87 -54.36
C SER X 280 -170.69 -20.83 -54.67
N GLY X 281 -169.87 -20.64 -53.66
CA GLY X 281 -168.50 -20.67 -53.96
C GLY X 281 -167.87 -19.30 -54.04
N TYR X 282 -168.61 -18.23 -54.39
CA TYR X 282 -167.95 -16.94 -54.57
C TYR X 282 -167.27 -16.54 -53.36
N ASP X 283 -165.98 -16.27 -53.51
CA ASP X 283 -165.12 -15.95 -52.39
C ASP X 283 -164.63 -14.52 -52.56
N PHE X 284 -165.50 -13.55 -52.26
CA PHE X 284 -165.32 -12.15 -52.62
C PHE X 284 -164.06 -11.49 -52.15
N GLU X 285 -163.73 -11.64 -50.87
CA GLU X 285 -162.41 -11.14 -50.41
C GLU X 285 -161.22 -11.48 -51.34
N ARG X 286 -161.29 -12.59 -52.04
CA ARG X 286 -160.23 -12.99 -52.95
C ARG X 286 -160.50 -12.46 -54.31
N GLU X 287 -161.75 -12.53 -54.77
CA GLU X 287 -162.11 -12.08 -56.12
C GLU X 287 -162.54 -10.61 -56.15
N GLY X 288 -162.61 -9.94 -55.03
CA GLY X 288 -162.94 -8.55 -55.08
C GLY X 288 -164.42 -8.30 -55.32
N TYR X 289 -164.91 -7.19 -54.75
CA TYR X 289 -166.30 -6.81 -54.90
C TYR X 289 -166.45 -5.26 -54.76
N SER X 290 -167.49 -4.65 -55.37
CA SER X 290 -167.76 -3.20 -55.21
C SER X 290 -169.21 -2.97 -54.87
N LEU X 291 -169.50 -1.75 -54.42
CA LEU X 291 -170.87 -1.31 -54.20
C LEU X 291 -171.25 -0.20 -55.19
N VAL X 292 -170.30 0.22 -56.04
CA VAL X 292 -170.58 1.31 -56.99
C VAL X 292 -170.04 0.91 -58.37
N GLY X 293 -169.63 -0.36 -58.51
CA GLY X 293 -169.20 -0.84 -59.82
C GLY X 293 -170.15 -1.77 -60.50
N ILE X 294 -169.58 -2.67 -61.28
CA ILE X 294 -170.38 -3.70 -61.99
C ILE X 294 -170.69 -4.91 -61.10
N ASP X 295 -169.99 -5.00 -59.96
CA ASP X 295 -170.07 -6.19 -59.13
C ASP X 295 -171.53 -6.42 -58.70
N PRO X 296 -172.15 -5.38 -58.14
CA PRO X 296 -173.49 -5.58 -57.60
C PRO X 296 -174.44 -5.93 -58.71
N PHE X 297 -174.45 -5.20 -59.81
CA PHE X 297 -175.36 -5.62 -60.87
C PHE X 297 -175.10 -7.06 -61.29
N ARG X 298 -173.85 -7.45 -61.49
CA ARG X 298 -173.56 -8.80 -61.97
C ARG X 298 -174.08 -9.86 -61.01
N LEU X 299 -173.87 -9.63 -59.71
CA LEU X 299 -174.38 -10.52 -58.72
C LEU X 299 -175.89 -10.66 -58.87
N LEU X 300 -176.60 -9.54 -58.99
CA LEU X 300 -178.05 -9.60 -59.15
C LEU X 300 -178.47 -10.18 -60.49
N GLN X 301 -177.53 -10.52 -61.36
CA GLN X 301 -177.92 -11.06 -62.67
C GLN X 301 -178.18 -12.56 -62.55
N ASN X 302 -177.88 -13.11 -61.37
CA ASN X 302 -178.03 -14.55 -61.12
C ASN X 302 -178.74 -14.89 -59.83
N SER X 303 -179.22 -13.86 -59.16
CA SER X 303 -179.82 -14.04 -57.86
C SER X 303 -181.18 -14.69 -58.04
N GLN X 304 -181.55 -15.56 -57.12
CA GLN X 304 -182.84 -16.22 -57.20
C GLN X 304 -183.62 -15.77 -55.98
N VAL X 305 -184.05 -14.52 -55.95
CA VAL X 305 -184.72 -14.05 -54.79
C VAL X 305 -186.23 -14.15 -54.93
N TYR X 306 -186.86 -14.73 -53.91
CA TYR X 306 -188.31 -14.80 -53.88
C TYR X 306 -188.94 -13.86 -52.87
N SER X 307 -190.18 -13.48 -53.14
CA SER X 307 -190.89 -12.57 -52.24
C SER X 307 -192.34 -12.86 -51.99
N LEU X 308 -192.81 -12.66 -50.76
CA LEU X 308 -194.25 -12.81 -50.46
C LEU X 308 -194.99 -11.70 -51.12
N ILE X 309 -196.14 -12.06 -51.65
CA ILE X 309 -196.93 -11.14 -52.46
C ILE X 309 -198.41 -11.26 -52.16
N ARG X 310 -198.99 -10.14 -51.73
CA ARG X 310 -200.44 -10.09 -51.44
C ARG X 310 -201.33 -10.37 -52.66
N PRO X 311 -202.57 -10.91 -52.43
CA PRO X 311 -203.51 -11.42 -53.47
C PRO X 311 -203.73 -10.50 -54.66
N ASN X 312 -203.97 -9.23 -54.39
CA ASN X 312 -204.16 -8.32 -55.51
C ASN X 312 -202.95 -7.58 -56.07
N GLU X 313 -201.74 -7.90 -55.59
CA GLU X 313 -200.57 -7.10 -55.96
C GLU X 313 -199.95 -7.60 -57.25
N ASN X 314 -199.21 -6.72 -57.92
CA ASN X 314 -198.64 -7.03 -59.19
C ASN X 314 -197.22 -7.43 -59.01
N PRO X 315 -196.86 -8.69 -59.37
CA PRO X 315 -195.48 -9.17 -59.24
C PRO X 315 -194.43 -8.23 -59.89
N ALA X 316 -194.74 -7.83 -61.11
CA ALA X 316 -193.80 -7.07 -61.91
C ALA X 316 -193.50 -5.78 -61.18
N HIS X 317 -194.52 -5.34 -60.44
CA HIS X 317 -194.49 -4.08 -59.74
C HIS X 317 -193.66 -4.30 -58.49
N LYS X 318 -193.78 -5.49 -57.90
CA LYS X 318 -193.03 -5.82 -56.69
C LYS X 318 -191.53 -5.81 -56.96
N SER X 319 -191.12 -6.56 -58.00
CA SER X 319 -189.75 -6.63 -58.41
C SER X 319 -189.17 -5.23 -58.62
N GLN X 320 -189.96 -4.35 -59.25
CA GLN X 320 -189.48 -3.04 -59.53
C GLN X 320 -188.97 -2.41 -58.24
N LEU X 321 -189.84 -2.40 -57.23
CA LEU X 321 -189.54 -1.82 -55.90
C LEU X 321 -188.18 -2.27 -55.39
N VAL X 322 -188.09 -3.54 -55.00
CA VAL X 322 -186.77 -4.14 -54.64
C VAL X 322 -185.60 -3.74 -55.50
N TRP X 323 -185.77 -3.76 -56.81
CA TRP X 323 -184.71 -3.35 -57.71
C TRP X 323 -184.26 -1.92 -57.44
N MET X 324 -185.18 -1.05 -57.05
CA MET X 324 -184.82 0.35 -56.88
C MET X 324 -184.13 0.53 -55.55
N ALA X 325 -184.47 -0.34 -54.59
CA ALA X 325 -183.77 -0.36 -53.32
C ALA X 325 -182.39 -0.98 -53.44
N CYS X 326 -182.19 -1.84 -54.42
CA CYS X 326 -180.85 -2.37 -54.58
C CYS X 326 -179.79 -1.37 -55.10
N HIS X 327 -180.27 -0.29 -55.68
CA HIS X 327 -179.32 0.72 -56.09
C HIS X 327 -179.55 2.18 -55.59
N SER X 328 -180.50 2.42 -54.69
CA SER X 328 -180.70 3.80 -54.21
C SER X 328 -181.16 4.63 -55.44
N ALA X 329 -182.18 4.08 -56.14
CA ALA X 329 -182.70 4.72 -57.33
C ALA X 329 -184.09 5.18 -56.99
N ALA X 330 -184.32 5.59 -55.74
CA ALA X 330 -185.69 6.00 -55.36
C ALA X 330 -185.91 7.43 -55.70
N PHE X 331 -184.87 8.15 -56.12
CA PHE X 331 -185.05 9.56 -56.40
C PHE X 331 -184.34 9.79 -57.69
N GLU X 332 -184.16 8.73 -58.47
CA GLU X 332 -183.46 8.88 -59.72
C GLU X 332 -184.49 9.30 -60.79
N ASP X 333 -184.03 9.78 -61.95
CA ASP X 333 -184.94 10.14 -63.01
C ASP X 333 -185.55 8.86 -63.60
N LEU X 334 -186.88 8.66 -63.49
CA LEU X 334 -187.50 7.41 -63.90
C LEU X 334 -187.02 7.04 -65.29
N ARG X 335 -186.82 8.05 -66.13
CA ARG X 335 -186.38 7.83 -67.51
C ARG X 335 -185.15 6.99 -67.57
N VAL X 336 -184.14 7.41 -66.82
CA VAL X 336 -182.86 6.71 -66.79
C VAL X 336 -182.97 5.34 -66.10
N SER X 337 -183.65 5.31 -64.93
CA SER X 337 -183.91 4.06 -64.24
C SER X 337 -184.48 3.03 -65.19
N SER X 338 -185.48 3.40 -66.00
CA SER X 338 -186.07 2.45 -66.93
C SER X 338 -185.12 2.09 -68.05
N PHE X 339 -184.22 3.02 -68.34
CA PHE X 339 -183.36 2.86 -69.47
C PHE X 339 -182.42 1.75 -69.11
N ILE X 340 -181.79 1.89 -67.96
CA ILE X 340 -180.81 0.93 -67.46
C ILE X 340 -181.49 -0.40 -67.04
N ARG X 341 -182.66 -0.24 -66.42
CA ARG X 341 -183.45 -1.36 -65.96
C ARG X 341 -183.74 -2.32 -67.07
N GLY X 342 -184.16 -1.78 -68.22
CA GLY X 342 -184.44 -2.67 -69.30
C GLY X 342 -185.91 -2.70 -69.60
N THR X 343 -186.70 -2.27 -68.61
CA THR X 343 -188.18 -2.27 -68.67
C THR X 343 -188.80 -1.08 -67.95
N LYS X 344 -190.06 -0.83 -68.22
CA LYS X 344 -190.71 0.28 -67.51
C LYS X 344 -190.45 0.37 -65.99
N VAL X 345 -190.12 1.56 -65.54
CA VAL X 345 -189.95 1.81 -64.13
C VAL X 345 -191.08 2.74 -63.75
N VAL X 346 -192.16 2.12 -63.36
CA VAL X 346 -193.35 2.88 -63.08
C VAL X 346 -193.28 3.69 -61.79
N PRO X 347 -193.88 4.90 -61.76
CA PRO X 347 -193.94 5.80 -60.61
C PRO X 347 -194.60 5.19 -59.41
N ARG X 348 -194.34 5.79 -58.24
CA ARG X 348 -194.77 5.23 -56.98
C ARG X 348 -196.26 5.12 -56.95
N GLY X 349 -196.97 6.19 -57.29
CA GLY X 349 -198.43 6.14 -57.25
C GLY X 349 -199.04 4.97 -58.02
N LYS X 350 -198.57 4.75 -59.23
CA LYS X 350 -199.07 3.71 -60.09
C LYS X 350 -198.54 2.37 -59.71
N LEU X 351 -197.71 2.33 -58.67
CA LEU X 351 -197.16 1.08 -58.22
C LEU X 351 -198.10 0.30 -57.36
N SER X 352 -198.30 -0.95 -57.73
CA SER X 352 -199.16 -1.84 -56.97
C SER X 352 -198.50 -2.62 -55.84
N THR X 353 -198.32 -1.98 -54.69
CA THR X 353 -197.76 -2.66 -53.54
C THR X 353 -197.67 -1.67 -52.37
N ARG X 354 -197.70 -2.24 -51.17
CA ARG X 354 -197.83 -1.44 -49.96
C ARG X 354 -196.53 -1.57 -49.16
N GLY X 355 -195.76 -2.62 -49.46
CA GLY X 355 -194.57 -2.79 -48.70
C GLY X 355 -194.19 -4.22 -48.73
N VAL X 356 -192.89 -4.47 -48.62
CA VAL X 356 -192.37 -5.78 -48.82
C VAL X 356 -192.55 -6.66 -47.59
N GLN X 357 -192.48 -6.03 -46.41
CA GLN X 357 -192.66 -6.76 -45.15
C GLN X 357 -194.12 -6.99 -44.94
N ILE X 358 -194.40 -8.11 -44.30
CA ILE X 358 -195.76 -8.50 -44.06
C ILE X 358 -196.13 -8.15 -42.62
N ALA X 359 -197.23 -7.41 -42.48
CA ALA X 359 -197.68 -6.99 -41.17
C ALA X 359 -198.43 -8.11 -40.46
N SER X 360 -198.40 -8.07 -39.11
CA SER X 360 -199.10 -9.04 -38.22
C SER X 360 -200.62 -9.11 -38.45
N ASN X 361 -201.11 -8.06 -39.09
CA ASN X 361 -202.50 -7.90 -39.34
C ASN X 361 -202.98 -8.91 -40.35
N GLU X 362 -202.17 -9.14 -41.38
CA GLU X 362 -202.60 -9.86 -42.56
C GLU X 362 -202.72 -11.30 -42.28
N ASN X 363 -203.26 -12.08 -43.19
CA ASN X 363 -203.37 -13.49 -42.92
C ASN X 363 -202.62 -14.22 -43.95
N MET X 364 -202.27 -15.45 -43.68
CA MET X 364 -201.52 -16.25 -44.62
C MET X 364 -202.37 -17.01 -45.63
N GLU X 365 -203.67 -17.16 -45.34
CA GLU X 365 -204.49 -18.02 -46.16
C GLU X 365 -204.43 -17.43 -47.54
N THR X 366 -204.65 -16.12 -47.64
CA THR X 366 -204.71 -15.45 -48.92
C THR X 366 -203.37 -14.85 -49.26
N MET X 367 -202.32 -15.65 -49.18
CA MET X 367 -200.97 -15.13 -49.40
C MET X 367 -200.21 -16.10 -50.29
N GLU X 368 -199.45 -15.57 -51.24
CA GLU X 368 -198.64 -16.40 -52.12
C GLU X 368 -197.34 -15.65 -52.40
N SER X 369 -196.46 -16.23 -53.23
CA SER X 369 -195.11 -15.68 -53.37
C SER X 369 -194.63 -15.73 -54.81
N SER X 370 -193.93 -14.68 -55.27
CA SER X 370 -193.41 -14.66 -56.62
C SER X 370 -191.90 -14.52 -56.68
N THR X 371 -191.33 -14.75 -57.85
CA THR X 371 -189.91 -14.68 -58.04
C THR X 371 -189.59 -13.27 -58.58
N LEU X 372 -188.71 -12.59 -57.84
CA LEU X 372 -188.43 -11.19 -58.07
C LEU X 372 -187.53 -11.04 -59.27
N GLU X 373 -187.91 -10.15 -60.18
CA GLU X 373 -187.09 -9.84 -61.35
C GLU X 373 -186.09 -8.72 -61.02
N LEU X 374 -184.84 -9.11 -60.76
CA LEU X 374 -183.80 -8.12 -60.38
C LEU X 374 -182.72 -7.84 -61.40
N ARG X 375 -182.75 -8.60 -62.51
CA ARG X 375 -181.84 -8.40 -63.61
C ARG X 375 -182.03 -6.99 -64.20
N SER X 376 -180.97 -6.43 -64.78
CA SER X 376 -181.05 -5.14 -65.44
C SER X 376 -180.45 -5.22 -66.83
N ARG X 377 -180.74 -4.23 -67.65
CA ARG X 377 -180.27 -4.24 -69.03
C ARG X 377 -178.79 -3.87 -69.05
N TYR X 378 -178.49 -2.64 -68.64
CA TYR X 378 -177.12 -2.20 -68.56
C TYR X 378 -176.80 -1.93 -67.10
N TRP X 379 -175.64 -1.32 -66.86
CA TRP X 379 -175.22 -0.85 -65.56
C TRP X 379 -174.52 0.47 -65.69
N ALA X 380 -174.42 1.16 -64.56
CA ALA X 380 -173.83 2.48 -64.53
C ALA X 380 -173.04 2.82 -63.27
N ILE X 381 -171.97 3.58 -63.40
CA ILE X 381 -171.18 3.81 -62.22
C ILE X 381 -172.01 4.59 -61.18
N ARG X 382 -172.52 3.95 -60.13
CA ARG X 382 -173.33 4.74 -59.17
C ARG X 382 -172.43 5.93 -58.76
N THR X 383 -172.84 7.18 -59.07
CA THR X 383 -172.01 8.38 -58.74
C THR X 383 -172.30 9.00 -57.38
N ARG X 384 -171.56 10.09 -57.12
CA ARG X 384 -171.72 10.86 -55.89
C ARG X 384 -172.04 12.32 -56.22
N SER X 385 -171.39 12.81 -57.26
CA SER X 385 -171.63 14.13 -57.84
C SER X 385 -173.08 14.53 -58.13
N GLY X 386 -173.47 15.76 -57.81
CA GLY X 386 -174.76 16.29 -58.22
C GLY X 386 -174.79 17.01 -59.58
N GLY X 387 -173.70 16.96 -60.40
CA GLY X 387 -173.59 17.80 -61.64
C GLY X 387 -173.46 19.32 -61.43
N ASN X 388 -172.81 20.02 -62.36
CA ASN X 388 -172.82 21.50 -62.36
C ASN X 388 -172.52 22.16 -63.75
N THR X 389 -173.04 23.37 -63.97
CA THR X 389 -172.71 24.13 -65.19
C THR X 389 -172.01 25.48 -64.88
N GLN X 398 -157.05 59.57 -45.29
CA GLN X 398 -155.81 58.92 -45.69
C GLN X 398 -155.56 58.94 -47.21
N ILE X 399 -154.36 58.55 -47.66
CA ILE X 399 -153.97 58.56 -49.08
C ILE X 399 -153.01 57.39 -49.41
N SER X 400 -152.41 56.85 -48.36
CA SER X 400 -151.53 55.71 -48.49
C SER X 400 -151.75 54.81 -47.27
N ILE X 401 -151.35 53.56 -47.39
CA ILE X 401 -151.41 52.62 -46.31
C ILE X 401 -150.03 52.30 -45.75
N GLN X 402 -149.87 52.47 -44.43
CA GLN X 402 -148.63 52.07 -43.72
C GLN X 402 -148.65 50.57 -43.42
N PRO X 403 -147.69 49.82 -43.91
CA PRO X 403 -147.84 48.36 -43.72
C PRO X 403 -147.43 47.87 -42.32
N THR X 404 -148.25 47.02 -41.72
CA THR X 404 -147.96 46.56 -40.36
C THR X 404 -147.56 45.13 -40.40
N PHE X 405 -147.87 44.40 -41.45
CA PHE X 405 -147.49 42.99 -41.46
C PHE X 405 -146.75 42.56 -42.72
N SER X 406 -146.15 41.39 -42.65
CA SER X 406 -145.37 40.91 -43.74
C SER X 406 -146.25 39.95 -44.55
N VAL X 407 -146.92 40.47 -45.59
CA VAL X 407 -147.71 39.61 -46.46
C VAL X 407 -147.72 40.11 -47.91
N GLN X 408 -148.07 39.23 -48.84
CA GLN X 408 -148.24 39.62 -50.23
C GLN X 408 -149.43 40.55 -50.43
N ARG X 409 -149.11 41.85 -50.45
CA ARG X 409 -150.13 42.88 -50.54
C ARG X 409 -149.77 44.09 -51.38
N ASN X 410 -150.61 44.32 -52.39
CA ASN X 410 -150.51 45.54 -53.17
C ASN X 410 -150.62 46.72 -52.22
N LEU X 411 -149.61 47.56 -52.14
CA LEU X 411 -149.75 48.62 -51.18
C LEU X 411 -150.46 49.85 -51.73
N PRO X 412 -151.67 50.18 -51.24
CA PRO X 412 -152.46 51.35 -51.71
C PRO X 412 -151.96 52.74 -51.43
N SER X 431 -172.14 40.44 -49.85
CA SER X 431 -173.42 41.04 -49.39
C SER X 431 -174.23 40.00 -48.61
N ASP X 432 -175.30 39.49 -49.23
CA ASP X 432 -176.02 38.35 -48.69
C ASP X 432 -175.55 37.17 -49.51
N MET X 433 -174.93 36.17 -48.88
CA MET X 433 -174.46 35.02 -49.67
C MET X 433 -175.64 34.31 -50.38
N ARG X 434 -176.85 34.56 -49.86
CA ARG X 434 -178.08 34.11 -50.50
C ARG X 434 -178.11 34.54 -51.92
N THR X 435 -177.95 35.85 -52.10
CA THR X 435 -177.94 36.49 -53.42
C THR X 435 -177.04 35.73 -54.39
N GLU X 436 -175.81 35.46 -53.95
CA GLU X 436 -174.87 34.77 -54.78
C GLU X 436 -175.54 33.50 -55.36
N ILE X 437 -176.14 32.70 -54.49
CA ILE X 437 -176.78 31.45 -54.87
C ILE X 437 -178.00 31.68 -55.73
N ILE X 438 -178.88 32.53 -55.25
CA ILE X 438 -180.10 32.86 -56.00
C ILE X 438 -179.75 33.24 -57.43
N ARG X 439 -178.62 33.93 -57.58
CA ARG X 439 -178.12 34.34 -58.89
C ARG X 439 -177.63 33.10 -59.66
N LEU X 440 -177.12 32.11 -58.94
CA LEU X 440 -176.61 30.93 -59.59
C LEU X 440 -177.78 30.04 -59.92
N MET X 441 -178.56 29.67 -58.88
CA MET X 441 -179.92 29.11 -59.10
C MET X 441 -180.59 29.49 -60.47
N GLU X 442 -180.79 30.81 -60.68
CA GLU X 442 -181.32 31.38 -61.92
C GLU X 442 -180.78 30.84 -63.25
N SER X 443 -179.47 30.96 -63.46
CA SER X 443 -178.92 30.65 -64.78
C SER X 443 -179.09 29.18 -65.11
N ALA X 444 -179.58 28.45 -64.11
CA ALA X 444 -179.72 27.00 -64.22
C ALA X 444 -181.00 26.55 -64.93
N ARG X 445 -180.84 25.78 -66.01
CA ARG X 445 -181.97 25.17 -66.72
C ARG X 445 -182.10 23.65 -66.52
N PRO X 446 -183.35 23.16 -66.39
CA PRO X 446 -183.55 21.77 -66.10
C PRO X 446 -182.96 20.95 -67.19
N GLU X 447 -182.91 21.53 -68.40
CA GLU X 447 -182.32 20.83 -69.57
C GLU X 447 -180.80 20.75 -69.55
N ASP X 448 -180.18 21.46 -68.58
CA ASP X 448 -178.72 21.49 -68.43
C ASP X 448 -178.10 20.13 -68.26
N VAL X 449 -177.34 19.70 -69.26
CA VAL X 449 -176.76 18.37 -69.32
C VAL X 449 -175.74 18.18 -68.22
N SER X 450 -175.84 17.10 -67.42
CA SER X 450 -174.78 16.70 -66.46
C SER X 450 -174.00 15.40 -66.82
N PHE X 451 -172.89 15.14 -66.10
CA PHE X 451 -172.08 13.95 -66.37
C PHE X 451 -171.78 13.85 -67.86
N GLN X 452 -171.34 14.97 -68.43
CA GLN X 452 -171.05 15.07 -69.85
C GLN X 452 -170.09 13.92 -70.26
N GLY X 453 -170.38 13.21 -71.34
CA GLY X 453 -169.52 12.09 -71.72
C GLY X 453 -169.69 10.74 -70.99
N ARG X 454 -170.13 10.77 -69.70
CA ARG X 454 -170.42 9.56 -68.91
C ARG X 454 -171.57 8.83 -69.54
N GLY X 455 -171.51 7.49 -69.55
CA GLY X 455 -172.57 6.68 -70.16
C GLY X 455 -172.91 5.42 -69.37
N VAL X 456 -173.48 4.46 -70.08
CA VAL X 456 -173.96 3.23 -69.41
C VAL X 456 -173.13 2.11 -69.95
N PHE X 457 -172.98 1.06 -69.17
CA PHE X 457 -172.15 -0.02 -69.66
C PHE X 457 -172.95 -1.29 -69.84
N GLU X 458 -172.59 -2.05 -70.86
CA GLU X 458 -173.14 -3.38 -71.04
C GLU X 458 -172.70 -4.23 -69.86
N LEU X 459 -173.46 -5.32 -69.64
CA LEU X 459 -173.14 -6.20 -68.54
C LEU X 459 -171.98 -7.12 -68.88
N SER X 460 -171.57 -7.18 -70.16
CA SER X 460 -170.36 -7.87 -70.55
C SER X 460 -169.12 -7.00 -70.26
N ASP X 461 -169.28 -5.68 -70.34
CA ASP X 461 -168.17 -4.75 -70.24
C ASP X 461 -167.70 -4.63 -68.82
N GLU X 462 -166.89 -5.59 -68.45
CA GLU X 462 -166.48 -5.74 -67.05
C GLU X 462 -165.68 -4.55 -66.59
N LYS X 463 -164.69 -4.25 -67.42
CA LYS X 463 -163.86 -3.06 -67.30
C LYS X 463 -164.74 -1.87 -67.66
N ALA X 464 -164.33 -0.68 -67.29
CA ALA X 464 -165.15 0.46 -67.69
C ALA X 464 -164.85 0.95 -69.12
N THR X 465 -164.36 0.04 -69.94
CA THR X 465 -163.90 0.33 -71.27
C THR X 465 -164.80 1.17 -72.11
N SER X 466 -165.80 0.58 -72.76
CA SER X 466 -166.66 1.33 -73.67
C SER X 466 -168.02 1.79 -73.11
N PRO X 467 -168.23 3.11 -73.05
CA PRO X 467 -169.43 3.76 -72.50
C PRO X 467 -170.52 3.90 -73.54
N ILE X 468 -171.78 4.06 -73.12
CA ILE X 468 -172.89 4.17 -74.06
C ILE X 468 -173.70 5.32 -73.65
N VAL X 469 -173.97 6.20 -74.60
CA VAL X 469 -174.74 7.41 -74.30
C VAL X 469 -176.22 7.24 -74.67
N PRO X 470 -177.11 7.43 -73.69
CA PRO X 470 -178.53 7.31 -73.91
C PRO X 470 -179.15 8.55 -74.49
N SER X 471 -180.09 8.32 -75.39
CA SER X 471 -180.78 9.41 -76.04
C SER X 471 -182.22 9.25 -75.57
N PHE X 472 -182.74 10.23 -74.85
CA PHE X 472 -184.12 10.14 -74.31
C PHE X 472 -185.28 10.61 -75.21
N ASP X 473 -185.00 10.96 -76.46
CA ASP X 473 -186.06 11.29 -77.40
C ASP X 473 -186.88 10.01 -77.41
N MET X 474 -188.06 10.04 -76.79
CA MET X 474 -188.81 8.79 -76.56
C MET X 474 -190.13 8.99 -75.83
N SER X 475 -191.04 8.04 -75.94
CA SER X 475 -192.31 8.19 -75.22
C SER X 475 -192.03 7.65 -73.87
N ASN X 476 -191.63 8.54 -72.96
CA ASN X 476 -191.23 8.17 -71.60
C ASN X 476 -192.46 8.04 -70.71
N GLU X 477 -192.26 8.01 -69.41
CA GLU X 477 -193.38 7.86 -68.48
C GLU X 477 -193.15 8.72 -67.19
N GLY X 478 -192.62 9.93 -67.35
CA GLY X 478 -192.31 10.71 -66.14
C GLY X 478 -190.82 10.72 -65.77
N SER X 479 -190.52 11.49 -64.72
CA SER X 479 -189.18 11.54 -64.20
C SER X 479 -189.16 11.47 -62.67
N TYR X 480 -190.26 11.76 -62.02
CA TYR X 480 -190.33 11.80 -60.58
C TYR X 480 -191.01 10.58 -59.95
N PHE X 481 -190.24 9.57 -59.54
CA PHE X 481 -190.82 8.45 -58.83
C PHE X 481 -191.90 8.86 -57.83
N PHE X 482 -191.79 10.06 -57.23
CA PHE X 482 -192.78 10.50 -56.27
C PHE X 482 -193.64 11.70 -56.72
#